data_6H82
#
_entry.id   6H82
#
_cell.length_a   1.00
_cell.length_b   1.00
_cell.length_c   1.00
_cell.angle_alpha   90.00
_cell.angle_beta   90.00
_cell.angle_gamma   90.00
#
_symmetry.space_group_name_H-M   'P 1'
#
loop_
_entity.id
_entity.type
_entity.pdbx_description
1 polymer VP4
2 polymer VP7
3 polymer VP7
4 polymer VP7
5 polymer 'Uncharacterized protein'
6 polymer 'VP16 (vertex complex)'
7 polymer 'GPS III'
8 polymer 'polypeptide stretch (vertex complex)'
#
loop_
_entity_poly.entity_id
_entity_poly.type
_entity_poly.pdbx_seq_one_letter_code
_entity_poly.pdbx_strand_id
1 'polypeptide(L)'
;QTQEYTINHTGGVLGDSYVTTASNQTSPQRETAVLSFECPRKFEEINYVGQRDATRFVPRTTESITGSANDDTVVDLTAN
IQPVAGEEVIAEQDYPVAVAYNVTQGVEVDVVDADYAADTVTLGTNPADGDEVKVWPIMSDGDVQFRLINQFGQEEGRVY
PWSTPLYRWHDFPQLKRGREINLHGSASWSENETLEILLDAPQALTWEDSDYPRGQYVTTLEQDVEITL
;
A,C,B,Q,P,O,U,Z,V,H,G,X
2 'polypeptide(L)'
;PEIGNNGAEKQISLHKGQPFIDTQDVGAADPNTPAVTIEGPSDYVIAIDAGTPVAPEFRDANGDKLDPSTRVTIQKCDKQ
GNPLGDGIVFSDTLGRFEYSKMRSDPDYMRKTTTSLMIDEREIVKIFVEVPPNANGMDADNSRITIGDDTSDYGKAVGIV
EHGDLSPAESKA
;
D,T,J,W
3 'polypeptide(L)'
;PEIGNNGAEKQISLHKGQPFIDTQDVGAADPNTPAVTIEGPSDYVIAIDAGTPVAPEFRDANGDKLDPSTRVTIQKCDKQ
GNPLGDGIVFSDTLGRFEYSKMRSDPDYMRKTTTSLMIDEREIVKIFVEVPPNANGMDADNSRITIGDDTSDYGKAVGIV
EHGDLSPAESKAVRQ
;
E,F,R,S,K,M,N,a
4 'polypeptide(L)'
;IGNNGAEKQISLHKGQPFIDTQDVGAADPNTPAVTIEGPSDYVIAIDAGTPVAPEFRDANGDKLDPSTRVTIQKCDKQGN
PLGDGIVFSDTLGRFEYSKMRSDPDYMRKTTTSLMIDEREIVKIFVEVPPNANGMDADNSRITIGDDTSDYGKAVGIVEH
G
;
L,I,Y
5 'polypeptide(L)'
;QTADGRVGLVPVNSYVTLETDDLDTDEHPVTDAGTVALEPGESAPIVRYDLGQPAAVYAVGATDEANVEYELKVNNSKTV
GGRTNSPLGVLNTPFSFVEKLGGAIPCETAATYWAHYSSDATGTVELAGRMHIEV
;
b
6 'polypeptide(L)'
;(UNK)(UNK)(UNK)(UNK)(UNK)(UNK)(UNK)(UNK)(UNK)(UNK)(UNK)(UNK)(UNK)(UNK)(UNK)(UNK)
(UNK)(UNK)(UNK)(UNK)(UNK)(UNK)(UNK)(UNK)(UNK)(UNK)(UNK)(UNK)(UNK)(UNK)(UNK)(UNK)
(UNK)(UNK)(UNK)(UNK)(UNK)(UNK)(UNK)(UNK)(UNK)(UNK)(UNK)(UNK)(UNK)(UNK)(UNK)(UNK)
(UNK)(UNK)(UNK)(UNK)(UNK)(UNK)(UNK)(UNK)(UNK)(UNK)(UNK)(UNK)(UNK)(UNK)(UNK)(UNK)
(UNK)(UNK)(UNK)(UNK)(UNK)(UNK)(UNK)(UNK)(UNK)(UNK)(UNK)(UNK)(UNK)(UNK)(UNK)(UNK)
(UNK)(UNK)(UNK)(UNK)(UNK)(UNK)(UNK)(UNK)(UNK)(UNK)(UNK)(UNK)(UNK)(UNK)(UNK)(UNK)
(UNK)(UNK)(UNK)(UNK)(UNK)(UNK)(UNK)(UNK)(UNK)(UNK)(UNK)(UNK)(UNK)(UNK)(UNK)(UNK)
(UNK)(UNK)(UNK)(UNK)(UNK)(UNK)(UNK)(UNK)(UNK)(UNK)(UNK)(UNK)(UNK)(UNK)(UNK)(UNK)
(UNK)(UNK)(UNK)(UNK)(UNK)(UNK)(UNK)(UNK)(UNK)(UNK)(UNK)(UNK)(UNK)(UNK)(UNK)(UNK)
(UNK)(UNK)(UNK)(UNK)(UNK)(UNK)(UNK)(UNK)(UNK)(UNK)(UNK)(UNK)(UNK)(UNK)(UNK)(UNK)
(UNK)(UNK)(UNK)(UNK)(UNK)(UNK)(UNK)(UNK)(UNK)(UNK)(UNK)(UNK)(UNK)(UNK)(UNK)(UNK)
(UNK)(UNK)(UNK)(UNK)(UNK)(UNK)(UNK)(UNK)(UNK)(UNK)(UNK)(UNK)(UNK)(UNK)(UNK)(UNK)
(UNK)(UNK)(UNK)(UNK)(UNK)(UNK)(UNK)(UNK)(UNK)(UNK)(UNK)(UNK)(UNK)(UNK)(UNK)(UNK)
(UNK)(UNK)(UNK)(UNK)(UNK)(UNK)(UNK)(UNK)(UNK)
;
g
7 'polypeptide(L)'
;(UNK)(UNK)(UNK)(UNK)(UNK)(UNK)(UNK)(UNK)(UNK)(UNK)(UNK)(UNK)(UNK)(UNK)(UNK)(UNK)
(UNK)(UNK)(UNK)(UNK)(UNK)(UNK)(UNK)(UNK)(UNK)(UNK)(UNK)(UNK)(UNK)(UNK)(UNK)(UNK)
(UNK)(UNK)(UNK)(UNK)(UNK)(UNK)(UNK)(UNK)(UNK)(UNK)(UNK)(UNK)(UNK)(UNK)(UNK)(UNK)
(UNK)(UNK)(UNK)(UNK)(UNK)(UNK)(UNK)(UNK)(UNK)(UNK)(UNK)(UNK)(UNK)(UNK)(UNK)(UNK)
(UNK)(UNK)(UNK)(UNK)(UNK)(UNK)(UNK)(UNK)(UNK)(UNK)(UNK)(UNK)(UNK)(UNK)(UNK)(UNK)
(UNK)(UNK)(UNK)(UNK)(UNK)(UNK)(UNK)(UNK)(UNK)(UNK)(UNK)(UNK)(UNK)(UNK)(UNK)(UNK)
(UNK)(UNK)(UNK)(UNK)(UNK)(UNK)(UNK)(UNK)(UNK)
;
c,d
8 'polypeptide(L)'
;(UNK)(UNK)(UNK)(UNK)(UNK)(UNK)(UNK)(UNK)(UNK)(UNK)(UNK)(UNK)(UNK)(UNK)(UNK)(UNK)
(UNK)(UNK)(UNK)(UNK)(UNK)(UNK)(UNK)(UNK)(UNK)
;
m
#
# COMPACT_ATOMS: atom_id res chain seq x y z
N GLN A 1 46.14 19.82 -2.66
CA GLN A 1 47.49 19.40 -2.30
C GLN A 1 47.88 19.93 -0.93
N THR A 2 48.06 21.24 -0.84
CA THR A 2 48.61 21.87 0.35
C THR A 2 47.52 22.16 1.37
N GLN A 3 47.87 22.02 2.65
CA GLN A 3 46.98 22.31 3.76
C GLN A 3 47.71 23.16 4.78
N GLU A 4 46.99 23.59 5.80
CA GLU A 4 47.53 24.40 6.89
C GLU A 4 47.08 23.76 8.19
N TYR A 5 47.97 23.01 8.82
CA TYR A 5 47.65 22.28 10.03
C TYR A 5 48.34 22.89 11.23
N THR A 6 47.94 22.38 12.39
CA THR A 6 48.60 22.60 13.65
C THR A 6 49.32 21.32 14.03
N ILE A 7 50.43 21.47 14.74
CA ILE A 7 51.19 20.36 15.27
C ILE A 7 51.51 20.65 16.72
N ASN A 8 51.47 19.61 17.54
CA ASN A 8 51.51 19.70 18.99
C ASN A 8 52.68 18.86 19.49
N HIS A 9 53.00 19.06 20.77
CA HIS A 9 54.04 18.30 21.45
C HIS A 9 53.69 16.84 21.65
N THR A 10 52.50 16.38 21.25
CA THR A 10 52.19 14.96 21.31
C THR A 10 51.34 14.57 20.12
N GLY A 11 51.65 13.40 19.56
CA GLY A 11 50.79 12.74 18.61
C GLY A 11 50.40 13.60 17.43
N GLY A 12 49.12 13.98 17.41
CA GLY A 12 48.62 14.78 16.33
C GLY A 12 48.65 14.01 15.03
N VAL A 13 49.10 14.68 13.98
CA VAL A 13 49.21 14.07 12.67
C VAL A 13 50.36 13.07 12.57
N LEU A 14 51.27 13.07 13.54
CA LEU A 14 52.49 12.29 13.45
C LEU A 14 52.30 10.87 14.00
N GLY A 15 51.96 10.76 15.28
CA GLY A 15 51.61 9.49 15.88
C GLY A 15 52.44 9.10 17.09
N ASP A 16 53.01 10.08 17.78
CA ASP A 16 53.66 9.93 19.08
C ASP A 16 55.01 9.22 19.00
N SER A 17 55.41 8.71 17.83
CA SER A 17 56.69 8.05 17.67
C SER A 17 57.76 9.01 17.16
N TYR A 18 57.46 9.71 16.08
CA TYR A 18 58.38 10.66 15.47
C TYR A 18 58.28 12.04 16.08
N VAL A 19 57.76 12.12 17.30
CA VAL A 19 58.01 13.22 18.22
C VAL A 19 59.05 12.74 19.21
N THR A 20 59.80 13.67 19.79
CA THR A 20 60.44 13.34 21.05
C THR A 20 60.66 14.61 21.87
N THR A 21 60.41 14.48 23.17
CA THR A 21 60.58 15.55 24.14
C THR A 21 61.84 15.30 24.96
N ALA A 22 62.23 16.32 25.71
CA ALA A 22 63.39 16.25 26.57
C ALA A 22 63.44 17.51 27.41
N SER A 23 64.03 17.39 28.59
CA SER A 23 64.28 18.53 29.45
C SER A 23 65.57 19.22 29.06
N ASN A 24 65.83 20.35 29.69
CA ASN A 24 67.03 21.12 29.47
C ASN A 24 68.10 20.70 30.47
N GLN A 25 69.16 21.49 30.58
CA GLN A 25 70.17 21.31 31.61
C GLN A 25 70.40 22.62 32.36
N THR A 26 70.76 22.48 33.62
CA THR A 26 70.77 23.60 34.56
C THR A 26 72.18 24.13 34.79
N SER A 27 73.10 23.29 35.26
CA SER A 27 74.39 23.81 35.69
C SER A 27 75.23 24.25 34.50
N PRO A 28 75.45 23.45 33.45
CA PRO A 28 76.00 23.99 32.21
C PRO A 28 74.91 24.63 31.37
N GLN A 29 74.93 25.95 31.29
CA GLN A 29 74.02 26.68 30.42
C GLN A 29 74.32 26.32 28.98
N ARG A 30 73.44 25.55 28.35
CA ARG A 30 73.71 25.04 27.02
C ARG A 30 72.43 24.98 26.21
N GLU A 31 72.60 25.11 24.89
CA GLU A 31 71.49 25.17 23.95
C GLU A 31 70.96 23.76 23.75
N THR A 32 70.21 23.30 24.75
CA THR A 32 69.64 21.97 24.71
C THR A 32 68.59 21.88 23.62
N ALA A 33 68.10 20.67 23.40
CA ALA A 33 67.04 20.38 22.43
C ALA A 33 65.88 19.80 23.20
N VAL A 34 64.87 20.62 23.45
CA VAL A 34 63.76 20.21 24.29
C VAL A 34 62.70 19.47 23.49
N LEU A 35 62.57 19.75 22.21
CA LEU A 35 61.57 19.07 21.41
C LEU A 35 62.11 18.82 20.02
N SER A 36 61.59 17.79 19.36
CA SER A 36 61.95 17.61 17.97
C SER A 36 60.92 16.76 17.25
N PHE A 37 60.70 17.12 15.99
CA PHE A 37 59.69 16.53 15.13
C PHE A 37 60.37 15.99 13.89
N GLU A 38 60.20 14.71 13.61
CA GLU A 38 60.77 14.08 12.43
C GLU A 38 59.67 13.83 11.41
N CYS A 39 59.89 14.28 10.19
CA CYS A 39 58.92 14.09 9.11
C CYS A 39 58.69 12.60 8.86
N PRO A 40 57.47 12.09 9.00
CA PRO A 40 57.25 10.66 8.82
C PRO A 40 57.37 10.21 7.36
N ARG A 41 57.26 8.89 7.24
CA ARG A 41 57.37 8.19 5.97
C ARG A 41 56.31 8.66 4.99
N LYS A 42 55.11 8.94 5.49
CA LYS A 42 53.94 9.06 4.63
C LYS A 42 53.86 10.40 3.94
N PHE A 43 54.29 11.46 4.61
CA PHE A 43 54.24 12.78 4.01
C PHE A 43 55.24 12.89 2.87
N GLU A 44 55.04 13.92 2.04
CA GLU A 44 55.96 14.24 0.96
C GLU A 44 57.00 15.24 1.43
N GLU A 45 56.55 16.31 2.07
CA GLU A 45 57.44 17.32 2.62
C GLU A 45 56.64 18.17 3.58
N ILE A 46 57.36 18.95 4.37
CA ILE A 46 56.78 19.93 5.27
C ILE A 46 57.46 21.25 5.01
N ASN A 47 56.69 22.32 5.11
CA ASN A 47 57.17 23.69 4.98
C ASN A 47 56.95 24.42 6.30
N TYR A 48 57.57 25.58 6.39
CA TYR A 48 57.44 26.42 7.57
C TYR A 48 57.84 27.82 7.17
N VAL A 49 56.99 28.79 7.50
CA VAL A 49 57.17 30.16 7.03
C VAL A 49 56.90 31.09 8.20
N GLY A 50 57.70 32.14 8.29
CA GLY A 50 57.48 33.18 9.25
C GLY A 50 56.62 34.28 8.69
N GLN A 51 55.93 34.99 9.59
CA GLN A 51 54.91 35.98 9.23
C GLN A 51 53.76 35.36 8.44
N ARG A 52 53.61 34.04 8.52
CA ARG A 52 52.52 33.32 7.88
C ARG A 52 51.88 32.32 8.84
N ASP A 53 52.67 31.79 9.77
CA ASP A 53 52.29 30.64 10.59
C ASP A 53 52.32 31.04 12.05
N ALA A 54 51.20 30.87 12.73
CA ALA A 54 51.09 31.25 14.14
C ALA A 54 51.68 30.17 15.03
N THR A 55 51.60 30.41 16.32
CA THR A 55 52.42 29.67 17.27
C THR A 55 51.90 29.90 18.68
N ARG A 56 52.24 28.96 19.55
CA ARG A 56 51.99 29.06 20.98
C ARG A 56 52.96 28.13 21.68
N PHE A 57 53.46 28.54 22.83
CA PHE A 57 54.38 27.71 23.59
C PHE A 57 54.31 28.16 25.05
N VAL A 58 53.62 27.38 25.86
CA VAL A 58 53.45 27.68 27.29
C VAL A 58 54.36 26.74 28.05
N PRO A 59 55.52 27.20 28.49
CA PRO A 59 56.35 26.40 29.40
C PRO A 59 56.16 26.77 30.87
N ARG A 60 56.65 25.90 31.73
CA ARG A 60 56.63 26.09 33.17
C ARG A 60 57.86 25.40 33.73
N THR A 61 57.93 25.31 35.05
CA THR A 61 58.98 24.58 35.75
C THR A 61 58.30 23.80 36.87
N THR A 62 59.11 23.29 37.79
CA THR A 62 58.59 22.65 38.98
C THR A 62 59.48 23.00 40.16
N GLU A 63 58.84 23.20 41.32
CA GLU A 63 59.57 23.36 42.56
C GLU A 63 58.74 22.74 43.67
N SER A 64 59.36 22.60 44.84
CA SER A 64 58.72 21.97 45.97
C SER A 64 59.15 22.71 47.23
N ILE A 65 58.35 22.51 48.28
CA ILE A 65 58.62 23.10 49.58
C ILE A 65 58.41 22.03 50.64
N THR A 66 58.48 22.43 51.90
CA THR A 66 58.23 21.53 53.03
C THR A 66 57.28 22.23 53.98
N GLY A 67 56.24 21.52 54.40
CA GLY A 67 55.31 22.09 55.35
C GLY A 67 55.98 22.42 56.67
N SER A 68 55.47 23.46 57.32
CA SER A 68 55.98 23.88 58.62
C SER A 68 54.81 24.35 59.48
N ALA A 69 55.07 24.42 60.78
CA ALA A 69 54.05 24.88 61.71
C ALA A 69 53.69 26.33 61.46
N ASN A 70 54.68 27.14 61.08
CA ASN A 70 54.44 28.55 60.85
C ASN A 70 53.57 28.75 59.61
N ASP A 71 52.70 29.74 59.66
CA ASP A 71 51.73 29.99 58.59
C ASP A 71 52.44 30.70 57.44
N ASP A 72 52.99 29.90 56.53
CA ASP A 72 53.79 30.44 55.44
C ASP A 72 52.97 31.36 54.55
N THR A 73 52.02 30.79 53.80
CA THR A 73 51.16 31.53 52.87
C THR A 73 51.95 32.30 51.82
N VAL A 74 53.22 31.97 51.62
CA VAL A 74 54.06 32.65 50.65
C VAL A 74 55.27 31.76 50.44
N VAL A 75 55.78 31.72 49.21
CA VAL A 75 56.97 30.96 48.90
C VAL A 75 57.84 31.77 47.96
N ASP A 76 59.14 31.70 48.20
CA ASP A 76 60.10 32.22 47.25
C ASP A 76 60.27 31.22 46.11
N LEU A 77 61.03 31.64 45.10
CA LEU A 77 61.27 30.82 43.93
C LEU A 77 62.70 31.01 43.46
N THR A 78 63.09 30.14 42.53
CA THR A 78 64.41 30.19 41.91
C THR A 78 64.34 30.70 40.47
N ALA A 79 63.19 31.21 40.04
CA ALA A 79 62.97 31.64 38.67
C ALA A 79 62.42 33.04 38.68
N ASN A 80 62.89 33.87 37.74
CA ASN A 80 62.28 35.17 37.56
C ASN A 80 60.82 34.99 37.19
N ILE A 81 60.01 35.93 37.65
CA ILE A 81 58.57 35.79 37.60
C ILE A 81 57.98 37.09 37.09
N GLN A 82 56.88 36.96 36.36
CA GLN A 82 56.04 38.09 36.01
C GLN A 82 54.65 37.55 35.74
N PRO A 83 53.66 38.43 35.62
CA PRO A 83 52.33 37.95 35.26
C PRO A 83 52.23 37.56 33.80
N VAL A 84 51.14 36.89 33.49
CA VAL A 84 50.83 36.47 32.13
C VAL A 84 50.34 37.70 31.38
N ALA A 85 51.19 38.23 30.51
CA ALA A 85 50.96 39.47 29.78
C ALA A 85 50.82 40.68 30.67
N GLY A 86 51.16 40.57 31.95
CA GLY A 86 51.08 41.68 32.85
C GLY A 86 49.68 41.80 33.42
N GLU A 87 49.56 41.63 34.74
CA GLU A 87 48.48 42.17 35.57
C GLU A 87 48.74 41.70 37.00
N GLU A 88 48.35 42.51 37.97
CA GLU A 88 48.47 42.10 39.36
C GLU A 88 47.45 41.03 39.72
N VAL A 89 46.39 40.89 38.94
CA VAL A 89 45.22 40.12 39.33
C VAL A 89 45.33 38.70 38.80
N ILE A 90 44.75 37.78 39.54
CA ILE A 90 44.64 36.38 39.16
C ILE A 90 43.22 36.12 38.68
N ALA A 91 43.08 35.15 37.78
CA ALA A 91 41.86 34.68 37.15
C ALA A 91 41.40 35.62 36.03
N GLU A 92 42.05 36.78 35.85
CA GLU A 92 41.87 37.57 34.65
C GLU A 92 42.85 37.19 33.55
N GLN A 93 43.95 36.56 33.91
CA GLN A 93 44.98 36.20 32.95
C GLN A 93 44.43 35.25 31.89
N ASP A 94 45.13 35.20 30.76
CA ASP A 94 44.81 34.18 29.76
C ASP A 94 44.97 32.79 30.34
N TYR A 95 45.89 32.63 31.29
CA TYR A 95 46.04 31.38 32.03
C TYR A 95 46.72 31.70 33.34
N PRO A 96 46.64 30.80 34.33
CA PRO A 96 47.31 31.08 35.61
C PRO A 96 48.82 31.12 35.45
N VAL A 97 49.42 32.16 36.05
CA VAL A 97 50.87 32.25 36.08
C VAL A 97 51.45 31.05 36.81
N ALA A 98 50.75 30.55 37.82
CA ALA A 98 51.29 29.52 38.68
C ALA A 98 50.17 28.63 39.17
N VAL A 99 50.52 27.38 39.44
CA VAL A 99 49.62 26.37 39.95
C VAL A 99 50.32 25.70 41.10
N ALA A 100 49.54 25.29 42.10
CA ALA A 100 50.06 24.57 43.25
C ALA A 100 49.14 23.42 43.58
N TYR A 101 49.73 22.36 44.11
CA TYR A 101 49.00 21.14 44.43
C TYR A 101 49.60 20.52 45.67
N ASN A 102 48.72 20.09 46.58
CA ASN A 102 49.12 19.48 47.83
C ASN A 102 49.03 17.96 47.69
N VAL A 103 50.10 17.26 48.02
CA VAL A 103 50.11 15.81 47.88
C VAL A 103 49.13 15.18 48.85
N THR A 104 49.23 15.55 50.12
CA THR A 104 48.34 15.01 51.14
C THR A 104 46.88 15.30 50.78
N GLN A 105 46.52 16.57 50.77
CA GLN A 105 45.19 16.99 50.36
C GLN A 105 45.17 17.04 48.84
N GLY A 106 44.66 15.98 48.21
CA GLY A 106 44.72 15.88 46.77
C GLY A 106 43.76 16.84 46.11
N VAL A 107 44.06 18.14 46.22
CA VAL A 107 43.18 19.21 45.76
C VAL A 107 44.02 20.29 45.11
N GLU A 108 43.36 21.10 44.29
CA GLU A 108 44.03 22.28 43.78
C GLU A 108 44.28 23.25 44.92
N VAL A 109 45.06 24.29 44.62
CA VAL A 109 45.32 25.38 45.55
C VAL A 109 45.25 26.66 44.76
N ASP A 110 44.40 27.57 45.20
CA ASP A 110 44.25 28.83 44.50
C ASP A 110 45.46 29.71 44.72
N VAL A 111 45.47 30.86 44.05
CA VAL A 111 46.52 31.86 44.20
C VAL A 111 45.84 33.21 44.34
N VAL A 112 46.38 34.02 45.24
CA VAL A 112 45.83 35.35 45.51
C VAL A 112 46.52 36.34 44.60
N ASP A 113 47.82 36.49 44.77
CA ASP A 113 48.58 37.51 44.06
C ASP A 113 50.06 37.18 44.22
N ALA A 114 50.92 38.12 43.85
CA ALA A 114 52.34 38.01 44.11
C ALA A 114 52.98 39.37 43.91
N ASP A 115 54.24 39.46 44.32
CA ASP A 115 54.99 40.70 44.13
C ASP A 115 55.36 40.88 42.67
N TYR A 116 55.71 39.79 41.99
CA TYR A 116 56.09 39.79 40.58
C TYR A 116 57.34 40.62 40.31
N ALA A 117 58.08 40.98 41.35
CA ALA A 117 59.30 41.77 41.24
C ALA A 117 60.51 40.94 41.64
N ALA A 118 60.48 40.39 42.84
CA ALA A 118 61.40 39.35 43.26
C ALA A 118 60.76 38.00 43.03
N ASP A 119 61.54 36.95 43.28
CA ASP A 119 61.10 35.58 43.05
C ASP A 119 60.16 35.18 44.18
N THR A 120 58.90 35.64 44.09
CA THR A 120 57.94 35.54 45.17
C THR A 120 56.59 35.10 44.62
N VAL A 121 55.81 34.41 45.46
CA VAL A 121 54.40 34.18 45.15
C VAL A 121 53.65 33.89 46.45
N THR A 122 52.39 34.32 46.48
CA THR A 122 51.49 34.10 47.60
C THR A 122 50.72 32.81 47.40
N LEU A 123 50.34 32.19 48.52
CA LEU A 123 49.38 31.10 48.53
C LEU A 123 48.17 31.51 49.35
N GLY A 124 46.98 31.19 48.84
CA GLY A 124 45.75 31.51 49.54
C GLY A 124 45.46 30.58 50.69
N THR A 125 45.91 29.34 50.61
CA THR A 125 45.64 28.35 51.63
C THR A 125 46.71 28.43 52.73
N ASN A 126 46.54 27.57 53.75
CA ASN A 126 47.44 27.51 54.90
C ASN A 126 47.97 26.08 55.00
N PRO A 127 49.08 25.77 54.33
CA PRO A 127 49.60 24.40 54.39
C PRO A 127 49.96 23.99 55.80
N ALA A 128 49.77 22.70 56.08
CA ALA A 128 50.08 22.13 57.37
C ALA A 128 51.54 21.72 57.44
N ASP A 129 52.00 21.45 58.65
CA ASP A 129 53.37 21.01 58.85
C ASP A 129 53.54 19.58 58.35
N GLY A 130 54.65 19.33 57.67
CA GLY A 130 54.94 18.02 57.12
C GLY A 130 54.29 17.72 55.80
N ASP A 131 53.31 18.51 55.37
CA ASP A 131 52.62 18.24 54.12
C ASP A 131 53.53 18.55 52.94
N GLU A 132 53.49 17.68 51.93
CA GLU A 132 54.28 17.85 50.73
C GLU A 132 53.49 18.64 49.70
N VAL A 133 54.20 19.46 48.94
CA VAL A 133 53.62 20.43 48.03
C VAL A 133 54.39 20.39 46.73
N LYS A 134 53.71 20.75 45.65
CA LYS A 134 54.36 20.98 44.37
C LYS A 134 53.77 22.23 43.76
N VAL A 135 54.58 22.90 42.96
CA VAL A 135 54.21 24.16 42.34
C VAL A 135 54.83 24.21 40.96
N TRP A 136 54.10 24.80 40.01
CA TRP A 136 54.51 24.84 38.60
C TRP A 136 54.41 26.28 38.13
N PRO A 137 55.30 27.13 38.62
CA PRO A 137 55.22 28.54 38.27
C PRO A 137 55.62 28.80 36.83
N ILE A 138 55.38 30.04 36.42
CA ILE A 138 55.84 30.49 35.14
C ILE A 138 57.36 30.41 35.07
N MET A 139 57.87 30.37 33.86
CA MET A 139 59.29 30.36 33.57
C MET A 139 59.67 31.65 32.87
N SER A 140 60.94 32.01 33.00
CA SER A 140 61.45 33.27 32.49
C SER A 140 62.93 33.13 32.20
N ASP A 141 63.50 34.18 31.60
CA ASP A 141 64.93 34.29 31.37
C ASP A 141 65.44 33.12 30.54
N GLY A 142 64.99 33.07 29.29
CA GLY A 142 65.39 32.02 28.39
C GLY A 142 65.38 32.48 26.95
N ASP A 143 65.85 31.58 26.09
CA ASP A 143 65.88 31.79 24.66
C ASP A 143 65.42 30.52 23.96
N VAL A 144 64.75 30.69 22.82
CA VAL A 144 64.22 29.58 22.05
C VAL A 144 64.69 29.75 20.62
N GLN A 145 64.84 28.61 19.92
CA GLN A 145 65.33 28.67 18.55
C GLN A 145 65.05 27.36 17.84
N PHE A 146 65.34 27.35 16.55
CA PHE A 146 65.06 26.23 15.66
C PHE A 146 66.33 25.75 14.96
N ARG A 147 66.36 24.47 14.61
CA ARG A 147 67.38 24.01 13.68
C ARG A 147 66.98 22.70 13.03
N LEU A 148 67.60 22.43 11.90
CA LEU A 148 67.26 21.27 11.07
C LEU A 148 68.36 20.22 11.09
N ILE A 149 67.94 18.97 10.96
CA ILE A 149 68.81 17.81 11.03
C ILE A 149 68.47 16.90 9.86
N ASN A 150 69.51 16.44 9.17
CA ASN A 150 69.36 15.63 7.97
C ASN A 150 69.56 14.15 8.29
N GLN A 151 68.65 13.64 9.13
CA GLN A 151 68.50 12.21 9.40
C GLN A 151 69.59 11.61 10.28
N PHE A 152 70.65 12.38 10.58
CA PHE A 152 71.88 11.83 11.15
C PHE A 152 72.35 12.49 12.43
N GLY A 153 71.62 13.45 12.98
CA GLY A 153 72.17 14.26 14.05
C GLY A 153 73.22 15.21 13.54
N GLN A 154 73.06 15.67 12.31
CA GLN A 154 74.12 16.36 11.56
C GLN A 154 73.51 17.62 10.97
N GLU A 155 73.77 18.75 11.61
CA GLU A 155 73.13 20.00 11.25
C GLU A 155 73.60 20.46 9.88
N GLU A 156 72.71 21.13 9.15
CA GLU A 156 73.03 21.79 7.90
C GLU A 156 72.79 23.27 7.93
N GLY A 157 71.89 23.75 8.77
CA GLY A 157 71.61 25.16 8.79
C GLY A 157 70.76 25.52 9.99
N ARG A 158 70.34 26.79 9.99
CA ARG A 158 69.59 27.35 11.10
C ARG A 158 68.51 28.25 10.53
N VAL A 159 67.31 28.11 11.07
CA VAL A 159 66.14 28.78 10.49
C VAL A 159 66.33 30.28 10.52
N TYR A 160 66.71 30.80 11.69
CA TYR A 160 66.79 32.19 11.93
C TYR A 160 67.94 32.40 12.90
N PRO A 161 68.91 33.28 12.61
CA PRO A 161 70.08 33.38 13.47
C PRO A 161 69.79 33.78 14.90
N TRP A 162 68.98 34.80 15.10
CA TRP A 162 68.86 35.47 16.39
C TRP A 162 67.76 34.83 17.21
N SER A 163 68.06 34.51 18.46
CA SER A 163 67.06 33.89 19.31
C SER A 163 66.05 34.91 19.80
N THR A 164 64.83 34.44 20.03
CA THR A 164 63.76 35.20 20.64
C THR A 164 63.63 34.79 22.09
N PRO A 165 63.45 35.72 23.04
CA PRO A 165 63.35 35.30 24.44
C PRO A 165 61.95 34.84 24.82
N LEU A 166 61.91 33.72 25.55
CA LEU A 166 60.65 33.20 26.07
C LEU A 166 60.00 34.17 27.01
N TYR A 167 60.81 34.98 27.66
CA TYR A 167 60.30 36.05 28.48
C TYR A 167 59.30 36.92 27.70
N ARG A 168 59.77 37.49 26.60
CA ARG A 168 58.91 38.23 25.69
C ARG A 168 57.76 37.39 25.17
N TRP A 169 58.04 36.11 24.95
CA TRP A 169 57.02 35.19 24.47
C TRP A 169 55.82 35.15 25.40
N HIS A 170 56.08 35.10 26.70
CA HIS A 170 54.99 35.18 27.67
C HIS A 170 54.39 36.57 27.72
N ASP A 171 55.22 37.59 27.48
CA ASP A 171 54.74 38.97 27.65
C ASP A 171 53.63 39.30 26.66
N PHE A 172 53.80 38.94 25.40
CA PHE A 172 52.75 39.29 24.45
C PHE A 172 51.49 38.48 24.75
N PRO A 173 50.30 39.08 24.69
CA PRO A 173 49.08 38.27 24.70
C PRO A 173 49.02 37.40 23.46
N GLN A 174 48.90 36.12 23.68
CA GLN A 174 48.96 35.17 22.60
C GLN A 174 47.63 35.18 21.85
N LEU A 175 47.54 34.31 20.85
CA LEU A 175 46.28 33.91 20.22
C LEU A 175 45.37 35.08 19.83
N LYS A 176 45.97 36.21 19.45
CA LYS A 176 45.26 37.36 18.88
C LYS A 176 45.87 37.69 17.53
N ARG A 177 45.07 37.61 16.47
CA ARG A 177 45.60 37.99 15.16
C ARG A 177 45.88 39.48 15.15
N GLY A 178 46.98 39.84 14.52
CA GLY A 178 47.53 41.18 14.57
C GLY A 178 48.52 41.31 15.69
N ARG A 179 48.18 40.76 16.85
CA ARG A 179 49.10 40.64 17.97
C ARG A 179 49.68 39.24 18.09
N GLU A 180 49.28 38.32 17.21
CA GLU A 180 49.83 36.98 17.24
C GLU A 180 51.32 37.01 16.96
N ILE A 181 52.03 36.06 17.53
CA ILE A 181 53.46 35.94 17.31
C ILE A 181 53.69 35.25 15.99
N ASN A 182 54.72 35.72 15.28
CA ASN A 182 55.13 35.12 14.02
C ASN A 182 56.63 35.31 13.92
N LEU A 183 57.40 34.25 14.13
CA LEU A 183 58.84 34.33 13.98
C LEU A 183 59.20 34.55 12.52
N HIS A 184 60.50 34.61 12.26
CA HIS A 184 61.05 34.76 10.92
C HIS A 184 61.71 33.45 10.49
N GLY A 185 61.97 33.38 9.19
CA GLY A 185 62.63 32.23 8.60
C GLY A 185 61.67 31.41 7.77
N SER A 186 62.22 30.77 6.73
CA SER A 186 61.44 29.98 5.79
C SER A 186 62.15 28.66 5.55
N ALA A 187 61.73 27.64 6.28
CA ALA A 187 62.33 26.32 6.28
C ALA A 187 61.45 25.34 5.53
N SER A 188 62.06 24.21 5.15
CA SER A 188 61.33 23.14 4.52
C SER A 188 62.18 21.88 4.57
N TRP A 189 61.52 20.73 4.76
CA TRP A 189 62.25 19.47 4.81
C TRP A 189 61.34 18.35 4.30
N SER A 190 61.87 17.14 4.35
CA SER A 190 61.30 15.97 3.70
C SER A 190 61.44 14.79 4.64
N GLU A 191 61.25 13.59 4.08
CA GLU A 191 61.07 12.38 4.87
C GLU A 191 62.24 12.11 5.81
N ASN A 192 61.91 11.81 7.06
CA ASN A 192 62.83 11.41 8.12
C ASN A 192 63.79 12.52 8.54
N GLU A 193 63.65 13.72 8.01
CA GLU A 193 64.43 14.87 8.41
C GLU A 193 63.71 15.56 9.56
N THR A 194 64.49 16.14 10.46
CA THR A 194 63.97 16.57 11.75
C THR A 194 64.11 18.07 11.91
N LEU A 195 63.11 18.67 12.56
CA LEU A 195 63.20 20.02 13.10
C LEU A 195 63.31 19.90 14.61
N GLU A 196 64.33 20.52 15.18
CA GLU A 196 64.57 20.55 16.60
C GLU A 196 64.24 21.94 17.12
N ILE A 197 63.47 21.97 18.21
CA ILE A 197 63.13 23.20 18.92
C ILE A 197 63.96 23.19 20.20
N LEU A 198 64.79 24.22 20.33
CA LEU A 198 65.88 24.25 21.28
C LEU A 198 65.68 25.38 22.27
N LEU A 199 66.25 25.15 23.44
CA LEU A 199 66.06 25.96 24.62
C LEU A 199 67.42 26.32 25.20
N ASP A 200 67.56 27.56 25.64
CA ASP A 200 68.73 28.00 26.39
C ASP A 200 68.22 28.80 27.58
N ALA A 201 68.23 28.19 28.75
CA ALA A 201 67.75 28.86 29.96
C ALA A 201 68.19 28.04 31.16
N PRO A 202 68.27 28.66 32.35
CA PRO A 202 68.73 27.93 33.53
C PRO A 202 67.72 26.97 34.11
N GLN A 203 66.49 27.43 34.26
CA GLN A 203 65.54 26.72 35.11
C GLN A 203 65.03 25.47 34.41
N ALA A 204 64.80 24.44 35.22
CA ALA A 204 64.44 23.12 34.73
C ALA A 204 62.96 23.08 34.42
N LEU A 205 62.63 23.07 33.13
CA LEU A 205 61.26 22.95 32.70
C LEU A 205 60.80 21.50 32.79
N THR A 206 59.52 21.29 32.47
CA THR A 206 58.88 20.00 32.60
C THR A 206 57.97 19.76 31.42
N TRP A 207 57.58 18.49 31.25
CA TRP A 207 56.62 18.09 30.24
C TRP A 207 55.52 17.23 30.85
N GLU A 208 55.87 16.45 31.87
CA GLU A 208 54.95 15.50 32.47
C GLU A 208 55.22 15.42 33.96
N ASP A 209 54.15 15.36 34.74
CA ASP A 209 54.25 15.20 36.19
C ASP A 209 53.28 14.19 36.77
N SER A 210 52.19 13.86 36.08
CA SER A 210 51.20 12.86 36.48
C SER A 210 50.42 13.25 37.74
N ASP A 211 50.61 14.46 38.25
CA ASP A 211 49.84 14.95 39.38
C ASP A 211 49.48 16.41 39.21
N TYR A 212 49.34 16.86 37.96
CA TYR A 212 49.03 18.24 37.64
C TYR A 212 47.56 18.34 37.29
N PRO A 213 46.76 19.19 37.94
CA PRO A 213 45.32 19.16 37.70
C PRO A 213 44.91 19.64 36.31
N ARG A 214 45.39 20.81 35.91
CA ARG A 214 44.91 21.44 34.68
C ARG A 214 45.53 20.74 33.47
N GLY A 215 45.05 19.52 33.24
CA GLY A 215 45.53 18.70 32.14
C GLY A 215 46.67 17.80 32.55
N GLN A 216 46.93 16.81 31.71
CA GLN A 216 48.01 15.86 31.97
C GLN A 216 49.37 16.47 31.64
N TYR A 217 49.56 16.86 30.39
CA TYR A 217 50.81 17.47 29.98
C TYR A 217 50.83 18.93 30.43
N VAL A 218 51.83 19.27 31.24
CA VAL A 218 51.88 20.58 31.87
C VAL A 218 52.09 21.65 30.83
N THR A 219 53.25 21.62 30.18
CA THR A 219 53.60 22.60 29.18
C THR A 219 52.93 22.24 27.87
N THR A 220 53.13 23.08 26.86
CA THR A 220 52.61 22.74 25.55
C THR A 220 53.25 23.60 24.48
N LEU A 221 53.24 23.05 23.27
CA LEU A 221 53.59 23.77 22.05
C LEU A 221 52.49 23.51 21.05
N GLU A 222 52.13 24.54 20.29
CA GLU A 222 51.14 24.41 19.24
C GLU A 222 51.56 25.33 18.09
N GLN A 223 52.07 24.76 17.01
CA GLN A 223 52.64 25.52 15.91
C GLN A 223 51.86 25.27 14.62
N ASP A 224 51.71 26.32 13.81
CA ASP A 224 51.12 26.16 12.49
C ASP A 224 52.18 25.76 11.48
N VAL A 225 51.81 24.88 10.57
CA VAL A 225 52.67 24.45 9.48
C VAL A 225 51.85 24.26 8.22
N GLU A 226 52.57 24.17 7.11
CA GLU A 226 52.03 23.84 5.81
C GLU A 226 52.61 22.51 5.38
N ILE A 227 51.76 21.65 4.83
CA ILE A 227 52.13 20.29 4.47
C ILE A 227 51.68 20.02 3.04
N THR A 228 52.48 19.24 2.33
CA THR A 228 52.14 18.75 1.00
C THR A 228 51.62 17.33 1.16
N LEU A 229 50.37 17.23 1.59
CA LEU A 229 49.67 15.95 1.73
C LEU A 229 50.42 14.98 2.62
N PRO B 1 67.51 18.95 3.99
CA PRO B 1 67.10 20.24 4.54
C PRO B 1 67.23 21.36 3.53
N GLU B 2 66.44 22.42 3.73
CA GLU B 2 66.45 23.56 2.86
C GLU B 2 66.05 24.78 3.68
N ILE B 3 66.81 25.86 3.53
CA ILE B 3 66.50 27.13 4.17
C ILE B 3 66.52 28.19 3.08
N GLY B 4 65.61 29.16 3.21
CA GLY B 4 65.54 30.22 2.22
C GLY B 4 66.55 31.30 2.53
N ASN B 5 67.12 31.85 1.46
CA ASN B 5 68.08 32.92 1.62
C ASN B 5 67.34 34.19 2.02
N ASN B 6 67.11 34.34 3.31
CA ASN B 6 66.44 35.53 3.82
C ASN B 6 67.22 36.77 3.45
N GLY B 7 66.50 37.87 3.25
CA GLY B 7 67.14 39.12 2.89
C GLY B 7 68.10 39.59 3.96
N ALA B 8 69.10 40.35 3.53
CA ALA B 8 70.09 40.85 4.48
C ALA B 8 69.48 41.81 5.49
N GLU B 9 68.46 42.57 5.07
CA GLU B 9 67.81 43.52 5.95
C GLU B 9 66.91 42.76 6.91
N LYS B 10 67.51 42.28 7.99
CA LYS B 10 66.80 41.45 8.95
C LYS B 10 66.04 42.30 9.96
N GLN B 11 64.91 41.78 10.40
CA GLN B 11 63.96 42.49 11.24
C GLN B 11 64.08 42.00 12.67
N ILE B 12 64.49 42.88 13.57
CA ILE B 12 65.00 42.51 14.87
C ILE B 12 64.45 43.48 15.91
N SER B 13 64.80 43.22 17.17
CA SER B 13 64.41 44.08 18.26
C SER B 13 65.47 44.00 19.35
N LEU B 14 65.46 45.02 20.18
CA LEU B 14 66.49 45.21 21.20
C LEU B 14 65.88 45.01 22.58
N HIS B 15 66.70 44.51 23.49
CA HIS B 15 66.26 44.28 24.86
C HIS B 15 67.50 44.19 25.73
N LYS B 16 67.29 43.89 27.00
CA LYS B 16 68.36 43.94 27.98
C LYS B 16 69.39 42.85 27.72
N GLY B 17 68.95 41.61 27.58
CA GLY B 17 69.85 40.49 27.47
C GLY B 17 70.55 40.39 26.14
N GLN B 18 71.43 41.34 25.86
CA GLN B 18 72.24 41.35 24.65
C GLN B 18 73.62 41.86 25.00
N PRO B 19 74.62 41.59 24.15
CA PRO B 19 75.99 41.99 24.49
C PRO B 19 76.28 43.46 24.25
N PHE B 20 75.70 44.03 23.20
CA PHE B 20 75.98 45.40 22.79
C PHE B 20 75.10 46.42 23.48
N ILE B 21 74.56 46.07 24.66
CA ILE B 21 73.71 46.93 25.46
C ILE B 21 74.15 46.80 26.91
N ASP B 22 73.86 47.83 27.69
CA ASP B 22 74.22 47.83 29.10
C ASP B 22 73.29 48.77 29.83
N THR B 23 73.22 48.62 31.15
CA THR B 23 72.46 49.51 32.00
C THR B 23 73.19 49.70 33.32
N GLN B 24 72.72 50.69 34.08
CA GLN B 24 73.26 50.94 35.41
C GLN B 24 72.23 51.71 36.21
N ASP B 25 72.20 51.45 37.51
CA ASP B 25 71.22 52.05 38.40
C ASP B 25 71.30 53.57 38.36
N VAL B 26 70.22 54.20 38.80
CA VAL B 26 70.09 55.65 38.80
C VAL B 26 69.40 56.05 40.10
N GLY B 27 69.79 57.22 40.61
CA GLY B 27 69.23 57.72 41.85
C GLY B 27 68.10 58.70 41.60
N ALA B 28 68.37 59.98 41.78
CA ALA B 28 67.36 61.01 41.62
C ALA B 28 68.04 62.29 41.15
N ALA B 29 67.40 62.96 40.20
CA ALA B 29 67.91 64.21 39.64
C ALA B 29 69.31 63.99 39.05
N ASP B 30 69.38 63.05 38.12
CA ASP B 30 70.64 62.61 37.53
C ASP B 30 70.46 62.48 36.02
N PRO B 31 70.32 63.62 35.33
CA PRO B 31 70.09 63.56 33.88
C PRO B 31 71.29 63.06 33.11
N ASN B 32 72.49 63.47 33.50
CA ASN B 32 73.68 63.17 32.71
C ASN B 32 73.97 61.68 32.69
N THR B 33 73.68 60.99 33.77
CA THR B 33 73.93 59.55 33.83
C THR B 33 72.98 58.84 32.88
N PRO B 34 73.48 58.05 31.91
CA PRO B 34 72.57 57.22 31.13
C PRO B 34 72.17 55.97 31.92
N ALA B 35 70.86 55.76 32.04
CA ALA B 35 70.38 54.53 32.64
C ALA B 35 70.69 53.34 31.77
N VAL B 36 70.68 53.53 30.46
CA VAL B 36 70.90 52.47 29.49
C VAL B 36 71.80 53.01 28.39
N THR B 37 72.72 52.18 27.95
CA THR B 37 73.64 52.48 26.87
C THR B 37 73.50 51.41 25.81
N ILE B 38 73.57 51.84 24.55
CA ILE B 38 73.55 50.94 23.41
C ILE B 38 74.75 51.29 22.56
N GLU B 39 75.32 50.28 21.89
CA GLU B 39 76.42 50.53 20.99
C GLU B 39 76.27 49.65 19.76
N GLY B 40 76.78 50.15 18.64
CA GLY B 40 76.78 49.42 17.40
C GLY B 40 77.79 48.30 17.44
N PRO B 41 77.38 47.06 17.17
CA PRO B 41 78.38 45.99 17.02
C PRO B 41 79.25 46.23 15.81
N SER B 42 80.27 45.38 15.69
CA SER B 42 81.28 45.53 14.66
C SER B 42 80.77 45.02 13.32
N ASP B 43 80.98 45.82 12.28
CA ASP B 43 80.67 45.45 10.89
C ASP B 43 79.18 45.21 10.68
N TYR B 44 78.34 45.76 11.56
CA TYR B 44 76.90 45.75 11.40
C TYR B 44 76.40 47.18 11.33
N VAL B 45 75.21 47.32 10.77
CA VAL B 45 74.52 48.60 10.66
C VAL B 45 73.09 48.37 11.13
N ILE B 46 72.65 49.21 12.06
CA ILE B 46 71.30 49.17 12.59
C ILE B 46 70.56 50.37 12.03
N ALA B 47 69.26 50.18 11.80
CA ALA B 47 68.38 51.23 11.30
C ALA B 47 67.10 51.19 12.11
N ILE B 48 66.69 52.36 12.58
CA ILE B 48 65.48 52.53 13.34
C ILE B 48 64.62 53.54 12.59
N ASP B 49 63.47 53.09 12.12
CA ASP B 49 62.60 53.96 11.36
C ASP B 49 61.86 54.91 12.28
N ALA B 50 61.14 55.86 11.68
CA ALA B 50 60.48 56.89 12.45
C ALA B 50 59.27 56.35 13.18
N GLY B 51 58.55 55.41 12.58
CA GLY B 51 57.39 54.82 13.20
C GLY B 51 57.73 53.61 14.02
N THR B 52 58.87 53.64 14.68
CA THR B 52 59.31 52.50 15.44
C THR B 52 58.68 52.55 16.84
N PRO B 53 58.12 51.46 17.34
CA PRO B 53 57.64 51.48 18.72
C PRO B 53 58.76 51.61 19.73
N VAL B 54 58.36 52.04 20.92
CA VAL B 54 59.27 52.31 22.01
C VAL B 54 58.58 51.79 23.27
N ALA B 55 59.38 51.32 24.22
CA ALA B 55 58.77 50.68 25.36
C ALA B 55 59.73 50.54 26.54
N PRO B 56 59.91 51.60 27.32
CA PRO B 56 60.59 51.46 28.61
C PRO B 56 59.62 51.01 29.69
N GLU B 57 60.13 50.17 30.57
CA GLU B 57 59.34 49.57 31.62
C GLU B 57 60.14 49.61 32.92
N PHE B 58 60.64 50.79 33.24
CA PHE B 58 61.43 50.98 34.45
C PHE B 58 60.63 50.66 35.69
N ARG B 59 61.34 50.43 36.79
CA ARG B 59 60.74 50.05 38.05
C ARG B 59 61.51 50.66 39.20
N ASP B 60 60.91 50.55 40.38
CA ASP B 60 61.54 50.86 41.64
C ASP B 60 62.11 49.59 42.26
N ALA B 61 63.05 49.78 43.19
CA ALA B 61 63.69 48.63 43.82
C ALA B 61 62.69 47.77 44.56
N ASN B 62 61.69 48.39 45.17
CA ASN B 62 60.66 47.64 45.87
C ASN B 62 59.64 46.99 44.94
N GLY B 63 59.78 47.18 43.63
CA GLY B 63 58.81 46.69 42.68
C GLY B 63 57.60 47.59 42.60
N ASP B 64 57.82 48.83 42.16
CA ASP B 64 56.76 49.79 41.92
C ASP B 64 57.11 50.60 40.69
N LYS B 65 56.09 51.23 40.11
CA LYS B 65 56.32 52.23 39.09
C LYS B 65 56.70 53.54 39.76
N LEU B 66 57.44 54.36 39.02
CA LEU B 66 57.94 55.62 39.53
C LEU B 66 56.96 56.76 39.25
N ASP B 67 57.32 57.95 39.72
CA ASP B 67 56.55 59.15 39.52
C ASP B 67 56.32 59.40 38.04
N PRO B 68 55.08 59.44 37.54
CA PRO B 68 54.88 59.64 36.10
C PRO B 68 55.33 60.99 35.60
N SER B 69 55.59 61.95 36.49
CA SER B 69 56.21 63.20 36.07
C SER B 69 57.65 62.99 35.63
N THR B 70 58.24 61.84 35.97
CA THR B 70 59.55 61.47 35.46
C THR B 70 59.57 61.55 33.93
N ARG B 71 60.75 61.87 33.40
CA ARG B 71 60.95 62.02 31.97
C ARG B 71 61.97 61.01 31.48
N VAL B 72 61.74 60.51 30.27
CA VAL B 72 62.64 59.62 29.56
C VAL B 72 62.99 60.31 28.24
N THR B 73 64.24 60.19 27.84
CA THR B 73 64.71 60.76 26.57
C THR B 73 65.67 59.77 25.94
N ILE B 74 65.29 59.22 24.81
CA ILE B 74 66.25 58.53 23.95
C ILE B 74 67.04 59.61 23.22
N GLN B 75 68.32 59.34 22.96
CA GLN B 75 69.14 60.34 22.31
C GLN B 75 70.34 59.69 21.65
N LYS B 76 70.58 60.05 20.39
CA LYS B 76 71.78 59.61 19.71
C LYS B 76 72.98 60.38 20.24
N CYS B 77 74.15 59.77 20.12
CA CYS B 77 75.38 60.39 20.59
C CYS B 77 76.47 60.16 19.56
N ASP B 78 77.31 61.17 19.39
CA ASP B 78 78.58 60.95 18.72
C ASP B 78 79.42 60.01 19.58
N LYS B 79 80.50 59.51 18.99
CA LYS B 79 81.47 58.70 19.71
C LYS B 79 81.98 59.43 20.95
N GLN B 80 82.60 58.68 21.85
CA GLN B 80 83.09 59.21 23.13
C GLN B 80 81.93 59.67 24.01
N GLY B 81 80.81 58.96 23.90
CA GLY B 81 79.67 59.20 24.78
C GLY B 81 79.14 60.61 24.72
N ASN B 82 79.28 61.26 23.56
CA ASN B 82 79.01 62.67 23.44
C ASN B 82 77.63 62.89 22.84
N PRO B 83 76.68 63.54 23.53
CA PRO B 83 75.34 63.70 22.95
C PRO B 83 75.29 64.65 21.77
N LEU B 84 74.11 64.76 21.18
CA LEU B 84 73.86 65.65 20.05
C LEU B 84 72.42 66.13 20.11
N GLY B 85 72.19 67.31 19.55
CA GLY B 85 70.87 67.90 19.58
C GLY B 85 70.01 67.35 18.46
N ASP B 86 70.56 67.33 17.26
CA ASP B 86 69.90 66.68 16.15
C ASP B 86 69.94 65.17 16.33
N GLY B 87 69.00 64.48 15.68
CA GLY B 87 68.93 63.04 15.72
C GLY B 87 68.25 62.46 16.94
N ILE B 88 68.10 63.25 18.00
CA ILE B 88 67.36 62.79 19.18
C ILE B 88 65.94 62.39 18.79
N VAL B 89 65.38 61.44 19.54
CA VAL B 89 64.00 61.00 19.35
C VAL B 89 63.44 60.60 20.70
N PHE B 90 62.12 60.60 20.80
CA PHE B 90 61.40 60.08 21.97
C PHE B 90 61.85 60.80 23.24
N SER B 91 61.43 62.06 23.33
CA SER B 91 61.47 62.83 24.56
C SER B 91 60.06 62.77 25.14
N ASP B 92 59.83 61.78 25.99
CA ASP B 92 58.50 61.46 26.49
C ASP B 92 58.56 61.43 28.01
N THR B 93 57.39 61.37 28.62
CA THR B 93 57.28 61.23 30.07
C THR B 93 57.15 59.76 30.44
N LEU B 94 57.48 59.47 31.69
CA LEU B 94 57.44 58.10 32.17
C LEU B 94 56.02 57.64 32.41
N GLY B 95 55.09 58.56 32.62
CA GLY B 95 53.70 58.19 32.76
C GLY B 95 53.09 57.89 31.42
N ARG B 96 51.77 57.78 31.43
CA ARG B 96 50.94 57.67 30.22
C ARG B 96 51.44 56.60 29.25
N PHE B 97 51.77 55.42 29.79
CA PHE B 97 51.99 54.23 28.99
C PHE B 97 50.96 53.15 29.21
N GLU B 98 50.59 52.91 30.48
CA GLU B 98 49.79 51.75 30.85
C GLU B 98 50.51 50.47 30.42
N TYR B 99 51.62 50.22 31.13
CA TYR B 99 52.52 49.11 30.88
C TYR B 99 51.83 47.76 30.72
N SER B 100 50.63 47.61 31.29
CA SER B 100 49.89 46.36 31.15
C SER B 100 49.68 46.01 29.68
N LYS B 101 49.13 46.95 28.90
CA LYS B 101 48.75 46.71 27.51
C LYS B 101 49.66 47.44 26.53
N MET B 102 50.79 47.96 27.01
CA MET B 102 51.61 48.89 26.24
C MET B 102 52.08 48.31 24.92
N ARG B 103 52.87 47.24 24.98
CA ARG B 103 53.28 46.56 23.77
C ARG B 103 52.12 45.81 23.14
N SER B 104 51.23 45.29 23.98
CA SER B 104 50.05 44.59 23.52
C SER B 104 49.26 45.45 22.53
N ASP B 105 48.93 46.65 22.94
CA ASP B 105 47.96 47.44 22.21
C ASP B 105 48.64 48.35 21.21
N PRO B 106 48.23 48.35 19.93
CA PRO B 106 48.76 49.37 19.01
C PRO B 106 48.41 50.77 19.43
N ASP B 107 47.34 50.95 20.19
CA ASP B 107 47.02 52.27 20.71
C ASP B 107 48.06 52.70 21.72
N TYR B 108 48.21 51.95 22.80
CA TYR B 108 49.25 52.28 23.77
C TYR B 108 50.66 52.27 23.20
N MET B 109 50.85 51.62 22.06
CA MET B 109 52.16 51.57 21.45
C MET B 109 52.60 52.96 21.04
N ARG B 110 53.55 53.52 21.79
CA ARG B 110 54.10 54.83 21.48
C ARG B 110 55.27 54.67 20.53
N LYS B 111 55.22 55.38 19.42
CA LYS B 111 56.25 55.31 18.41
C LYS B 111 57.23 56.47 18.57
N THR B 112 58.30 56.41 17.80
CA THR B 112 59.27 57.49 17.77
C THR B 112 58.71 58.65 16.95
N THR B 113 59.54 59.66 16.76
CA THR B 113 59.17 60.88 16.05
C THR B 113 59.80 60.96 14.67
N THR B 114 61.10 60.71 14.59
CA THR B 114 61.85 60.84 13.34
C THR B 114 62.70 59.59 13.15
N SER B 115 63.25 59.48 11.95
CA SER B 115 64.08 58.33 11.62
C SER B 115 65.35 58.34 12.45
N LEU B 116 66.15 57.30 12.27
CA LEU B 116 67.40 57.19 13.00
C LEU B 116 68.24 56.11 12.35
N MET B 117 69.55 56.21 12.58
CA MET B 117 70.51 55.28 12.02
C MET B 117 71.67 55.16 13.00
N ILE B 118 72.30 54.00 12.99
CA ILE B 118 73.45 53.72 13.86
C ILE B 118 74.53 53.12 12.99
N ASP B 119 75.57 53.91 12.71
CA ASP B 119 76.76 53.39 12.09
C ASP B 119 77.45 52.42 13.04
N GLU B 120 78.41 51.68 12.50
CA GLU B 120 78.95 50.50 13.16
C GLU B 120 79.47 50.78 14.57
N ARG B 121 80.15 51.92 14.77
CA ARG B 121 80.62 52.34 16.09
C ARG B 121 79.92 53.66 16.41
N GLU B 122 78.76 53.58 17.02
CA GLU B 122 78.06 54.76 17.51
C GLU B 122 77.30 54.38 18.77
N ILE B 123 76.71 55.39 19.40
CA ILE B 123 76.10 55.23 20.70
C ILE B 123 74.72 55.85 20.69
N VAL B 124 73.82 55.23 21.44
CA VAL B 124 72.50 55.76 21.73
C VAL B 124 72.29 55.58 23.22
N LYS B 125 71.91 56.65 23.90
CA LYS B 125 71.72 56.66 25.33
C LYS B 125 70.26 56.94 25.65
N ILE B 126 69.90 56.61 26.89
CA ILE B 126 68.53 56.78 27.39
C ILE B 126 68.68 57.52 28.72
N PHE B 127 68.55 58.83 28.68
CA PHE B 127 68.61 59.63 29.89
C PHE B 127 67.26 59.66 30.56
N VAL B 128 67.29 59.80 31.88
CA VAL B 128 66.11 59.78 32.73
C VAL B 128 66.21 60.95 33.69
N GLU B 129 65.10 61.66 33.87
CA GLU B 129 65.01 62.79 34.79
C GLU B 129 63.93 62.46 35.80
N VAL B 130 64.36 62.16 37.02
CA VAL B 130 63.46 61.86 38.14
C VAL B 130 63.39 63.10 39.02
N PRO B 131 62.22 63.50 39.51
CA PRO B 131 62.17 64.60 40.46
C PRO B 131 62.75 64.18 41.80
N PRO B 132 63.27 65.13 42.59
CA PRO B 132 63.86 64.77 43.87
C PRO B 132 62.82 64.23 44.85
N ASN B 133 63.33 63.74 45.97
CA ASN B 133 62.50 63.14 47.03
C ASN B 133 61.64 62.02 46.46
N ALA B 134 62.23 61.24 45.55
CA ALA B 134 61.58 60.11 44.93
C ALA B 134 62.48 58.89 45.04
N ASN B 135 61.95 57.74 44.64
CA ASN B 135 62.70 56.51 44.67
C ASN B 135 63.52 56.36 43.41
N GLY B 136 64.63 55.63 43.54
CA GLY B 136 65.54 55.45 42.42
C GLY B 136 65.19 54.28 41.55
N MET B 137 65.86 54.20 40.41
CA MET B 137 65.68 53.12 39.47
C MET B 137 66.48 51.90 39.92
N ASP B 138 65.94 50.72 39.62
CA ASP B 138 66.57 49.45 39.93
C ASP B 138 66.77 48.67 38.65
N ALA B 139 68.01 48.37 38.32
CA ALA B 139 68.34 47.76 37.04
C ALA B 139 67.88 46.32 36.95
N ASP B 140 67.72 45.64 38.08
CA ASP B 140 67.30 44.24 38.05
C ASP B 140 65.91 44.09 37.46
N ASN B 141 65.04 45.07 37.68
CA ASN B 141 63.66 45.01 37.24
C ASN B 141 63.35 45.91 36.05
N SER B 142 64.15 46.94 35.82
CA SER B 142 63.94 47.81 34.68
C SER B 142 64.17 47.03 33.38
N ARG B 143 63.72 47.63 32.28
CA ARG B 143 63.96 47.04 30.98
C ARG B 143 63.56 48.03 29.89
N ILE B 144 64.19 47.86 28.74
CA ILE B 144 63.85 48.56 27.51
C ILE B 144 63.47 47.52 26.47
N THR B 145 62.55 47.90 25.60
CA THR B 145 62.32 47.20 24.35
C THR B 145 61.99 48.23 23.29
N ILE B 146 62.50 48.02 22.09
CA ILE B 146 62.17 48.86 20.95
C ILE B 146 62.01 47.96 19.74
N GLY B 147 61.30 48.48 18.74
CA GLY B 147 60.97 47.68 17.60
C GLY B 147 59.88 46.68 17.90
N ASP B 148 59.22 46.23 16.83
CA ASP B 148 58.11 45.28 16.93
C ASP B 148 58.30 44.23 15.85
N ASP B 149 59.07 43.19 16.18
CA ASP B 149 58.99 41.95 15.45
C ASP B 149 57.70 41.24 15.83
N THR B 150 57.37 40.19 15.10
CA THR B 150 56.41 39.19 15.55
C THR B 150 55.03 39.79 15.78
N SER B 151 54.65 40.72 14.92
CA SER B 151 53.33 41.32 15.00
C SER B 151 53.08 42.11 13.74
N ASP B 152 51.90 41.94 13.14
CA ASP B 152 51.58 42.72 11.96
C ASP B 152 51.46 44.19 12.29
N TYR B 153 51.22 44.54 13.55
CA TYR B 153 51.28 45.92 13.99
C TYR B 153 52.72 46.30 14.31
N GLY B 154 52.96 47.60 14.35
CA GLY B 154 54.27 48.11 14.69
C GLY B 154 55.30 47.85 13.61
N LYS B 155 56.48 48.40 13.85
CA LYS B 155 57.64 48.27 12.97
C LYS B 155 58.74 47.56 13.71
N ALA B 156 59.75 47.14 12.95
CA ALA B 156 60.89 46.40 13.47
C ALA B 156 62.17 47.15 13.19
N VAL B 157 63.19 46.79 13.95
CA VAL B 157 64.52 47.38 13.79
C VAL B 157 65.20 46.67 12.64
N GLY B 158 65.66 47.42 11.65
CA GLY B 158 66.42 46.82 10.57
C GLY B 158 67.86 46.63 10.98
N ILE B 159 68.45 45.54 10.51
CA ILE B 159 69.88 45.30 10.69
C ILE B 159 70.44 44.73 9.41
N VAL B 160 71.73 44.99 9.18
CA VAL B 160 72.41 44.46 8.03
C VAL B 160 73.87 44.29 8.37
N GLU B 161 74.50 43.27 7.80
CA GLU B 161 75.93 43.10 7.91
C GLU B 161 76.63 44.03 6.95
N HIS B 162 77.58 44.81 7.47
CA HIS B 162 78.26 45.80 6.64
C HIS B 162 79.07 45.15 5.53
N GLY B 163 79.62 43.97 5.79
CA GLY B 163 80.48 43.30 4.84
C GLY B 163 79.79 42.65 3.66
N ASP B 164 78.45 42.71 3.59
CA ASP B 164 77.72 42.11 2.48
C ASP B 164 77.48 43.12 1.36
N LEU B 165 76.84 44.24 1.67
CA LEU B 165 76.50 45.22 0.67
C LEU B 165 77.68 46.15 0.39
N SER B 166 77.82 46.53 -0.88
CA SER B 166 78.87 47.44 -1.31
C SER B 166 78.53 48.90 -0.98
N PRO B 167 77.34 49.41 -1.28
CA PRO B 167 77.01 50.78 -0.89
C PRO B 167 76.64 50.97 0.58
N ALA B 168 76.89 49.98 1.45
CA ALA B 168 76.67 50.18 2.87
C ALA B 168 77.55 51.31 3.40
N GLU B 169 78.77 51.43 2.87
CA GLU B 169 79.64 52.53 3.26
C GLU B 169 79.05 53.87 2.85
N SER B 170 78.46 53.94 1.65
CA SER B 170 77.83 55.18 1.20
C SER B 170 76.62 55.51 2.05
N LYS B 171 75.84 54.50 2.42
CA LYS B 171 74.67 54.73 3.27
C LYS B 171 75.07 55.17 4.67
N ALA B 172 76.20 54.68 5.18
CA ALA B 172 76.66 55.05 6.50
C ALA B 172 77.05 56.53 6.54
N GLN C 1 7.33 61.60 4.96
CA GLN C 1 6.51 60.40 5.00
C GLN C 1 7.09 59.36 5.94
N THR C 2 8.24 58.80 5.55
CA THR C 2 8.82 57.67 6.26
C THR C 2 9.68 58.13 7.41
N GLN C 3 9.67 57.35 8.49
CA GLN C 3 10.48 57.61 9.67
C GLN C 3 11.15 56.32 10.09
N GLU C 4 12.01 56.42 11.11
CA GLU C 4 12.74 55.29 11.66
C GLU C 4 12.58 55.35 13.17
N TYR C 5 11.68 54.52 13.69
CA TYR C 5 11.36 54.52 15.11
C TYR C 5 11.88 53.27 15.77
N THR C 6 11.80 53.31 17.09
CA THR C 6 11.98 52.16 17.96
C THR C 6 10.62 51.74 18.48
N ILE C 7 10.47 50.44 18.72
CA ILE C 7 9.27 49.89 19.32
C ILE C 7 9.68 48.94 20.42
N ASN C 8 8.91 48.94 21.49
CA ASN C 8 9.24 48.30 22.75
C ASN C 8 8.15 47.32 23.11
N HIS C 9 8.44 46.48 24.09
CA HIS C 9 7.49 45.51 24.62
C HIS C 9 6.33 46.14 25.38
N THR C 10 6.29 47.47 25.54
CA THR C 10 5.14 48.11 26.13
C THR C 10 4.88 49.44 25.45
N GLY C 11 3.60 49.73 25.22
CA GLY C 11 3.15 51.04 24.83
C GLY C 11 3.85 51.62 23.62
N GLY C 12 4.67 52.62 23.89
CA GLY C 12 5.38 53.27 22.82
C GLY C 12 4.43 53.98 21.90
N VAL C 13 4.67 53.81 20.59
CA VAL C 13 3.83 54.42 19.59
C VAL C 13 2.48 53.74 19.45
N LEU C 14 2.31 52.55 20.04
CA LEU C 14 1.12 51.75 19.82
C LEU C 14 0.01 52.09 20.82
N GLY C 15 0.28 51.91 22.11
CA GLY C 15 -0.62 52.33 23.16
C GLY C 15 -1.06 51.24 24.11
N ASP C 16 -0.26 50.18 24.24
CA ASP C 16 -0.40 49.15 25.25
C ASP C 16 -1.58 48.20 24.99
N SER C 17 -2.40 48.46 23.98
CA SER C 17 -3.52 47.60 23.63
C SER C 17 -3.15 46.60 22.56
N TYR C 18 -2.60 47.09 21.45
CA TYR C 18 -2.20 46.27 20.32
C TYR C 18 -0.79 45.71 20.47
N VAL C 19 -0.30 45.66 21.70
CA VAL C 19 0.78 44.77 22.10
C VAL C 19 0.13 43.60 22.82
N THR C 20 0.79 42.45 22.82
CA THR C 20 0.50 41.46 23.85
C THR C 20 1.71 40.61 24.12
N THR C 21 1.94 40.35 25.40
CA THR C 21 3.02 39.50 25.88
C THR C 21 2.47 38.15 26.30
N ALA C 22 3.39 37.22 26.54
CA ALA C 22 3.04 35.88 26.98
C ALA C 22 4.33 35.15 27.32
N SER C 23 4.22 34.19 28.23
CA SER C 23 5.32 33.31 28.57
C SER C 23 5.37 32.14 27.60
N ASN C 24 6.43 31.35 27.73
CA ASN C 24 6.63 30.17 26.92
C ASN C 24 6.03 28.96 27.61
N GLN C 25 6.37 27.77 27.14
CA GLN C 25 6.01 26.52 27.80
C GLN C 25 7.25 25.66 27.99
N THR C 26 7.22 24.88 29.07
CA THR C 26 8.41 24.18 29.55
C THR C 26 8.41 22.71 29.14
N SER C 27 7.38 21.96 29.55
CA SER C 27 7.43 20.51 29.37
C SER C 27 7.30 20.13 27.91
N PRO C 28 6.29 20.58 27.16
CA PRO C 28 6.35 20.45 25.70
C PRO C 28 7.19 21.56 25.08
N GLN C 29 8.36 21.20 24.58
CA GLN C 29 9.20 22.14 23.85
C GLN C 29 8.49 22.55 22.58
N ARG C 30 8.00 23.78 22.53
CA ARG C 30 7.18 24.23 21.42
C ARG C 30 7.47 25.68 21.09
N GLU C 31 7.28 26.02 19.82
CA GLU C 31 7.57 27.35 19.31
C GLU C 31 6.46 28.29 19.74
N THR C 32 6.51 28.67 21.01
CA THR C 32 5.52 29.56 21.57
C THR C 32 5.63 30.94 20.94
N ALA C 33 4.68 31.79 21.27
CA ALA C 33 4.63 33.18 20.82
C ALA C 33 4.69 34.06 22.07
N VAL C 34 5.86 34.61 22.33
CA VAL C 34 6.08 35.35 23.56
C VAL C 34 5.65 36.80 23.42
N LEU C 35 5.70 37.35 22.21
CA LEU C 35 5.32 38.74 22.02
C LEU C 35 4.62 38.90 20.69
N SER C 36 3.77 39.90 20.58
CA SER C 36 3.21 40.19 19.28
C SER C 36 2.69 41.62 19.22
N PHE C 37 2.87 42.21 18.05
CA PHE C 37 2.56 43.60 17.76
C PHE C 37 1.58 43.65 16.60
N GLU C 38 0.42 44.28 16.82
CA GLU C 38 -0.59 44.43 15.79
C GLU C 38 -0.59 45.86 15.29
N CYS C 39 -0.49 46.04 13.97
CA CYS C 39 -0.50 47.37 13.37
C CYS C 39 -1.80 48.08 13.69
N PRO C 40 -1.77 49.23 14.36
CA PRO C 40 -3.03 49.90 14.70
C PRO C 40 -3.75 50.50 13.51
N ARG C 41 -4.93 51.01 13.84
CA ARG C 41 -5.84 51.63 12.89
C ARG C 41 -5.21 52.83 12.19
N LYS C 42 -4.40 53.59 12.92
CA LYS C 42 -4.01 54.91 12.48
C LYS C 42 -2.89 54.89 11.46
N PHE C 43 -1.97 53.95 11.59
CA PHE C 43 -0.87 53.85 10.65
C PHE C 43 -1.36 53.41 9.29
N GLU C 44 -0.51 53.62 8.29
CA GLU C 44 -0.77 53.16 6.93
C GLU C 44 -0.16 51.78 6.71
N GLU C 45 1.09 51.62 7.08
CA GLU C 45 1.77 50.34 6.99
C GLU C 45 3.04 50.42 7.82
N ILE C 46 3.61 49.25 8.07
CA ILE C 46 4.88 49.12 8.75
C ILE C 46 5.78 48.27 7.88
N ASN C 47 7.06 48.59 7.88
CA ASN C 47 8.09 47.84 7.19
C ASN C 47 9.08 47.30 8.20
N TYR C 48 9.92 46.39 7.73
CA TYR C 48 10.95 45.79 8.57
C TYR C 48 12.00 45.22 7.63
N VAL C 49 13.26 45.55 7.89
CA VAL C 49 14.34 45.20 6.99
C VAL C 49 15.50 44.70 7.82
N GLY C 50 16.17 43.68 7.33
CA GLY C 50 17.38 43.19 7.93
C GLY C 50 18.60 43.86 7.34
N GLN C 51 19.67 43.90 8.13
CA GLN C 51 20.88 44.65 7.83
C GLN C 51 20.61 46.15 7.67
N ARG C 52 19.49 46.62 8.20
CA ARG C 52 19.13 48.03 8.19
C ARG C 52 18.65 48.49 9.56
N ASP C 53 18.03 47.57 10.33
CA ASP C 53 17.30 47.90 11.53
C ASP C 53 17.92 47.17 12.71
N ALA C 54 18.31 47.93 13.73
CA ALA C 54 18.97 47.36 14.89
C ALA C 54 17.93 46.80 15.85
N THR C 55 18.42 46.27 16.98
CA THR C 55 17.62 45.39 17.80
C THR C 55 18.28 45.20 19.15
N ARG C 56 17.47 44.83 20.12
CA ARG C 56 17.93 44.46 21.44
C ARG C 56 16.84 43.60 22.06
N PHE C 57 17.25 42.57 22.82
CA PHE C 57 16.28 41.71 23.48
C PHE C 57 17.00 41.05 24.66
N VAL C 58 16.72 41.56 25.86
CA VAL C 58 17.30 41.04 27.09
C VAL C 58 16.25 40.21 27.80
N PRO C 59 16.31 38.89 27.69
CA PRO C 59 15.45 38.03 28.49
C PRO C 59 16.12 37.51 29.75
N ARG C 60 15.31 36.99 30.65
CA ARG C 60 15.76 36.37 31.88
C ARG C 60 14.78 35.27 32.23
N THR C 61 14.92 34.70 33.42
CA THR C 61 13.99 33.71 33.95
C THR C 61 13.75 34.07 35.41
N THR C 62 13.16 33.15 36.15
CA THR C 62 12.99 33.31 37.59
C THR C 62 13.20 31.96 38.26
N GLU C 63 13.84 31.99 39.42
CA GLU C 63 13.93 30.82 40.26
C GLU C 63 13.90 31.28 41.71
N SER C 64 13.75 30.31 42.60
CA SER C 64 13.64 30.58 44.02
C SER C 64 14.39 29.51 44.80
N ILE C 65 14.70 29.84 46.05
CA ILE C 65 15.38 28.92 46.94
C ILE C 65 14.68 28.98 48.29
N THR C 66 15.26 28.29 49.28
CA THR C 66 14.75 28.31 50.65
C THR C 66 15.93 28.57 51.57
N GLY C 67 15.75 29.51 52.50
CA GLY C 67 16.80 29.78 53.45
C GLY C 67 17.09 28.58 54.32
N SER C 68 18.35 28.46 54.74
CA SER C 68 18.78 27.39 55.61
C SER C 68 19.81 27.92 56.60
N ALA C 69 20.01 27.16 57.67
CA ALA C 69 20.99 27.55 58.68
C ALA C 69 22.41 27.56 58.09
N ASN C 70 22.69 26.62 57.20
CA ASN C 70 24.03 26.53 56.62
C ASN C 70 24.28 27.73 55.72
N ASP C 71 25.53 28.19 55.72
CA ASP C 71 25.92 29.38 54.99
C ASP C 71 26.08 29.03 53.51
N ASP C 72 24.97 29.13 52.78
CA ASP C 72 24.95 28.72 51.38
C ASP C 72 25.94 29.53 50.54
N THR C 73 25.65 30.82 50.34
CA THR C 73 26.47 31.73 49.55
C THR C 73 26.67 31.24 48.11
N VAL C 74 25.85 30.32 47.64
CA VAL C 74 25.97 29.78 46.30
C VAL C 74 24.66 29.06 46.01
N VAL C 75 24.20 29.12 44.77
CA VAL C 75 23.00 28.42 44.36
C VAL C 75 23.24 27.80 43.00
N ASP C 76 22.73 26.58 42.83
CA ASP C 76 22.65 25.99 41.52
C ASP C 76 21.46 26.57 40.76
N LEU C 77 21.36 26.20 39.49
CA LEU C 77 20.31 26.70 38.62
C LEU C 77 19.85 25.58 37.69
N THR C 78 18.75 25.85 37.01
CA THR C 78 18.17 24.95 36.03
C THR C 78 18.40 25.42 34.60
N ALA C 79 19.21 26.46 34.41
CA ALA C 79 19.43 27.08 33.12
C ALA C 79 20.91 27.16 32.85
N ASN C 80 21.30 26.89 31.60
CA ASN C 80 22.68 27.13 31.21
C ASN C 80 22.99 28.60 31.39
N ILE C 81 24.25 28.86 31.76
CA ILE C 81 24.65 30.18 32.20
C ILE C 81 25.96 30.54 31.52
N GLN C 82 26.12 31.81 31.26
CA GLN C 82 27.40 32.37 30.84
C GLN C 82 27.38 33.84 31.19
N PRO C 83 28.53 34.51 31.12
CA PRO C 83 28.54 35.94 31.36
C PRO C 83 27.95 36.72 30.19
N VAL C 84 27.69 38.00 30.47
CA VAL C 84 27.17 38.92 29.48
C VAL C 84 28.33 39.30 28.56
N ALA C 85 28.33 38.76 27.35
CA ALA C 85 29.40 38.91 26.38
C ALA C 85 30.72 38.33 26.85
N GLY C 86 30.73 37.55 27.93
CA GLY C 86 31.95 36.95 28.41
C GLY C 86 32.69 37.91 29.32
N GLU C 87 32.83 37.54 30.59
CA GLU C 87 33.87 38.00 31.50
C GLU C 87 33.62 37.34 32.84
N GLU C 88 34.68 37.05 33.58
CA GLU C 88 34.53 36.50 34.93
C GLU C 88 34.01 37.55 35.91
N VAL C 89 34.13 38.83 35.58
CA VAL C 89 33.96 39.91 36.54
C VAL C 89 32.53 40.42 36.46
N ILE C 90 32.05 40.90 37.61
CA ILE C 90 30.75 41.54 37.74
C ILE C 90 30.96 43.04 37.82
N ALA C 91 29.98 43.79 37.36
CA ALA C 91 29.89 45.24 37.31
C ALA C 91 30.70 45.82 36.17
N GLU C 92 31.47 45.01 35.44
CA GLU C 92 32.04 45.41 34.16
C GLU C 92 31.11 45.12 33.00
N GLN C 93 30.19 44.18 33.18
CA GLN C 93 29.28 43.77 32.11
C GLN C 93 28.45 44.94 31.63
N ASP C 94 27.92 44.81 30.42
CA ASP C 94 26.93 45.75 29.93
C ASP C 94 25.72 45.78 30.85
N TYR C 95 25.41 44.65 31.46
CA TYR C 95 24.36 44.58 32.48
C TYR C 95 24.64 43.36 33.35
N PRO C 96 24.04 43.29 34.54
CA PRO C 96 24.27 42.12 35.39
C PRO C 96 23.71 40.86 34.77
N VAL C 97 24.52 39.80 34.79
CA VAL C 97 24.07 38.50 34.34
C VAL C 97 22.91 38.03 35.19
N ALA C 98 22.90 38.39 36.48
CA ALA C 98 21.93 37.86 37.40
C ALA C 98 21.64 38.89 38.47
N VAL C 99 20.42 38.82 38.99
CA VAL C 99 19.95 39.70 40.05
C VAL C 99 19.29 38.82 41.09
N ALA C 100 19.39 39.22 42.34
CA ALA C 100 18.77 38.50 43.44
C ALA C 100 18.13 39.50 44.39
N TYR C 101 17.05 39.07 45.02
CA TYR C 101 16.28 39.93 45.91
C TYR C 101 15.72 39.08 47.04
N ASN C 102 15.83 39.60 48.25
CA ASN C 102 15.36 38.91 49.45
C ASN C 102 14.00 39.49 49.83
N VAL C 103 13.02 38.61 50.02
CA VAL C 103 11.68 39.07 50.34
C VAL C 103 11.65 39.72 51.71
N THR C 104 12.19 39.02 52.71
CA THR C 104 12.23 39.55 54.07
C THR C 104 12.98 40.88 54.11
N GLN C 105 14.26 40.84 53.81
CA GLN C 105 15.08 42.05 53.72
C GLN C 105 14.84 42.65 52.34
N GLY C 106 13.96 43.65 52.27
CA GLY C 106 13.57 44.20 51.00
C GLY C 106 14.68 45.03 50.39
N VAL C 107 15.77 44.36 49.99
CA VAL C 107 16.97 45.01 49.51
C VAL C 107 17.52 44.23 48.33
N GLU C 108 18.35 44.90 47.54
CA GLU C 108 19.08 44.20 46.50
C GLU C 108 20.08 43.24 47.15
N VAL C 109 20.66 42.39 46.31
CA VAL C 109 21.72 41.49 46.72
C VAL C 109 22.77 41.50 45.63
N ASP C 110 24.00 41.81 46.00
CA ASP C 110 25.07 41.87 45.03
C ASP C 110 25.43 40.47 44.57
N VAL C 111 26.35 40.41 43.61
CA VAL C 111 26.89 39.16 43.10
C VAL C 111 28.40 39.31 43.02
N VAL C 112 29.10 38.25 43.40
CA VAL C 112 30.56 38.26 43.39
C VAL C 112 31.03 37.73 42.04
N ASP C 113 30.70 36.49 41.75
CA ASP C 113 31.20 35.82 40.55
C ASP C 113 30.37 34.56 40.34
N ALA C 114 30.83 33.70 39.44
CA ALA C 114 30.24 32.38 39.28
C ALA C 114 31.20 31.52 38.47
N ASP C 115 30.88 30.22 38.42
CA ASP C 115 31.68 29.31 37.63
C ASP C 115 31.43 29.52 36.14
N TYR C 116 30.18 29.79 35.77
CA TYR C 116 29.77 30.02 34.39
C TYR C 116 30.01 28.81 33.50
N ALA C 117 30.24 27.63 34.09
CA ALA C 117 30.47 26.40 33.36
C ALA C 117 29.34 25.42 33.61
N ALA C 118 29.08 25.12 34.86
CA ALA C 118 27.87 24.44 35.29
C ALA C 118 26.84 25.47 35.70
N ASP C 119 25.64 24.99 36.02
CA ASP C 119 24.53 25.85 36.39
C ASP C 119 24.74 26.33 37.81
N THR C 120 25.61 27.33 37.96
CA THR C 120 26.09 27.77 39.27
C THR C 120 26.10 29.30 39.34
N VAL C 121 25.92 29.83 40.55
CA VAL C 121 26.19 31.24 40.78
C VAL C 121 26.46 31.47 42.26
N THR C 122 27.33 32.43 42.55
CA THR C 122 27.68 32.83 43.90
C THR C 122 26.76 33.95 44.37
N LEU C 123 26.55 34.01 45.68
CA LEU C 123 25.93 35.15 46.34
C LEU C 123 26.91 35.77 47.32
N GLY C 124 26.97 37.10 47.32
CA GLY C 124 27.87 37.78 48.23
C GLY C 124 27.36 37.85 49.65
N THR C 125 26.05 37.83 49.82
CA THR C 125 25.44 37.93 51.15
C THR C 125 25.31 36.55 51.77
N ASN C 126 24.78 36.53 53.00
CA ASN C 126 24.61 35.30 53.79
C ASN C 126 23.13 35.20 54.16
N PRO C 127 22.30 34.59 53.31
CA PRO C 127 20.88 34.50 53.64
C PRO C 127 20.63 33.73 54.92
N ALA C 128 19.58 34.15 55.63
CA ALA C 128 19.20 33.52 56.88
C ALA C 128 18.28 32.34 56.62
N ASP C 129 18.09 31.53 57.65
CA ASP C 129 17.21 30.38 57.53
C ASP C 129 15.76 30.84 57.49
N GLY C 130 14.98 30.21 56.61
CA GLY C 130 13.59 30.54 56.45
C GLY C 130 13.31 31.73 55.55
N ASP C 131 14.32 32.53 55.22
CA ASP C 131 14.09 33.70 54.40
C ASP C 131 13.81 33.29 52.96
N GLU C 132 12.85 33.98 52.35
CA GLU C 132 12.48 33.73 50.96
C GLU C 132 13.30 34.61 50.04
N VAL C 133 13.64 34.05 48.88
CA VAL C 133 14.57 34.66 47.94
C VAL C 133 13.99 34.50 46.54
N LYS C 134 14.36 35.43 45.67
CA LYS C 134 14.09 35.31 44.26
C LYS C 134 15.34 35.71 43.49
N VAL C 135 15.48 35.14 42.30
CA VAL C 135 16.65 35.37 41.47
C VAL C 135 16.20 35.36 40.03
N TRP C 136 16.83 36.21 39.22
CA TRP C 136 16.46 36.40 37.82
C TRP C 136 17.70 36.27 36.96
N PRO C 137 18.24 35.05 36.86
CA PRO C 137 19.48 34.87 36.12
C PRO C 137 19.29 35.02 34.63
N ILE C 138 20.42 35.05 33.95
CA ILE C 138 20.42 35.04 32.51
C ILE C 138 19.77 33.76 32.01
N MET C 139 19.30 33.81 30.78
CA MET C 139 18.70 32.68 30.08
C MET C 139 19.60 32.27 28.92
N SER C 140 19.46 31.01 28.53
CA SER C 140 20.33 30.41 27.53
C SER C 140 19.58 29.27 26.85
N ASP C 141 20.20 28.73 25.80
CA ASP C 141 19.72 27.53 25.13
C ASP C 141 18.30 27.75 24.59
N GLY C 142 18.20 28.66 23.63
CA GLY C 142 16.92 28.97 23.02
C GLY C 142 17.07 29.42 21.59
N ASP C 143 15.92 29.60 20.95
CA ASP C 143 15.84 30.10 19.60
C ASP C 143 14.73 31.13 19.51
N VAL C 144 14.92 32.11 18.64
CA VAL C 144 13.97 33.20 18.46
C VAL C 144 13.67 33.33 16.98
N GLN C 145 12.46 33.79 16.66
CA GLN C 145 12.08 33.90 15.27
C GLN C 145 10.86 34.80 15.13
N PHE C 146 10.49 35.05 13.88
CA PHE C 146 9.42 35.98 13.52
C PHE C 146 8.38 35.28 12.66
N ARG C 147 7.12 35.76 12.74
CA ARG C 147 6.15 35.36 11.73
C ARG C 147 5.00 36.34 11.69
N LEU C 148 4.30 36.33 10.56
CA LEU C 148 3.23 37.27 10.29
C LEU C 148 1.87 36.61 10.30
N ILE C 149 0.87 37.39 10.70
CA ILE C 149 -0.50 36.93 10.87
C ILE C 149 -1.42 37.94 10.21
N ASN C 150 -2.36 37.45 9.41
CA ASN C 150 -3.27 38.28 8.64
C ASN C 150 -4.63 38.40 9.32
N GLN C 151 -4.59 39.00 10.52
CA GLN C 151 -5.76 39.43 11.27
C GLN C 151 -6.56 38.28 11.89
N PHE C 152 -6.20 37.03 11.60
CA PHE C 152 -7.07 35.89 11.90
C PHE C 152 -6.41 34.78 12.70
N GLY C 153 -5.15 34.93 13.11
CA GLY C 153 -4.43 33.78 13.65
C GLY C 153 -4.07 32.80 12.57
N GLN C 154 -3.82 33.30 11.36
CA GLN C 154 -3.73 32.49 10.16
C GLN C 154 -2.46 32.90 9.42
N GLU C 155 -1.41 32.10 9.56
CA GLU C 155 -0.12 32.45 9.03
C GLU C 155 -0.13 32.46 7.51
N GLU C 156 0.67 33.34 6.93
CA GLU C 156 0.91 33.37 5.49
C GLU C 156 2.36 33.15 5.13
N GLY C 157 3.29 33.47 6.01
CA GLY C 157 4.68 33.31 5.67
C GLY C 157 5.55 33.47 6.89
N ARG C 158 6.85 33.48 6.63
CA ARG C 158 7.87 33.53 7.67
C ARG C 158 8.98 34.45 7.22
N VAL C 159 9.41 35.33 8.12
CA VAL C 159 10.34 36.38 7.75
C VAL C 159 11.64 35.78 7.24
N TYR C 160 12.19 34.84 8.02
CA TYR C 160 13.45 34.28 7.76
C TYR C 160 13.39 32.82 8.21
N PRO C 161 13.77 31.86 7.37
CA PRO C 161 13.58 30.45 7.76
C PRO C 161 14.32 30.03 9.01
N TRP C 162 15.59 30.36 9.11
CA TRP C 162 16.48 29.76 10.10
C TRP C 162 16.48 30.57 11.37
N SER C 163 16.30 29.91 12.50
CA SER C 163 16.28 30.61 13.77
C SER C 163 17.68 31.01 14.20
N THR C 164 17.76 32.11 14.93
CA THR C 164 18.98 32.59 15.56
C THR C 164 18.92 32.23 17.04
N PRO C 165 20.00 31.76 17.66
CA PRO C 165 19.93 31.40 19.07
C PRO C 165 20.12 32.60 20.00
N LEU C 166 19.25 32.67 21.01
CA LEU C 166 19.35 33.69 22.03
C LEU C 166 20.66 33.61 22.77
N TYR C 167 21.20 32.42 22.85
CA TYR C 167 22.53 32.24 23.40
C TYR C 167 23.53 33.17 22.75
N ARG C 168 23.67 33.04 21.43
CA ARG C 168 24.51 33.94 20.65
C ARG C 168 24.08 35.40 20.81
N TRP C 169 22.76 35.61 20.92
CA TRP C 169 22.22 36.95 21.09
C TRP C 169 22.82 37.63 22.32
N HIS C 170 22.93 36.89 23.42
CA HIS C 170 23.59 37.44 24.59
C HIS C 170 25.09 37.54 24.39
N ASP C 171 25.66 36.64 23.60
CA ASP C 171 27.11 36.60 23.46
C ASP C 171 27.65 37.86 22.81
N PHE C 172 27.02 38.33 21.75
CA PHE C 172 27.56 39.53 21.11
C PHE C 172 27.35 40.74 22.03
N PRO C 173 28.35 41.62 22.15
CA PRO C 173 28.06 42.91 22.80
C PRO C 173 27.08 43.69 21.97
N GLN C 174 26.00 44.08 22.61
CA GLN C 174 24.91 44.73 21.92
C GLN C 174 25.28 46.18 21.66
N LEU C 175 24.35 46.91 21.05
CA LEU C 175 24.34 48.37 21.01
C LEU C 175 25.68 48.98 20.58
N LYS C 176 26.40 48.30 19.68
CA LYS C 176 27.61 48.83 19.03
C LYS C 176 27.41 48.75 17.53
N ARG C 177 27.45 49.88 16.85
CA ARG C 177 27.35 49.84 15.40
C ARG C 177 28.59 49.17 14.83
N GLY C 178 28.38 48.36 13.80
CA GLY C 178 29.41 47.50 13.26
C GLY C 178 29.35 46.14 13.92
N ARG C 179 29.20 46.12 15.24
CA ARG C 179 28.95 44.91 16.00
C ARG C 179 27.49 44.75 16.37
N GLU C 180 26.64 45.71 15.99
CA GLU C 180 25.22 45.61 16.27
C GLU C 180 24.64 44.40 15.55
N ILE C 181 23.61 43.83 16.14
CA ILE C 181 22.92 42.71 15.53
C ILE C 181 21.95 43.22 14.50
N ASN C 182 21.85 42.48 13.39
CA ASN C 182 20.91 42.79 12.33
C ASN C 182 20.51 41.46 11.70
N LEU C 183 19.30 41.01 11.99
CA LEU C 183 18.79 39.78 11.39
C LEU C 183 18.59 40.00 9.90
N HIS C 184 18.10 38.95 9.24
CA HIS C 184 17.77 38.96 7.83
C HIS C 184 16.27 38.93 7.64
N GLY C 185 15.84 39.24 6.43
CA GLY C 185 14.45 39.22 6.05
C GLY C 185 13.91 40.63 5.86
N SER C 186 12.92 40.74 4.96
CA SER C 186 12.33 42.03 4.61
C SER C 186 10.83 41.87 4.59
N ALA C 187 10.20 42.22 5.70
CA ALA C 187 8.77 42.08 5.91
C ALA C 187 8.06 43.42 5.83
N SER C 188 6.75 43.36 5.67
CA SER C 188 5.92 44.56 5.66
C SER C 188 4.48 44.15 5.84
N TRP C 189 3.73 44.96 6.57
CA TRP C 189 2.31 44.67 6.78
C TRP C 189 1.54 45.98 6.97
N SER C 190 0.25 45.83 7.22
CA SER C 190 -0.70 46.92 7.19
C SER C 190 -1.65 46.76 8.36
N GLU C 191 -2.77 47.49 8.29
CA GLU C 191 -3.66 47.67 9.44
C GLU C 191 -4.17 46.35 10.00
N ASN C 192 -4.08 46.22 11.32
CA ASN C 192 -4.58 45.09 12.12
C ASN C 192 -3.87 43.78 11.85
N GLU C 193 -2.83 43.79 11.03
CA GLU C 193 -2.01 42.62 10.79
C GLU C 193 -0.88 42.60 11.83
N THR C 194 -0.49 41.40 12.21
CA THR C 194 0.33 41.20 13.39
C THR C 194 1.68 40.59 13.02
N LEU C 195 2.72 41.03 13.72
CA LEU C 195 4.01 40.37 13.76
C LEU C 195 4.15 39.70 15.12
N GLU C 196 4.44 38.41 15.11
CA GLU C 196 4.63 37.62 16.32
C GLU C 196 6.11 37.31 16.44
N ILE C 197 6.64 37.54 17.64
CA ILE C 197 8.00 37.20 18.00
C ILE C 197 7.92 35.98 18.90
N LEU C 198 8.57 34.91 18.43
CA LEU C 198 8.37 33.57 18.94
C LEU C 198 9.65 33.03 19.53
N LEU C 199 9.45 32.13 20.48
CA LEU C 199 10.48 31.60 21.34
C LEU C 199 10.39 30.08 21.33
N ASP C 200 11.55 29.43 21.29
CA ASP C 200 11.64 27.98 21.46
C ASP C 200 12.79 27.72 22.43
N ALA C 201 12.45 27.42 23.68
CA ALA C 201 13.46 27.17 24.69
C ALA C 201 12.77 26.53 25.89
N PRO C 202 13.53 25.82 26.73
CA PRO C 202 12.91 25.16 27.88
C PRO C 202 12.55 26.07 29.03
N GLN C 203 13.45 26.96 29.40
CA GLN C 203 13.32 27.64 30.66
C GLN C 203 12.25 28.72 30.61
N ALA C 204 11.56 28.88 31.72
CA ALA C 204 10.40 29.77 31.80
C ALA C 204 10.88 31.20 31.99
N LEU C 205 10.74 32.00 30.95
CA LEU C 205 11.07 33.41 31.02
C LEU C 205 9.96 34.18 31.71
N THR C 206 10.19 35.48 31.87
CA THR C 206 9.29 36.36 32.61
C THR C 206 9.19 37.69 31.90
N TRP C 207 8.16 38.44 32.26
CA TRP C 207 7.97 39.80 31.78
C TRP C 207 7.72 40.76 32.94
N GLU C 208 7.07 40.28 33.99
CA GLU C 208 6.67 41.10 35.11
C GLU C 208 6.77 40.29 36.39
N ASP C 209 7.28 40.92 37.45
CA ASP C 209 7.36 40.31 38.76
C ASP C 209 6.92 41.21 39.90
N SER C 210 6.91 42.53 39.72
CA SER C 210 6.45 43.51 40.71
C SER C 210 7.33 43.58 41.95
N ASP C 211 8.46 42.87 41.96
CA ASP C 211 9.41 42.95 43.08
C ASP C 211 10.84 42.92 42.57
N TYR C 212 11.06 43.41 41.35
CA TYR C 212 12.36 43.41 40.72
C TYR C 212 12.95 44.81 40.83
N PRO C 213 14.14 45.01 41.40
CA PRO C 213 14.62 46.38 41.63
C PRO C 213 14.94 47.16 40.37
N ARG C 214 15.75 46.58 39.49
CA ARG C 214 16.27 47.30 38.33
C ARG C 214 15.17 47.43 37.28
N GLY C 215 14.20 48.29 37.60
CA GLY C 215 13.08 48.55 36.73
C GLY C 215 11.90 47.64 37.03
N GLN C 216 10.75 48.03 36.50
CA GLN C 216 9.53 47.25 36.70
C GLN C 216 9.52 46.03 35.81
N TYR C 217 9.56 46.24 34.49
CA TYR C 217 9.56 45.15 33.53
C TYR C 217 10.95 44.54 33.47
N VAL C 218 11.04 43.25 33.79
CA VAL C 218 12.32 42.58 33.94
C VAL C 218 13.02 42.51 32.59
N THR C 219 12.43 41.78 31.66
CA THR C 219 13.00 41.59 30.35
C THR C 219 12.68 42.80 29.49
N THR C 220 13.18 42.79 28.26
CA THR C 220 12.83 43.87 27.35
C THR C 220 13.15 43.49 25.91
N LEU C 221 12.44 44.13 25.01
CA LEU C 221 12.72 44.13 23.59
C LEU C 221 12.72 45.56 23.11
N GLU C 222 13.65 45.87 22.21
CA GLU C 222 13.71 47.20 21.62
C GLU C 222 14.17 47.03 20.17
N GLN C 223 13.24 47.18 19.22
CA GLN C 223 13.52 46.91 17.81
C GLN C 223 13.34 48.18 16.98
N ASP C 224 14.20 48.33 15.96
CA ASP C 224 14.03 49.42 15.02
C ASP C 224 13.08 49.01 13.91
N VAL C 225 12.25 49.96 13.48
CA VAL C 225 11.34 49.75 12.38
C VAL C 225 11.23 51.02 11.56
N GLU C 226 10.67 50.86 10.37
CA GLU C 226 10.33 51.96 9.48
C GLU C 226 8.82 51.99 9.32
N ILE C 227 8.26 53.20 9.36
CA ILE C 227 6.83 53.39 9.36
C ILE C 227 6.49 54.43 8.30
N THR C 228 5.34 54.24 7.66
CA THR C 228 4.77 55.22 6.73
C THR C 228 3.71 56.01 7.48
N LEU C 229 4.18 56.95 8.29
CA LEU C 229 3.31 57.86 9.03
C LEU C 229 2.31 57.12 9.90
N PRO D 1 0.09 42.96 3.05
CA PRO D 1 1.45 42.52 3.38
C PRO D 1 2.34 42.43 2.16
N GLU D 2 3.65 42.53 2.39
CA GLU D 2 4.61 42.38 1.31
C GLU D 2 5.90 41.83 1.90
N ILE D 3 6.45 40.82 1.23
CA ILE D 3 7.73 40.24 1.58
C ILE D 3 8.60 40.28 0.34
N GLY D 4 9.91 40.49 0.54
CA GLY D 4 10.82 40.52 -0.58
C GLY D 4 11.23 39.11 -0.98
N ASN D 5 11.33 38.91 -2.29
CA ASN D 5 11.75 37.62 -2.84
C ASN D 5 13.25 37.49 -2.59
N ASN D 6 13.57 37.01 -1.39
CA ASN D 6 14.97 36.83 -1.01
C ASN D 6 15.63 35.83 -1.94
N GLY D 7 16.93 36.06 -2.19
CA GLY D 7 17.66 35.21 -3.10
C GLY D 7 17.70 33.77 -2.63
N ALA D 8 17.86 32.85 -3.58
CA ALA D 8 17.91 31.44 -3.25
C ALA D 8 19.12 31.11 -2.39
N GLU D 9 20.23 31.81 -2.60
CA GLU D 9 21.46 31.58 -1.84
C GLU D 9 21.27 32.18 -0.45
N LYS D 10 20.65 31.40 0.42
CA LYS D 10 20.30 31.89 1.74
C LYS D 10 21.48 31.73 2.71
N GLN D 11 21.58 32.68 3.63
CA GLN D 11 22.70 32.80 4.55
C GLN D 11 22.30 32.27 5.91
N ILE D 12 22.94 31.20 6.35
CA ILE D 12 22.44 30.35 7.42
C ILE D 12 23.60 29.92 8.30
N SER D 13 23.28 29.17 9.34
CA SER D 13 24.28 28.64 10.24
C SER D 13 23.77 27.34 10.83
N LEU D 14 24.71 26.58 11.37
CA LEU D 14 24.47 25.23 11.87
C LEU D 14 24.65 25.19 13.37
N HIS D 15 23.88 24.33 14.01
CA HIS D 15 23.97 24.15 15.45
C HIS D 15 23.37 22.80 15.79
N LYS D 16 23.28 22.53 17.09
CA LYS D 16 22.88 21.20 17.55
C LYS D 16 21.42 20.92 17.22
N GLY D 17 20.54 21.83 17.57
CA GLY D 17 19.11 21.60 17.43
C GLY D 17 18.61 21.69 16.00
N GLN D 18 19.03 20.75 15.16
CA GLN D 18 18.58 20.66 13.78
C GLN D 18 18.40 19.20 13.43
N PRO D 19 17.64 18.89 12.37
CA PRO D 19 17.35 17.48 12.07
C PRO D 19 18.49 16.76 11.37
N PHE D 20 19.22 17.47 10.49
CA PHE D 20 20.25 16.86 9.67
C PHE D 20 21.62 16.85 10.35
N ILE D 21 21.62 16.92 11.69
CA ILE D 21 22.83 16.90 12.50
C ILE D 21 22.58 15.93 13.65
N ASP D 22 23.66 15.41 14.21
CA ASP D 22 23.55 14.49 15.33
C ASP D 22 24.86 14.50 16.09
N THR D 23 24.84 14.00 17.32
CA THR D 23 26.04 13.86 18.12
C THR D 23 25.95 12.62 18.97
N GLN D 24 27.05 12.28 19.64
CA GLN D 24 27.06 11.22 20.62
C GLN D 24 28.32 11.31 21.45
N ASP D 25 28.23 10.84 22.69
CA ASP D 25 29.31 10.98 23.66
C ASP D 25 30.60 10.33 23.15
N VAL D 26 31.70 10.72 23.78
CA VAL D 26 33.04 10.24 23.44
C VAL D 26 33.81 10.04 24.72
N GLY D 27 34.69 9.03 24.70
CA GLY D 27 35.52 8.71 25.85
C GLY D 27 36.87 9.36 25.80
N ALA D 28 37.91 8.57 25.59
CA ALA D 28 39.28 9.07 25.62
C ALA D 28 40.15 8.22 24.70
N ALA D 29 41.10 8.86 24.05
CA ALA D 29 41.99 8.21 23.08
C ALA D 29 41.14 7.51 22.02
N ASP D 30 40.38 8.32 21.30
CA ASP D 30 39.16 7.85 20.64
C ASP D 30 38.94 8.67 19.38
N PRO D 31 39.80 8.50 18.38
CA PRO D 31 39.74 9.35 17.17
C PRO D 31 38.63 9.01 16.20
N ASN D 32 38.37 7.71 16.04
CA ASN D 32 37.69 7.22 14.84
C ASN D 32 36.27 7.74 14.72
N THR D 33 35.58 7.98 15.84
CA THR D 33 34.18 8.31 15.75
C THR D 33 33.97 9.80 15.48
N PRO D 34 32.90 10.17 14.76
CA PRO D 34 32.43 11.55 14.80
C PRO D 34 31.68 11.81 16.09
N ALA D 35 32.25 12.66 16.94
CA ALA D 35 31.48 13.21 18.05
C ALA D 35 30.24 13.90 17.55
N VAL D 36 30.31 14.49 16.36
CA VAL D 36 29.19 15.17 15.72
C VAL D 36 29.19 14.76 14.27
N THR D 37 28.01 14.42 13.76
CA THR D 37 27.79 14.05 12.38
C THR D 37 26.87 15.08 11.74
N ILE D 38 27.15 15.41 10.49
CA ILE D 38 26.32 16.29 9.69
C ILE D 38 26.00 15.55 8.41
N GLU D 39 24.82 15.81 7.86
CA GLU D 39 24.46 15.24 6.57
C GLU D 39 23.68 16.25 5.75
N GLY D 40 23.85 16.15 4.44
CA GLY D 40 23.11 16.97 3.51
C GLY D 40 21.66 16.56 3.47
N PRO D 41 20.72 17.48 3.70
CA PRO D 41 19.32 17.13 3.46
C PRO D 41 19.06 16.89 1.99
N SER D 42 17.84 16.45 1.72
CA SER D 42 17.45 16.05 0.38
C SER D 42 17.17 17.26 -0.49
N ASP D 43 17.70 17.24 -1.72
CA ASP D 43 17.45 18.25 -2.73
C ASP D 43 17.90 19.64 -2.29
N TYR D 44 18.83 19.71 -1.35
CA TYR D 44 19.49 20.94 -0.96
C TYR D 44 20.98 20.83 -1.25
N VAL D 45 21.62 21.99 -1.25
CA VAL D 45 23.05 22.10 -1.45
C VAL D 45 23.57 23.12 -0.46
N ILE D 46 24.52 22.72 0.36
CA ILE D 46 25.15 23.58 1.33
C ILE D 46 26.53 23.94 0.79
N ALA D 47 26.96 25.16 1.10
CA ALA D 47 28.26 25.67 0.71
C ALA D 47 28.90 26.34 1.90
N ILE D 48 30.15 26.00 2.16
CA ILE D 48 30.93 26.56 3.25
C ILE D 48 32.18 27.15 2.62
N ASP D 49 32.32 28.47 2.73
CA ASP D 49 33.44 29.15 2.14
C ASP D 49 34.69 28.94 2.99
N ALA D 50 35.82 29.41 2.46
CA ALA D 50 37.09 29.20 3.14
C ALA D 50 37.22 30.07 4.38
N GLY D 51 36.68 31.28 4.33
CA GLY D 51 36.76 32.18 5.47
C GLY D 51 35.58 32.02 6.40
N THR D 52 35.12 30.80 6.57
CA THR D 52 33.95 30.55 7.40
C THR D 52 34.39 30.41 8.85
N PRO D 53 33.74 31.08 9.80
CA PRO D 53 34.07 30.85 11.21
C PRO D 53 33.71 29.46 11.66
N VAL D 54 34.36 29.06 12.74
CA VAL D 54 34.23 27.73 13.32
C VAL D 54 34.18 27.91 14.83
N ALA D 55 33.47 27.02 15.49
CA ALA D 55 33.27 27.24 16.92
C ALA D 55 32.79 25.98 17.62
N PRO D 56 33.69 25.07 17.96
CA PRO D 56 33.36 24.01 18.91
C PRO D 56 33.53 24.48 20.34
N GLU D 57 32.59 24.08 21.18
CA GLU D 57 32.53 24.53 22.56
C GLU D 57 32.22 23.34 23.45
N PHE D 58 32.99 22.27 23.26
CA PHE D 58 32.78 21.03 24.00
C PHE D 58 32.92 21.25 25.50
N ARG D 59 32.46 20.26 26.25
CA ARG D 59 32.48 20.33 27.70
C ARG D 59 32.73 18.94 28.26
N ASP D 60 32.95 18.92 29.57
CA ASP D 60 33.01 17.71 30.37
C ASP D 60 31.65 17.49 31.04
N ALA D 61 31.43 16.26 31.48
CA ALA D 61 30.16 15.91 32.11
C ALA D 61 29.91 16.73 33.37
N ASN D 62 30.97 17.02 34.12
CA ASN D 62 30.83 17.85 35.31
C ASN D 62 30.71 19.33 35.00
N GLY D 63 30.72 19.71 33.72
CA GLY D 63 30.67 21.11 33.36
C GLY D 63 32.02 21.78 33.47
N ASP D 64 32.98 21.32 32.67
CA ASP D 64 34.30 21.91 32.61
C ASP D 64 34.81 21.81 31.18
N LYS D 65 35.83 22.62 30.89
CA LYS D 65 36.57 22.49 29.65
C LYS D 65 37.58 21.35 29.78
N LEU D 66 37.93 20.76 28.65
CA LEU D 66 38.81 19.62 28.62
C LEU D 66 40.28 20.06 28.42
N ASP D 67 41.15 19.08 28.41
CA ASP D 67 42.58 19.28 28.20
C ASP D 67 42.82 20.02 26.89
N PRO D 68 43.41 21.22 26.90
CA PRO D 68 43.59 21.94 25.63
C PRO D 68 44.52 21.26 24.65
N SER D 69 45.29 20.27 25.09
CA SER D 69 46.04 19.45 24.16
C SER D 69 45.14 18.58 23.30
N THR D 70 43.87 18.44 23.69
CA THR D 70 42.88 17.77 22.86
C THR D 70 42.84 18.41 21.47
N ARG D 71 42.52 17.59 20.48
CA ARG D 71 42.48 18.02 19.09
C ARG D 71 41.09 17.81 18.52
N VAL D 72 40.70 18.73 17.64
CA VAL D 72 39.46 18.68 16.88
C VAL D 72 39.84 18.70 15.41
N THR D 73 39.12 17.92 14.62
CA THR D 73 39.33 17.88 13.17
C THR D 73 37.98 17.79 12.49
N ILE D 74 37.62 18.82 11.75
CA ILE D 74 36.52 18.71 10.80
C ILE D 74 37.06 17.99 9.59
N GLN D 75 36.21 17.19 8.94
CA GLN D 75 36.66 16.43 7.79
C GLN D 75 35.47 16.05 6.93
N LYS D 76 35.58 16.31 5.63
CA LYS D 76 34.58 15.85 4.69
C LYS D 76 34.71 14.36 4.51
N CYS D 77 33.61 13.73 4.13
CA CYS D 77 33.59 12.31 3.85
C CYS D 77 32.83 12.07 2.56
N ASP D 78 33.25 11.05 1.84
CA ASP D 78 32.38 10.42 0.87
C ASP D 78 31.21 9.79 1.63
N LYS D 79 30.20 9.37 0.87
CA LYS D 79 29.10 8.59 1.44
C LYS D 79 29.63 7.40 2.21
N GLN D 80 28.80 6.86 3.11
CA GLN D 80 29.09 5.63 3.86
C GLN D 80 30.11 5.85 4.97
N GLY D 81 30.13 7.06 5.52
CA GLY D 81 31.07 7.34 6.58
C GLY D 81 32.51 7.16 6.15
N ASN D 82 32.78 7.35 4.87
CA ASN D 82 34.08 7.07 4.28
C ASN D 82 34.87 8.38 4.22
N PRO D 83 35.82 8.61 5.11
CA PRO D 83 36.54 9.88 5.08
C PRO D 83 37.46 9.97 3.88
N LEU D 84 37.96 11.19 3.67
CA LEU D 84 38.86 11.49 2.57
C LEU D 84 39.88 12.53 3.02
N GLY D 85 41.10 12.40 2.53
CA GLY D 85 42.20 13.21 2.99
C GLY D 85 42.12 14.62 2.45
N ASP D 86 42.00 14.71 1.13
CA ASP D 86 41.73 16.00 0.53
C ASP D 86 40.39 16.52 1.04
N GLY D 87 40.23 17.83 0.97
CA GLY D 87 39.01 18.46 1.42
C GLY D 87 38.89 18.63 2.92
N ILE D 88 39.81 18.06 3.70
CA ILE D 88 39.80 18.27 5.13
C ILE D 88 40.02 19.74 5.44
N VAL D 89 39.37 20.22 6.51
CA VAL D 89 39.54 21.59 6.97
C VAL D 89 39.47 21.60 8.48
N PHE D 90 40.06 22.64 9.06
CA PHE D 90 39.98 22.88 10.51
C PHE D 90 40.52 21.68 11.29
N SER D 91 41.83 21.52 11.20
CA SER D 91 42.58 20.64 12.11
C SER D 91 43.18 21.55 13.17
N ASP D 92 42.47 21.68 14.29
CA ASP D 92 42.79 22.64 15.33
C ASP D 92 42.91 21.90 16.66
N THR D 93 43.47 22.60 17.64
CA THR D 93 43.53 22.11 19.00
C THR D 93 42.35 22.64 19.79
N LEU D 94 41.96 21.90 20.82
CA LEU D 94 40.80 22.30 21.60
C LEU D 94 41.08 23.51 22.48
N GLY D 95 42.33 23.77 22.79
CA GLY D 95 42.67 24.95 23.53
C GLY D 95 42.60 26.17 22.64
N ARG D 96 43.11 27.27 23.17
CA ARG D 96 43.34 28.51 22.43
C ARG D 96 42.12 28.97 21.63
N PHE D 97 40.96 28.96 22.28
CA PHE D 97 39.78 29.62 21.76
C PHE D 97 39.32 30.79 22.61
N GLU D 98 39.37 30.64 23.93
CA GLU D 98 38.74 31.59 24.85
C GLU D 98 37.24 31.69 24.53
N TYR D 99 36.57 30.58 24.84
CA TYR D 99 35.15 30.40 24.57
C TYR D 99 34.28 31.57 25.01
N SER D 100 34.73 32.32 26.02
CA SER D 100 33.98 33.47 26.49
C SER D 100 33.75 34.47 25.36
N LYS D 101 34.79 34.80 24.61
CA LYS D 101 34.75 35.84 23.59
C LYS D 101 34.90 35.27 22.18
N MET D 102 34.82 33.95 22.03
CA MET D 102 35.24 33.27 20.81
C MET D 102 34.48 33.73 19.57
N ARG D 103 33.17 33.46 19.52
CA ARG D 103 32.35 33.98 18.44
C ARG D 103 32.26 35.49 18.51
N SER D 104 32.14 35.99 19.74
CA SER D 104 31.98 37.40 20.01
C SER D 104 33.04 38.24 19.28
N ASP D 105 34.30 37.85 19.40
CA ASP D 105 35.41 38.66 18.93
C ASP D 105 35.87 38.18 17.55
N PRO D 106 36.01 39.05 16.55
CA PRO D 106 36.58 38.60 15.27
C PRO D 106 38.01 38.14 15.40
N ASP D 107 38.75 38.67 16.38
CA ASP D 107 40.10 38.18 16.63
C ASP D 107 40.05 36.70 17.00
N TYR D 108 39.42 36.38 18.12
CA TYR D 108 39.25 34.99 18.52
C TYR D 108 38.54 34.14 17.49
N MET D 109 37.80 34.74 16.57
CA MET D 109 37.02 33.99 15.60
C MET D 109 37.95 33.19 14.70
N ARG D 110 38.01 31.88 14.91
CA ARG D 110 38.86 30.99 14.13
C ARG D 110 38.12 30.54 12.89
N LYS D 111 38.67 30.85 11.73
CA LYS D 111 38.06 30.52 10.46
C LYS D 111 38.65 29.22 9.92
N THR D 112 38.04 28.73 8.86
CA THR D 112 38.52 27.54 8.20
C THR D 112 39.76 27.88 7.38
N THR D 113 40.26 26.89 6.65
CA THR D 113 41.46 27.03 5.84
C THR D 113 41.14 27.11 4.35
N THR D 114 40.28 26.22 3.86
CA THR D 114 39.95 26.14 2.45
C THR D 114 38.44 26.01 2.28
N SER D 115 37.99 26.14 1.04
CA SER D 115 36.58 26.10 0.75
C SER D 115 36.03 24.71 1.01
N LEU D 116 34.73 24.56 0.81
CA LEU D 116 34.08 23.29 1.04
C LEU D 116 32.69 23.34 0.43
N MET D 117 32.17 22.15 0.12
CA MET D 117 30.86 22.02 -0.47
C MET D 117 30.27 20.69 -0.02
N ILE D 118 28.94 20.66 0.08
CA ILE D 118 28.21 19.47 0.51
C ILE D 118 27.13 19.25 -0.52
N ASP D 119 27.28 18.20 -1.32
CA ASP D 119 26.22 17.76 -2.21
C ASP D 119 25.10 17.15 -1.38
N GLU D 120 23.96 16.91 -2.04
CA GLU D 120 22.70 16.64 -1.36
C GLU D 120 22.80 15.48 -0.37
N ARG D 121 23.51 14.41 -0.73
CA ARG D 121 23.75 13.28 0.18
C ARG D 121 25.25 13.17 0.37
N GLU D 122 25.77 13.87 1.38
CA GLU D 122 27.17 13.73 1.75
C GLU D 122 27.27 13.95 3.25
N ILE D 123 28.48 13.73 3.77
CA ILE D 123 28.72 13.70 5.20
C ILE D 123 29.92 14.58 5.52
N VAL D 124 29.84 15.24 6.67
CA VAL D 124 30.95 15.95 7.27
C VAL D 124 31.02 15.51 8.72
N LYS D 125 32.20 15.15 9.17
CA LYS D 125 32.41 14.60 10.49
C LYS D 125 33.33 15.49 11.29
N ILE D 126 33.25 15.34 12.61
CA ILE D 126 34.03 16.14 13.55
C ILE D 126 34.68 15.12 14.49
N PHE D 127 35.90 14.71 14.18
CA PHE D 127 36.63 13.80 15.02
C PHE D 127 37.35 14.56 16.12
N VAL D 128 37.53 13.88 17.25
CA VAL D 128 38.12 14.44 18.44
C VAL D 128 39.16 13.47 18.95
N GLU D 129 40.32 13.99 19.34
CA GLU D 129 41.41 13.20 19.91
C GLU D 129 41.70 13.74 21.31
N VAL D 130 41.30 12.97 22.32
CA VAL D 130 41.55 13.31 23.72
C VAL D 130 42.72 12.47 24.20
N PRO D 131 43.68 13.02 24.93
CA PRO D 131 44.72 12.18 25.51
C PRO D 131 44.16 11.30 26.62
N PRO D 132 44.78 10.16 26.89
CA PRO D 132 44.25 9.25 27.91
C PRO D 132 44.33 9.85 29.29
N ASN D 133 43.73 9.15 30.25
CA ASN D 133 43.67 9.58 31.64
C ASN D 133 43.04 10.96 31.76
N ALA D 134 42.04 11.22 30.92
CA ALA D 134 41.32 12.48 30.88
C ALA D 134 39.83 12.20 30.95
N ASN D 135 39.06 13.26 31.14
CA ASN D 135 37.62 13.15 31.21
C ASN D 135 37.02 13.13 29.82
N GLY D 136 35.87 12.48 29.70
CA GLY D 136 35.21 12.32 28.42
C GLY D 136 34.30 13.47 28.07
N MET D 137 33.84 13.45 26.83
CA MET D 137 32.92 14.46 26.35
C MET D 137 31.50 14.11 26.75
N ASP D 138 30.69 15.14 26.99
CA ASP D 138 29.30 15.00 27.37
C ASP D 138 28.44 15.74 26.35
N ALA D 139 27.57 15.01 25.67
CA ALA D 139 26.82 15.56 24.56
C ALA D 139 25.76 16.55 25.01
N ASP D 140 25.31 16.47 26.26
CA ASP D 140 24.27 17.38 26.74
C ASP D 140 24.75 18.82 26.70
N ASN D 141 26.03 19.04 27.01
CA ASN D 141 26.59 20.37 27.15
C ASN D 141 27.48 20.78 26.00
N SER D 142 27.99 19.82 25.23
CA SER D 142 28.82 20.14 24.08
C SER D 142 28.00 20.91 23.05
N ARG D 143 28.71 21.53 22.11
CA ARG D 143 28.03 22.19 21.01
C ARG D 143 29.02 22.52 19.91
N ILE D 144 28.50 22.55 18.69
CA ILE D 144 29.17 23.06 17.51
C ILE D 144 28.37 24.23 16.99
N THR D 145 29.08 25.21 16.45
CA THR D 145 28.48 26.22 15.60
C THR D 145 29.47 26.57 14.51
N ILE D 146 28.95 26.78 13.30
CA ILE D 146 29.77 27.23 12.19
C ILE D 146 28.97 28.28 11.44
N GLY D 147 29.68 29.13 10.72
CA GLY D 147 29.05 30.23 10.04
C GLY D 147 28.69 31.36 10.99
N ASP D 148 28.60 32.57 10.46
CA ASP D 148 28.31 33.77 11.25
C ASP D 148 27.23 34.55 10.52
N ASP D 149 25.99 34.17 10.77
CA ASP D 149 24.88 35.06 10.50
C ASP D 149 24.90 36.19 11.52
N THR D 150 24.10 37.20 11.26
CA THR D 150 23.76 38.19 12.28
C THR D 150 24.98 38.94 12.79
N SER D 151 25.89 39.27 11.88
CA SER D 151 27.06 40.04 12.26
C SER D 151 27.75 40.49 11.00
N ASP D 152 28.16 41.77 10.98
CA ASP D 152 28.94 42.27 9.85
C ASP D 152 30.26 41.54 9.74
N TYR D 153 30.78 41.04 10.86
CA TYR D 153 31.97 40.22 10.85
C TYR D 153 31.62 38.77 10.51
N GLY D 154 32.64 38.03 10.11
CA GLY D 154 32.46 36.63 9.78
C GLY D 154 31.65 36.44 8.53
N LYS D 155 31.61 35.19 8.10
CA LYS D 155 30.87 34.74 6.94
C LYS D 155 29.71 33.87 7.38
N ALA D 156 28.89 33.46 6.43
CA ALA D 156 27.72 32.65 6.68
C ALA D 156 27.71 31.47 5.73
N VAL D 157 27.01 30.43 6.15
CA VAL D 157 26.89 29.22 5.35
C VAL D 157 25.86 29.47 4.27
N GLY D 158 26.23 29.21 3.02
CA GLY D 158 25.27 29.33 1.94
C GLY D 158 24.44 28.07 1.81
N ILE D 159 23.18 28.24 1.46
CA ILE D 159 22.31 27.11 1.15
C ILE D 159 21.48 27.45 -0.06
N VAL D 160 21.10 26.41 -0.80
CA VAL D 160 20.24 26.61 -1.96
C VAL D 160 19.45 25.33 -2.18
N GLU D 161 18.22 25.49 -2.63
CA GLU D 161 17.41 24.35 -3.03
C GLU D 161 17.91 23.82 -4.38
N HIS D 162 18.18 22.52 -4.43
CA HIS D 162 18.74 21.92 -5.63
C HIS D 162 17.76 22.01 -6.80
N GLY D 163 16.46 21.96 -6.52
CA GLY D 163 15.45 21.94 -7.56
C GLY D 163 15.26 23.28 -8.25
N ASP D 164 15.71 24.37 -7.64
CA ASP D 164 15.50 25.69 -8.24
C ASP D 164 16.44 25.92 -9.42
N LEU D 165 17.74 25.86 -9.16
CA LEU D 165 18.73 26.19 -10.18
C LEU D 165 18.98 25.00 -11.10
N SER D 166 19.20 25.30 -12.37
CA SER D 166 19.56 24.31 -13.38
C SER D 166 21.02 23.87 -13.25
N PRO D 167 21.99 24.77 -13.11
CA PRO D 167 23.37 24.33 -12.88
C PRO D 167 23.68 23.88 -11.46
N ALA D 168 22.67 23.66 -10.62
CA ALA D 168 22.91 23.06 -9.31
C ALA D 168 23.58 21.70 -9.46
N GLU D 169 23.15 20.90 -10.43
CA GLU D 169 23.81 19.62 -10.69
C GLU D 169 25.24 19.83 -11.18
N SER D 170 25.46 20.85 -11.99
CA SER D 170 26.81 21.15 -12.47
C SER D 170 27.74 21.47 -11.30
N LYS D 171 27.28 22.32 -10.39
CA LYS D 171 28.08 22.65 -9.22
C LYS D 171 28.26 21.45 -8.31
N ALA D 172 27.25 20.58 -8.21
CA ALA D 172 27.37 19.37 -7.40
C ALA D 172 28.46 18.46 -7.95
N VAL D 173 28.48 18.26 -9.27
CA VAL D 173 29.53 17.47 -9.89
C VAL D 173 30.88 18.18 -9.74
N ARG D 174 30.88 19.51 -9.76
CA ARG D 174 32.11 20.26 -9.59
C ARG D 174 32.70 20.05 -8.21
N GLN D 175 31.85 19.94 -7.19
CA GLN D 175 32.29 19.78 -5.80
C GLN D 175 33.18 20.94 -5.37
N GLN E 1 67.04 69.40 12.12
CA GLN E 1 66.67 70.68 12.72
C GLN E 1 65.53 70.52 13.70
N THR E 2 64.35 70.20 13.18
CA THR E 2 63.13 70.20 13.97
C THR E 2 62.94 68.86 14.67
N GLN E 3 62.39 68.92 15.88
CA GLN E 3 62.08 67.74 16.68
C GLN E 3 60.67 67.87 17.23
N GLU E 4 60.22 66.82 17.90
CA GLU E 4 58.90 66.76 18.50
C GLU E 4 59.09 66.26 19.93
N TYR E 5 59.07 67.17 20.89
CA TYR E 5 59.31 66.85 22.28
C TYR E 5 58.04 66.97 23.10
N THR E 6 58.15 66.50 24.32
CA THR E 6 57.20 66.72 25.38
C THR E 6 57.79 67.72 26.35
N ILE E 7 56.91 68.51 26.96
CA ILE E 7 57.29 69.45 27.99
C ILE E 7 56.33 69.29 29.17
N ASN E 8 56.87 69.42 30.37
CA ASN E 8 56.21 69.08 31.61
C ASN E 8 56.19 70.30 32.51
N HIS E 9 55.39 70.21 33.56
CA HIS E 9 55.30 71.25 34.57
C HIS E 9 56.55 71.39 35.42
N THR E 10 57.58 70.57 35.22
CA THR E 10 58.85 70.77 35.91
C THR E 10 60.00 70.42 34.99
N GLY E 11 61.04 71.24 35.05
CA GLY E 11 62.33 70.91 34.46
C GLY E 11 62.26 70.55 33.01
N GLY E 12 62.49 69.26 32.75
CA GLY E 12 62.49 68.80 31.38
C GLY E 12 63.63 69.40 30.60
N VAL E 13 63.31 69.84 29.38
CA VAL E 13 64.29 70.46 28.52
C VAL E 13 64.66 71.87 28.96
N LEU E 14 63.89 72.47 29.86
CA LEU E 14 64.07 73.87 30.22
C LEU E 14 65.07 74.06 31.36
N GLY E 15 64.78 73.46 32.52
CA GLY E 15 65.73 73.45 33.62
C GLY E 15 65.21 74.04 34.92
N ASP E 16 63.89 74.05 35.10
CA ASP E 16 63.22 74.38 36.36
C ASP E 16 63.28 75.87 36.71
N SER E 17 63.99 76.68 35.94
CA SER E 17 64.07 78.12 36.16
C SER E 17 63.04 78.87 35.33
N TYR E 18 63.02 78.62 34.03
CA TYR E 18 62.11 79.28 33.11
C TYR E 18 60.77 78.56 33.01
N VAL E 19 60.44 77.76 34.00
CA VAL E 19 59.07 77.39 34.32
C VAL E 19 58.64 78.26 35.49
N THR E 20 57.33 78.48 35.61
CA THR E 20 56.81 78.87 36.91
C THR E 20 55.37 78.43 37.05
N THR E 21 55.06 77.93 38.24
CA THR E 21 53.73 77.49 38.62
C THR E 21 53.07 78.52 39.52
N ALA E 22 51.78 78.34 39.74
CA ALA E 22 51.01 79.20 40.60
C ALA E 22 49.62 78.61 40.76
N SER E 23 49.00 78.90 41.89
CA SER E 23 47.62 78.52 42.14
C SER E 23 46.68 79.55 41.55
N ASN E 24 45.39 79.24 41.59
CA ASN E 24 44.34 80.12 41.11
C ASN E 24 43.84 81.00 42.26
N GLN E 25 42.70 81.65 42.04
CA GLN E 25 42.02 82.40 43.09
C GLN E 25 40.57 81.96 43.15
N THR E 26 40.02 82.03 44.36
CA THR E 26 38.73 81.44 44.67
C THR E 26 37.60 82.47 44.70
N SER E 27 37.73 83.48 45.56
CA SER E 27 36.59 84.37 45.78
C SER E 27 36.34 85.26 44.57
N PRO E 28 37.33 85.98 44.03
CA PRO E 28 37.17 86.59 42.71
C PRO E 28 37.44 85.59 41.61
N GLN E 29 36.38 85.17 40.92
CA GLN E 29 36.51 84.30 39.76
C GLN E 29 37.26 85.06 38.67
N ARG E 30 38.51 84.68 38.43
CA ARG E 30 39.35 85.41 37.51
C ARG E 30 40.25 84.47 36.74
N GLU E 31 40.60 84.90 35.53
CA GLU E 31 41.41 84.10 34.60
C GLU E 31 42.86 84.15 35.07
N THR E 32 43.14 83.40 36.11
CA THR E 32 44.48 83.35 36.66
C THR E 32 45.43 82.68 35.67
N ALA E 33 46.71 82.71 36.01
CA ALA E 33 47.78 82.09 35.24
C ALA E 33 48.42 81.05 36.13
N VAL E 34 48.08 79.79 35.89
CA VAL E 34 48.53 78.72 36.76
C VAL E 34 49.91 78.21 36.35
N LEU E 35 50.25 78.31 35.07
CA LEU E 35 51.54 77.82 34.63
C LEU E 35 52.08 78.73 33.55
N SER E 36 53.40 78.78 33.42
CA SER E 36 53.95 79.50 32.29
C SER E 36 55.37 79.04 31.99
N PHE E 37 55.67 79.02 30.70
CA PHE E 37 56.92 78.51 30.15
C PHE E 37 57.56 79.63 29.34
N GLU E 38 58.79 79.98 29.68
CA GLU E 38 59.55 81.01 28.97
C GLU E 38 60.62 80.33 28.13
N CYS E 39 60.65 80.67 26.84
CA CYS E 39 61.64 80.12 25.93
C CYS E 39 63.05 80.48 26.38
N PRO E 40 63.91 79.52 26.68
CA PRO E 40 65.25 79.86 27.16
C PRO E 40 66.15 80.47 26.10
N ARG E 41 67.32 80.86 26.60
CA ARG E 41 68.36 81.51 25.80
C ARG E 41 68.82 80.62 24.66
N LYS E 42 68.89 79.33 24.91
CA LYS E 42 69.62 78.43 24.02
C LYS E 42 68.84 78.05 22.77
N PHE E 43 67.52 77.92 22.90
CA PHE E 43 66.72 77.57 21.76
C PHE E 43 66.67 78.70 20.76
N GLU E 44 66.24 78.37 19.54
CA GLU E 44 66.03 79.35 18.49
C GLU E 44 64.59 79.84 18.49
N GLU E 45 63.65 78.91 18.54
CA GLU E 45 62.23 79.24 18.60
C GLU E 45 61.49 77.98 19.00
N ILE E 46 60.24 78.17 19.39
CA ILE E 46 59.32 77.09 19.70
C ILE E 46 58.08 77.31 18.88
N ASN E 47 57.47 76.21 18.44
CA ASN E 47 56.21 76.21 17.72
C ASN E 47 55.18 75.45 18.52
N TYR E 48 53.94 75.58 18.10
CA TYR E 48 52.83 74.89 18.75
C TYR E 48 51.68 74.86 17.76
N VAL E 49 51.12 73.68 17.55
CA VAL E 49 50.12 73.48 16.51
C VAL E 49 49.01 72.63 17.10
N GLY E 50 47.77 72.97 16.73
CA GLY E 50 46.63 72.17 17.09
C GLY E 50 46.32 71.14 16.02
N GLN E 51 45.67 70.07 16.45
CA GLN E 51 45.43 68.89 15.62
C GLN E 51 46.73 68.24 15.14
N ARG E 52 47.85 68.54 15.82
CA ARG E 52 49.15 67.96 15.52
C ARG E 52 49.84 67.50 16.80
N ASP E 53 49.57 68.17 17.91
CA ASP E 53 50.34 68.02 19.14
C ASP E 53 49.40 67.57 20.25
N ALA E 54 49.75 66.44 20.87
CA ALA E 54 48.91 65.87 21.92
C ALA E 54 49.20 66.56 23.25
N THR E 55 48.51 66.09 24.29
CA THR E 55 48.39 66.86 25.51
C THR E 55 47.85 65.98 26.62
N ARG E 56 48.13 66.40 27.84
CA ARG E 56 47.57 65.79 29.04
C ARG E 56 47.66 66.82 30.14
N PHE E 57 46.63 66.86 31.00
CA PHE E 57 46.63 67.80 32.12
C PHE E 57 45.70 67.22 33.19
N VAL E 58 46.30 66.66 34.24
CA VAL E 58 45.55 66.07 35.34
C VAL E 58 45.63 67.04 36.51
N PRO E 59 44.60 67.82 36.75
CA PRO E 59 44.52 68.63 37.97
C PRO E 59 43.73 67.97 39.08
N ARG E 60 43.89 68.51 40.28
CA ARG E 60 43.15 68.08 41.46
C ARG E 60 42.98 69.30 42.35
N THR E 61 42.50 69.07 43.57
CA THR E 61 42.37 70.10 44.59
C THR E 61 42.84 69.49 45.89
N THR E 62 42.55 70.18 46.99
CA THR E 62 42.81 69.64 48.31
C THR E 62 41.68 70.03 49.25
N GLU E 63 41.32 69.11 50.13
CA GLU E 63 40.39 69.42 51.20
C GLU E 63 40.80 68.61 52.41
N SER E 64 40.18 68.95 53.54
CA SER E 64 40.50 68.31 54.81
C SER E 64 39.22 68.13 55.60
N ILE E 65 39.29 67.22 56.58
CA ILE E 65 38.17 66.95 57.47
C ILE E 65 38.70 66.87 58.88
N THR E 66 37.84 66.49 59.82
CA THR E 66 38.23 66.30 61.22
C THR E 66 37.66 64.98 61.68
N GLY E 67 38.52 64.17 62.32
CA GLY E 67 38.06 62.90 62.84
C GLY E 67 36.98 63.09 63.88
N SER E 68 36.08 62.11 63.95
CA SER E 68 35.01 62.11 64.93
C SER E 68 34.77 60.69 65.41
N ALA E 69 34.08 60.57 66.54
CA ALA E 69 33.75 59.27 67.09
C ALA E 69 32.82 58.51 66.16
N ASN E 70 31.91 59.20 65.51
CA ASN E 70 30.95 58.55 64.63
C ASN E 70 31.65 58.00 63.41
N ASP E 71 31.18 56.85 62.93
CA ASP E 71 31.81 56.15 61.83
C ASP E 71 31.40 56.82 60.52
N ASP E 72 32.19 57.82 60.12
CA ASP E 72 31.85 58.62 58.95
C ASP E 72 31.81 57.78 57.68
N THR E 73 32.97 57.29 57.23
CA THR E 73 33.09 56.47 56.02
C THR E 73 32.56 57.18 54.78
N VAL E 74 32.38 58.49 54.82
CA VAL E 74 31.86 59.25 53.70
C VAL E 74 32.17 60.71 54.00
N VAL E 75 32.48 61.48 52.96
CA VAL E 75 32.73 62.90 53.12
C VAL E 75 32.07 63.64 51.96
N ASP E 76 31.49 64.78 52.27
CA ASP E 76 31.06 65.70 51.25
C ASP E 76 32.25 66.48 50.72
N LEU E 77 32.01 67.27 49.68
CA LEU E 77 33.04 68.04 49.03
C LEU E 77 32.48 69.39 48.62
N THR E 78 33.39 70.27 48.22
CA THR E 78 33.06 71.60 47.73
C THR E 78 33.24 71.71 46.21
N ALA E 79 33.48 70.60 45.54
CA ALA E 79 33.78 70.57 44.12
C ALA E 79 32.86 69.59 43.43
N ASN E 80 32.37 69.96 42.24
CA ASN E 80 31.63 69.01 41.44
C ASN E 80 32.53 67.83 41.11
N ILE E 81 31.93 66.66 41.04
CA ILE E 81 32.67 65.42 40.97
C ILE E 81 32.06 64.54 39.89
N GLN E 82 32.92 63.78 39.24
CA GLN E 82 32.49 62.71 38.35
C GLN E 82 33.61 61.70 38.28
N PRO E 83 33.36 60.53 37.71
CA PRO E 83 34.45 59.57 37.54
C PRO E 83 35.40 59.98 36.42
N VAL E 84 36.53 59.28 36.40
CA VAL E 84 37.54 59.48 35.38
C VAL E 84 37.04 58.80 34.12
N ALA E 85 36.60 59.60 33.15
CA ALA E 85 35.99 59.13 31.91
C ALA E 85 34.70 58.37 32.13
N GLY E 86 34.14 58.41 33.33
CA GLY E 86 32.90 57.72 33.60
C GLY E 86 33.16 56.28 33.97
N GLU E 87 32.82 55.90 35.21
CA GLU E 87 32.50 54.55 35.64
C GLU E 87 32.20 54.60 37.12
N GLU E 88 31.30 53.73 37.58
CA GLU E 88 31.04 53.64 39.01
C GLU E 88 32.19 53.00 39.77
N VAL E 89 33.06 52.28 39.08
CA VAL E 89 34.01 51.38 39.73
C VAL E 89 35.34 52.11 39.92
N ILE E 90 36.04 51.72 40.97
CA ILE E 90 37.38 52.20 41.27
C ILE E 90 38.38 51.12 40.89
N ALA E 91 39.58 51.55 40.54
CA ALA E 91 40.73 50.76 40.12
C ALA E 91 40.60 50.29 38.68
N GLU E 92 39.47 50.52 38.01
CA GLU E 92 39.37 50.37 36.57
C GLU E 92 39.72 51.65 35.84
N GLN E 93 39.63 52.79 36.51
CA GLN E 93 39.88 54.08 35.89
C GLN E 93 41.31 54.16 35.36
N ASP E 94 41.52 55.07 34.43
CA ASP E 94 42.87 55.39 34.00
C ASP E 94 43.71 55.88 35.17
N TYR E 95 43.07 56.54 36.13
CA TYR E 95 43.73 56.91 37.37
C TYR E 95 42.65 57.11 38.43
N PRO E 96 43.02 57.11 39.71
CA PRO E 96 42.01 57.32 40.75
C PRO E 96 41.40 58.70 40.68
N VAL E 97 40.07 58.74 40.76
CA VAL E 97 39.38 60.03 40.83
C VAL E 97 39.81 60.79 42.07
N ALA E 98 40.11 60.09 43.15
CA ALA E 98 40.39 60.72 44.43
C ALA E 98 41.38 59.89 45.21
N VAL E 99 42.14 60.59 46.04
CA VAL E 99 43.13 59.98 46.91
C VAL E 99 42.93 60.57 48.29
N ALA E 100 43.19 59.77 49.31
CA ALA E 100 43.09 60.21 50.69
C ALA E 100 44.29 59.69 51.46
N TYR E 101 44.69 60.47 52.47
CA TYR E 101 45.86 60.14 53.27
C TYR E 101 45.62 60.60 54.69
N ASN E 102 45.96 59.75 55.64
CA ASN E 102 45.80 60.02 57.05
C ASN E 102 47.13 60.48 57.63
N VAL E 103 47.11 61.63 58.31
CA VAL E 103 48.34 62.17 58.86
C VAL E 103 48.89 61.27 59.96
N THR E 104 48.04 60.91 60.91
CA THR E 104 48.44 60.04 62.01
C THR E 104 48.95 58.71 61.47
N GLN E 105 48.07 57.95 60.85
CA GLN E 105 48.45 56.69 60.22
C GLN E 105 49.02 57.03 58.85
N GLY E 106 50.35 57.09 58.77
CA GLY E 106 50.99 57.52 57.54
C GLY E 106 50.87 56.48 56.45
N VAL E 107 49.65 56.28 55.96
CA VAL E 107 49.34 55.23 55.01
C VAL E 107 48.35 55.77 53.98
N GLU E 108 48.30 55.10 52.84
CA GLU E 108 47.27 55.40 51.88
C GLU E 108 45.91 55.02 52.45
N VAL E 109 44.87 55.44 51.74
CA VAL E 109 43.49 55.08 52.08
C VAL E 109 42.79 54.76 50.78
N ASP E 110 42.23 53.57 50.69
CA ASP E 110 41.55 53.16 49.47
C ASP E 110 40.23 53.92 49.33
N VAL E 111 39.57 53.68 48.22
CA VAL E 111 38.25 54.25 47.93
C VAL E 111 37.37 53.13 47.40
N VAL E 112 36.13 53.12 47.84
CA VAL E 112 35.18 52.11 47.43
C VAL E 112 34.43 52.61 46.21
N ASP E 113 33.70 53.70 46.36
CA ASP E 113 32.84 54.21 45.31
C ASP E 113 32.43 55.62 45.68
N ALA E 114 31.45 56.16 44.97
CA ALA E 114 30.84 57.42 45.33
C ALA E 114 29.55 57.58 44.56
N ASP E 115 28.78 58.60 44.96
CA ASP E 115 27.53 58.89 44.25
C ASP E 115 27.82 59.52 42.89
N TYR E 116 28.83 60.37 42.83
CA TYR E 116 29.24 61.07 41.60
C TYR E 116 28.14 61.97 41.05
N ALA E 117 27.13 62.27 41.84
CA ALA E 117 26.03 63.13 41.45
C ALA E 117 26.04 64.41 42.26
N ALA E 118 26.01 64.28 43.57
CA ALA E 118 26.30 65.38 44.48
C ALA E 118 27.77 65.33 44.87
N ASP E 119 28.20 66.34 45.62
CA ASP E 119 29.58 66.46 46.03
C ASP E 119 29.84 65.47 47.17
N THR E 120 30.04 64.20 46.79
CA THR E 120 30.09 63.09 47.74
C THR E 120 31.23 62.16 47.39
N VAL E 121 31.79 61.49 48.40
CA VAL E 121 32.68 60.37 48.16
C VAL E 121 32.71 59.47 49.39
N THR E 122 32.87 58.17 49.14
CA THR E 122 32.98 57.16 50.18
C THR E 122 34.44 56.96 50.57
N LEU E 123 34.65 56.57 51.82
CA LEU E 123 35.94 56.06 52.28
C LEU E 123 35.78 54.62 52.75
N GLY E 124 36.75 53.78 52.36
CA GLY E 124 36.70 52.39 52.77
C GLY E 124 37.12 52.17 54.20
N THR E 125 37.99 53.02 54.73
CA THR E 125 38.49 52.87 56.08
C THR E 125 37.54 53.54 57.08
N ASN E 126 37.89 53.45 58.36
CA ASN E 126 37.11 54.00 59.47
C ASN E 126 38.02 54.95 60.24
N PRO E 127 38.08 56.23 59.87
CA PRO E 127 38.95 57.16 60.58
C PRO E 127 38.57 57.30 62.04
N ALA E 128 39.58 57.50 62.87
CA ALA E 128 39.40 57.66 64.31
C ALA E 128 39.09 59.12 64.64
N ASP E 129 38.64 59.33 65.86
CA ASP E 129 38.35 60.68 66.31
C ASP E 129 39.64 61.44 66.56
N GLY E 130 39.65 62.70 66.13
CA GLY E 130 40.81 63.55 66.28
C GLY E 130 41.87 63.39 65.21
N ASP E 131 41.80 62.32 64.40
CA ASP E 131 42.81 62.10 63.39
C ASP E 131 42.66 63.10 62.25
N GLU E 132 43.79 63.61 61.76
CA GLU E 132 43.80 64.55 60.67
C GLU E 132 43.90 63.82 59.34
N VAL E 133 43.24 64.36 58.33
CA VAL E 133 43.05 63.71 57.05
C VAL E 133 43.29 64.75 55.97
N LYS E 134 43.71 64.27 54.80
CA LYS E 134 43.77 65.08 53.61
C LYS E 134 43.24 64.26 52.45
N VAL E 135 42.68 64.96 51.48
CA VAL E 135 42.07 64.33 50.32
C VAL E 135 42.31 65.22 49.11
N TRP E 136 42.52 64.58 47.96
CA TRP E 136 42.88 65.27 46.72
C TRP E 136 41.94 64.82 45.62
N PRO E 137 40.67 65.20 45.71
CA PRO E 137 39.70 64.72 44.74
C PRO E 137 39.90 65.34 43.38
N ILE E 138 39.16 64.80 42.43
CA ILE E 138 39.12 65.36 41.10
C ILE E 138 38.56 66.79 41.18
N MET E 139 38.88 67.56 40.15
CA MET E 139 38.40 68.92 39.98
C MET E 139 37.48 68.99 38.78
N SER E 140 36.60 69.99 38.81
CA SER E 140 35.56 70.12 37.81
C SER E 140 35.17 71.59 37.70
N ASP E 141 34.33 71.89 36.71
CA ASP E 141 33.73 73.20 36.54
C ASP E 141 34.80 74.28 36.37
N GLY E 142 35.53 74.17 35.28
CA GLY E 142 36.59 75.13 34.99
C GLY E 142 36.79 75.31 33.50
N ASP E 143 37.67 76.25 33.18
CA ASP E 143 38.06 76.55 31.83
C ASP E 143 39.57 76.74 31.78
N VAL E 144 40.17 76.35 30.66
CA VAL E 144 41.61 76.44 30.46
C VAL E 144 41.86 77.16 29.14
N GLN E 145 42.99 77.84 29.06
CA GLN E 145 43.29 78.60 27.86
C GLN E 145 44.76 78.98 27.82
N PHE E 146 45.17 79.55 26.69
CA PHE E 146 46.55 79.90 26.41
C PHE E 146 46.69 81.39 26.10
N ARG E 147 47.87 81.94 26.38
CA ARG E 147 48.18 83.26 25.84
C ARG E 147 49.68 83.50 25.86
N LEU E 148 50.11 84.43 25.01
CA LEU E 148 51.51 84.73 24.80
C LEU E 148 51.90 86.08 25.37
N ILE E 149 53.15 86.16 25.81
CA ILE E 149 53.70 87.33 26.47
C ILE E 149 55.06 87.62 25.84
N ASN E 150 55.28 88.89 25.49
CA ASN E 150 56.49 89.33 24.80
C ASN E 150 57.49 89.94 25.80
N GLN E 151 57.94 89.10 26.71
CA GLN E 151 59.06 89.38 27.61
C GLN E 151 58.73 90.37 28.72
N PHE E 152 57.54 90.98 28.70
CA PHE E 152 57.25 92.15 29.53
C PHE E 152 56.00 92.04 30.38
N GLY E 153 55.31 90.92 30.37
CA GLY E 153 53.99 90.88 30.98
C GLY E 153 52.98 91.63 30.15
N GLN E 154 53.16 91.63 28.83
CA GLN E 154 52.47 92.51 27.91
C GLN E 154 51.93 91.67 26.77
N GLU E 155 50.63 91.37 26.83
CA GLU E 155 50.03 90.44 25.88
C GLU E 155 50.01 91.04 24.49
N GLU E 156 50.13 90.17 23.49
CA GLU E 156 49.96 90.54 22.10
C GLU E 156 48.84 89.80 21.41
N GLY E 157 48.49 88.62 21.88
CA GLY E 157 47.45 87.87 21.23
C GLY E 157 47.03 86.69 22.06
N ARG E 158 46.17 85.87 21.46
CA ARG E 158 45.58 84.73 22.13
C ARG E 158 45.53 83.57 21.15
N VAL E 159 45.93 82.40 21.61
CA VAL E 159 46.11 81.25 20.73
C VAL E 159 44.79 80.90 20.07
N TYR E 160 43.74 80.78 20.89
CA TYR E 160 42.48 80.32 20.45
C TYR E 160 41.43 81.05 21.28
N PRO E 161 40.43 81.69 20.66
CA PRO E 161 39.51 82.52 21.46
C PRO E 161 38.74 81.76 22.52
N TRP E 162 38.15 80.63 22.17
CA TRP E 162 37.15 79.99 22.99
C TRP E 162 37.80 79.00 23.95
N SER E 163 37.43 79.08 25.22
CA SER E 163 38.02 78.18 26.20
C SER E 163 37.41 76.80 26.09
N THR E 164 38.21 75.80 26.44
CA THR E 164 37.78 74.43 26.56
C THR E 164 37.59 74.10 28.04
N PRO E 165 36.53 73.38 28.43
CA PRO E 165 36.35 73.09 29.86
C PRO E 165 37.16 71.89 30.33
N LEU E 166 37.80 72.07 31.49
CA LEU E 166 38.55 70.99 32.12
C LEU E 166 37.64 69.83 32.46
N TYR E 167 36.38 70.12 32.71
CA TYR E 167 35.38 69.09 32.89
C TYR E 167 35.41 68.08 31.76
N ARG E 168 35.20 68.57 30.55
CA ARG E 168 35.31 67.75 29.34
C ARG E 168 36.69 67.13 29.22
N TRP E 169 37.71 67.88 29.62
CA TRP E 169 39.08 67.39 29.56
C TRP E 169 39.24 66.09 30.34
N HIS E 170 38.63 66.02 31.53
CA HIS E 170 38.64 64.79 32.29
C HIS E 170 37.74 63.75 31.65
N ASP E 171 36.65 64.20 31.01
CA ASP E 171 35.68 63.25 30.48
C ASP E 171 36.25 62.37 29.39
N PHE E 172 37.00 62.94 28.47
CA PHE E 172 37.52 62.10 27.40
C PHE E 172 38.60 61.17 27.97
N PRO E 173 38.62 59.89 27.57
CA PRO E 173 39.79 59.07 27.89
C PRO E 173 41.01 59.62 27.18
N GLN E 174 42.03 59.90 27.96
CA GLN E 174 43.21 60.54 27.46
C GLN E 174 44.06 59.51 26.71
N LEU E 175 45.21 59.97 26.23
CA LEU E 175 46.32 59.11 25.78
C LEU E 175 45.89 57.98 24.85
N LYS E 176 44.88 58.23 24.01
CA LYS E 176 44.46 57.32 22.94
C LYS E 176 44.48 58.09 21.63
N ARG E 177 45.30 57.65 20.68
CA ARG E 177 45.30 58.31 19.39
C ARG E 177 43.98 58.06 18.69
N GLY E 178 43.47 59.09 18.02
CA GLY E 178 42.13 59.09 17.48
C GLY E 178 41.17 59.69 18.48
N ARG E 179 41.28 59.29 19.74
CA ARG E 179 40.55 59.88 20.84
C ARG E 179 41.40 60.87 21.62
N GLU E 180 42.67 61.04 21.25
CA GLU E 180 43.53 61.99 21.93
C GLU E 180 42.99 63.40 21.75
N ILE E 181 43.24 64.23 22.75
CA ILE E 181 42.82 65.62 22.68
C ILE E 181 43.82 66.40 21.86
N ASN E 182 43.31 67.34 21.07
CA ASN E 182 44.13 68.23 20.26
C ASN E 182 43.37 69.55 20.17
N LEU E 183 43.83 70.56 20.89
CA LEU E 183 43.23 71.87 20.81
C LEU E 183 43.49 72.48 19.43
N HIS E 184 43.00 73.69 19.25
CA HIS E 184 43.19 74.47 18.03
C HIS E 184 44.14 75.61 18.29
N GLY E 185 44.62 76.20 17.21
CA GLY E 185 45.51 77.33 17.25
C GLY E 185 46.92 76.95 16.85
N SER E 186 47.63 77.92 16.26
CA SER E 186 48.98 77.70 15.75
C SER E 186 49.84 78.87 16.19
N ALA E 187 50.55 78.66 17.29
CA ALA E 187 51.39 79.67 17.92
C ALA E 187 52.86 79.39 17.68
N SER E 188 53.67 80.41 17.90
CA SER E 188 55.11 80.29 17.80
C SER E 188 55.77 81.47 18.48
N TRP E 189 56.89 81.24 19.15
CA TRP E 189 57.60 82.31 19.81
C TRP E 189 59.09 82.01 19.84
N SER E 190 59.83 82.90 20.48
CA SER E 190 61.29 82.93 20.40
C SER E 190 61.82 83.24 21.80
N GLU E 191 63.09 83.62 21.85
CA GLU E 191 63.84 83.69 23.10
C GLU E 191 63.19 84.61 24.12
N ASN E 192 63.08 84.12 25.35
CA ASN E 192 62.58 84.83 26.53
C ASN E 192 61.11 85.23 26.44
N GLU E 193 60.41 84.80 25.39
CA GLU E 193 58.99 85.02 25.26
C GLU E 193 58.27 83.84 25.91
N THR E 194 57.11 84.13 26.48
CA THR E 194 56.45 83.21 27.39
C THR E 194 55.10 82.78 26.85
N LEU E 195 54.77 81.51 27.08
CA LEU E 195 53.42 80.99 26.95
C LEU E 195 52.87 80.75 28.33
N GLU E 196 51.70 81.33 28.60
CA GLU E 196 51.01 81.19 29.87
C GLU E 196 49.80 80.29 29.66
N ILE E 197 49.66 79.32 30.55
CA ILE E 197 48.52 78.43 30.60
C ILE E 197 47.68 78.85 31.78
N LEU E 198 46.43 79.23 31.47
CA LEU E 198 45.57 79.97 32.35
C LEU E 198 44.33 79.17 32.69
N LEU E 199 43.81 79.47 33.87
CA LEU E 199 42.75 78.73 34.51
C LEU E 199 41.67 79.70 34.94
N ASP E 200 40.42 79.29 34.77
CA ASP E 200 39.27 80.03 35.28
C ASP E 200 38.35 79.00 35.93
N ALA E 201 38.38 78.94 37.26
CA ALA E 201 37.55 77.98 37.98
C ALA E 201 37.54 78.37 39.46
N PRO E 202 36.53 77.94 40.21
CA PRO E 202 36.46 78.33 41.62
C PRO E 202 37.42 77.60 42.53
N GLN E 203 37.51 76.29 42.37
CA GLN E 203 38.14 75.48 43.39
C GLN E 203 39.66 75.61 43.34
N ALA E 204 40.26 75.57 44.51
CA ALA E 204 41.69 75.81 44.67
C ALA E 204 42.47 74.55 44.33
N LEU E 205 43.13 74.57 43.18
CA LEU E 205 43.98 73.47 42.78
C LEU E 205 45.31 73.53 43.51
N THR E 206 46.14 72.53 43.25
CA THR E 206 47.42 72.36 43.93
C THR E 206 48.47 71.90 42.94
N TRP E 207 49.72 72.03 43.36
CA TRP E 207 50.86 71.54 42.59
C TRP E 207 51.78 70.69 43.46
N GLU E 208 51.86 71.03 44.75
CA GLU E 208 52.78 70.39 45.67
C GLU E 208 52.13 70.30 47.05
N ASP E 209 52.30 69.16 47.70
CA ASP E 209 51.82 68.96 49.06
C ASP E 209 52.82 68.28 49.98
N SER E 210 53.82 67.58 49.46
CA SER E 210 54.87 66.93 50.23
C SER E 210 54.38 65.79 51.10
N ASP E 211 53.11 65.41 51.01
CA ASP E 211 52.58 64.27 51.75
C ASP E 211 51.60 63.48 50.89
N TYR E 212 51.80 63.51 49.57
CA TYR E 212 50.93 62.83 48.63
C TYR E 212 51.61 61.54 48.18
N PRO E 213 50.99 60.37 48.32
CA PRO E 213 51.71 59.12 48.03
C PRO E 213 52.06 58.92 46.56
N ARG E 214 51.06 59.04 45.69
CA ARG E 214 51.23 58.70 44.28
C ARG E 214 52.03 59.79 43.58
N GLY E 215 53.32 59.84 43.91
CA GLY E 215 54.23 60.82 43.35
C GLY E 215 54.32 62.07 44.20
N GLN E 216 55.36 62.85 43.93
CA GLN E 216 55.58 64.09 44.66
C GLN E 216 54.64 65.18 44.16
N TYR E 217 54.75 65.52 42.90
CA TYR E 217 53.89 66.55 42.31
C TYR E 217 52.52 65.96 42.03
N VAL E 218 51.50 66.54 42.65
CA VAL E 218 50.16 65.99 42.60
C VAL E 218 49.61 66.06 41.20
N THR E 219 49.42 67.28 40.71
CA THR E 219 48.87 67.50 39.39
C THR E 219 49.98 67.33 38.35
N THR E 220 49.60 67.48 37.08
CA THR E 220 50.63 67.43 36.05
C THR E 220 50.09 67.98 34.75
N LEU E 221 51.02 68.45 33.93
CA LEU E 221 50.79 68.81 32.55
C LEU E 221 51.87 68.14 31.71
N GLU E 222 51.47 67.64 30.54
CA GLU E 222 52.42 67.05 29.62
C GLU E 222 51.95 67.39 28.22
N GLN E 223 52.64 68.32 27.55
CA GLN E 223 52.22 68.83 26.25
C GLN E 223 53.27 68.52 25.19
N ASP E 224 52.81 68.22 23.97
CA ASP E 224 53.71 68.06 22.84
C ASP E 224 53.99 69.39 22.20
N VAL E 225 55.23 69.58 21.78
CA VAL E 225 55.66 70.78 21.07
C VAL E 225 56.67 70.41 20.01
N GLU E 226 56.89 71.36 19.11
CA GLU E 226 57.91 71.30 18.08
C GLU E 226 58.92 72.39 18.34
N ILE E 227 60.19 72.05 18.21
CA ILE E 227 61.29 72.94 18.55
C ILE E 227 62.26 72.97 17.39
N THR E 228 62.86 74.14 17.17
CA THR E 228 63.94 74.32 16.20
C THR E 228 65.25 74.30 16.97
N LEU E 229 65.68 73.09 17.32
CA LEU E 229 66.96 72.87 18.00
C LEU E 229 67.07 73.67 19.28
N PRO F 1 56.35 87.08 18.95
CA PRO F 1 55.26 86.12 18.82
C PRO F 1 54.69 86.04 17.42
N GLU F 2 54.08 84.92 17.10
CA GLU F 2 53.42 84.75 15.81
C GLU F 2 52.27 83.78 15.98
N ILE F 3 51.12 84.15 15.41
CA ILE F 3 49.95 83.29 15.39
C ILE F 3 49.49 83.19 13.95
N GLY F 4 48.97 82.02 13.58
CA GLY F 4 48.49 81.83 12.22
C GLY F 4 47.08 82.38 12.06
N ASN F 5 46.85 82.99 10.90
CA ASN F 5 45.54 83.54 10.58
C ASN F 5 44.63 82.36 10.27
N ASN F 6 44.06 81.80 11.32
CA ASN F 6 43.16 80.66 11.18
C ASN F 6 41.95 81.06 10.33
N GLY F 7 41.45 80.09 9.57
CA GLY F 7 40.33 80.37 8.69
C GLY F 7 39.10 80.80 9.46
N ALA F 8 38.23 81.55 8.78
CA ALA F 8 37.02 82.04 9.42
C ALA F 8 36.10 80.88 9.80
N GLU F 9 36.09 79.82 9.00
CA GLU F 9 35.24 78.65 9.28
C GLU F 9 35.86 77.88 10.43
N LYS F 10 35.54 78.31 11.65
CA LYS F 10 36.15 77.74 12.83
C LYS F 10 35.39 76.49 13.28
N GLN F 11 36.15 75.54 13.82
CA GLN F 11 35.65 74.21 14.18
C GLN F 11 35.43 74.16 15.68
N ILE F 12 34.17 73.97 16.08
CA ILE F 12 33.74 74.26 17.44
C ILE F 12 32.76 73.20 17.88
N SER F 13 32.30 73.32 19.12
CA SER F 13 31.33 72.41 19.68
C SER F 13 30.50 73.13 20.72
N LEU F 14 29.36 72.54 21.04
CA LEU F 14 28.36 73.14 21.90
C LEU F 14 28.24 72.32 23.18
N HIS F 15 27.94 73.02 24.27
CA HIS F 15 27.75 72.38 25.55
C HIS F 15 26.94 73.32 26.43
N LYS F 16 26.76 72.93 27.68
CA LYS F 16 25.86 73.65 28.58
C LYS F 16 26.40 75.03 28.90
N GLY F 17 27.65 75.10 29.34
CA GLY F 17 28.21 76.35 29.81
C GLY F 17 28.55 77.32 28.71
N GLN F 18 27.53 77.84 28.05
CA GLN F 18 27.68 78.85 27.01
C GLN F 18 26.55 79.85 27.14
N PRO F 19 26.69 81.04 26.56
CA PRO F 19 25.65 82.07 26.75
C PRO F 19 24.43 81.88 25.87
N PHE F 20 24.63 81.40 24.65
CA PHE F 20 23.55 81.28 23.68
C PHE F 20 22.82 79.95 23.75
N ILE F 21 22.88 79.30 24.92
CA ILE F 21 22.22 78.04 25.19
C ILE F 21 21.55 78.16 26.55
N ASP F 22 20.53 77.34 26.76
CA ASP F 22 19.82 77.34 28.04
C ASP F 22 19.13 76.00 28.19
N THR F 23 18.74 75.70 29.42
CA THR F 23 17.98 74.49 29.72
C THR F 23 16.98 74.77 30.83
N GLN F 24 16.11 73.80 31.07
CA GLN F 24 15.22 73.84 32.22
C GLN F 24 14.62 72.47 32.44
N ASP F 25 14.28 72.19 33.70
CA ASP F 25 13.83 70.87 34.11
C ASP F 25 12.58 70.44 33.34
N VAL F 26 12.33 69.14 33.38
CA VAL F 26 11.20 68.53 32.68
C VAL F 26 10.62 67.44 33.58
N GLY F 27 9.30 67.27 33.47
CA GLY F 27 8.59 66.28 34.26
C GLY F 27 8.42 64.97 33.53
N ALA F 28 7.19 64.66 33.14
CA ALA F 28 6.87 63.39 32.53
C ALA F 28 5.68 63.56 31.60
N ALA F 29 5.71 62.83 30.48
CA ALA F 29 4.68 62.92 29.46
C ALA F 29 4.53 64.37 29.01
N ASP F 30 5.62 64.89 28.46
CA ASP F 30 5.87 66.33 28.44
C ASP F 30 6.68 66.69 27.21
N PRO F 31 6.07 66.59 26.03
CA PRO F 31 6.81 66.77 24.78
C PRO F 31 7.10 68.21 24.42
N ASN F 32 6.15 69.10 24.71
CA ASN F 32 6.09 70.39 24.02
C ASN F 32 7.30 71.27 24.32
N THR F 33 7.87 71.15 25.52
CA THR F 33 8.91 72.10 25.90
C THR F 33 10.27 71.67 25.35
N PRO F 34 11.14 72.63 25.03
CA PRO F 34 12.57 72.31 24.91
C PRO F 34 13.21 72.16 26.28
N ALA F 35 13.62 70.94 26.59
CA ALA F 35 14.50 70.75 27.74
C ALA F 35 15.75 71.59 27.59
N VAL F 36 16.20 71.79 26.36
CA VAL F 36 17.36 72.60 26.06
C VAL F 36 17.02 73.47 24.86
N THR F 37 17.36 74.75 24.95
CA THR F 37 17.15 75.72 23.90
C THR F 37 18.51 76.21 23.42
N ILE F 38 18.62 76.42 22.13
CA ILE F 38 19.82 76.99 21.51
C ILE F 38 19.35 78.16 20.67
N GLU F 39 20.21 79.18 20.57
CA GLU F 39 19.91 80.31 19.71
C GLU F 39 21.16 80.80 19.02
N GLY F 40 20.99 81.31 17.81
CA GLY F 40 22.07 81.90 17.07
C GLY F 40 22.50 83.21 17.69
N PRO F 41 23.78 83.38 18.03
CA PRO F 41 24.25 84.70 18.44
C PRO F 41 24.17 85.69 17.29
N SER F 42 24.46 86.94 17.63
CA SER F 42 24.31 88.03 16.68
C SER F 42 25.47 88.06 15.71
N ASP F 43 25.15 88.23 14.43
CA ASP F 43 26.14 88.40 13.37
C ASP F 43 27.07 87.21 13.23
N TYR F 44 26.64 86.04 13.69
CA TYR F 44 27.33 84.78 13.48
C TYR F 44 26.44 83.86 12.68
N VAL F 45 27.06 82.82 12.14
CA VAL F 45 26.38 81.78 11.38
C VAL F 45 26.99 80.45 11.82
N ILE F 46 26.14 79.56 12.28
CA ILE F 46 26.53 78.22 12.69
C ILE F 46 26.09 77.26 11.59
N ALA F 47 26.88 76.22 11.40
CA ALA F 47 26.62 75.18 10.42
C ALA F 47 26.86 73.84 11.08
N ILE F 48 25.89 72.95 10.91
CA ILE F 48 25.95 71.59 11.44
C ILE F 48 25.79 70.65 10.25
N ASP F 49 26.82 69.89 9.96
CA ASP F 49 26.78 68.97 8.84
C ASP F 49 25.95 67.74 9.17
N ALA F 50 25.72 66.92 8.15
CA ALA F 50 24.86 65.75 8.32
C ALA F 50 25.54 64.67 9.15
N GLY F 51 26.85 64.53 9.02
CA GLY F 51 27.58 63.53 9.77
C GLY F 51 28.09 64.06 11.09
N THR F 52 27.30 64.91 11.72
CA THR F 52 27.71 65.53 12.97
C THR F 52 27.38 64.60 14.13
N PRO F 53 28.31 64.34 15.06
CA PRO F 53 27.94 63.55 16.23
C PRO F 53 26.96 64.28 17.13
N VAL F 54 26.28 63.49 17.94
CA VAL F 54 25.24 63.95 18.83
C VAL F 54 25.43 63.21 20.15
N ALA F 55 25.08 63.86 21.24
CA ALA F 55 25.36 63.26 22.53
C ALA F 55 24.57 63.88 23.66
N PRO F 56 23.31 63.49 23.84
CA PRO F 56 22.61 63.81 25.08
C PRO F 56 22.92 62.80 26.16
N GLU F 57 23.10 63.32 27.37
CA GLU F 57 23.52 62.52 28.50
C GLU F 57 22.69 62.91 29.72
N PHE F 58 21.38 62.93 29.53
CA PHE F 58 20.45 63.33 30.57
C PHE F 58 20.56 62.43 31.79
N ARG F 59 19.98 62.90 32.89
CA ARG F 59 20.03 62.21 34.15
C ARG F 59 18.74 62.41 34.91
N ASP F 60 18.61 61.66 35.99
CA ASP F 60 17.56 61.82 36.99
C ASP F 60 18.11 62.63 38.15
N ALA F 61 17.19 63.20 38.94
CA ALA F 61 17.58 64.03 40.07
C ALA F 61 18.42 63.25 41.07
N ASN F 62 18.10 61.97 41.27
CA ASN F 62 18.88 61.14 42.17
C ASN F 62 20.20 60.67 41.57
N GLY F 63 20.50 61.05 40.33
CA GLY F 63 21.71 60.60 39.67
C GLY F 63 21.55 59.22 39.08
N ASP F 64 20.64 59.08 38.13
CA ASP F 64 20.43 57.83 37.42
C ASP F 64 20.07 58.15 35.99
N LYS F 65 20.20 57.13 35.13
CA LYS F 65 19.68 57.21 33.79
C LYS F 65 18.18 56.92 33.80
N LEU F 66 17.49 57.46 32.80
CA LEU F 66 16.04 57.35 32.71
C LEU F 66 15.63 56.15 31.88
N ASP F 67 14.32 55.95 31.78
CA ASP F 67 13.73 54.87 31.01
C ASP F 67 14.22 54.94 29.56
N PRO F 68 14.91 53.92 29.03
CA PRO F 68 15.42 54.03 27.66
C PRO F 68 14.34 54.10 26.60
N SER F 69 13.09 53.79 26.94
CA SER F 69 11.98 54.05 26.03
C SER F 69 11.73 55.52 25.84
N THR F 70 12.30 56.37 26.70
CA THR F 70 12.26 57.81 26.51
C THR F 70 12.81 58.17 25.13
N ARG F 71 12.28 59.25 24.58
CA ARG F 71 12.65 59.72 23.25
C ARG F 71 13.22 61.13 23.33
N VAL F 72 14.20 61.39 22.47
CA VAL F 72 14.81 62.69 22.28
C VAL F 72 14.62 63.06 20.82
N THR F 73 14.35 64.34 20.58
CA THR F 73 14.18 64.86 19.23
C THR F 73 14.84 66.23 19.17
N ILE F 74 15.89 66.35 18.38
CA ILE F 74 16.38 67.66 17.99
C ILE F 74 15.48 68.16 16.88
N GLN F 75 15.26 69.47 16.83
CA GLN F 75 14.36 70.02 15.84
C GLN F 75 14.67 71.49 15.61
N LYS F 76 14.83 71.87 14.34
CA LYS F 76 14.98 73.27 14.02
C LYS F 76 13.65 73.97 14.17
N CYS F 77 13.70 75.28 14.42
CA CYS F 77 12.51 76.09 14.53
C CYS F 77 12.71 77.36 13.73
N ASP F 78 11.61 77.85 13.19
CA ASP F 78 11.55 79.26 12.82
C ASP F 78 11.64 80.08 14.09
N LYS F 79 11.83 81.39 13.93
CA LYS F 79 11.77 82.33 15.04
C LYS F 79 10.48 82.15 15.83
N GLN F 80 10.48 82.61 17.08
CA GLN F 80 9.28 82.62 17.94
C GLN F 80 8.94 81.25 18.48
N GLY F 81 9.95 80.41 18.66
CA GLY F 81 9.69 79.08 19.17
C GLY F 81 8.77 78.29 18.29
N ASN F 82 8.76 78.58 16.99
CA ASN F 82 7.83 78.01 16.04
C ASN F 82 8.50 76.82 15.36
N PRO F 83 8.20 75.59 15.73
CA PRO F 83 8.88 74.46 15.11
C PRO F 83 8.46 74.26 13.66
N LEU F 84 9.22 73.41 12.98
CA LEU F 84 8.98 73.09 11.58
C LEU F 84 9.31 71.63 11.34
N GLY F 85 8.54 71.00 10.46
CA GLY F 85 8.64 69.57 10.25
C GLY F 85 9.85 69.22 9.44
N ASP F 86 10.00 69.85 8.29
CA ASP F 86 11.23 69.73 7.53
C ASP F 86 12.39 70.26 8.37
N GLY F 87 13.59 69.79 8.05
CA GLY F 87 14.77 70.20 8.76
C GLY F 87 14.98 69.52 10.09
N ILE F 88 14.01 68.74 10.58
CA ILE F 88 14.21 67.99 11.81
C ILE F 88 15.34 66.99 11.62
N VAL F 89 16.09 66.76 12.69
CA VAL F 89 17.17 65.79 12.70
C VAL F 89 17.22 65.13 14.07
N PHE F 90 17.79 63.92 14.11
CA PHE F 90 18.04 63.21 15.36
C PHE F 90 16.74 63.02 16.16
N SER F 91 15.90 62.15 15.61
CA SER F 91 14.77 61.58 16.34
C SER F 91 15.22 60.22 16.83
N ASP F 92 15.71 60.19 18.07
CA ASP F 92 16.35 59.01 18.63
C ASP F 92 15.68 58.66 19.95
N THR F 93 15.97 57.47 20.43
CA THR F 93 15.55 57.03 21.75
C THR F 93 16.63 57.30 22.76
N LEU F 94 16.23 57.47 24.02
CA LEU F 94 17.19 57.80 25.05
C LEU F 94 18.06 56.62 25.42
N GLY F 95 17.62 55.40 25.17
CA GLY F 95 18.44 54.25 25.38
C GLY F 95 19.49 54.14 24.31
N ARG F 96 20.14 52.98 24.31
CA ARG F 96 21.07 52.56 23.26
C ARG F 96 22.10 53.63 22.90
N PHE F 97 22.73 54.20 23.93
CA PHE F 97 23.91 55.02 23.75
C PHE F 97 25.16 54.42 24.39
N GLU F 98 25.02 53.85 25.58
CA GLU F 98 26.16 53.45 26.40
C GLU F 98 27.04 54.67 26.66
N TYR F 99 26.47 55.56 27.48
CA TYR F 99 27.08 56.85 27.82
C TYR F 99 28.53 56.74 28.24
N SER F 100 28.93 55.59 28.79
CA SER F 100 30.31 55.39 29.20
C SER F 100 31.27 55.61 28.04
N LYS F 101 30.98 55.00 26.89
CA LYS F 101 31.88 55.01 25.73
C LYS F 101 31.31 55.80 24.57
N MET F 102 30.23 56.57 24.80
CA MET F 102 29.43 57.13 23.72
C MET F 102 30.21 58.05 22.80
N ARG F 103 30.68 59.18 23.33
CA ARG F 103 31.56 60.05 22.54
C ARG F 103 32.88 59.37 22.26
N SER F 104 33.37 58.66 23.27
CA SER F 104 34.66 57.99 23.21
C SER F 104 34.78 57.13 21.96
N ASP F 105 33.77 56.31 21.68
CA ASP F 105 33.86 55.31 20.63
C ASP F 105 33.20 55.81 19.35
N PRO F 106 33.86 55.76 18.19
CA PRO F 106 33.16 56.12 16.94
C PRO F 106 32.00 55.21 16.63
N ASP F 107 32.06 53.95 17.07
CA ASP F 107 30.92 53.06 16.92
C ASP F 107 29.70 53.63 17.63
N TYR F 108 29.79 53.75 18.95
CA TYR F 108 28.70 54.35 19.71
C TYR F 108 28.36 55.76 19.28
N MET F 109 29.26 56.44 18.61
CA MET F 109 29.03 57.84 18.23
C MET F 109 27.86 57.93 17.27
N ARG F 110 26.73 58.41 17.76
CA ARG F 110 25.52 58.54 16.97
C ARG F 110 25.53 59.89 16.26
N LYS F 111 25.48 59.85 14.94
CA LYS F 111 25.51 61.05 14.13
C LYS F 111 24.10 61.47 13.75
N THR F 112 24.01 62.66 13.17
CA THR F 112 22.73 63.16 12.69
C THR F 112 22.36 62.44 11.39
N THR F 113 21.25 62.87 10.81
CA THR F 113 20.71 62.28 9.60
C THR F 113 20.94 63.16 8.38
N THR F 114 20.65 64.44 8.49
CA THR F 114 20.74 65.38 7.39
C THR F 114 21.46 66.64 7.85
N SER F 115 21.80 67.49 6.89
CA SER F 115 22.51 68.71 7.16
C SER F 115 21.63 69.66 7.96
N LEU F 116 22.21 70.79 8.31
CA LEU F 116 21.50 71.79 9.09
C LEU F 116 22.27 73.09 9.08
N MET F 117 21.55 74.18 9.29
CA MET F 117 22.13 75.51 9.30
C MET F 117 21.34 76.36 10.27
N ILE F 118 22.03 77.33 10.87
CA ILE F 118 21.41 78.25 11.81
C ILE F 118 21.80 79.65 11.38
N ASP F 119 20.83 80.40 10.87
CA ASP F 119 21.02 81.81 10.60
C ASP F 119 21.11 82.56 11.91
N GLU F 120 21.51 83.83 11.82
CA GLU F 120 21.97 84.59 12.98
C GLU F 120 20.95 84.62 14.11
N ARG F 121 19.66 84.75 13.79
CA ARG F 121 18.58 84.71 14.78
C ARG F 121 17.68 83.53 14.40
N GLU F 122 18.00 82.35 14.94
CA GLU F 122 17.14 81.19 14.77
C GLU F 122 17.27 80.32 16.01
N ILE F 123 16.45 79.29 16.05
CA ILE F 123 16.31 78.46 17.25
C ILE F 123 16.40 76.99 16.86
N VAL F 124 17.01 76.22 17.74
CA VAL F 124 17.02 74.77 17.67
C VAL F 124 16.64 74.27 19.04
N LYS F 125 15.69 73.35 19.08
CA LYS F 125 15.12 72.84 20.31
C LYS F 125 15.39 71.36 20.45
N ILE F 126 15.32 70.89 21.69
CA ILE F 126 15.56 69.50 22.02
C ILE F 126 14.37 69.06 22.87
N PHE F 127 13.36 68.49 22.23
CA PHE F 127 12.20 67.98 22.93
C PHE F 127 12.47 66.58 23.44
N VAL F 128 11.81 66.25 24.54
CA VAL F 128 11.98 64.99 25.23
C VAL F 128 10.59 64.44 25.54
N GLU F 129 10.41 63.14 25.31
CA GLU F 129 9.18 62.43 25.60
C GLU F 129 9.48 61.33 26.60
N VAL F 130 9.05 61.52 27.84
CA VAL F 130 9.22 60.55 28.90
C VAL F 130 7.88 59.83 29.09
N PRO F 131 7.84 58.52 29.24
CA PRO F 131 6.58 57.87 29.57
C PRO F 131 6.15 58.20 30.98
N PRO F 132 4.85 58.15 31.28
CA PRO F 132 4.37 58.52 32.62
C PRO F 132 4.86 57.53 33.67
N ASN F 133 4.58 57.89 34.92
CA ASN F 133 5.00 57.10 36.07
C ASN F 133 6.50 56.86 36.07
N ALA F 134 7.24 57.87 35.63
CA ALA F 134 8.69 57.82 35.57
C ALA F 134 9.25 59.05 36.27
N ASN F 135 10.57 59.03 36.46
CA ASN F 135 11.25 60.14 37.12
C ASN F 135 11.54 61.24 36.10
N GLY F 136 11.61 62.46 36.61
CA GLY F 136 11.82 63.62 35.76
C GLY F 136 13.28 63.92 35.51
N MET F 137 13.50 64.84 34.58
CA MET F 137 14.84 65.28 34.25
C MET F 137 15.31 66.33 35.24
N ASP F 138 16.62 66.33 35.51
CA ASP F 138 17.25 67.28 36.40
C ASP F 138 18.33 68.03 35.65
N ALA F 139 18.17 69.35 35.55
CA ALA F 139 19.03 70.16 34.72
C ALA F 139 20.44 70.28 35.28
N ASP F 140 20.63 70.08 36.59
CA ASP F 140 21.96 70.21 37.17
C ASP F 140 22.91 69.18 36.60
N ASN F 141 22.41 67.98 36.33
CA ASN F 141 23.24 66.85 35.91
C ASN F 141 23.09 66.53 34.44
N SER F 142 22.00 66.94 33.80
CA SER F 142 21.82 66.70 32.38
C SER F 142 22.91 67.41 31.59
N ARG F 143 23.03 67.02 30.32
CA ARG F 143 23.95 67.71 29.44
C ARG F 143 23.69 67.33 28.00
N ILE F 144 23.99 68.27 27.11
CA ILE F 144 24.04 68.05 25.67
C ILE F 144 25.45 68.35 25.22
N THR F 145 25.90 67.59 24.23
CA THR F 145 27.07 67.95 23.45
C THR F 145 26.82 67.54 22.01
N ILE F 146 27.27 68.37 21.08
CA ILE F 146 27.21 68.05 19.66
C ILE F 146 28.52 68.49 19.04
N GLY F 147 28.85 67.89 17.91
CA GLY F 147 30.12 68.16 17.27
C GLY F 147 31.26 67.46 17.97
N ASP F 148 32.33 67.19 17.24
CA ASP F 148 33.50 66.48 17.74
C ASP F 148 34.74 67.25 17.32
N ASP F 149 35.08 68.26 18.11
CA ASP F 149 36.43 68.79 18.06
C ASP F 149 37.37 67.77 18.68
N THR F 150 38.66 68.01 18.51
CA THR F 150 39.68 67.32 19.30
C THR F 150 39.65 65.82 19.09
N SER F 151 39.43 65.40 17.85
CA SER F 151 39.47 63.97 17.55
C SER F 151 39.47 63.82 16.04
N ASP F 152 40.32 62.92 15.55
CA ASP F 152 40.32 62.61 14.13
C ASP F 152 39.00 62.01 13.70
N TYR F 153 38.30 61.35 14.63
CA TYR F 153 36.97 60.84 14.37
C TYR F 153 35.94 61.95 14.56
N GLY F 154 34.76 61.72 14.01
CA GLY F 154 33.68 62.66 14.13
C GLY F 154 33.94 63.94 13.38
N LYS F 155 32.90 64.77 13.33
CA LYS F 155 32.91 66.07 12.68
C LYS F 155 32.80 67.14 13.75
N ALA F 156 32.90 68.38 13.30
CA ALA F 156 32.83 69.54 14.19
C ALA F 156 31.84 70.55 13.64
N VAL F 157 31.34 71.37 14.54
CA VAL F 157 30.38 72.40 14.18
C VAL F 157 31.14 73.56 13.56
N GLY F 158 30.72 73.97 12.36
CA GLY F 158 31.32 75.13 11.73
C GLY F 158 30.69 76.40 12.26
N ILE F 159 31.52 77.44 12.39
CA ILE F 159 31.03 78.77 12.74
C ILE F 159 31.76 79.79 11.88
N VAL F 160 31.08 80.90 11.63
CA VAL F 160 31.69 81.99 10.88
C VAL F 160 31.04 83.30 11.32
N GLU F 161 31.84 84.35 11.33
CA GLU F 161 31.30 85.68 11.58
C GLU F 161 30.58 86.17 10.33
N HIS F 162 29.34 86.60 10.51
CA HIS F 162 28.53 87.02 9.36
C HIS F 162 29.12 88.25 8.69
N GLY F 163 29.77 89.12 9.45
CA GLY F 163 30.29 90.36 8.90
C GLY F 163 31.52 90.19 8.03
N ASP F 164 32.21 89.05 8.12
CA ASP F 164 33.43 88.87 7.35
C ASP F 164 33.11 88.58 5.88
N LEU F 165 32.36 87.51 5.63
CA LEU F 165 32.09 87.09 4.26
C LEU F 165 30.96 87.88 3.64
N SER F 166 31.08 88.15 2.35
CA SER F 166 30.04 88.81 1.57
C SER F 166 28.89 87.86 1.24
N PRO F 167 29.14 86.64 0.76
CA PRO F 167 28.02 85.71 0.54
C PRO F 167 27.48 85.04 1.80
N ALA F 168 27.85 85.52 2.99
CA ALA F 168 27.22 85.03 4.21
C ALA F 168 25.71 85.23 4.16
N GLU F 169 25.26 86.38 3.66
CA GLU F 169 23.84 86.62 3.51
C GLU F 169 23.23 85.67 2.48
N SER F 170 23.97 85.38 1.41
CA SER F 170 23.49 84.45 0.40
C SER F 170 23.27 83.06 1.00
N LYS F 171 24.24 82.58 1.78
CA LYS F 171 24.10 81.29 2.42
C LYS F 171 22.99 81.30 3.47
N ALA F 172 22.81 82.43 4.16
CA ALA F 172 21.73 82.56 5.13
C ALA F 172 20.37 82.41 4.46
N VAL F 173 20.18 83.10 3.33
CA VAL F 173 18.94 82.97 2.58
C VAL F 173 18.82 81.56 2.02
N ARG F 174 19.94 80.93 1.67
CA ARG F 174 19.92 79.56 1.15
C ARG F 174 19.43 78.58 2.21
N GLN F 175 19.80 78.82 3.46
CA GLN F 175 19.45 77.93 4.57
C GLN F 175 19.95 76.51 4.32
N GLN G 1 70.51 -33.77 -29.69
CA GLN G 1 71.41 -32.93 -28.90
C GLN G 1 70.88 -32.73 -27.50
N THR G 2 69.78 -31.98 -27.39
CA THR G 2 69.28 -31.55 -26.10
C THR G 2 68.36 -32.60 -25.49
N GLN G 3 68.41 -32.72 -24.17
CA GLN G 3 67.57 -33.63 -23.42
C GLN G 3 66.97 -32.88 -22.23
N GLU G 4 66.10 -33.58 -21.51
CA GLU G 4 65.43 -33.04 -20.33
C GLU G 4 65.57 -34.07 -19.22
N TYR G 5 66.52 -33.85 -18.32
CA TYR G 5 66.81 -34.79 -17.26
C TYR G 5 66.37 -34.25 -15.92
N THR G 6 66.43 -35.15 -14.94
CA THR G 6 66.32 -34.84 -13.54
C THR G 6 67.69 -34.95 -12.92
N ILE G 7 67.92 -34.14 -11.89
CA ILE G 7 69.15 -34.17 -11.12
C ILE G 7 68.77 -34.16 -9.65
N ASN G 8 69.54 -34.91 -8.86
CA ASN G 8 69.23 -35.24 -7.48
C ASN G 8 70.38 -34.79 -6.60
N HIS G 9 70.14 -34.79 -5.30
CA HIS G 9 71.14 -34.46 -4.30
C HIS G 9 72.24 -35.51 -4.18
N THR G 10 72.19 -36.60 -4.93
CA THR G 10 73.29 -37.55 -4.94
C THR G 10 73.46 -38.12 -6.34
N GLY G 11 74.72 -38.26 -6.73
CA GLY G 11 75.09 -39.04 -7.89
C GLY G 11 74.37 -38.65 -9.16
N GLY G 12 73.47 -39.52 -9.60
CA GLY G 12 72.73 -39.26 -10.80
C GLY G 12 73.65 -39.26 -12.00
N VAL G 13 73.44 -38.27 -12.86
CA VAL G 13 74.25 -38.11 -14.06
C VAL G 13 75.66 -37.60 -13.75
N LEU G 14 75.89 -37.10 -12.54
CA LEU G 14 77.14 -36.43 -12.22
C LEU G 14 78.20 -37.41 -11.72
N GLY G 15 77.93 -38.09 -10.62
CA GLY G 15 78.78 -39.16 -10.13
C GLY G 15 79.28 -38.98 -8.71
N ASP G 16 78.56 -38.22 -7.90
CA ASP G 16 78.75 -38.11 -6.45
C ASP G 16 79.99 -37.29 -6.08
N SER G 17 80.81 -36.89 -7.04
CA SER G 17 81.99 -36.08 -6.77
C SER G 17 81.71 -34.60 -6.92
N TYR G 18 81.15 -34.21 -8.07
CA TYR G 18 80.83 -32.83 -8.37
C TYR G 18 79.46 -32.41 -7.84
N VAL G 19 78.95 -33.15 -6.88
CA VAL G 19 77.94 -32.67 -5.95
C VAL G 19 78.65 -32.30 -4.66
N THR G 20 78.07 -31.39 -3.89
CA THR G 20 78.41 -31.34 -2.48
C THR G 20 77.25 -30.79 -1.67
N THR G 21 77.02 -31.41 -0.53
CA THR G 21 76.00 -31.03 0.42
C THR G 21 76.63 -30.31 1.61
N ALA G 22 75.77 -29.71 2.42
CA ALA G 22 76.20 -29.01 3.62
C ALA G 22 74.97 -28.59 4.40
N SER G 23 75.14 -28.47 5.70
CA SER G 23 74.08 -27.96 6.57
C SER G 23 74.13 -26.44 6.60
N ASN G 24 73.13 -25.87 7.26
CA ASN G 24 73.02 -24.43 7.42
C ASN G 24 73.70 -24.01 8.71
N GLN G 25 73.45 -22.78 9.15
CA GLN G 25 73.89 -22.29 10.45
C GLN G 25 72.70 -21.69 11.19
N THR G 26 72.76 -21.80 12.52
CA THR G 26 71.63 -21.51 13.37
C THR G 26 71.74 -20.14 14.03
N SER G 27 72.80 -19.90 14.79
CA SER G 27 72.85 -18.69 15.60
C SER G 27 73.03 -17.45 14.74
N PRO G 28 74.02 -17.38 13.84
CA PRO G 28 74.01 -16.32 12.82
C PRO G 28 73.11 -16.70 11.66
N GLN G 29 71.96 -16.02 11.55
CA GLN G 29 71.07 -16.20 10.42
C GLN G 29 71.77 -15.72 9.17
N ARG G 30 72.17 -16.66 8.31
CA ARG G 30 72.97 -16.31 7.15
C ARG G 30 72.59 -17.19 5.96
N GLU G 31 72.78 -16.63 4.78
CA GLU G 31 72.40 -17.27 3.52
C GLU G 31 73.45 -18.33 3.21
N THR G 32 73.35 -19.45 3.92
CA THR G 32 74.27 -20.55 3.73
C THR G 32 74.06 -21.18 2.36
N ALA G 33 74.96 -22.10 2.01
CA ALA G 33 74.92 -22.86 0.77
C ALA G 33 74.77 -24.32 1.14
N VAL G 34 73.56 -24.83 1.03
CA VAL G 34 73.28 -26.19 1.47
C VAL G 34 73.61 -27.21 0.41
N LEU G 35 73.53 -26.83 -0.86
CA LEU G 35 73.81 -27.78 -1.93
C LEU G 35 74.52 -27.07 -3.06
N SER G 36 75.31 -27.83 -3.82
CA SER G 36 75.86 -27.23 -5.02
C SER G 36 76.27 -28.29 -6.01
N PHE G 37 76.09 -27.96 -7.28
CA PHE G 37 76.31 -28.85 -8.41
C PHE G 37 77.29 -28.19 -9.36
N GLU G 38 78.40 -28.88 -9.65
CA GLU G 38 79.42 -28.38 -10.55
C GLU G 38 79.32 -29.13 -11.87
N CYS G 39 79.24 -28.40 -12.97
CA CYS G 39 79.16 -29.01 -14.30
C CYS G 39 80.40 -29.85 -14.57
N PRO G 40 80.29 -31.15 -14.82
CA PRO G 40 81.49 -31.96 -15.03
C PRO G 40 82.19 -31.68 -16.35
N ARG G 41 83.32 -32.35 -16.47
CA ARG G 41 84.21 -32.25 -17.62
C ARG G 41 83.50 -32.66 -18.90
N LYS G 42 82.63 -33.66 -18.82
CA LYS G 42 82.16 -34.34 -20.02
C LYS G 42 81.06 -33.59 -20.73
N PHE G 43 80.21 -32.90 -19.98
CA PHE G 43 79.13 -32.15 -20.59
C PHE G 43 79.67 -30.96 -21.36
N GLU G 44 78.83 -30.41 -22.23
CA GLU G 44 79.13 -29.19 -22.96
C GLU G 44 78.63 -27.97 -22.21
N GLU G 45 77.38 -28.02 -21.78
CA GLU G 45 76.80 -26.93 -21.00
C GLU G 45 75.52 -27.46 -20.37
N ILE G 46 75.02 -26.71 -19.40
CA ILE G 46 73.74 -26.98 -18.76
C ILE G 46 72.93 -25.71 -18.83
N ASN G 47 71.63 -25.87 -19.00
CA ASN G 47 70.67 -24.78 -19.00
C ASN G 47 69.70 -24.98 -17.85
N TYR G 48 68.93 -23.93 -17.59
CA TYR G 48 67.93 -23.96 -16.53
C TYR G 48 66.94 -22.86 -16.82
N VAL G 49 65.66 -23.20 -16.81
CA VAL G 49 64.62 -22.27 -17.22
C VAL G 49 63.47 -22.37 -16.23
N GLY G 50 62.89 -21.23 -15.91
CA GLY G 50 61.71 -21.18 -15.10
C GLY G 50 60.45 -21.22 -15.94
N GLN G 51 59.37 -21.70 -15.33
CA GLN G 51 58.12 -21.99 -16.01
C GLN G 51 58.29 -23.03 -17.13
N ARG G 52 59.37 -23.81 -17.07
CA ARG G 52 59.63 -24.89 -18.00
C ARG G 52 60.06 -26.16 -17.28
N ASP G 53 60.71 -26.01 -16.13
CA ASP G 53 61.40 -27.09 -15.45
C ASP G 53 60.82 -27.27 -14.06
N ALA G 54 60.35 -28.48 -13.77
CA ALA G 54 59.72 -28.77 -12.50
C ALA G 54 60.78 -29.04 -11.44
N THR G 55 60.31 -29.35 -10.23
CA THR G 55 61.16 -29.26 -9.06
C THR G 55 60.49 -29.97 -7.89
N ARG G 56 61.31 -30.37 -6.94
CA ARG G 56 60.86 -30.93 -5.68
C ARG G 56 61.99 -30.75 -4.68
N PHE G 57 61.64 -30.44 -3.44
CA PHE G 57 62.65 -30.28 -2.40
C PHE G 57 61.97 -30.52 -1.06
N VAL G 58 62.20 -31.70 -0.48
CA VAL G 58 61.62 -32.07 0.81
C VAL G 58 62.72 -31.97 1.85
N PRO G 59 62.76 -30.91 2.62
CA PRO G 59 63.66 -30.83 3.77
C PRO G 59 63.00 -31.23 5.08
N ARG G 60 63.83 -31.46 6.08
CA ARG G 60 63.41 -31.78 7.43
C ARG G 60 64.46 -31.22 8.38
N THR G 61 64.34 -31.58 9.66
CA THR G 61 65.33 -31.24 10.68
C THR G 61 65.52 -32.47 11.53
N THR G 62 66.17 -32.30 12.68
CA THR G 62 66.29 -33.36 13.66
C THR G 62 66.16 -32.77 15.05
N GLU G 63 65.50 -33.52 15.93
CA GLU G 63 65.47 -33.18 17.33
C GLU G 63 65.46 -34.47 18.13
N SER G 64 65.66 -34.34 19.43
CA SER G 64 65.73 -35.47 20.33
C SER G 64 65.04 -35.13 21.64
N ILE G 65 64.69 -36.16 22.39
CA ILE G 65 64.06 -36.01 23.68
C ILE G 65 64.72 -36.98 24.65
N THR G 66 64.18 -37.08 25.85
CA THR G 66 64.66 -38.02 26.86
C THR G 66 63.46 -38.74 27.44
N GLY G 67 63.55 -40.06 27.51
CA GLY G 67 62.48 -40.83 28.10
C GLY G 67 62.25 -40.47 29.55
N SER G 68 61.00 -40.58 29.98
CA SER G 68 60.63 -40.31 31.36
C SER G 68 59.56 -41.30 31.79
N ALA G 69 59.37 -41.40 33.10
CA ALA G 69 58.36 -42.29 33.64
C ALA G 69 56.97 -41.83 33.25
N ASN G 70 56.75 -40.51 33.19
CA ASN G 70 55.45 -39.98 32.85
C ASN G 70 55.12 -40.28 31.40
N ASP G 71 53.84 -40.55 31.15
CA ASP G 71 53.38 -40.96 29.82
C ASP G 71 53.27 -39.70 28.94
N ASP G 72 54.38 -39.37 28.27
CA ASP G 72 54.44 -38.16 27.49
C ASP G 72 53.43 -38.16 26.35
N THR G 73 53.63 -39.02 25.36
CA THR G 73 52.76 -39.14 24.19
C THR G 73 52.61 -37.82 23.42
N VAL G 74 53.50 -36.86 23.64
CA VAL G 74 53.45 -35.57 22.98
C VAL G 74 54.81 -34.92 23.20
N VAL G 75 55.28 -34.19 22.20
CA VAL G 75 56.54 -33.46 22.31
C VAL G 75 56.37 -32.10 21.69
N ASP G 76 56.96 -31.10 22.33
CA ASP G 76 57.09 -29.79 21.72
C ASP G 76 58.25 -29.82 20.73
N LEU G 77 58.40 -28.72 20.01
CA LEU G 77 59.42 -28.59 18.99
C LEU G 77 59.98 -27.17 19.01
N THR G 78 61.07 -27.00 18.28
CA THR G 78 61.73 -25.70 18.11
C THR G 78 61.49 -25.13 16.72
N ALA G 79 60.61 -25.73 15.93
CA ALA G 79 60.37 -25.35 14.55
C ALA G 79 58.89 -25.14 14.34
N ASN G 80 58.54 -24.10 13.59
CA ASN G 80 57.15 -23.93 13.19
C ASN G 80 56.73 -25.13 12.37
N ILE G 81 55.47 -25.49 12.52
CA ILE G 81 54.96 -26.75 12.01
C ILE G 81 53.64 -26.50 11.30
N GLN G 82 53.41 -27.27 10.27
CA GLN G 82 52.10 -27.34 9.63
C GLN G 82 52.00 -28.68 8.94
N PRO G 83 50.81 -29.06 8.48
CA PRO G 83 50.70 -30.31 7.73
C PRO G 83 51.25 -30.17 6.33
N VAL G 84 51.41 -31.33 5.70
CA VAL G 84 51.88 -31.41 4.32
C VAL G 84 50.72 -31.03 3.43
N ALA G 85 50.78 -29.82 2.86
CA ALA G 85 49.72 -29.23 2.06
C ALA G 85 48.43 -29.03 2.83
N GLY G 86 48.47 -29.14 4.16
CA GLY G 86 47.29 -28.92 4.96
C GLY G 86 46.47 -30.19 5.04
N GLU G 87 46.33 -30.74 6.25
CA GLU G 87 45.24 -31.60 6.68
C GLU G 87 45.51 -32.00 8.12
N GLU G 88 44.46 -32.20 8.90
CA GLU G 88 44.63 -32.68 10.27
C GLU G 88 45.06 -34.15 10.31
N VAL G 89 44.85 -34.88 9.22
CA VAL G 89 44.94 -36.34 9.24
C VAL G 89 46.32 -36.77 8.81
N ILE G 90 46.75 -37.91 9.35
CA ILE G 90 48.00 -38.55 8.98
C ILE G 90 47.68 -39.73 8.08
N ALA G 91 48.63 -40.06 7.21
CA ALA G 91 48.61 -41.13 6.22
C ALA G 91 47.78 -40.76 5.00
N GLU G 92 47.08 -39.63 5.00
CA GLU G 92 46.51 -39.06 3.79
C GLU G 92 47.47 -38.14 3.07
N GLN G 93 48.46 -37.60 3.79
CA GLN G 93 49.40 -36.66 3.22
C GLN G 93 50.16 -37.29 2.07
N ASP G 94 50.71 -36.41 1.22
CA ASP G 94 51.64 -36.88 0.20
C ASP G 94 52.83 -37.57 0.83
N TYR G 95 53.22 -37.14 2.03
CA TYR G 95 54.25 -37.81 2.81
C TYR G 95 54.04 -37.44 4.27
N PRO G 96 54.63 -38.21 5.19
CA PRO G 96 54.46 -37.87 6.61
C PRO G 96 55.12 -36.55 6.95
N VAL G 97 54.37 -35.71 7.68
CA VAL G 97 54.93 -34.46 8.18
C VAL G 97 56.11 -34.74 9.09
N ALA G 98 56.07 -35.84 9.82
CA ALA G 98 57.06 -36.12 10.85
C ALA G 98 57.26 -37.61 10.96
N VAL G 99 58.47 -37.98 11.36
CA VAL G 99 58.86 -39.35 11.58
C VAL G 99 59.58 -39.41 12.92
N ALA G 100 59.41 -40.53 13.61
CA ALA G 100 60.07 -40.74 14.89
C ALA G 100 60.62 -42.16 14.93
N TYR G 101 61.73 -42.31 15.66
CA TYR G 101 62.42 -43.58 15.75
C TYR G 101 63.00 -43.72 17.14
N ASN G 102 62.84 -44.90 17.73
CA ASN G 102 63.35 -45.19 19.05
C ASN G 102 64.65 -45.97 18.93
N VAL G 103 65.69 -45.49 19.60
CA VAL G 103 67.00 -46.12 19.51
C VAL G 103 66.95 -47.51 20.12
N THR G 104 66.44 -47.60 21.35
CA THR G 104 66.34 -48.89 22.03
C THR G 104 65.50 -49.87 21.23
N GLN G 105 64.23 -49.56 21.06
CA GLN G 105 63.34 -50.36 20.23
C GLN G 105 63.56 -49.94 18.79
N GLY G 106 64.37 -50.70 18.06
CA GLY G 106 64.73 -50.30 16.72
C GLY G 106 63.57 -50.47 15.76
N VAL G 107 62.55 -49.63 15.93
CA VAL G 107 61.31 -49.74 15.18
C VAL G 107 60.84 -48.34 14.81
N GLU G 108 59.98 -48.28 13.81
CA GLU G 108 59.32 -47.02 13.50
C GLU G 108 58.37 -46.65 14.64
N VAL G 109 57.87 -45.44 14.58
CA VAL G 109 56.87 -44.95 15.52
C VAL G 109 55.84 -44.18 14.72
N ASP G 110 54.59 -44.58 14.84
CA ASP G 110 53.54 -43.93 14.09
C ASP G 110 53.26 -42.55 14.67
N VAL G 111 52.37 -41.83 14.02
CA VAL G 111 51.93 -40.51 14.46
C VAL G 111 50.42 -40.46 14.35
N VAL G 112 49.78 -39.87 15.36
CA VAL G 112 48.33 -39.78 15.40
C VAL G 112 47.92 -38.47 14.74
N ASP G 113 48.34 -37.36 15.32
CA ASP G 113 47.90 -36.05 14.86
C ASP G 113 48.82 -35.00 15.49
N ALA G 114 48.43 -33.75 15.40
CA ALA G 114 49.11 -32.68 16.11
C ALA G 114 48.24 -31.44 16.09
N ASP G 115 48.65 -30.45 16.88
CA ASP G 115 47.92 -29.19 16.91
C ASP G 115 48.18 -28.39 15.64
N TYR G 116 49.41 -28.44 15.14
CA TYR G 116 49.83 -27.73 13.94
C TYR G 116 49.68 -26.22 14.06
N ALA G 117 49.53 -25.71 15.27
CA ALA G 117 49.40 -24.29 15.54
C ALA G 117 50.59 -23.78 16.33
N ALA G 118 50.86 -24.40 17.47
CA ALA G 118 52.09 -24.22 18.20
C ALA G 118 53.05 -25.35 17.80
N ASP G 119 54.27 -25.26 18.31
CA ASP G 119 55.31 -26.22 17.99
C ASP G 119 55.05 -27.50 18.77
N THR G 120 54.11 -28.31 18.25
CA THR G 120 53.58 -29.47 18.97
C THR G 120 53.47 -30.65 18.03
N VAL G 121 53.59 -31.86 18.60
CA VAL G 121 53.22 -33.07 17.85
C VAL G 121 52.91 -34.17 18.84
N THR G 122 51.97 -35.04 18.46
CA THR G 122 51.57 -36.20 19.23
C THR G 122 52.40 -37.41 18.83
N LEU G 123 52.59 -38.32 19.78
CA LEU G 123 53.11 -39.66 19.51
C LEU G 123 52.07 -40.69 19.88
N GLY G 124 51.92 -41.70 19.02
CA GLY G 124 50.96 -42.76 19.28
C GLY G 124 51.45 -43.76 20.30
N THR G 125 52.76 -43.95 20.40
CA THR G 125 53.33 -44.94 21.31
C THR G 125 53.54 -44.30 22.68
N ASN G 126 54.04 -45.11 23.61
CA ASN G 126 54.30 -44.72 25.00
C ASN G 126 55.77 -44.97 25.30
N PRO G 127 56.66 -44.02 25.03
CA PRO G 127 58.08 -44.25 25.29
C PRO G 127 58.36 -44.52 26.76
N ALA G 128 59.35 -45.37 26.99
CA ALA G 128 59.77 -45.74 28.32
C ALA G 128 60.77 -44.73 28.87
N ASP G 129 61.00 -44.80 30.17
CA ASP G 129 61.96 -43.92 30.81
C ASP G 129 63.37 -44.33 30.43
N GLY G 130 64.21 -43.32 30.14
CA GLY G 130 65.58 -43.56 29.75
C GLY G 130 65.79 -43.89 28.30
N ASP G 131 64.73 -44.21 27.56
CA ASP G 131 64.89 -44.57 26.16
C ASP G 131 65.22 -43.34 25.33
N GLU G 132 66.14 -43.52 24.39
CA GLU G 132 66.55 -42.45 23.49
C GLU G 132 65.68 -42.46 22.25
N VAL G 133 65.41 -41.26 21.75
CA VAL G 133 64.45 -41.04 20.67
C VAL G 133 65.06 -40.06 19.69
N LYS G 134 64.64 -40.16 18.44
CA LYS G 134 64.94 -39.16 17.44
C LYS G 134 63.69 -38.88 16.64
N VAL G 135 63.60 -37.68 16.11
CA VAL G 135 62.43 -37.23 15.38
C VAL G 135 62.90 -36.30 14.27
N TRP G 136 62.24 -36.38 13.13
CA TRP G 136 62.61 -35.63 11.92
C TRP G 136 61.40 -34.89 11.40
N PRO G 137 60.95 -33.88 12.13
CA PRO G 137 59.73 -33.18 11.75
C PRO G 137 59.94 -32.33 10.51
N ILE G 138 58.81 -31.84 10.01
CA ILE G 138 58.84 -30.89 8.94
C ILE G 138 59.59 -29.63 9.37
N MET G 139 60.07 -28.90 8.38
CA MET G 139 60.76 -27.63 8.56
C MET G 139 59.91 -26.51 7.98
N SER G 140 60.14 -25.31 8.51
CA SER G 140 59.33 -24.15 8.18
C SER G 140 60.17 -22.89 8.38
N ASP G 141 59.60 -21.76 7.96
CA ASP G 141 60.19 -20.45 8.21
C ASP G 141 61.59 -20.34 7.62
N GLY G 142 61.64 -20.41 6.28
CA GLY G 142 62.90 -20.33 5.59
C GLY G 142 62.75 -19.72 4.22
N ASP G 143 63.89 -19.52 3.58
CA ASP G 143 63.97 -19.01 2.22
C ASP G 143 65.00 -19.81 1.45
N VAL G 144 64.75 -19.97 0.16
CA VAL G 144 65.63 -20.73 -0.72
C VAL G 144 65.95 -19.88 -1.94
N GLN G 145 67.12 -20.10 -2.52
CA GLN G 145 67.52 -19.29 -3.66
C GLN G 145 68.69 -19.96 -4.38
N PHE G 146 69.05 -19.37 -5.52
CA PHE G 146 70.06 -19.89 -6.43
C PHE G 146 71.16 -18.87 -6.66
N ARG G 147 72.37 -19.36 -6.95
CA ARG G 147 73.39 -18.46 -7.48
C ARG G 147 74.48 -19.24 -8.20
N LEU G 148 75.19 -18.54 -9.07
CA LEU G 148 76.20 -19.15 -9.92
C LEU G 148 77.60 -18.74 -9.52
N ILE G 149 78.54 -19.65 -9.76
CA ILE G 149 79.93 -19.50 -9.38
C ILE G 149 80.79 -19.89 -10.57
N ASN G 150 81.77 -19.05 -10.89
CA ASN G 150 82.64 -19.24 -12.05
C ASN G 150 83.97 -19.87 -11.64
N GLN G 151 83.87 -21.09 -11.13
CA GLN G 151 85.00 -21.98 -10.88
C GLN G 151 85.86 -21.58 -9.69
N PHE G 152 85.60 -20.42 -9.09
CA PHE G 152 86.53 -19.80 -8.13
C PHE G 152 85.94 -19.44 -6.78
N GLY G 153 84.67 -19.75 -6.53
CA GLY G 153 84.02 -19.19 -5.35
C GLY G 153 83.75 -17.73 -5.51
N GLN G 154 83.48 -17.29 -6.74
CA GLN G 154 83.47 -15.90 -7.14
C GLN G 154 82.20 -15.64 -7.92
N GLU G 155 81.20 -15.05 -7.25
CA GLU G 155 79.89 -14.90 -7.83
C GLU G 155 79.93 -13.91 -8.99
N GLU G 156 79.07 -14.15 -9.98
CA GLU G 156 78.86 -13.21 -11.08
C GLU G 156 77.43 -12.72 -11.17
N GLY G 157 76.47 -13.48 -10.68
CA GLY G 157 75.10 -13.05 -10.78
C GLY G 157 74.20 -13.91 -9.94
N ARG G 158 72.91 -13.67 -10.10
CA ARG G 158 71.88 -14.32 -9.30
C ARG G 158 70.71 -14.64 -10.21
N VAL G 159 70.20 -15.87 -10.09
CA VAL G 159 69.20 -16.36 -11.02
C VAL G 159 67.96 -15.49 -10.97
N TYR G 160 67.47 -15.26 -9.76
CA TYR G 160 66.24 -14.59 -9.55
C TYR G 160 66.40 -13.80 -8.25
N PRO G 161 66.11 -12.49 -8.25
CA PRO G 161 66.39 -11.69 -7.05
C PRO G 161 65.66 -12.14 -5.79
N TRP G 162 64.36 -12.38 -5.89
CA TRP G 162 63.50 -12.52 -4.72
C TRP G 162 63.43 -13.97 -4.29
N SER G 163 63.63 -14.21 -3.00
CA SER G 163 63.58 -15.57 -2.52
C SER G 163 62.15 -16.06 -2.40
N THR G 164 61.98 -17.37 -2.57
CA THR G 164 60.74 -18.06 -2.35
C THR G 164 60.78 -18.76 -1.00
N PRO G 165 59.72 -18.74 -0.20
CA PRO G 165 59.80 -19.40 1.11
C PRO G 165 59.52 -20.89 1.04
N LEU G 166 60.37 -21.66 1.73
CA LEU G 166 60.18 -23.10 1.84
C LEU G 166 58.86 -23.44 2.49
N TYR G 167 58.39 -22.56 3.34
CA TYR G 167 57.09 -22.69 3.93
C TYR G 167 56.02 -22.91 2.86
N ARG G 168 55.91 -21.94 1.95
CA ARG G 168 55.04 -22.05 0.79
C ARG G 168 55.36 -23.28 -0.05
N TRP G 169 56.65 -23.59 -0.15
CA TRP G 169 57.09 -24.76 -0.90
C TRP G 169 56.43 -26.03 -0.40
N HIS G 170 56.36 -26.19 0.92
CA HIS G 170 55.65 -27.33 1.49
C HIS G 170 54.15 -27.17 1.30
N ASP G 171 53.65 -25.94 1.32
CA ASP G 171 52.21 -25.74 1.28
C ASP G 171 51.59 -26.23 -0.02
N PHE G 172 52.21 -25.93 -1.15
CA PHE G 172 51.59 -26.37 -2.39
C PHE G 172 51.70 -27.90 -2.50
N PRO G 173 50.65 -28.59 -2.95
CA PRO G 173 50.83 -29.99 -3.30
C PRO G 173 51.77 -30.12 -4.48
N GLN G 174 52.81 -30.89 -4.28
CA GLN G 174 53.86 -31.00 -5.27
C GLN G 174 53.40 -31.90 -6.40
N LEU G 175 54.29 -32.12 -7.36
CA LEU G 175 54.19 -33.19 -8.35
C LEU G 175 52.83 -33.28 -9.04
N LYS G 176 52.16 -32.14 -9.25
CA LYS G 176 50.94 -32.04 -10.03
C LYS G 176 51.16 -31.00 -11.13
N ARG G 177 51.06 -31.41 -12.39
CA ARG G 177 51.19 -30.45 -13.45
C ARG G 177 50.01 -29.49 -13.41
N GLY G 178 50.28 -28.23 -13.67
CA GLY G 178 49.32 -27.15 -13.48
C GLY G 178 49.47 -26.56 -12.09
N ARG G 179 49.59 -27.42 -11.09
CA ARG G 179 49.91 -27.02 -9.73
C ARG G 179 51.39 -27.23 -9.40
N GLU G 180 52.17 -27.76 -10.34
CA GLU G 180 53.60 -27.95 -10.11
C GLU G 180 54.26 -26.61 -9.88
N ILE G 181 55.32 -26.63 -9.10
CA ILE G 181 56.08 -25.42 -8.84
C ILE G 181 57.05 -25.19 -10.00
N ASN G 182 57.21 -23.93 -10.34
CA ASN G 182 58.14 -23.53 -11.39
C ASN G 182 58.65 -22.15 -11.02
N LEU G 183 59.89 -22.07 -10.53
CA LEU G 183 60.48 -20.78 -10.21
C LEU G 183 60.70 -19.97 -11.48
N HIS G 184 61.27 -18.79 -11.32
CA HIS G 184 61.62 -17.89 -12.41
C HIS G 184 63.13 -17.85 -12.58
N GLY G 185 63.53 -17.31 -13.71
CA GLY G 185 64.94 -17.14 -14.04
C GLY G 185 65.39 -18.11 -15.11
N SER G 186 66.37 -17.68 -15.90
CA SER G 186 66.88 -18.45 -17.02
C SER G 186 68.40 -18.41 -16.98
N ALA G 187 68.98 -19.45 -16.39
CA ALA G 187 70.42 -19.56 -16.18
C ALA G 187 71.02 -20.58 -17.15
N SER G 188 72.34 -20.50 -17.28
CA SER G 188 73.08 -21.45 -18.09
C SER G 188 74.55 -21.35 -17.74
N TRP G 189 75.23 -22.49 -17.74
CA TRP G 189 76.65 -22.49 -17.43
C TRP G 189 77.33 -23.65 -18.17
N SER G 190 78.62 -23.80 -17.92
CA SER G 190 79.49 -24.65 -18.70
C SER G 190 80.44 -25.35 -17.73
N GLU G 191 81.51 -25.93 -18.29
CA GLU G 191 82.35 -26.87 -17.57
C GLU G 191 82.95 -26.27 -16.30
N ASN G 192 82.85 -27.04 -15.21
CA ASN G 192 83.41 -26.74 -13.90
C ASN G 192 82.80 -25.52 -13.23
N GLU G 193 81.78 -24.93 -13.81
CA GLU G 193 81.04 -23.85 -13.20
C GLU G 193 79.91 -24.42 -12.37
N THR G 194 79.59 -23.75 -11.27
CA THR G 194 78.76 -24.32 -10.23
C THR G 194 77.48 -23.53 -10.06
N LEU G 195 76.39 -24.27 -9.79
CA LEU G 195 75.15 -23.70 -9.28
C LEU G 195 75.03 -24.08 -7.82
N GLU G 196 74.84 -23.08 -6.97
CA GLU G 196 74.68 -23.26 -5.55
C GLU G 196 73.22 -23.02 -5.19
N ILE G 197 72.66 -23.94 -4.42
CA ILE G 197 71.31 -23.83 -3.88
C ILE G 197 71.46 -23.50 -2.40
N LEU G 198 70.91 -22.35 -2.04
CA LEU G 198 71.19 -21.67 -0.79
C LEU G 198 69.94 -21.58 0.06
N LEU G 199 70.19 -21.53 1.36
CA LEU G 199 69.18 -21.62 2.39
C LEU G 199 69.38 -20.48 3.36
N ASP G 200 68.27 -19.89 3.81
CA ASP G 200 68.27 -18.90 4.88
C ASP G 200 67.13 -19.26 5.82
N ALA G 201 67.46 -19.88 6.95
CA ALA G 201 66.46 -20.28 7.92
C ALA G 201 67.16 -20.63 9.22
N PRO G 202 66.45 -20.59 10.34
CA PRO G 202 67.09 -20.87 11.63
C PRO G 202 67.38 -22.33 11.88
N GLN G 203 66.41 -23.19 11.62
CA GLN G 203 66.47 -24.55 12.12
C GLN G 203 67.46 -25.39 11.34
N ALA G 204 68.12 -26.29 12.05
CA ALA G 204 69.21 -27.08 11.50
C ALA G 204 68.63 -28.25 10.72
N LEU G 205 68.72 -28.19 9.41
CA LEU G 205 68.29 -29.28 8.56
C LEU G 205 69.34 -30.38 8.53
N THR G 206 69.03 -31.46 7.82
CA THR G 206 69.85 -32.65 7.78
C THR G 206 69.87 -33.19 6.36
N TRP G 207 70.84 -34.07 6.12
CA TRP G 207 70.94 -34.79 4.86
C TRP G 207 71.10 -36.28 5.10
N GLU G 208 71.76 -36.65 6.19
CA GLU G 208 72.10 -38.03 6.49
C GLU G 208 72.03 -38.25 8.00
N ASP G 209 71.46 -39.38 8.39
CA ASP G 209 71.40 -39.77 9.79
C ASP G 209 71.76 -41.23 10.05
N SER G 210 71.69 -42.10 9.05
CA SER G 210 72.06 -43.51 9.15
C SER G 210 71.15 -44.32 10.08
N ASP G 211 70.07 -43.73 10.58
CA ASP G 211 69.11 -44.45 11.40
C ASP G 211 67.69 -44.01 11.09
N TYR G 212 67.46 -43.57 9.85
CA TYR G 212 66.16 -43.08 9.41
C TYR G 212 65.48 -44.17 8.60
N PRO G 213 64.27 -44.61 8.94
CA PRO G 213 63.69 -45.78 8.24
C PRO G 213 63.35 -45.51 6.79
N ARG G 214 62.59 -44.44 6.53
CA ARG G 214 62.03 -44.19 5.20
C ARG G 214 63.14 -43.69 4.27
N GLY G 215 64.04 -44.60 3.94
CA GLY G 215 65.16 -44.30 3.07
C GLY G 215 66.39 -43.89 3.85
N GLN G 216 67.52 -43.91 3.15
CA GLN G 216 68.79 -43.53 3.78
C GLN G 216 68.90 -42.02 3.89
N TYR G 217 68.86 -41.33 2.75
CA TYR G 217 68.96 -39.88 2.75
C TYR G 217 67.61 -39.29 3.14
N VAL G 218 67.61 -38.51 4.23
CA VAL G 218 66.37 -38.02 4.82
C VAL G 218 65.70 -37.04 3.86
N THR G 219 66.35 -35.92 3.62
CA THR G 219 65.83 -34.89 2.77
C THR G 219 66.06 -35.26 1.31
N THR G 220 65.60 -34.42 0.41
CA THR G 220 65.89 -34.66 -0.99
C THR G 220 65.61 -33.41 -1.82
N LEU G 221 66.30 -33.35 -2.95
CA LEU G 221 66.04 -32.40 -4.01
C LEU G 221 65.95 -33.17 -5.32
N GLU G 222 65.02 -32.77 -6.16
CA GLU G 222 64.88 -33.37 -7.48
C GLU G 222 64.44 -32.27 -8.44
N GLN G 223 65.37 -31.82 -9.29
CA GLN G 223 65.14 -30.68 -10.18
C GLN G 223 65.24 -31.10 -11.63
N ASP G 224 64.39 -30.50 -12.48
CA ASP G 224 64.50 -30.72 -13.92
C ASP G 224 65.49 -29.75 -14.52
N VAL G 225 66.26 -30.23 -15.48
CA VAL G 225 67.21 -29.41 -16.21
C VAL G 225 67.24 -29.85 -17.67
N GLU G 226 67.83 -28.99 -18.48
CA GLU G 226 68.11 -29.24 -19.88
C GLU G 226 69.61 -29.27 -20.07
N ILE G 227 70.08 -30.24 -20.84
CA ILE G 227 71.51 -30.48 -21.03
C ILE G 227 71.78 -30.59 -22.51
N THR G 228 72.96 -30.09 -22.91
CA THR G 228 73.47 -30.26 -24.28
C THR G 228 74.46 -31.41 -24.26
N LEU G 229 73.92 -32.62 -24.24
CA LEU G 229 74.71 -33.85 -24.31
C LEU G 229 75.75 -33.93 -23.20
N PRO H 1 79.47 -18.79 -16.26
CA PRO H 1 78.04 -18.67 -15.92
C PRO H 1 77.30 -17.75 -16.85
N GLU H 2 75.99 -17.95 -16.95
CA GLU H 2 75.14 -17.14 -17.80
C GLU H 2 73.76 -17.12 -17.18
N ILE H 3 73.18 -15.93 -17.10
CA ILE H 3 71.81 -15.74 -16.64
C ILE H 3 71.08 -14.92 -17.69
N GLY H 4 69.81 -15.23 -17.89
CA GLY H 4 69.02 -14.53 -18.87
C GLY H 4 68.47 -13.24 -18.29
N ASN H 5 68.44 -12.22 -19.13
CA ASN H 5 67.91 -10.94 -18.69
C ASN H 5 66.39 -11.05 -18.58
N ASN H 6 65.92 -11.52 -17.44
CA ASN H 6 64.49 -11.65 -17.21
C ASN H 6 63.82 -10.28 -17.34
N GLY H 7 62.57 -10.31 -17.79
CA GLY H 7 61.84 -9.08 -17.96
C GLY H 7 61.66 -8.34 -16.64
N ALA H 8 61.52 -7.03 -16.74
CA ALA H 8 61.36 -6.20 -15.55
C ALA H 8 60.07 -6.53 -14.82
N GLU H 9 59.02 -6.89 -15.55
CA GLU H 9 57.73 -7.21 -14.95
C GLU H 9 57.83 -8.59 -14.32
N LYS H 10 58.33 -8.61 -13.08
CA LYS H 10 58.57 -9.87 -12.39
C LYS H 10 57.30 -10.35 -11.70
N GLN H 11 57.17 -11.68 -11.64
CA GLN H 11 55.96 -12.34 -11.16
C GLN H 11 56.21 -12.86 -9.75
N ILE H 12 55.46 -12.34 -8.79
CA ILE H 12 55.77 -12.45 -7.39
C ILE H 12 54.49 -12.72 -6.61
N SER H 13 54.66 -12.89 -5.30
CA SER H 13 53.54 -13.09 -4.41
C SER H 13 53.89 -12.55 -3.05
N LEU H 14 52.85 -12.28 -2.28
CA LEU H 14 52.97 -11.62 -1.00
C LEU H 14 52.63 -12.59 0.13
N HIS H 15 53.27 -12.40 1.26
CA HIS H 15 53.03 -13.23 2.42
C HIS H 15 53.52 -12.48 3.65
N LYS H 16 53.46 -13.16 4.79
CA LYS H 16 53.72 -12.49 6.06
C LYS H 16 55.19 -12.09 6.18
N GLY H 17 56.09 -13.03 5.92
CA GLY H 17 57.51 -12.78 6.16
C GLY H 17 58.14 -11.89 5.12
N GLN H 18 57.75 -10.63 5.11
CA GLN H 18 58.32 -9.63 4.22
C GLN H 18 58.43 -8.31 4.98
N PRO H 19 59.27 -7.38 4.51
CA PRO H 19 59.48 -6.14 5.26
C PRO H 19 58.36 -5.12 5.08
N PHE H 20 57.78 -5.06 3.89
CA PHE H 20 56.79 -4.04 3.57
C PHE H 20 55.37 -4.48 3.91
N ILE H 21 55.24 -5.40 4.86
CA ILE H 21 53.96 -5.91 5.31
C ILE H 21 54.01 -6.00 6.83
N ASP H 22 52.85 -5.95 7.46
CA ASP H 22 52.76 -6.04 8.91
C ASP H 22 51.38 -6.56 9.27
N THR H 23 51.26 -7.05 10.50
CA THR H 23 49.98 -7.47 11.04
C THR H 23 49.91 -7.14 12.51
N GLN H 24 48.70 -7.25 13.07
CA GLN H 24 48.49 -7.03 14.48
C GLN H 24 47.21 -7.74 14.89
N ASP H 25 47.20 -8.24 16.13
CA ASP H 25 46.08 -9.00 16.63
C ASP H 25 44.78 -8.19 16.58
N VAL H 26 43.66 -8.91 16.63
CA VAL H 26 42.34 -8.31 16.56
C VAL H 26 41.45 -9.05 17.55
N GLY H 27 40.51 -8.31 18.14
CA GLY H 27 39.60 -8.85 19.10
C GLY H 27 38.28 -9.26 18.48
N ALA H 28 37.25 -8.46 18.71
CA ALA H 28 35.91 -8.76 18.20
C ALA H 28 35.18 -7.47 17.95
N ALA H 29 34.47 -7.41 16.82
CA ALA H 29 33.72 -6.23 16.43
C ALA H 29 34.63 -5.01 16.33
N ASP H 30 35.66 -5.15 15.48
CA ASP H 30 36.72 -4.16 15.35
C ASP H 30 37.00 -3.96 13.87
N PRO H 31 36.08 -3.35 13.14
CA PRO H 31 36.29 -3.17 11.70
C PRO H 31 37.39 -2.21 11.36
N ASN H 32 37.51 -1.11 12.10
CA ASN H 32 38.43 -0.06 11.75
C ASN H 32 39.88 -0.53 11.86
N THR H 33 40.17 -1.39 12.81
CA THR H 33 41.52 -1.90 12.99
C THR H 33 41.90 -2.77 11.79
N PRO H 34 42.97 -2.49 11.06
CA PRO H 34 43.44 -3.44 10.05
C PRO H 34 44.21 -4.58 10.70
N ALA H 35 43.79 -5.80 10.40
CA ALA H 35 44.54 -6.96 10.86
C ALA H 35 45.88 -7.04 10.15
N VAL H 36 45.93 -6.61 8.90
CA VAL H 36 47.13 -6.67 8.08
C VAL H 36 47.25 -5.37 7.32
N THR H 37 48.48 -4.87 7.22
CA THR H 37 48.82 -3.67 6.49
C THR H 37 49.88 -4.03 5.47
N ILE H 38 49.76 -3.42 4.29
CA ILE H 38 50.73 -3.55 3.22
C ILE H 38 51.12 -2.15 2.80
N GLU H 39 52.38 -1.99 2.38
CA GLU H 39 52.83 -0.72 1.86
C GLU H 39 53.74 -0.93 0.67
N GLY H 40 53.72 0.03 -0.24
CA GLY H 40 54.58 0.01 -1.39
C GLY H 40 56.02 0.31 -1.00
N PRO H 41 56.97 -0.56 -1.35
CA PRO H 41 58.37 -0.20 -1.15
C PRO H 41 58.77 0.97 -2.01
N SER H 42 59.99 1.43 -1.78
CA SER H 42 60.49 2.62 -2.44
C SER H 42 60.95 2.32 -3.86
N ASP H 43 60.53 3.16 -4.80
CA ASP H 43 60.95 3.10 -6.19
C ASP H 43 60.54 1.80 -6.86
N TYR H 44 59.53 1.12 -6.32
CA TYR H 44 58.91 -0.03 -6.94
C TYR H 44 57.45 0.26 -7.20
N VAL H 45 56.88 -0.52 -8.11
CA VAL H 45 55.48 -0.45 -8.46
C VAL H 45 54.95 -1.87 -8.49
N ILE H 46 53.86 -2.08 -7.77
CA ILE H 46 53.19 -3.37 -7.70
C ILE H 46 51.91 -3.26 -8.50
N ALA H 47 51.52 -4.36 -9.13
CA ALA H 47 50.31 -4.46 -9.91
C ALA H 47 49.62 -5.76 -9.55
N ILE H 48 48.32 -5.66 -9.27
CA ILE H 48 47.49 -6.80 -8.94
C ILE H 48 46.36 -6.82 -9.95
N ASP H 49 46.31 -7.87 -10.76
CA ASP H 49 45.29 -7.97 -11.79
C ASP H 49 43.96 -8.39 -11.17
N ALA H 50 42.92 -8.36 -12.01
CA ALA H 50 41.58 -8.62 -11.52
C ALA H 50 41.38 -10.09 -11.19
N GLY H 51 41.99 -10.97 -11.97
CA GLY H 51 41.87 -12.40 -11.74
C GLY H 51 42.95 -12.92 -10.82
N THR H 52 43.31 -12.13 -9.83
CA THR H 52 44.38 -12.53 -8.93
C THR H 52 43.81 -13.39 -7.82
N PRO H 53 44.42 -14.53 -7.49
CA PRO H 53 43.94 -15.29 -6.34
C PRO H 53 44.16 -14.57 -5.03
N VAL H 54 43.38 -15.01 -4.05
CA VAL H 54 43.36 -14.42 -2.71
C VAL H 54 43.28 -15.58 -1.74
N ALA H 55 43.88 -15.40 -0.58
CA ALA H 55 43.97 -16.53 0.33
C ALA H 55 44.31 -16.11 1.75
N PRO H 56 43.33 -15.65 2.52
CA PRO H 56 43.53 -15.51 3.96
C PRO H 56 43.29 -16.82 4.68
N GLU H 57 44.10 -17.05 5.71
CA GLU H 57 44.08 -18.28 6.47
C GLU H 57 44.18 -17.94 7.95
N PHE H 58 43.31 -17.03 8.39
CA PHE H 58 43.31 -16.61 9.78
C PHE H 58 43.00 -17.78 10.70
N ARG H 59 43.32 -17.58 11.98
CA ARG H 59 43.17 -18.62 12.98
C ARG H 59 42.78 -17.99 14.31
N ASP H 60 42.39 -18.85 15.23
CA ASP H 60 42.17 -18.51 16.62
C ASP H 60 43.44 -18.83 17.42
N ALA H 61 43.53 -18.21 18.59
CA ALA H 61 44.71 -18.39 19.43
C ALA H 61 44.89 -19.85 19.84
N ASN H 62 43.78 -20.55 20.07
CA ASN H 62 43.85 -21.96 20.43
C ASN H 62 44.13 -22.86 19.24
N GLY H 63 44.25 -22.30 18.03
CA GLY H 63 44.41 -23.10 16.83
C GLY H 63 43.09 -23.64 16.35
N ASP H 64 42.19 -22.74 15.97
CA ASP H 64 40.92 -23.10 15.38
C ASP H 64 40.58 -22.08 14.31
N LYS H 65 39.68 -22.47 13.41
CA LYS H 65 39.08 -21.52 12.50
C LYS H 65 37.99 -20.75 13.21
N LEU H 66 37.73 -19.54 12.73
CA LEU H 66 36.76 -18.66 13.35
C LEU H 66 35.38 -18.84 12.74
N ASP H 67 34.42 -18.10 13.26
CA ASP H 67 33.05 -18.11 12.80
C ASP H 67 32.99 -17.77 11.31
N PRO H 68 32.49 -18.66 10.45
CA PRO H 68 32.48 -18.34 9.00
C PRO H 68 31.58 -17.17 8.64
N SER H 69 30.71 -16.73 9.54
CA SER H 69 29.97 -15.50 9.32
C SER H 69 30.88 -14.28 9.37
N THR H 70 32.09 -14.43 9.90
CA THR H 70 33.08 -13.39 9.85
C THR H 70 33.30 -12.92 8.42
N ARG H 71 33.65 -11.64 8.28
CA ARG H 71 33.85 -11.02 6.99
C ARG H 71 35.29 -10.53 6.87
N VAL H 72 35.83 -10.63 5.67
CA VAL H 72 37.14 -10.11 5.30
C VAL H 72 36.93 -9.14 4.16
N THR H 73 37.67 -8.05 4.19
CA THR H 73 37.61 -7.04 3.13
C THR H 73 39.02 -6.54 2.85
N ILE H 74 39.52 -6.82 1.67
CA ILE H 74 40.71 -6.13 1.19
C ILE H 74 40.25 -4.76 0.73
N GLN H 75 41.11 -3.74 0.90
CA GLN H 75 40.72 -2.40 0.52
C GLN H 75 41.95 -1.53 0.29
N LYS H 76 41.95 -0.81 -0.82
CA LYS H 76 43.00 0.16 -1.08
C LYS H 76 42.78 1.38 -0.21
N CYS H 77 43.85 2.10 0.08
CA CYS H 77 43.80 3.29 0.90
C CYS H 77 44.66 4.36 0.28
N ASP H 78 44.18 5.60 0.36
CA ASP H 78 45.06 6.72 0.14
C ASP H 78 46.11 6.75 1.25
N LYS H 79 47.13 7.56 1.05
CA LYS H 79 48.16 7.78 2.07
C LYS H 79 47.53 8.22 3.38
N GLN H 80 48.31 8.14 4.45
CA GLN H 80 47.84 8.45 5.80
C GLN H 80 46.77 7.48 6.25
N GLY H 81 46.89 6.22 5.82
CA GLY H 81 46.01 5.16 6.28
C GLY H 81 44.56 5.41 6.00
N ASN H 82 44.26 6.16 4.94
CA ASN H 82 42.92 6.64 4.70
C ASN H 82 42.22 5.76 3.68
N PRO H 83 41.09 5.11 4.01
CA PRO H 83 40.46 4.22 3.03
C PRO H 83 39.81 4.95 1.87
N LEU H 84 39.28 4.17 0.93
CA LEU H 84 38.60 4.70 -0.23
C LEU H 84 37.52 3.72 -0.65
N GLY H 85 36.48 4.25 -1.29
CA GLY H 85 35.36 3.43 -1.71
C GLY H 85 35.67 2.75 -3.02
N ASP H 86 36.13 3.52 -3.98
CA ASP H 86 36.59 2.96 -5.24
C ASP H 86 37.91 2.22 -5.00
N GLY H 87 38.20 1.27 -5.90
CA GLY H 87 39.43 0.51 -5.85
C GLY H 87 39.41 -0.67 -4.91
N ILE H 88 38.46 -0.70 -3.96
CA ILE H 88 38.32 -1.85 -3.09
C ILE H 88 38.11 -3.13 -3.90
N VAL H 89 38.55 -4.25 -3.34
CA VAL H 89 38.35 -5.56 -3.95
C VAL H 89 38.21 -6.59 -2.85
N PHE H 90 37.60 -7.72 -3.17
CA PHE H 90 37.53 -8.87 -2.29
C PHE H 90 36.87 -8.51 -0.95
N SER H 91 35.57 -8.27 -1.05
CA SER H 91 34.69 -8.20 0.12
C SER H 91 34.01 -9.55 0.21
N ASP H 92 34.62 -10.45 0.97
CA ASP H 92 34.21 -11.85 1.03
C ASP H 92 34.00 -12.23 2.49
N THR H 93 33.42 -13.39 2.70
CA THR H 93 33.23 -13.94 4.02
C THR H 93 34.39 -14.86 4.38
N LEU H 94 34.57 -15.06 5.68
CA LEU H 94 35.67 -15.89 6.14
C LEU H 94 35.39 -17.37 5.93
N GLY H 95 34.13 -17.75 5.81
CA GLY H 95 33.79 -19.12 5.51
C GLY H 95 34.03 -19.41 4.05
N ARG H 96 33.53 -20.57 3.63
CA ARG H 96 33.47 -20.98 2.23
C ARG H 96 34.80 -20.82 1.50
N PHE H 97 35.88 -21.26 2.14
CA PHE H 97 37.17 -21.43 1.49
C PHE H 97 37.61 -22.89 1.40
N GLU H 98 37.43 -23.65 2.48
CA GLU H 98 38.03 -24.97 2.62
C GLU H 98 39.54 -24.88 2.46
N TYR H 99 40.13 -24.26 3.50
CA TYR H 99 41.55 -23.97 3.58
C TYR H 99 42.45 -25.16 3.25
N SER H 100 41.95 -26.39 3.40
CA SER H 100 42.73 -27.57 3.06
C SER H 100 43.20 -27.52 1.60
N LYS H 101 42.28 -27.31 0.67
CA LYS H 101 42.55 -27.37 -0.76
C LYS H 101 42.50 -25.99 -1.41
N MET H 102 42.47 -24.94 -0.61
CA MET H 102 42.16 -23.60 -1.10
C MET H 102 43.12 -23.12 -2.18
N ARG H 103 44.39 -23.00 -1.83
CA ARG H 103 45.39 -22.66 -2.84
C ARG H 103 45.63 -23.82 -3.79
N SER H 104 45.54 -25.04 -3.27
CA SER H 104 45.70 -26.24 -4.07
C SER H 104 44.77 -26.22 -5.27
N ASP H 105 43.49 -26.02 -5.03
CA ASP H 105 42.49 -26.24 -6.05
C ASP H 105 42.18 -24.96 -6.81
N PRO H 106 42.23 -24.96 -8.15
CA PRO H 106 41.74 -23.79 -8.87
C PRO H 106 40.28 -23.51 -8.61
N ASP H 107 39.50 -24.53 -8.26
CA ASP H 107 38.11 -24.29 -7.90
C ASP H 107 38.03 -23.48 -6.61
N TYR H 108 38.55 -24.02 -5.52
CA TYR H 108 38.56 -23.26 -4.28
C TYR H 108 39.31 -21.94 -4.37
N MET H 109 40.17 -21.78 -5.37
CA MET H 109 40.91 -20.55 -5.54
C MET H 109 39.96 -19.40 -5.80
N ARG H 110 39.77 -18.54 -4.81
CA ARG H 110 38.93 -17.37 -4.96
C ARG H 110 39.76 -16.21 -5.47
N LYS H 111 39.31 -15.62 -6.56
CA LYS H 111 40.00 -14.51 -7.18
C LYS H 111 39.40 -13.19 -6.75
N THR H 112 40.08 -12.11 -7.13
CA THR H 112 39.57 -10.78 -6.87
C THR H 112 38.45 -10.46 -7.86
N THR H 113 37.97 -9.22 -7.80
CA THR H 113 36.87 -8.76 -8.62
C THR H 113 37.32 -7.83 -9.73
N THR H 114 38.14 -6.84 -9.38
CA THR H 114 38.59 -5.82 -10.33
C THR H 114 40.09 -5.66 -10.21
N SER H 115 40.66 -4.92 -11.15
CA SER H 115 42.09 -4.70 -11.17
C SER H 115 42.51 -3.86 -9.98
N LEU H 116 43.81 -3.64 -9.86
CA LEU H 116 44.35 -2.86 -8.76
C LEU H 116 45.78 -2.50 -9.08
N MET H 117 46.24 -1.42 -8.45
CA MET H 117 47.58 -0.92 -8.64
C MET H 117 48.03 -0.28 -7.35
N ILE H 118 49.34 -0.31 -7.11
CA ILE H 118 49.94 0.27 -5.93
C ILE H 118 51.11 1.12 -6.38
N ASP H 119 50.93 2.44 -6.34
CA ASP H 119 52.03 3.36 -6.53
C ASP H 119 53.03 3.19 -5.38
N GLU H 120 54.21 3.78 -5.56
CA GLU H 120 55.37 3.50 -4.73
C GLU H 120 55.10 3.68 -3.24
N ARG H 121 54.38 4.74 -2.86
CA ARG H 121 53.99 4.98 -1.47
C ARG H 121 52.47 4.95 -1.42
N GLU H 122 51.90 3.77 -1.22
CA GLU H 122 50.47 3.63 -1.01
C GLU H 122 50.24 2.48 -0.06
N ILE H 123 48.98 2.30 0.33
CA ILE H 123 48.60 1.37 1.37
C ILE H 123 47.44 0.52 0.90
N VAL H 124 47.46 -0.73 1.33
CA VAL H 124 46.34 -1.65 1.17
C VAL H 124 46.14 -2.32 2.51
N LYS H 125 44.91 -2.30 3.01
CA LYS H 125 44.57 -2.85 4.30
C LYS H 125 43.61 -4.01 4.13
N ILE H 126 43.51 -4.80 5.19
CA ILE H 126 42.66 -5.99 5.23
C ILE H 126 41.85 -5.88 6.51
N PHE H 127 40.65 -5.34 6.40
CA PHE H 127 39.76 -5.22 7.55
C PHE H 127 39.01 -6.52 7.75
N VAL H 128 38.66 -6.78 9.00
CA VAL H 128 38.00 -8.00 9.42
C VAL H 128 36.85 -7.62 10.33
N GLU H 129 35.70 -8.24 10.13
CA GLU H 129 34.52 -8.02 10.94
C GLU H 129 34.13 -9.35 11.57
N VAL H 130 34.37 -9.47 12.86
CA VAL H 130 34.04 -10.66 13.64
C VAL H 130 32.76 -10.36 14.41
N PRO H 131 31.79 -11.29 14.49
CA PRO H 131 30.64 -11.04 15.35
C PRO H 131 31.03 -11.12 16.81
N PRO H 132 30.30 -10.45 17.70
CA PRO H 132 30.66 -10.47 19.12
C PRO H 132 30.48 -11.87 19.71
N ASN H 133 30.94 -11.98 20.96
CA ASN H 133 30.90 -13.24 21.70
C ASN H 133 31.61 -14.34 20.93
N ALA H 134 32.71 -13.99 20.29
CA ALA H 134 33.52 -14.91 19.51
C ALA H 134 34.97 -14.77 19.93
N ASN H 135 35.80 -15.67 19.42
CA ASN H 135 37.22 -15.65 19.72
C ASN H 135 37.95 -14.69 18.78
N GLY H 136 39.06 -14.16 19.28
CA GLY H 136 39.82 -13.18 18.53
C GLY H 136 40.84 -13.81 17.62
N MET H 137 41.41 -12.97 16.76
CA MET H 137 42.45 -13.40 15.83
C MET H 137 43.79 -13.44 16.55
N ASP H 138 44.63 -14.38 16.13
CA ASP H 138 45.98 -14.55 16.66
C ASP H 138 46.97 -14.41 15.52
N ALA H 139 47.86 -13.42 15.62
CA ALA H 139 48.76 -13.11 14.53
C ALA H 139 49.83 -14.17 14.34
N ASP H 140 50.17 -14.93 15.37
CA ASP H 140 51.20 -15.95 15.24
C ASP H 140 50.81 -17.02 14.23
N ASN H 141 49.52 -17.33 14.14
CA ASN H 141 49.02 -18.40 13.28
C ASN H 141 48.31 -17.89 12.04
N SER H 142 47.81 -16.67 12.06
CA SER H 142 47.17 -16.12 10.88
C SER H 142 48.17 -15.95 9.75
N ARG H 143 47.64 -15.75 8.54
CA ARG H 143 48.50 -15.47 7.39
C ARG H 143 47.64 -15.03 6.22
N ILE H 144 48.27 -14.29 5.33
CA ILE H 144 47.73 -13.90 4.04
C ILE H 144 48.66 -14.43 2.97
N THR H 145 48.06 -14.77 1.83
CA THR H 145 48.79 -14.97 0.60
C THR H 145 47.93 -14.47 -0.54
N ILE H 146 48.56 -13.82 -1.50
CA ILE H 146 47.87 -13.38 -2.70
C ILE H 146 48.80 -13.62 -3.88
N GLY H 147 48.21 -13.69 -5.07
CA GLY H 147 48.96 -14.04 -6.24
C GLY H 147 49.29 -15.53 -6.28
N ASP H 148 49.57 -16.01 -7.49
CA ASP H 148 49.90 -17.40 -7.73
C ASP H 148 51.09 -17.46 -8.67
N ASP H 149 52.28 -17.41 -8.08
CA ASP H 149 53.46 -17.89 -8.76
C ASP H 149 53.43 -19.41 -8.79
N THR H 150 54.34 -19.99 -9.56
CA THR H 150 54.70 -21.40 -9.42
C THR H 150 53.51 -22.31 -9.66
N SER H 151 52.68 -21.94 -10.62
CA SER H 151 51.55 -22.78 -10.99
C SER H 151 50.97 -22.27 -12.29
N ASP H 152 50.69 -23.17 -13.22
CA ASP H 152 50.07 -22.75 -14.46
C ASP H 152 48.66 -22.21 -14.24
N TYR H 153 48.03 -22.60 -13.12
CA TYR H 153 46.78 -22.00 -12.72
C TYR H 153 47.04 -20.69 -11.97
N GLY H 154 46.00 -19.88 -11.88
CA GLY H 154 46.08 -18.64 -11.15
C GLY H 154 46.97 -17.61 -11.83
N LYS H 155 46.98 -16.42 -11.25
CA LYS H 155 47.76 -15.29 -11.71
C LYS H 155 48.75 -14.91 -10.64
N ALA H 156 49.70 -14.08 -11.02
CA ALA H 156 50.77 -13.63 -10.14
C ALA H 156 50.74 -12.12 -10.01
N VAL H 157 51.38 -11.64 -8.96
CA VAL H 157 51.49 -10.21 -8.70
C VAL H 157 52.63 -9.67 -9.54
N GLY H 158 52.35 -8.66 -10.35
CA GLY H 158 53.40 -8.03 -11.12
C GLY H 158 54.15 -7.02 -10.27
N ILE H 159 55.45 -6.94 -10.49
CA ILE H 159 56.26 -5.91 -9.85
C ILE H 159 57.25 -5.37 -10.87
N VAL H 160 57.64 -4.12 -10.68
CA VAL H 160 58.62 -3.50 -11.53
C VAL H 160 59.37 -2.44 -10.72
N GLU H 161 60.64 -2.27 -11.05
CA GLU H 161 61.42 -1.19 -10.47
C GLU H 161 61.08 0.12 -11.19
N HIS H 162 60.74 1.14 -10.41
CA HIS H 162 60.32 2.41 -11.00
C HIS H 162 61.46 3.06 -11.78
N GLY H 163 62.68 2.89 -11.33
CA GLY H 163 63.83 3.53 -11.94
C GLY H 163 64.30 2.95 -13.25
N ASP H 164 63.66 1.90 -13.74
CA ASP H 164 64.05 1.29 -15.02
C ASP H 164 63.25 1.89 -16.18
N LEU H 165 61.93 1.81 -16.11
CA LEU H 165 61.09 2.28 -17.21
C LEU H 165 60.87 3.78 -17.11
N SER H 166 60.81 4.42 -18.28
CA SER H 166 60.56 5.85 -18.38
C SER H 166 59.09 6.19 -18.21
N PRO H 167 58.15 5.51 -18.89
CA PRO H 167 56.73 5.80 -18.66
C PRO H 167 56.15 5.19 -17.40
N ALA H 168 56.96 4.68 -16.47
CA ALA H 168 56.43 4.21 -15.19
C ALA H 168 55.75 5.35 -14.44
N GLU H 169 56.28 6.56 -14.56
CA GLU H 169 55.64 7.71 -13.93
C GLU H 169 54.28 7.98 -14.55
N SER H 170 54.17 7.84 -15.87
CA SER H 170 52.89 8.04 -16.53
C SER H 170 51.90 6.96 -16.12
N LYS H 171 52.36 5.72 -15.99
CA LYS H 171 51.48 4.64 -15.58
C LYS H 171 51.02 4.81 -14.13
N ALA H 172 51.87 5.36 -13.28
CA ALA H 172 51.53 5.58 -11.89
C ALA H 172 50.40 6.60 -11.76
N GLN I 1 15.35 -50.01 -35.10
CA GLN I 1 16.06 -51.26 -35.30
C GLN I 1 17.09 -51.48 -34.20
N THR I 2 18.14 -50.67 -34.21
CA THR I 2 19.29 -50.87 -33.35
C THR I 2 19.07 -50.22 -31.99
N GLN I 3 19.59 -50.87 -30.95
CA GLN I 3 19.53 -50.38 -29.58
C GLN I 3 20.91 -50.50 -28.95
N GLU I 4 21.03 -49.99 -27.73
CA GLU I 4 22.26 -50.03 -26.97
C GLU I 4 21.91 -50.54 -25.58
N TYR I 5 22.18 -51.82 -25.34
CA TYR I 5 21.83 -52.46 -24.09
C TYR I 5 23.06 -52.76 -23.26
N THR I 6 22.79 -53.16 -22.03
CA THR I 6 23.76 -53.76 -21.14
C THR I 6 23.45 -55.24 -21.04
N ILE I 7 24.51 -56.02 -20.84
CA ILE I 7 24.41 -57.45 -20.62
C ILE I 7 25.25 -57.82 -19.42
N ASN I 8 24.75 -58.75 -18.64
CA ASN I 8 25.26 -59.08 -17.32
C ASN I 8 25.62 -60.58 -17.29
N HIS I 9 26.34 -60.97 -16.25
CA HIS I 9 26.71 -62.35 -16.02
C HIS I 9 25.53 -63.24 -15.66
N THR I 10 24.32 -62.72 -15.55
CA THR I 10 23.15 -63.55 -15.35
C THR I 10 21.96 -62.99 -16.11
N GLY I 11 21.20 -63.89 -16.71
CA GLY I 11 19.89 -63.57 -17.25
C GLY I 11 19.87 -62.40 -18.18
N GLY I 12 19.28 -61.31 -17.71
CA GLY I 12 19.18 -60.12 -18.52
C GLY I 12 18.27 -60.37 -19.71
N VAL I 13 18.74 -59.90 -20.86
CA VAL I 13 17.98 -60.08 -22.09
C VAL I 13 18.03 -61.50 -22.62
N LEU I 14 18.92 -62.34 -22.09
CA LEU I 14 19.16 -63.67 -22.64
C LEU I 14 18.23 -64.71 -22.03
N GLY I 15 18.30 -64.90 -20.71
CA GLY I 15 17.37 -65.75 -20.00
C GLY I 15 18.01 -66.87 -19.20
N ASP I 16 19.28 -66.71 -18.82
CA ASP I 16 19.98 -67.57 -17.88
C ASP I 16 20.37 -68.93 -18.46
N SER I 17 19.93 -69.25 -19.68
CA SER I 17 20.27 -70.51 -20.33
C SER I 17 21.49 -70.36 -21.23
N TYR I 18 21.45 -69.38 -22.13
CA TYR I 18 22.53 -69.13 -23.07
C TYR I 18 23.61 -68.21 -22.49
N VAL I 19 23.67 -68.14 -21.17
CA VAL I 19 24.87 -67.75 -20.45
C VAL I 19 25.52 -69.01 -19.93
N THR I 20 26.83 -68.97 -19.72
CA THR I 20 27.41 -69.94 -18.81
C THR I 20 28.66 -69.37 -18.16
N THR I 21 28.80 -69.63 -16.87
CA THR I 21 29.93 -69.23 -16.06
C THR I 21 30.84 -70.42 -15.81
N ALA I 22 32.02 -70.12 -15.29
CA ALA I 22 33.00 -71.14 -14.94
C ALA I 22 34.16 -70.48 -14.22
N SER I 23 34.82 -71.24 -13.37
CA SER I 23 36.01 -70.79 -12.70
C SER I 23 37.23 -71.03 -13.59
N ASN I 24 38.37 -70.53 -13.12
CA ASN I 24 39.64 -70.68 -13.82
C ASN I 24 40.35 -71.93 -13.31
N GLN I 25 41.63 -72.06 -13.64
CA GLN I 25 42.47 -73.11 -13.10
C GLN I 25 43.74 -72.50 -12.53
N THR I 26 44.26 -73.15 -11.50
CA THR I 26 45.32 -72.60 -10.67
C THR I 26 46.69 -73.16 -11.03
N SER I 27 46.86 -74.48 -10.94
CA SER I 27 48.19 -75.05 -11.06
C SER I 27 48.71 -74.96 -12.48
N PRO I 28 47.98 -75.40 -13.51
CA PRO I 28 48.34 -75.04 -14.89
C PRO I 28 47.82 -73.66 -15.25
N GLN I 29 48.72 -72.70 -15.36
CA GLN I 29 48.36 -71.36 -15.82
C GLN I 29 47.89 -71.45 -17.25
N ARG I 30 46.58 -71.28 -17.47
CA ARG I 30 46.00 -71.48 -18.78
C ARG I 30 44.88 -70.50 -19.03
N GLU I 31 44.70 -70.17 -20.30
CA GLU I 31 43.71 -69.17 -20.73
C GLU I 31 42.34 -69.81 -20.68
N THR I 32 41.82 -69.93 -19.46
CA THR I 32 40.52 -70.52 -19.24
C THR I 32 39.43 -69.61 -19.83
N ALA I 33 38.21 -70.13 -19.81
CA ALA I 33 37.02 -69.42 -20.28
C ALA I 33 36.09 -69.29 -19.10
N VAL I 34 36.06 -68.11 -18.50
CA VAL I 34 35.30 -67.92 -17.28
C VAL I 34 33.85 -67.58 -17.57
N LEU I 35 33.57 -66.96 -18.72
CA LEU I 35 32.21 -66.60 -19.03
C LEU I 35 31.98 -66.78 -20.52
N SER I 36 30.72 -67.02 -20.89
CA SER I 36 30.42 -67.02 -22.31
C SER I 36 28.94 -66.79 -22.55
N PHE I 37 28.67 -66.07 -23.62
CA PHE I 37 27.34 -65.62 -24.01
C PHE I 37 27.06 -66.14 -25.42
N GLU I 38 25.97 -66.87 -25.58
CA GLU I 38 25.55 -67.40 -26.87
C GLU I 38 24.35 -66.62 -27.37
N CYS I 39 24.44 -66.11 -28.59
CA CYS I 39 23.36 -65.35 -29.20
C CYS I 39 22.10 -66.21 -29.30
N PRO I 40 20.99 -65.84 -28.67
CA PRO I 40 19.81 -66.70 -28.74
C PRO I 40 19.14 -66.72 -30.11
N ARG I 41 18.12 -67.58 -30.15
CA ARG I 41 17.33 -67.83 -31.35
C ARG I 41 16.65 -66.56 -31.84
N LYS I 42 16.21 -65.71 -30.91
CA LYS I 42 15.26 -64.66 -31.25
C LYS I 42 15.92 -63.45 -31.88
N PHE I 43 17.15 -63.14 -31.46
CA PHE I 43 17.83 -62.00 -32.01
C PHE I 43 18.22 -62.26 -33.46
N GLU I 44 18.56 -61.18 -34.16
CA GLU I 44 19.08 -61.25 -35.52
C GLU I 44 20.59 -61.31 -35.53
N GLU I 45 21.21 -60.42 -34.78
CA GLU I 45 22.67 -60.39 -34.65
C GLU I 45 23.01 -59.51 -33.47
N ILE I 46 24.26 -59.62 -33.04
CA ILE I 46 24.81 -58.77 -32.00
C ILE I 46 26.10 -58.17 -32.54
N ASN I 47 26.36 -56.92 -32.16
CA ASN I 47 27.57 -56.22 -32.49
C ASN I 47 28.33 -55.89 -31.22
N TYR I 48 29.56 -55.47 -31.40
CA TYR I 48 30.42 -55.08 -30.28
C TYR I 48 31.52 -54.21 -30.83
N VAL I 49 31.73 -53.05 -30.23
CA VAL I 49 32.65 -52.05 -30.74
C VAL I 49 33.45 -51.51 -29.58
N GLY I 50 34.74 -51.28 -29.85
CA GLY I 50 35.60 -50.63 -28.89
C GLY I 50 35.61 -49.13 -29.09
N GLN I 51 35.92 -48.41 -28.02
CA GLN I 51 35.82 -46.96 -27.96
C GLN I 51 34.39 -46.47 -28.22
N ARG I 52 33.40 -47.35 -28.07
CA ARG I 52 32.00 -47.02 -28.20
C ARG I 52 31.18 -47.57 -27.05
N ASP I 53 31.60 -48.71 -26.50
CA ASP I 53 30.81 -49.50 -25.57
C ASP I 53 31.55 -49.60 -24.24
N ALA I 54 30.90 -49.19 -23.17
CA ALA I 54 31.50 -49.19 -21.86
C ALA I 54 31.41 -50.59 -21.23
N THR I 55 31.90 -50.70 -20.02
CA THR I 55 32.22 -52.01 -19.46
C THR I 55 32.46 -51.88 -17.96
N ARG I 56 32.30 -53.00 -17.28
CA ARG I 56 32.63 -53.12 -15.88
C ARG I 56 32.83 -54.60 -15.60
N PHE I 57 33.80 -54.91 -14.74
CA PHE I 57 34.05 -56.31 -14.38
C PHE I 57 34.76 -56.31 -13.03
N VAL I 58 34.00 -56.64 -11.98
CA VAL I 58 34.53 -56.68 -10.62
C VAL I 58 34.71 -58.15 -10.25
N PRO I 59 35.92 -58.67 -10.31
CA PRO I 59 36.19 -60.01 -9.79
C PRO I 59 36.75 -60.00 -8.38
N ARG I 60 36.73 -61.17 -7.76
CA ARG I 60 37.29 -61.39 -6.44
C ARG I 60 37.79 -62.82 -6.38
N THR I 61 38.17 -63.26 -5.19
CA THR I 61 38.56 -64.65 -4.94
C THR I 61 37.92 -65.06 -3.64
N THR I 62 38.37 -66.19 -3.10
CA THR I 62 37.95 -66.64 -1.78
C THR I 62 39.12 -67.25 -1.05
N GLU I 63 39.19 -66.99 0.24
CA GLU I 63 40.15 -67.66 1.10
C GLU I 63 39.50 -67.86 2.45
N SER I 64 40.16 -68.66 3.29
CA SER I 64 39.65 -69.00 4.60
C SER I 64 40.81 -69.06 5.57
N ILE I 65 40.47 -68.97 6.86
CA ILE I 65 41.44 -69.04 7.93
C ILE I 65 40.87 -69.96 9.01
N THR I 66 41.57 -70.04 10.14
CA THR I 66 41.13 -70.82 11.28
C THR I 66 41.28 -69.96 12.52
N GLY I 67 40.22 -69.91 13.33
CA GLY I 67 40.28 -69.15 14.56
C GLY I 67 41.34 -69.68 15.49
N SER I 68 41.91 -68.77 16.27
CA SER I 68 42.93 -69.12 17.26
C SER I 68 42.73 -68.27 18.50
N ALA I 69 43.34 -68.71 19.59
CA ALA I 69 43.26 -67.96 20.84
C ALA I 69 43.96 -66.62 20.72
N ASN I 70 45.05 -66.56 19.96
CA ASN I 70 45.79 -65.32 19.81
C ASN I 70 44.98 -64.31 19.02
N ASP I 71 45.11 -63.04 19.39
CA ASP I 71 44.32 -61.97 18.79
C ASP I 71 44.93 -61.62 17.44
N ASP I 72 44.48 -62.31 16.40
CA ASP I 72 45.05 -62.16 15.07
C ASP I 72 44.88 -60.73 14.55
N THR I 73 43.64 -60.34 14.25
CA THR I 73 43.30 -59.02 13.72
C THR I 73 44.04 -58.68 12.43
N VAL I 74 44.59 -59.69 11.75
CA VAL I 74 45.32 -59.48 10.51
C VAL I 74 45.45 -60.84 9.86
N VAL I 75 45.38 -60.88 8.53
CA VAL I 75 45.56 -62.13 7.79
C VAL I 75 46.42 -61.85 6.58
N ASP I 76 47.30 -62.80 6.28
CA ASP I 76 48.00 -62.78 5.02
C ASP I 76 47.09 -63.33 3.93
N LEU I 77 47.57 -63.25 2.70
CA LEU I 77 46.82 -63.70 1.54
C LEU I 77 47.75 -64.35 0.54
N THR I 78 47.14 -64.99 -0.45
CA THR I 78 47.85 -65.64 -1.54
C THR I 78 47.74 -64.86 -2.85
N ALA I 79 47.19 -63.64 -2.80
CA ALA I 79 46.93 -62.83 -3.98
C ALA I 79 47.54 -61.46 -3.78
N ASN I 80 48.14 -60.93 -4.85
CA ASN I 80 48.59 -59.55 -4.80
C ASN I 80 47.39 -58.65 -4.57
N ILE I 81 47.63 -57.57 -3.85
CA ILE I 81 46.57 -56.74 -3.33
C ILE I 81 46.92 -55.28 -3.58
N GLN I 82 45.88 -54.49 -3.82
CA GLN I 82 46.01 -53.05 -3.83
C GLN I 82 44.64 -52.47 -3.52
N PRO I 83 44.55 -51.18 -3.27
CA PRO I 83 43.24 -50.57 -3.06
C PRO I 83 42.47 -50.43 -4.35
N VAL I 84 41.19 -50.13 -4.20
CA VAL I 84 40.30 -49.89 -5.32
C VAL I 84 40.60 -48.50 -5.84
N ALA I 85 41.27 -48.43 -6.99
CA ALA I 85 41.74 -47.20 -7.60
C ALA I 85 42.75 -46.45 -6.74
N GLY I 86 43.28 -47.09 -5.69
CA GLY I 86 44.27 -46.45 -4.86
C GLY I 86 43.59 -45.63 -3.78
N GLU I 87 43.78 -46.00 -2.52
CA GLU I 87 43.70 -45.15 -1.35
C GLU I 87 43.96 -46.01 -0.13
N GLU I 88 44.56 -45.43 0.90
CA GLU I 88 44.77 -46.16 2.14
C GLU I 88 43.47 -46.38 2.90
N VAL I 89 42.43 -45.61 2.60
CA VAL I 89 41.25 -45.51 3.44
C VAL I 89 40.19 -46.48 2.94
N ILE I 90 39.38 -46.96 3.87
CA ILE I 90 38.24 -47.81 3.59
C ILE I 90 36.97 -46.97 3.71
N ALA I 91 35.95 -47.35 2.96
CA ALA I 91 34.63 -46.74 2.86
C ALA I 91 34.65 -45.49 2.00
N GLU I 92 35.81 -45.01 1.55
CA GLU I 92 35.89 -44.01 0.50
C GLU I 92 35.93 -44.63 -0.89
N GLN I 93 36.34 -45.89 -0.98
CA GLN I 93 36.49 -46.56 -2.26
C GLN I 93 35.15 -46.62 -2.99
N ASP I 94 35.24 -46.81 -4.31
CA ASP I 94 34.04 -47.09 -5.08
C ASP I 94 33.36 -48.35 -4.58
N TYR I 95 34.14 -49.29 -4.07
CA TYR I 95 33.60 -50.48 -3.42
C TYR I 95 34.66 -51.03 -2.48
N PRO I 96 34.28 -51.87 -1.53
CA PRO I 96 35.29 -52.43 -0.62
C PRO I 96 36.27 -53.33 -1.36
N VAL I 97 37.56 -53.12 -1.07
CA VAL I 97 38.58 -53.99 -1.62
C VAL I 97 38.37 -55.42 -1.15
N ALA I 98 37.85 -55.59 0.06
CA ALA I 98 37.76 -56.90 0.67
C ALA I 98 36.56 -56.96 1.58
N VAL I 99 36.02 -58.16 1.71
CA VAL I 99 34.87 -58.44 2.56
C VAL I 99 35.21 -59.68 3.36
N ALA I 100 34.70 -59.73 4.58
CA ALA I 100 34.91 -60.87 5.45
C ALA I 100 33.60 -61.21 6.14
N TYR I 101 33.42 -62.49 6.42
CA TYR I 101 32.20 -62.99 7.03
C TYR I 101 32.53 -64.15 7.95
N ASN I 102 31.93 -64.13 9.13
CA ASN I 102 32.14 -65.16 10.13
C ASN I 102 31.00 -66.15 10.07
N VAL I 103 31.33 -67.43 9.98
CA VAL I 103 30.29 -68.45 9.87
C VAL I 103 29.49 -68.54 11.16
N THR I 104 30.19 -68.66 12.28
CA THR I 104 29.53 -68.73 13.59
C THR I 104 28.66 -67.51 13.82
N GLN I 105 29.30 -66.35 13.93
CA GLN I 105 28.59 -65.08 14.06
C GLN I 105 28.15 -64.65 12.67
N GLY I 106 26.91 -64.93 12.32
CA GLY I 106 26.45 -64.66 10.97
C GLY I 106 26.27 -63.18 10.72
N VAL I 107 27.40 -62.47 10.68
CA VAL I 107 27.41 -61.02 10.57
C VAL I 107 28.53 -60.60 9.63
N GLU I 108 28.41 -59.38 9.12
CA GLU I 108 29.50 -58.82 8.36
C GLU I 108 30.69 -58.57 9.29
N VAL I 109 31.82 -58.24 8.68
CA VAL I 109 33.02 -57.86 9.42
C VAL I 109 33.62 -56.68 8.70
N ASP I 110 33.82 -55.59 9.42
CA ASP I 110 34.37 -54.39 8.80
C ASP I 110 35.85 -54.60 8.51
N VAL I 111 36.44 -53.60 7.87
CA VAL I 111 37.86 -53.58 7.57
C VAL I 111 38.40 -52.21 7.94
N VAL I 112 39.58 -52.19 8.54
CA VAL I 112 40.20 -50.95 8.97
C VAL I 112 41.08 -50.43 7.84
N ASP I 113 42.10 -51.21 7.49
CA ASP I 113 43.09 -50.77 6.51
C ASP I 113 43.89 -52.00 6.08
N ALA I 114 44.99 -51.76 5.38
CA ALA I 114 45.93 -52.82 5.07
C ALA I 114 47.23 -52.20 4.60
N ASP I 115 48.25 -53.04 4.48
CA ASP I 115 49.53 -52.57 3.98
C ASP I 115 49.47 -52.30 2.49
N TYR I 116 48.74 -53.14 1.75
CA TYR I 116 48.58 -53.03 0.31
C TYR I 116 49.90 -53.14 -0.45
N ALA I 117 50.95 -53.63 0.21
CA ALA I 117 52.26 -53.81 -0.39
C ALA I 117 52.60 -55.28 -0.49
N ALA I 118 52.56 -55.97 0.65
CA ALA I 118 52.59 -57.42 0.69
C ALA I 118 51.16 -57.94 0.75
N ASP I 119 51.03 -59.26 0.70
CA ASP I 119 49.72 -59.91 0.70
C ASP I 119 49.17 -59.89 2.12
N THR I 120 48.62 -58.73 2.51
CA THR I 120 48.24 -58.46 3.89
C THR I 120 46.89 -57.77 3.93
N VAL I 121 46.14 -58.00 5.02
CA VAL I 121 44.96 -57.18 5.29
C VAL I 121 44.66 -57.24 6.79
N THR I 122 44.13 -56.13 7.31
CA THR I 122 43.71 -56.01 8.69
C THR I 122 42.25 -56.41 8.85
N LEU I 123 41.91 -56.90 10.02
CA LEU I 123 40.53 -57.08 10.44
C LEU I 123 40.26 -56.21 11.66
N GLY I 124 39.09 -55.56 11.66
CA GLY I 124 38.72 -54.71 12.78
C GLY I 124 38.23 -55.49 13.98
N THR I 125 37.65 -56.67 13.75
CA THR I 125 37.10 -57.47 14.82
C THR I 125 38.17 -58.38 15.40
N ASN I 126 37.78 -59.16 16.42
CA ASN I 126 38.67 -60.07 17.14
C ASN I 126 38.08 -61.47 17.04
N PRO I 127 38.39 -62.24 16.00
CA PRO I 127 37.81 -63.57 15.87
C PRO I 127 38.19 -64.47 17.04
N ALA I 128 37.26 -65.35 17.40
CA ALA I 128 37.45 -66.29 18.48
C ALA I 128 38.16 -67.55 17.97
N ASP I 129 38.63 -68.35 18.91
CA ASP I 129 39.30 -69.59 18.56
C ASP I 129 38.28 -70.61 18.07
N GLY I 130 38.63 -71.33 17.00
CA GLY I 130 37.76 -72.32 16.41
C GLY I 130 36.72 -71.78 15.46
N ASP I 131 36.50 -70.47 15.44
CA ASP I 131 35.48 -69.90 14.56
C ASP I 131 35.94 -69.96 13.11
N GLU I 132 35.01 -70.31 12.23
CA GLU I 132 35.30 -70.37 10.81
C GLU I 132 35.00 -69.03 10.15
N VAL I 133 35.82 -68.70 9.15
CA VAL I 133 35.83 -67.38 8.54
C VAL I 133 35.93 -67.57 7.04
N LYS I 134 35.40 -66.61 6.30
CA LYS I 134 35.61 -66.52 4.87
C LYS I 134 35.90 -65.08 4.51
N VAL I 135 36.65 -64.91 3.44
CA VAL I 135 37.09 -63.59 2.99
C VAL I 135 37.13 -63.60 1.48
N TRP I 136 36.76 -62.47 0.88
CA TRP I 136 36.64 -62.33 -0.57
C TRP I 136 37.43 -61.11 -1.01
N PRO I 137 38.75 -61.18 -0.93
CA PRO I 137 39.57 -60.02 -1.24
C PRO I 137 39.57 -59.72 -2.72
N ILE I 138 40.15 -58.57 -3.03
CA ILE I 138 40.38 -58.20 -4.40
C ILE I 138 41.31 -59.20 -5.06
N MET I 139 41.26 -59.26 -6.37
CA MET I 139 42.11 -60.09 -7.20
C MET I 139 43.04 -59.22 -8.02
N SER I 140 44.16 -59.81 -8.41
CA SER I 140 45.22 -59.09 -9.09
C SER I 140 46.02 -60.06 -9.94
N ASP I 141 46.92 -59.51 -10.74
CA ASP I 141 47.88 -60.29 -11.51
C ASP I 141 47.17 -61.25 -12.47
N GLY I 142 46.46 -60.67 -13.42
CA GLY I 142 45.73 -61.46 -14.40
C GLY I 142 45.61 -60.75 -15.72
N ASP I 143 45.05 -61.48 -16.68
CA ASP I 143 44.78 -60.97 -18.02
C ASP I 143 43.40 -61.43 -18.44
N VAL I 144 42.74 -60.59 -19.22
CA VAL I 144 41.39 -60.85 -19.71
C VAL I 144 41.38 -60.66 -21.21
N GLN I 145 40.49 -61.39 -21.88
CA GLN I 145 40.45 -61.30 -23.34
C GLN I 145 39.15 -61.90 -23.86
N PHE I 146 38.94 -61.77 -25.16
CA PHE I 146 37.72 -62.16 -25.84
C PHE I 146 38.03 -63.14 -26.97
N ARG I 147 37.06 -64.00 -27.28
CA ARG I 147 37.15 -64.75 -28.52
C ARG I 147 35.78 -65.27 -28.94
N LEU I 148 35.66 -65.57 -30.22
CA LEU I 148 34.40 -65.99 -30.82
C LEU I 148 34.41 -67.46 -31.21
N ILE I 149 33.22 -68.05 -31.15
CA ILE I 149 33.02 -69.47 -31.39
C ILE I 149 31.82 -69.62 -32.31
N ASN I 150 31.99 -70.43 -33.35
CA ASN I 150 30.97 -70.62 -34.38
C ASN I 150 30.18 -71.91 -34.13
N GLN I 151 29.47 -71.91 -33.00
CA GLN I 151 28.47 -72.91 -32.65
C GLN I 151 29.04 -74.27 -32.28
N PHE I 152 30.37 -74.46 -32.42
CA PHE I 152 30.97 -75.79 -32.38
C PHE I 152 32.11 -75.95 -31.39
N GLY I 153 32.46 -74.92 -30.62
CA GLY I 153 33.69 -74.97 -29.88
C GLY I 153 34.89 -74.84 -30.77
N GLN I 154 34.74 -74.07 -31.86
CA GLN I 154 35.68 -74.05 -32.97
C GLN I 154 35.97 -72.59 -33.29
N GLU I 155 37.13 -72.11 -32.83
CA GLU I 155 37.45 -70.71 -32.94
C GLU I 155 37.67 -70.32 -34.40
N GLU I 156 37.33 -69.08 -34.73
CA GLU I 156 37.62 -68.49 -36.02
C GLU I 156 38.50 -67.26 -35.93
N GLY I 157 38.47 -66.55 -34.81
CA GLY I 157 39.26 -65.36 -34.71
C GLY I 157 39.31 -64.86 -33.29
N ARG I 158 39.91 -63.68 -33.14
CA ARG I 158 40.13 -63.07 -31.84
C ARG I 158 39.87 -61.59 -31.96
N VAL I 159 39.13 -61.05 -30.98
CA VAL I 159 38.65 -59.68 -31.07
C VAL I 159 39.83 -58.72 -31.15
N TYR I 160 40.78 -58.89 -30.23
CA TYR I 160 41.86 -58.00 -30.08
C TYR I 160 43.05 -58.83 -29.64
N PRO I 161 44.21 -58.73 -30.32
CA PRO I 161 45.32 -59.63 -29.98
C PRO I 161 45.82 -59.53 -28.55
N TRP I 162 46.05 -58.32 -28.07
CA TRP I 162 46.82 -58.09 -26.86
C TRP I 162 45.89 -58.06 -25.65
N SER I 163 46.24 -58.81 -24.62
CA SER I 163 45.41 -58.83 -23.43
C SER I 163 45.60 -57.57 -22.60
N THR I 164 44.54 -57.20 -21.91
CA THR I 164 44.54 -56.11 -20.94
C THR I 164 44.60 -56.71 -19.55
N PRO I 165 45.40 -56.16 -18.62
CA PRO I 165 45.47 -56.76 -17.29
C PRO I 165 44.33 -56.30 -16.38
N LEU I 166 43.75 -57.27 -15.68
CA LEU I 166 42.72 -56.98 -14.69
C LEU I 166 43.24 -56.10 -13.58
N TYR I 167 44.53 -56.19 -13.33
CA TYR I 167 45.18 -55.31 -12.39
C TYR I 167 44.88 -53.84 -12.72
N ARG I 168 45.25 -53.44 -13.94
CA ARG I 168 44.93 -52.11 -14.45
C ARG I 168 43.43 -51.86 -14.45
N TRP I 169 42.66 -52.91 -14.75
CA TRP I 169 41.20 -52.81 -14.77
C TRP I 169 40.67 -52.31 -13.44
N HIS I 170 41.20 -52.84 -12.35
CA HIS I 170 40.82 -52.35 -11.02
C HIS I 170 41.41 -50.96 -10.77
N ASP I 171 42.58 -50.69 -11.34
CA ASP I 171 43.26 -49.43 -11.02
C ASP I 171 42.47 -48.22 -11.50
N PHE I 172 41.95 -48.27 -12.71
CA PHE I 172 41.21 -47.10 -13.18
C PHE I 172 39.91 -46.96 -12.40
N PRO I 173 39.52 -45.74 -11.99
CA PRO I 173 38.16 -45.56 -11.48
C PRO I 173 37.16 -45.83 -12.59
N GLN I 174 36.25 -46.74 -12.31
CA GLN I 174 35.31 -47.18 -13.31
C GLN I 174 34.22 -46.13 -13.48
N LEU I 175 33.27 -46.44 -14.35
CA LEU I 175 31.97 -45.76 -14.41
C LEU I 175 32.07 -44.23 -14.44
N LYS I 176 33.12 -43.70 -15.06
CA LYS I 176 33.27 -42.27 -15.31
C LYS I 176 33.50 -42.08 -16.81
N ARG I 177 32.61 -41.34 -17.46
CA ARG I 177 32.82 -41.08 -18.88
C ARG I 177 34.02 -40.18 -19.03
N GLY I 178 34.82 -40.45 -20.06
CA GLY I 178 36.12 -39.83 -20.25
C GLY I 178 37.19 -40.68 -19.62
N ARG I 179 36.95 -41.16 -18.40
CA ARG I 179 37.80 -42.11 -17.73
C ARG I 179 37.25 -43.53 -17.83
N GLU I 180 36.09 -43.72 -18.45
CA GLU I 180 35.53 -45.05 -18.62
C GLU I 180 36.47 -45.90 -19.46
N ILE I 181 36.44 -47.20 -19.19
CA ILE I 181 37.25 -48.13 -19.96
C ILE I 181 36.53 -48.45 -21.25
N ASN I 182 37.31 -48.59 -22.32
CA ASN I 182 36.80 -48.96 -23.62
C ASN I 182 37.90 -49.75 -24.32
N LEU I 183 37.73 -51.06 -24.40
CA LEU I 183 38.69 -51.89 -25.11
C LEU I 183 38.64 -51.59 -26.60
N HIS I 184 39.47 -52.30 -27.35
CA HIS I 184 39.54 -52.20 -28.80
C HIS I 184 38.94 -53.45 -29.43
N GLY I 185 38.68 -53.36 -30.72
CA GLY I 185 38.15 -54.45 -31.51
C GLY I 185 36.70 -54.22 -31.88
N SER I 186 36.31 -54.77 -33.02
CA SER I 186 34.97 -54.58 -33.57
C SER I 186 34.47 -55.95 -34.04
N ALA I 187 33.71 -56.61 -33.17
CA ALA I 187 33.19 -57.94 -33.40
C ALA I 187 31.71 -57.90 -33.71
N SER I 188 31.22 -59.00 -34.27
CA SER I 188 29.80 -59.16 -34.54
C SER I 188 29.51 -60.62 -34.81
N TRP I 189 28.36 -61.09 -34.35
CA TRP I 189 27.97 -62.47 -34.57
C TRP I 189 26.46 -62.57 -34.65
N SER I 190 25.98 -63.81 -34.79
CA SER I 190 24.61 -64.11 -35.14
C SER I 190 24.16 -65.31 -34.32
N GLU I 191 23.04 -65.90 -34.72
CA GLU I 191 22.33 -66.88 -33.90
C GLU I 191 23.20 -68.06 -33.50
N ASN I 192 23.14 -68.39 -32.21
CA ASN I 192 23.80 -69.54 -31.58
C ASN I 192 25.32 -69.46 -31.61
N GLU I 193 25.89 -68.36 -32.07
CA GLU I 193 27.32 -68.12 -32.02
C GLU I 193 27.66 -67.45 -30.70
N THR I 194 28.85 -67.77 -30.19
CA THR I 194 29.19 -67.47 -28.81
C THR I 194 30.37 -66.51 -28.75
N LEU I 195 30.31 -65.61 -27.77
CA LEU I 195 31.46 -64.83 -27.33
C LEU I 195 31.90 -65.36 -25.98
N GLU I 196 33.17 -65.71 -25.88
CA GLU I 196 33.77 -66.21 -24.66
C GLU I 196 34.66 -65.13 -24.08
N ILE I 197 34.51 -64.88 -22.79
CA ILE I 197 35.34 -63.97 -22.03
C ILE I 197 36.25 -64.83 -21.17
N LEU I 198 37.55 -64.66 -21.41
CA LEU I 198 38.58 -65.57 -20.96
C LEU I 198 39.52 -64.88 -20.00
N LEU I 199 40.10 -65.71 -19.14
CA LEU I 199 40.88 -65.30 -18.00
C LEU I 199 42.19 -66.07 -18.00
N ASP I 200 43.27 -65.37 -17.67
CA ASP I 200 44.58 -65.99 -17.46
C ASP I 200 45.15 -65.40 -16.18
N ALA I 201 45.08 -66.14 -15.09
CA ALA I 201 45.59 -65.67 -13.82
C ALA I 201 45.67 -66.85 -12.86
N PRO I 202 46.50 -66.75 -11.83
CA PRO I 202 46.65 -67.87 -10.91
C PRO I 202 45.50 -68.08 -9.95
N GLN I 203 45.05 -66.99 -9.33
CA GLN I 203 44.19 -67.12 -8.18
C GLN I 203 42.78 -67.53 -8.58
N ALA I 204 42.16 -68.33 -7.73
CA ALA I 204 40.87 -68.93 -8.01
C ALA I 204 39.76 -67.93 -7.71
N LEU I 205 39.16 -67.40 -8.77
CA LEU I 205 38.04 -66.50 -8.62
C LEU I 205 36.76 -67.28 -8.32
N THR I 206 35.68 -66.53 -8.11
CA THR I 206 34.40 -67.09 -7.71
C THR I 206 33.29 -66.37 -8.44
N TRP I 207 32.11 -67.00 -8.40
CA TRP I 207 30.89 -66.42 -8.96
C TRP I 207 29.76 -66.50 -7.94
N GLU I 208 29.75 -67.55 -7.12
CA GLU I 208 28.66 -67.81 -6.20
C GLU I 208 29.24 -68.42 -4.93
N ASP I 209 28.73 -67.97 -3.78
CA ASP I 209 29.11 -68.53 -2.49
C ASP I 209 27.94 -68.80 -1.56
N SER I 210 26.79 -68.15 -1.76
CA SER I 210 25.57 -68.36 -0.97
C SER I 210 25.70 -67.90 0.47
N ASP I 211 26.81 -67.26 0.85
CA ASP I 211 26.98 -66.71 2.18
C ASP I 211 27.70 -65.38 2.14
N TYR I 212 27.55 -64.64 1.03
CA TYR I 212 28.20 -63.37 0.84
C TYR I 212 27.19 -62.26 1.08
N PRO I 213 27.44 -61.31 1.98
CA PRO I 213 26.39 -60.34 2.33
C PRO I 213 26.03 -59.37 1.21
N ARG I 214 27.03 -58.73 0.63
CA ARG I 214 26.80 -57.65 -0.33
C ARG I 214 26.36 -58.25 -1.67
N GLY I 215 25.13 -58.76 -1.67
CA GLY I 215 24.56 -59.38 -2.84
C GLY I 215 24.81 -60.87 -2.90
N GLN I 216 24.04 -61.53 -3.77
CA GLN I 216 24.19 -62.97 -3.93
C GLN I 216 25.41 -63.32 -4.77
N TYR I 217 25.43 -62.84 -6.00
CA TYR I 217 26.56 -63.09 -6.89
C TYR I 217 27.70 -62.16 -6.52
N VAL I 218 28.84 -62.76 -6.16
CA VAL I 218 29.97 -62.01 -5.64
C VAL I 218 30.53 -61.09 -6.70
N THR I 219 31.08 -61.69 -7.75
CA THR I 219 31.68 -60.95 -8.83
C THR I 219 30.61 -60.44 -9.77
N THR I 220 31.03 -59.71 -10.79
CA THR I 220 30.05 -59.27 -11.77
C THR I 220 30.74 -58.80 -13.04
N LEU I 221 30.01 -58.87 -14.14
CA LEU I 221 30.35 -58.26 -15.40
C LEU I 221 29.15 -57.48 -15.89
N GLU I 222 29.40 -56.31 -16.46
CA GLU I 222 28.34 -55.51 -17.04
C GLU I 222 28.91 -54.81 -18.27
N GLN I 223 28.53 -55.28 -19.46
CA GLN I 223 29.11 -54.80 -20.71
C GLN I 223 28.03 -54.15 -21.58
N ASP I 224 28.42 -53.10 -22.29
CA ASP I 224 27.52 -52.49 -23.26
C ASP I 224 27.64 -53.19 -24.60
N VAL I 225 26.52 -53.36 -25.28
CA VAL I 225 26.48 -53.94 -26.61
C VAL I 225 25.43 -53.24 -27.44
N GLU I 226 25.51 -53.48 -28.74
CA GLU I 226 24.52 -53.03 -29.71
C GLU I 226 23.86 -54.26 -30.32
N ILE I 227 22.55 -54.19 -30.47
CA ILE I 227 21.76 -55.33 -30.92
C ILE I 227 20.85 -54.86 -32.04
N THR I 228 20.62 -55.76 -33.00
CA THR I 228 19.66 -55.55 -34.08
C THR I 228 18.38 -56.29 -33.70
N LEU I 229 17.62 -55.67 -32.81
CA LEU I 229 16.32 -56.19 -32.37
C LEU I 229 16.42 -57.60 -31.84
N PRO J 1 29.14 -63.91 -38.79
CA PRO J 1 30.05 -63.03 -38.06
C PRO J 1 30.70 -61.98 -38.93
N GLU J 2 31.12 -60.89 -38.30
CA GLU J 2 31.83 -59.84 -39.02
C GLU J 2 32.78 -59.16 -38.05
N ILE J 3 34.01 -58.94 -38.50
CA ILE J 3 35.02 -58.22 -37.74
C ILE J 3 35.55 -57.12 -38.64
N GLY J 4 35.87 -55.97 -38.05
CA GLY J 4 36.42 -54.88 -38.83
C GLY J 4 37.91 -55.06 -39.06
N ASN J 5 38.34 -54.70 -40.27
CA ASN J 5 39.76 -54.77 -40.63
C ASN J 5 40.46 -53.62 -39.92
N ASN J 6 40.83 -53.89 -38.67
CA ASN J 6 41.52 -52.89 -37.87
C ASN J 6 42.83 -52.51 -38.52
N GLY J 7 43.21 -51.25 -38.35
CA GLY J 7 44.43 -50.76 -38.98
C GLY J 7 45.66 -51.49 -38.47
N ALA J 8 46.69 -51.52 -39.31
CA ALA J 8 47.92 -52.20 -38.95
C ALA J 8 48.60 -51.55 -37.76
N GLU J 9 48.46 -50.23 -37.62
CA GLU J 9 49.07 -49.50 -36.50
C GLU J 9 48.23 -49.77 -35.26
N LYS J 10 48.53 -50.88 -34.61
CA LYS J 10 47.73 -51.31 -33.47
C LYS J 10 48.22 -50.65 -32.18
N GLN J 11 47.26 -50.38 -31.29
CA GLN J 11 47.49 -49.62 -30.07
C GLN J 11 47.57 -50.58 -28.90
N ILE J 12 48.73 -50.63 -28.25
CA ILE J 12 49.11 -51.72 -27.38
C ILE J 12 49.84 -51.15 -26.18
N SER J 13 50.21 -52.05 -25.27
CA SER J 13 50.96 -51.69 -24.07
C SER J 13 51.81 -52.86 -23.66
N LEU J 14 52.81 -52.55 -22.83
CA LEU J 14 53.82 -53.49 -22.41
C LEU J 14 53.70 -53.76 -20.93
N HIS J 15 54.04 -54.98 -20.53
CA HIS J 15 54.00 -55.37 -19.14
C HIS J 15 54.90 -56.59 -18.97
N LYS J 16 54.91 -57.14 -17.76
CA LYS J 16 55.85 -58.19 -17.42
C LYS J 16 55.55 -59.47 -18.19
N GLY J 17 54.30 -59.92 -18.15
CA GLY J 17 53.93 -61.19 -18.73
C GLY J 17 53.87 -61.19 -20.24
N GLN J 18 55.01 -61.04 -20.89
CA GLN J 18 55.12 -61.09 -22.33
C GLN J 18 56.41 -61.80 -22.69
N PRO J 19 56.53 -62.29 -23.92
CA PRO J 19 57.71 -63.09 -24.27
C PRO J 19 58.95 -62.25 -24.57
N PHE J 20 58.77 -61.08 -25.18
CA PHE J 20 59.87 -60.25 -25.63
C PHE J 20 60.34 -59.28 -24.56
N ILE J 21 60.08 -59.60 -23.29
CA ILE J 21 60.48 -58.81 -22.14
C ILE J 21 61.05 -59.77 -21.11
N ASP J 22 61.89 -59.23 -20.23
CA ASP J 22 62.48 -60.05 -19.17
C ASP J 22 62.90 -59.11 -18.04
N THR J 23 63.14 -59.70 -16.88
CA THR J 23 63.64 -58.95 -15.73
C THR J 23 64.58 -59.83 -14.93
N GLN J 24 65.24 -59.22 -13.95
CA GLN J 24 66.03 -59.96 -12.99
C GLN J 24 66.35 -59.06 -11.81
N ASP J 25 66.54 -59.68 -10.65
CA ASP J 25 66.71 -58.97 -9.40
C ASP J 25 67.91 -58.03 -9.45
N VAL J 26 67.93 -57.08 -8.52
CA VAL J 26 68.97 -56.07 -8.42
C VAL J 26 69.28 -55.84 -6.95
N GLY J 27 70.54 -55.54 -6.67
CA GLY J 27 71.00 -55.30 -5.32
C GLY J 27 71.00 -53.83 -4.95
N ALA J 28 72.18 -53.25 -4.81
CA ALA J 28 72.31 -51.87 -4.36
C ALA J 28 73.57 -51.27 -4.94
N ALA J 29 73.50 -49.99 -5.28
CA ALA J 29 74.61 -49.27 -5.90
C ALA J 29 75.05 -50.01 -7.16
N ASP J 30 74.12 -50.10 -8.11
CA ASP J 30 74.13 -51.16 -9.10
C ASP J 30 73.50 -50.65 -10.39
N PRO J 31 74.18 -49.72 -11.07
CA PRO J 31 73.59 -49.07 -12.24
C PRO J 31 73.59 -49.90 -13.51
N ASN J 32 74.65 -50.67 -13.71
CA ASN J 32 74.99 -51.14 -15.06
C ASN J 32 73.94 -52.08 -15.62
N THR J 33 73.27 -52.85 -14.78
CA THR J 33 72.39 -53.88 -15.32
C THR J 33 71.02 -53.32 -15.67
N PRO J 34 70.37 -53.86 -16.70
CA PRO J 34 68.93 -53.67 -16.84
C PRO J 34 68.17 -54.53 -15.85
N ALA J 35 67.52 -53.89 -14.89
CA ALA J 35 66.53 -54.59 -14.09
C ALA J 35 65.46 -55.22 -14.96
N VAL J 36 65.16 -54.56 -16.08
CA VAL J 36 64.19 -55.04 -17.05
C VAL J 36 64.78 -54.83 -18.43
N THR J 37 64.67 -55.85 -19.27
CA THR J 37 65.12 -55.83 -20.64
C THR J 37 63.92 -55.99 -21.55
N ILE J 38 63.94 -55.25 -22.67
CA ILE J 38 62.93 -55.34 -23.70
C ILE J 38 63.66 -55.60 -25.01
N GLU J 39 63.02 -56.34 -25.91
CA GLU J 39 63.59 -56.56 -27.23
C GLU J 39 62.49 -56.56 -28.27
N GLY J 40 62.85 -56.10 -29.47
CA GLY J 40 61.95 -56.10 -30.58
C GLY J 40 61.72 -57.51 -31.07
N PRO J 41 60.47 -57.97 -31.17
CA PRO J 41 60.22 -59.25 -31.83
C PRO J 41 60.57 -59.19 -33.30
N SER J 42 60.49 -60.35 -33.93
CA SER J 42 60.90 -60.49 -35.32
C SER J 42 59.84 -59.94 -36.26
N ASP J 43 60.28 -59.18 -37.25
CA ASP J 43 59.43 -58.66 -38.31
C ASP J 43 58.31 -57.77 -37.79
N TYR J 44 58.49 -57.20 -36.60
CA TYR J 44 57.60 -56.19 -36.06
C TYR J 44 58.37 -54.90 -35.86
N VAL J 45 57.60 -53.82 -35.69
CA VAL J 45 58.15 -52.50 -35.43
C VAL J 45 57.29 -51.87 -34.35
N ILE J 46 57.93 -51.46 -33.27
CA ILE J 46 57.26 -50.80 -32.17
C ILE J 46 57.61 -49.32 -32.26
N ALA J 47 56.65 -48.50 -31.85
CA ALA J 47 56.81 -47.05 -31.83
C ALA J 47 56.28 -46.53 -30.51
N ILE J 48 57.08 -45.69 -29.87
CA ILE J 48 56.73 -45.06 -28.60
C ILE J 48 56.82 -43.57 -28.81
N ASP J 49 55.68 -42.88 -28.70
CA ASP J 49 55.65 -41.46 -28.93
C ASP J 49 56.22 -40.72 -27.71
N ALA J 50 56.37 -39.40 -27.87
CA ALA J 50 56.98 -38.60 -26.82
C ALA J 50 56.06 -38.43 -25.63
N GLY J 51 54.76 -38.34 -25.87
CA GLY J 51 53.81 -38.18 -24.79
C GLY J 51 53.31 -39.50 -24.27
N THR J 52 54.18 -40.49 -24.23
CA THR J 52 53.78 -41.82 -23.79
C THR J 52 53.85 -41.91 -22.27
N PRO J 53 52.83 -42.42 -21.60
CA PRO J 53 52.96 -42.61 -20.15
C PRO J 53 53.97 -43.68 -19.80
N VAL J 54 54.43 -43.59 -18.56
CA VAL J 54 55.47 -44.46 -18.03
C VAL J 54 55.05 -44.82 -16.61
N ALA J 55 55.43 -46.02 -16.18
CA ALA J 55 54.93 -46.46 -14.90
C ALA J 55 55.75 -47.63 -14.35
N PRO J 56 56.89 -47.37 -13.73
CA PRO J 56 57.54 -48.39 -12.90
C PRO J 56 56.95 -48.41 -11.51
N GLU J 57 56.79 -49.62 -11.00
CA GLU J 57 56.13 -49.84 -9.72
C GLU J 57 56.93 -50.88 -8.95
N PHE J 58 58.24 -50.66 -8.86
CA PHE J 58 59.13 -51.59 -8.20
C PHE J 58 58.77 -51.78 -6.74
N ARG J 59 59.34 -52.82 -6.14
CA ARG J 59 59.06 -53.16 -4.76
C ARG J 59 60.31 -53.72 -4.11
N ASP J 60 60.22 -53.90 -2.80
CA ASP J 60 61.19 -54.61 -2.00
C ASP J 60 60.70 -56.04 -1.79
N ALA J 61 61.65 -56.91 -1.41
CA ALA J 61 61.33 -58.31 -1.21
C ALA J 61 60.29 -58.50 -0.11
N ASN J 62 60.34 -57.67 0.93
CA ASN J 62 59.37 -57.73 2.00
C ASN J 62 58.04 -57.09 1.63
N GLY J 63 57.90 -56.57 0.43
CA GLY J 63 56.69 -55.88 0.02
C GLY J 63 56.65 -54.46 0.53
N ASP J 64 57.59 -53.64 0.09
CA ASP J 64 57.63 -52.22 0.44
C ASP J 64 58.15 -51.45 -0.76
N LYS J 65 57.91 -50.14 -0.73
CA LYS J 65 58.53 -49.24 -1.67
C LYS J 65 59.94 -48.92 -1.21
N LEU J 66 60.80 -48.58 -2.16
CA LEU J 66 62.21 -48.33 -1.89
C LEU J 66 62.45 -46.85 -1.63
N ASP J 67 63.71 -46.53 -1.35
CA ASP J 67 64.15 -45.17 -1.09
C ASP J 67 63.80 -44.28 -2.29
N PRO J 68 62.98 -43.24 -2.12
CA PRO J 68 62.61 -42.42 -3.28
C PRO J 68 63.78 -41.67 -3.90
N SER J 69 64.91 -41.57 -3.22
CA SER J 69 66.11 -41.05 -3.86
C SER J 69 66.65 -41.98 -4.93
N THR J 70 66.17 -43.23 -4.97
CA THR J 70 66.47 -44.14 -6.05
C THR J 70 66.12 -43.52 -7.38
N ARG J 71 66.87 -43.89 -8.41
CA ARG J 71 66.70 -43.36 -9.76
C ARG J 71 66.38 -44.48 -10.73
N VAL J 72 65.55 -44.16 -11.71
CA VAL J 72 65.19 -45.03 -12.81
C VAL J 72 65.57 -44.30 -14.09
N THR J 73 66.09 -45.06 -15.05
CA THR J 73 66.44 -44.50 -16.35
C THR J 73 66.05 -45.51 -17.42
N ILE J 74 65.09 -45.15 -18.26
CA ILE J 74 64.89 -45.88 -19.50
C ILE J 74 65.95 -45.42 -20.48
N GLN J 75 66.41 -46.32 -21.34
CA GLN J 75 67.46 -45.97 -22.27
C GLN J 75 67.44 -46.92 -23.46
N LYS J 76 67.46 -46.35 -24.66
CA LYS J 76 67.59 -47.16 -25.86
C LYS J 76 69.02 -47.67 -25.96
N CYS J 77 69.17 -48.79 -26.64
CA CYS J 77 70.47 -49.37 -26.89
C CYS J 77 70.58 -49.78 -28.34
N ASP J 78 71.78 -49.68 -28.87
CA ASP J 78 72.13 -50.43 -30.05
C ASP J 78 72.09 -51.92 -29.69
N LYS J 79 72.15 -52.77 -30.71
CA LYS J 79 72.30 -54.20 -30.50
C LYS J 79 73.46 -54.50 -29.57
N GLN J 80 73.45 -55.69 -28.97
CA GLN J 80 74.55 -56.19 -28.14
C GLN J 80 74.60 -55.53 -26.76
N GLY J 81 73.44 -55.12 -26.27
CA GLY J 81 73.42 -54.48 -24.98
C GLY J 81 74.25 -53.22 -24.92
N ASN J 82 74.42 -52.56 -26.07
CA ASN J 82 75.30 -51.42 -26.21
C ASN J 82 74.48 -50.14 -26.05
N PRO J 83 74.52 -49.47 -24.91
CA PRO J 83 73.69 -48.28 -24.74
C PRO J 83 74.18 -47.12 -25.59
N LEU J 84 73.35 -46.10 -25.66
CA LEU J 84 73.62 -44.90 -26.43
C LEU J 84 73.05 -43.69 -25.70
N GLY J 85 73.77 -42.58 -25.79
CA GLY J 85 73.43 -41.39 -25.02
C GLY J 85 72.23 -40.69 -25.60
N ASP J 86 72.30 -40.38 -26.88
CA ASP J 86 71.14 -39.87 -27.57
C ASP J 86 70.03 -40.93 -27.52
N GLY J 87 68.79 -40.45 -27.67
CA GLY J 87 67.65 -41.33 -27.63
C GLY J 87 67.22 -41.76 -26.24
N ILE J 88 67.99 -41.44 -25.20
CA ILE J 88 67.56 -41.75 -23.85
C ILE J 88 66.29 -40.98 -23.52
N VAL J 89 65.42 -41.60 -22.72
CA VAL J 89 64.19 -40.98 -22.27
C VAL J 89 63.91 -41.43 -20.84
N PHE J 90 63.14 -40.63 -20.13
CA PHE J 90 62.67 -40.98 -18.79
C PHE J 90 63.84 -41.27 -17.84
N SER J 91 64.55 -40.21 -17.52
CA SER J 91 65.50 -40.20 -16.41
C SER J 91 64.78 -39.57 -15.23
N ASP J 92 64.19 -40.42 -14.39
CA ASP J 92 63.30 -40.00 -13.32
C ASP J 92 63.79 -40.59 -12.01
N THR J 93 63.25 -40.06 -10.92
CA THR J 93 63.49 -40.60 -9.59
C THR J 93 62.39 -41.58 -9.23
N LEU J 94 62.73 -42.52 -8.36
CA LEU J 94 61.76 -43.54 -7.99
C LEU J 94 60.67 -43.00 -7.10
N GLY J 95 60.90 -41.90 -6.41
CA GLY J 95 59.88 -41.28 -5.63
C GLY J 95 58.90 -40.56 -6.52
N ARG J 96 58.05 -39.76 -5.88
CA ARG J 96 57.15 -38.81 -6.54
C ARG J 96 56.36 -39.43 -7.69
N PHE J 97 55.78 -40.59 -7.43
CA PHE J 97 54.77 -41.17 -8.32
C PHE J 97 53.40 -41.27 -7.68
N GLU J 98 53.33 -41.64 -6.40
CA GLU J 98 52.08 -42.00 -5.75
C GLU J 98 51.42 -43.14 -6.53
N TYR J 99 52.07 -44.31 -6.42
CA TYR J 99 51.67 -45.52 -7.12
C TYR J 99 50.19 -45.84 -7.00
N SER J 100 49.56 -45.41 -5.92
CA SER J 100 48.14 -45.65 -5.73
C SER J 100 47.32 -45.10 -6.89
N LYS J 101 47.59 -43.86 -7.28
CA LYS J 101 46.81 -43.15 -8.30
C LYS J 101 47.60 -42.89 -9.57
N MET J 102 48.76 -43.52 -9.71
CA MET J 102 49.75 -43.14 -10.72
C MET J 102 49.23 -43.25 -12.14
N ARG J 103 48.92 -44.46 -12.59
CA ARG J 103 48.28 -44.63 -13.89
C ARG J 103 46.89 -44.05 -13.87
N SER J 104 46.18 -44.26 -12.77
CA SER J 104 44.81 -43.83 -12.59
C SER J 104 44.62 -42.36 -12.96
N ASP J 105 45.49 -41.50 -12.45
CA ASP J 105 45.32 -40.07 -12.58
C ASP J 105 46.15 -39.51 -13.72
N PRO J 106 45.59 -38.74 -14.65
CA PRO J 106 46.43 -38.10 -15.67
C PRO J 106 47.43 -37.12 -15.09
N ASP J 107 47.11 -36.51 -13.95
CA ASP J 107 48.08 -35.66 -13.27
C ASP J 107 49.32 -36.47 -12.91
N TYR J 108 49.16 -37.45 -12.04
CA TYR J 108 50.27 -38.32 -11.68
C TYR J 108 50.90 -39.04 -12.86
N MET J 109 50.18 -39.15 -13.97
CA MET J 109 50.69 -39.89 -15.12
C MET J 109 51.93 -39.20 -15.67
N ARG J 110 53.10 -39.80 -15.42
CA ARG J 110 54.37 -39.27 -15.88
C ARG J 110 54.66 -39.78 -17.28
N LYS J 111 54.79 -38.84 -18.21
CA LYS J 111 55.04 -39.16 -19.60
C LYS J 111 56.53 -39.11 -19.90
N THR J 112 56.89 -39.56 -21.10
CA THR J 112 58.26 -39.50 -21.55
C THR J 112 58.61 -38.07 -21.94
N THR J 113 59.81 -37.90 -22.46
CA THR J 113 60.33 -36.60 -22.85
C THR J 113 60.36 -36.43 -24.36
N THR J 114 60.87 -37.43 -25.08
CA THR J 114 61.03 -37.37 -26.52
C THR J 114 60.53 -38.66 -27.14
N SER J 115 60.42 -38.64 -28.46
CA SER J 115 59.91 -39.79 -29.20
C SER J 115 60.89 -40.95 -29.09
N LEU J 116 60.49 -42.06 -29.68
CA LEU J 116 61.32 -43.26 -29.63
C LEU J 116 60.80 -44.25 -30.65
N MET J 117 61.68 -45.14 -31.08
CA MET J 117 61.35 -46.17 -32.06
C MET J 117 62.21 -47.38 -31.77
N ILE J 118 61.67 -48.55 -32.09
CA ILE J 118 62.34 -49.82 -31.90
C ILE J 118 62.26 -50.58 -33.21
N ASP J 119 63.39 -50.69 -33.90
CA ASP J 119 63.48 -51.55 -35.06
C ASP J 119 63.41 -53.00 -34.61
N GLU J 120 63.25 -53.89 -35.59
CA GLU J 120 62.86 -55.28 -35.33
C GLU J 120 63.78 -55.98 -34.33
N ARG J 121 65.09 -55.76 -34.43
CA ARG J 121 66.06 -56.31 -33.48
C ARG J 121 66.75 -55.13 -32.82
N GLU J 122 66.20 -54.65 -31.71
CA GLU J 122 66.84 -53.63 -30.92
C GLU J 122 66.46 -53.85 -29.47
N ILE J 123 67.08 -53.06 -28.59
CA ILE J 123 66.97 -53.25 -27.15
C ILE J 123 66.64 -51.92 -26.49
N VAL J 124 65.84 -52.00 -25.45
CA VAL J 124 65.58 -50.90 -24.54
C VAL J 124 65.75 -51.43 -23.14
N LYS J 125 66.51 -50.72 -22.32
CA LYS J 125 66.88 -51.14 -21.00
C LYS J 125 66.34 -50.16 -19.97
N ILE J 126 66.23 -50.66 -18.74
CA ILE J 126 65.71 -49.90 -17.62
C ILE J 126 66.73 -50.06 -16.50
N PHE J 127 67.66 -49.11 -16.42
CA PHE J 127 68.65 -49.13 -15.36
C PHE J 127 68.10 -48.47 -14.10
N VAL J 128 68.60 -48.93 -12.97
CA VAL J 128 68.15 -48.50 -11.65
C VAL J 128 69.39 -48.19 -10.82
N GLU J 129 69.34 -47.08 -10.10
CA GLU J 129 70.41 -46.65 -9.20
C GLU J 129 69.83 -46.55 -7.80
N VAL J 130 70.19 -47.49 -6.94
CA VAL J 130 69.77 -47.52 -5.56
C VAL J 130 70.94 -47.03 -4.71
N PRO J 131 70.74 -46.16 -3.73
CA PRO J 131 71.83 -45.81 -2.83
C PRO J 131 72.21 -46.98 -1.94
N PRO J 132 73.44 -47.04 -1.46
CA PRO J 132 73.86 -48.18 -0.64
C PRO J 132 73.13 -48.21 0.69
N ASN J 133 73.37 -49.30 1.42
CA ASN J 133 72.73 -49.53 2.71
C ASN J 133 71.21 -49.48 2.60
N ALA J 134 70.70 -49.98 1.48
CA ALA J 134 69.28 -50.03 1.20
C ALA J 134 68.89 -51.43 0.80
N ASN J 135 67.58 -51.66 0.72
CA ASN J 135 67.07 -52.96 0.34
C ASN J 135 67.06 -53.11 -1.17
N GLY J 136 67.16 -54.35 -1.62
CA GLY J 136 67.24 -54.64 -3.04
C GLY J 136 65.89 -54.79 -3.69
N MET J 137 65.91 -54.86 -5.01
CA MET J 137 64.69 -55.06 -5.79
C MET J 137 64.35 -56.54 -5.84
N ASP J 138 63.04 -56.82 -5.89
CA ASP J 138 62.53 -58.18 -5.96
C ASP J 138 61.66 -58.30 -7.21
N ALA J 139 62.07 -59.19 -8.11
CA ALA J 139 61.42 -59.28 -9.41
C ALA J 139 60.02 -59.85 -9.34
N ASP J 140 59.71 -60.61 -8.29
CA ASP J 140 58.39 -61.21 -8.18
C ASP J 140 57.30 -60.16 -8.09
N ASN J 141 57.60 -59.04 -7.41
CA ASN J 141 56.62 -58.01 -7.13
C ASN J 141 56.82 -56.76 -7.95
N SER J 142 58.01 -56.55 -8.50
CA SER J 142 58.26 -55.39 -9.34
C SER J 142 57.38 -55.45 -10.59
N ARG J 143 57.29 -54.32 -11.27
CA ARG J 143 56.59 -54.30 -12.54
C ARG J 143 56.88 -53.02 -13.29
N ILE J 144 56.83 -53.12 -14.61
CA ILE J 144 56.85 -51.99 -15.53
C ILE J 144 55.55 -52.01 -16.31
N THR J 145 55.05 -50.82 -16.62
CA THR J 145 54.03 -50.65 -17.63
C THR J 145 54.31 -49.35 -18.36
N ILE J 146 54.10 -49.37 -19.68
CA ILE J 146 54.22 -48.17 -20.49
C ILE J 146 53.06 -48.18 -21.48
N GLY J 147 52.71 -46.99 -21.95
CA GLY J 147 51.57 -46.86 -22.82
C GLY J 147 50.27 -46.91 -22.05
N ASP J 148 49.23 -46.30 -22.61
CA ASP J 148 47.91 -46.22 -21.98
C ASP J 148 46.88 -46.59 -23.03
N ASP J 149 46.66 -47.89 -23.16
CA ASP J 149 45.44 -48.36 -23.79
C ASP J 149 44.28 -48.11 -22.84
N THR J 150 43.07 -48.27 -23.35
CA THR J 150 41.88 -48.39 -22.52
C THR J 150 41.65 -47.15 -21.67
N SER J 151 41.88 -45.99 -22.25
CA SER J 151 41.63 -44.74 -21.54
C SER J 151 41.71 -43.60 -22.54
N ASP J 152 40.75 -42.68 -22.46
CA ASP J 152 40.80 -41.50 -23.29
C ASP J 152 42.03 -40.66 -22.97
N TYR J 153 42.52 -40.75 -21.73
CA TYR J 153 43.76 -40.10 -21.35
C TYR J 153 44.95 -40.95 -21.75
N GLY J 154 46.11 -40.31 -21.79
CA GLY J 154 47.33 -41.00 -22.13
C GLY J 154 47.37 -41.45 -23.57
N LYS J 155 48.53 -41.92 -23.97
CA LYS J 155 48.81 -42.43 -25.29
C LYS J 155 49.04 -43.94 -25.21
N ALA J 156 49.20 -44.55 -26.37
CA ALA J 156 49.40 -45.99 -26.47
C ALA J 156 50.59 -46.27 -27.36
N VAL J 157 51.16 -47.45 -27.15
CA VAL J 157 52.32 -47.88 -27.92
C VAL J 157 51.83 -48.36 -29.28
N GLY J 158 52.42 -47.82 -30.35
CA GLY J 158 52.08 -48.29 -31.67
C GLY J 158 52.89 -49.52 -32.02
N ILE J 159 52.25 -50.43 -32.75
CA ILE J 159 52.95 -51.59 -33.29
C ILE J 159 52.48 -51.81 -34.72
N VAL J 160 53.37 -52.41 -35.52
CA VAL J 160 53.03 -52.74 -36.89
C VAL J 160 53.87 -53.93 -37.32
N GLU J 161 53.27 -54.78 -38.15
CA GLU J 161 54.02 -55.87 -38.75
C GLU J 161 54.90 -55.31 -39.85
N HIS J 162 56.19 -55.66 -39.79
CA HIS J 162 57.15 -55.13 -40.75
C HIS J 162 56.85 -55.61 -42.17
N GLY J 163 56.31 -56.81 -42.30
CA GLY J 163 56.06 -57.39 -43.61
C GLY J 163 54.90 -56.78 -44.36
N ASP J 164 54.01 -56.06 -43.66
CA ASP J 164 52.84 -55.50 -44.32
C ASP J 164 53.22 -54.27 -45.15
N LEU J 165 53.78 -53.25 -44.49
CA LEU J 165 54.06 -51.99 -45.16
C LEU J 165 55.38 -52.06 -45.93
N SER J 166 55.41 -51.38 -47.07
CA SER J 166 56.60 -51.26 -47.89
C SER J 166 57.59 -50.24 -47.31
N PRO J 167 57.17 -49.04 -46.88
CA PRO J 167 58.11 -48.13 -46.23
C PRO J 167 58.41 -48.46 -44.78
N ALA J 168 58.05 -49.65 -44.29
CA ALA J 168 58.48 -50.07 -42.96
C ALA J 168 59.99 -50.06 -42.86
N GLU J 169 60.69 -50.53 -43.91
CA GLU J 169 62.14 -50.48 -43.91
C GLU J 169 62.64 -49.03 -43.94
N SER J 170 61.95 -48.16 -44.66
CA SER J 170 62.34 -46.75 -44.69
C SER J 170 62.24 -46.13 -43.30
N LYS J 171 61.15 -46.39 -42.59
CA LYS J 171 61.00 -45.87 -41.24
C LYS J 171 62.01 -46.50 -40.29
N ALA J 172 62.34 -47.78 -40.50
CA ALA J 172 63.34 -48.44 -39.67
C ALA J 172 64.70 -47.77 -39.82
N VAL J 173 65.10 -47.50 -41.07
CA VAL J 173 66.36 -46.78 -41.31
C VAL J 173 66.26 -45.36 -40.76
N ARG J 174 65.08 -44.76 -40.81
CA ARG J 174 64.89 -43.41 -40.28
C ARG J 174 65.11 -43.38 -38.77
N GLN J 175 64.69 -44.43 -38.08
CA GLN J 175 64.78 -44.50 -36.62
C GLN J 175 64.06 -43.34 -35.96
N GLN K 1 32.37 2.89 -10.24
CA GLN K 1 30.98 3.00 -9.82
C GLN K 1 30.50 1.68 -9.22
N THR K 2 30.36 0.67 -10.08
CA THR K 2 29.74 -0.59 -9.69
C THR K 2 30.75 -1.54 -9.08
N GLN K 3 30.29 -2.31 -8.10
CA GLN K 3 31.10 -3.30 -7.42
C GLN K 3 30.31 -4.60 -7.33
N GLU K 4 30.96 -5.64 -6.82
CA GLU K 4 30.37 -6.96 -6.64
C GLU K 4 30.69 -7.41 -5.23
N TYR K 5 29.72 -7.27 -4.34
CA TYR K 5 29.90 -7.58 -2.93
C TYR K 5 29.15 -8.83 -2.54
N THR K 6 29.44 -9.27 -1.34
CA THR K 6 28.68 -10.28 -0.63
C THR K 6 27.90 -9.59 0.47
N ILE K 7 26.74 -10.16 0.78
CA ILE K 7 25.90 -9.69 1.86
C ILE K 7 25.47 -10.90 2.68
N ASN K 8 25.40 -10.71 3.99
CA ASN K 8 25.25 -11.76 4.97
C ASN K 8 24.03 -11.48 5.81
N HIS K 9 23.61 -12.48 6.58
CA HIS K 9 22.49 -12.37 7.49
C HIS K 9 22.77 -11.47 8.68
N THR K 10 23.97 -10.90 8.81
CA THR K 10 24.22 -9.92 9.85
C THR K 10 25.15 -8.84 9.34
N GLY K 11 24.85 -7.60 9.71
CA GLY K 11 25.76 -6.49 9.55
C GLY K 11 26.28 -6.31 8.14
N GLY K 12 27.56 -6.61 7.98
CA GLY K 12 28.18 -6.47 6.68
C GLY K 12 28.23 -5.02 6.28
N VAL K 13 27.88 -4.76 5.03
CA VAL K 13 27.87 -3.41 4.50
C VAL K 13 26.69 -2.60 5.01
N LEU K 14 25.71 -3.23 5.63
CA LEU K 14 24.47 -2.55 6.02
C LEU K 14 24.57 -1.91 7.39
N GLY K 15 24.80 -2.73 8.42
CA GLY K 15 25.05 -2.23 9.76
C GLY K 15 24.12 -2.77 10.83
N ASP K 16 23.52 -3.93 10.60
CA ASP K 16 22.77 -4.69 11.59
C ASP K 16 21.40 -4.08 11.92
N SER K 17 21.09 -2.90 11.40
CA SER K 17 19.80 -2.26 11.62
C SER K 17 18.81 -2.57 10.51
N TYR K 18 19.22 -2.34 9.26
CA TYR K 18 18.39 -2.58 8.09
C TYR K 18 18.49 -4.02 7.60
N VAL K 19 18.91 -4.93 8.45
CA VAL K 19 18.62 -6.34 8.34
C VAL K 19 17.48 -6.64 9.31
N THR K 20 16.72 -7.70 9.02
CA THR K 20 15.96 -8.32 10.10
C THR K 20 15.73 -9.79 9.79
N THR K 21 15.87 -10.59 10.84
CA THR K 21 15.65 -12.02 10.79
C THR K 21 14.32 -12.37 11.44
N ALA K 22 13.91 -13.61 11.25
CA ALA K 22 12.67 -14.13 11.83
C ALA K 22 12.60 -15.61 11.56
N SER K 23 11.91 -16.32 12.44
CA SER K 23 11.64 -17.73 12.25
C SER K 23 10.40 -17.92 11.39
N ASN K 24 10.14 -19.16 11.04
CA ASN K 24 8.98 -19.54 10.25
C ASN K 24 7.82 -19.89 11.17
N GLN K 25 6.78 -20.51 10.61
CA GLN K 25 5.68 -21.04 11.39
C GLN K 25 5.44 -22.49 11.02
N THR K 26 4.97 -23.26 12.00
CA THR K 26 4.92 -24.71 11.91
C THR K 26 3.52 -25.22 11.57
N SER K 27 2.54 -24.90 12.42
CA SER K 27 1.23 -25.53 12.27
C SER K 27 0.51 -25.01 11.03
N PRO K 28 0.36 -23.70 10.82
CA PRO K 28 -0.08 -23.21 9.51
C PRO K 28 1.11 -23.13 8.55
N GLN K 29 1.13 -24.03 7.57
CA GLN K 29 2.14 -23.99 6.51
C GLN K 29 1.94 -22.73 5.71
N ARG K 30 2.84 -21.76 5.86
CA ARG K 30 2.67 -20.47 5.24
C ARG K 30 4.00 -19.90 4.79
N GLU K 31 3.95 -19.09 3.74
CA GLU K 31 5.13 -18.51 3.12
C GLU K 31 5.64 -17.37 4.00
N THR K 32 6.27 -17.75 5.09
CA THR K 32 6.80 -16.78 6.02
C THR K 32 7.94 -16.00 5.38
N ALA K 33 8.40 -14.98 6.11
CA ALA K 33 9.51 -14.13 5.69
C ALA K 33 10.60 -14.30 6.76
N VAL K 34 11.61 -15.09 6.43
CA VAL K 34 12.63 -15.41 7.41
C VAL K 34 13.72 -14.36 7.45
N LEU K 35 13.97 -13.67 6.34
CA LEU K 35 15.01 -12.67 6.32
C LEU K 35 14.58 -11.50 5.45
N SER K 36 15.12 -10.33 5.73
CA SER K 36 14.87 -9.23 4.82
C SER K 36 15.92 -8.15 4.97
N PHE K 37 16.26 -7.54 3.84
CA PHE K 37 17.31 -6.56 3.69
C PHE K 37 16.71 -5.29 3.12
N GLU K 38 16.86 -4.17 3.82
CA GLU K 38 16.37 -2.88 3.37
C GLU K 38 17.54 -2.04 2.89
N CYS K 39 17.44 -1.51 1.67
CA CYS K 39 18.47 -0.67 1.11
C CYS K 39 18.69 0.57 1.98
N PRO K 40 19.87 0.81 2.53
CA PRO K 40 20.05 1.97 3.40
C PRO K 40 20.04 3.29 2.66
N ARG K 41 20.10 4.34 3.49
CA ARG K 41 20.08 5.72 3.05
C ARG K 41 21.24 6.03 2.12
N LYS K 42 22.40 5.44 2.37
CA LYS K 42 23.64 5.90 1.77
C LYS K 42 23.83 5.40 0.35
N PHE K 43 23.37 4.19 0.07
CA PHE K 43 23.52 3.66 -1.26
C PHE K 43 22.62 4.39 -2.25
N GLU K 44 22.92 4.21 -3.53
CA GLU K 44 22.10 4.75 -4.61
C GLU K 44 21.06 3.74 -5.05
N GLU K 45 21.50 2.50 -5.28
CA GLU K 45 20.59 1.43 -5.66
C GLU K 45 21.35 0.12 -5.50
N ILE K 46 20.59 -0.96 -5.52
CA ILE K 46 21.13 -2.31 -5.49
C ILE K 46 20.52 -3.07 -6.66
N ASN K 47 21.32 -3.94 -7.25
CA ASN K 47 20.89 -4.82 -8.32
C ASN K 47 21.03 -6.26 -7.86
N TYR K 48 20.45 -7.15 -8.65
CA TYR K 48 20.51 -8.57 -8.37
C TYR K 48 20.19 -9.30 -9.65
N VAL K 49 21.04 -10.25 -10.02
CA VAL K 49 20.96 -10.92 -11.31
C VAL K 49 21.16 -12.41 -11.09
N GLY K 50 20.38 -13.20 -11.82
CA GLY K 50 20.57 -14.63 -11.82
C GLY K 50 21.51 -15.06 -12.92
N GLN K 51 22.14 -16.22 -12.70
CA GLN K 51 23.22 -16.72 -13.55
C GLN K 51 24.41 -15.76 -13.59
N ARG K 52 24.51 -14.86 -12.63
CA ARG K 52 25.62 -13.93 -12.49
C ARG K 52 26.15 -13.89 -11.06
N ASP K 53 25.27 -14.12 -10.09
CA ASP K 53 25.54 -13.88 -8.68
C ASP K 53 25.40 -15.17 -7.91
N ALA K 54 26.46 -15.55 -7.20
CA ALA K 54 26.47 -16.80 -6.45
C ALA K 54 25.77 -16.62 -5.11
N THR K 55 25.75 -17.68 -4.33
CA THR K 55 24.82 -17.77 -3.21
C THR K 55 25.23 -18.92 -2.31
N ARG K 56 24.79 -18.83 -1.07
CA ARG K 56 24.93 -19.90 -0.09
C ARG K 56 23.88 -19.68 0.98
N PHE K 57 23.29 -20.75 1.48
CA PHE K 57 22.30 -20.64 2.52
C PHE K 57 22.26 -21.98 3.27
N VAL K 58 22.85 -22.01 4.45
CA VAL K 58 22.91 -23.21 5.28
C VAL K 58 21.91 -23.03 6.41
N PRO K 59 20.73 -23.63 6.31
CA PRO K 59 19.80 -23.66 7.44
C PRO K 59 19.90 -24.92 8.26
N ARG K 60 19.31 -24.87 9.45
CA ARG K 60 19.21 -26.01 10.35
C ARG K 60 17.91 -25.86 11.13
N THR K 61 17.73 -26.70 12.14
CA THR K 61 16.61 -26.63 13.05
C THR K 61 17.16 -26.85 14.45
N THR K 62 16.27 -27.09 15.40
CA THR K 62 16.66 -27.46 16.75
C THR K 62 15.70 -28.50 17.27
N GLU K 63 16.23 -29.47 18.02
CA GLU K 63 15.42 -30.41 18.75
C GLU K 63 16.13 -30.75 20.04
N SER K 64 15.41 -31.43 20.93
CA SER K 64 15.94 -31.79 22.23
C SER K 64 15.45 -33.18 22.60
N ILE K 65 16.14 -33.78 23.55
CA ILE K 65 15.78 -35.10 24.06
C ILE K 65 15.87 -35.06 25.58
N THR K 66 15.71 -36.21 26.21
CA THR K 66 15.83 -36.35 27.65
C THR K 66 16.73 -37.54 27.94
N GLY K 67 17.71 -37.35 28.81
CA GLY K 67 18.57 -38.45 29.18
C GLY K 67 17.80 -39.57 29.84
N SER K 68 18.30 -40.79 29.64
CA SER K 68 17.70 -41.97 30.25
C SER K 68 18.80 -42.93 30.64
N ALA K 69 18.44 -43.88 31.51
CA ALA K 69 19.40 -44.89 31.94
C ALA K 69 19.82 -45.78 30.79
N ASN K 70 18.91 -46.07 29.88
CA ASN K 70 19.21 -46.94 28.75
C ASN K 70 20.19 -46.25 27.81
N ASP K 71 21.08 -47.04 27.23
CA ASP K 71 22.14 -46.52 26.37
C ASP K 71 21.55 -46.21 25.00
N ASP K 72 21.05 -44.99 24.85
CA ASP K 72 20.36 -44.60 23.62
C ASP K 72 21.29 -44.67 22.41
N THR K 73 22.28 -43.78 22.34
CA THR K 73 23.23 -43.71 21.24
C THR K 73 22.56 -43.51 19.88
N VAL K 74 21.31 -43.09 19.86
CA VAL K 74 20.57 -42.89 18.62
C VAL K 74 19.34 -42.06 18.98
N VAL K 75 18.95 -41.17 18.09
CA VAL K 75 17.75 -40.36 18.29
C VAL K 75 16.98 -40.28 16.98
N ASP K 76 15.67 -40.36 17.09
CA ASP K 76 14.81 -40.05 15.97
C ASP K 76 14.70 -38.53 15.83
N LEU K 77 14.04 -38.11 14.76
CA LEU K 77 13.88 -36.70 14.45
C LEU K 77 12.50 -36.47 13.87
N THR K 78 12.15 -35.20 13.76
CA THR K 78 10.89 -34.75 13.17
C THR K 78 11.09 -34.13 11.79
N ALA K 79 12.29 -34.24 11.23
CA ALA K 79 12.64 -33.62 9.97
C ALA K 79 13.24 -34.66 9.04
N ASN K 80 12.87 -34.59 7.76
CA ASN K 80 13.53 -35.43 6.78
C ASN K 80 15.01 -35.09 6.76
N ILE K 81 15.81 -36.11 6.51
CA ILE K 81 17.25 -36.02 6.69
C ILE K 81 17.93 -36.62 5.47
N GLN K 82 19.08 -36.06 5.14
CA GLN K 82 19.98 -36.66 4.18
C GLN K 82 21.37 -36.14 4.47
N PRO K 83 22.38 -36.72 3.85
CA PRO K 83 23.73 -36.17 4.04
C PRO K 83 23.93 -34.88 3.26
N VAL K 84 25.03 -34.22 3.59
CA VAL K 84 25.42 -32.99 2.92
C VAL K 84 26.01 -33.38 1.58
N ALA K 85 25.26 -33.13 0.52
CA ALA K 85 25.59 -33.53 -0.85
C ALA K 85 25.71 -35.03 -1.02
N GLY K 86 25.26 -35.81 -0.05
CA GLY K 86 25.30 -37.25 -0.17
C GLY K 86 26.65 -37.77 0.28
N GLU K 87 26.67 -38.56 1.36
CA GLU K 87 27.69 -39.56 1.68
C GLU K 87 27.30 -40.20 2.99
N GLU K 88 27.63 -41.47 3.17
CA GLU K 88 27.39 -42.12 4.45
C GLU K 88 28.34 -41.63 5.54
N VAL K 89 29.44 -41.02 5.16
CA VAL K 89 30.55 -40.78 6.06
C VAL K 89 30.44 -39.38 6.66
N ILE K 90 30.93 -39.24 7.87
CA ILE K 90 31.02 -37.97 8.57
C ILE K 90 32.46 -37.49 8.52
N ALA K 91 32.63 -36.18 8.55
CA ALA K 91 33.89 -35.44 8.51
C ALA K 91 34.47 -35.37 7.11
N GLU K 92 33.89 -36.05 6.12
CA GLU K 92 34.18 -35.81 4.72
C GLU K 92 33.29 -34.74 4.12
N GLN K 93 32.13 -34.49 4.73
CA GLN K 93 31.18 -33.54 4.19
C GLN K 93 31.78 -32.14 4.13
N ASP K 94 31.18 -31.30 3.29
CA ASP K 94 31.53 -29.89 3.29
C ASP K 94 31.28 -29.28 4.66
N TYR K 95 30.29 -29.79 5.38
CA TYR K 95 30.04 -29.40 6.75
C TYR K 95 29.26 -30.52 7.43
N PRO K 96 29.24 -30.54 8.77
CA PRO K 96 28.47 -31.60 9.44
C PRO K 96 26.99 -31.47 9.16
N VAL K 97 26.37 -32.61 8.84
CA VAL K 97 24.92 -32.65 8.68
C VAL K 97 24.23 -32.28 9.97
N ALA K 98 24.84 -32.63 11.11
CA ALA K 98 24.20 -32.46 12.40
C ALA K 98 25.25 -32.19 13.45
N VAL K 99 24.82 -31.46 14.48
CA VAL K 99 25.65 -31.11 15.61
C VAL K 99 24.84 -31.40 16.86
N ALA K 100 25.53 -31.80 17.92
CA ALA K 100 24.88 -32.07 19.20
C ALA K 100 25.73 -31.49 20.30
N TYR K 101 25.06 -31.07 21.37
CA TYR K 101 25.72 -30.43 22.49
C TYR K 101 25.00 -30.82 23.78
N ASN K 102 25.78 -31.15 24.79
CA ASN K 102 25.25 -31.56 26.09
C ASN K 102 25.32 -30.38 27.04
N VAL K 103 24.20 -30.07 27.67
CA VAL K 103 24.14 -28.92 28.56
C VAL K 103 25.02 -29.16 29.78
N THR K 104 24.84 -30.30 30.44
CA THR K 104 25.63 -30.63 31.61
C THR K 104 27.12 -30.65 31.27
N GLN K 105 27.52 -31.57 30.41
CA GLN K 105 28.89 -31.63 29.95
C GLN K 105 29.04 -30.62 28.82
N GLY K 106 29.55 -29.44 29.14
CA GLY K 106 29.62 -28.38 28.16
C GLY K 106 30.66 -28.64 27.10
N VAL K 107 30.39 -29.65 26.27
CA VAL K 107 31.34 -30.13 25.27
C VAL K 107 30.59 -30.44 23.99
N GLU K 108 31.33 -30.49 22.90
CA GLU K 108 30.76 -30.96 21.66
C GLU K 108 30.46 -32.45 21.79
N VAL K 109 29.74 -32.96 20.79
CA VAL K 109 29.43 -34.39 20.69
C VAL K 109 29.61 -34.78 19.24
N ASP K 110 30.46 -35.77 19.00
CA ASP K 110 30.72 -36.20 17.65
C ASP K 110 29.51 -36.95 17.09
N VAL K 111 29.60 -37.32 15.82
CA VAL K 111 28.58 -38.10 15.15
C VAL K 111 29.29 -39.21 14.39
N VAL K 112 28.70 -40.40 14.42
CA VAL K 112 29.28 -41.55 13.75
C VAL K 112 28.70 -41.63 12.35
N ASP K 113 27.39 -41.81 12.27
CA ASP K 113 26.73 -42.03 10.99
C ASP K 113 25.23 -41.86 11.20
N ALA K 114 24.45 -42.26 10.21
CA ALA K 114 22.99 -42.32 10.37
C ALA K 114 22.42 -43.14 9.23
N ASP K 115 21.13 -43.45 9.36
CA ASP K 115 20.45 -44.18 8.31
C ASP K 115 20.21 -43.30 7.09
N TYR K 116 19.88 -42.03 7.33
CA TYR K 116 19.61 -41.05 6.29
C TYR K 116 18.42 -41.43 5.41
N ALA K 117 17.60 -42.38 5.86
CA ALA K 117 16.43 -42.83 5.13
C ALA K 117 15.16 -42.47 5.89
N ALA K 118 15.08 -42.90 7.14
CA ALA K 118 14.08 -42.41 8.07
C ALA K 118 14.70 -41.29 8.89
N ASP K 119 13.86 -40.68 9.74
CA ASP K 119 14.28 -39.55 10.55
C ASP K 119 15.11 -40.08 11.72
N THR K 120 16.38 -40.38 11.44
CA THR K 120 17.26 -41.08 12.36
C THR K 120 18.63 -40.43 12.39
N VAL K 121 19.30 -40.53 13.54
CA VAL K 121 20.73 -40.19 13.59
C VAL K 121 21.36 -40.91 14.77
N THR K 122 22.62 -41.28 14.61
CA THR K 122 23.43 -41.92 15.64
C THR K 122 24.16 -40.87 16.46
N LEU K 123 24.42 -41.20 17.72
CA LEU K 123 25.35 -40.46 18.56
C LEU K 123 26.50 -41.35 18.97
N GLY K 124 27.71 -40.80 18.91
CA GLY K 124 28.89 -41.56 19.29
C GLY K 124 29.06 -41.69 20.79
N THR K 125 28.57 -40.73 21.55
CA THR K 125 28.73 -40.72 23.00
C THR K 125 27.58 -41.50 23.64
N ASN K 126 27.63 -41.59 24.97
CA ASN K 126 26.63 -42.31 25.78
C ASN K 126 26.06 -41.33 26.79
N PRO K 127 24.98 -40.60 26.43
CA PRO K 127 24.43 -39.64 27.37
C PRO K 127 23.93 -40.30 28.64
N ALA K 128 24.05 -39.57 29.74
CA ALA K 128 23.62 -40.03 31.05
C ALA K 128 22.14 -39.74 31.26
N ASP K 129 21.57 -40.37 32.28
CA ASP K 129 20.18 -40.14 32.60
C ASP K 129 20.01 -38.75 33.22
N GLY K 130 18.94 -38.07 32.80
CA GLY K 130 18.66 -36.74 33.30
C GLY K 130 19.41 -35.63 32.60
N ASP K 131 20.44 -35.93 31.83
CA ASP K 131 21.22 -34.90 31.17
C ASP K 131 20.42 -34.27 30.04
N GLU K 132 20.51 -32.95 29.92
CA GLU K 132 19.84 -32.23 28.86
C GLU K 132 20.74 -32.10 27.64
N VAL K 133 20.11 -32.16 26.47
CA VAL K 133 20.81 -32.26 25.20
C VAL K 133 20.13 -31.30 24.22
N LYS K 134 20.91 -30.84 23.26
CA LYS K 134 20.38 -30.10 22.13
C LYS K 134 21.06 -30.61 20.87
N VAL K 135 20.34 -30.51 19.77
CA VAL K 135 20.81 -31.01 18.49
C VAL K 135 20.30 -30.08 17.40
N TRP K 136 21.12 -29.87 16.38
CA TRP K 136 20.84 -28.92 15.31
C TRP K 136 21.02 -29.63 13.98
N PRO K 137 20.13 -30.56 13.67
CA PRO K 137 20.29 -31.34 12.45
C PRO K 137 20.02 -30.52 11.20
N ILE K 138 20.33 -31.14 10.07
CA ILE K 138 19.99 -30.57 8.80
C ILE K 138 18.48 -30.43 8.68
N MET K 139 18.06 -29.54 7.80
CA MET K 139 16.68 -29.30 7.48
C MET K 139 16.40 -29.73 6.04
N SER K 140 15.14 -30.03 5.79
CA SER K 140 14.72 -30.59 4.52
C SER K 140 13.25 -30.24 4.27
N ASP K 141 12.78 -30.57 3.08
CA ASP K 141 11.37 -30.44 2.72
C ASP K 141 10.89 -29.00 2.88
N GLY K 142 11.45 -28.12 2.06
CA GLY K 142 11.09 -26.73 2.10
C GLY K 142 11.22 -26.07 0.75
N ASP K 143 10.79 -24.81 0.71
CA ASP K 143 10.90 -23.98 -0.47
C ASP K 143 11.36 -22.60 -0.06
N VAL K 144 12.12 -21.95 -0.94
CA VAL K 144 12.67 -20.63 -0.68
C VAL K 144 12.34 -19.74 -1.88
N GLN K 145 12.21 -18.44 -1.61
CA GLN K 145 11.84 -17.53 -2.67
C GLN K 145 12.12 -16.09 -2.25
N PHE K 146 11.94 -15.18 -3.20
CA PHE K 146 12.26 -13.78 -3.05
C PHE K 146 11.03 -12.91 -3.32
N ARG K 147 10.98 -11.74 -2.70
CA ARG K 147 10.02 -10.73 -3.13
C ARG K 147 10.43 -9.35 -2.67
N LEU K 148 9.89 -8.35 -3.34
CA LEU K 148 10.26 -6.95 -3.11
C LEU K 148 9.13 -6.18 -2.47
N ILE K 149 9.52 -5.19 -1.67
CA ILE K 149 8.61 -4.37 -0.89
C ILE K 149 9.00 -2.92 -1.07
N ASN K 150 8.01 -2.08 -1.35
CA ASN K 150 8.24 -0.66 -1.63
C ASN K 150 7.96 0.19 -0.39
N GLN K 151 8.77 -0.04 0.63
CA GLN K 151 8.87 0.80 1.83
C GLN K 151 7.68 0.66 2.78
N PHE K 152 6.63 -0.07 2.37
CA PHE K 152 5.34 -0.03 3.06
C PHE K 152 4.79 -1.38 3.49
N GLY K 153 5.50 -2.47 3.28
CA GLY K 153 4.89 -3.77 3.45
C GLY K 153 3.91 -4.07 2.36
N GLN K 154 4.18 -3.57 1.15
CA GLN K 154 3.23 -3.51 0.06
C GLN K 154 3.93 -4.04 -1.19
N GLU K 155 3.65 -5.30 -1.53
CA GLU K 155 4.36 -5.97 -2.60
C GLU K 155 4.02 -5.35 -3.94
N GLU K 156 4.99 -5.36 -4.85
CA GLU K 156 4.79 -4.95 -6.23
C GLU K 156 5.08 -6.06 -7.22
N GLY K 157 5.93 -7.01 -6.86
CA GLY K 157 6.26 -8.06 -7.80
C GLY K 157 7.01 -9.17 -7.12
N ARG K 158 7.47 -10.10 -7.95
CA ARG K 158 8.15 -11.30 -7.48
C ARG K 158 9.30 -11.60 -8.42
N VAL K 159 10.46 -11.90 -7.84
CA VAL K 159 11.69 -12.02 -8.61
C VAL K 159 11.54 -13.12 -9.64
N TYR K 160 11.10 -14.29 -9.19
CA TYR K 160 11.04 -15.46 -9.98
C TYR K 160 9.81 -16.24 -9.52
N PRO K 161 8.91 -16.64 -10.42
CA PRO K 161 7.67 -17.28 -9.96
C PRO K 161 7.86 -18.56 -9.18
N TRP K 162 8.68 -19.47 -9.68
CA TRP K 162 8.72 -20.84 -9.20
C TRP K 162 9.73 -20.99 -8.07
N SER K 163 9.32 -21.60 -6.98
CA SER K 163 10.23 -21.77 -5.86
C SER K 163 11.23 -22.88 -6.13
N THR K 164 12.40 -22.73 -5.54
CA THR K 164 13.45 -23.74 -5.55
C THR K 164 13.44 -24.45 -4.20
N PRO K 165 13.57 -25.78 -4.14
CA PRO K 165 13.55 -26.45 -2.84
C PRO K 165 14.89 -26.42 -2.13
N LEU K 166 14.84 -26.11 -0.83
CA LEU K 166 16.02 -26.13 0.01
C LEU K 166 16.63 -27.50 0.07
N TYR K 167 15.80 -28.51 -0.09
CA TYR K 167 16.28 -29.87 -0.20
C TYR K 167 17.36 -29.99 -1.27
N ARG K 168 17.01 -29.64 -2.49
CA ARG K 168 17.96 -29.57 -3.59
C ARG K 168 19.13 -28.65 -3.28
N TRP K 169 18.82 -27.55 -2.60
CA TRP K 169 19.85 -26.58 -2.21
C TRP K 169 20.97 -27.23 -1.41
N HIS K 170 20.59 -28.09 -0.47
CA HIS K 170 21.60 -28.85 0.27
C HIS K 170 22.24 -29.91 -0.60
N ASP K 171 21.48 -30.46 -1.55
CA ASP K 171 21.99 -31.59 -2.34
C ASP K 171 23.17 -31.19 -3.20
N PHE K 172 23.12 -30.04 -3.86
CA PHE K 172 24.24 -29.68 -4.70
C PHE K 172 25.45 -29.33 -3.82
N PRO K 173 26.67 -29.77 -4.18
CA PRO K 173 27.84 -29.23 -3.51
C PRO K 173 27.97 -27.75 -3.80
N GLN K 174 28.03 -26.97 -2.75
CA GLN K 174 28.03 -25.53 -2.87
C GLN K 174 29.41 -25.07 -3.31
N LEU K 175 29.55 -23.75 -3.43
CA LEU K 175 30.86 -23.07 -3.50
C LEU K 175 31.83 -23.68 -4.51
N LYS K 176 31.30 -24.21 -5.62
CA LYS K 176 32.09 -24.67 -6.76
C LYS K 176 31.61 -23.96 -8.00
N ARG K 177 32.49 -23.20 -8.65
CA ARG K 177 32.08 -22.56 -9.89
C ARG K 177 31.85 -23.61 -10.95
N GLY K 178 30.82 -23.42 -11.76
CA GLY K 178 30.32 -24.40 -12.69
C GLY K 178 29.23 -25.23 -12.05
N ARG K 179 29.47 -25.65 -10.80
CA ARG K 179 28.45 -26.31 -9.99
C ARG K 179 27.82 -25.35 -9.00
N GLU K 180 28.25 -24.09 -8.95
CA GLU K 180 27.66 -23.12 -8.06
C GLU K 180 26.20 -22.91 -8.40
N ILE K 181 25.42 -22.59 -7.39
CA ILE K 181 24.01 -22.31 -7.59
C ILE K 181 23.85 -20.89 -8.09
N ASN K 182 22.91 -20.71 -9.00
CA ASN K 182 22.58 -19.38 -9.52
C ASN K 182 21.10 -19.41 -9.87
N LEU K 183 20.28 -18.76 -9.04
CA LEU K 183 18.86 -18.68 -9.33
C LEU K 183 18.62 -17.81 -10.56
N HIS K 184 17.36 -17.64 -10.89
CA HIS K 184 16.92 -16.81 -12.00
C HIS K 184 16.26 -15.54 -11.48
N GLY K 185 16.10 -14.58 -12.36
CA GLY K 185 15.45 -13.32 -12.07
C GLY K 185 16.45 -12.19 -12.02
N SER K 186 15.97 -10.99 -12.36
CA SER K 186 16.80 -9.79 -12.44
C SER K 186 16.05 -8.66 -11.75
N ALA K 187 16.37 -8.44 -10.49
CA ALA K 187 15.73 -7.45 -9.65
C ALA K 187 16.64 -6.26 -9.42
N SER K 188 16.03 -5.17 -8.97
CA SER K 188 16.78 -3.98 -8.62
C SER K 188 15.88 -3.07 -7.79
N TRP K 189 16.47 -2.40 -6.81
CA TRP K 189 15.71 -1.49 -5.97
C TRP K 189 16.61 -0.36 -5.49
N SER K 190 16.03 0.50 -4.66
CA SER K 190 16.63 1.77 -4.28
C SER K 190 16.36 1.99 -2.79
N GLU K 191 16.56 3.23 -2.36
CA GLU K 191 16.63 3.57 -0.94
C GLU K 191 15.38 3.15 -0.18
N ASN K 192 15.59 2.49 0.96
CA ASN K 192 14.57 2.07 1.92
C ASN K 192 13.61 1.01 1.38
N GLU K 193 13.85 0.51 0.18
CA GLU K 193 13.08 -0.57 -0.38
C GLU K 193 13.73 -1.89 0.03
N THR K 194 12.90 -2.91 0.21
CA THR K 194 13.32 -4.12 0.89
C THR K 194 13.21 -5.32 -0.05
N LEU K 195 14.17 -6.23 0.09
CA LEU K 195 14.09 -7.57 -0.46
C LEU K 195 13.87 -8.53 0.70
N GLU K 196 12.82 -9.34 0.59
CA GLU K 196 12.47 -10.33 1.59
C GLU K 196 12.80 -11.71 1.03
N ILE K 197 13.48 -12.50 1.85
CA ILE K 197 13.80 -13.89 1.55
C ILE K 197 12.87 -14.74 2.41
N LEU K 198 12.07 -15.54 1.73
CA LEU K 198 10.91 -16.19 2.29
C LEU K 198 11.06 -17.69 2.25
N LEU K 199 10.40 -18.32 3.20
CA LEU K 199 10.52 -19.73 3.50
C LEU K 199 9.13 -20.34 3.57
N ASP K 200 8.99 -21.54 3.02
CA ASP K 200 7.78 -22.34 3.15
C ASP K 200 8.21 -23.75 3.49
N ALA K 201 8.09 -24.13 4.76
CA ALA K 201 8.48 -25.45 5.21
C ALA K 201 7.92 -25.67 6.61
N PRO K 202 7.77 -26.93 7.02
CA PRO K 202 7.19 -27.20 8.34
C PRO K 202 8.12 -26.95 9.50
N GLN K 203 9.35 -27.42 9.40
CA GLN K 203 10.19 -27.52 10.57
C GLN K 203 10.72 -26.15 10.98
N ALA K 204 10.84 -25.98 12.29
CA ALA K 204 11.20 -24.68 12.87
C ALA K 204 12.70 -24.49 12.79
N LEU K 205 13.13 -23.61 11.91
CA LEU K 205 14.53 -23.27 11.79
C LEU K 205 14.94 -22.30 12.90
N THR K 206 16.23 -21.96 12.92
CA THR K 206 16.81 -21.13 13.95
C THR K 206 17.80 -20.18 13.34
N TRP K 207 18.16 -19.17 14.13
CA TRP K 207 19.19 -18.20 13.76
C TRP K 207 20.20 -18.04 14.88
N GLU K 208 19.74 -18.16 16.12
CA GLU K 208 20.58 -17.91 17.28
C GLU K 208 20.18 -18.87 18.39
N ASP K 209 21.18 -19.40 19.08
CA ASP K 209 20.96 -20.28 20.23
C ASP K 209 21.85 -19.98 21.43
N SER K 210 22.98 -19.31 21.24
CA SER K 210 23.89 -18.89 22.30
C SER K 210 24.58 -20.06 22.99
N ASP K 211 24.39 -21.29 22.52
CA ASP K 211 25.09 -22.45 23.07
C ASP K 211 25.51 -23.40 21.96
N TYR K 212 25.76 -22.86 20.77
CA TYR K 212 26.14 -23.66 19.61
C TYR K 212 27.64 -23.53 19.40
N PRO K 213 28.41 -24.61 19.36
CA PRO K 213 29.87 -24.47 19.32
C PRO K 213 30.41 -23.87 18.04
N ARG K 214 30.01 -24.43 16.89
CA ARG K 214 30.60 -24.06 15.61
C ARG K 214 30.06 -22.70 15.18
N GLY K 215 30.51 -21.67 15.89
CA GLY K 215 30.10 -20.31 15.62
C GLY K 215 28.90 -19.90 16.46
N GLN K 216 28.67 -18.59 16.50
CA GLN K 216 27.55 -18.06 17.25
C GLN K 216 26.25 -18.23 16.49
N TYR K 217 26.17 -17.64 15.30
CA TYR K 217 24.97 -17.75 14.48
C TYR K 217 24.96 -19.12 13.79
N VAL K 218 23.92 -19.90 14.06
CA VAL K 218 23.86 -21.28 13.61
C VAL K 218 23.77 -21.33 12.10
N THR K 219 22.68 -20.82 11.56
CA THR K 219 22.44 -20.83 10.14
C THR K 219 23.21 -19.68 9.50
N THR K 220 23.10 -19.59 8.18
CA THR K 220 23.72 -18.47 7.51
C THR K 220 23.19 -18.32 6.09
N LEU K 221 23.29 -17.09 5.60
CA LEU K 221 23.07 -16.76 4.20
C LEU K 221 24.25 -15.92 3.74
N GLU K 222 24.69 -16.15 2.53
CA GLU K 222 25.77 -15.36 1.93
C GLU K 222 25.46 -15.23 0.45
N GLN K 223 25.02 -14.05 0.02
CA GLN K 223 24.58 -13.82 -1.36
C GLN K 223 25.45 -12.79 -2.04
N ASP K 224 25.70 -12.98 -3.33
CA ASP K 224 26.39 -11.98 -4.13
C ASP K 224 25.41 -10.96 -4.67
N VAL K 225 25.82 -9.71 -4.69
CA VAL K 225 25.03 -8.63 -5.24
C VAL K 225 25.95 -7.65 -5.95
N GLU K 226 25.32 -6.79 -6.74
CA GLU K 226 25.96 -5.66 -7.40
C GLU K 226 25.36 -4.38 -6.85
N ILE K 227 26.22 -3.41 -6.58
CA ILE K 227 25.83 -2.17 -5.94
C ILE K 227 26.40 -1.01 -6.74
N THR K 228 25.63 0.07 -6.79
CA THR K 228 26.07 1.33 -7.37
C THR K 228 26.52 2.24 -6.23
N LEU K 229 27.73 1.98 -5.76
CA LEU K 229 28.36 2.78 -4.72
C LEU K 229 27.51 2.90 -3.47
N PRO L 1 10.47 -0.40 -6.73
CA PRO L 1 10.90 -1.72 -7.18
C PRO L 1 10.91 -1.87 -8.68
N GLU L 2 11.71 -2.80 -9.17
CA GLU L 2 11.74 -3.09 -10.60
C GLU L 2 12.12 -4.55 -10.79
N ILE L 3 11.38 -5.22 -11.66
CA ILE L 3 11.65 -6.60 -12.04
C ILE L 3 11.74 -6.64 -13.55
N GLY L 4 12.64 -7.49 -14.06
CA GLY L 4 12.78 -7.62 -15.51
C GLY L 4 11.71 -8.54 -16.08
N ASN L 5 11.21 -8.17 -17.25
CA ASN L 5 10.21 -8.97 -17.95
C ASN L 5 10.93 -10.18 -18.52
N ASN L 6 11.07 -11.20 -17.68
CA ASN L 6 11.73 -12.43 -18.09
C ASN L 6 10.98 -13.07 -19.25
N GLY L 7 11.73 -13.72 -20.14
CA GLY L 7 11.12 -14.31 -21.31
C GLY L 7 10.13 -15.39 -20.94
N ALA L 8 9.18 -15.62 -21.84
CA ALA L 8 8.16 -16.63 -21.59
C ALA L 8 8.76 -18.02 -21.52
N GLU L 9 9.82 -18.29 -22.27
CA GLU L 9 10.48 -19.59 -22.26
C GLU L 9 11.28 -19.71 -20.98
N LYS L 10 10.60 -20.12 -19.92
CA LYS L 10 11.24 -20.17 -18.61
C LYS L 10 11.98 -21.48 -18.41
N GLN L 11 13.08 -21.40 -17.67
CA GLN L 11 14.02 -22.50 -17.49
C GLN L 11 13.80 -23.11 -16.12
N ILE L 12 13.39 -24.38 -16.11
CA ILE L 12 12.77 -24.99 -14.94
C ILE L 12 13.28 -26.43 -14.82
N SER L 13 12.81 -27.09 -13.76
CA SER L 13 13.17 -28.47 -13.53
C SER L 13 12.03 -29.14 -12.78
N LEU L 14 12.05 -30.48 -12.82
CA LEU L 14 10.99 -31.30 -12.29
C LEU L 14 11.51 -32.11 -11.10
N HIS L 15 10.61 -32.35 -10.15
CA HIS L 15 10.96 -33.14 -8.99
C HIS L 15 9.66 -33.67 -8.38
N LYS L 16 9.78 -34.33 -7.24
CA LYS L 16 8.65 -35.04 -6.65
C LYS L 16 7.58 -34.06 -6.17
N GLY L 17 7.99 -33.07 -5.38
CA GLY L 17 7.04 -32.16 -4.76
C GLY L 17 6.44 -31.15 -5.71
N GLN L 18 5.63 -31.63 -6.65
CA GLN L 18 4.92 -30.77 -7.58
C GLN L 18 3.52 -31.36 -7.79
N PRO L 19 2.58 -30.55 -8.30
CA PRO L 19 1.21 -31.05 -8.42
C PRO L 19 0.98 -31.94 -9.63
N PHE L 20 1.65 -31.66 -10.74
CA PHE L 20 1.43 -32.36 -11.99
C PHE L 20 2.31 -33.59 -12.14
N ILE L 21 2.77 -34.14 -11.01
CA ILE L 21 3.60 -35.33 -10.95
C ILE L 21 3.04 -36.22 -9.85
N ASP L 22 3.33 -37.52 -9.96
CA ASP L 22 2.87 -38.46 -8.95
C ASP L 22 3.77 -39.68 -9.01
N THR L 23 3.72 -40.49 -7.95
CA THR L 23 4.45 -41.74 -7.91
C THR L 23 3.65 -42.78 -7.14
N GLN L 24 4.13 -44.02 -7.17
CA GLN L 24 3.57 -45.07 -6.34
C GLN L 24 4.53 -46.23 -6.31
N ASP L 25 4.48 -46.99 -5.21
CA ASP L 25 5.43 -48.06 -4.95
C ASP L 25 5.39 -49.12 -6.07
N VAL L 26 6.45 -49.91 -6.12
CA VAL L 26 6.63 -50.96 -7.11
C VAL L 26 7.24 -52.17 -6.44
N GLY L 27 6.87 -53.35 -6.93
CA GLY L 27 7.36 -54.60 -6.39
C GLY L 27 8.55 -55.13 -7.14
N ALA L 28 8.37 -56.22 -7.88
CA ALA L 28 9.46 -56.88 -8.57
C ALA L 28 8.94 -57.57 -9.81
N ALA L 29 9.74 -57.56 -10.87
CA ALA L 29 9.35 -58.13 -12.16
C ALA L 29 8.04 -57.50 -12.63
N ASP L 30 8.10 -56.19 -12.82
CA ASP L 30 6.92 -55.35 -12.75
C ASP L 30 7.07 -54.17 -13.70
N PRO L 31 7.07 -54.42 -15.00
CA PRO L 31 7.36 -53.36 -15.98
C PRO L 31 6.24 -52.39 -16.23
N ASN L 32 5.00 -52.89 -16.23
CA ASN L 32 3.91 -52.19 -16.89
C ASN L 32 3.58 -50.85 -16.24
N THR L 33 3.77 -50.74 -14.93
CA THR L 33 3.31 -49.55 -14.26
C THR L 33 4.33 -48.41 -14.37
N PRO L 34 3.87 -47.16 -14.41
CA PRO L 34 4.76 -46.04 -14.12
C PRO L 34 4.99 -45.93 -12.62
N ALA L 35 6.23 -46.18 -12.19
CA ALA L 35 6.63 -45.83 -10.85
C ALA L 35 6.41 -44.34 -10.60
N VAL L 36 6.57 -43.54 -11.65
CA VAL L 36 6.36 -42.10 -11.58
C VAL L 36 5.58 -41.70 -12.83
N THR L 37 4.56 -40.89 -12.64
CA THR L 37 3.74 -40.34 -13.71
C THR L 37 3.91 -38.84 -13.74
N ILE L 38 3.95 -38.30 -14.95
CA ILE L 38 4.01 -36.86 -15.19
C ILE L 38 2.87 -36.52 -16.12
N GLU L 39 2.31 -35.32 -15.95
CA GLU L 39 1.28 -34.86 -16.86
C GLU L 39 1.45 -33.37 -17.14
N GLY L 40 1.06 -32.98 -18.35
CA GLY L 40 1.09 -31.59 -18.73
C GLY L 40 0.01 -30.81 -18.01
N PRO L 41 0.35 -29.74 -17.30
CA PRO L 41 -0.70 -28.87 -16.77
C PRO L 41 -1.49 -28.20 -17.88
N SER L 42 -2.53 -27.50 -17.47
CA SER L 42 -3.45 -26.90 -18.41
C SER L 42 -2.87 -25.62 -18.99
N ASP L 43 -3.00 -25.47 -20.30
CA ASP L 43 -2.61 -24.26 -21.03
C ASP L 43 -1.13 -23.94 -20.89
N TYR L 44 -0.32 -24.95 -20.58
CA TYR L 44 1.13 -24.85 -20.58
C TYR L 44 1.69 -25.80 -21.62
N VAL L 45 2.96 -25.57 -21.94
CA VAL L 45 3.71 -26.41 -22.87
C VAL L 45 5.09 -26.59 -22.29
N ILE L 46 5.48 -27.82 -22.11
CA ILE L 46 6.80 -28.18 -21.61
C ILE L 46 7.61 -28.67 -22.79
N ALA L 47 8.91 -28.40 -22.74
CA ALA L 47 9.86 -28.81 -23.76
C ALA L 47 11.09 -29.37 -23.06
N ILE L 48 11.51 -30.56 -23.52
CA ILE L 48 12.69 -31.23 -23.00
C ILE L 48 13.61 -31.47 -24.18
N ASP L 49 14.77 -30.83 -24.15
CA ASP L 49 15.72 -30.96 -25.25
C ASP L 49 16.43 -32.30 -25.18
N ALA L 50 17.21 -32.58 -26.22
CA ALA L 50 17.89 -33.87 -26.32
C ALA L 50 19.03 -33.98 -25.33
N GLY L 51 19.72 -32.88 -25.07
CA GLY L 51 20.83 -32.90 -24.15
C GLY L 51 20.40 -32.58 -22.74
N THR L 52 19.23 -33.06 -22.36
CA THR L 52 18.69 -32.77 -21.04
C THR L 52 19.25 -33.77 -20.04
N PRO L 53 19.75 -33.34 -18.87
CA PRO L 53 20.16 -34.32 -17.86
C PRO L 53 18.98 -35.08 -17.29
N VAL L 54 19.30 -36.23 -16.73
CA VAL L 54 18.34 -37.16 -16.18
C VAL L 54 18.92 -37.68 -14.88
N ALA L 55 18.05 -37.99 -13.93
CA ALA L 55 18.56 -38.35 -12.62
C ALA L 55 17.51 -39.06 -11.78
N PRO L 56 17.32 -40.37 -11.98
CA PRO L 56 16.58 -41.17 -11.00
C PRO L 56 17.49 -41.62 -9.88
N GLU L 57 16.94 -41.58 -8.67
CA GLU L 57 17.70 -41.87 -7.47
C GLU L 57 16.85 -42.74 -6.56
N PHE L 58 16.30 -43.81 -7.13
CA PHE L 58 15.42 -44.71 -6.41
C PHE L 58 16.12 -45.33 -5.22
N ARG L 59 15.32 -45.93 -4.34
CA ARG L 59 15.82 -46.53 -3.11
C ARG L 59 14.99 -47.75 -2.78
N ASP L 60 15.48 -48.48 -1.79
CA ASP L 60 14.78 -49.57 -1.15
C ASP L 60 14.12 -49.06 0.13
N ALA L 61 13.13 -49.82 0.61
CA ALA L 61 12.41 -49.43 1.82
C ALA L 61 13.34 -49.32 3.02
N ASN L 62 14.33 -50.20 3.11
CA ASN L 62 15.29 -50.14 4.20
C ASN L 62 16.33 -49.05 4.01
N GLY L 63 16.27 -48.28 2.93
CA GLY L 63 17.26 -47.27 2.65
C GLY L 63 18.51 -47.85 2.04
N ASP L 64 18.38 -48.44 0.85
CA ASP L 64 19.51 -48.98 0.11
C ASP L 64 19.25 -48.75 -1.38
N LYS L 65 20.32 -48.86 -2.15
CA LYS L 65 20.21 -48.90 -3.60
C LYS L 65 19.84 -50.31 -4.02
N LEU L 66 19.19 -50.41 -5.18
CA LEU L 66 18.70 -51.67 -5.69
C LEU L 66 19.72 -52.33 -6.62
N ASP L 67 19.37 -53.50 -7.11
CA ASP L 67 20.18 -54.27 -8.02
C ASP L 67 20.50 -53.44 -9.27
N PRO L 68 21.78 -53.14 -9.56
CA PRO L 68 22.07 -52.29 -10.72
C PRO L 68 21.68 -52.91 -12.04
N SER L 69 21.41 -54.21 -12.10
CA SER L 69 20.83 -54.80 -13.29
C SER L 69 19.41 -54.32 -13.55
N THR L 70 18.77 -53.70 -12.56
CA THR L 70 17.49 -53.05 -12.73
C THR L 70 17.57 -52.06 -13.89
N ARG L 71 16.44 -51.89 -14.57
CA ARG L 71 16.35 -51.00 -15.72
C ARG L 71 15.30 -49.92 -15.48
N VAL L 72 15.59 -48.74 -16.02
CA VAL L 72 14.69 -47.60 -16.00
C VAL L 72 14.46 -47.21 -17.44
N THR L 73 13.23 -46.82 -17.75
CA THR L 73 12.86 -46.37 -19.09
C THR L 73 11.91 -45.19 -18.95
N ILE L 74 12.35 -44.03 -19.38
CA ILE L 74 11.41 -42.93 -19.61
C ILE L 74 10.72 -43.19 -20.94
N GLN L 75 9.46 -42.79 -21.04
CA GLN L 75 8.72 -43.05 -22.26
C GLN L 75 7.56 -42.09 -22.37
N LYS L 76 7.43 -41.45 -23.53
CA LYS L 76 6.28 -40.63 -23.79
C LYS L 76 5.06 -41.50 -24.04
N CYS L 77 3.89 -40.95 -23.78
CA CYS L 77 2.65 -41.64 -24.02
C CYS L 77 1.68 -40.71 -24.71
N ASP L 78 0.85 -41.29 -25.57
CA ASP L 78 -0.38 -40.63 -25.93
C ASP L 78 -1.25 -40.54 -24.69
N LYS L 79 -2.34 -39.76 -24.78
CA LYS L 79 -3.34 -39.71 -23.74
C LYS L 79 -3.82 -41.11 -23.37
N GLN L 80 -4.39 -41.25 -22.17
CA GLN L 80 -5.01 -42.49 -21.70
C GLN L 80 -3.98 -43.53 -21.30
N GLY L 81 -2.83 -43.08 -20.82
CA GLY L 81 -1.81 -44.01 -20.42
C GLY L 81 -1.37 -44.92 -21.55
N ASN L 82 -1.47 -44.45 -22.78
CA ASN L 82 -1.23 -45.25 -23.96
C ASN L 82 0.21 -44.99 -24.42
N PRO L 83 1.15 -45.90 -24.16
CA PRO L 83 2.53 -45.63 -24.55
C PRO L 83 2.71 -45.69 -26.06
N LEU L 84 3.88 -45.23 -26.50
CA LEU L 84 4.24 -45.19 -27.91
C LEU L 84 5.73 -45.48 -28.04
N GLY L 85 6.08 -46.17 -29.11
CA GLY L 85 7.43 -46.66 -29.29
C GLY L 85 8.36 -45.55 -29.69
N ASP L 86 8.00 -44.84 -30.75
CA ASP L 86 8.72 -43.64 -31.11
C ASP L 86 8.62 -42.64 -29.97
N GLY L 87 9.58 -41.72 -29.92
CA GLY L 87 9.62 -40.72 -28.89
C GLY L 87 10.16 -41.18 -27.56
N ILE L 88 10.38 -42.49 -27.38
CA ILE L 88 10.99 -42.98 -26.15
C ILE L 88 12.39 -42.40 -26.00
N VAL L 89 12.77 -42.14 -24.75
CA VAL L 89 14.10 -41.65 -24.43
C VAL L 89 14.53 -42.25 -23.11
N PHE L 90 15.84 -42.31 -22.92
CA PHE L 90 16.44 -42.73 -21.65
C PHE L 90 15.97 -44.15 -21.28
N SER L 91 16.47 -45.10 -22.05
CA SER L 91 16.41 -46.51 -21.68
C SER L 91 17.77 -46.85 -21.08
N ASP L 92 17.85 -46.78 -19.76
CA ASP L 92 19.11 -46.89 -19.04
C ASP L 92 18.97 -47.96 -17.98
N THR L 93 20.11 -48.37 -17.44
CA THR L 93 20.17 -49.28 -16.32
C THR L 93 20.24 -48.50 -15.02
N LEU L 94 19.76 -49.12 -13.94
CA LEU L 94 19.73 -48.43 -12.66
C LEU L 94 21.12 -48.29 -12.06
N GLY L 95 22.05 -49.14 -12.45
CA GLY L 95 23.42 -49.00 -11.99
C GLY L 95 24.09 -47.85 -12.70
N ARG L 96 25.41 -47.79 -12.51
CA ARG L 96 26.30 -46.89 -13.26
C ARG L 96 25.81 -45.45 -13.28
N PHE L 97 25.43 -44.94 -12.11
CA PHE L 97 25.21 -43.51 -11.92
C PHE L 97 26.19 -42.89 -10.94
N GLU L 98 26.50 -43.58 -9.85
CA GLU L 98 27.22 -42.99 -8.73
C GLU L 98 26.46 -41.77 -8.21
N TYR L 99 25.31 -42.09 -7.61
CA TYR L 99 24.37 -41.09 -7.09
C TYR L 99 25.03 -40.01 -6.25
N SER L 100 26.16 -40.32 -5.62
CA SER L 100 26.86 -39.33 -4.81
C SER L 100 27.22 -38.10 -5.64
N LYS L 101 27.78 -38.29 -6.82
CA LYS L 101 28.28 -37.22 -7.66
C LYS L 101 27.48 -37.04 -8.94
N MET L 102 26.32 -37.69 -9.04
CA MET L 102 25.60 -37.86 -10.30
C MET L 102 25.22 -36.53 -10.94
N ARG L 103 24.34 -35.77 -10.29
CA ARG L 103 24.01 -34.44 -10.79
C ARG L 103 25.21 -33.52 -10.66
N SER L 104 25.93 -33.67 -9.55
CA SER L 104 27.09 -32.85 -9.23
C SER L 104 28.07 -32.77 -10.39
N ASP L 105 28.42 -33.92 -10.95
CA ASP L 105 29.48 -34.00 -11.95
C ASP L 105 28.92 -34.01 -13.36
N PRO L 106 29.39 -33.15 -14.26
CA PRO L 106 28.93 -33.26 -15.66
C PRO L 106 29.31 -34.56 -16.31
N ASP L 107 30.41 -35.19 -15.87
CA ASP L 107 30.75 -36.50 -16.37
C ASP L 107 29.64 -37.50 -16.06
N TYR L 108 29.40 -37.73 -14.76
CA TYR L 108 28.32 -38.61 -14.36
C TYR L 108 26.96 -38.18 -14.85
N MET L 109 26.80 -36.91 -15.24
CA MET L 109 25.50 -36.41 -15.65
C MET L 109 25.05 -37.11 -16.93
N ARG L 110 24.08 -38.01 -16.78
CA ARG L 110 23.56 -38.78 -17.91
C ARG L 110 22.44 -37.99 -18.56
N LYS L 111 22.62 -37.69 -19.84
CA LYS L 111 21.66 -36.92 -20.60
C LYS L 111 20.73 -37.85 -21.39
N THR L 112 19.71 -37.26 -21.97
CA THR L 112 18.79 -38.00 -22.80
C THR L 112 19.44 -38.30 -24.14
N THR L 113 18.66 -38.89 -25.04
CA THR L 113 19.13 -39.29 -26.36
C THR L 113 18.58 -38.39 -27.45
N THR L 114 17.28 -38.10 -27.41
CA THR L 114 16.62 -37.31 -28.44
C THR L 114 15.72 -36.28 -27.78
N SER L 115 15.22 -35.36 -28.60
CA SER L 115 14.39 -34.29 -28.11
C SER L 115 13.06 -34.84 -27.62
N LEU L 116 12.24 -33.94 -27.09
CA LEU L 116 10.95 -34.34 -26.56
C LEU L 116 10.10 -33.10 -26.35
N MET L 117 8.79 -33.31 -26.35
CA MET L 117 7.84 -32.23 -26.16
C MET L 117 6.62 -32.79 -25.47
N ILE L 118 5.96 -31.95 -24.69
CA ILE L 118 4.75 -32.32 -23.96
C ILE L 118 3.71 -31.27 -24.26
N ASP L 119 2.70 -31.64 -25.03
CA ASP L 119 1.55 -30.80 -25.23
C ASP L 119 0.74 -30.73 -23.93
N GLU L 120 -0.22 -29.81 -23.90
CA GLU L 120 -0.87 -29.40 -22.66
C GLU L 120 -1.46 -30.57 -21.87
N ARG L 121 -2.07 -31.53 -22.56
CA ARG L 121 -2.61 -32.75 -21.94
C ARG L 121 -1.88 -33.93 -22.57
N GLU L 122 -0.75 -34.31 -21.98
CA GLU L 122 -0.06 -35.51 -22.40
C GLU L 122 0.63 -36.10 -21.18
N ILE L 123 1.22 -37.28 -21.37
CA ILE L 123 1.75 -38.08 -20.29
C ILE L 123 3.15 -38.54 -20.64
N VAL L 124 4.00 -38.59 -19.62
CA VAL L 124 5.32 -39.19 -19.69
C VAL L 124 5.43 -40.11 -18.50
N LYS L 125 5.87 -41.34 -18.75
CA LYS L 125 5.93 -42.38 -17.74
C LYS L 125 7.37 -42.84 -17.54
N ILE L 126 7.59 -43.43 -16.39
CA ILE L 126 8.90 -43.92 -15.99
C ILE L 126 8.70 -45.35 -15.54
N PHE L 127 8.88 -46.30 -16.46
CA PHE L 127 8.76 -47.71 -16.13
C PHE L 127 10.07 -48.22 -15.57
N VAL L 128 9.95 -49.23 -14.72
CA VAL L 128 11.07 -49.82 -14.01
C VAL L 128 10.95 -51.33 -14.12
N GLU L 129 12.07 -51.99 -14.41
CA GLU L 129 12.16 -53.44 -14.51
C GLU L 129 13.16 -53.92 -13.47
N VAL L 130 12.65 -54.55 -12.42
CA VAL L 130 13.46 -55.12 -11.35
C VAL L 130 13.51 -56.63 -11.56
N PRO L 131 14.67 -57.28 -11.45
CA PRO L 131 14.68 -58.74 -11.51
C PRO L 131 14.02 -59.34 -10.28
N PRO L 132 13.49 -60.55 -10.40
CA PRO L 132 12.80 -61.16 -9.25
C PRO L 132 13.75 -61.47 -8.11
N ASN L 133 13.16 -61.88 -7.00
CA ASN L 133 13.90 -62.18 -5.77
C ASN L 133 14.74 -60.99 -5.33
N ALA L 134 14.20 -59.79 -5.51
CA ALA L 134 14.85 -58.56 -5.16
C ALA L 134 13.90 -57.72 -4.31
N ASN L 135 14.43 -56.65 -3.74
CA ASN L 135 13.64 -55.76 -2.91
C ASN L 135 12.90 -54.76 -3.78
N GLY L 136 11.76 -54.30 -3.27
CA GLY L 136 10.92 -53.40 -4.01
C GLY L 136 11.28 -51.95 -3.83
N MET L 137 10.66 -51.10 -4.63
CA MET L 137 10.87 -49.66 -4.55
C MET L 137 9.99 -49.07 -3.46
N ASP L 138 10.51 -48.02 -2.82
CA ASP L 138 9.80 -47.31 -1.77
C ASP L 138 9.67 -45.86 -2.17
N ALA L 139 8.43 -45.39 -2.29
CA ALA L 139 8.16 -44.07 -2.83
C ALA L 139 8.58 -42.95 -1.88
N ASP L 140 8.67 -43.24 -0.58
CA ASP L 140 9.02 -42.20 0.37
C ASP L 140 10.42 -41.67 0.12
N ASN L 141 11.33 -42.55 -0.30
CA ASN L 141 12.74 -42.22 -0.46
C ASN L 141 13.17 -42.09 -1.91
N SER L 142 12.41 -42.67 -2.84
CA SER L 142 12.74 -42.55 -4.25
C SER L 142 12.64 -41.10 -4.69
N ARG L 143 13.21 -40.81 -5.85
CA ARG L 143 13.08 -39.49 -6.42
C ARG L 143 13.50 -39.49 -7.88
N ILE L 144 12.89 -38.59 -8.64
CA ILE L 144 13.29 -38.25 -9.99
C ILE L 144 13.67 -36.79 -10.00
N THR L 145 14.67 -36.46 -10.83
CA THR L 145 14.93 -35.09 -11.21
C THR L 145 15.38 -35.09 -12.66
N ILE L 146 14.92 -34.10 -13.42
CA ILE L 146 15.36 -33.91 -14.78
C ILE L 146 15.59 -32.42 -15.00
N GLY L 147 16.41 -32.10 -15.97
CA GLY L 147 16.78 -30.71 -16.20
C GLY L 147 17.80 -30.24 -15.20
N ASP L 148 18.58 -29.23 -15.59
CA ASP L 148 19.65 -28.67 -14.76
C ASP L 148 19.52 -27.16 -14.80
N ASP L 149 18.66 -26.64 -13.93
CA ASP L 149 18.74 -25.24 -13.57
C ASP L 149 19.98 -25.04 -12.70
N THR L 150 20.33 -23.78 -12.48
CA THR L 150 21.26 -23.41 -11.44
C THR L 150 22.64 -24.03 -11.64
N SER L 151 23.09 -24.07 -12.89
CA SER L 151 24.41 -24.58 -13.18
C SER L 151 24.75 -24.24 -14.61
N ASP L 152 25.98 -23.78 -14.83
CA ASP L 152 26.43 -23.52 -16.19
C ASP L 152 26.47 -24.82 -16.99
N TYR L 153 26.66 -25.95 -16.32
CA TYR L 153 26.59 -27.24 -16.98
C TYR L 153 25.14 -27.69 -17.09
N GLY L 154 24.93 -28.65 -17.97
CA GLY L 154 23.61 -29.21 -18.17
C GLY L 154 22.66 -28.22 -18.81
N LYS L 155 21.50 -28.74 -19.16
CA LYS L 155 20.41 -27.99 -19.77
C LYS L 155 19.25 -27.91 -18.78
N ALA L 156 18.23 -27.16 -19.17
CA ALA L 156 17.06 -26.96 -18.33
C ALA L 156 15.81 -27.23 -19.14
N VAL L 157 14.74 -27.54 -18.43
CA VAL L 157 13.46 -27.81 -19.06
C VAL L 157 12.82 -26.49 -19.42
N GLY L 158 12.41 -26.35 -20.68
CA GLY L 158 11.71 -25.16 -21.09
C GLY L 158 10.23 -25.28 -20.78
N ILE L 159 9.63 -24.16 -20.41
CA ILE L 159 8.18 -24.10 -20.22
C ILE L 159 7.67 -22.79 -20.81
N VAL L 160 6.42 -22.82 -21.25
CA VAL L 160 5.79 -21.62 -21.77
C VAL L 160 4.29 -21.73 -21.56
N GLU L 161 3.67 -20.59 -21.29
CA GLU L 161 2.22 -20.53 -21.21
C GLU L 161 1.64 -20.60 -22.62
N HIS L 162 0.70 -21.53 -22.83
CA HIS L 162 0.14 -21.73 -24.15
C HIS L 162 -0.65 -20.51 -24.62
N GLY L 163 -1.25 -19.78 -23.68
CA GLY L 163 -2.08 -18.64 -24.05
C GLY L 163 -1.31 -17.43 -24.51
N ASP L 164 -0.01 -17.36 -24.23
CA ASP L 164 0.77 -16.18 -24.61
C ASP L 164 1.07 -16.19 -26.10
N LEU L 165 1.76 -17.23 -26.57
CA LEU L 165 2.21 -17.27 -27.96
C LEU L 165 1.09 -17.74 -28.88
N SER L 166 1.06 -17.17 -30.08
CA SER L 166 0.13 -17.55 -31.12
C SER L 166 0.55 -18.86 -31.80
N PRO L 167 1.82 -19.06 -32.18
CA PRO L 167 2.21 -20.37 -32.72
C PRO L 167 2.43 -21.46 -31.68
N ALA L 168 2.00 -21.26 -30.43
CA ALA L 168 2.03 -22.34 -29.46
C ALA L 168 1.23 -23.54 -29.95
N GLU L 169 0.06 -23.28 -30.56
CA GLU L 169 -0.73 -24.37 -31.13
C GLU L 169 0.01 -25.02 -32.31
N SER L 170 0.71 -24.22 -33.10
CA SER L 170 1.48 -24.77 -34.22
C SER L 170 2.57 -25.72 -33.71
N LYS L 171 3.30 -25.30 -32.69
CA LYS L 171 4.32 -26.17 -32.12
C LYS L 171 3.71 -27.40 -31.45
N ALA L 172 2.53 -27.24 -30.84
CA ALA L 172 1.86 -28.39 -30.23
C ALA L 172 1.50 -29.43 -31.28
N VAL L 173 0.94 -28.98 -32.41
CA VAL L 173 0.64 -29.91 -33.49
C VAL L 173 1.93 -30.48 -34.07
N ARG L 174 3.01 -29.69 -34.09
CA ARG L 174 4.30 -30.17 -34.59
C ARG L 174 4.83 -31.30 -33.72
N GLN L 175 4.62 -31.22 -32.41
CA GLN L 175 5.13 -32.20 -31.46
C GLN L 175 6.65 -32.33 -31.56
N GLN M 1 -37.78 -28.77 -35.45
CA GLN M 1 -39.20 -28.54 -35.26
C GLN M 1 -39.91 -29.81 -34.79
N THR M 2 -40.00 -30.78 -35.68
CA THR M 2 -40.81 -31.97 -35.45
C THR M 2 -40.01 -33.03 -34.70
N GLN M 3 -40.70 -33.76 -33.84
CA GLN M 3 -40.11 -34.84 -33.06
C GLN M 3 -41.05 -36.05 -33.14
N GLU M 4 -40.58 -37.16 -32.56
CA GLU M 4 -41.33 -38.41 -32.53
C GLU M 4 -41.29 -38.90 -31.09
N TYR M 5 -42.39 -38.68 -30.37
CA TYR M 5 -42.46 -39.03 -28.96
C TYR M 5 -43.40 -40.21 -28.74
N THR M 6 -43.35 -40.69 -27.51
CA THR M 6 -44.32 -41.62 -26.97
C THR M 6 -45.20 -40.87 -25.99
N ILE M 7 -46.44 -41.31 -25.89
CA ILE M 7 -47.39 -40.77 -24.95
C ILE M 7 -48.08 -41.94 -24.25
N ASN M 8 -48.34 -41.76 -22.96
CA ASN M 8 -48.76 -42.81 -22.05
C ASN M 8 -50.07 -42.41 -21.41
N HIS M 9 -50.71 -43.38 -20.76
CA HIS M 9 -51.94 -43.16 -20.03
C HIS M 9 -51.78 -42.31 -18.79
N THR M 10 -50.57 -41.87 -18.45
CA THR M 10 -50.39 -40.94 -17.35
C THR M 10 -49.28 -39.95 -17.67
N GLY M 11 -49.51 -38.69 -17.32
CA GLY M 11 -48.48 -37.68 -17.30
C GLY M 11 -47.72 -37.54 -18.58
N GLY M 12 -46.47 -37.97 -18.55
CA GLY M 12 -45.64 -37.87 -19.73
C GLY M 12 -45.37 -36.42 -20.07
N VAL M 13 -45.48 -36.13 -21.36
CA VAL M 13 -45.27 -34.77 -21.83
C VAL M 13 -46.42 -33.84 -21.50
N LEU M 14 -47.56 -34.38 -21.06
CA LEU M 14 -48.77 -33.58 -20.87
C LEU M 14 -48.83 -32.98 -19.47
N GLY M 15 -48.85 -33.83 -18.45
CA GLY M 15 -48.78 -33.38 -17.07
C GLY M 15 -49.92 -33.81 -16.18
N ASP M 16 -50.59 -34.91 -16.54
CA ASP M 16 -51.57 -35.61 -15.72
C ASP M 16 -52.90 -34.86 -15.59
N SER M 17 -53.01 -33.65 -16.13
CA SER M 17 -54.24 -32.88 -16.10
C SER M 17 -55.06 -33.07 -17.36
N TYR M 18 -54.43 -32.87 -18.52
CA TYR M 18 -55.08 -33.01 -19.81
C TYR M 18 -55.05 -34.44 -20.33
N VAL M 19 -54.86 -35.39 -19.44
CA VAL M 19 -55.27 -36.78 -19.65
C VAL M 19 -56.57 -36.97 -18.89
N THR M 20 -57.38 -37.92 -19.32
CA THR M 20 -58.37 -38.47 -18.40
C THR M 20 -58.69 -39.91 -18.78
N THR M 21 -58.81 -40.74 -17.76
CA THR M 21 -59.16 -42.14 -17.88
C THR M 21 -60.61 -42.36 -17.46
N ALA M 22 -61.10 -43.55 -17.76
CA ALA M 22 -62.46 -43.94 -17.41
C ALA M 22 -62.64 -45.41 -17.73
N SER M 23 -63.53 -46.05 -16.99
CA SER M 23 -63.91 -47.42 -17.27
C SER M 23 -65.00 -47.47 -18.32
N ASN M 24 -65.33 -48.67 -18.74
CA ASN M 24 -66.37 -48.91 -19.72
C ASN M 24 -67.70 -49.15 -19.02
N GLN M 25 -68.70 -49.65 -19.75
CA GLN M 25 -69.95 -50.08 -19.18
C GLN M 25 -70.26 -51.49 -19.64
N THR M 26 -70.97 -52.22 -18.77
CA THR M 26 -71.15 -53.66 -18.91
C THR M 26 -72.52 -54.00 -19.49
N SER M 27 -73.59 -53.60 -18.80
CA SER M 27 -74.91 -54.09 -19.18
C SER M 27 -75.37 -53.48 -20.50
N PRO M 28 -75.35 -52.15 -20.69
CA PRO M 28 -75.50 -51.61 -22.05
C PRO M 28 -74.18 -51.64 -22.80
N GLN M 29 -74.08 -52.53 -23.78
CA GLN M 29 -72.92 -52.58 -24.66
C GLN M 29 -72.85 -51.29 -25.45
N ARG M 30 -71.90 -50.43 -25.12
CA ARG M 30 -71.84 -49.11 -25.73
C ARG M 30 -70.39 -48.69 -25.94
N GLU M 31 -70.19 -47.86 -26.96
CA GLU M 31 -68.87 -47.39 -27.35
C GLU M 31 -68.41 -46.33 -26.37
N THR M 32 -68.01 -46.79 -25.20
CA THR M 32 -67.54 -45.89 -24.17
C THR M 32 -66.23 -45.22 -24.60
N ALA M 33 -65.80 -44.26 -23.78
CA ALA M 33 -64.55 -43.54 -23.97
C ALA M 33 -63.68 -43.82 -22.76
N VAL M 34 -62.71 -44.71 -22.93
CA VAL M 34 -61.91 -45.15 -21.80
C VAL M 34 -60.74 -44.22 -21.57
N LEU M 35 -60.24 -43.55 -22.60
CA LEU M 35 -59.11 -42.66 -22.41
C LEU M 35 -59.28 -41.44 -23.32
N SER M 36 -58.68 -40.34 -22.91
CA SER M 36 -58.67 -39.20 -23.82
C SER M 36 -57.54 -38.24 -23.45
N PHE M 37 -56.97 -37.67 -24.51
CA PHE M 37 -55.81 -36.79 -24.44
C PHE M 37 -56.18 -35.46 -25.07
N GLU M 38 -56.03 -34.37 -24.33
CA GLU M 38 -56.31 -33.03 -24.82
C GLU M 38 -54.99 -32.30 -25.06
N CYS M 39 -54.85 -31.76 -26.27
CA CYS M 39 -53.65 -31.02 -26.63
C CYS M 39 -53.46 -29.82 -25.70
N PRO M 40 -52.37 -29.72 -24.95
CA PRO M 40 -52.22 -28.59 -24.03
C PRO M 40 -51.97 -27.26 -24.73
N ARG M 41 -51.94 -26.25 -23.87
CA ARG M 41 -51.75 -24.87 -24.26
C ARG M 41 -50.43 -24.66 -24.99
N LYS M 42 -49.39 -25.37 -24.56
CA LYS M 42 -48.04 -25.02 -24.94
C LYS M 42 -47.66 -25.53 -26.33
N PHE M 43 -48.18 -26.68 -26.71
CA PHE M 43 -47.88 -27.22 -28.02
C PHE M 43 -48.51 -26.37 -29.11
N GLU M 44 -48.02 -26.57 -30.34
CA GLU M 44 -48.60 -25.93 -31.52
C GLU M 44 -49.65 -26.83 -32.16
N GLU M 45 -49.31 -28.10 -32.35
CA GLU M 45 -50.24 -29.06 -32.90
C GLU M 45 -49.66 -30.44 -32.65
N ILE M 46 -50.52 -31.45 -32.83
CA ILE M 46 -50.12 -32.84 -32.75
C ILE M 46 -50.60 -33.52 -34.03
N ASN M 47 -49.80 -34.46 -34.51
CA ASN M 47 -50.13 -35.28 -35.66
C ASN M 47 -50.23 -36.73 -35.23
N TYR M 48 -50.75 -37.54 -36.12
CA TYR M 48 -50.89 -38.97 -35.89
C TYR M 48 -51.06 -39.63 -37.23
N VAL M 49 -50.26 -40.66 -37.48
CA VAL M 49 -50.20 -41.31 -38.78
C VAL M 49 -50.19 -42.81 -38.57
N GLY M 50 -50.90 -43.51 -39.43
CA GLY M 50 -50.87 -44.95 -39.46
C GLY M 50 -49.81 -45.46 -40.41
N GLN M 51 -49.34 -46.68 -40.12
CA GLN M 51 -48.19 -47.29 -40.79
C GLN M 51 -46.91 -46.45 -40.62
N ARG M 52 -46.89 -45.58 -39.61
CA ARG M 52 -45.72 -44.77 -39.28
C ARG M 52 -45.44 -44.81 -37.78
N ASP M 53 -46.50 -44.96 -36.97
CA ASP M 53 -46.43 -44.76 -35.53
C ASP M 53 -46.83 -46.04 -34.83
N ALA M 54 -45.95 -46.54 -33.97
CA ALA M 54 -46.18 -47.80 -33.28
C ALA M 54 -47.07 -47.55 -32.05
N THR M 55 -47.33 -48.63 -31.32
CA THR M 55 -48.42 -48.64 -30.37
C THR M 55 -48.30 -49.83 -29.45
N ARG M 56 -48.92 -49.71 -28.29
CA ARG M 56 -49.05 -50.81 -27.34
C ARG M 56 -50.24 -50.48 -26.45
N PHE M 57 -51.00 -51.50 -26.09
CA PHE M 57 -52.15 -51.30 -25.21
C PHE M 57 -52.44 -52.63 -24.53
N VAL M 58 -52.05 -52.74 -23.26
CA VAL M 58 -52.26 -53.95 -22.47
C VAL M 58 -53.41 -53.68 -21.51
N PRO M 59 -54.60 -54.15 -21.82
CA PRO M 59 -55.71 -54.09 -20.86
C PRO M 59 -55.88 -55.38 -20.08
N ARG M 60 -56.65 -55.29 -19.00
CA ARG M 60 -57.00 -56.41 -18.16
C ARG M 60 -58.39 -56.14 -17.60
N THR M 61 -58.82 -56.97 -16.66
CA THR M 61 -60.06 -56.79 -15.93
C THR M 61 -59.78 -57.10 -14.47
N THR M 62 -60.84 -57.25 -13.68
CA THR M 62 -60.70 -57.68 -12.30
C THR M 62 -61.84 -58.63 -11.97
N GLU M 63 -61.53 -59.65 -11.19
CA GLU M 63 -62.55 -60.51 -10.62
C GLU M 63 -62.10 -60.94 -9.25
N SER M 64 -63.01 -61.55 -8.51
CA SER M 64 -62.76 -61.98 -7.14
C SER M 64 -63.44 -63.31 -6.91
N ILE M 65 -62.98 -63.99 -5.88
CA ILE M 65 -63.55 -65.28 -5.47
C ILE M 65 -63.71 -65.26 -3.95
N THR M 66 -64.08 -66.41 -3.40
CA THR M 66 -64.21 -66.58 -1.95
C THR M 66 -63.50 -67.86 -1.57
N GLY M 67 -62.67 -67.78 -0.54
CA GLY M 67 -61.98 -68.96 -0.06
C GLY M 67 -62.96 -70.01 0.44
N SER M 68 -62.57 -71.27 0.27
CA SER M 68 -63.37 -72.40 0.74
C SER M 68 -62.45 -73.48 1.28
N ALA M 69 -63.05 -74.39 2.04
CA ALA M 69 -62.28 -75.49 2.60
C ALA M 69 -61.76 -76.41 1.51
N ASN M 70 -62.54 -76.59 0.44
CA ASN M 70 -62.14 -77.48 -0.64
C ASN M 70 -60.97 -76.88 -1.39
N ASP M 71 -60.07 -77.75 -1.84
CA ASP M 71 -58.83 -77.32 -2.49
C ASP M 71 -59.15 -76.94 -3.94
N ASP M 72 -59.49 -75.67 -4.14
CA ASP M 72 -59.93 -75.20 -5.45
C ASP M 72 -58.84 -75.35 -6.49
N THR M 73 -57.76 -74.57 -6.37
CA THR M 73 -56.63 -74.58 -7.30
C THR M 73 -57.05 -74.30 -8.74
N VAL M 74 -58.24 -73.74 -8.95
CA VAL M 74 -58.74 -73.46 -10.29
C VAL M 74 -59.91 -72.50 -10.11
N VAL M 75 -60.07 -71.57 -11.03
CA VAL M 75 -61.19 -70.65 -11.00
C VAL M 75 -61.71 -70.47 -12.41
N ASP M 76 -63.03 -70.40 -12.52
CA ASP M 76 -63.66 -69.99 -13.75
C ASP M 76 -63.60 -68.47 -13.86
N LEU M 77 -64.02 -67.97 -15.02
CA LEU M 77 -63.99 -66.54 -15.30
C LEU M 77 -65.22 -66.16 -16.10
N THR M 78 -65.42 -64.86 -16.23
CA THR M 78 -66.51 -64.28 -16.99
C THR M 78 -66.03 -63.67 -18.31
N ALA M 79 -64.77 -63.90 -18.67
CA ALA M 79 -64.15 -63.29 -19.84
C ALA M 79 -63.51 -64.38 -20.68
N ASN M 80 -63.66 -64.25 -22.00
CA ASN M 80 -62.93 -65.14 -22.89
C ASN M 80 -61.45 -64.96 -22.66
N ILE M 81 -60.72 -66.06 -22.80
CA ILE M 81 -59.33 -66.12 -22.39
C ILE M 81 -58.52 -66.78 -23.49
N GLN M 82 -57.29 -66.33 -23.62
CA GLN M 82 -56.31 -67.02 -24.45
C GLN M 82 -54.94 -66.63 -23.92
N PRO M 83 -53.89 -67.31 -24.38
CA PRO M 83 -52.55 -66.91 -23.95
C PRO M 83 -52.09 -65.64 -24.65
N VAL M 84 -51.01 -65.10 -24.12
CA VAL M 84 -50.38 -63.91 -24.68
C VAL M 84 -49.62 -64.34 -25.92
N ALA M 85 -50.16 -64.00 -27.08
CA ALA M 85 -49.64 -64.41 -28.39
C ALA M 85 -49.66 -65.91 -28.59
N GLY M 86 -50.35 -66.67 -27.73
CA GLY M 86 -50.42 -68.09 -27.87
C GLY M 86 -49.23 -68.76 -27.23
N GLU M 87 -49.47 -69.56 -26.19
CA GLU M 87 -48.62 -70.65 -25.75
C GLU M 87 -49.28 -71.27 -24.52
N GLU M 88 -49.12 -72.57 -24.33
CA GLU M 88 -49.64 -73.21 -23.13
C GLU M 88 -48.83 -72.84 -21.89
N VAL M 89 -47.61 -72.35 -22.06
CA VAL M 89 -46.65 -72.23 -20.98
C VAL M 89 -46.72 -70.83 -20.37
N ILE M 90 -46.43 -70.76 -19.09
CA ILE M 90 -46.33 -69.51 -18.35
C ILE M 90 -44.85 -69.19 -18.15
N ALA M 91 -44.56 -67.90 -18.05
CA ALA M 91 -43.24 -67.29 -17.87
C ALA M 91 -42.44 -67.26 -19.15
N GLU M 92 -42.92 -67.88 -20.24
CA GLU M 92 -42.37 -67.64 -21.56
C GLU M 92 -43.04 -66.48 -22.27
N GLN M 93 -44.25 -66.13 -21.86
CA GLN M 93 -45.00 -65.07 -22.51
C GLN M 93 -44.26 -63.75 -22.43
N ASP M 94 -44.63 -62.84 -23.33
CA ASP M 94 -44.13 -61.47 -23.23
C ASP M 94 -44.56 -60.85 -21.90
N TYR M 95 -45.70 -61.26 -21.37
CA TYR M 95 -46.13 -60.86 -20.04
C TYR M 95 -47.11 -61.90 -19.53
N PRO M 96 -47.36 -61.95 -18.23
CA PRO M 96 -48.33 -62.92 -17.71
C PRO M 96 -49.73 -62.65 -18.22
N VAL M 97 -50.40 -63.71 -18.68
CA VAL M 97 -51.80 -63.60 -19.08
C VAL M 97 -52.64 -63.17 -17.90
N ALA M 98 -52.27 -63.59 -16.69
CA ALA M 98 -53.10 -63.37 -15.52
C ALA M 98 -52.22 -63.23 -14.30
N VAL M 99 -52.73 -62.47 -13.34
CA VAL M 99 -52.07 -62.23 -12.07
C VAL M 99 -53.10 -62.44 -10.99
N ALA M 100 -52.64 -62.93 -9.84
CA ALA M 100 -53.51 -63.15 -8.70
C ALA M 100 -52.80 -62.68 -7.44
N TYR M 101 -53.59 -62.20 -6.49
CA TYR M 101 -53.06 -61.65 -5.25
C TYR M 101 -54.02 -61.98 -4.12
N ASN M 102 -53.46 -62.41 -3.00
CA ASN M 102 -54.23 -62.78 -1.82
C ASN M 102 -54.21 -61.62 -0.84
N VAL M 103 -55.38 -61.20 -0.39
CA VAL M 103 -55.46 -60.06 0.52
C VAL M 103 -54.83 -60.41 1.86
N THR M 104 -55.22 -61.54 2.43
CA THR M 104 -54.68 -61.96 3.72
C THR M 104 -53.17 -62.13 3.62
N GLN M 105 -52.72 -63.08 2.82
CA GLN M 105 -51.30 -63.28 2.57
C GLN M 105 -50.88 -62.27 1.52
N GLY M 106 -50.30 -61.16 1.95
CA GLY M 106 -49.98 -60.09 1.04
C GLY M 106 -48.80 -60.45 0.15
N VAL M 107 -49.02 -61.41 -0.75
CA VAL M 107 -47.97 -61.97 -1.59
C VAL M 107 -48.53 -62.19 -2.99
N GLU M 108 -47.63 -62.30 -3.94
CA GLU M 108 -48.04 -62.70 -5.27
C GLU M 108 -48.51 -64.14 -5.25
N VAL M 109 -49.10 -64.57 -6.35
CA VAL M 109 -49.52 -65.95 -6.54
C VAL M 109 -49.14 -66.34 -7.96
N ASP M 110 -48.37 -67.40 -8.09
CA ASP M 110 -47.93 -67.84 -9.39
C ASP M 110 -49.11 -68.46 -10.15
N VAL M 111 -48.85 -68.82 -11.40
CA VAL M 111 -49.82 -69.48 -12.26
C VAL M 111 -49.11 -70.65 -12.93
N VAL M 112 -49.81 -71.77 -13.03
CA VAL M 112 -49.25 -72.97 -13.63
C VAL M 112 -49.60 -72.97 -15.11
N ASP M 113 -50.89 -73.01 -15.42
CA ASP M 113 -51.35 -73.15 -16.79
C ASP M 113 -52.84 -72.82 -16.81
N ALA M 114 -53.48 -73.12 -17.93
CA ALA M 114 -54.93 -73.03 -18.01
C ALA M 114 -55.39 -73.77 -19.26
N ASP M 115 -56.71 -73.95 -19.35
CA ASP M 115 -57.28 -74.60 -20.52
C ASP M 115 -57.22 -73.68 -21.73
N TYR M 116 -57.46 -72.39 -21.51
CA TYR M 116 -57.46 -71.36 -22.55
C TYR M 116 -58.51 -71.60 -23.62
N ALA M 117 -59.48 -72.47 -23.34
CA ALA M 117 -60.56 -72.78 -24.27
C ALA M 117 -61.89 -72.31 -23.71
N ALA M 118 -62.23 -72.74 -22.51
CA ALA M 118 -63.31 -72.16 -21.73
C ALA M 118 -62.74 -71.12 -20.78
N ASP M 119 -63.62 -70.44 -20.08
CA ASP M 119 -63.24 -69.36 -19.16
C ASP M 119 -62.67 -69.99 -17.90
N THR M 120 -61.40 -70.42 -17.98
CA THR M 120 -60.77 -71.23 -16.94
C THR M 120 -59.36 -70.73 -16.68
N VAL M 121 -58.89 -70.91 -15.44
CA VAL M 121 -57.48 -70.73 -15.14
C VAL M 121 -57.12 -71.51 -13.89
N THR M 122 -55.89 -72.01 -13.86
CA THR M 122 -55.34 -72.75 -12.73
C THR M 122 -54.65 -71.79 -11.77
N LEU M 123 -54.63 -72.16 -10.50
CA LEU M 123 -53.79 -71.53 -9.50
C LEU M 123 -52.81 -72.55 -8.94
N GLY M 124 -51.56 -72.12 -8.78
CA GLY M 124 -50.55 -73.01 -8.23
C GLY M 124 -50.64 -73.18 -6.74
N THR M 125 -51.15 -72.18 -6.04
CA THR M 125 -51.24 -72.21 -4.58
C THR M 125 -52.54 -72.87 -4.16
N ASN M 126 -52.73 -72.98 -2.83
CA ASN M 126 -53.90 -73.61 -2.22
C ASN M 126 -54.54 -72.58 -1.29
N PRO M 127 -55.45 -71.75 -1.79
CA PRO M 127 -56.07 -70.74 -0.93
C PRO M 127 -56.83 -71.36 0.23
N ALA M 128 -56.82 -70.66 1.35
CA ALA M 128 -57.50 -71.09 2.55
C ALA M 128 -58.96 -70.65 2.52
N ASP M 129 -59.74 -71.23 3.42
CA ASP M 129 -61.15 -70.86 3.52
C ASP M 129 -61.28 -69.47 4.14
N GLY M 130 -62.18 -68.68 3.58
CA GLY M 130 -62.41 -67.33 4.05
C GLY M 130 -61.45 -66.28 3.53
N ASP M 131 -60.34 -66.70 2.93
CA ASP M 131 -59.36 -65.74 2.44
C ASP M 131 -59.89 -65.02 1.20
N GLU M 132 -59.65 -63.71 1.14
CA GLU M 132 -60.07 -62.91 0.01
C GLU M 132 -58.97 -62.87 -1.04
N VAL M 133 -59.40 -62.84 -2.30
CA VAL M 133 -58.53 -63.00 -3.45
C VAL M 133 -58.92 -61.96 -4.48
N LYS M 134 -57.95 -61.57 -5.30
CA LYS M 134 -58.22 -60.77 -6.48
C LYS M 134 -57.39 -61.32 -7.62
N VAL M 135 -57.91 -61.13 -8.82
CA VAL M 135 -57.28 -61.67 -10.03
C VAL M 135 -57.51 -60.67 -11.15
N TRP M 136 -56.50 -60.53 -12.02
CA TRP M 136 -56.51 -59.55 -13.09
C TRP M 136 -56.19 -60.25 -14.40
N PRO M 137 -57.11 -61.08 -14.87
CA PRO M 137 -56.83 -61.87 -16.08
C PRO M 137 -56.81 -61.00 -17.32
N ILE M 138 -56.38 -61.64 -18.40
CA ILE M 138 -56.44 -61.02 -19.70
C ILE M 138 -57.89 -60.72 -20.05
N MET M 139 -58.06 -59.77 -20.97
CA MET M 139 -59.35 -59.38 -21.50
C MET M 139 -59.43 -59.76 -22.97
N SER M 140 -60.65 -59.93 -23.44
CA SER M 140 -60.92 -60.43 -24.78
C SER M 140 -62.27 -59.93 -25.24
N ASP M 141 -62.57 -60.18 -26.51
CA ASP M 141 -63.88 -59.90 -27.09
C ASP M 141 -64.24 -58.43 -26.97
N GLY M 142 -63.47 -57.61 -27.66
CA GLY M 142 -63.69 -56.17 -27.63
C GLY M 142 -63.27 -55.52 -28.93
N ASP M 143 -63.56 -54.22 -29.00
CA ASP M 143 -63.17 -53.39 -30.13
C ASP M 143 -62.64 -52.06 -29.59
N VAL M 144 -61.68 -51.50 -30.32
CA VAL M 144 -61.05 -50.25 -29.94
C VAL M 144 -61.09 -49.31 -31.14
N GLN M 145 -61.15 -48.01 -30.86
CA GLN M 145 -61.23 -47.05 -31.95
C GLN M 145 -60.88 -45.66 -31.45
N PHE M 146 -60.81 -44.71 -32.38
CA PHE M 146 -60.38 -43.35 -32.14
C PHE M 146 -61.46 -42.36 -32.58
N ARG M 147 -61.48 -41.19 -31.94
CA ARG M 147 -62.25 -40.09 -32.49
C ARG M 147 -61.78 -38.76 -31.92
N LEU M 148 -62.10 -37.70 -32.65
CA LEU M 148 -61.65 -36.36 -32.31
C LEU M 148 -62.79 -35.48 -31.84
N ILE M 149 -62.43 -34.54 -30.97
CA ILE M 149 -63.36 -33.65 -30.31
C ILE M 149 -62.80 -32.23 -30.38
N ASN M 150 -63.65 -31.29 -30.80
CA ASN M 150 -63.24 -29.90 -31.00
C ASN M 150 -63.63 -29.04 -29.80
N GLN M 151 -63.02 -29.37 -28.66
CA GLN M 151 -63.05 -28.57 -27.44
C GLN M 151 -64.39 -28.59 -26.70
N PHE M 152 -65.43 -29.21 -27.29
CA PHE M 152 -66.80 -29.03 -26.82
C PHE M 152 -67.54 -30.32 -26.53
N GLY M 153 -66.92 -31.48 -26.65
CA GLY M 153 -67.67 -32.72 -26.62
C GLY M 153 -68.49 -32.90 -27.87
N GLN M 154 -67.96 -32.41 -28.99
CA GLN M 154 -68.72 -32.24 -30.23
C GLN M 154 -67.88 -32.83 -31.36
N GLU M 155 -68.23 -34.04 -31.78
CA GLU M 155 -67.42 -34.77 -32.75
C GLU M 155 -67.47 -34.10 -34.11
N GLU M 156 -66.36 -34.20 -34.84
CA GLU M 156 -66.30 -33.76 -36.23
C GLU M 156 -65.95 -34.87 -37.18
N GLY M 157 -65.28 -35.91 -36.73
CA GLY M 157 -64.91 -36.98 -37.62
C GLY M 157 -64.39 -38.17 -36.86
N ARG M 158 -63.90 -39.13 -37.63
CA ARG M 158 -63.43 -40.40 -37.10
C ARG M 158 -62.18 -40.80 -37.85
N VAL M 159 -61.17 -41.23 -37.09
CA VAL M 159 -59.85 -41.47 -37.67
C VAL M 159 -59.93 -42.54 -38.73
N TYR M 160 -60.57 -43.66 -38.40
CA TYR M 160 -60.60 -44.80 -39.23
C TYR M 160 -61.96 -45.46 -38.99
N PRO M 161 -62.73 -45.76 -40.05
CA PRO M 161 -64.10 -46.27 -39.81
C PRO M 161 -64.17 -47.57 -39.04
N TRP M 162 -63.37 -48.55 -39.43
CA TRP M 162 -63.56 -49.93 -38.99
C TRP M 162 -62.76 -50.18 -37.72
N SER M 163 -63.40 -50.77 -36.73
CA SER M 163 -62.72 -51.05 -35.49
C SER M 163 -61.80 -52.26 -35.62
N THR M 164 -60.73 -52.24 -34.84
CA THR M 164 -59.81 -53.35 -34.71
C THR M 164 -60.11 -54.08 -33.41
N PRO M 165 -60.12 -55.41 -33.36
CA PRO M 165 -60.43 -56.09 -32.10
C PRO M 165 -59.22 -56.21 -31.18
N LEU M 166 -59.46 -55.91 -29.90
CA LEU M 166 -58.43 -56.06 -28.88
C LEU M 166 -57.99 -57.50 -28.76
N TYR M 167 -58.87 -58.41 -29.08
CA TYR M 167 -58.53 -59.81 -29.16
C TYR M 167 -57.30 -60.03 -30.03
N ARG M 168 -57.41 -59.63 -31.29
CA ARG M 168 -56.28 -59.65 -32.22
C ARG M 168 -55.10 -58.85 -31.69
N TRP M 169 -55.40 -57.73 -31.03
CA TRP M 169 -54.36 -56.89 -30.46
C TRP M 169 -53.47 -57.66 -29.51
N HIS M 170 -54.06 -58.49 -28.66
CA HIS M 170 -53.28 -59.35 -27.80
C HIS M 170 -52.62 -60.47 -28.59
N ASP M 171 -53.26 -60.93 -29.66
CA ASP M 171 -52.74 -62.08 -30.38
C ASP M 171 -51.39 -61.80 -31.02
N PHE M 172 -51.24 -60.65 -31.65
CA PHE M 172 -49.94 -60.39 -32.28
C PHE M 172 -48.87 -60.18 -31.22
N PRO M 173 -47.67 -60.74 -31.39
CA PRO M 173 -46.58 -60.33 -30.51
C PRO M 173 -46.25 -58.88 -30.75
N GLN M 174 -46.29 -58.12 -29.67
CA GLN M 174 -46.11 -56.69 -29.75
C GLN M 174 -44.65 -56.36 -29.94
N LEU M 175 -44.35 -55.07 -30.00
CA LEU M 175 -43.00 -54.52 -29.84
C LEU M 175 -41.93 -55.22 -30.69
N LYS M 176 -42.32 -55.68 -31.89
CA LYS M 176 -41.40 -56.21 -32.90
C LYS M 176 -41.60 -55.44 -34.18
N ARG M 177 -40.56 -54.76 -34.65
CA ARG M 177 -40.68 -54.06 -35.92
C ARG M 177 -40.84 -55.08 -37.04
N GLY M 178 -41.70 -54.75 -37.99
CA GLY M 178 -42.14 -55.67 -39.02
C GLY M 178 -43.39 -56.39 -38.59
N ARG M 179 -43.41 -56.85 -37.34
CA ARG M 179 -44.60 -57.40 -36.72
C ARG M 179 -45.29 -56.40 -35.81
N GLU M 180 -44.74 -55.20 -35.66
CA GLU M 180 -45.38 -54.18 -34.85
C GLU M 180 -46.74 -53.82 -35.43
N ILE M 181 -47.64 -53.43 -34.54
CA ILE M 181 -48.96 -53.00 -34.96
C ILE M 181 -48.89 -51.56 -35.43
N ASN M 182 -49.64 -51.27 -36.48
CA ASN M 182 -49.76 -49.92 -37.01
C ASN M 182 -51.15 -49.78 -37.59
N LEU M 183 -52.02 -49.07 -36.89
CA LEU M 183 -53.36 -48.83 -37.39
C LEU M 183 -53.29 -47.93 -38.63
N HIS M 184 -54.47 -47.62 -39.16
CA HIS M 184 -54.63 -46.73 -40.29
C HIS M 184 -55.24 -45.41 -39.84
N GLY M 185 -55.15 -44.43 -40.72
CA GLY M 185 -55.71 -43.11 -40.50
C GLY M 185 -54.63 -42.08 -40.25
N SER M 186 -54.93 -40.85 -40.63
CA SER M 186 -53.97 -39.74 -40.54
C SER M 186 -54.71 -38.55 -39.95
N ALA M 187 -54.57 -38.38 -38.64
CA ALA M 187 -55.24 -37.34 -37.88
C ALA M 187 -54.27 -36.24 -37.49
N SER M 188 -54.84 -35.11 -37.10
CA SER M 188 -54.04 -34.00 -36.61
C SER M 188 -54.97 -33.02 -35.90
N TRP M 189 -54.48 -32.43 -34.82
CA TRP M 189 -55.27 -31.44 -34.09
C TRP M 189 -54.36 -30.43 -33.42
N SER M 190 -54.98 -29.52 -32.67
CA SER M 190 -54.33 -28.33 -32.17
C SER M 190 -54.81 -28.10 -30.74
N GLU M 191 -54.56 -26.89 -30.25
CA GLU M 191 -54.70 -26.59 -28.82
C GLU M 191 -56.09 -26.88 -28.29
N ASN M 192 -56.13 -27.57 -27.14
CA ASN M 192 -57.34 -27.90 -26.37
C ASN M 192 -58.29 -28.84 -27.10
N GLU M 193 -57.91 -29.35 -28.26
CA GLU M 193 -58.68 -30.35 -28.98
C GLU M 193 -58.25 -31.72 -28.51
N THR M 194 -59.20 -32.65 -28.49
CA THR M 194 -59.03 -33.91 -27.80
C THR M 194 -59.09 -35.08 -28.76
N LEU M 195 -58.25 -36.08 -28.49
CA LEU M 195 -58.39 -37.41 -29.09
C LEU M 195 -58.90 -38.35 -28.02
N GLU M 196 -59.98 -39.04 -28.32
CA GLU M 196 -60.59 -40.01 -27.42
C GLU M 196 -60.32 -41.40 -27.95
N ILE M 197 -59.86 -42.27 -27.07
CA ILE M 197 -59.64 -43.68 -27.35
C ILE M 197 -60.77 -44.44 -26.68
N LEU M 198 -61.53 -45.15 -27.51
CA LEU M 198 -62.83 -45.68 -27.16
C LEU M 198 -62.82 -47.19 -27.22
N LEU M 199 -63.70 -47.76 -26.42
CA LEU M 199 -63.77 -49.18 -26.13
C LEU M 199 -65.20 -49.63 -26.33
N ASP M 200 -65.37 -50.81 -26.92
CA ASP M 200 -66.66 -51.47 -27.01
C ASP M 200 -66.43 -52.94 -26.64
N ALA M 201 -66.80 -53.30 -25.42
CA ALA M 201 -66.62 -54.67 -24.95
C ALA M 201 -67.43 -54.86 -23.68
N PRO M 202 -67.77 -56.10 -23.34
CA PRO M 202 -68.59 -56.32 -22.14
C PRO M 202 -67.85 -56.18 -20.83
N GLN M 203 -66.66 -56.77 -20.75
CA GLN M 203 -66.04 -56.97 -19.46
C GLN M 203 -65.45 -55.68 -18.92
N ALA M 204 -65.53 -55.54 -17.60
CA ALA M 204 -65.15 -54.30 -16.94
C ALA M 204 -63.64 -54.26 -16.76
N LEU M 205 -62.98 -53.41 -17.54
CA LEU M 205 -61.55 -53.22 -17.41
C LEU M 205 -61.24 -52.31 -16.23
N THR M 206 -59.95 -52.11 -15.99
CA THR M 206 -59.46 -51.36 -14.84
C THR M 206 -58.29 -50.51 -15.26
N TRP M 207 -57.97 -49.55 -14.39
CA TRP M 207 -56.81 -48.69 -14.57
C TRP M 207 -55.97 -48.65 -13.29
N GLU M 208 -56.63 -48.74 -12.14
CA GLU M 208 -55.99 -48.60 -10.85
C GLU M 208 -56.66 -49.53 -9.85
N ASP M 209 -55.85 -50.18 -9.03
CA ASP M 209 -56.34 -51.04 -7.96
C ASP M 209 -55.63 -50.84 -6.62
N SER M 210 -54.43 -50.28 -6.61
CA SER M 210 -53.67 -49.98 -5.40
C SER M 210 -53.22 -51.22 -4.63
N ASP M 211 -53.45 -52.41 -5.17
CA ASP M 211 -52.98 -53.65 -4.55
C ASP M 211 -52.47 -54.63 -5.61
N TYR M 212 -51.97 -54.11 -6.72
CA TYR M 212 -51.49 -54.92 -7.83
C TYR M 212 -49.98 -54.95 -7.78
N PRO M 213 -49.32 -56.11 -7.73
CA PRO M 213 -47.87 -56.12 -7.52
C PRO M 213 -47.06 -55.56 -8.69
N ARG M 214 -47.33 -56.06 -9.89
CA ARG M 214 -46.50 -55.73 -11.06
C ARG M 214 -46.82 -54.32 -11.53
N GLY M 215 -46.40 -53.36 -10.73
CA GLY M 215 -46.61 -51.96 -11.01
C GLY M 215 -47.89 -51.43 -10.39
N GLN M 216 -47.99 -50.10 -10.33
CA GLN M 216 -49.16 -49.46 -9.76
C GLN M 216 -50.32 -49.49 -10.73
N TYR M 217 -50.15 -48.89 -11.89
CA TYR M 217 -51.20 -48.86 -12.91
C TYR M 217 -51.23 -50.20 -13.61
N VAL M 218 -52.38 -50.87 -13.55
CA VAL M 218 -52.50 -52.23 -14.04
C VAL M 218 -52.35 -52.26 -15.55
N THR M 219 -53.29 -51.63 -16.24
CA THR M 219 -53.28 -51.60 -17.69
C THR M 219 -52.31 -50.53 -18.17
N THR M 220 -52.18 -50.42 -19.48
CA THR M 220 -51.34 -49.35 -20.00
C THR M 220 -51.62 -49.13 -21.47
N LEU M 221 -51.32 -47.91 -21.91
CA LEU M 221 -51.27 -47.54 -23.31
C LEU M 221 -49.96 -46.82 -23.55
N GLU M 222 -49.34 -47.08 -24.69
CA GLU M 222 -48.11 -46.40 -25.08
C GLU M 222 -48.15 -46.22 -26.58
N GLN M 223 -48.39 -44.99 -27.04
CA GLN M 223 -48.58 -44.71 -28.46
C GLN M 223 -47.50 -43.76 -28.96
N ASP M 224 -47.06 -43.96 -30.20
CA ASP M 224 -46.15 -43.03 -30.84
C ASP M 224 -46.93 -41.91 -31.51
N VAL M 225 -46.39 -40.69 -31.42
CA VAL M 225 -46.97 -39.53 -32.06
C VAL M 225 -45.85 -38.64 -32.58
N GLU M 226 -46.25 -37.71 -33.44
CA GLU M 226 -45.40 -36.66 -33.95
C GLU M 226 -45.95 -35.33 -33.47
N ILE M 227 -45.05 -34.45 -33.03
CA ILE M 227 -45.41 -33.18 -32.43
C ILE M 227 -44.62 -32.08 -33.09
N THR M 228 -45.25 -30.92 -33.23
CA THR M 228 -44.60 -29.70 -33.70
C THR M 228 -44.25 -28.87 -32.47
N LEU M 229 -43.17 -29.26 -31.81
CA LEU M 229 -42.64 -28.55 -30.65
C LEU M 229 -43.67 -28.36 -29.57
N PRO N 1 -59.82 -29.79 -35.10
CA PRO N 1 -59.51 -31.14 -35.56
C PRO N 1 -59.35 -31.24 -37.05
N GLU N 2 -58.61 -32.24 -37.49
CA GLU N 2 -58.37 -32.46 -38.91
C GLU N 2 -58.15 -33.95 -39.11
N ILE N 3 -58.80 -34.50 -40.12
CA ILE N 3 -58.62 -35.89 -40.52
C ILE N 3 -58.34 -35.89 -42.01
N GLY N 4 -57.47 -36.80 -42.43
CA GLY N 4 -57.12 -36.89 -43.82
C GLY N 4 -58.14 -37.72 -44.58
N ASN N 5 -58.42 -37.31 -45.81
CA ASN N 5 -59.35 -38.02 -46.64
C ASN N 5 -58.70 -39.31 -47.10
N ASN N 6 -58.78 -40.35 -46.28
CA ASN N 6 -58.21 -41.63 -46.64
C ASN N 6 -58.84 -42.16 -47.91
N GLY N 7 -58.06 -42.91 -48.68
CA GLY N 7 -58.56 -43.45 -49.93
C GLY N 7 -59.73 -44.38 -49.71
N ALA N 8 -60.58 -44.49 -50.73
CA ALA N 8 -61.75 -45.34 -50.62
C ALA N 8 -61.36 -46.80 -50.48
N GLU N 9 -60.26 -47.21 -51.11
CA GLU N 9 -59.82 -48.59 -51.05
C GLU N 9 -59.19 -48.84 -49.67
N LYS N 10 -60.06 -49.15 -48.71
CA LYS N 10 -59.62 -49.32 -47.34
C LYS N 10 -59.10 -50.73 -47.10
N GLN N 11 -58.14 -50.83 -46.20
CA GLN N 11 -57.40 -52.07 -45.95
C GLN N 11 -57.88 -52.67 -44.65
N ILE N 12 -58.46 -53.85 -44.72
CA ILE N 12 -59.28 -54.41 -43.67
C ILE N 12 -58.97 -55.90 -43.53
N SER N 13 -59.62 -56.52 -42.56
CA SER N 13 -59.49 -57.94 -42.33
C SER N 13 -60.77 -58.47 -41.73
N LEU N 14 -60.95 -59.78 -41.87
CA LEU N 14 -62.18 -60.45 -41.52
C LEU N 14 -61.93 -61.34 -40.31
N HIS N 15 -62.96 -61.49 -39.49
CA HIS N 15 -62.87 -62.33 -38.32
C HIS N 15 -64.30 -62.68 -37.88
N LYS N 16 -64.40 -63.37 -36.75
CA LYS N 16 -65.68 -63.92 -36.33
C LYS N 16 -66.65 -62.81 -35.95
N GLY N 17 -66.22 -61.90 -35.09
CA GLY N 17 -67.11 -60.89 -34.55
C GLY N 17 -67.47 -59.80 -35.53
N GLN N 18 -68.22 -60.15 -36.56
CA GLN N 18 -68.71 -59.21 -37.55
C GLN N 18 -70.12 -59.61 -37.94
N PRO N 19 -70.90 -58.69 -38.53
CA PRO N 19 -72.29 -59.00 -38.84
C PRO N 19 -72.47 -59.84 -40.10
N PHE N 20 -71.62 -59.62 -41.11
CA PHE N 20 -71.77 -60.27 -42.40
C PHE N 20 -71.04 -61.61 -42.47
N ILE N 21 -70.83 -62.24 -41.31
CA ILE N 21 -70.17 -63.52 -41.21
C ILE N 21 -70.94 -64.35 -40.19
N ASP N 22 -70.82 -65.67 -40.33
CA ASP N 22 -71.51 -66.59 -39.44
C ASP N 22 -70.76 -67.90 -39.41
N THR N 23 -71.02 -68.70 -38.37
CA THR N 23 -70.45 -70.03 -38.28
C THR N 23 -71.47 -70.96 -37.64
N GLN N 24 -71.18 -72.26 -37.73
CA GLN N 24 -72.02 -73.27 -37.09
C GLN N 24 -71.18 -74.51 -36.88
N ASP N 25 -71.49 -75.23 -35.81
CA ASP N 25 -70.73 -76.41 -35.42
C ASP N 25 -70.75 -77.46 -36.54
N VAL N 26 -69.78 -78.37 -36.47
CA VAL N 26 -69.62 -79.43 -37.45
C VAL N 26 -69.25 -80.70 -36.72
N GLY N 27 -69.72 -81.83 -37.25
CA GLY N 27 -69.45 -83.12 -36.65
C GLY N 27 -68.27 -83.80 -37.29
N ALA N 28 -68.54 -84.81 -38.12
CA ALA N 28 -67.48 -85.58 -38.76
C ALA N 28 -67.99 -86.07 -40.10
N ALA N 29 -67.12 -86.00 -41.10
CA ALA N 29 -67.44 -86.42 -42.46
C ALA N 29 -68.66 -85.65 -42.98
N ASP N 30 -68.53 -84.33 -42.97
CA ASP N 30 -69.62 -83.43 -43.31
C ASP N 30 -69.08 -82.34 -44.23
N PRO N 31 -68.75 -82.69 -45.47
CA PRO N 31 -68.18 -81.68 -46.37
C PRO N 31 -69.16 -80.62 -46.80
N ASN N 32 -70.41 -81.01 -47.05
CA ASN N 32 -71.38 -80.07 -47.60
C ASN N 32 -71.70 -78.95 -46.63
N THR N 33 -71.71 -79.24 -45.34
CA THR N 33 -72.01 -78.23 -44.35
C THR N 33 -70.88 -77.20 -44.32
N PRO N 34 -71.16 -75.91 -44.52
CA PRO N 34 -70.10 -74.91 -44.29
C PRO N 34 -69.95 -74.63 -42.81
N ALA N 35 -68.72 -74.75 -42.32
CA ALA N 35 -68.44 -74.36 -40.95
C ALA N 35 -68.56 -72.86 -40.77
N VAL N 36 -68.22 -72.11 -41.80
CA VAL N 36 -68.24 -70.65 -41.77
C VAL N 36 -68.82 -70.16 -43.08
N THR N 37 -69.65 -69.12 -42.98
CA THR N 37 -70.25 -68.46 -44.11
C THR N 37 -69.90 -66.99 -44.06
N ILE N 38 -69.65 -66.42 -45.22
CA ILE N 38 -69.37 -65.00 -45.39
C ILE N 38 -70.33 -64.49 -46.45
N GLU N 39 -70.75 -63.23 -46.31
CA GLU N 39 -71.59 -62.61 -47.31
C GLU N 39 -71.18 -61.16 -47.51
N GLY N 40 -71.38 -60.69 -48.73
CA GLY N 40 -71.10 -59.31 -49.07
C GLY N 40 -72.13 -58.39 -48.45
N PRO N 41 -71.71 -57.38 -47.68
CA PRO N 41 -72.67 -56.38 -47.24
C PRO N 41 -73.22 -55.58 -48.40
N SER N 42 -74.19 -54.74 -48.08
CA SER N 42 -74.92 -54.00 -49.10
C SER N 42 -74.12 -52.78 -49.56
N ASP N 43 -74.05 -52.61 -50.88
CA ASP N 43 -73.42 -51.45 -51.51
C ASP N 43 -71.94 -51.35 -51.20
N TYR N 44 -71.32 -52.46 -50.81
CA TYR N 44 -69.88 -52.56 -50.63
C TYR N 44 -69.32 -53.61 -51.59
N VAL N 45 -68.03 -53.51 -51.84
CA VAL N 45 -67.30 -54.44 -52.67
C VAL N 45 -66.04 -54.81 -51.92
N ILE N 46 -65.81 -56.11 -51.78
CA ILE N 46 -64.63 -56.65 -51.13
C ILE N 46 -63.74 -57.23 -52.21
N ALA N 47 -62.43 -57.14 -51.98
CA ALA N 47 -61.43 -57.66 -52.89
C ALA N 47 -60.38 -58.38 -52.06
N ILE N 48 -60.06 -59.60 -52.48
CA ILE N 48 -59.06 -60.43 -51.83
C ILE N 48 -58.02 -60.75 -52.89
N ASP N 49 -56.80 -60.28 -52.68
CA ASP N 49 -55.74 -60.51 -53.64
C ASP N 49 -55.21 -61.94 -53.53
N ALA N 50 -54.35 -62.30 -54.47
CA ALA N 50 -53.86 -63.67 -54.55
C ALA N 50 -52.88 -63.96 -53.42
N GLY N 51 -52.07 -62.98 -53.04
CA GLY N 51 -51.11 -63.17 -51.97
C GLY N 51 -51.68 -62.81 -50.62
N THR N 52 -52.95 -63.11 -50.41
CA THR N 52 -53.60 -62.76 -49.16
C THR N 52 -53.33 -63.84 -48.13
N PRO N 53 -52.94 -63.50 -46.90
CA PRO N 53 -52.80 -64.52 -45.87
C PRO N 53 -54.12 -65.15 -45.49
N VAL N 54 -54.02 -66.33 -44.92
CA VAL N 54 -55.16 -67.14 -44.52
C VAL N 54 -54.82 -67.73 -43.16
N ALA N 55 -55.82 -67.93 -42.34
CA ALA N 55 -55.53 -68.35 -40.99
C ALA N 55 -56.75 -68.92 -40.27
N PRO N 56 -57.09 -70.18 -40.51
CA PRO N 56 -58.06 -70.86 -39.66
C PRO N 56 -57.40 -71.43 -38.43
N GLU N 57 -58.13 -71.35 -37.32
CA GLU N 57 -57.64 -71.77 -36.03
C GLU N 57 -58.72 -72.57 -35.32
N PHE N 58 -59.26 -73.56 -36.02
CA PHE N 58 -60.32 -74.40 -35.48
C PHE N 58 -59.84 -75.13 -34.25
N ARG N 59 -60.81 -75.62 -33.48
CA ARG N 59 -60.54 -76.31 -32.23
C ARG N 59 -61.56 -77.42 -32.01
N ASP N 60 -61.26 -78.24 -31.01
CA ASP N 60 -62.17 -79.23 -30.49
C ASP N 60 -62.91 -78.67 -29.28
N ALA N 61 -64.04 -79.29 -28.96
CA ALA N 61 -64.86 -78.82 -27.85
C ALA N 61 -64.09 -78.86 -26.54
N ASN N 62 -63.24 -79.87 -26.36
CA ASN N 62 -62.44 -79.97 -25.15
C ASN N 62 -61.25 -79.02 -25.14
N GLY N 63 -61.05 -78.23 -26.20
CA GLY N 63 -59.90 -77.38 -26.31
C GLY N 63 -58.68 -78.14 -26.76
N ASP N 64 -58.75 -78.69 -27.98
CA ASP N 64 -57.63 -79.36 -28.61
C ASP N 64 -57.65 -79.06 -30.09
N LYS N 65 -56.50 -79.25 -30.73
CA LYS N 65 -56.44 -79.24 -32.18
C LYS N 65 -56.93 -80.57 -32.72
N LEU N 66 -57.44 -80.54 -33.94
CA LEU N 66 -58.01 -81.72 -34.57
C LEU N 66 -56.96 -82.47 -35.37
N ASP N 67 -57.39 -83.58 -35.95
CA ASP N 67 -56.55 -84.43 -36.78
C ASP N 67 -55.96 -83.62 -37.94
N PRO N 68 -54.64 -83.49 -38.06
CA PRO N 68 -54.09 -82.67 -39.15
C PRO N 68 -54.36 -83.23 -40.53
N SER N 69 -54.79 -84.48 -40.64
CA SER N 69 -55.27 -84.98 -41.92
C SER N 69 -56.56 -84.32 -42.35
N THR N 70 -57.25 -83.65 -41.44
CA THR N 70 -58.40 -82.85 -41.78
C THR N 70 -58.05 -81.85 -42.88
N ARG N 71 -59.06 -81.54 -43.70
CA ARG N 71 -58.90 -80.63 -44.82
C ARG N 71 -59.81 -79.43 -44.66
N VAL N 72 -59.29 -78.28 -45.09
CA VAL N 72 -60.03 -77.02 -45.14
C VAL N 72 -60.02 -76.56 -46.58
N THR N 73 -61.14 -76.00 -47.02
CA THR N 73 -61.27 -75.47 -48.37
C THR N 73 -62.08 -74.20 -48.30
N ILE N 74 -61.45 -73.08 -48.62
CA ILE N 74 -62.20 -71.87 -48.91
C ILE N 74 -62.75 -72.01 -50.32
N GLN N 75 -63.94 -71.46 -50.56
CA GLN N 75 -64.54 -71.60 -51.87
C GLN N 75 -65.57 -70.50 -52.11
N LYS N 76 -65.49 -69.87 -53.27
CA LYS N 76 -66.50 -68.90 -53.67
C LYS N 76 -67.76 -69.63 -54.06
N CYS N 77 -68.89 -68.94 -53.95
CA CYS N 77 -70.18 -69.52 -54.30
C CYS N 77 -70.98 -68.49 -55.05
N ASP N 78 -71.73 -68.97 -56.05
CA ASP N 78 -72.80 -68.16 -56.60
C ASP N 78 -73.86 -67.96 -55.51
N LYS N 79 -74.78 -67.04 -55.77
CA LYS N 79 -75.92 -66.82 -54.91
C LYS N 79 -76.69 -68.10 -54.66
N GLN N 80 -77.54 -68.10 -53.64
CA GLN N 80 -78.30 -69.27 -53.23
C GLN N 80 -77.38 -70.37 -52.72
N GLY N 81 -76.28 -69.97 -52.07
CA GLY N 81 -75.39 -70.91 -51.42
C GLY N 81 -74.81 -71.95 -52.36
N ASN N 82 -74.65 -71.60 -53.63
CA ASN N 82 -74.32 -72.57 -54.65
C ASN N 82 -72.83 -72.52 -54.94
N PRO N 83 -72.06 -73.59 -54.76
CA PRO N 83 -70.62 -73.50 -55.00
C PRO N 83 -70.24 -73.37 -56.46
N LEU N 84 -68.94 -73.23 -56.71
CA LEU N 84 -68.41 -73.13 -58.06
C LEU N 84 -67.01 -73.72 -58.08
N GLY N 85 -66.61 -74.21 -59.24
CA GLY N 85 -65.32 -74.85 -59.39
C GLY N 85 -64.24 -73.82 -59.60
N ASP N 86 -64.48 -72.90 -60.52
CA ASP N 86 -63.58 -71.78 -60.70
C ASP N 86 -63.72 -70.82 -59.52
N GLY N 87 -62.67 -70.03 -59.30
CA GLY N 87 -62.66 -69.03 -58.25
C GLY N 87 -62.31 -69.56 -56.87
N ILE N 88 -62.40 -70.87 -56.65
CA ILE N 88 -61.98 -71.46 -55.39
C ILE N 88 -60.52 -71.11 -55.10
N VAL N 89 -60.19 -71.04 -53.81
CA VAL N 89 -58.82 -70.80 -53.37
C VAL N 89 -58.62 -71.52 -52.04
N PHE N 90 -57.36 -71.79 -51.72
CA PHE N 90 -56.98 -72.33 -50.42
C PHE N 90 -57.68 -73.65 -50.14
N SER N 91 -57.26 -74.66 -50.88
CA SER N 91 -57.58 -76.04 -50.58
C SER N 91 -56.35 -76.61 -49.88
N ASP N 92 -56.37 -76.53 -48.54
CA ASP N 92 -55.21 -76.84 -47.73
C ASP N 92 -55.64 -77.85 -46.67
N THR N 93 -54.66 -78.40 -45.97
CA THR N 93 -54.90 -79.31 -44.87
C THR N 93 -54.91 -78.55 -43.56
N LEU N 94 -55.55 -79.15 -42.56
CA LEU N 94 -55.66 -78.50 -41.26
C LEU N 94 -54.36 -78.55 -40.49
N GLY N 95 -53.48 -79.48 -40.82
CA GLY N 95 -52.18 -79.54 -40.19
C GLY N 95 -51.27 -78.48 -40.78
N ARG N 96 -50.00 -78.61 -40.45
CA ARG N 96 -48.91 -77.82 -41.03
C ARG N 96 -49.19 -76.32 -41.04
N PHE N 97 -49.67 -75.81 -39.92
CA PHE N 97 -49.74 -74.37 -39.67
C PHE N 97 -48.82 -73.91 -38.55
N GLU N 98 -48.77 -74.66 -37.45
CA GLU N 98 -48.13 -74.22 -36.22
C GLU N 98 -48.76 -72.90 -35.76
N TYR N 99 -50.02 -73.04 -35.32
CA TYR N 99 -50.87 -71.94 -34.89
C TYR N 99 -50.20 -70.98 -33.91
N SER N 100 -49.18 -71.43 -33.19
CA SER N 100 -48.47 -70.56 -32.26
C SER N 100 -47.92 -69.33 -32.99
N LYS N 101 -47.17 -69.55 -34.07
CA LYS N 101 -46.47 -68.49 -34.79
C LYS N 101 -47.09 -68.20 -36.14
N MET N 102 -48.29 -68.72 -36.40
CA MET N 102 -48.86 -68.74 -37.73
C MET N 102 -49.01 -67.35 -38.33
N ARG N 103 -49.83 -66.52 -37.68
CA ARG N 103 -49.95 -65.13 -38.12
C ARG N 103 -48.70 -64.36 -37.81
N SER N 104 -48.06 -64.68 -36.69
CA SER N 104 -46.82 -64.05 -36.29
C SER N 104 -45.79 -64.10 -37.40
N ASP N 105 -45.53 -65.28 -37.91
CA ASP N 105 -44.39 -65.49 -38.78
C ASP N 105 -44.79 -65.35 -40.24
N PRO N 106 -44.08 -64.52 -41.03
CA PRO N 106 -44.33 -64.55 -42.47
C PRO N 106 -44.05 -65.88 -43.10
N ASP N 107 -43.18 -66.69 -42.50
CA ASP N 107 -42.97 -68.04 -43.01
C ASP N 107 -44.21 -68.89 -42.82
N TYR N 108 -44.63 -69.07 -41.58
CA TYR N 108 -45.87 -69.82 -41.35
C TYR N 108 -47.09 -69.20 -42.01
N MET N 109 -47.03 -67.94 -42.37
CA MET N 109 -48.14 -67.28 -43.01
C MET N 109 -48.43 -67.92 -44.35
N ARG N 110 -49.51 -68.69 -44.41
CA ARG N 110 -49.93 -69.33 -45.66
C ARG N 110 -50.85 -68.40 -46.42
N LYS N 111 -50.50 -68.15 -47.67
CA LYS N 111 -51.26 -67.25 -48.52
C LYS N 111 -52.20 -68.04 -49.41
N THR N 112 -53.06 -67.32 -50.10
CA THR N 112 -53.97 -67.92 -51.07
C THR N 112 -53.18 -68.26 -52.33
N THR N 113 -53.91 -68.73 -53.34
CA THR N 113 -53.34 -69.17 -54.60
C THR N 113 -53.61 -68.19 -55.73
N THR N 114 -54.86 -67.76 -55.88
CA THR N 114 -55.28 -66.89 -56.95
C THR N 114 -56.10 -65.74 -56.38
N SER N 115 -56.35 -64.75 -57.22
CA SER N 115 -57.11 -63.59 -56.82
C SER N 115 -58.54 -63.97 -56.50
N LEU N 116 -59.31 -62.99 -56.05
CA LEU N 116 -60.70 -63.22 -55.71
C LEU N 116 -61.39 -61.89 -55.57
N MET N 117 -62.71 -61.92 -55.73
CA MET N 117 -63.54 -60.73 -55.66
C MET N 117 -64.90 -61.14 -55.12
N ILE N 118 -65.55 -60.22 -54.44
CA ILE N 118 -66.87 -60.44 -53.87
C ILE N 118 -67.74 -59.26 -54.26
N ASP N 119 -68.64 -59.47 -55.20
CA ASP N 119 -69.67 -58.50 -55.50
C ASP N 119 -70.60 -58.36 -54.30
N GLU N 120 -71.41 -57.31 -54.33
CA GLU N 120 -72.15 -56.85 -53.16
C GLU N 120 -72.99 -57.94 -52.49
N ARG N 121 -73.65 -58.79 -53.27
CA ARG N 121 -74.42 -59.93 -52.76
C ARG N 121 -73.78 -61.19 -53.33
N GLU N 122 -72.80 -61.72 -52.62
CA GLU N 122 -72.20 -63.00 -52.99
C GLU N 122 -71.79 -63.70 -51.71
N ILE N 123 -71.33 -64.94 -51.86
CA ILE N 123 -71.06 -65.82 -50.75
C ILE N 123 -69.70 -66.47 -50.92
N VAL N 124 -69.03 -66.66 -49.80
CA VAL N 124 -67.81 -67.44 -49.71
C VAL N 124 -67.96 -68.36 -48.52
N LYS N 125 -67.73 -69.65 -48.74
CA LYS N 125 -67.89 -70.66 -47.72
C LYS N 125 -66.55 -71.30 -47.41
N ILE N 126 -66.50 -71.97 -46.27
CA ILE N 126 -65.31 -72.64 -45.78
C ILE N 126 -65.74 -74.05 -45.41
N PHE N 127 -65.56 -74.98 -46.34
CA PHE N 127 -65.90 -76.37 -46.07
C PHE N 127 -64.74 -77.05 -45.37
N VAL N 128 -65.09 -78.05 -44.57
CA VAL N 128 -64.16 -78.78 -43.74
C VAL N 128 -64.44 -80.27 -43.93
N GLU N 129 -63.40 -81.06 -44.09
CA GLU N 129 -63.49 -82.51 -44.22
C GLU N 129 -62.70 -83.15 -43.09
N VAL N 130 -63.43 -83.69 -42.12
CA VAL N 130 -62.84 -84.38 -40.97
C VAL N 130 -62.93 -85.88 -41.23
N PRO N 131 -61.91 -86.67 -40.94
CA PRO N 131 -62.06 -88.12 -41.05
C PRO N 131 -62.96 -88.65 -39.96
N PRO N 132 -63.61 -89.78 -40.17
CA PRO N 132 -64.52 -90.32 -39.16
C PRO N 132 -63.77 -90.77 -37.91
N ASN N 133 -64.54 -91.11 -36.89
CA ASN N 133 -64.02 -91.54 -35.59
C ASN N 133 -63.09 -90.47 -35.02
N ALA N 134 -63.47 -89.21 -35.21
CA ALA N 134 -62.72 -88.07 -34.71
C ALA N 134 -63.66 -87.14 -33.97
N ASN N 135 -63.07 -86.14 -33.33
CA ASN N 135 -63.85 -85.17 -32.59
C ASN N 135 -64.34 -84.07 -33.51
N GLY N 136 -65.47 -83.47 -33.13
CA GLY N 136 -66.09 -82.45 -33.95
C GLY N 136 -65.58 -81.06 -33.65
N MET N 137 -65.95 -80.13 -34.52
CA MET N 137 -65.58 -78.74 -34.37
C MET N 137 -66.51 -78.06 -33.36
N ASP N 138 -65.95 -77.09 -32.64
CA ASP N 138 -66.67 -76.31 -31.65
C ASP N 138 -66.58 -74.84 -32.02
N ALA N 139 -67.73 -74.22 -32.28
CA ALA N 139 -67.73 -72.86 -32.79
C ALA N 139 -67.31 -71.84 -31.75
N ASP N 140 -67.46 -72.15 -30.47
CA ASP N 140 -67.09 -71.20 -29.43
C ASP N 140 -65.60 -70.89 -29.47
N ASN N 141 -64.78 -71.87 -29.83
CA ASN N 141 -63.33 -71.74 -29.82
C ASN N 141 -62.72 -71.60 -31.21
N SER N 142 -63.41 -72.06 -32.23
CA SER N 142 -62.91 -71.92 -33.59
C SER N 142 -62.83 -70.45 -33.98
N ARG N 143 -62.11 -70.19 -35.06
CA ARG N 143 -62.04 -68.83 -35.59
C ARG N 143 -61.37 -68.86 -36.95
N ILE N 144 -61.70 -67.85 -37.75
CA ILE N 144 -61.06 -67.55 -39.01
C ILE N 144 -60.47 -66.16 -38.93
N THR N 145 -59.35 -65.97 -39.62
CA THR N 145 -58.84 -64.65 -39.93
C THR N 145 -58.23 -64.71 -41.32
N ILE N 146 -58.43 -63.65 -42.10
CA ILE N 146 -57.82 -63.52 -43.40
C ILE N 146 -57.39 -62.08 -43.57
N GLY N 147 -56.46 -61.86 -44.48
CA GLY N 147 -55.87 -60.56 -44.64
C GLY N 147 -54.91 -60.22 -43.52
N ASP N 148 -54.03 -59.26 -43.80
CA ASP N 148 -53.02 -58.81 -42.85
C ASP N 148 -52.97 -57.29 -42.90
N ASP N 149 -53.83 -56.66 -42.10
CA ASP N 149 -53.61 -55.30 -41.71
C ASP N 149 -52.47 -55.25 -40.69
N THR N 150 -52.02 -54.04 -40.40
CA THR N 150 -51.22 -53.78 -39.21
C THR N 150 -49.93 -54.58 -39.20
N SER N 151 -49.32 -54.71 -40.37
CA SER N 151 -48.04 -55.39 -40.48
C SER N 151 -47.47 -55.11 -41.85
N ASP N 152 -46.18 -54.76 -41.91
CA ASP N 152 -45.55 -54.56 -43.20
C ASP N 152 -45.48 -55.85 -44.00
N TYR N 153 -45.53 -57.00 -43.32
CA TYR N 153 -45.66 -58.27 -43.99
C TYR N 153 -47.12 -58.55 -44.33
N GLY N 154 -47.32 -59.46 -45.26
CA GLY N 154 -48.67 -59.87 -45.63
C GLY N 154 -49.41 -58.79 -46.39
N LYS N 155 -50.59 -59.17 -46.84
CA LYS N 155 -51.50 -58.30 -47.59
C LYS N 155 -52.78 -58.14 -46.79
N ALA N 156 -53.58 -57.16 -47.21
CA ALA N 156 -54.83 -56.83 -46.55
C ALA N 156 -55.99 -56.98 -47.53
N VAL N 157 -57.18 -57.09 -46.95
CA VAL N 157 -58.39 -57.21 -47.74
C VAL N 157 -58.81 -55.81 -48.15
N GLY N 158 -59.00 -55.60 -49.45
CA GLY N 158 -59.48 -54.31 -49.92
C GLY N 158 -60.98 -54.24 -49.79
N ILE N 159 -61.48 -53.06 -49.45
CA ILE N 159 -62.91 -52.80 -49.45
C ILE N 159 -63.16 -51.44 -50.03
N VAL N 160 -64.34 -51.28 -50.62
CA VAL N 160 -64.75 -50.00 -51.17
C VAL N 160 -66.26 -49.90 -51.10
N GLU N 161 -66.75 -48.69 -50.90
CA GLU N 161 -68.18 -48.43 -50.98
C GLU N 161 -68.59 -48.33 -52.44
N HIS N 162 -69.61 -49.10 -52.81
CA HIS N 162 -70.04 -49.14 -54.20
C HIS N 162 -70.58 -47.79 -54.66
N GLY N 163 -71.21 -47.05 -53.77
CA GLY N 163 -71.82 -45.78 -54.12
C GLY N 163 -70.89 -44.62 -54.32
N ASP N 164 -69.58 -44.81 -54.16
CA ASP N 164 -68.63 -43.73 -54.36
C ASP N 164 -68.09 -43.71 -55.79
N LEU N 165 -67.51 -44.82 -56.23
CA LEU N 165 -66.90 -44.89 -57.55
C LEU N 165 -67.95 -45.17 -58.61
N SER N 166 -67.76 -44.56 -59.79
CA SER N 166 -68.65 -44.76 -60.93
C SER N 166 -68.36 -46.07 -61.66
N PRO N 167 -67.11 -46.40 -61.98
CA PRO N 167 -66.84 -47.71 -62.62
C PRO N 167 -66.84 -48.89 -61.67
N ALA N 168 -67.31 -48.75 -60.42
CA ALA N 168 -67.45 -49.90 -59.55
C ALA N 168 -68.39 -50.94 -60.15
N GLU N 169 -69.43 -50.49 -60.84
CA GLU N 169 -70.34 -51.41 -61.51
C GLU N 169 -69.64 -52.16 -62.62
N SER N 170 -68.77 -51.48 -63.37
CA SER N 170 -68.01 -52.14 -64.42
C SER N 170 -67.03 -53.15 -63.83
N LYS N 171 -66.40 -52.80 -62.71
CA LYS N 171 -65.46 -53.72 -62.08
C LYS N 171 -66.18 -54.94 -61.51
N ALA N 172 -67.40 -54.76 -61.02
CA ALA N 172 -68.17 -55.87 -60.46
C ALA N 172 -68.50 -56.89 -61.56
N GLN O 1 -1.51 -69.62 -49.28
CA GLN O 1 -0.67 -68.88 -48.34
C GLN O 1 -1.39 -68.64 -47.03
N THR O 2 -2.40 -67.78 -47.08
CA THR O 2 -3.06 -67.30 -45.88
C THR O 2 -4.17 -68.24 -45.45
N GLN O 3 -4.35 -68.37 -44.14
CA GLN O 3 -5.39 -69.19 -43.55
C GLN O 3 -6.08 -68.39 -42.46
N GLU O 4 -7.13 -68.98 -41.89
CA GLU O 4 -7.91 -68.38 -40.82
C GLU O 4 -8.06 -69.43 -39.74
N TYR O 5 -7.26 -69.32 -38.69
CA TYR O 5 -7.24 -70.29 -37.61
C TYR O 5 -7.84 -69.72 -36.35
N THR O 6 -8.03 -70.62 -35.40
CA THR O 6 -8.33 -70.30 -34.02
C THR O 6 -7.09 -70.58 -33.19
N ILE O 7 -6.94 -69.79 -32.13
CA ILE O 7 -5.87 -69.97 -31.17
C ILE O 7 -6.46 -69.93 -29.77
N ASN O 8 -5.93 -70.75 -28.90
CA ASN O 8 -6.49 -71.06 -27.59
C ASN O 8 -5.44 -70.75 -26.53
N HIS O 9 -5.90 -70.71 -25.28
CA HIS O 9 -5.04 -70.50 -24.13
C HIS O 9 -4.09 -71.67 -23.86
N THR O 10 -4.14 -72.75 -24.63
CA THR O 10 -3.16 -73.82 -24.49
C THR O 10 -2.82 -74.39 -25.85
N GLY O 11 -1.54 -74.67 -26.05
CA GLY O 11 -1.08 -75.47 -27.16
C GLY O 11 -1.54 -74.99 -28.51
N GLY O 12 -2.45 -75.77 -29.11
CA GLY O 12 -2.95 -75.43 -30.41
C GLY O 12 -1.85 -75.51 -31.45
N VAL O 13 -1.82 -74.50 -32.31
CA VAL O 13 -0.80 -74.43 -33.35
C VAL O 13 0.58 -74.07 -32.82
N LEU O 14 0.67 -73.61 -31.58
CA LEU O 14 1.92 -73.09 -31.04
C LEU O 14 2.77 -74.17 -30.40
N GLY O 15 2.25 -74.84 -29.38
CA GLY O 15 2.90 -75.99 -28.78
C GLY O 15 3.17 -75.88 -27.30
N ASP O 16 2.42 -75.04 -26.60
CA ASP O 16 2.38 -74.96 -25.13
C ASP O 16 3.63 -74.30 -24.54
N SER O 17 4.64 -73.97 -25.35
CA SER O 17 5.84 -73.30 -24.89
C SER O 17 5.75 -71.79 -25.05
N TYR O 18 5.42 -71.34 -26.25
CA TYR O 18 5.30 -69.93 -26.57
C TYR O 18 3.91 -69.38 -26.26
N VAL O 19 3.17 -70.05 -25.41
CA VAL O 19 2.09 -69.47 -24.64
C VAL O 19 2.62 -69.19 -23.25
N THR O 20 2.03 -68.22 -22.55
CA THR O 20 2.14 -68.22 -21.11
C THR O 20 0.94 -67.55 -20.49
N THR O 21 0.47 -68.15 -19.40
CA THR O 21 -0.65 -67.66 -18.61
C THR O 21 -0.14 -67.02 -17.33
N ALA O 22 -1.05 -66.33 -16.65
CA ALA O 22 -0.76 -65.70 -15.38
C ALA O 22 -2.04 -65.15 -14.81
N SER O 23 -2.07 -65.05 -13.48
CA SER O 23 -3.18 -64.44 -12.79
C SER O 23 -2.99 -62.93 -12.71
N ASN O 24 -4.01 -62.25 -12.22
CA ASN O 24 -3.98 -60.82 -12.04
C ASN O 24 -3.48 -60.48 -10.64
N GLN O 25 -3.67 -59.23 -10.22
CA GLN O 25 -3.39 -58.80 -8.87
C GLN O 25 -4.60 -58.07 -8.30
N THR O 26 -4.77 -58.20 -6.98
CA THR O 26 -5.99 -57.80 -6.31
C THR O 26 -5.84 -56.45 -5.62
N SER O 27 -4.90 -56.33 -4.69
CA SER O 27 -4.85 -55.14 -3.85
C SER O 27 -4.40 -53.92 -4.64
N PRO O 28 -3.28 -53.95 -5.38
CA PRO O 28 -3.02 -52.89 -6.36
C PRO O 28 -3.76 -53.16 -7.66
N GLN O 29 -4.78 -52.36 -7.92
CA GLN O 29 -5.50 -52.44 -9.19
C GLN O 29 -4.55 -52.03 -10.31
N ARG O 30 -4.13 -53.00 -11.12
CA ARG O 30 -3.12 -52.74 -12.12
C ARG O 30 -3.40 -53.56 -13.37
N GLU O 31 -2.96 -53.02 -14.51
CA GLU O 31 -3.20 -53.61 -15.81
C GLU O 31 -2.24 -54.78 -15.99
N THR O 32 -2.57 -55.87 -15.32
CA THR O 32 -1.75 -57.07 -15.40
C THR O 32 -1.81 -57.67 -16.80
N ALA O 33 -0.98 -58.68 -17.00
CA ALA O 33 -0.89 -59.42 -18.26
C ALA O 33 -1.26 -60.86 -17.94
N VAL O 34 -2.49 -61.24 -18.27
CA VAL O 34 -2.98 -62.56 -17.91
C VAL O 34 -2.59 -63.60 -18.93
N LEU O 35 -2.43 -63.21 -20.19
CA LEU O 35 -2.08 -64.18 -21.21
C LEU O 35 -1.12 -63.55 -22.20
N SER O 36 -0.31 -64.37 -22.84
CA SER O 36 0.49 -63.83 -23.93
C SER O 36 0.94 -64.94 -24.86
N PHE O 37 1.00 -64.58 -26.14
CA PHE O 37 1.30 -65.48 -27.24
C PHE O 37 2.49 -64.93 -28.00
N GLU O 38 3.55 -65.72 -28.12
CA GLU O 38 4.75 -65.34 -28.85
C GLU O 38 4.79 -66.08 -30.18
N CYS O 39 4.95 -65.34 -31.26
CA CYS O 39 5.02 -65.91 -32.60
C CYS O 39 6.20 -66.88 -32.69
N PRO O 40 5.99 -68.16 -32.98
CA PRO O 40 7.11 -69.10 -33.01
C PRO O 40 8.03 -68.89 -34.21
N ARG O 41 9.09 -69.69 -34.16
CA ARG O 41 10.16 -69.69 -35.16
C ARG O 41 9.62 -70.00 -36.54
N LYS O 42 8.66 -70.90 -36.62
CA LYS O 42 8.30 -71.52 -37.89
C LYS O 42 7.42 -70.64 -38.75
N PHE O 43 6.54 -69.88 -38.13
CA PHE O 43 5.67 -69.01 -38.89
C PHE O 43 6.45 -67.88 -39.54
N GLU O 44 5.81 -67.23 -40.51
CA GLU O 44 6.37 -66.05 -41.16
C GLU O 44 5.89 -64.79 -40.48
N GLU O 45 4.59 -64.70 -40.24
CA GLU O 45 4.00 -63.56 -39.54
C GLU O 45 2.60 -63.95 -39.14
N ILE O 46 2.02 -63.15 -38.24
CA ILE O 46 0.65 -63.28 -37.81
C ILE O 46 -0.01 -61.93 -37.99
N ASN O 47 -1.28 -61.95 -38.36
CA ASN O 47 -2.10 -60.76 -38.49
C ASN O 47 -3.26 -60.86 -37.51
N TYR O 48 -3.95 -59.74 -37.35
CA TYR O 48 -5.09 -59.65 -36.47
C TYR O 48 -5.90 -58.45 -36.89
N VAL O 49 -7.19 -58.64 -37.09
CA VAL O 49 -8.06 -57.61 -37.64
C VAL O 49 -9.34 -57.59 -36.85
N GLY O 50 -9.85 -56.39 -36.60
CA GLY O 50 -11.14 -56.22 -35.98
C GLY O 50 -12.24 -56.12 -37.02
N GLN O 51 -13.44 -56.48 -36.59
CA GLN O 51 -14.60 -56.62 -37.47
C GLN O 51 -14.36 -57.67 -38.56
N ARG O 52 -13.40 -58.57 -38.36
CA ARG O 52 -13.10 -59.66 -39.27
C ARG O 52 -12.93 -60.97 -38.51
N ASP O 53 -12.46 -60.90 -37.27
CA ASP O 53 -12.01 -62.06 -36.51
C ASP O 53 -12.83 -62.18 -35.24
N ALA O 54 -13.46 -63.33 -35.05
CA ALA O 54 -14.31 -63.56 -33.91
C ALA O 54 -13.48 -63.95 -32.69
N THR O 55 -14.16 -64.21 -31.58
CA THR O 55 -13.51 -64.24 -30.29
C THR O 55 -14.42 -64.86 -29.27
N ARG O 56 -13.82 -65.36 -28.20
CA ARG O 56 -14.52 -65.87 -27.03
C ARG O 56 -13.55 -65.82 -25.87
N PHE O 57 -14.07 -65.48 -24.69
CA PHE O 57 -13.22 -65.44 -23.51
C PHE O 57 -14.13 -65.60 -22.29
N VAL O 58 -14.13 -66.81 -21.71
CA VAL O 58 -14.94 -67.13 -20.55
C VAL O 58 -14.01 -67.15 -19.34
N PRO O 59 -13.99 -66.09 -18.54
CA PRO O 59 -13.28 -66.12 -17.26
C PRO O 59 -14.18 -66.45 -16.09
N ARG O 60 -13.54 -66.78 -14.97
CA ARG O 60 -14.21 -67.06 -13.71
C ARG O 60 -13.27 -66.63 -12.60
N THR O 61 -13.64 -66.97 -11.37
CA THR O 61 -12.80 -66.75 -10.20
C THR O 61 -12.88 -68.01 -9.35
N THR O 62 -12.41 -67.91 -8.11
CA THR O 62 -12.56 -68.99 -7.15
C THR O 62 -12.84 -68.40 -5.78
N GLU O 63 -13.70 -69.06 -5.03
CA GLU O 63 -13.92 -68.74 -3.64
C GLU O 63 -14.20 -70.02 -2.89
N SER O 64 -14.21 -69.91 -1.57
CA SER O 64 -14.40 -71.06 -0.70
C SER O 64 -15.24 -70.64 0.49
N ILE O 65 -15.82 -71.63 1.14
CA ILE O 65 -16.64 -71.42 2.33
C ILE O 65 -16.24 -72.47 3.36
N THR O 66 -16.98 -72.51 4.46
CA THR O 66 -16.77 -73.50 5.52
C THR O 66 -18.11 -74.09 5.88
N GLY O 67 -18.17 -75.42 5.94
CA GLY O 67 -19.42 -76.07 6.32
C GLY O 67 -19.83 -75.69 7.73
N SER O 68 -21.14 -75.67 7.96
CA SER O 68 -21.69 -75.36 9.26
C SER O 68 -22.92 -76.23 9.50
N ALA O 69 -23.32 -76.32 10.76
CA ALA O 69 -24.50 -77.10 11.12
C ALA O 69 -25.75 -76.48 10.51
N ASN O 70 -25.80 -75.16 10.45
CA ASN O 70 -26.98 -74.49 9.92
C ASN O 70 -27.10 -74.74 8.43
N ASP O 71 -28.34 -74.86 7.97
CA ASP O 71 -28.63 -75.20 6.58
C ASP O 71 -28.46 -73.94 5.73
N ASP O 72 -27.23 -73.73 5.26
CA ASP O 72 -26.90 -72.53 4.51
C ASP O 72 -27.72 -72.41 3.24
N THR O 73 -27.46 -73.28 2.26
CA THR O 73 -28.13 -73.30 0.97
C THR O 73 -28.02 -71.97 0.21
N VAL O 74 -27.07 -71.12 0.60
CA VAL O 74 -26.88 -69.82 -0.03
C VAL O 74 -25.52 -69.33 0.40
N VAL O 75 -24.81 -68.64 -0.48
CA VAL O 75 -23.52 -68.06 -0.16
C VAL O 75 -23.44 -66.68 -0.78
N ASP O 76 -22.85 -65.76 -0.01
CA ASP O 76 -22.48 -64.48 -0.57
C ASP O 76 -21.19 -64.62 -1.36
N LEU O 77 -20.82 -63.53 -2.02
CA LEU O 77 -19.63 -63.51 -2.86
C LEU O 77 -18.94 -62.17 -2.73
N THR O 78 -17.73 -62.11 -3.27
CA THR O 78 -16.92 -60.89 -3.31
C THR O 78 -16.86 -60.29 -4.69
N ALA O 79 -17.67 -60.79 -5.63
CA ALA O 79 -17.64 -60.37 -7.03
C ALA O 79 -19.04 -60.00 -7.46
N ASN O 80 -19.15 -58.92 -8.24
CA ASN O 80 -20.42 -58.60 -8.85
C ASN O 80 -20.84 -59.75 -9.75
N ILE O 81 -22.14 -59.97 -9.81
CA ILE O 81 -22.69 -61.15 -10.42
C ILE O 81 -23.84 -60.76 -11.32
N GLN O 82 -24.00 -61.51 -12.40
CA GLN O 82 -25.18 -61.42 -13.24
C GLN O 82 -25.31 -62.74 -13.96
N PRO O 83 -26.45 -62.98 -14.61
CA PRO O 83 -26.57 -64.21 -15.40
C PRO O 83 -25.79 -64.12 -16.70
N VAL O 84 -25.65 -65.29 -17.32
CA VAL O 84 -24.97 -65.41 -18.60
C VAL O 84 -25.94 -64.90 -19.66
N ALA O 85 -25.66 -63.71 -20.18
CA ALA O 85 -26.51 -63.00 -21.13
C ALA O 85 -27.88 -62.66 -20.57
N GLY O 86 -28.06 -62.78 -19.26
CA GLY O 86 -29.33 -62.44 -18.65
C GLY O 86 -30.28 -63.61 -18.72
N GLU O 87 -30.68 -64.14 -17.57
CA GLU O 87 -31.90 -64.89 -17.34
C GLU O 87 -31.90 -65.33 -15.88
N GLU O 88 -33.09 -65.41 -15.28
CA GLU O 88 -33.19 -65.91 -13.91
C GLU O 88 -32.94 -67.41 -13.84
N VAL O 89 -33.04 -68.12 -14.96
CA VAL O 89 -33.12 -69.57 -14.97
C VAL O 89 -31.72 -70.15 -15.18
N ILE O 90 -31.53 -71.33 -14.61
CA ILE O 90 -30.31 -72.12 -14.78
C ILE O 90 -30.61 -73.24 -15.75
N ALA O 91 -29.57 -73.67 -16.47
CA ALA O 91 -29.55 -74.72 -17.47
C ALA O 91 -30.12 -74.26 -18.80
N GLU O 92 -30.69 -73.05 -18.89
CA GLU O 92 -30.99 -72.43 -20.16
C GLU O 92 -29.83 -71.62 -20.69
N GLN O 93 -28.92 -71.19 -19.82
CA GLN O 93 -27.81 -70.35 -20.21
C GLN O 93 -26.94 -71.05 -21.24
N ASP O 94 -26.17 -70.24 -21.97
CA ASP O 94 -25.15 -70.81 -22.83
C ASP O 94 -24.14 -71.62 -22.04
N TYR O 95 -23.91 -71.24 -20.79
CA TYR O 95 -23.11 -72.02 -19.88
C TYR O 95 -23.50 -71.65 -18.45
N PRO O 96 -23.17 -72.48 -17.46
CA PRO O 96 -23.52 -72.13 -16.09
C PRO O 96 -22.79 -70.89 -15.62
N VAL O 97 -23.54 -69.98 -15.00
CA VAL O 97 -22.93 -68.80 -14.39
C VAL O 97 -21.96 -69.21 -13.31
N ALA O 98 -22.23 -70.30 -12.62
CA ALA O 98 -21.45 -70.70 -11.45
C ALA O 98 -21.43 -72.21 -11.34
N VAL O 99 -20.35 -72.70 -10.76
CA VAL O 99 -20.15 -74.12 -10.51
C VAL O 99 -19.68 -74.25 -9.09
N ALA O 100 -20.07 -75.36 -8.45
CA ALA O 100 -19.65 -75.65 -7.09
C ALA O 100 -19.27 -77.11 -6.99
N TYR O 101 -18.32 -77.39 -6.11
CA TYR O 101 -17.79 -78.73 -5.93
C TYR O 101 -17.45 -78.94 -4.47
N ASN O 102 -17.82 -80.10 -3.95
CA ASN O 102 -17.58 -80.46 -2.57
C ASN O 102 -16.36 -81.36 -2.49
N VAL O 103 -15.40 -81.00 -1.65
CA VAL O 103 -14.17 -81.77 -1.56
C VAL O 103 -14.46 -83.15 -0.98
N THR O 104 -15.17 -83.20 0.14
CA THR O 104 -15.51 -84.47 0.77
C THR O 104 -16.31 -85.35 -0.18
N GLN O 105 -17.50 -84.90 -0.53
CA GLN O 105 -18.34 -85.60 -1.52
C GLN O 105 -17.84 -85.19 -2.90
N GLY O 106 -17.01 -86.03 -3.50
CA GLY O 106 -16.40 -85.67 -4.76
C GLY O 106 -17.39 -85.70 -5.90
N VAL O 107 -18.33 -84.76 -5.87
CA VAL O 107 -19.44 -84.72 -6.82
C VAL O 107 -19.69 -83.28 -7.21
N GLU O 108 -20.37 -83.12 -8.34
CA GLU O 108 -20.83 -81.80 -8.71
C GLU O 108 -21.90 -81.34 -7.73
N VAL O 109 -22.26 -80.06 -7.85
CA VAL O 109 -23.34 -79.48 -7.06
C VAL O 109 -24.14 -78.60 -8.00
N ASP O 110 -25.44 -78.86 -8.10
CA ASP O 110 -26.28 -78.08 -8.99
C ASP O 110 -26.49 -76.69 -8.43
N VAL O 111 -27.18 -75.86 -9.19
CA VAL O 111 -27.54 -74.51 -8.79
C VAL O 111 -29.00 -74.31 -9.14
N VAL O 112 -29.72 -73.65 -8.24
CA VAL O 112 -31.14 -73.40 -8.43
C VAL O 112 -31.30 -72.06 -9.11
N ASP O 113 -30.87 -71.00 -8.45
CA ASP O 113 -31.07 -69.64 -8.94
C ASP O 113 -30.16 -68.71 -8.14
N ALA O 114 -30.40 -67.41 -8.28
CA ALA O 114 -29.72 -66.44 -7.44
C ALA O 114 -30.45 -65.11 -7.57
N ASP O 115 -30.08 -64.17 -6.69
CA ASP O 115 -30.66 -62.84 -6.75
C ASP O 115 -30.11 -62.07 -7.95
N TYR O 116 -28.83 -62.25 -8.25
CA TYR O 116 -28.14 -61.59 -9.35
C TYR O 116 -28.14 -60.06 -9.23
N ALA O 117 -28.44 -59.54 -8.04
CA ALA O 117 -28.45 -58.12 -7.77
C ALA O 117 -27.35 -57.76 -6.78
N ALA O 118 -27.35 -58.40 -5.62
CA ALA O 118 -26.23 -58.36 -4.71
C ALA O 118 -25.35 -59.59 -4.98
N ASP O 119 -24.22 -59.64 -4.27
CA ASP O 119 -23.25 -60.71 -4.45
C ASP O 119 -23.77 -61.96 -3.75
N THR O 120 -24.70 -62.65 -4.42
CA THR O 120 -25.46 -63.74 -3.83
C THR O 120 -25.55 -64.91 -4.80
N VAL O 121 -25.64 -66.12 -4.25
CA VAL O 121 -26.03 -67.27 -5.07
C VAL O 121 -26.60 -68.35 -4.17
N THR O 122 -27.55 -69.11 -4.72
CA THR O 122 -28.19 -70.22 -4.05
C THR O 122 -27.44 -71.51 -4.34
N LEU O 123 -27.52 -72.45 -3.40
CA LEU O 123 -27.09 -73.82 -3.61
C LEU O 123 -28.29 -74.75 -3.43
N GLY O 124 -28.41 -75.72 -4.33
CA GLY O 124 -29.50 -76.67 -4.25
C GLY O 124 -29.30 -77.73 -3.18
N THR O 125 -28.05 -78.06 -2.88
CA THR O 125 -27.74 -79.10 -1.92
C THR O 125 -27.68 -78.51 -0.51
N ASN O 126 -27.43 -79.38 0.47
CA ASN O 126 -27.36 -79.02 1.89
C ASN O 126 -25.99 -79.44 2.40
N PRO O 127 -24.97 -78.58 2.30
CA PRO O 127 -23.64 -78.97 2.78
C PRO O 127 -23.63 -79.28 4.26
N ALA O 128 -22.78 -80.23 4.63
CA ALA O 128 -22.63 -80.65 6.01
C ALA O 128 -21.63 -79.76 6.73
N ASP O 129 -21.62 -79.87 8.06
CA ASP O 129 -20.69 -79.09 8.85
C ASP O 129 -19.28 -79.65 8.69
N GLY O 130 -18.31 -78.75 8.57
CA GLY O 130 -16.93 -79.12 8.40
C GLY O 130 -16.52 -79.47 6.98
N ASP O 131 -17.48 -79.67 6.08
CA ASP O 131 -17.14 -80.04 4.71
C ASP O 131 -16.54 -78.86 3.97
N GLU O 132 -15.50 -79.13 3.18
CA GLU O 132 -14.85 -78.09 2.39
C GLU O 132 -15.50 -78.01 1.02
N VAL O 133 -15.56 -76.78 0.51
CA VAL O 133 -16.30 -76.45 -0.69
C VAL O 133 -15.44 -75.53 -1.54
N LYS O 134 -15.67 -75.59 -2.85
CA LYS O 134 -15.10 -74.62 -3.76
C LYS O 134 -16.18 -74.21 -4.75
N VAL O 135 -16.05 -72.99 -5.25
CA VAL O 135 -17.03 -72.42 -6.15
C VAL O 135 -16.29 -71.54 -7.15
N TRP O 136 -16.76 -71.53 -8.39
CA TRP O 136 -16.12 -70.83 -9.49
C TRP O 136 -17.16 -69.95 -10.18
N PRO O 137 -17.61 -68.90 -9.51
CA PRO O 137 -18.66 -68.08 -10.07
C PRO O 137 -18.17 -67.25 -11.24
N ILE O 138 -19.14 -66.62 -11.90
CA ILE O 138 -18.84 -65.68 -12.94
C ILE O 138 -18.04 -64.52 -12.36
N MET O 139 -17.33 -63.84 -13.24
CA MET O 139 -16.55 -62.65 -12.91
C MET O 139 -17.16 -61.44 -13.60
N SER O 140 -16.89 -60.28 -13.02
CA SER O 140 -17.51 -59.04 -13.46
C SER O 140 -16.58 -57.88 -13.10
N ASP O 141 -16.95 -56.69 -13.57
CA ASP O 141 -16.28 -55.45 -13.20
C ASP O 141 -14.80 -55.50 -13.56
N GLY O 142 -14.54 -55.57 -14.86
CA GLY O 142 -13.18 -55.62 -15.35
C GLY O 142 -13.05 -55.00 -16.72
N ASP O 143 -11.80 -54.91 -17.16
CA ASP O 143 -11.46 -54.41 -18.48
C ASP O 143 -10.40 -55.31 -19.10
N VAL O 144 -10.46 -55.43 -20.41
CA VAL O 144 -9.53 -56.28 -21.16
C VAL O 144 -8.94 -55.47 -22.28
N GLN O 145 -7.72 -55.80 -22.68
CA GLN O 145 -7.05 -55.04 -23.72
C GLN O 145 -5.87 -55.82 -24.27
N PHE O 146 -5.26 -55.27 -25.32
CA PHE O 146 -4.18 -55.90 -26.06
C PHE O 146 -2.95 -55.00 -26.09
N ARG O 147 -1.78 -55.62 -26.20
CA ARG O 147 -0.59 -54.84 -26.55
C ARG O 147 0.50 -55.73 -27.10
N LEU O 148 1.42 -55.11 -27.83
CA LEU O 148 2.48 -55.82 -28.53
C LEU O 148 3.83 -55.57 -27.90
N ILE O 149 4.69 -56.58 -28.01
CA ILE O 149 6.01 -56.58 -27.41
C ILE O 149 7.00 -57.06 -28.45
N ASN O 150 8.11 -56.32 -28.59
CA ASN O 150 9.12 -56.60 -29.61
C ASN O 150 10.30 -57.38 -29.01
N GLN O 151 9.99 -58.59 -28.54
CA GLN O 151 10.97 -59.59 -28.14
C GLN O 151 11.66 -59.29 -26.81
N PHE O 152 11.43 -58.11 -26.23
CA PHE O 152 12.26 -57.61 -25.13
C PHE O 152 11.50 -57.20 -23.89
N GLY O 153 10.18 -57.36 -23.85
CA GLY O 153 9.42 -56.75 -22.77
C GLY O 153 9.33 -55.26 -22.94
N GLN O 154 9.31 -54.80 -24.19
CA GLN O 154 9.52 -53.39 -24.55
C GLN O 154 8.41 -53.00 -25.51
N GLU O 155 7.40 -52.31 -25.00
CA GLU O 155 6.21 -52.00 -25.78
C GLU O 155 6.54 -51.02 -26.89
N GLU O 156 5.84 -51.16 -28.01
CA GLU O 156 5.91 -50.21 -29.11
C GLU O 156 4.57 -49.55 -29.41
N GLY O 157 3.48 -50.21 -29.10
CA GLY O 157 2.19 -49.63 -29.41
C GLY O 157 1.07 -50.39 -28.74
N ARG O 158 -0.13 -50.00 -29.09
CA ARG O 158 -1.34 -50.55 -28.50
C ARG O 158 -2.38 -50.73 -29.58
N VAL O 159 -3.03 -51.90 -29.56
CA VAL O 159 -3.91 -52.27 -30.66
C VAL O 159 -5.04 -51.28 -30.78
N TYR O 160 -5.70 -51.00 -29.65
CA TYR O 160 -6.86 -50.19 -29.62
C TYR O 160 -6.83 -49.43 -28.31
N PRO O 161 -6.98 -48.10 -28.32
CA PRO O 161 -6.81 -47.35 -27.07
C PRO O 161 -7.77 -47.72 -25.97
N TRP O 162 -9.06 -47.81 -26.27
CA TRP O 162 -10.10 -47.85 -25.26
C TRP O 162 -10.40 -49.29 -24.88
N SER O 163 -10.44 -49.57 -23.58
CA SER O 163 -10.71 -50.92 -23.13
C SER O 163 -12.18 -51.25 -23.26
N THR O 164 -12.46 -52.53 -23.47
CA THR O 164 -13.79 -53.08 -23.49
C THR O 164 -14.04 -53.79 -22.16
N PRO O 165 -15.20 -53.65 -21.53
CA PRO O 165 -15.41 -54.33 -20.24
C PRO O 165 -15.83 -55.78 -20.39
N LEU O 166 -15.19 -56.63 -19.59
CA LEU O 166 -15.55 -58.05 -19.55
C LEU O 166 -16.98 -58.25 -19.12
N TYR O 167 -17.48 -57.32 -18.33
CA TYR O 167 -18.88 -57.31 -17.97
C TYR O 167 -19.78 -57.40 -19.20
N ARG O 168 -19.64 -56.43 -20.09
CA ARG O 168 -20.32 -56.44 -21.37
C ARG O 168 -20.00 -57.70 -22.17
N TRP O 169 -18.75 -58.14 -22.08
CA TRP O 169 -18.32 -59.34 -22.78
C TRP O 169 -19.18 -60.54 -22.43
N HIS O 170 -19.49 -60.70 -21.14
CA HIS O 170 -20.40 -61.76 -20.72
C HIS O 170 -21.83 -61.44 -21.13
N ASP O 171 -22.18 -60.15 -21.17
CA ASP O 171 -23.57 -59.79 -21.42
C ASP O 171 -24.02 -60.21 -22.81
N PHE O 172 -23.20 -59.97 -23.82
CA PHE O 172 -23.65 -60.34 -25.16
C PHE O 172 -23.69 -61.87 -25.28
N PRO O 173 -24.73 -62.44 -25.92
CA PRO O 173 -24.65 -63.85 -26.27
C PRO O 173 -23.55 -64.07 -27.28
N GLN O 174 -22.63 -64.95 -26.94
CA GLN O 174 -21.45 -65.17 -27.75
C GLN O 174 -21.84 -66.01 -28.96
N LEU O 175 -20.83 -66.31 -29.77
CA LEU O 175 -20.88 -67.37 -30.79
C LEU O 175 -22.12 -67.31 -31.68
N LYS O 176 -22.61 -66.09 -31.96
CA LYS O 176 -23.67 -65.85 -32.94
C LYS O 176 -23.18 -64.85 -33.95
N ARG O 177 -23.12 -65.23 -35.22
CA ARG O 177 -22.72 -64.28 -36.24
C ARG O 177 -23.78 -63.21 -36.37
N GLY O 178 -23.32 -61.97 -36.54
CA GLY O 178 -24.18 -60.80 -36.49
C GLY O 178 -24.20 -60.24 -35.08
N ARG O 179 -24.33 -61.11 -34.09
CA ARG O 179 -24.19 -60.75 -32.70
C ARG O 179 -22.82 -61.12 -32.13
N GLU O 180 -21.97 -61.74 -32.94
CA GLU O 180 -20.62 -62.08 -32.50
C GLU O 180 -19.86 -60.82 -32.14
N ILE O 181 -18.95 -60.96 -31.19
CA ILE O 181 -18.10 -59.86 -30.79
C ILE O 181 -16.96 -59.72 -31.78
N ASN O 182 -16.60 -58.47 -32.07
CA ASN O 182 -15.48 -58.17 -32.94
C ASN O 182 -14.89 -56.86 -32.46
N LEU O 183 -13.75 -56.93 -31.79
CA LEU O 183 -13.08 -55.71 -31.34
C LEU O 183 -12.57 -54.93 -32.55
N HIS O 184 -11.91 -53.82 -32.27
CA HIS O 184 -11.31 -52.95 -33.26
C HIS O 184 -9.79 -53.08 -33.19
N GLY O 185 -9.14 -52.59 -34.23
CA GLY O 185 -7.70 -52.57 -34.33
C GLY O 185 -7.19 -53.57 -35.34
N SER O 186 -6.05 -53.24 -35.94
CA SER O 186 -5.46 -54.06 -37.00
C SER O 186 -3.97 -54.19 -36.71
N ALA O 187 -3.61 -55.29 -36.07
CA ALA O 187 -2.25 -55.56 -35.64
C ALA O 187 -1.60 -56.62 -36.50
N SER O 188 -0.28 -56.69 -36.42
CA SER O 188 0.47 -57.72 -37.14
C SER O 188 1.87 -57.78 -36.56
N TRP O 189 2.42 -58.98 -36.46
CA TRP O 189 3.76 -59.16 -35.94
C TRP O 189 4.42 -60.36 -36.59
N SER O 190 5.63 -60.65 -36.14
CA SER O 190 6.52 -61.60 -36.79
C SER O 190 7.22 -62.41 -35.71
N GLU O 191 8.30 -63.09 -36.10
CA GLU O 191 8.91 -64.13 -35.28
C GLU O 191 9.35 -63.61 -33.91
N ASN O 192 9.00 -64.36 -32.87
CA ASN O 192 9.38 -64.13 -31.48
C ASN O 192 8.80 -62.85 -30.89
N GLU O 193 7.95 -62.15 -31.62
CA GLU O 193 7.24 -60.99 -31.10
C GLU O 193 5.94 -61.46 -30.47
N THR O 194 5.52 -60.76 -29.43
CA THR O 194 4.48 -61.24 -28.54
C THR O 194 3.27 -60.31 -28.57
N LEU O 195 2.10 -60.92 -28.48
CA LEU O 195 0.86 -60.23 -28.17
C LEU O 195 0.47 -60.60 -26.75
N GLU O 196 0.24 -59.59 -25.92
CA GLU O 196 -0.16 -59.76 -24.54
C GLU O 196 -1.62 -59.36 -24.42
N ILE O 197 -2.39 -60.21 -23.76
CA ILE O 197 -3.79 -59.96 -23.44
C ILE O 197 -3.85 -59.66 -21.96
N LEU O 198 -4.32 -58.46 -21.66
CA LEU O 198 -4.17 -57.83 -20.36
C LEU O 198 -5.52 -57.60 -19.73
N LEU O 199 -5.49 -57.59 -18.40
CA LEU O 199 -6.65 -57.57 -17.54
C LEU O 199 -6.49 -56.46 -16.52
N ASP O 200 -7.59 -55.76 -16.26
CA ASP O 200 -7.65 -54.78 -15.17
C ASP O 200 -8.95 -55.02 -14.43
N ALA O 201 -8.87 -55.67 -13.27
CA ALA O 201 -10.06 -55.97 -12.49
C ALA O 201 -9.62 -56.41 -11.10
N PRO O 202 -10.49 -56.29 -10.11
CA PRO O 202 -10.10 -56.65 -8.75
C PRO O 202 -10.01 -58.14 -8.47
N GLN O 203 -11.02 -58.88 -8.92
CA GLN O 203 -11.19 -60.24 -8.44
C GLN O 203 -10.18 -61.18 -9.07
N ALA O 204 -9.74 -62.15 -8.27
CA ALA O 204 -8.67 -63.05 -8.67
C ALA O 204 -9.23 -64.14 -9.55
N LEU O 205 -8.92 -64.08 -10.84
CA LEU O 205 -9.32 -65.11 -11.78
C LEU O 205 -8.41 -66.32 -11.65
N THR O 206 -8.72 -67.36 -12.43
CA THR O 206 -8.03 -68.63 -12.37
C THR O 206 -7.85 -69.17 -13.78
N TRP O 207 -6.96 -70.14 -13.89
CA TRP O 207 -6.74 -70.87 -15.13
C TRP O 207 -6.77 -72.38 -14.90
N GLU O 208 -6.34 -72.81 -13.72
CA GLU O 208 -6.21 -74.22 -13.42
C GLU O 208 -6.54 -74.43 -11.94
N ASP O 209 -7.28 -75.51 -11.67
CA ASP O 209 -7.60 -75.90 -10.30
C ASP O 209 -7.45 -77.38 -10.02
N SER O 210 -7.46 -78.24 -11.04
CA SER O 210 -7.26 -79.68 -10.92
C SER O 210 -8.39 -80.39 -10.17
N ASP O 211 -9.47 -79.69 -9.82
CA ASP O 211 -10.62 -80.31 -9.19
C ASP O 211 -11.91 -79.70 -9.70
N TYR O 212 -11.90 -79.24 -10.96
CA TYR O 212 -13.05 -78.61 -11.58
C TYR O 212 -13.70 -79.61 -12.52
N PRO O 213 -14.99 -79.92 -12.39
CA PRO O 213 -15.57 -81.00 -13.19
C PRO O 213 -15.65 -80.70 -14.67
N ARG O 214 -16.23 -79.56 -15.02
CA ARG O 214 -16.54 -79.24 -16.42
C ARG O 214 -15.25 -78.86 -17.14
N GLY O 215 -14.41 -79.86 -17.36
CA GLY O 215 -13.14 -79.68 -18.03
C GLY O 215 -12.01 -79.41 -17.05
N GLN O 216 -10.79 -79.54 -17.56
CA GLN O 216 -9.61 -79.31 -16.74
C GLN O 216 -9.35 -77.82 -16.57
N TYR O 217 -9.14 -77.12 -17.68
CA TYR O 217 -8.88 -75.70 -17.64
C TYR O 217 -10.21 -74.97 -17.45
N VAL O 218 -10.30 -74.21 -16.36
CA VAL O 218 -11.56 -73.58 -15.97
C VAL O 218 -11.96 -72.53 -17.00
N THR O 219 -11.16 -71.49 -17.10
CA THR O 219 -11.43 -70.39 -18.01
C THR O 219 -11.00 -70.78 -19.41
N THR O 220 -11.22 -69.88 -20.36
CA THR O 220 -10.75 -70.15 -21.70
C THR O 220 -10.74 -68.88 -22.53
N LEU O 221 -9.88 -68.89 -23.54
CA LEU O 221 -9.87 -67.90 -24.60
C LEU O 221 -9.83 -68.65 -25.92
N GLU O 222 -10.56 -68.15 -26.90
CA GLU O 222 -10.56 -68.73 -28.24
C GLU O 222 -10.70 -67.58 -29.23
N GLN O 223 -9.61 -67.23 -29.91
CA GLN O 223 -9.58 -66.06 -30.79
C GLN O 223 -9.29 -66.49 -32.23
N ASP O 224 -9.92 -65.80 -33.18
CA ASP O 224 -9.61 -66.01 -34.59
C ASP O 224 -8.43 -65.15 -35.00
N VAL O 225 -7.57 -65.71 -35.85
CA VAL O 225 -6.44 -64.99 -36.39
C VAL O 225 -6.23 -65.42 -37.84
N GLU O 226 -5.42 -64.63 -38.52
CA GLU O 226 -4.95 -64.91 -39.87
C GLU O 226 -3.45 -65.10 -39.82
N ILE O 227 -2.97 -66.11 -40.53
CA ILE O 227 -1.57 -66.49 -40.49
C ILE O 227 -1.06 -66.63 -41.92
N THR O 228 0.20 -66.28 -42.12
CA THR O 228 0.91 -66.48 -43.38
C THR O 228 1.75 -67.74 -43.23
N LEU O 229 1.08 -68.89 -43.33
CA LEU O 229 1.74 -70.19 -43.30
C LEU O 229 2.57 -70.38 -42.04
N PRO P 1 6.88 -55.78 -34.39
CA PRO P 1 5.45 -55.52 -34.26
C PRO P 1 4.94 -54.52 -35.27
N GLU P 2 3.64 -54.57 -35.55
CA GLU P 2 3.01 -53.62 -36.44
C GLU P 2 1.56 -53.45 -36.02
N ILE P 3 1.13 -52.19 -35.96
CA ILE P 3 -0.26 -51.84 -35.67
C ILE P 3 -0.73 -50.93 -36.79
N GLY P 4 -2.00 -51.06 -37.15
CA GLY P 4 -2.56 -50.21 -38.19
C GLY P 4 -2.97 -48.86 -37.63
N ASN P 5 -2.70 -47.82 -38.42
CA ASN P 5 -3.08 -46.46 -38.03
C ASN P 5 -4.59 -46.34 -38.18
N ASN P 6 -5.29 -46.76 -37.14
CA ASN P 6 -6.74 -46.71 -37.13
C ASN P 6 -7.22 -45.27 -37.28
N GLY P 7 -8.35 -45.11 -37.96
CA GLY P 7 -8.87 -43.78 -38.21
C GLY P 7 -9.19 -43.04 -36.92
N ALA P 8 -9.15 -41.71 -37.00
CA ALA P 8 -9.44 -40.90 -35.84
C ALA P 8 -10.87 -41.07 -35.36
N GLU P 9 -11.81 -41.31 -36.28
CA GLU P 9 -13.20 -41.49 -35.94
C GLU P 9 -13.37 -42.89 -35.34
N LYS P 10 -13.10 -42.98 -34.05
CA LYS P 10 -13.10 -44.28 -33.39
C LYS P 10 -14.51 -44.66 -32.93
N GLN P 11 -14.79 -45.95 -32.98
CA GLN P 11 -16.10 -46.52 -32.74
C GLN P 11 -16.16 -47.10 -31.34
N ILE P 12 -17.00 -46.52 -30.49
CA ILE P 12 -16.91 -46.68 -29.06
C ILE P 12 -18.32 -46.81 -28.48
N SER P 13 -18.38 -47.01 -27.17
CA SER P 13 -19.65 -47.11 -26.46
C SER P 13 -19.46 -46.60 -25.05
N LEU P 14 -20.60 -46.29 -24.42
CA LEU P 14 -20.63 -45.67 -23.11
C LEU P 14 -21.24 -46.64 -22.10
N HIS P 15 -20.77 -46.54 -20.87
CA HIS P 15 -21.29 -47.36 -19.80
C HIS P 15 -20.94 -46.68 -18.48
N LYS P 16 -21.26 -47.35 -17.38
CA LYS P 16 -21.14 -46.74 -16.06
C LYS P 16 -19.68 -46.50 -15.69
N GLY P 17 -18.85 -47.51 -15.83
CA GLY P 17 -17.48 -47.42 -15.38
C GLY P 17 -16.58 -46.60 -16.28
N GLN P 18 -16.83 -45.30 -16.33
CA GLN P 18 -16.02 -44.37 -17.09
C GLN P 18 -15.89 -43.08 -16.28
N PRO P 19 -14.90 -42.25 -16.60
CA PRO P 19 -14.68 -41.05 -15.78
C PRO P 19 -15.63 -39.91 -16.08
N PHE P 20 -16.00 -39.75 -17.35
CA PHE P 20 -16.81 -38.62 -17.79
C PHE P 20 -18.30 -38.90 -17.70
N ILE P 21 -18.69 -39.84 -16.84
CA ILE P 21 -20.07 -40.21 -16.60
C ILE P 21 -20.26 -40.31 -15.08
N ASP P 22 -21.50 -40.17 -14.64
CA ASP P 22 -21.81 -40.27 -13.23
C ASP P 22 -23.28 -40.62 -13.08
N THR P 23 -23.66 -41.08 -11.89
CA THR P 23 -25.04 -41.37 -11.59
C THR P 23 -25.31 -41.04 -10.13
N GLN P 24 -26.60 -41.10 -9.76
CA GLN P 24 -26.98 -40.99 -8.37
C GLN P 24 -28.42 -41.46 -8.22
N ASP P 25 -28.73 -41.95 -7.03
CA ASP P 25 -30.03 -42.56 -6.75
C ASP P 25 -31.18 -41.59 -7.01
N VAL P 26 -32.37 -42.16 -7.15
CA VAL P 26 -33.59 -41.41 -7.43
C VAL P 26 -34.72 -42.02 -6.62
N GLY P 27 -35.65 -41.17 -6.21
CA GLY P 27 -36.79 -41.60 -5.42
C GLY P 27 -38.01 -41.87 -6.28
N ALA P 28 -39.02 -41.02 -6.17
CA ALA P 28 -40.28 -41.24 -6.85
C ALA P 28 -40.93 -39.89 -7.15
N ALA P 29 -41.59 -39.80 -8.31
CA ALA P 29 -42.22 -38.56 -8.76
C ALA P 29 -41.17 -37.44 -8.78
N ASP P 30 -40.16 -37.65 -9.61
CA ASP P 30 -38.86 -37.01 -9.42
C ASP P 30 -38.20 -36.80 -10.77
N PRO P 31 -38.76 -35.88 -11.58
CA PRO P 31 -38.27 -35.72 -12.95
C PRO P 31 -36.97 -34.94 -13.08
N ASN P 32 -36.80 -33.93 -12.23
CA ASN P 32 -35.86 -32.86 -12.55
C ASN P 32 -34.42 -33.33 -12.59
N THR P 33 -34.06 -34.35 -11.80
CA THR P 33 -32.66 -34.70 -11.70
C THR P 33 -32.24 -35.63 -12.83
N PRO P 34 -30.98 -35.55 -13.27
CA PRO P 34 -30.41 -36.64 -14.05
C PRO P 34 -30.03 -37.80 -13.13
N ALA P 35 -30.74 -38.92 -13.30
CA ALA P 35 -30.27 -40.16 -12.69
C ALA P 35 -28.87 -40.48 -13.16
N VAL P 36 -28.54 -40.12 -14.39
CA VAL P 36 -27.23 -40.32 -14.96
C VAL P 36 -26.85 -39.04 -15.69
N THR P 37 -25.61 -38.60 -15.48
CA THR P 37 -25.04 -37.44 -16.12
C THR P 37 -23.88 -37.88 -16.99
N ILE P 38 -23.76 -37.24 -18.14
CA ILE P 38 -22.65 -37.45 -19.07
C ILE P 38 -22.06 -36.10 -19.35
N GLU P 39 -20.75 -36.06 -19.59
CA GLU P 39 -20.09 -34.82 -19.98
C GLU P 39 -19.01 -35.11 -21.00
N GLY P 40 -18.80 -34.14 -21.88
CA GLY P 40 -17.76 -34.22 -22.87
C GLY P 40 -16.40 -34.06 -22.22
N PRO P 41 -15.48 -35.00 -22.42
CA PRO P 41 -14.11 -34.77 -21.96
C PRO P 41 -13.47 -33.63 -22.73
N SER P 42 -12.26 -33.29 -22.28
CA SER P 42 -11.56 -32.15 -22.83
C SER P 42 -10.92 -32.48 -24.17
N ASP P 43 -11.08 -31.58 -25.12
CA ASP P 43 -10.44 -31.66 -26.44
C ASP P 43 -10.87 -32.91 -27.20
N TYR P 44 -12.03 -33.48 -26.86
CA TYR P 44 -12.64 -34.56 -27.61
C TYR P 44 -13.97 -34.10 -28.14
N VAL P 45 -14.48 -34.86 -29.10
CA VAL P 45 -15.78 -34.62 -29.71
C VAL P 45 -16.46 -35.97 -29.86
N ILE P 46 -17.63 -36.10 -29.29
CA ILE P 46 -18.43 -37.31 -29.39
C ILE P 46 -19.56 -37.03 -30.38
N ALA P 47 -19.93 -38.08 -31.11
CA ALA P 47 -21.00 -38.03 -32.08
C ALA P 47 -21.89 -39.24 -31.89
N ILE P 48 -23.19 -39.00 -31.83
CA ILE P 48 -24.19 -40.05 -31.68
C ILE P 48 -25.14 -39.91 -32.85
N ASP P 49 -25.17 -40.92 -33.71
CA ASP P 49 -26.01 -40.88 -34.89
C ASP P 49 -27.47 -41.15 -34.51
N ALA P 50 -28.35 -40.98 -35.49
CA ALA P 50 -29.78 -41.13 -35.23
C ALA P 50 -30.17 -42.58 -35.02
N GLY P 51 -29.52 -43.50 -35.70
CA GLY P 51 -29.82 -44.91 -35.56
C GLY P 51 -28.98 -45.57 -34.50
N THR P 52 -28.72 -44.85 -33.43
CA THR P 52 -27.87 -45.37 -32.37
C THR P 52 -28.71 -46.18 -31.40
N PRO P 53 -28.30 -47.39 -31.02
CA PRO P 53 -29.05 -48.13 -30.00
C PRO P 53 -28.96 -47.46 -28.65
N VAL P 54 -29.93 -47.82 -27.81
CA VAL P 54 -30.10 -47.24 -26.49
C VAL P 54 -30.47 -48.40 -25.57
N ALA P 55 -30.07 -48.29 -24.31
CA ALA P 55 -30.27 -49.43 -23.43
C ALA P 55 -30.14 -49.04 -21.97
N PRO P 56 -31.19 -48.49 -21.37
CA PRO P 56 -31.24 -48.39 -19.91
C PRO P 56 -31.76 -49.67 -19.30
N GLU P 57 -31.15 -50.06 -18.21
CA GLU P 57 -31.44 -51.33 -17.55
C GLU P 57 -31.52 -51.10 -16.05
N PHE P 58 -32.30 -50.09 -15.66
CA PHE P 58 -32.44 -49.71 -14.27
C PHE P 58 -32.98 -50.85 -13.43
N ARG P 59 -32.87 -50.69 -12.11
CA ARG P 59 -33.29 -51.70 -11.17
C ARG P 59 -33.83 -51.05 -9.92
N ASP P 60 -34.41 -51.87 -9.07
CA ASP P 60 -34.82 -51.53 -7.73
C ASP P 60 -33.73 -51.98 -6.75
N ALA P 61 -33.77 -51.40 -5.55
CA ALA P 61 -32.77 -51.73 -4.53
C ALA P 61 -32.82 -53.21 -4.16
N ASN P 62 -34.00 -53.79 -4.14
CA ASN P 62 -34.14 -55.21 -3.84
C ASN P 62 -33.78 -56.10 -5.03
N GLY P 63 -33.39 -55.52 -6.16
CA GLY P 63 -33.10 -56.31 -7.34
C GLY P 63 -34.35 -56.70 -8.10
N ASP P 64 -35.09 -55.71 -8.57
CA ASP P 64 -36.27 -55.93 -9.38
C ASP P 64 -36.35 -54.84 -10.44
N LYS P 65 -37.17 -55.10 -11.46
CA LYS P 65 -37.53 -54.09 -12.43
C LYS P 65 -38.63 -53.22 -11.84
N LEU P 66 -38.70 -51.98 -12.33
CA LEU P 66 -39.66 -51.01 -11.82
C LEU P 66 -40.94 -51.02 -12.65
N ASP P 67 -41.87 -50.17 -12.24
CA ASP P 67 -43.15 -50.02 -12.90
C ASP P 67 -42.93 -49.65 -14.36
N PRO P 68 -43.38 -50.45 -15.34
CA PRO P 68 -43.12 -50.10 -16.74
C PRO P 68 -43.79 -48.83 -17.20
N SER P 69 -44.76 -48.31 -16.45
CA SER P 69 -45.29 -46.98 -16.74
C SER P 69 -44.26 -45.88 -16.48
N THR P 70 -43.17 -46.20 -15.78
CA THR P 70 -42.06 -45.28 -15.63
C THR P 70 -41.57 -44.83 -16.99
N ARG P 71 -41.04 -43.60 -17.03
CA ARG P 71 -40.57 -42.99 -18.25
C ARG P 71 -39.10 -42.63 -18.12
N VAL P 72 -38.39 -42.75 -19.23
CA VAL P 72 -37.00 -42.36 -19.37
C VAL P 72 -36.94 -41.34 -20.50
N THR P 73 -36.10 -40.33 -20.32
CA THR P 73 -35.90 -39.31 -21.34
C THR P 73 -34.42 -38.96 -21.37
N ILE P 74 -33.76 -39.26 -22.49
CA ILE P 74 -32.45 -38.68 -22.75
C ILE P 74 -32.69 -37.27 -23.24
N GLN P 75 -31.77 -36.36 -22.91
CA GLN P 75 -31.96 -34.98 -23.31
C GLN P 75 -30.61 -34.27 -23.31
N LYS P 76 -30.32 -33.58 -24.41
CA LYS P 76 -29.14 -32.74 -24.47
C LYS P 76 -29.35 -31.51 -23.61
N CYS P 77 -28.26 -30.93 -23.14
CA CYS P 77 -28.30 -29.71 -22.38
C CYS P 77 -27.22 -28.76 -22.88
N ASP P 78 -27.54 -27.47 -22.80
CA ASP P 78 -26.49 -26.49 -22.80
C ASP P 78 -25.65 -26.67 -21.53
N LYS P 79 -24.52 -25.99 -21.48
CA LYS P 79 -23.71 -25.94 -20.27
C LYS P 79 -24.55 -25.51 -19.08
N GLN P 80 -24.07 -25.83 -17.88
CA GLN P 80 -24.69 -25.41 -16.61
C GLN P 80 -25.95 -26.18 -16.29
N GLY P 81 -26.00 -27.43 -16.74
CA GLY P 81 -27.17 -28.23 -16.46
C GLY P 81 -28.45 -27.63 -17.02
N ASN P 82 -28.32 -26.87 -18.10
CA ASN P 82 -29.41 -26.11 -18.67
C ASN P 82 -30.02 -26.92 -19.81
N PRO P 83 -31.16 -27.56 -19.62
CA PRO P 83 -31.71 -28.39 -20.71
C PRO P 83 -32.23 -27.53 -21.84
N LEU P 84 -32.54 -28.22 -22.95
CA LEU P 84 -33.04 -27.59 -24.15
C LEU P 84 -34.04 -28.52 -24.82
N GLY P 85 -35.07 -27.94 -25.40
CA GLY P 85 -36.18 -28.71 -25.94
C GLY P 85 -35.80 -29.37 -27.23
N ASP P 86 -35.31 -28.58 -28.17
CA ASP P 86 -34.74 -29.15 -29.38
C ASP P 86 -33.56 -30.04 -29.02
N GLY P 87 -33.26 -30.98 -29.90
CA GLY P 87 -32.16 -31.89 -29.68
C GLY P 87 -32.47 -33.03 -28.74
N ILE P 88 -33.62 -33.02 -28.07
CA ILE P 88 -34.00 -34.14 -27.23
C ILE P 88 -34.15 -35.39 -28.08
N VAL P 89 -33.80 -36.54 -27.50
CA VAL P 89 -33.94 -37.83 -28.15
C VAL P 89 -34.32 -38.87 -27.10
N PHE P 90 -34.95 -39.95 -27.57
CA PHE P 90 -35.26 -41.09 -26.72
C PHE P 90 -36.11 -40.67 -25.52
N SER P 91 -37.35 -40.33 -25.83
CA SER P 91 -38.41 -40.21 -24.84
C SER P 91 -39.19 -41.51 -24.88
N ASP P 92 -38.83 -42.44 -24.00
CA ASP P 92 -39.34 -43.79 -24.03
C ASP P 92 -39.90 -44.15 -22.66
N THR P 93 -40.65 -45.24 -22.61
CA THR P 93 -41.15 -45.78 -21.37
C THR P 93 -40.19 -46.85 -20.87
N LEU P 94 -40.19 -47.05 -19.56
CA LEU P 94 -39.27 -48.01 -18.97
C LEU P 94 -39.66 -49.45 -19.26
N GLY P 95 -40.92 -49.69 -19.56
CA GLY P 95 -41.34 -51.01 -19.96
C GLY P 95 -40.90 -51.30 -21.37
N ARG P 96 -41.45 -52.40 -21.89
CA ARG P 96 -41.31 -52.78 -23.30
C ARG P 96 -39.88 -52.74 -23.81
N PHE P 97 -38.97 -53.32 -23.05
CA PHE P 97 -37.62 -53.59 -23.52
C PHE P 97 -37.30 -55.08 -23.60
N GLU P 98 -37.76 -55.85 -22.61
CA GLU P 98 -37.32 -57.23 -22.45
C GLU P 98 -35.79 -57.29 -22.33
N TYR P 99 -35.35 -56.76 -21.18
CA TYR P 99 -33.93 -56.63 -20.85
C TYR P 99 -33.12 -57.89 -21.11
N SER P 100 -33.76 -59.06 -21.04
CA SER P 100 -33.07 -60.31 -21.30
C SER P 100 -32.42 -60.31 -22.67
N LYS P 101 -33.18 -59.93 -23.70
CA LYS P 101 -32.74 -60.00 -25.09
C LYS P 101 -32.54 -58.62 -25.71
N MET P 102 -32.54 -57.56 -24.91
CA MET P 102 -32.66 -56.19 -25.39
C MET P 102 -31.54 -55.80 -26.34
N ARG P 103 -30.31 -55.73 -25.83
CA ARG P 103 -29.16 -55.48 -26.70
C ARG P 103 -28.95 -56.65 -27.63
N SER P 104 -29.12 -57.86 -27.10
CA SER P 104 -28.91 -59.09 -27.85
C SER P 104 -29.63 -59.09 -29.19
N ASP P 105 -30.91 -58.71 -29.18
CA ASP P 105 -31.75 -58.84 -30.36
C ASP P 105 -31.85 -57.51 -31.10
N PRO P 106 -31.60 -57.46 -32.42
CA PRO P 106 -31.83 -56.20 -33.15
C PRO P 106 -33.27 -55.78 -33.14
N ASP P 107 -34.21 -56.72 -33.04
CA ASP P 107 -35.61 -56.36 -32.90
C ASP P 107 -35.82 -55.54 -31.65
N TYR P 108 -35.56 -56.13 -30.49
CA TYR P 108 -35.66 -55.41 -29.23
C TYR P 108 -34.77 -54.18 -29.16
N MET P 109 -33.74 -54.11 -29.99
CA MET P 109 -32.80 -53.00 -29.93
C MET P 109 -33.51 -51.70 -30.26
N ARG P 110 -33.75 -50.88 -29.25
CA ARG P 110 -34.42 -49.60 -29.42
C ARG P 110 -33.40 -48.53 -29.76
N LYS P 111 -33.57 -47.91 -30.91
CA LYS P 111 -32.67 -46.88 -31.38
C LYS P 111 -33.20 -45.50 -31.04
N THR P 112 -32.35 -44.50 -31.27
CA THR P 112 -32.74 -43.12 -31.05
C THR P 112 -33.65 -42.67 -32.18
N THR P 113 -34.02 -41.40 -32.15
CA THR P 113 -34.91 -40.80 -33.13
C THR P 113 -34.18 -39.91 -34.11
N THR P 114 -33.30 -39.04 -33.60
CA THR P 114 -32.59 -38.06 -34.42
C THR P 114 -31.13 -38.06 -34.04
N SER P 115 -30.33 -37.37 -34.84
CA SER P 115 -28.90 -37.33 -34.63
C SER P 115 -28.59 -36.55 -33.36
N LEU P 116 -27.30 -36.47 -33.04
CA LEU P 116 -26.88 -35.78 -31.85
C LEU P 116 -25.37 -35.58 -31.91
N MET P 117 -24.91 -34.58 -31.18
CA MET P 117 -23.50 -34.25 -31.13
C MET P 117 -23.20 -33.66 -29.76
N ILE P 118 -21.97 -33.87 -29.31
CA ILE P 118 -21.52 -33.37 -28.02
C ILE P 118 -20.20 -32.65 -28.26
N ASP P 119 -20.23 -31.33 -28.15
CA ASP P 119 -19.01 -30.55 -28.17
C ASP P 119 -18.24 -30.81 -26.88
N GLU P 120 -16.99 -30.33 -26.86
CA GLU P 120 -16.01 -30.75 -25.87
C GLU P 120 -16.50 -30.56 -24.43
N ARG P 121 -17.18 -29.44 -24.14
CA ARG P 121 -17.77 -29.19 -22.83
C ARG P 121 -19.28 -29.06 -23.04
N GLU P 122 -19.99 -30.16 -22.96
CA GLU P 122 -21.45 -30.15 -22.99
C GLU P 122 -21.96 -31.29 -22.15
N ILE P 123 -23.27 -31.33 -21.98
CA ILE P 123 -23.92 -32.25 -21.05
C ILE P 123 -25.06 -32.96 -21.74
N VAL P 124 -25.25 -34.21 -21.39
CA VAL P 124 -26.41 -35.00 -21.77
C VAL P 124 -26.92 -35.64 -20.50
N LYS P 125 -28.22 -35.53 -20.27
CA LYS P 125 -28.85 -35.99 -19.05
C LYS P 125 -29.88 -37.06 -19.37
N ILE P 126 -30.18 -37.84 -18.35
CA ILE P 126 -31.13 -38.95 -18.44
C ILE P 126 -32.11 -38.77 -17.30
N PHE P 127 -33.22 -38.10 -17.57
CA PHE P 127 -34.25 -37.91 -16.57
C PHE P 127 -35.17 -39.11 -16.53
N VAL P 128 -35.74 -39.34 -15.36
CA VAL P 128 -36.59 -40.49 -15.08
C VAL P 128 -37.82 -39.99 -14.36
N GLU P 129 -38.99 -40.49 -14.77
CA GLU P 129 -40.27 -40.16 -14.14
C GLU P 129 -40.88 -41.45 -13.63
N VAL P 130 -40.88 -41.61 -12.31
CA VAL P 130 -41.47 -42.77 -11.66
C VAL P 130 -42.81 -42.33 -11.08
N PRO P 131 -43.88 -43.10 -11.22
CA PRO P 131 -45.13 -42.75 -10.54
C PRO P 131 -44.99 -42.92 -9.04
N PRO P 132 -45.78 -42.19 -8.25
CA PRO P 132 -45.65 -42.28 -6.79
C PRO P 132 -46.07 -43.64 -6.27
N ASN P 133 -45.83 -43.84 -4.98
CA ASN P 133 -46.13 -45.09 -4.29
C ASN P 133 -45.43 -46.26 -4.98
N ALA P 134 -44.21 -46.01 -5.46
CA ALA P 134 -43.40 -47.00 -6.13
C ALA P 134 -42.02 -47.02 -5.48
N ASN P 135 -41.24 -48.03 -5.87
CA ASN P 135 -39.90 -48.17 -5.34
C ASN P 135 -38.93 -47.30 -6.11
N GLY P 136 -37.86 -46.90 -5.43
CA GLY P 136 -36.88 -46.00 -6.02
C GLY P 136 -35.81 -46.72 -6.79
N MET P 137 -35.01 -45.94 -7.49
CA MET P 137 -33.89 -46.46 -8.26
C MET P 137 -32.69 -46.65 -7.35
N ASP P 138 -31.89 -47.67 -7.67
CA ASP P 138 -30.67 -48.00 -6.92
C ASP P 138 -29.51 -47.96 -7.88
N ALA P 139 -28.55 -47.08 -7.61
CA ALA P 139 -27.45 -46.83 -8.54
C ALA P 139 -26.48 -48.00 -8.61
N ASP P 140 -26.42 -48.83 -7.58
CA ASP P 140 -25.47 -49.94 -7.59
C ASP P 140 -25.79 -50.92 -8.71
N ASN P 141 -27.07 -51.12 -9.00
CA ASN P 141 -27.51 -52.12 -9.96
C ASN P 141 -27.98 -51.52 -11.26
N SER P 142 -28.35 -50.25 -11.28
CA SER P 142 -28.77 -49.61 -12.51
C SER P 142 -27.63 -49.59 -13.51
N ARG P 143 -27.98 -49.32 -14.77
CA ARG P 143 -26.94 -49.15 -15.78
C ARG P 143 -27.54 -48.52 -17.03
N ILE P 144 -26.69 -47.79 -17.74
CA ILE P 144 -26.95 -47.28 -19.08
C ILE P 144 -25.91 -47.89 -20.00
N THR P 145 -26.34 -48.15 -21.23
CA THR P 145 -25.41 -48.40 -22.33
C THR P 145 -26.02 -47.80 -23.58
N ILE P 146 -25.16 -47.21 -24.41
CA ILE P 146 -25.57 -46.69 -25.70
C ILE P 146 -24.49 -47.05 -26.70
N GLY P 147 -24.89 -47.10 -27.96
CA GLY P 147 -23.97 -47.53 -29.00
C GLY P 147 -23.80 -49.03 -29.01
N ASP P 148 -23.43 -49.57 -30.17
CA ASP P 148 -23.27 -51.02 -30.36
C ASP P 148 -21.96 -51.24 -31.08
N ASP P 149 -20.88 -51.28 -30.30
CA ASP P 149 -19.66 -51.89 -30.79
C ASP P 149 -19.85 -53.39 -30.87
N THR P 150 -18.92 -54.07 -31.51
CA THR P 150 -18.79 -55.52 -31.38
C THR P 150 -20.03 -56.25 -31.88
N SER P 151 -20.61 -55.77 -32.97
CA SER P 151 -21.75 -56.43 -33.56
C SER P 151 -22.00 -55.82 -34.92
N ASP P 152 -22.27 -56.69 -35.90
CA ASP P 152 -22.63 -56.21 -37.22
C ASP P 152 -23.94 -55.44 -37.18
N TYR P 153 -24.80 -55.75 -36.21
CA TYR P 153 -26.01 -55.00 -35.99
C TYR P 153 -25.72 -53.76 -35.16
N GLY P 154 -26.65 -52.82 -35.21
CA GLY P 154 -26.53 -51.60 -34.45
C GLY P 154 -25.40 -50.72 -34.94
N LYS P 155 -25.37 -49.52 -34.37
CA LYS P 155 -24.38 -48.51 -34.67
C LYS P 155 -23.49 -48.31 -33.45
N ALA P 156 -22.47 -47.48 -33.62
CA ALA P 156 -21.52 -47.20 -32.56
C ALA P 156 -21.35 -45.70 -32.41
N VAL P 157 -20.90 -45.31 -31.23
CA VAL P 157 -20.68 -43.91 -30.93
C VAL P 157 -19.36 -43.50 -31.55
N GLY P 158 -19.38 -42.43 -32.33
CA GLY P 158 -18.15 -41.91 -32.89
C GLY P 158 -17.45 -41.00 -31.89
N ILE P 159 -16.13 -41.05 -31.90
CA ILE P 159 -15.33 -40.13 -31.11
C ILE P 159 -14.14 -39.68 -31.94
N VAL P 160 -13.68 -38.46 -31.65
CA VAL P 160 -12.51 -37.93 -32.33
C VAL P 160 -11.81 -36.95 -31.39
N GLU P 161 -10.50 -36.92 -31.48
CA GLU P 161 -9.73 -35.92 -30.75
C GLU P 161 -9.87 -34.57 -31.46
N HIS P 162 -10.25 -33.55 -30.69
CA HIS P 162 -10.48 -32.23 -31.27
C HIS P 162 -9.21 -31.64 -31.84
N GLY P 163 -8.06 -31.96 -31.25
CA GLY P 163 -6.80 -31.36 -31.69
C GLY P 163 -6.28 -31.91 -33.00
N ASP P 164 -6.78 -33.06 -33.45
CA ASP P 164 -6.27 -33.65 -34.69
C ASP P 164 -6.82 -32.91 -35.91
N LEU P 165 -8.14 -32.88 -36.05
CA LEU P 165 -8.75 -32.31 -37.24
C LEU P 165 -8.85 -30.79 -37.14
N SER P 166 -8.66 -30.13 -38.28
CA SER P 166 -8.82 -28.68 -38.39
C SER P 166 -10.29 -28.26 -38.42
N PRO P 167 -11.16 -28.90 -39.20
CA PRO P 167 -12.59 -28.54 -39.12
C PRO P 167 -13.33 -29.13 -37.94
N ALA P 168 -12.63 -29.67 -36.93
CA ALA P 168 -13.30 -30.07 -35.69
C ALA P 168 -14.03 -28.90 -35.06
N GLU P 169 -13.41 -27.72 -35.07
CA GLU P 169 -14.09 -26.52 -34.56
C GLU P 169 -15.29 -26.16 -35.43
N SER P 170 -15.18 -26.35 -36.74
CA SER P 170 -16.30 -26.07 -37.63
C SER P 170 -17.48 -26.98 -37.31
N LYS P 171 -17.22 -28.27 -37.13
CA LYS P 171 -18.29 -29.19 -36.78
C LYS P 171 -18.84 -28.90 -35.40
N ALA P 172 -18.00 -28.46 -34.46
CA ALA P 172 -18.46 -28.11 -33.13
C ALA P 172 -19.43 -26.93 -33.18
N VAL P 173 -19.08 -25.89 -33.96
CA VAL P 173 -19.99 -24.77 -34.13
C VAL P 173 -21.26 -25.22 -34.88
N ARG P 174 -21.11 -26.17 -35.79
CA ARG P 174 -22.27 -26.69 -36.54
C ARG P 174 -23.24 -27.38 -35.60
N GLN P 175 -22.73 -28.09 -34.59
CA GLN P 175 -23.56 -28.85 -33.67
C GLN P 175 -24.42 -29.88 -34.40
N GLN Q 1 -56.81 -78.69 -64.06
CA GLN Q 1 -56.22 -80.01 -64.21
C GLN Q 1 -55.40 -80.39 -62.98
N THR Q 2 -54.28 -79.69 -62.80
CA THR Q 2 -53.30 -80.06 -61.79
C THR Q 2 -53.65 -79.44 -60.45
N GLN Q 3 -53.37 -80.17 -59.37
CA GLN Q 3 -53.60 -79.73 -58.01
C GLN Q 3 -52.35 -80.02 -57.19
N GLU Q 4 -52.36 -79.57 -55.94
CA GLU Q 4 -51.27 -79.77 -54.99
C GLU Q 4 -51.89 -80.28 -53.70
N TYR Q 5 -51.80 -81.59 -53.50
CA TYR Q 5 -52.41 -82.23 -52.34
C TYR Q 5 -51.36 -82.68 -51.36
N THR Q 6 -51.85 -83.10 -50.21
CA THR Q 6 -51.11 -83.83 -49.20
C THR Q 6 -51.58 -85.27 -49.22
N ILE Q 7 -50.65 -86.17 -48.90
CA ILE Q 7 -50.96 -87.59 -48.78
C ILE Q 7 -50.34 -88.09 -47.49
N ASN Q 8 -51.05 -88.99 -46.83
CA ASN Q 8 -50.79 -89.42 -45.47
C ASN Q 8 -50.62 -90.93 -45.46
N HIS Q 9 -50.11 -91.44 -44.34
CA HIS Q 9 -49.93 -92.87 -44.13
C HIS Q 9 -51.24 -93.63 -44.00
N THR Q 10 -52.39 -92.96 -44.04
CA THR Q 10 -53.66 -93.67 -44.06
C THR Q 10 -54.65 -92.95 -44.94
N GLY Q 11 -55.41 -93.74 -45.71
CA GLY Q 11 -56.58 -93.25 -46.41
C GLY Q 11 -56.33 -92.05 -47.29
N GLY Q 12 -56.85 -90.92 -46.85
CA GLY Q 12 -56.69 -89.70 -47.61
C GLY Q 12 -57.43 -89.81 -48.93
N VAL Q 13 -56.75 -89.36 -49.99
CA VAL Q 13 -57.32 -89.41 -51.32
C VAL Q 13 -57.35 -90.81 -51.90
N LEU Q 14 -56.65 -91.76 -51.29
CA LEU Q 14 -56.48 -93.09 -51.85
C LEU Q 14 -57.60 -94.04 -51.44
N GLY Q 15 -57.74 -94.28 -50.14
CA GLY Q 15 -58.86 -95.04 -49.61
C GLY Q 15 -58.48 -96.25 -48.79
N ASP Q 16 -57.28 -96.24 -48.22
CA ASP Q 16 -56.82 -97.21 -47.22
C ASP Q 16 -56.51 -98.59 -47.81
N SER Q 17 -56.78 -98.81 -49.09
CA SER Q 17 -56.48 -100.08 -49.74
C SER Q 17 -55.14 -100.05 -50.45
N TYR Q 18 -54.92 -99.05 -51.28
CA TYR Q 18 -53.70 -98.88 -52.04
C TYR Q 18 -52.63 -98.12 -51.26
N VAL Q 19 -52.75 -98.10 -49.95
CA VAL Q 19 -51.65 -97.86 -49.03
C VAL Q 19 -51.23 -99.21 -48.49
N THR Q 20 -49.97 -99.33 -48.08
CA THR Q 20 -49.64 -100.39 -47.14
C THR Q 20 -48.45 -99.98 -46.29
N THR Q 21 -48.54 -100.31 -45.01
CA THR Q 21 -47.50 -100.06 -44.03
C THR Q 21 -46.79 -101.36 -43.70
N ALA Q 22 -45.67 -101.21 -42.99
CA ALA Q 22 -44.87 -102.35 -42.55
C ALA Q 22 -43.78 -101.84 -41.64
N SER Q 23 -43.35 -102.71 -40.73
CA SER Q 23 -42.23 -102.42 -39.87
C SER Q 23 -40.92 -102.77 -40.58
N ASN Q 24 -39.82 -102.42 -39.93
CA ASN Q 24 -38.48 -102.69 -40.44
C ASN Q 24 -38.01 -104.03 -39.89
N GLN Q 25 -36.70 -104.30 -40.03
CA GLN Q 25 -36.07 -105.45 -39.42
C GLN Q 25 -34.85 -105.01 -38.64
N THR Q 26 -34.56 -105.76 -37.57
CA THR Q 26 -33.59 -105.35 -36.56
C THR Q 26 -32.25 -106.06 -36.75
N SER Q 27 -32.25 -107.40 -36.70
CA SER Q 27 -30.98 -108.10 -36.65
C SER Q 27 -30.24 -108.02 -37.98
N PRO Q 28 -30.85 -108.36 -39.12
CA PRO Q 28 -30.25 -108.00 -40.41
C PRO Q 28 -30.56 -106.56 -40.77
N GLN Q 29 -29.55 -105.70 -40.70
CA GLN Q 29 -29.68 -104.31 -41.14
C GLN Q 29 -29.94 -104.30 -42.64
N ARG Q 30 -31.16 -103.98 -43.03
CA ARG Q 30 -31.55 -104.07 -44.43
C ARG Q 30 -32.51 -102.95 -44.79
N GLU Q 31 -32.46 -102.57 -46.06
CA GLU Q 31 -33.25 -101.46 -46.58
C GLU Q 31 -34.69 -101.93 -46.76
N THR Q 32 -35.38 -102.03 -45.64
CA THR Q 32 -36.76 -102.45 -45.65
C THR Q 32 -37.64 -101.43 -46.36
N ALA Q 33 -38.90 -101.79 -46.54
CA ALA Q 33 -39.91 -100.93 -47.14
C ALA Q 33 -41.01 -100.74 -46.11
N VAL Q 34 -40.99 -99.58 -45.47
CA VAL Q 34 -41.91 -99.34 -44.36
C VAL Q 34 -43.25 -98.82 -44.84
N LEU Q 35 -43.27 -98.14 -45.99
CA LEU Q 35 -44.53 -97.63 -46.50
C LEU Q 35 -44.56 -97.72 -48.00
N SER Q 36 -45.75 -97.81 -48.57
CA SER Q 36 -45.83 -97.73 -50.02
C SER Q 36 -47.22 -97.32 -50.46
N PHE Q 37 -47.25 -96.54 -51.53
CA PHE Q 37 -48.44 -95.93 -52.09
C PHE Q 37 -48.56 -96.36 -53.54
N GLU Q 38 -49.69 -96.97 -53.90
CA GLU Q 38 -49.95 -97.40 -55.26
C GLU Q 38 -50.97 -96.47 -55.90
N CYS Q 39 -50.64 -95.94 -57.07
CA CYS Q 39 -51.53 -95.04 -57.79
C CYS Q 39 -52.84 -95.76 -58.12
N PRO Q 40 -53.99 -95.27 -57.66
CA PRO Q 40 -55.23 -95.98 -57.93
C PRO Q 40 -55.69 -95.88 -59.38
N ARG Q 41 -56.77 -96.62 -59.62
CA ARG Q 41 -57.39 -96.73 -60.93
C ARG Q 41 -57.84 -95.38 -61.45
N LYS Q 42 -58.32 -94.52 -60.57
CA LYS Q 42 -59.09 -93.36 -60.98
C LYS Q 42 -58.21 -92.22 -61.45
N PHE Q 43 -57.04 -92.05 -60.84
CA PHE Q 43 -56.15 -90.98 -61.23
C PHE Q 43 -55.58 -91.24 -62.61
N GLU Q 44 -55.02 -90.19 -63.20
CA GLU Q 44 -54.32 -90.28 -64.47
C GLU Q 44 -52.83 -90.51 -64.25
N GLU Q 45 -52.23 -89.72 -63.38
CA GLU Q 45 -50.83 -89.87 -63.03
C GLU Q 45 -50.58 -89.07 -61.77
N ILE Q 46 -49.43 -89.32 -61.17
CA ILE Q 46 -48.95 -88.59 -60.02
C ILE Q 46 -47.54 -88.12 -60.33
N ASN Q 47 -47.21 -86.93 -59.86
CA ASN Q 47 -45.88 -86.36 -59.97
C ASN Q 47 -45.30 -86.15 -58.59
N TYR Q 48 -44.01 -85.87 -58.55
CA TYR Q 48 -43.30 -85.62 -57.31
C TYR Q 48 -42.05 -84.87 -57.65
N VAL Q 49 -41.81 -83.76 -56.96
CA VAL Q 49 -40.72 -82.86 -57.29
C VAL Q 49 -40.04 -82.45 -56.00
N GLY Q 50 -38.71 -82.37 -56.04
CA GLY Q 50 -37.95 -81.85 -54.94
C GLY Q 50 -37.73 -80.35 -55.08
N GLN Q 51 -37.52 -79.72 -53.93
CA GLN Q 51 -37.47 -78.25 -53.81
C GLN Q 51 -38.77 -77.60 -54.26
N ARG Q 52 -39.87 -78.36 -54.30
CA ARG Q 52 -41.18 -77.86 -54.63
C ARG Q 52 -42.23 -78.36 -53.64
N ASP Q 53 -42.02 -79.55 -53.08
CA ASP Q 53 -43.03 -80.27 -52.31
C ASP Q 53 -42.52 -80.51 -50.91
N ALA Q 54 -43.29 -80.06 -49.92
CA ALA Q 54 -42.89 -80.17 -48.54
C ALA Q 54 -43.24 -81.56 -48.01
N THR Q 55 -42.94 -81.77 -46.73
CA THR Q 55 -42.86 -83.12 -46.20
C THR Q 55 -42.83 -83.07 -44.68
N ARG Q 56 -43.23 -84.18 -44.08
CA ARG Q 56 -43.13 -84.39 -42.65
C ARG Q 56 -43.14 -85.89 -42.42
N PHE Q 57 -42.35 -86.34 -41.45
CA PHE Q 57 -42.31 -87.77 -41.13
C PHE Q 57 -41.82 -87.89 -39.68
N VAL Q 58 -42.76 -88.16 -38.78
CA VAL Q 58 -42.46 -88.31 -37.35
C VAL Q 58 -42.50 -89.80 -37.03
N PRO Q 59 -41.36 -90.45 -36.94
CA PRO Q 59 -41.31 -91.82 -36.45
C PRO Q 59 -40.98 -91.93 -34.97
N ARG Q 60 -41.23 -93.11 -34.41
CA ARG Q 60 -40.91 -93.43 -33.04
C ARG Q 60 -40.57 -94.91 -32.99
N THR Q 61 -40.44 -95.44 -31.77
CA THR Q 61 -40.24 -96.86 -31.54
C THR Q 61 -41.12 -97.25 -30.36
N THR Q 62 -40.88 -98.43 -29.82
CA THR Q 62 -41.55 -98.86 -28.60
C THR Q 62 -40.57 -99.62 -27.74
N GLU Q 63 -40.67 -99.42 -26.43
CA GLU Q 63 -39.94 -100.23 -25.48
C GLU Q 63 -40.80 -100.40 -24.24
N SER Q 64 -40.37 -101.29 -23.36
CA SER Q 64 -41.11 -101.61 -22.16
C SER Q 64 -40.13 -101.83 -21.02
N ILE Q 65 -40.65 -101.75 -19.81
CA ILE Q 65 -39.88 -101.96 -18.60
C ILE Q 65 -40.69 -102.84 -17.66
N THR Q 66 -40.19 -103.05 -16.46
CA THR Q 66 -40.88 -103.80 -15.42
C THR Q 66 -40.84 -102.99 -14.14
N GLY Q 67 -41.99 -102.85 -13.50
CA GLY Q 67 -42.03 -102.14 -12.24
C GLY Q 67 -41.19 -102.83 -11.18
N SER Q 68 -40.65 -102.01 -10.28
CA SER Q 68 -39.85 -102.51 -9.17
C SER Q 68 -40.14 -101.68 -7.94
N ALA Q 69 -39.75 -102.23 -6.79
CA ALA Q 69 -39.94 -101.51 -5.53
C ALA Q 69 -39.10 -100.24 -5.48
N ASN Q 70 -37.90 -100.30 -6.06
CA ASN Q 70 -37.01 -99.14 -6.03
C ASN Q 70 -37.58 -98.03 -6.90
N ASP Q 71 -37.37 -96.80 -6.45
CA ASP Q 71 -37.93 -95.62 -7.12
C ASP Q 71 -37.08 -95.30 -8.34
N ASP Q 72 -37.45 -95.91 -9.47
CA ASP Q 72 -36.67 -95.77 -10.68
C ASP Q 72 -36.60 -94.32 -11.16
N THR Q 73 -37.73 -93.78 -11.61
CA THR Q 73 -37.84 -92.41 -12.12
C THR Q 73 -36.88 -92.12 -13.27
N VAL Q 74 -36.34 -93.16 -13.91
CA VAL Q 74 -35.41 -93.00 -15.01
C VAL Q 74 -35.33 -94.35 -15.70
N VAL Q 75 -35.20 -94.34 -17.02
CA VAL Q 75 -35.05 -95.57 -17.79
C VAL Q 75 -33.99 -95.36 -18.86
N ASP Q 76 -33.18 -96.38 -19.06
CA ASP Q 76 -32.30 -96.42 -20.20
C ASP Q 76 -33.08 -96.82 -21.44
N LEU Q 77 -32.41 -96.76 -22.59
CA LEU Q 77 -33.03 -97.07 -23.86
C LEU Q 77 -32.02 -97.80 -24.74
N THR Q 78 -32.53 -98.33 -25.84
CA THR Q 78 -31.74 -99.02 -26.85
C THR Q 78 -31.57 -98.19 -28.11
N ALA Q 79 -31.98 -96.92 -28.08
CA ALA Q 79 -31.97 -96.05 -29.24
C ALA Q 79 -31.25 -94.77 -28.90
N ASN Q 80 -30.44 -94.27 -29.84
CA ASN Q 80 -29.86 -92.96 -29.67
C ASN Q 80 -30.97 -91.93 -29.57
N ILE Q 81 -30.73 -90.92 -28.76
CA ILE Q 81 -31.76 -89.98 -28.37
C ILE Q 81 -31.22 -88.57 -28.49
N GLN Q 82 -32.11 -87.66 -28.83
CA GLN Q 82 -31.83 -86.24 -28.77
C GLN Q 82 -33.16 -85.52 -28.64
N PRO Q 83 -33.14 -84.23 -28.33
CA PRO Q 83 -34.40 -83.49 -28.29
C PRO Q 83 -34.93 -83.21 -29.69
N VAL Q 84 -36.19 -82.77 -29.70
CA VAL Q 84 -36.87 -82.40 -30.93
C VAL Q 84 -36.34 -81.03 -31.33
N ALA Q 85 -35.50 -81.00 -32.36
CA ALA Q 85 -34.80 -79.82 -32.83
C ALA Q 85 -33.86 -79.22 -31.80
N GLY Q 86 -33.57 -79.95 -30.72
CA GLY Q 86 -32.66 -79.46 -29.71
C GLY Q 86 -33.40 -78.59 -28.72
N GLU Q 87 -33.44 -79.03 -27.46
CA GLU Q 87 -33.63 -78.21 -26.27
C GLU Q 87 -33.63 -79.13 -25.07
N GLU Q 88 -33.14 -78.66 -23.94
CA GLU Q 88 -33.20 -79.45 -22.72
C GLU Q 88 -34.63 -79.54 -22.16
N VAL Q 89 -35.52 -78.64 -22.59
CA VAL Q 89 -36.79 -78.44 -21.92
C VAL Q 89 -37.87 -79.26 -22.63
N ILE Q 90 -38.86 -79.67 -21.85
CA ILE Q 90 -40.03 -80.37 -22.34
C ILE Q 90 -41.19 -79.40 -22.36
N ALA Q 91 -42.12 -79.64 -23.28
CA ALA Q 91 -43.34 -78.87 -23.54
C ALA Q 91 -43.05 -77.61 -24.33
N GLU Q 92 -41.79 -77.26 -24.58
CA GLU Q 92 -41.45 -76.24 -25.55
C GLU Q 92 -41.26 -76.81 -26.94
N GLN Q 93 -40.98 -78.10 -27.03
CA GLN Q 93 -40.72 -78.74 -28.31
C GLN Q 93 -41.92 -78.63 -29.23
N ASP Q 94 -41.65 -78.79 -30.53
CA ASP Q 94 -42.74 -78.90 -31.49
C ASP Q 94 -43.63 -80.09 -31.16
N TYR Q 95 -43.04 -81.14 -30.58
CA TYR Q 95 -43.80 -82.27 -30.07
C TYR Q 95 -42.96 -82.97 -29.02
N PRO Q 96 -43.57 -83.80 -28.18
CA PRO Q 96 -42.78 -84.49 -27.16
C PRO Q 96 -41.80 -85.47 -27.78
N VAL Q 97 -40.56 -85.42 -27.30
CA VAL Q 97 -39.57 -86.39 -27.73
C VAL Q 97 -40.00 -87.79 -27.37
N ALA Q 98 -40.71 -87.95 -26.26
CA ALA Q 98 -41.04 -89.26 -25.74
C ALA Q 98 -42.37 -89.20 -25.02
N VAL Q 99 -43.05 -90.33 -25.03
CA VAL Q 99 -44.33 -90.51 -24.38
C VAL Q 99 -44.27 -91.80 -23.59
N ALA Q 100 -44.95 -91.84 -22.46
CA ALA Q 100 -45.01 -93.02 -21.63
C ALA Q 100 -46.44 -93.22 -21.16
N TYR Q 101 -46.80 -94.49 -20.98
CA TYR Q 101 -48.15 -94.86 -20.58
C TYR Q 101 -48.08 -96.07 -19.68
N ASN Q 102 -48.86 -96.02 -18.60
CA ASN Q 102 -48.91 -97.10 -17.62
C ASN Q 102 -50.13 -97.95 -17.90
N VAL Q 103 -49.94 -99.26 -18.01
CA VAL Q 103 -51.05 -100.16 -18.33
C VAL Q 103 -52.05 -100.18 -17.17
N THR Q 104 -51.54 -100.42 -15.96
CA THR Q 104 -52.40 -100.46 -14.78
C THR Q 104 -53.15 -99.15 -14.62
N GLN Q 105 -52.41 -98.07 -14.36
CA GLN Q 105 -53.01 -96.74 -14.27
C GLN Q 105 -53.17 -96.22 -15.69
N GLY Q 106 -54.36 -96.34 -16.24
CA GLY Q 106 -54.59 -95.98 -17.62
C GLY Q 106 -54.56 -94.48 -17.83
N VAL Q 107 -53.36 -93.90 -17.66
CA VAL Q 107 -53.18 -92.46 -17.69
C VAL Q 107 -51.89 -92.15 -18.44
N GLU Q 108 -51.79 -90.91 -18.90
CA GLU Q 108 -50.54 -90.45 -19.46
C GLU Q 108 -49.49 -90.36 -18.35
N VAL Q 109 -48.26 -90.15 -18.77
CA VAL Q 109 -47.15 -89.95 -17.85
C VAL Q 109 -46.31 -88.81 -18.41
N ASP Q 110 -46.11 -87.77 -17.62
CA ASP Q 110 -45.35 -86.63 -18.08
C ASP Q 110 -43.87 -86.99 -18.16
N VAL Q 111 -43.09 -86.05 -18.65
CA VAL Q 111 -41.63 -86.19 -18.75
C VAL Q 111 -41.02 -84.90 -18.22
N VAL Q 112 -39.95 -85.04 -17.46
CA VAL Q 112 -39.26 -83.89 -16.88
C VAL Q 112 -38.17 -83.44 -17.83
N ASP Q 113 -37.21 -84.32 -18.08
CA ASP Q 113 -36.04 -83.97 -18.88
C ASP Q 113 -35.33 -85.26 -19.24
N ALA Q 114 -34.11 -85.13 -19.76
CA ALA Q 114 -33.26 -86.29 -19.97
C ALA Q 114 -31.83 -85.80 -20.21
N ASP Q 115 -30.90 -86.75 -20.22
CA ASP Q 115 -29.51 -86.42 -20.50
C ASP Q 115 -29.32 -86.09 -21.96
N TYR Q 116 -30.01 -86.82 -22.84
CA TYR Q 116 -29.94 -86.64 -24.29
C TYR Q 116 -28.54 -86.89 -24.85
N ALA Q 117 -27.67 -87.52 -24.06
CA ALA Q 117 -26.30 -87.83 -24.47
C ALA Q 117 -26.11 -89.32 -24.58
N ALA Q 118 -26.40 -90.05 -23.50
CA ALA Q 118 -26.54 -91.49 -23.53
C ALA Q 118 -28.01 -91.83 -23.71
N ASP Q 119 -28.28 -93.13 -23.84
CA ASP Q 119 -29.63 -93.63 -24.07
C ASP Q 119 -30.39 -93.58 -22.75
N THR Q 120 -30.85 -92.38 -22.38
CA THR Q 120 -31.41 -92.12 -21.07
C THR Q 120 -32.68 -91.28 -21.20
N VAL Q 121 -33.60 -91.45 -20.25
CA VAL Q 121 -34.71 -90.51 -20.11
C VAL Q 121 -35.24 -90.58 -18.68
N THR Q 122 -35.72 -89.44 -18.20
CA THR Q 122 -36.33 -89.31 -16.88
C THR Q 122 -37.83 -89.54 -16.97
N LEU Q 123 -38.40 -90.03 -15.87
CA LEU Q 123 -39.84 -90.06 -15.68
C LEU Q 123 -40.21 -89.21 -14.47
N GLY Q 124 -41.27 -88.42 -14.62
CA GLY Q 124 -41.72 -87.58 -13.53
C GLY Q 124 -42.46 -88.33 -12.46
N THR Q 125 -43.14 -89.42 -12.82
CA THR Q 125 -43.93 -90.19 -11.89
C THR Q 125 -43.06 -91.24 -11.19
N ASN Q 126 -43.68 -92.00 -10.28
CA ASN Q 126 -43.02 -93.03 -9.49
C ASN Q 126 -43.74 -94.34 -9.74
N PRO Q 127 -43.36 -95.11 -10.76
CA PRO Q 127 -44.05 -96.37 -11.03
C PRO Q 127 -43.96 -97.34 -9.87
N ALA Q 128 -45.02 -98.12 -9.70
CA ALA Q 128 -45.11 -99.11 -8.65
C ALA Q 128 -44.48 -100.42 -9.11
N ASP Q 129 -44.23 -101.29 -8.14
CA ASP Q 129 -43.66 -102.60 -8.46
C ASP Q 129 -44.71 -103.48 -9.14
N GLY Q 130 -44.27 -104.19 -10.17
CA GLY Q 130 -45.14 -105.06 -10.93
C GLY Q 130 -45.95 -104.37 -12.00
N ASP Q 131 -46.04 -103.05 -11.99
CA ASP Q 131 -46.83 -102.34 -12.98
C ASP Q 131 -46.17 -102.41 -14.35
N GLU Q 132 -46.98 -102.61 -15.38
CA GLU Q 132 -46.49 -102.66 -16.75
C GLU Q 132 -46.52 -101.28 -17.37
N VAL Q 133 -45.54 -101.01 -18.21
CA VAL Q 133 -45.29 -99.69 -18.76
C VAL Q 133 -44.98 -99.84 -20.24
N LYS Q 134 -45.28 -98.80 -20.99
CA LYS Q 134 -44.85 -98.69 -22.37
C LYS Q 134 -44.35 -97.28 -22.61
N VAL Q 135 -43.43 -97.17 -23.55
CA VAL Q 135 -42.79 -95.90 -23.86
C VAL Q 135 -42.52 -95.86 -25.36
N TRP Q 136 -42.67 -94.68 -25.94
CA TRP Q 136 -42.54 -94.48 -27.39
C TRP Q 136 -41.57 -93.34 -27.65
N PRO Q 137 -40.30 -93.57 -27.37
CA PRO Q 137 -39.31 -92.50 -27.50
C PRO Q 137 -39.06 -92.15 -28.95
N ILE Q 138 -38.31 -91.06 -29.11
CA ILE Q 138 -37.83 -90.68 -30.41
C ILE Q 138 -36.93 -91.78 -30.97
N MET Q 139 -36.79 -91.78 -32.28
CA MET Q 139 -35.92 -92.68 -33.01
C MET Q 139 -34.78 -91.89 -33.65
N SER Q 140 -33.68 -92.59 -33.89
CA SER Q 140 -32.46 -91.98 -34.37
C SER Q 140 -31.65 -93.02 -35.14
N ASP Q 141 -30.57 -92.54 -35.76
CA ASP Q 141 -29.60 -93.40 -36.42
C ASP Q 141 -30.26 -94.24 -37.52
N GLY Q 142 -30.75 -93.56 -38.54
CA GLY Q 142 -31.41 -94.22 -39.65
C GLY Q 142 -31.23 -93.47 -40.94
N ASP Q 143 -31.72 -94.10 -42.00
CA ASP Q 143 -31.72 -93.52 -43.34
C ASP Q 143 -33.06 -93.80 -43.99
N VAL Q 144 -33.50 -92.86 -44.82
CA VAL Q 144 -34.78 -92.95 -45.51
C VAL Q 144 -34.54 -92.71 -46.99
N GLN Q 145 -35.38 -93.31 -47.82
CA GLN Q 145 -35.20 -93.18 -49.26
C GLN Q 145 -36.46 -93.60 -49.99
N PHE Q 146 -36.44 -93.40 -51.30
CA PHE Q 146 -37.58 -93.64 -52.18
C PHE Q 146 -37.22 -94.61 -53.29
N ARG Q 147 -38.21 -95.34 -53.79
CA ARG Q 147 -38.03 -96.06 -55.04
C ARG Q 147 -39.36 -96.41 -55.67
N LEU Q 148 -39.32 -96.66 -56.98
CA LEU Q 148 -40.51 -96.89 -57.78
C LEU Q 148 -40.59 -98.34 -58.23
N ILE Q 149 -41.83 -98.80 -58.38
CA ILE Q 149 -42.16 -100.17 -58.71
C ILE Q 149 -43.20 -100.15 -59.82
N ASN Q 150 -42.97 -100.94 -60.86
CA ASN Q 150 -43.83 -100.98 -62.03
C ASN Q 150 -44.79 -102.17 -61.97
N GLN Q 151 -45.65 -102.14 -60.95
CA GLN Q 151 -46.81 -103.02 -60.81
C GLN Q 151 -46.44 -104.45 -60.41
N PHE Q 152 -45.15 -104.79 -60.37
CA PHE Q 152 -44.71 -106.19 -60.30
C PHE Q 152 -43.75 -106.49 -59.17
N GLY Q 153 -43.42 -105.55 -58.31
CA GLY Q 153 -42.33 -105.77 -57.38
C GLY Q 153 -41.00 -105.73 -58.09
N GLN Q 154 -40.89 -104.93 -59.14
CA GLN Q 154 -39.80 -104.98 -60.10
C GLN Q 154 -39.30 -103.56 -60.30
N GLU Q 155 -38.19 -103.22 -59.66
CA GLU Q 155 -37.69 -101.86 -59.65
C GLU Q 155 -37.21 -101.46 -61.03
N GLU Q 156 -37.37 -100.17 -61.35
CA GLU Q 156 -36.82 -99.58 -62.55
C GLU Q 156 -35.84 -98.46 -62.28
N GLY Q 157 -35.96 -97.80 -61.14
CA GLY Q 157 -35.06 -96.71 -60.86
C GLY Q 157 -35.18 -96.26 -59.42
N ARG Q 158 -34.49 -95.17 -59.14
CA ARG Q 158 -34.40 -94.63 -57.79
C ARG Q 158 -34.48 -93.12 -57.87
N VAL Q 159 -35.29 -92.53 -57.00
CA VAL Q 159 -35.60 -91.12 -57.09
C VAL Q 159 -34.33 -90.30 -56.93
N TYR Q 160 -33.56 -90.60 -55.90
CA TYR Q 160 -32.42 -89.84 -55.54
C TYR Q 160 -31.40 -90.82 -54.98
N PRO Q 161 -30.16 -90.84 -55.46
CA PRO Q 161 -29.21 -91.87 -55.02
C PRO Q 161 -28.93 -91.87 -53.53
N TRP Q 162 -28.64 -90.72 -52.95
CA TRP Q 162 -28.05 -90.62 -51.63
C TRP Q 162 -29.14 -90.51 -50.58
N SER Q 163 -29.05 -91.33 -49.54
CA SER Q 163 -30.05 -91.29 -48.49
C SER Q 163 -29.85 -90.09 -47.59
N THR Q 164 -30.96 -89.62 -47.04
CA THR Q 164 -30.99 -88.57 -46.03
C THR Q 164 -31.20 -89.21 -44.67
N PRO Q 165 -30.49 -88.79 -43.61
CA PRO Q 165 -30.70 -89.44 -42.31
C PRO Q 165 -31.91 -88.88 -41.56
N LEU Q 166 -32.69 -89.80 -41.00
CA LEU Q 166 -33.82 -89.42 -40.17
C LEU Q 166 -33.39 -88.64 -38.96
N TYR Q 167 -32.18 -88.89 -38.51
CA TYR Q 167 -31.58 -88.11 -37.45
C TYR Q 167 -31.65 -86.62 -37.76
N ARG Q 168 -31.06 -86.23 -38.88
CA ARG Q 168 -31.16 -84.86 -39.37
C ARG Q 168 -32.61 -84.43 -39.58
N TRP Q 169 -33.43 -85.37 -40.04
CA TRP Q 169 -34.84 -85.10 -40.27
C TRP Q 169 -35.52 -84.59 -39.02
N HIS Q 170 -35.22 -85.21 -37.88
CA HIS Q 170 -35.74 -84.71 -36.60
C HIS Q 170 -35.05 -83.42 -36.21
N ASP Q 171 -33.78 -83.26 -36.57
CA ASP Q 171 -33.03 -82.10 -36.10
C ASP Q 171 -33.60 -80.79 -36.63
N PHE Q 172 -33.93 -80.74 -37.91
CA PHE Q 172 -34.45 -79.48 -38.42
C PHE Q 172 -35.84 -79.21 -37.84
N PRO Q 173 -36.15 -77.98 -37.44
CA PRO Q 173 -37.55 -77.66 -37.13
C PRO Q 173 -38.39 -77.78 -38.38
N GLN Q 174 -39.41 -78.58 -38.29
CA GLN Q 174 -40.24 -78.88 -39.43
C GLN Q 174 -41.17 -77.71 -39.71
N LEU Q 175 -42.01 -77.88 -40.72
CA LEU Q 175 -43.20 -77.05 -40.96
C LEU Q 175 -42.93 -75.55 -40.89
N LYS Q 176 -41.74 -75.12 -41.32
CA LYS Q 176 -41.40 -73.70 -41.48
C LYS Q 176 -40.93 -73.49 -42.90
N ARG Q 177 -41.62 -72.64 -43.65
CA ARG Q 177 -41.17 -72.36 -45.00
C ARG Q 177 -39.85 -71.60 -44.93
N GLY Q 178 -38.95 -71.93 -45.85
CA GLY Q 178 -37.57 -71.46 -45.81
C GLY Q 178 -36.71 -72.44 -45.06
N ARG Q 179 -37.19 -72.92 -43.92
CA ARG Q 179 -36.57 -74.00 -43.18
C ARG Q 179 -37.24 -75.34 -43.43
N GLU Q 180 -38.30 -75.37 -44.23
CA GLU Q 180 -38.97 -76.62 -44.54
C GLU Q 180 -38.02 -77.55 -45.27
N ILE Q 181 -38.23 -78.83 -45.08
CA ILE Q 181 -37.43 -79.84 -45.75
C ILE Q 181 -37.96 -80.04 -47.16
N ASN Q 182 -37.05 -80.22 -48.10
CA ASN Q 182 -37.39 -80.50 -49.48
C ASN Q 182 -36.29 -81.38 -50.05
N LEU Q 183 -36.58 -82.66 -50.21
CA LEU Q 183 -35.62 -83.57 -50.80
C LEU Q 183 -35.40 -83.22 -52.27
N HIS Q 184 -34.56 -84.00 -52.93
CA HIS Q 184 -34.26 -83.87 -54.34
C HIS Q 184 -34.88 -85.02 -55.12
N GLY Q 185 -34.94 -84.84 -56.42
CA GLY Q 185 -35.45 -85.85 -57.33
C GLY Q 185 -36.80 -85.44 -57.90
N SER Q 186 -37.07 -85.90 -59.12
CA SER Q 186 -38.28 -85.55 -59.85
C SER Q 186 -38.84 -86.83 -60.46
N ALA Q 187 -39.80 -87.42 -59.75
CA ALA Q 187 -40.41 -88.68 -60.12
C ALA Q 187 -41.82 -88.47 -60.65
N SER Q 188 -42.33 -89.48 -61.32
CA SER Q 188 -43.70 -89.46 -61.81
C SER Q 188 -44.11 -90.87 -62.19
N TRP Q 189 -45.36 -91.22 -61.93
CA TRP Q 189 -45.85 -92.54 -62.27
C TRP Q 189 -47.34 -92.47 -62.58
N SER Q 190 -47.92 -93.64 -62.85
CA SER Q 190 -49.25 -93.76 -63.42
C SER Q 190 -49.95 -94.92 -62.72
N GLU Q 191 -51.05 -95.38 -63.32
CA GLU Q 191 -51.98 -96.29 -62.66
C GLU Q 191 -51.32 -97.57 -62.19
N ASN Q 192 -51.61 -97.94 -60.94
CA ASN Q 192 -51.18 -99.18 -60.28
C ASN Q 192 -49.67 -99.27 -60.07
N GLU Q 193 -48.92 -98.23 -60.39
CA GLU Q 193 -47.51 -98.16 -60.12
C GLU Q 193 -47.30 -97.59 -58.73
N THR Q 194 -46.25 -98.04 -58.07
CA THR Q 194 -46.09 -97.82 -56.64
C THR Q 194 -44.84 -97.02 -56.35
N LEU Q 195 -44.95 -96.14 -55.36
CA LEU Q 195 -43.80 -95.51 -54.72
C LEU Q 195 -43.64 -96.14 -53.35
N GLU Q 196 -42.44 -96.63 -53.06
CA GLU Q 196 -42.09 -97.24 -51.79
C GLU Q 196 -41.18 -96.29 -51.04
N ILE Q 197 -41.51 -96.07 -49.78
CA ILE Q 197 -40.71 -95.29 -48.85
C ILE Q 197 -40.04 -96.26 -47.91
N LEU Q 198 -38.71 -96.23 -47.94
CA LEU Q 198 -37.86 -97.27 -47.40
C LEU Q 198 -37.01 -96.73 -46.27
N LEU Q 199 -36.68 -97.64 -45.37
CA LEU Q 199 -36.03 -97.37 -44.11
C LEU Q 199 -34.83 -98.27 -43.97
N ASP Q 200 -33.74 -97.72 -43.45
CA ASP Q 200 -32.56 -98.50 -43.07
C ASP Q 200 -32.13 -98.01 -41.69
N ALA Q 201 -32.45 -98.78 -40.67
CA ALA Q 201 -32.10 -98.40 -39.30
C ALA Q 201 -32.28 -99.62 -38.40
N PRO Q 202 -31.62 -99.65 -37.25
CA PRO Q 202 -31.74 -100.82 -36.38
C PRO Q 202 -33.03 -100.92 -35.60
N GLN Q 203 -33.45 -99.80 -35.02
CA GLN Q 203 -34.49 -99.86 -34.01
C GLN Q 203 -35.86 -100.10 -34.64
N ALA Q 204 -36.68 -100.86 -33.92
CA ALA Q 204 -37.98 -101.29 -34.43
C ALA Q 204 -38.98 -100.17 -34.25
N LEU Q 205 -39.37 -99.54 -35.35
CA LEU Q 205 -40.39 -98.52 -35.33
C LEU Q 205 -41.78 -99.16 -35.27
N THR Q 206 -42.79 -98.30 -35.19
CA THR Q 206 -44.17 -98.73 -35.01
C THR Q 206 -45.08 -97.85 -35.86
N TRP Q 207 -46.30 -98.34 -36.04
CA TRP Q 207 -47.35 -97.61 -36.72
C TRP Q 207 -48.63 -97.59 -35.90
N GLU Q 208 -48.88 -98.65 -35.14
CA GLU Q 208 -50.11 -98.82 -34.40
C GLU Q 208 -49.81 -99.53 -33.10
N ASP Q 209 -50.44 -99.07 -32.02
CA ASP Q 209 -50.32 -99.70 -30.72
C ASP Q 209 -51.64 -99.86 -29.97
N SER Q 210 -52.67 -99.09 -30.31
CA SER Q 210 -54.01 -99.17 -29.73
C SER Q 210 -54.06 -98.77 -28.26
N ASP Q 211 -52.95 -98.28 -27.70
CA ASP Q 211 -52.94 -97.81 -26.31
C ASP Q 211 -52.08 -96.55 -26.19
N TYR Q 212 -51.98 -95.78 -27.27
CA TYR Q 212 -51.17 -94.58 -27.31
C TYR Q 212 -52.07 -93.37 -27.16
N PRO Q 213 -51.86 -92.48 -26.18
CA PRO Q 213 -52.84 -91.41 -25.95
C PRO Q 213 -52.91 -90.38 -27.07
N ARG Q 214 -51.77 -89.83 -27.47
CA ARG Q 214 -51.73 -88.70 -28.39
C ARG Q 214 -52.03 -89.20 -29.80
N GLY Q 215 -53.28 -89.57 -30.01
CA GLY Q 215 -53.74 -90.08 -31.29
C GLY Q 215 -53.64 -91.59 -31.38
N GLN Q 216 -54.33 -92.14 -32.38
CA GLN Q 216 -54.34 -93.58 -32.59
C GLN Q 216 -53.04 -94.02 -33.25
N TYR Q 217 -52.77 -93.51 -34.45
CA TYR Q 217 -51.57 -93.86 -35.17
C TYR Q 217 -50.39 -93.09 -34.59
N VAL Q 218 -49.40 -93.83 -34.10
CA VAL Q 218 -48.29 -93.22 -33.36
C VAL Q 218 -47.47 -92.35 -34.30
N THR Q 219 -46.84 -92.97 -35.28
CA THR Q 219 -45.99 -92.28 -36.22
C THR Q 219 -46.85 -91.61 -37.28
N THR Q 220 -46.21 -90.90 -38.20
CA THR Q 220 -46.97 -90.33 -39.29
C THR Q 220 -46.04 -89.90 -40.41
N LEU Q 221 -46.61 -89.85 -41.61
CA LEU Q 221 -46.00 -89.25 -42.77
C LEU Q 221 -47.02 -88.32 -43.40
N GLU Q 222 -46.56 -87.17 -43.87
CA GLU Q 222 -47.42 -86.22 -44.56
C GLU Q 222 -46.59 -85.57 -45.65
N GLN Q 223 -46.84 -85.95 -46.91
CA GLN Q 223 -46.03 -85.49 -48.04
C GLN Q 223 -46.88 -84.70 -49.02
N ASP Q 224 -46.28 -83.67 -49.62
CA ASP Q 224 -46.94 -82.94 -50.68
C ASP Q 224 -46.69 -83.61 -52.02
N VAL Q 225 -47.72 -83.62 -52.86
CA VAL Q 225 -47.61 -84.15 -54.21
C VAL Q 225 -48.44 -83.30 -55.15
N GLU Q 226 -48.19 -83.51 -56.44
CA GLU Q 226 -48.96 -82.94 -57.51
C GLU Q 226 -49.64 -84.05 -58.28
N ILE Q 227 -50.90 -83.83 -58.62
CA ILE Q 227 -51.74 -84.84 -59.23
C ILE Q 227 -52.40 -84.24 -60.46
N THR Q 228 -52.58 -85.08 -61.49
CA THR Q 228 -53.34 -84.73 -62.68
C THR Q 228 -54.73 -85.33 -62.53
N LEU Q 229 -55.55 -84.65 -61.73
CA LEU Q 229 -56.95 -85.03 -61.52
C LEU Q 229 -57.09 -86.47 -61.05
N PRO R 1 -44.13 -94.49 -66.15
CA PRO R 1 -43.24 -93.73 -65.26
C PRO R 1 -42.35 -92.78 -66.01
N GLU R 2 -41.91 -91.73 -65.32
CA GLU R 2 -41.04 -90.73 -65.91
C GLU R 2 -40.20 -90.15 -64.79
N ILE R 3 -38.90 -90.05 -65.04
CA ILE R 3 -37.96 -89.41 -64.13
C ILE R 3 -37.19 -88.37 -64.92
N GLY R 4 -36.88 -87.26 -64.27
CA GLY R 4 -36.15 -86.20 -64.92
C GLY R 4 -34.66 -86.47 -64.88
N ASN R 5 -34.00 -86.11 -65.97
CA ASN R 5 -32.55 -86.30 -66.05
C ASN R 5 -31.90 -85.25 -65.16
N ASN R 6 -31.77 -85.57 -63.87
CA ASN R 6 -31.12 -84.67 -62.93
C ASN R 6 -29.69 -84.40 -63.37
N GLY R 7 -29.21 -83.20 -63.05
CA GLY R 7 -27.86 -82.82 -63.43
C GLY R 7 -26.84 -83.73 -62.78
N ALA R 8 -25.68 -83.85 -63.43
CA ALA R 8 -24.63 -84.70 -62.92
C ALA R 8 -24.09 -84.19 -61.60
N GLU R 9 -24.06 -82.87 -61.41
CA GLU R 9 -23.56 -82.27 -60.18
C GLU R 9 -24.61 -82.47 -59.10
N LYS R 10 -24.56 -83.63 -58.46
CA LYS R 10 -25.54 -83.98 -57.46
C LYS R 10 -25.17 -83.42 -56.10
N GLN R 11 -26.19 -83.09 -55.32
CA GLN R 11 -26.05 -82.39 -54.06
C GLN R 11 -26.25 -83.38 -52.91
N ILE R 12 -25.21 -83.58 -52.12
CA ILE R 12 -25.10 -84.72 -51.24
C ILE R 12 -24.52 -84.26 -49.91
N SER R 13 -24.41 -85.20 -48.99
CA SER R 13 -23.81 -84.93 -47.69
C SER R 13 -23.18 -86.22 -47.17
N LEU R 14 -22.26 -86.04 -46.24
CA LEU R 14 -21.44 -87.11 -45.73
C LEU R 14 -21.81 -87.39 -44.28
N HIS R 15 -21.67 -88.64 -43.90
CA HIS R 15 -21.96 -89.05 -42.53
C HIS R 15 -21.27 -90.38 -42.28
N LYS R 16 -21.51 -90.96 -41.11
CA LYS R 16 -20.76 -92.13 -40.67
C LYS R 16 -21.11 -93.34 -41.52
N GLY R 17 -22.40 -93.62 -41.69
CA GLY R 17 -22.82 -94.84 -42.35
C GLY R 17 -22.64 -94.80 -43.85
N GLN R 18 -21.40 -94.79 -44.30
CA GLN R 18 -21.05 -94.85 -45.71
C GLN R 18 -19.82 -95.71 -45.88
N PRO R 19 -19.57 -96.20 -47.11
CA PRO R 19 -18.43 -97.11 -47.29
C PRO R 19 -17.09 -96.42 -47.37
N PHE R 20 -17.04 -95.23 -47.96
CA PHE R 20 -15.80 -94.52 -48.21
C PHE R 20 -15.39 -93.63 -47.03
N ILE R 21 -15.86 -93.96 -45.83
CA ILE R 21 -15.55 -93.24 -44.62
C ILE R 21 -15.28 -94.26 -43.52
N ASP R 22 -14.51 -93.84 -42.53
CA ASP R 22 -14.18 -94.72 -41.42
C ASP R 22 -13.85 -93.86 -40.21
N THR R 23 -13.89 -94.48 -39.03
CA THR R 23 -13.50 -93.81 -37.81
C THR R 23 -12.81 -94.81 -36.89
N GLN R 24 -12.17 -94.29 -35.85
CA GLN R 24 -11.54 -95.13 -34.84
C GLN R 24 -11.41 -94.32 -33.56
N ASP R 25 -11.51 -95.02 -32.43
CA ASP R 25 -11.48 -94.37 -31.13
C ASP R 25 -10.18 -93.59 -30.93
N VAL R 26 -10.22 -92.66 -29.98
CA VAL R 26 -9.10 -91.79 -29.66
C VAL R 26 -9.04 -91.64 -28.15
N GLY R 27 -7.82 -91.52 -27.64
CA GLY R 27 -7.59 -91.38 -26.22
C GLY R 27 -7.45 -89.94 -25.80
N ALA R 28 -6.22 -89.52 -25.52
CA ALA R 28 -5.95 -88.17 -25.07
C ALA R 28 -4.57 -87.75 -25.53
N ALA R 29 -4.47 -86.51 -26.01
CA ALA R 29 -3.21 -85.96 -26.51
C ALA R 29 -2.66 -86.82 -27.65
N ASP R 30 -3.49 -86.97 -28.67
CA ASP R 30 -3.20 -87.86 -29.79
C ASP R 30 -3.55 -87.13 -31.08
N PRO R 31 -2.77 -86.12 -31.45
CA PRO R 31 -3.09 -85.35 -32.66
C PRO R 31 -2.90 -86.14 -33.94
N ASN R 32 -1.85 -86.95 -34.01
CA ASN R 32 -1.51 -87.61 -35.26
C ASN R 32 -2.57 -88.62 -35.66
N THR R 33 -3.20 -89.26 -34.70
CA THR R 33 -4.24 -90.24 -35.00
C THR R 33 -5.44 -89.53 -35.59
N PRO R 34 -5.91 -89.89 -36.78
CA PRO R 34 -7.19 -89.35 -37.26
C PRO R 34 -8.35 -90.08 -36.62
N ALA R 35 -9.25 -89.31 -36.00
CA ALA R 35 -10.47 -89.89 -35.48
C ALA R 35 -11.37 -90.38 -36.59
N VAL R 36 -11.34 -89.69 -37.73
CA VAL R 36 -12.18 -90.00 -38.87
C VAL R 36 -11.35 -89.86 -40.13
N THR R 37 -11.55 -90.78 -41.05
CA THR R 37 -10.89 -90.80 -42.35
C THR R 37 -11.96 -90.82 -43.43
N ILE R 38 -11.69 -90.08 -44.50
CA ILE R 38 -12.54 -90.05 -45.67
C ILE R 38 -11.66 -90.34 -46.86
N GLU R 39 -12.24 -91.01 -47.86
CA GLU R 39 -11.52 -91.27 -49.09
C GLU R 39 -12.44 -91.10 -50.28
N GLY R 40 -11.86 -90.70 -51.40
CA GLY R 40 -12.58 -90.54 -52.63
C GLY R 40 -12.93 -91.90 -53.23
N PRO R 41 -14.21 -92.16 -53.51
CA PRO R 41 -14.53 -93.38 -54.24
C PRO R 41 -13.97 -93.35 -55.65
N SER R 42 -14.11 -94.48 -56.32
CA SER R 42 -13.51 -94.67 -57.64
C SER R 42 -14.35 -94.00 -58.71
N ASP R 43 -13.69 -93.26 -59.59
CA ASP R 43 -14.29 -92.62 -60.76
C ASP R 43 -15.34 -91.59 -60.38
N TYR R 44 -15.28 -91.08 -59.15
CA TYR R 44 -16.11 -89.98 -58.70
C TYR R 44 -15.22 -88.82 -58.30
N VAL R 45 -15.83 -87.64 -58.28
CA VAL R 45 -15.17 -86.41 -57.85
C VAL R 45 -16.11 -85.71 -56.90
N ILE R 46 -15.59 -85.35 -55.74
CA ILE R 46 -16.32 -84.64 -54.72
C ILE R 46 -15.80 -83.21 -54.69
N ALA R 47 -16.70 -82.28 -54.39
CA ALA R 47 -16.39 -80.87 -54.29
C ALA R 47 -17.05 -80.33 -53.04
N ILE R 48 -16.28 -79.60 -52.25
CA ILE R 48 -16.75 -78.96 -51.03
C ILE R 48 -16.46 -77.49 -51.17
N ASP R 49 -17.52 -76.69 -51.20
CA ASP R 49 -17.38 -75.26 -51.37
C ASP R 49 -16.92 -74.62 -50.05
N ALA R 50 -16.60 -73.33 -50.14
CA ALA R 50 -16.04 -72.64 -49.00
C ALA R 50 -17.09 -72.38 -47.93
N GLY R 51 -18.33 -72.11 -48.34
CA GLY R 51 -19.40 -71.87 -47.41
C GLY R 51 -20.13 -73.13 -47.02
N THR R 52 -19.41 -74.22 -46.91
CA THR R 52 -20.02 -75.50 -46.61
C THR R 52 -20.20 -75.63 -45.10
N PRO R 53 -21.35 -76.05 -44.61
CA PRO R 53 -21.49 -76.29 -43.17
C PRO R 53 -20.65 -77.46 -42.71
N VAL R 54 -20.39 -77.46 -41.41
CA VAL R 54 -19.56 -78.46 -40.76
C VAL R 54 -20.25 -78.79 -39.45
N ALA R 55 -20.10 -80.04 -39.01
CA ALA R 55 -20.86 -80.45 -37.85
C ALA R 55 -20.31 -81.72 -37.22
N PRO R 56 -19.27 -81.63 -36.41
CA PRO R 56 -18.87 -82.75 -35.57
C PRO R 56 -19.67 -82.78 -34.28
N GLU R 57 -20.00 -83.98 -33.86
CA GLU R 57 -20.84 -84.21 -32.68
C GLU R 57 -20.23 -85.33 -31.85
N PHE R 58 -18.94 -85.19 -31.56
CA PHE R 58 -18.23 -86.19 -30.78
C PHE R 58 -18.83 -86.34 -29.40
N ARG R 59 -18.51 -87.45 -28.76
CA ARG R 59 -19.03 -87.77 -27.45
C ARG R 59 -17.98 -88.51 -26.63
N ASP R 60 -18.29 -88.65 -25.35
CA ASP R 60 -17.56 -89.49 -24.43
C ASP R 60 -18.23 -90.85 -24.34
N ALA R 61 -17.47 -91.84 -23.88
CA ALA R 61 -17.98 -93.20 -23.78
C ALA R 61 -19.18 -93.28 -22.84
N ASN R 62 -19.17 -92.48 -21.78
CA ASN R 62 -20.30 -92.46 -20.85
C ASN R 62 -21.49 -91.67 -21.38
N GLY R 63 -21.38 -91.09 -22.57
CA GLY R 63 -22.43 -90.24 -23.10
C GLY R 63 -22.37 -88.85 -22.52
N ASP R 64 -21.27 -88.16 -22.79
CA ASP R 64 -21.10 -86.76 -22.39
C ASP R 64 -20.34 -86.04 -23.48
N LYS R 65 -20.47 -84.72 -23.47
CA LYS R 65 -19.61 -83.88 -24.30
C LYS R 65 -18.25 -83.74 -23.63
N LEU R 66 -17.24 -83.50 -24.45
CA LEU R 66 -15.87 -83.41 -23.97
C LEU R 66 -15.51 -81.97 -23.62
N ASP R 67 -14.29 -81.79 -23.15
CA ASP R 67 -13.75 -80.50 -22.79
C ASP R 67 -13.81 -79.55 -23.98
N PRO R 68 -14.54 -78.42 -23.90
CA PRO R 68 -14.62 -77.54 -25.07
C PRO R 68 -13.31 -76.90 -25.46
N SER R 69 -12.28 -76.96 -24.61
CA SER R 69 -10.95 -76.55 -25.02
C SER R 69 -10.35 -77.50 -26.05
N THR R 70 -10.94 -78.69 -26.19
CA THR R 70 -10.56 -79.61 -27.25
C THR R 70 -10.62 -78.92 -28.61
N ARG R 71 -9.76 -79.36 -29.52
CA ARG R 71 -9.66 -78.78 -30.86
C ARG R 71 -9.96 -79.84 -31.90
N VAL R 72 -10.62 -79.42 -32.96
CA VAL R 72 -10.91 -80.23 -34.13
C VAL R 72 -10.29 -79.53 -35.33
N THR R 73 -9.73 -80.33 -36.23
CA THR R 73 -9.12 -79.80 -37.44
C THR R 73 -9.45 -80.73 -38.58
N ILE R 74 -10.23 -80.27 -39.54
CA ILE R 74 -10.33 -80.95 -40.82
C ILE R 74 -9.09 -80.61 -41.60
N GLN R 75 -8.62 -81.56 -42.42
CA GLN R 75 -7.39 -81.32 -43.16
C GLN R 75 -7.32 -82.25 -44.37
N LYS R 76 -7.00 -81.67 -45.53
CA LYS R 76 -6.75 -82.46 -46.71
C LYS R 76 -5.40 -83.14 -46.60
N CYS R 77 -5.26 -84.27 -47.30
CA CYS R 77 -4.03 -85.02 -47.28
C CYS R 77 -3.70 -85.46 -48.69
N ASP R 78 -2.42 -85.45 -49.02
CA ASP R 78 -1.95 -86.18 -50.17
C ASP R 78 -2.17 -87.67 -49.92
N LYS R 79 -2.04 -88.46 -50.98
CA LYS R 79 -2.08 -89.91 -50.88
C LYS R 79 -1.08 -90.42 -49.86
N GLN R 80 -1.26 -91.68 -49.45
CA GLN R 80 -0.43 -92.30 -48.41
C GLN R 80 -0.62 -91.60 -47.07
N GLY R 81 -1.83 -91.14 -46.82
CA GLY R 81 -2.18 -90.58 -45.52
C GLY R 81 -1.34 -89.41 -45.11
N ASN R 82 -0.83 -88.65 -46.08
CA ASN R 82 0.17 -87.63 -45.84
C ASN R 82 -0.49 -86.27 -45.76
N PRO R 83 -0.41 -85.54 -44.64
CA PRO R 83 -1.09 -84.24 -44.58
C PRO R 83 -0.46 -83.16 -45.44
N LEU R 84 -1.09 -81.99 -45.46
CA LEU R 84 -0.60 -80.85 -46.20
C LEU R 84 -1.01 -79.59 -45.46
N GLY R 85 -0.23 -78.53 -45.66
CA GLY R 85 -0.47 -77.27 -45.00
C GLY R 85 -1.52 -76.47 -45.73
N ASP R 86 -1.34 -76.34 -47.03
CA ASP R 86 -2.35 -75.73 -47.86
C ASP R 86 -3.55 -76.66 -47.99
N GLY R 87 -4.71 -76.07 -48.29
CA GLY R 87 -5.93 -76.82 -48.48
C GLY R 87 -6.68 -77.17 -47.22
N ILE R 88 -6.02 -77.11 -46.06
CA ILE R 88 -6.67 -77.33 -44.79
C ILE R 88 -7.85 -76.37 -44.62
N VAL R 89 -8.87 -76.81 -43.89
CA VAL R 89 -10.02 -75.97 -43.57
C VAL R 89 -10.53 -76.39 -42.19
N PHE R 90 -11.27 -75.47 -41.56
CA PHE R 90 -11.97 -75.76 -40.32
C PHE R 90 -11.01 -76.25 -39.23
N SER R 91 -10.20 -75.30 -38.77
CA SER R 91 -9.42 -75.47 -37.54
C SER R 91 -10.20 -74.74 -36.45
N ASP R 92 -11.06 -75.48 -35.77
CA ASP R 92 -12.03 -74.92 -34.83
C ASP R 92 -11.87 -75.65 -33.51
N THR R 93 -12.52 -75.12 -32.48
CA THR R 93 -12.55 -75.75 -31.17
C THR R 93 -13.79 -76.61 -31.04
N LEU R 94 -13.72 -77.55 -30.11
CA LEU R 94 -14.83 -78.47 -29.92
C LEU R 94 -15.99 -77.82 -29.19
N GLY R 95 -15.73 -76.73 -28.45
CA GLY R 95 -16.79 -76.00 -27.81
C GLY R 95 -17.52 -75.14 -28.82
N ARG R 96 -18.34 -74.25 -28.28
CA ARG R 96 -19.02 -73.20 -29.04
C ARG R 96 -19.71 -73.70 -30.29
N PHE R 97 -20.44 -74.81 -30.16
CA PHE R 97 -21.38 -75.26 -31.18
C PHE R 97 -22.82 -75.20 -30.73
N GLU R 98 -23.11 -75.62 -29.49
CA GLU R 98 -24.47 -75.85 -29.04
C GLU R 98 -25.16 -76.87 -29.95
N TYR R 99 -24.67 -78.10 -29.82
CA TYR R 99 -25.11 -79.23 -30.61
C TYR R 99 -26.61 -79.40 -30.70
N SER R 100 -27.36 -78.88 -29.73
CA SER R 100 -28.81 -78.96 -29.77
C SER R 100 -29.37 -78.35 -31.06
N LYS R 101 -28.97 -77.11 -31.36
CA LYS R 101 -29.52 -76.35 -32.48
C LYS R 101 -28.50 -76.19 -33.60
N MET R 102 -27.41 -76.92 -33.56
CA MET R 102 -26.25 -76.67 -34.41
C MET R 102 -26.60 -76.74 -35.89
N ARG R 103 -27.02 -77.91 -36.35
CA ARG R 103 -27.48 -78.04 -37.72
C ARG R 103 -28.79 -77.33 -37.93
N SER R 104 -29.64 -77.35 -36.90
CA SER R 104 -30.93 -76.67 -36.96
C SER R 104 -30.76 -75.21 -37.36
N ASP R 105 -29.92 -74.50 -36.64
CA ASP R 105 -29.88 -73.05 -36.76
C ASP R 105 -28.84 -72.62 -37.78
N PRO R 106 -29.21 -71.77 -38.75
CA PRO R 106 -28.17 -71.19 -39.61
C PRO R 106 -27.16 -70.37 -38.83
N ASP R 107 -27.55 -69.82 -37.68
CA ASP R 107 -26.58 -69.12 -36.86
C ASP R 107 -25.54 -70.08 -36.31
N TYR R 108 -25.97 -71.07 -35.53
CA TYR R 108 -25.02 -72.06 -35.04
C TYR R 108 -24.31 -72.81 -36.14
N MET R 109 -24.84 -72.81 -37.35
CA MET R 109 -24.22 -73.50 -38.45
C MET R 109 -22.86 -72.89 -38.75
N ARG R 110 -21.79 -73.60 -38.38
CA ARG R 110 -20.43 -73.15 -38.65
C ARG R 110 -20.00 -73.67 -40.01
N LYS R 111 -19.56 -72.75 -40.85
CA LYS R 111 -19.13 -73.08 -42.20
C LYS R 111 -17.61 -73.22 -42.25
N THR R 112 -17.14 -73.69 -43.40
CA THR R 112 -15.71 -73.79 -43.63
C THR R 112 -15.16 -72.41 -43.93
N THR R 113 -13.87 -72.36 -44.27
CA THR R 113 -13.14 -71.13 -44.53
C THR R 113 -12.86 -70.92 -46.00
N THR R 114 -12.35 -71.95 -46.67
CA THR R 114 -11.95 -71.88 -48.06
C THR R 114 -12.51 -73.08 -48.81
N SER R 115 -12.41 -73.02 -50.13
CA SER R 115 -12.92 -74.07 -50.97
C SER R 115 -12.12 -75.35 -50.76
N LEU R 116 -12.55 -76.41 -51.43
CA LEU R 116 -11.87 -77.69 -51.31
C LEU R 116 -12.34 -78.59 -52.44
N MET R 117 -11.51 -79.56 -52.76
CA MET R 117 -11.78 -80.52 -53.81
C MET R 117 -11.14 -81.84 -53.43
N ILE R 118 -11.74 -82.93 -53.91
CA ILE R 118 -11.25 -84.27 -53.66
C ILE R 118 -11.21 -84.99 -55.00
N ASP R 119 -10.02 -85.19 -55.53
CA ASP R 119 -9.83 -86.04 -56.68
C ASP R 119 -10.16 -87.49 -56.29
N GLU R 120 -10.28 -88.34 -57.30
CA GLU R 120 -10.87 -89.66 -57.14
C GLU R 120 -10.22 -90.50 -56.05
N ARG R 121 -8.89 -90.45 -55.93
CA ARG R 121 -8.15 -91.15 -54.88
C ARG R 121 -7.42 -90.08 -54.08
N GLU R 122 -8.09 -89.55 -53.06
CA GLU R 122 -7.46 -88.63 -52.14
C GLU R 122 -8.07 -88.85 -50.76
N ILE R 123 -7.51 -88.15 -49.78
CA ILE R 123 -7.85 -88.37 -48.38
C ILE R 123 -8.11 -87.03 -47.71
N VAL R 124 -9.06 -87.06 -46.78
CA VAL R 124 -9.34 -85.96 -45.88
C VAL R 124 -9.46 -86.55 -44.50
N LYS R 125 -8.72 -86.00 -43.55
CA LYS R 125 -8.69 -86.49 -42.18
C LYS R 125 -9.24 -85.44 -41.25
N ILE R 126 -9.58 -85.89 -40.04
CA ILE R 126 -10.17 -85.05 -39.01
C ILE R 126 -9.35 -85.32 -37.75
N PHE R 127 -8.34 -84.51 -37.50
CA PHE R 127 -7.53 -84.67 -36.31
C PHE R 127 -8.20 -83.96 -35.14
N VAL R 128 -7.93 -84.49 -33.95
CA VAL R 128 -8.54 -84.03 -32.71
C VAL R 128 -7.43 -83.89 -31.68
N GLU R 129 -7.44 -82.79 -30.94
CA GLU R 129 -6.48 -82.52 -29.88
C GLU R 129 -7.25 -82.36 -28.58
N VAL R 130 -7.14 -83.37 -27.72
CA VAL R 130 -7.78 -83.39 -26.42
C VAL R 130 -6.72 -83.05 -25.38
N PRO R 131 -7.00 -82.20 -24.38
CA PRO R 131 -6.02 -81.99 -23.32
C PRO R 131 -5.91 -83.23 -22.44
N PRO R 132 -4.77 -83.43 -21.78
CA PRO R 132 -4.61 -84.62 -20.95
C PRO R 132 -5.54 -84.59 -19.74
N ASN R 133 -5.55 -85.72 -19.03
CA ASN R 133 -6.40 -85.91 -17.86
C ASN R 133 -7.86 -85.66 -18.19
N ALA R 134 -8.25 -86.10 -19.38
CA ALA R 134 -9.62 -85.97 -19.88
C ALA R 134 -10.10 -87.32 -20.37
N ASN R 135 -11.38 -87.38 -20.70
CA ASN R 135 -11.97 -88.61 -21.20
C ASN R 135 -11.76 -88.72 -22.70
N GLY R 136 -11.72 -89.95 -23.18
CA GLY R 136 -11.47 -90.22 -24.57
C GLY R 136 -12.72 -90.22 -25.42
N MET R 137 -12.51 -90.24 -26.73
CA MET R 137 -13.60 -90.28 -27.69
C MET R 137 -14.11 -91.71 -27.83
N ASP R 138 -15.41 -91.84 -28.08
CA ASP R 138 -16.07 -93.11 -28.29
C ASP R 138 -16.73 -93.11 -29.66
N ALA R 139 -16.30 -94.03 -30.52
CA ALA R 139 -16.75 -94.02 -31.90
C ALA R 139 -18.20 -94.43 -32.05
N ASP R 140 -18.75 -95.18 -31.09
CA ASP R 140 -20.13 -95.63 -31.18
C ASP R 140 -21.09 -94.44 -31.17
N ASN R 141 -20.75 -93.39 -30.44
CA ASN R 141 -21.62 -92.24 -30.26
C ASN R 141 -21.17 -91.01 -31.05
N SER R 142 -19.89 -90.92 -31.40
CA SER R 142 -19.41 -89.81 -32.18
C SER R 142 -20.04 -89.82 -33.56
N ARG R 143 -19.92 -88.69 -34.26
CA ARG R 143 -20.39 -88.60 -35.63
C ARG R 143 -19.91 -87.31 -36.26
N ILE R 144 -19.81 -87.34 -37.58
CA ILE R 144 -19.54 -86.19 -38.41
C ILE R 144 -20.71 -86.01 -39.37
N THR R 145 -20.99 -84.76 -39.70
CA THR R 145 -21.82 -84.43 -40.83
C THR R 145 -21.26 -83.17 -41.46
N ILE R 146 -21.27 -83.12 -42.78
CA ILE R 146 -20.87 -81.93 -43.51
C ILE R 146 -21.82 -81.76 -44.69
N GLY R 147 -21.89 -80.55 -45.20
CA GLY R 147 -22.84 -80.23 -46.23
C GLY R 147 -24.26 -80.12 -45.67
N ASP R 148 -25.10 -79.43 -46.43
CA ASP R 148 -26.49 -79.19 -46.06
C ASP R 148 -27.35 -79.42 -47.29
N ASP R 149 -27.74 -80.67 -47.50
CA ASP R 149 -28.88 -80.97 -48.33
C ASP R 149 -30.15 -80.59 -47.58
N THR R 150 -31.27 -80.62 -48.28
CA THR R 150 -32.59 -80.65 -47.66
C THR R 150 -32.83 -79.45 -46.77
N SER R 151 -32.37 -78.29 -47.22
CA SER R 151 -32.61 -77.05 -46.50
C SER R 151 -32.22 -75.89 -47.39
N ASP R 152 -33.08 -74.87 -47.46
CA ASP R 152 -32.74 -73.70 -48.24
C ASP R 152 -31.56 -72.96 -47.64
N TYR R 153 -31.29 -73.16 -46.35
CA TYR R 153 -30.07 -72.66 -45.74
C TYR R 153 -28.92 -73.63 -45.99
N GLY R 154 -27.72 -73.10 -45.82
CA GLY R 154 -26.53 -73.92 -45.96
C GLY R 154 -26.28 -74.33 -47.40
N LYS R 155 -25.13 -74.98 -47.59
CA LYS R 155 -24.67 -75.49 -48.87
C LYS R 155 -24.57 -76.99 -48.80
N ALA R 156 -24.43 -77.61 -49.96
CA ALA R 156 -24.35 -79.05 -50.10
C ALA R 156 -23.05 -79.44 -50.75
N VAL R 157 -22.68 -80.71 -50.56
CA VAL R 157 -21.47 -81.26 -51.15
C VAL R 157 -21.79 -81.65 -52.58
N GLY R 158 -21.01 -81.12 -53.52
CA GLY R 158 -21.18 -81.51 -54.90
C GLY R 158 -20.49 -82.84 -55.18
N ILE R 159 -21.10 -83.65 -56.03
CA ILE R 159 -20.48 -84.87 -56.49
C ILE R 159 -20.76 -85.02 -57.98
N VAL R 160 -19.85 -85.70 -58.66
CA VAL R 160 -20.02 -85.98 -60.08
C VAL R 160 -19.30 -87.27 -60.41
N GLU R 161 -19.84 -88.01 -61.35
CA GLU R 161 -19.18 -89.19 -61.87
C GLU R 161 -18.10 -88.76 -62.86
N HIS R 162 -16.88 -89.25 -62.66
CA HIS R 162 -15.77 -88.84 -63.50
C HIS R 162 -15.96 -89.28 -64.94
N GLY R 163 -16.60 -90.43 -65.15
CA GLY R 163 -16.76 -90.99 -66.47
C GLY R 163 -17.80 -90.33 -67.35
N ASP R 164 -18.51 -89.31 -66.85
CA ASP R 164 -19.52 -88.61 -67.64
C ASP R 164 -18.93 -87.42 -68.36
N LEU R 165 -18.34 -86.48 -67.62
CA LEU R 165 -17.80 -85.26 -68.20
C LEU R 165 -16.42 -85.49 -68.79
N SER R 166 -16.15 -84.81 -69.90
CA SER R 166 -14.85 -84.90 -70.56
C SER R 166 -13.82 -84.01 -69.87
N PRO R 167 -14.10 -82.74 -69.55
CA PRO R 167 -13.11 -81.94 -68.83
C PRO R 167 -13.02 -82.22 -67.33
N ALA R 168 -13.61 -83.30 -66.84
CA ALA R 168 -13.43 -83.67 -65.43
C ALA R 168 -11.95 -83.93 -65.13
N GLU R 169 -11.22 -84.50 -66.08
CA GLU R 169 -9.79 -84.70 -65.90
C GLU R 169 -9.05 -83.37 -65.79
N SER R 170 -9.45 -82.39 -66.60
CA SER R 170 -8.83 -81.07 -66.53
C SER R 170 -9.14 -80.40 -65.20
N LYS R 171 -10.39 -80.55 -64.72
CA LYS R 171 -10.76 -79.95 -63.44
C LYS R 171 -10.04 -80.62 -62.28
N ALA R 172 -9.78 -81.92 -62.38
CA ALA R 172 -9.07 -82.63 -61.32
C ALA R 172 -7.64 -82.13 -61.19
N GLN S 1 -24.14 -13.70 -24.59
CA GLN S 1 -22.88 -14.22 -24.08
C GLN S 1 -22.67 -13.76 -22.64
N THR S 2 -22.43 -12.45 -22.47
CA THR S 2 -22.01 -11.91 -21.20
C THR S 2 -23.21 -11.57 -20.34
N GLN S 3 -23.06 -11.76 -19.03
CA GLN S 3 -24.08 -11.46 -18.04
C GLN S 3 -23.44 -10.69 -16.90
N GLU S 4 -24.28 -10.25 -15.97
CA GLU S 4 -23.85 -9.50 -14.78
C GLU S 4 -24.52 -10.16 -13.59
N TYR S 5 -23.77 -10.98 -12.87
CA TYR S 5 -24.29 -11.73 -11.74
C TYR S 5 -23.76 -11.20 -10.44
N THR S 6 -24.35 -11.70 -9.37
CA THR S 6 -23.85 -11.57 -8.02
C THR S 6 -23.28 -12.91 -7.59
N ILE S 7 -22.27 -12.84 -6.73
CA ILE S 7 -21.66 -14.01 -6.14
C ILE S 7 -21.53 -13.79 -4.65
N ASN S 8 -21.75 -14.85 -3.88
CA ASN S 8 -21.91 -14.81 -2.44
C ASN S 8 -20.88 -15.73 -1.81
N HIS S 9 -20.73 -15.59 -0.50
CA HIS S 9 -19.85 -16.44 0.29
C HIS S 9 -20.30 -17.88 0.40
N THR S 10 -21.44 -18.25 -0.18
CA THR S 10 -21.85 -19.64 -0.23
C THR S 10 -22.55 -19.95 -1.54
N GLY S 11 -22.22 -21.12 -2.09
CA GLY S 11 -22.98 -21.69 -3.19
C GLY S 11 -23.16 -20.78 -4.37
N GLY S 12 -24.39 -20.31 -4.55
CA GLY S 12 -24.69 -19.45 -5.66
C GLY S 12 -24.52 -20.19 -6.97
N VAL S 13 -23.88 -19.51 -7.92
CA VAL S 13 -23.63 -20.10 -9.23
C VAL S 13 -22.53 -21.15 -9.20
N LEU S 14 -21.77 -21.24 -8.11
CA LEU S 14 -20.60 -22.11 -8.08
C LEU S 14 -20.95 -23.51 -7.60
N GLY S 15 -21.47 -23.64 -6.39
CA GLY S 15 -21.98 -24.91 -5.89
C GLY S 15 -21.35 -25.38 -4.60
N ASP S 16 -20.82 -24.47 -3.80
CA ASP S 16 -20.38 -24.69 -2.43
C ASP S 16 -19.08 -25.50 -2.34
N SER S 17 -18.55 -25.99 -3.46
CA SER S 17 -17.29 -26.73 -3.48
C SER S 17 -16.11 -25.82 -3.78
N TYR S 18 -16.21 -25.06 -4.88
CA TYR S 18 -15.16 -24.16 -5.31
C TYR S 18 -15.27 -22.79 -4.65
N VAL S 19 -15.94 -22.71 -3.53
CA VAL S 19 -15.76 -21.66 -2.55
C VAL S 19 -14.90 -22.25 -1.43
N THR S 20 -14.19 -21.38 -0.72
CA THR S 20 -13.75 -21.79 0.61
C THR S 20 -13.59 -20.55 1.49
N THR S 21 -14.02 -20.71 2.73
CA THR S 21 -13.92 -19.69 3.76
C THR S 21 -12.80 -20.05 4.73
N ALA S 22 -12.47 -19.07 5.57
CA ALA S 22 -11.46 -19.24 6.59
C ALA S 22 -11.45 -18.01 7.47
N SER S 23 -11.03 -18.21 8.72
CA SER S 23 -10.85 -17.11 9.64
C SER S 23 -9.47 -16.50 9.47
N ASN S 24 -9.24 -15.40 10.18
CA ASN S 24 -7.97 -14.69 10.15
C ASN S 24 -7.08 -15.22 11.28
N GLN S 25 -6.00 -14.49 11.57
CA GLN S 25 -5.15 -14.78 12.71
C GLN S 25 -4.97 -13.51 13.53
N THR S 26 -4.80 -13.71 14.83
CA THR S 26 -4.85 -12.63 15.81
C THR S 26 -3.46 -12.18 16.24
N SER S 27 -2.67 -13.10 16.81
CA SER S 27 -1.41 -12.68 17.43
C SER S 27 -0.39 -12.25 16.39
N PRO S 28 -0.08 -13.04 15.36
CA PRO S 28 0.67 -12.50 14.22
C PRO S 28 -0.25 -11.77 13.26
N GLN S 29 -0.14 -10.44 13.24
CA GLN S 29 -0.87 -9.62 12.28
C GLN S 29 -0.39 -9.96 10.88
N ARG S 30 -1.22 -10.66 10.10
CA ARG S 30 -0.79 -11.15 8.81
C ARG S 30 -1.95 -11.09 7.82
N GLU S 31 -1.58 -10.94 6.54
CA GLU S 31 -2.55 -10.78 5.46
C GLU S 31 -3.12 -12.15 5.15
N THR S 32 -4.03 -12.59 6.01
CA THR S 32 -4.67 -13.88 5.83
C THR S 32 -5.57 -13.87 4.59
N ALA S 33 -6.09 -15.04 4.27
CA ALA S 33 -7.00 -15.23 3.16
C ALA S 33 -8.31 -15.76 3.74
N VAL S 34 -9.28 -14.88 3.87
CA VAL S 34 -10.52 -15.24 4.53
C VAL S 34 -11.50 -15.89 3.57
N LEU S 35 -11.43 -15.56 2.29
CA LEU S 35 -12.35 -16.15 1.34
C LEU S 35 -11.64 -16.40 0.03
N SER S 36 -12.12 -17.37 -0.73
CA SER S 36 -11.57 -17.53 -2.07
C SER S 36 -12.54 -18.30 -2.95
N PHE S 37 -12.56 -17.89 -4.22
CA PHE S 37 -13.47 -18.38 -5.25
C PHE S 37 -12.65 -18.92 -6.39
N GLU S 38 -12.86 -20.18 -6.75
CA GLU S 38 -12.16 -20.82 -7.86
C GLU S 38 -13.12 -20.97 -9.02
N CYS S 39 -12.71 -20.49 -10.20
CA CYS S 39 -13.52 -20.59 -11.40
C CYS S 39 -13.81 -22.05 -11.73
N PRO S 40 -15.05 -22.48 -11.78
CA PRO S 40 -15.33 -23.89 -12.05
C PRO S 40 -15.04 -24.30 -13.48
N ARG S 41 -15.20 -25.61 -13.68
CA ARG S 41 -14.96 -26.27 -14.95
C ARG S 41 -15.84 -25.72 -16.04
N LYS S 42 -17.08 -25.37 -15.70
CA LYS S 42 -18.11 -25.15 -16.72
C LYS S 42 -18.01 -23.78 -17.36
N PHE S 43 -17.62 -22.78 -16.60
CA PHE S 43 -17.49 -21.44 -17.15
C PHE S 43 -16.35 -21.36 -18.14
N GLU S 44 -16.37 -20.30 -18.93
CA GLU S 44 -15.28 -20.00 -19.86
C GLU S 44 -14.26 -19.08 -19.22
N GLU S 45 -14.74 -18.01 -18.61
CA GLU S 45 -13.87 -17.07 -17.91
C GLU S 45 -14.75 -16.20 -17.04
N ILE S 46 -14.10 -15.50 -16.12
CA ILE S 46 -14.75 -14.52 -15.27
C ILE S 46 -13.96 -13.22 -15.39
N ASN S 47 -14.67 -12.12 -15.34
CA ASN S 47 -14.09 -10.78 -15.36
C ASN S 47 -14.46 -10.08 -14.06
N TYR S 48 -13.79 -8.95 -13.83
CA TYR S 48 -14.03 -8.15 -12.65
C TYR S 48 -13.50 -6.76 -12.94
N VAL S 49 -14.32 -5.75 -12.70
CA VAL S 49 -14.00 -4.38 -13.08
C VAL S 49 -14.39 -3.47 -11.92
N GLY S 50 -13.54 -2.48 -11.68
CA GLY S 50 -13.83 -1.46 -10.72
C GLY S 50 -14.54 -0.28 -11.36
N GLN S 51 -15.30 0.44 -10.54
CA GLN S 51 -16.21 1.50 -10.99
C GLN S 51 -17.26 0.98 -11.97
N ARG S 52 -17.51 -0.32 -11.96
CA ARG S 52 -18.54 -0.96 -12.77
C ARG S 52 -19.36 -1.95 -11.95
N ASP S 53 -18.74 -2.55 -10.94
CA ASP S 53 -19.31 -3.69 -10.22
C ASP S 53 -19.46 -3.34 -8.75
N ALA S 54 -20.67 -3.47 -8.23
CA ALA S 54 -20.95 -3.11 -6.86
C ALA S 54 -20.57 -4.26 -5.94
N THR S 55 -20.82 -4.05 -4.65
CA THR S 55 -20.18 -4.87 -3.63
C THR S 55 -20.87 -4.66 -2.30
N ARG S 56 -20.71 -5.65 -1.42
CA ARG S 56 -21.16 -5.57 -0.05
C ARG S 56 -20.36 -6.58 0.74
N PHE S 57 -20.00 -6.22 1.97
CA PHE S 57 -19.25 -7.15 2.82
C PHE S 57 -19.49 -6.73 4.27
N VAL S 58 -20.35 -7.48 4.95
CA VAL S 58 -20.69 -7.22 6.35
C VAL S 58 -19.96 -8.24 7.20
N PRO S 59 -18.85 -7.88 7.81
CA PRO S 59 -18.20 -8.74 8.80
C PRO S 59 -18.58 -8.42 10.23
N ARG S 60 -18.27 -9.34 11.12
CA ARG S 60 -18.47 -9.18 12.55
C ARG S 60 -17.38 -9.97 13.26
N THR S 61 -17.50 -10.10 14.57
CA THR S 61 -16.62 -10.92 15.37
C THR S 61 -17.48 -11.69 16.36
N THR S 62 -16.85 -12.28 17.37
CA THR S 62 -17.57 -12.92 18.44
C THR S 62 -16.84 -12.66 19.75
N GLU S 63 -17.62 -12.45 20.81
CA GLU S 63 -17.07 -12.38 22.15
C GLU S 63 -18.08 -12.98 23.10
N SER S 64 -17.64 -13.19 24.33
CA SER S 64 -18.47 -13.81 25.36
C SER S 64 -18.19 -13.14 26.69
N ILE S 65 -19.13 -13.32 27.61
CA ILE S 65 -19.02 -12.78 28.96
C ILE S 65 -19.43 -13.87 29.93
N THR S 66 -19.52 -13.51 31.21
CA THR S 66 -19.97 -14.42 32.24
C THR S 66 -21.01 -13.70 33.09
N GLY S 67 -22.13 -14.35 33.33
CA GLY S 67 -23.16 -13.75 34.16
C GLY S 67 -22.66 -13.51 35.57
N SER S 68 -23.19 -12.46 36.19
CA SER S 68 -22.86 -12.10 37.56
C SER S 68 -24.10 -11.60 38.26
N ALA S 69 -24.02 -11.58 39.59
CA ALA S 69 -25.14 -11.08 40.38
C ALA S 69 -25.36 -9.60 40.14
N ASN S 70 -24.29 -8.84 39.94
CA ASN S 70 -24.42 -7.41 39.73
C ASN S 70 -25.09 -7.13 38.39
N ASP S 71 -25.89 -6.08 38.36
CA ASP S 71 -26.69 -5.74 37.17
C ASP S 71 -25.77 -5.04 36.17
N ASP S 72 -25.15 -5.86 35.31
CA ASP S 72 -24.18 -5.33 34.36
C ASP S 72 -24.80 -4.33 33.39
N THR S 73 -25.68 -4.82 32.51
CA THR S 73 -26.35 -3.99 31.50
C THR S 73 -25.38 -3.23 30.59
N VAL S 74 -24.11 -3.64 30.56
CA VAL S 74 -23.10 -3.00 29.74
C VAL S 74 -21.93 -3.96 29.66
N VAL S 75 -21.26 -3.99 28.52
CA VAL S 75 -20.08 -4.82 28.35
C VAL S 75 -19.03 -4.03 27.58
N ASP S 76 -17.78 -4.19 28.00
CA ASP S 76 -16.68 -3.71 27.20
C ASP S 76 -16.41 -4.68 26.07
N LEU S 77 -15.49 -4.29 25.19
CA LEU S 77 -15.15 -5.09 24.03
C LEU S 77 -13.65 -4.97 23.76
N THR S 78 -13.17 -5.83 22.88
CA THR S 78 -11.78 -5.86 22.44
C THR S 78 -11.62 -5.29 21.04
N ALA S 79 -12.67 -4.70 20.47
CA ALA S 79 -12.67 -4.22 19.09
C ALA S 79 -13.13 -2.78 19.08
N ASN S 80 -12.48 -1.97 18.25
CA ASN S 80 -12.97 -0.62 18.03
C ASN S 80 -14.37 -0.69 17.46
N ILE S 81 -15.19 0.27 17.84
CA ILE S 81 -16.62 0.24 17.57
C ILE S 81 -17.05 1.59 17.04
N GLN S 82 -18.04 1.54 16.17
CA GLN S 82 -18.75 2.74 15.74
C GLN S 82 -20.12 2.30 15.26
N PRO S 83 -21.02 3.24 15.04
CA PRO S 83 -22.32 2.87 14.48
C PRO S 83 -22.23 2.52 13.00
N VAL S 84 -23.32 1.92 12.52
CA VAL S 84 -23.44 1.57 11.11
C VAL S 84 -23.75 2.85 10.35
N ALA S 85 -22.75 3.35 9.64
CA ALA S 85 -22.81 4.62 8.92
C ALA S 85 -23.01 5.81 9.84
N GLY S 86 -22.85 5.64 11.14
CA GLY S 86 -23.00 6.74 12.07
C GLY S 86 -24.45 6.92 12.44
N GLU S 87 -24.77 6.72 13.72
CA GLU S 87 -25.91 7.30 14.41
C GLU S 87 -25.90 6.77 15.84
N GLU S 88 -26.36 7.58 16.78
CA GLU S 88 -26.47 7.12 18.15
C GLU S 88 -27.60 6.11 18.34
N VAL S 89 -28.53 6.05 17.41
CA VAL S 89 -29.80 5.36 17.60
C VAL S 89 -29.69 3.95 17.04
N ILE S 90 -30.44 3.04 17.66
CA ILE S 90 -30.57 1.66 17.20
C ILE S 90 -31.92 1.51 16.52
N ALA S 91 -31.98 0.58 15.58
CA ALA S 91 -33.13 0.22 14.75
C ALA S 91 -33.36 1.21 13.63
N GLU S 92 -32.63 2.33 13.58
CA GLU S 92 -32.59 3.18 12.40
C GLU S 92 -31.50 2.75 11.43
N GLN S 93 -30.49 2.04 11.92
CA GLN S 93 -29.36 1.65 11.10
C GLN S 93 -29.82 0.77 9.94
N ASP S 94 -28.96 0.71 8.92
CA ASP S 94 -29.19 -0.25 7.84
C ASP S 94 -29.20 -1.67 8.39
N TYR S 95 -28.44 -1.91 9.45
CA TYR S 95 -28.47 -3.19 10.15
C TYR S 95 -27.96 -2.96 11.57
N PRO S 96 -28.24 -3.87 12.49
CA PRO S 96 -27.74 -3.68 13.86
C PRO S 96 -26.23 -3.73 13.91
N VAL S 97 -25.65 -2.76 14.62
CA VAL S 97 -24.21 -2.77 14.86
C VAL S 97 -23.81 -4.02 15.63
N ALA S 98 -24.68 -4.50 16.50
CA ALA S 98 -24.33 -5.59 17.40
C ALA S 98 -25.56 -6.42 17.69
N VAL S 99 -25.32 -7.70 17.95
CA VAL S 99 -26.36 -8.65 18.29
C VAL S 99 -25.87 -9.41 19.51
N ALA S 100 -26.80 -9.80 20.36
CA ALA S 100 -26.49 -10.57 21.55
C ALA S 100 -27.52 -11.68 21.71
N TYR S 101 -27.07 -12.79 22.27
CA TYR S 101 -27.92 -13.97 22.44
C TYR S 101 -27.53 -14.66 23.73
N ASN S 102 -28.54 -15.06 24.48
CA ASN S 102 -28.36 -15.74 25.76
C ASN S 102 -28.53 -17.24 25.55
N VAL S 103 -27.55 -18.01 26.00
CA VAL S 103 -27.61 -19.46 25.80
C VAL S 103 -28.75 -20.06 26.60
N THR S 104 -28.82 -19.73 27.89
CA THR S 104 -29.88 -20.25 28.75
C THR S 104 -31.25 -19.84 28.21
N GLN S 105 -31.53 -18.55 28.19
CA GLN S 105 -32.76 -18.04 27.62
C GLN S 105 -32.56 -17.95 26.12
N GLY S 106 -33.03 -18.95 25.38
CA GLY S 106 -32.78 -19.01 23.96
C GLY S 106 -33.57 -17.97 23.20
N VAL S 107 -33.22 -16.70 23.41
CA VAL S 107 -33.96 -15.57 22.87
C VAL S 107 -32.97 -14.52 22.39
N GLU S 108 -33.45 -13.65 21.52
CA GLU S 108 -32.66 -12.49 21.15
C GLU S 108 -32.52 -11.57 22.35
N VAL S 109 -31.64 -10.59 22.20
CA VAL S 109 -31.45 -9.54 23.20
C VAL S 109 -31.33 -8.23 22.47
N ASP S 110 -32.18 -7.27 22.81
CA ASP S 110 -32.16 -6.00 22.14
C ASP S 110 -30.93 -5.20 22.56
N VAL S 111 -30.77 -4.03 21.96
CA VAL S 111 -29.69 -3.11 22.27
C VAL S 111 -30.30 -1.73 22.38
N VAL S 112 -29.84 -0.98 23.38
CA VAL S 112 -30.35 0.37 23.61
C VAL S 112 -29.48 1.35 22.85
N ASP S 113 -28.20 1.40 23.21
CA ASP S 113 -27.29 2.39 22.65
C ASP S 113 -25.87 1.97 22.99
N ALA S 114 -24.92 2.86 22.78
CA ALA S 114 -23.56 2.65 23.24
C ALA S 114 -22.81 3.98 23.18
N ASP S 115 -21.62 3.97 23.78
CA ASP S 115 -20.79 5.17 23.73
C ASP S 115 -20.20 5.37 22.34
N TYR S 116 -19.83 4.28 21.68
CA TYR S 116 -19.24 4.30 20.35
C TYR S 116 -17.93 5.06 20.28
N ALA S 117 -17.32 5.33 21.42
CA ALA S 117 -16.05 6.04 21.51
C ALA S 117 -14.97 5.12 22.05
N ALA S 118 -15.19 4.54 23.21
CA ALA S 118 -14.39 3.44 23.71
C ALA S 118 -15.08 2.13 23.34
N ASP S 119 -14.41 1.03 23.66
CA ASP S 119 -14.90 -0.30 23.32
C ASP S 119 -16.01 -0.66 24.30
N THR S 120 -17.21 -0.13 24.03
CA THR S 120 -18.32 -0.20 24.97
C THR S 120 -19.61 -0.53 24.23
N VAL S 121 -20.53 -1.20 24.92
CA VAL S 121 -21.90 -1.33 24.42
C VAL S 121 -22.84 -1.60 25.58
N THR S 122 -24.06 -1.09 25.45
CA THR S 122 -25.13 -1.29 26.42
C THR S 122 -25.94 -2.53 26.07
N LEU S 123 -26.50 -3.16 27.10
CA LEU S 123 -27.53 -4.18 26.93
C LEU S 123 -28.81 -3.72 27.59
N GLY S 124 -29.93 -3.95 26.90
CA GLY S 124 -31.22 -3.56 27.44
C GLY S 124 -31.73 -4.51 28.51
N THR S 125 -31.34 -5.77 28.44
CA THR S 125 -31.82 -6.77 29.39
C THR S 125 -30.91 -6.80 30.61
N ASN S 126 -31.27 -7.67 31.56
CA ASN S 126 -30.56 -7.82 32.83
C ASN S 126 -30.13 -9.28 32.94
N PRO S 127 -28.95 -9.66 32.42
CA PRO S 127 -28.54 -11.06 32.50
C PRO S 127 -28.39 -11.53 33.94
N ALA S 128 -28.69 -12.80 34.14
CA ALA S 128 -28.61 -13.44 35.44
C ALA S 128 -27.20 -13.94 35.69
N ASP S 129 -26.93 -14.28 36.94
CA ASP S 129 -25.63 -14.80 37.31
C ASP S 129 -25.49 -16.23 36.79
N GLY S 130 -24.30 -16.53 36.26
CA GLY S 130 -24.02 -17.84 35.71
C GLY S 130 -24.49 -18.06 34.30
N ASP S 131 -25.35 -17.19 33.76
CA ASP S 131 -25.87 -17.39 32.42
C ASP S 131 -24.78 -17.11 31.39
N GLU S 132 -24.74 -17.94 30.36
CA GLU S 132 -23.77 -17.77 29.28
C GLU S 132 -24.37 -16.90 28.18
N VAL S 133 -23.51 -16.11 27.57
CA VAL S 133 -23.90 -15.08 26.62
C VAL S 133 -22.95 -15.13 25.44
N LYS S 134 -23.44 -14.71 24.29
CA LYS S 134 -22.61 -14.47 23.13
C LYS S 134 -23.03 -13.16 22.49
N VAL S 135 -22.08 -12.53 21.83
CA VAL S 135 -22.29 -11.23 21.22
C VAL S 135 -21.47 -11.18 19.93
N TRP S 136 -22.02 -10.52 18.92
CA TRP S 136 -21.42 -10.46 17.59
C TRP S 136 -21.35 -9.01 17.15
N PRO S 137 -20.50 -8.22 17.80
CA PRO S 137 -20.45 -6.80 17.49
C PRO S 137 -19.83 -6.53 16.14
N ILE S 138 -19.94 -5.27 15.75
CA ILE S 138 -19.28 -4.80 14.56
C ILE S 138 -17.77 -4.97 14.71
N MET S 139 -17.11 -5.02 13.57
CA MET S 139 -15.66 -5.11 13.49
C MET S 139 -15.10 -3.83 12.89
N SER S 140 -13.84 -3.55 13.21
CA SER S 140 -13.20 -2.31 12.84
C SER S 140 -11.70 -2.54 12.75
N ASP S 141 -11.00 -1.51 12.27
CA ASP S 141 -9.54 -1.49 12.24
C ASP S 141 -8.98 -2.66 11.46
N GLY S 142 -9.26 -2.64 10.15
CA GLY S 142 -8.80 -3.70 9.27
C GLY S 142 -8.58 -3.19 7.87
N ASP S 143 -8.04 -4.09 7.04
CA ASP S 143 -7.80 -3.83 5.64
C ASP S 143 -8.23 -5.05 4.84
N VAL S 144 -8.71 -4.81 3.63
CA VAL S 144 -9.19 -5.86 2.75
C VAL S 144 -8.53 -5.68 1.40
N GLN S 145 -8.34 -6.79 0.69
CA GLN S 145 -7.66 -6.72 -0.60
C GLN S 145 -7.91 -8.00 -1.39
N PHE S 146 -7.44 -7.99 -2.63
CA PHE S 146 -7.66 -9.07 -3.60
C PHE S 146 -6.34 -9.60 -4.13
N ARG S 147 -6.34 -10.87 -4.52
CA ARG S 147 -5.22 -11.37 -5.31
C ARG S 147 -5.61 -12.64 -6.06
N LEU S 148 -4.84 -12.91 -7.11
CA LEU S 148 -5.13 -14.01 -8.01
C LEU S 148 -4.11 -15.13 -7.88
N ILE S 149 -4.58 -16.35 -8.13
CA ILE S 149 -3.81 -17.57 -7.97
C ILE S 149 -4.03 -18.42 -9.21
N ASN S 150 -2.93 -18.92 -9.77
CA ASN S 150 -2.95 -19.70 -11.02
C ASN S 150 -2.89 -21.19 -10.72
N GLN S 151 -3.93 -21.66 -10.04
CA GLN S 151 -4.22 -23.09 -9.84
C GLN S 151 -3.28 -23.77 -8.85
N PHE S 152 -2.25 -23.09 -8.38
CA PHE S 152 -1.15 -23.73 -7.66
C PHE S 152 -0.82 -23.14 -6.30
N GLY S 153 -1.56 -22.14 -5.83
CA GLY S 153 -1.12 -21.42 -4.66
C GLY S 153 0.05 -20.53 -4.98
N GLN S 154 0.09 -20.02 -6.19
CA GLN S 154 1.28 -19.37 -6.77
C GLN S 154 0.83 -18.06 -7.38
N GLU S 155 1.07 -16.97 -6.66
CA GLU S 155 0.57 -15.67 -7.07
C GLU S 155 1.26 -15.19 -8.34
N GLU S 156 0.51 -14.45 -9.16
CA GLU S 156 1.06 -13.78 -10.33
C GLU S 156 0.89 -12.28 -10.28
N GLY S 157 -0.09 -11.77 -9.55
CA GLY S 157 -0.29 -10.35 -9.52
C GLY S 157 -1.27 -9.96 -8.44
N ARG S 158 -1.62 -8.69 -8.45
CA ARG S 158 -2.47 -8.10 -7.44
C ARG S 158 -3.41 -7.11 -8.10
N VAL S 159 -4.69 -7.19 -7.75
CA VAL S 159 -5.71 -6.44 -8.46
C VAL S 159 -5.43 -4.95 -8.34
N TYR S 160 -5.20 -4.50 -7.12
CA TYR S 160 -5.08 -3.12 -6.82
C TYR S 160 -4.06 -3.02 -5.68
N PRO S 161 -3.01 -2.19 -5.81
CA PRO S 161 -1.96 -2.19 -4.78
C PRO S 161 -2.44 -1.83 -3.39
N TRP S 162 -3.20 -0.75 -3.26
CA TRP S 162 -3.46 -0.12 -1.98
C TRP S 162 -4.71 -0.71 -1.35
N SER S 163 -4.61 -1.09 -0.08
CA SER S 163 -5.75 -1.66 0.59
C SER S 163 -6.76 -0.59 0.97
N THR S 164 -8.02 -0.99 1.01
CA THR S 164 -9.12 -0.18 1.50
C THR S 164 -9.47 -0.63 2.90
N PRO S 165 -9.74 0.28 3.85
CA PRO S 165 -10.05 -0.17 5.20
C PRO S 165 -11.52 -0.55 5.38
N LEU S 166 -11.73 -1.69 6.04
CA LEU S 166 -13.08 -2.15 6.36
C LEU S 166 -13.80 -1.16 7.25
N TYR S 167 -13.05 -0.43 8.03
CA TYR S 167 -13.59 0.66 8.81
C TYR S 167 -14.42 1.60 7.94
N ARG S 168 -13.77 2.18 6.93
CA ARG S 168 -14.44 3.01 5.94
C ARG S 168 -15.56 2.25 5.23
N TRP S 169 -15.33 0.96 4.99
CA TRP S 169 -16.33 0.12 4.35
C TRP S 169 -17.64 0.13 5.10
N HIS S 170 -17.57 0.03 6.42
CA HIS S 170 -18.78 0.15 7.24
C HIS S 170 -19.30 1.57 7.26
N ASP S 171 -18.39 2.55 7.17
CA ASP S 171 -18.80 3.94 7.33
C ASP S 171 -19.74 4.38 6.21
N PHE S 172 -19.42 4.04 4.97
CA PHE S 172 -20.30 4.49 3.89
C PHE S 172 -21.65 3.75 3.98
N PRO S 173 -22.77 4.43 3.78
CA PRO S 173 -24.01 3.70 3.60
C PRO S 173 -23.95 2.87 2.33
N GLN S 174 -24.18 1.59 2.47
CA GLN S 174 -24.03 0.67 1.37
C GLN S 174 -25.24 0.79 0.45
N LEU S 175 -25.23 -0.03 -0.59
CA LEU S 175 -26.42 -0.34 -1.41
C LEU S 175 -27.19 0.90 -1.86
N LYS S 176 -26.47 2.01 -2.12
CA LYS S 176 -27.02 3.22 -2.73
C LYS S 176 -26.22 3.54 -3.98
N ARG S 177 -26.86 3.55 -5.14
CA ARG S 177 -26.14 3.92 -6.34
C ARG S 177 -25.76 5.39 -6.26
N GLY S 178 -24.55 5.71 -6.71
CA GLY S 178 -23.95 7.01 -6.54
C GLY S 178 -23.11 7.04 -5.28
N ARG S 179 -23.65 6.48 -4.21
CA ARG S 179 -22.91 6.26 -2.97
C ARG S 179 -22.44 4.83 -2.83
N GLU S 180 -22.76 3.96 -3.79
CA GLU S 180 -22.30 2.58 -3.74
C GLU S 180 -20.79 2.54 -3.80
N ILE S 181 -20.23 1.53 -3.18
CA ILE S 181 -18.79 1.33 -3.20
C ILE S 181 -18.39 0.65 -4.50
N ASN S 182 -17.27 1.07 -5.05
CA ASN S 182 -16.71 0.47 -6.25
C ASN S 182 -15.20 0.58 -6.15
N LEU S 183 -14.53 -0.53 -5.87
CA LEU S 183 -13.09 -0.53 -5.80
C LEU S 183 -12.52 -0.30 -7.19
N HIS S 184 -11.19 -0.31 -7.27
CA HIS S 184 -10.44 -0.17 -8.51
C HIS S 184 -9.82 -1.49 -8.90
N GLY S 185 -9.37 -1.55 -10.14
CA GLY S 185 -8.70 -2.71 -10.68
C GLY S 185 -9.58 -3.46 -11.68
N SER S 186 -8.94 -4.10 -12.64
CA SER S 186 -9.63 -4.80 -13.72
C SER S 186 -8.96 -6.15 -13.90
N ALA S 187 -9.54 -7.17 -13.27
CA ALA S 187 -9.02 -8.52 -13.27
C ALA S 187 -9.85 -9.43 -14.15
N SER S 188 -9.27 -10.57 -14.48
CA SER S 188 -9.96 -11.58 -15.26
C SER S 188 -9.20 -12.89 -15.13
N TRP S 189 -9.94 -14.00 -15.08
CA TRP S 189 -9.31 -15.30 -14.99
C TRP S 189 -10.19 -16.35 -15.65
N SER S 190 -9.74 -17.60 -15.57
CA SER S 190 -10.30 -18.69 -16.35
C SER S 190 -10.35 -19.92 -15.45
N GLU S 191 -10.54 -21.08 -16.07
CA GLU S 191 -10.89 -22.31 -15.36
C GLU S 191 -9.89 -22.68 -14.28
N ASN S 192 -10.41 -22.99 -13.10
CA ASN S 192 -9.68 -23.47 -11.93
C ASN S 192 -8.71 -22.45 -11.34
N GLU S 193 -8.71 -21.22 -11.84
CA GLU S 193 -7.93 -20.14 -11.29
C GLU S 193 -8.77 -19.44 -10.24
N THR S 194 -8.09 -18.94 -9.21
CA THR S 194 -8.75 -18.52 -7.98
C THR S 194 -8.55 -17.03 -7.74
N LEU S 195 -9.59 -16.39 -7.23
CA LEU S 195 -9.50 -15.06 -6.62
C LEU S 195 -9.62 -15.23 -5.12
N GLU S 196 -8.66 -14.69 -4.39
CA GLU S 196 -8.62 -14.72 -2.94
C GLU S 196 -8.93 -13.34 -2.42
N ILE S 197 -9.84 -13.28 -1.46
CA ILE S 197 -10.20 -12.07 -0.75
C ILE S 197 -9.58 -12.17 0.63
N LEU S 198 -8.71 -11.20 0.91
CA LEU S 198 -7.77 -11.25 2.01
C LEU S 198 -8.04 -10.16 3.01
N LEU S 199 -7.65 -10.45 4.24
CA LEU S 199 -7.96 -9.66 5.40
C LEU S 199 -6.68 -9.41 6.17
N ASP S 200 -6.53 -8.20 6.69
CA ASP S 200 -5.44 -7.85 7.61
C ASP S 200 -6.07 -7.05 8.74
N ALA S 201 -6.27 -7.70 9.88
CA ALA S 201 -6.87 -7.05 11.04
C ALA S 201 -6.66 -7.92 12.25
N PRO S 202 -6.71 -7.35 13.46
CA PRO S 202 -6.46 -8.14 14.65
C PRO S 202 -7.60 -9.05 15.07
N GLN S 203 -8.81 -8.51 15.06
CA GLN S 203 -9.90 -9.19 15.73
C GLN S 203 -10.39 -10.38 14.93
N ALA S 204 -10.79 -11.42 15.66
CA ALA S 204 -11.16 -12.69 15.07
C ALA S 204 -12.58 -12.62 14.55
N LEU S 205 -12.72 -12.58 13.23
CA LEU S 205 -14.03 -12.60 12.60
C LEU S 205 -14.59 -14.02 12.59
N THR S 206 -15.80 -14.14 12.07
CA THR S 206 -16.54 -15.39 12.07
C THR S 206 -17.29 -15.54 10.76
N TRP S 207 -17.71 -16.76 10.50
CA TRP S 207 -18.55 -17.08 9.35
C TRP S 207 -19.78 -17.88 9.75
N GLU S 208 -19.63 -18.71 10.79
CA GLU S 208 -20.66 -19.62 11.22
C GLU S 208 -20.61 -19.76 12.72
N ASP S 209 -21.79 -19.78 13.35
CA ASP S 209 -21.90 -19.99 14.79
C ASP S 209 -23.01 -20.96 15.19
N SER S 210 -24.01 -21.19 14.34
CA SER S 210 -25.10 -22.13 14.56
C SER S 210 -26.02 -21.73 15.71
N ASP S 211 -25.85 -20.55 16.29
CA ASP S 211 -26.73 -20.04 17.33
C ASP S 211 -26.98 -18.56 17.17
N TYR S 212 -26.90 -18.06 15.93
CA TYR S 212 -27.09 -16.66 15.63
C TYR S 212 -28.48 -16.46 15.06
N PRO S 213 -29.32 -15.57 15.63
CA PRO S 213 -30.71 -15.50 15.19
C PRO S 213 -30.90 -14.97 13.78
N ARG S 214 -30.30 -13.81 13.49
CA ARG S 214 -30.55 -13.11 12.23
C ARG S 214 -29.81 -13.83 11.10
N GLY S 215 -30.31 -15.00 10.76
CA GLY S 215 -29.75 -15.81 9.71
C GLY S 215 -28.72 -16.80 10.24
N GLN S 216 -28.41 -17.78 9.39
CA GLN S 216 -27.43 -18.80 9.78
C GLN S 216 -26.02 -18.27 9.66
N TYR S 217 -25.62 -17.85 8.46
CA TYR S 217 -24.29 -17.32 8.26
C TYR S 217 -24.25 -15.88 8.75
N VAL S 218 -23.36 -15.63 9.71
CA VAL S 218 -23.32 -14.34 10.40
C VAL S 218 -22.90 -13.25 9.43
N THR S 219 -21.67 -13.34 8.95
CA THR S 219 -21.12 -12.36 8.04
C THR S 219 -21.61 -12.63 6.64
N THR S 220 -21.21 -11.78 5.71
CA THR S 220 -21.58 -12.03 4.33
C THR S 220 -20.73 -11.20 3.39
N LEU S 221 -20.60 -11.70 2.17
CA LEU S 221 -20.05 -10.98 1.04
C LEU S 221 -21.02 -11.13 -0.12
N GLU S 222 -21.19 -10.06 -0.88
CA GLU S 222 -22.03 -10.10 -2.07
C GLU S 222 -21.40 -9.17 -3.10
N GLN S 223 -20.78 -9.74 -4.12
CA GLN S 223 -20.02 -8.98 -5.11
C GLN S 223 -20.62 -9.14 -6.50
N ASP S 224 -20.59 -8.07 -7.28
CA ASP S 224 -20.99 -8.14 -8.67
C ASP S 224 -19.83 -8.57 -9.54
N VAL S 225 -20.13 -9.41 -10.53
CA VAL S 225 -19.13 -9.86 -11.50
C VAL S 225 -19.78 -9.97 -12.87
N GLU S 226 -18.92 -10.06 -13.87
CA GLU S 226 -19.29 -10.33 -15.25
C GLU S 226 -18.72 -11.67 -15.64
N ILE S 227 -19.55 -12.46 -16.34
CA ILE S 227 -19.21 -13.83 -16.69
C ILE S 227 -19.46 -14.02 -18.18
N THR S 228 -18.62 -14.84 -18.81
CA THR S 228 -18.80 -15.27 -20.19
C THR S 228 -19.42 -16.65 -20.16
N LEU S 229 -20.73 -16.68 -19.91
CA LEU S 229 -21.51 -17.92 -19.91
C LEU S 229 -20.95 -18.97 -18.97
N PRO T 1 -4.24 -16.11 -15.18
CA PRO T 1 -4.68 -14.82 -14.65
C PRO T 1 -4.37 -13.66 -15.57
N GLU T 2 -5.12 -12.57 -15.41
CA GLU T 2 -4.87 -11.37 -16.19
C GLU T 2 -5.31 -10.17 -15.36
N ILE T 3 -4.46 -9.15 -15.33
CA ILE T 3 -4.76 -7.89 -14.67
C ILE T 3 -4.52 -6.79 -15.69
N GLY T 4 -5.34 -5.74 -15.63
CA GLY T 4 -5.18 -4.63 -16.54
C GLY T 4 -4.09 -3.68 -16.05
N ASN T 5 -3.32 -3.17 -17.01
CA ASN T 5 -2.26 -2.21 -16.70
C ASN T 5 -2.94 -0.88 -16.39
N ASN T 6 -3.33 -0.74 -15.13
CA ASN T 6 -3.99 0.48 -14.69
C ASN T 6 -3.06 1.67 -14.87
N GLY T 7 -3.65 2.82 -15.17
CA GLY T 7 -2.86 4.01 -15.41
C GLY T 7 -2.06 4.42 -14.20
N ALA T 8 -0.96 5.12 -14.45
CA ALA T 8 -0.09 5.56 -13.36
C ALA T 8 -0.81 6.54 -12.44
N GLU T 9 -1.70 7.36 -12.99
CA GLU T 9 -2.44 8.34 -12.21
C GLU T 9 -3.52 7.61 -11.43
N LYS T 10 -3.12 7.08 -10.28
CA LYS T 10 -4.02 6.26 -9.49
C LYS T 10 -4.89 7.12 -8.58
N GLN T 11 -6.12 6.65 -8.37
CA GLN T 11 -7.16 7.38 -7.67
C GLN T 11 -7.29 6.84 -6.25
N ILE T 12 -7.00 7.68 -5.27
CA ILE T 12 -6.70 7.23 -3.92
C ILE T 12 -7.32 8.21 -2.93
N SER T 13 -7.16 7.89 -1.65
CA SER T 13 -7.66 8.74 -0.58
C SER T 13 -6.78 8.58 0.63
N LEU T 14 -6.89 9.53 1.53
CA LEU T 14 -6.04 9.64 2.70
C LEU T 14 -6.86 9.44 3.97
N HIS T 15 -6.22 8.85 4.97
CA HIS T 15 -6.86 8.62 6.25
C HIS T 15 -5.78 8.45 7.29
N LYS T 16 -6.19 8.12 8.51
CA LYS T 16 -5.27 8.10 9.64
C LYS T 16 -4.26 6.97 9.50
N GLY T 17 -4.75 5.76 9.25
CA GLY T 17 -3.88 4.59 9.24
C GLY T 17 -3.02 4.48 8.01
N GLN T 18 -2.07 5.40 7.87
CA GLN T 18 -1.10 5.38 6.79
C GLN T 18 0.25 5.80 7.34
N PRO T 19 1.35 5.51 6.63
CA PRO T 19 2.66 5.81 7.19
C PRO T 19 3.08 7.25 7.05
N PHE T 20 2.69 7.90 5.94
CA PHE T 20 3.12 9.26 5.64
C PHE T 20 2.18 10.31 6.23
N ILE T 21 1.45 9.95 7.28
CA ILE T 21 0.55 10.83 7.98
C ILE T 21 0.78 10.63 9.48
N ASP T 22 0.41 11.64 10.26
CA ASP T 22 0.56 11.57 11.70
C ASP T 22 -0.39 12.56 12.34
N THR T 23 -0.65 12.38 13.63
CA THR T 23 -1.47 13.30 14.39
C THR T 23 -0.93 13.41 15.81
N GLN T 24 -1.50 14.35 16.56
CA GLN T 24 -1.21 14.45 17.97
C GLN T 24 -2.25 15.36 18.62
N ASP T 25 -2.50 15.12 19.91
CA ASP T 25 -3.56 15.78 20.64
C ASP T 25 -3.37 17.30 20.63
N VAL T 26 -4.46 18.00 20.94
CA VAL T 26 -4.49 19.46 20.96
C VAL T 26 -5.33 19.90 22.14
N GLY T 27 -4.95 21.02 22.73
CA GLY T 27 -5.65 21.58 23.87
C GLY T 27 -6.70 22.61 23.47
N ALA T 28 -6.45 23.87 23.78
CA ALA T 28 -7.41 24.93 23.55
C ALA T 28 -6.69 26.23 23.30
N ALA T 29 -7.24 27.06 22.42
CA ALA T 29 -6.64 28.32 22.02
C ALA T 29 -5.21 28.08 21.54
N ASP T 30 -5.11 27.30 20.46
CA ASP T 30 -3.91 26.54 20.17
C ASP T 30 -3.77 26.39 18.66
N PRO T 31 -3.50 27.48 17.96
CA PRO T 31 -3.50 27.45 16.49
C PRO T 31 -2.26 26.83 15.87
N ASN T 32 -1.10 27.06 16.48
CA ASN T 32 0.16 26.93 15.76
C ASN T 32 0.45 25.50 15.33
N THR T 33 -0.01 24.51 16.09
CA THR T 33 0.39 23.16 15.81
C THR T 33 -0.49 22.53 14.72
N PRO T 34 0.07 21.63 13.91
CA PRO T 34 -0.77 20.72 13.13
C PRO T 34 -1.31 19.61 14.02
N ALA T 35 -2.63 19.62 14.23
CA ALA T 35 -3.27 18.46 14.82
C ALA T 35 -2.99 17.22 13.98
N VAL T 36 -2.86 17.40 12.68
CA VAL T 36 -2.55 16.32 11.75
C VAL T 36 -1.50 16.84 10.78
N THR T 37 -0.48 16.03 10.55
CA THR T 37 0.59 16.31 9.62
C THR T 37 0.54 15.29 8.49
N ILE T 38 0.82 15.77 7.28
CA ILE T 38 0.93 14.93 6.11
C ILE T 38 2.27 15.23 5.48
N GLU T 39 2.88 14.22 4.85
CA GLU T 39 4.11 14.43 4.12
C GLU T 39 4.12 13.59 2.86
N GLY T 40 4.80 14.11 1.84
CA GLY T 40 4.96 13.41 0.60
C GLY T 40 5.92 12.26 0.77
N PRO T 41 5.52 11.03 0.41
CA PRO T 41 6.49 9.94 0.39
C PRO T 41 7.55 10.18 -0.68
N SER T 42 8.54 9.29 -0.67
CA SER T 42 9.69 9.43 -1.55
C SER T 42 9.35 9.00 -2.96
N ASP T 43 9.77 9.80 -3.93
CA ASP T 43 9.65 9.49 -5.35
C ASP T 43 8.20 9.32 -5.79
N TYR T 44 7.26 9.89 -5.04
CA TYR T 44 5.87 9.95 -5.41
C TYR T 44 5.46 11.41 -5.56
N VAL T 45 4.32 11.60 -6.22
CA VAL T 45 3.73 12.92 -6.41
C VAL T 45 2.23 12.77 -6.18
N ILE T 46 1.72 13.55 -5.26
CA ILE T 46 0.29 13.59 -4.95
C ILE T 46 -0.28 14.84 -5.57
N ALA T 47 -1.53 14.74 -6.01
CA ALA T 47 -2.26 15.84 -6.60
C ALA T 47 -3.65 15.87 -5.99
N ILE T 48 -4.07 17.05 -5.56
CA ILE T 48 -5.39 17.28 -4.98
C ILE T 48 -6.04 18.37 -5.80
N ASP T 49 -7.12 18.02 -6.48
CA ASP T 49 -7.82 18.97 -7.33
C ASP T 49 -8.64 19.93 -6.48
N ALA T 50 -9.19 20.94 -7.16
CA ALA T 50 -9.93 21.99 -6.46
C ALA T 50 -11.27 21.48 -5.95
N GLY T 51 -11.91 20.58 -6.68
CA GLY T 51 -13.19 20.05 -6.28
C GLY T 51 -13.05 18.80 -5.45
N THR T 52 -12.03 18.76 -4.62
CA THR T 52 -11.77 17.57 -3.82
C THR T 52 -12.60 17.63 -2.54
N PRO T 53 -13.31 16.56 -2.16
CA PRO T 53 -14.00 16.59 -0.88
C PRO T 53 -13.04 16.60 0.29
N VAL T 54 -13.58 17.05 1.42
CA VAL T 54 -12.83 17.22 2.66
C VAL T 54 -13.71 16.73 3.77
N ALA T 55 -13.09 16.21 4.83
CA ALA T 55 -13.90 15.59 5.86
C ALA T 55 -13.12 15.40 7.15
N PRO T 56 -13.00 16.44 7.97
CA PRO T 56 -12.56 16.25 9.35
C PRO T 56 -13.72 15.87 10.24
N GLU T 57 -13.44 14.94 11.14
CA GLU T 57 -14.45 14.37 12.01
C GLU T 57 -13.89 14.26 13.42
N PHE T 58 -13.34 15.36 13.90
CA PHE T 58 -12.70 15.41 15.21
C PHE T 58 -13.69 15.07 16.31
N ARG T 59 -13.14 14.79 17.49
CA ARG T 59 -13.94 14.41 18.64
C ARG T 59 -13.31 14.97 19.90
N ASP T 60 -14.06 14.83 20.98
CA ASP T 60 -13.60 15.08 22.33
C ASP T 60 -13.20 13.76 22.98
N ALA T 61 -12.40 13.86 24.05
CA ALA T 61 -11.92 12.67 24.73
C ALA T 61 -13.08 11.84 25.29
N ASN T 62 -14.14 12.49 25.75
CA ASN T 62 -15.29 11.78 26.25
C ASN T 62 -16.19 11.25 25.15
N GLY T 63 -15.83 11.46 23.88
CA GLY T 63 -16.65 11.03 22.77
C GLY T 63 -17.78 12.00 22.50
N ASP T 64 -17.45 13.22 22.15
CA ASP T 64 -18.42 14.24 21.77
C ASP T 64 -17.84 15.10 20.67
N LYS T 65 -18.72 15.82 20.00
CA LYS T 65 -18.31 16.86 19.07
C LYS T 65 -17.97 18.11 19.84
N LEU T 66 -17.09 18.92 19.27
CA LEU T 66 -16.61 20.13 19.91
C LEU T 66 -17.45 21.35 19.53
N ASP T 67 -17.09 22.48 20.10
CA ASP T 67 -17.76 23.75 19.85
C ASP T 67 -17.74 24.06 18.35
N PRO T 68 -18.89 24.18 17.68
CA PRO T 68 -18.85 24.43 16.23
C PRO T 68 -18.24 25.75 15.85
N SER T 69 -18.06 26.69 16.79
CA SER T 69 -17.29 27.89 16.52
C SER T 69 -15.82 27.58 16.30
N THR T 70 -15.37 26.39 16.67
CA THR T 70 -14.02 25.94 16.35
C THR T 70 -13.77 26.05 14.86
N ARG T 71 -12.51 26.29 14.50
CA ARG T 71 -12.10 26.48 13.13
C ARG T 71 -11.05 25.44 12.75
N VAL T 72 -11.12 25.01 11.49
CA VAL T 72 -10.16 24.11 10.88
C VAL T 72 -9.58 24.82 9.67
N THR T 73 -8.28 24.65 9.45
CA THR T 73 -7.62 25.23 8.30
C THR T 73 -6.62 24.22 7.77
N ILE T 74 -6.85 23.73 6.56
CA ILE T 74 -5.80 23.02 5.83
C ILE T 74 -4.88 24.07 5.26
N GLN T 75 -3.59 23.75 5.17
CA GLN T 75 -2.62 24.72 4.68
C GLN T 75 -1.39 24.00 4.16
N LYS T 76 -0.97 24.35 2.96
CA LYS T 76 0.27 23.84 2.44
C LYS T 76 1.43 24.52 3.14
N CYS T 77 2.57 23.83 3.18
CA CYS T 77 3.77 24.37 3.76
C CYS T 77 4.94 24.11 2.83
N ASP T 78 5.89 25.02 2.84
CA ASP T 78 7.22 24.70 2.39
C ASP T 78 7.80 23.67 3.35
N LYS T 79 8.94 23.09 2.96
CA LYS T 79 9.70 22.22 3.83
C LYS T 79 9.97 22.90 5.17
N GLN T 80 10.26 22.10 6.20
CA GLN T 80 10.66 22.59 7.54
C GLN T 80 9.48 23.14 8.32
N GLY T 81 8.30 22.61 8.08
CA GLY T 81 7.15 23.09 8.81
C GLY T 81 6.88 24.55 8.59
N ASN T 82 7.29 25.07 7.44
CA ASN T 82 7.24 26.49 7.14
C ASN T 82 5.96 26.78 6.35
N PRO T 83 4.93 27.32 6.97
CA PRO T 83 3.68 27.55 6.23
C PRO T 83 3.83 28.66 5.20
N LEU T 84 2.82 28.76 4.35
CA LEU T 84 2.77 29.75 3.29
C LEU T 84 1.33 30.19 3.09
N GLY T 85 1.17 31.48 2.79
CA GLY T 85 -0.15 32.07 2.72
C GLY T 85 -0.87 31.66 1.47
N ASP T 86 -0.23 31.87 0.33
CA ASP T 86 -0.76 31.34 -0.91
C ASP T 86 -0.83 29.83 -0.83
N GLY T 87 -1.71 29.24 -1.64
CA GLY T 87 -1.88 27.80 -1.66
C GLY T 87 -2.73 27.26 -0.53
N ILE T 88 -3.09 28.08 0.46
CA ILE T 88 -3.98 27.62 1.51
C ILE T 88 -5.33 27.24 0.92
N VAL T 89 -5.96 26.22 1.50
CA VAL T 89 -7.28 25.77 1.09
C VAL T 89 -8.04 25.31 2.33
N PHE T 90 -9.37 25.34 2.22
CA PHE T 90 -10.25 24.81 3.26
C PHE T 90 -9.98 25.50 4.60
N SER T 91 -10.38 26.76 4.65
CA SER T 91 -10.52 27.50 5.90
C SER T 91 -11.99 27.45 6.26
N ASP T 92 -12.35 26.48 7.09
CA ASP T 92 -13.74 26.17 7.40
C ASP T 92 -13.93 26.17 8.91
N THR T 93 -15.18 26.19 9.33
CA THR T 93 -15.54 26.05 10.72
C THR T 93 -15.84 24.60 11.03
N LEU T 94 -15.65 24.23 12.29
CA LEU T 94 -15.85 22.84 12.68
C LEU T 94 -17.31 22.46 12.70
N GLY T 95 -18.21 23.42 12.84
CA GLY T 95 -19.62 23.13 12.77
C GLY T 95 -20.03 22.89 11.33
N ARG T 96 -21.35 22.84 11.15
CA ARG T 96 -21.99 22.81 9.83
C ARG T 96 -21.40 21.76 8.89
N PHE T 97 -21.22 20.55 9.41
CA PHE T 97 -20.95 19.38 8.58
C PHE T 97 -22.05 18.35 8.60
N GLU T 98 -22.64 18.10 9.76
CA GLU T 98 -23.54 16.98 9.95
C GLU T 98 -22.81 15.68 9.61
N TYR T 99 -21.85 15.35 10.48
CA TYR T 99 -20.97 14.20 10.33
C TYR T 99 -21.71 12.92 10.00
N SER T 100 -22.96 12.80 10.41
CA SER T 100 -23.75 11.61 10.11
C SER T 100 -23.81 11.35 8.62
N LYS T 101 -24.12 12.38 7.83
CA LYS T 101 -24.34 12.25 6.39
C LYS T 101 -23.27 12.96 5.57
N MET T 102 -22.17 13.37 6.20
CA MET T 102 -21.22 14.29 5.61
C MET T 102 -20.59 13.78 4.32
N ARG T 103 -19.82 12.70 4.41
CA ARG T 103 -19.30 12.07 3.20
C ARG T 103 -20.42 11.45 2.39
N SER T 104 -21.36 10.85 3.10
CA SER T 104 -22.49 10.16 2.50
C SER T 104 -23.20 11.01 1.46
N ASP T 105 -23.50 12.25 1.81
CA ASP T 105 -24.33 13.11 0.97
C ASP T 105 -23.47 14.05 0.13
N PRO T 106 -23.66 14.14 -1.18
CA PRO T 106 -22.92 15.14 -1.96
C PRO T 106 -23.26 16.56 -1.56
N ASP T 107 -24.47 16.79 -1.05
CA ASP T 107 -24.81 18.11 -0.53
C ASP T 107 -23.88 18.47 0.60
N TYR T 108 -23.95 17.72 1.70
CA TYR T 108 -23.04 17.94 2.82
C TYR T 108 -21.57 17.85 2.45
N MET T 109 -21.25 17.21 1.35
CA MET T 109 -19.85 17.03 0.97
C MET T 109 -19.20 18.37 0.71
N ARG T 110 -18.36 18.82 1.64
CA ARG T 110 -17.66 20.09 1.53
C ARG T 110 -16.36 19.89 0.76
N LYS T 111 -16.24 20.60 -0.35
CA LYS T 111 -15.08 20.49 -1.21
C LYS T 111 -14.09 21.60 -0.89
N THR T 112 -12.91 21.49 -1.49
CA THR T 112 -11.90 22.51 -1.35
C THR T 112 -12.26 23.73 -2.19
N THR T 113 -11.36 24.70 -2.21
CA THR T 113 -11.56 25.95 -2.92
C THR T 113 -10.73 26.02 -4.19
N THR T 114 -9.45 25.67 -4.09
CA THR T 114 -8.51 25.78 -5.21
C THR T 114 -7.70 24.49 -5.30
N SER T 115 -6.97 24.38 -6.40
CA SER T 115 -6.18 23.19 -6.65
C SER T 115 -5.04 23.11 -5.65
N LEU T 116 -4.27 22.03 -5.75
CA LEU T 116 -3.16 21.81 -4.84
C LEU T 116 -2.29 20.70 -5.39
N MET T 117 -1.03 20.72 -4.97
CA MET T 117 -0.06 19.73 -5.40
C MET T 117 0.94 19.53 -4.28
N ILE T 118 1.48 18.32 -4.21
CA ILE T 118 2.46 17.96 -3.20
C ILE T 118 3.63 17.31 -3.93
N ASP T 119 4.75 18.03 -3.98
CA ASP T 119 5.98 17.46 -4.47
C ASP T 119 6.49 16.43 -3.46
N GLU T 120 7.49 15.65 -3.89
CA GLU T 120 7.89 14.43 -3.20
C GLU T 120 8.19 14.66 -1.73
N ARG T 121 8.87 15.76 -1.39
CA ARG T 121 9.16 16.11 0.01
C ARG T 121 8.49 17.46 0.26
N GLU T 122 7.24 17.44 0.69
CA GLU T 122 6.54 18.64 1.10
C GLU T 122 5.57 18.27 2.20
N ILE T 123 4.94 19.30 2.78
CA ILE T 123 4.13 19.16 3.97
C ILE T 123 2.80 19.85 3.76
N VAL T 124 1.76 19.25 4.31
CA VAL T 124 0.44 19.86 4.41
C VAL T 124 -0.01 19.68 5.84
N LYS T 125 -0.47 20.76 6.45
CA LYS T 125 -0.83 20.80 7.85
C LYS T 125 -2.31 21.12 8.01
N ILE T 126 -2.82 20.74 9.17
CA ILE T 126 -4.23 20.95 9.51
C ILE T 126 -4.24 21.62 10.87
N PHE T 127 -4.29 22.94 10.87
CA PHE T 127 -4.36 23.70 12.11
C PHE T 127 -5.80 23.80 12.58
N VAL T 128 -5.94 23.90 13.89
CA VAL T 128 -7.24 23.93 14.56
C VAL T 128 -7.22 25.06 15.57
N GLU T 129 -8.30 25.83 15.60
CA GLU T 129 -8.48 26.93 16.55
C GLU T 129 -9.72 26.64 17.38
N VAL T 130 -9.50 26.29 18.64
CA VAL T 130 -10.57 26.03 19.59
C VAL T 130 -10.69 27.25 20.49
N PRO T 131 -11.89 27.74 20.79
CA PRO T 131 -12.02 28.81 21.78
C PRO T 131 -11.69 28.31 23.17
N PRO T 132 -11.24 29.19 24.07
CA PRO T 132 -10.85 28.75 25.41
C PRO T 132 -12.06 28.26 26.20
N ASN T 133 -11.76 27.70 27.37
CA ASN T 133 -12.76 27.14 28.26
C ASN T 133 -13.59 26.07 27.54
N ALA T 134 -12.92 25.30 26.70
CA ALA T 134 -13.53 24.23 25.93
C ALA T 134 -12.71 22.96 26.11
N ASN T 135 -13.28 21.87 25.64
CA ASN T 135 -12.61 20.57 25.74
C ASN T 135 -11.61 20.41 24.60
N GLY T 136 -10.59 19.61 24.85
CA GLY T 136 -9.53 19.42 23.89
C GLY T 136 -9.82 18.29 22.92
N MET T 137 -8.96 18.21 21.91
CA MET T 137 -9.08 17.16 20.91
C MET T 137 -8.41 15.89 21.42
N ASP T 138 -8.96 14.75 21.00
CA ASP T 138 -8.45 13.43 21.36
C ASP T 138 -8.11 12.67 20.08
N ALA T 139 -6.84 12.32 19.94
CA ALA T 139 -6.36 11.74 18.69
C ALA T 139 -6.87 10.33 18.47
N ASP T 140 -7.27 9.62 19.53
CA ASP T 140 -7.74 8.25 19.37
C ASP T 140 -9.00 8.20 18.54
N ASN T 141 -9.87 9.20 18.69
CA ASN T 141 -11.18 9.21 18.04
C ASN T 141 -11.26 10.19 16.88
N SER T 142 -10.38 11.18 16.82
CA SER T 142 -10.38 12.11 15.71
C SER T 142 -10.08 11.38 14.40
N ARG T 143 -10.36 12.06 13.31
CA ARG T 143 -10.00 11.50 12.01
C ARG T 143 -10.09 12.57 10.93
N ILE T 144 -9.26 12.41 9.91
CA ILE T 144 -9.33 13.16 8.67
C ILE T 144 -9.59 12.17 7.54
N THR T 145 -10.34 12.62 6.55
CA THR T 145 -10.41 11.95 5.27
C THR T 145 -10.53 13.02 4.20
N ILE T 146 -9.86 12.79 3.08
CA ILE T 146 -9.96 13.66 1.93
C ILE T 146 -10.02 12.78 0.68
N GLY T 147 -10.59 13.33 -0.38
CA GLY T 147 -10.78 12.55 -1.58
C GLY T 147 -11.95 11.60 -1.45
N ASP T 148 -12.54 11.24 -2.59
CA ASP T 148 -13.72 10.37 -2.63
C ASP T 148 -13.46 9.32 -3.70
N ASP T 149 -12.78 8.26 -3.30
CA ASP T 149 -12.82 7.03 -4.05
C ASP T 149 -14.19 6.39 -3.88
N THR T 150 -14.47 5.38 -4.69
CA THR T 150 -15.59 4.48 -4.42
C THR T 150 -16.93 5.21 -4.41
N SER T 151 -17.10 6.15 -5.33
CA SER T 151 -18.37 6.84 -5.43
C SER T 151 -18.36 7.64 -6.72
N ASP T 152 -19.47 7.59 -7.46
CA ASP T 152 -19.60 8.40 -8.65
C ASP T 152 -19.57 9.89 -8.30
N TYR T 153 -19.98 10.23 -7.09
CA TYR T 153 -19.88 11.59 -6.60
C TYR T 153 -18.49 11.85 -6.06
N GLY T 154 -18.16 13.13 -5.93
CA GLY T 154 -16.88 13.52 -5.40
C GLY T 154 -15.74 13.19 -6.33
N LYS T 155 -14.57 13.69 -5.96
CA LYS T 155 -13.32 13.48 -6.67
C LYS T 155 -12.41 12.62 -5.82
N ALA T 156 -11.28 12.26 -6.39
CA ALA T 156 -10.29 11.41 -5.74
C ALA T 156 -8.92 12.05 -5.84
N VAL T 157 -8.06 11.67 -4.90
CA VAL T 157 -6.70 12.18 -4.87
C VAL T 157 -5.89 11.44 -5.92
N GLY T 158 -5.22 12.19 -6.78
CA GLY T 158 -4.34 11.57 -7.76
C GLY T 158 -2.98 11.29 -7.15
N ILE T 159 -2.39 10.18 -7.56
CA ILE T 159 -1.02 9.86 -7.18
C ILE T 159 -0.29 9.30 -8.39
N VAL T 160 1.02 9.51 -8.41
CA VAL T 160 1.84 8.98 -9.48
C VAL T 160 3.25 8.75 -8.93
N GLU T 161 3.89 7.70 -9.43
CA GLU T 161 5.29 7.46 -9.11
C GLU T 161 6.15 8.44 -9.89
N HIS T 162 7.02 9.15 -9.18
CA HIS T 162 7.86 10.17 -9.82
C HIS T 162 8.80 9.56 -10.84
N GLY T 163 9.25 8.33 -10.60
CA GLY T 163 10.24 7.70 -11.47
C GLY T 163 9.68 7.25 -12.81
N ASP T 164 8.37 7.13 -12.93
CA ASP T 164 7.78 6.64 -14.18
C ASP T 164 7.80 7.73 -15.25
N LEU T 165 7.15 8.86 -14.98
CA LEU T 165 7.02 9.90 -15.99
C LEU T 165 8.27 10.77 -16.05
N SER T 166 8.59 11.20 -17.26
CA SER T 166 9.70 12.13 -17.51
C SER T 166 9.33 13.56 -17.13
N PRO T 167 8.16 14.09 -17.51
CA PRO T 167 7.79 15.43 -17.04
C PRO T 167 7.26 15.49 -15.61
N ALA T 168 7.43 14.43 -14.82
CA ALA T 168 7.11 14.51 -13.40
C ALA T 168 7.90 15.62 -12.72
N GLU T 169 9.19 15.76 -13.07
CA GLU T 169 9.99 16.84 -12.53
C GLU T 169 9.47 18.20 -13.01
N SER T 170 9.02 18.27 -14.26
CA SER T 170 8.47 19.51 -14.79
C SER T 170 7.23 19.94 -14.02
N LYS T 171 6.33 18.99 -13.76
CA LYS T 171 5.14 19.29 -12.98
C LYS T 171 5.49 19.63 -11.54
N ALA T 172 6.52 18.98 -10.99
CA ALA T 172 6.95 19.29 -9.62
C ALA T 172 7.44 20.73 -9.53
N VAL T 173 8.26 21.17 -10.49
CA VAL T 173 8.72 22.54 -10.52
C VAL T 173 7.54 23.48 -10.78
N ARG T 174 6.56 23.04 -11.56
CA ARG T 174 5.38 23.85 -11.83
C ARG T 174 4.57 24.10 -10.56
N GLN T 175 4.50 23.10 -9.69
CA GLN T 175 3.71 23.18 -8.46
C GLN T 175 2.26 23.48 -8.76
N GLN U 1 -34.36 51.43 -6.33
CA GLN U 1 -35.77 51.73 -6.14
C GLN U 1 -36.48 50.60 -5.40
N THR U 2 -36.61 49.47 -6.08
CA THR U 2 -37.43 48.38 -5.59
C THR U 2 -36.62 47.47 -4.67
N GLN U 3 -37.29 46.94 -3.65
CA GLN U 3 -36.70 46.01 -2.69
C GLN U 3 -37.64 44.84 -2.50
N GLU U 4 -37.18 43.86 -1.73
CA GLU U 4 -37.95 42.65 -1.42
C GLU U 4 -37.87 42.46 0.08
N TYR U 5 -38.92 42.84 0.78
CA TYR U 5 -38.95 42.79 2.24
C TYR U 5 -39.91 41.70 2.71
N THR U 6 -39.82 41.47 4.01
CA THR U 6 -40.78 40.69 4.76
C THR U 6 -41.61 41.64 5.59
N ILE U 7 -42.86 41.25 5.82
CA ILE U 7 -43.78 41.99 6.67
C ILE U 7 -44.45 41.01 7.61
N ASN U 8 -44.65 41.44 8.84
CA ASN U 8 -45.06 40.62 9.96
C ASN U 8 -46.34 41.16 10.55
N HIS U 9 -46.97 40.36 11.40
CA HIS U 9 -48.18 40.74 12.11
C HIS U 9 -47.95 41.82 13.15
N THR U 10 -46.72 42.29 13.36
CA THR U 10 -46.49 43.42 14.24
C THR U 10 -45.38 44.30 13.69
N GLY U 11 -45.58 45.60 13.79
CA GLY U 11 -44.53 46.58 13.58
C GLY U 11 -43.81 46.44 12.26
N GLY U 12 -42.57 45.99 12.34
CA GLY U 12 -41.77 45.84 11.14
C GLY U 12 -41.50 47.18 10.51
N VAL U 13 -41.65 47.22 9.20
CA VAL U 13 -41.44 48.45 8.45
C VAL U 13 -42.56 49.46 8.63
N LEU U 14 -43.69 49.04 9.20
CA LEU U 14 -44.87 49.89 9.27
C LEU U 14 -44.90 50.76 10.52
N GLY U 15 -44.89 50.13 11.69
CA GLY U 15 -44.75 50.85 12.95
C GLY U 15 -45.87 50.62 13.94
N ASP U 16 -46.57 49.49 13.83
CA ASP U 16 -47.53 48.99 14.81
C ASP U 16 -48.84 49.79 14.82
N SER U 17 -48.95 50.86 14.06
CA SER U 17 -50.18 51.65 13.98
C SER U 17 -51.03 51.22 12.81
N TYR U 18 -50.45 51.18 11.61
CA TYR U 18 -51.14 50.80 10.39
C TYR U 18 -51.15 49.30 10.17
N VAL U 19 -50.96 48.53 11.23
CA VAL U 19 -51.39 47.15 11.32
C VAL U 19 -52.66 47.14 12.14
N THR U 20 -53.51 46.13 11.94
CA THR U 20 -54.47 45.80 12.97
C THR U 20 -54.82 44.32 12.90
N THR U 21 -54.92 43.72 14.07
CA THR U 21 -55.29 42.33 14.25
C THR U 21 -56.73 42.24 14.74
N ALA U 22 -57.25 41.02 14.71
CA ALA U 22 -58.60 40.74 15.17
C ALA U 22 -58.81 39.23 15.15
N SER U 23 -59.68 38.78 16.04
CA SER U 23 -60.10 37.38 16.06
C SER U 23 -61.23 37.16 15.07
N ASN U 24 -61.58 35.89 14.91
CA ASN U 24 -62.67 35.49 14.03
C ASN U 24 -63.97 35.43 14.82
N GLN U 25 -65.00 34.82 14.22
CA GLN U 25 -66.25 34.53 14.91
C GLN U 25 -66.60 33.06 14.76
N THR U 26 -67.28 32.54 15.77
CA THR U 26 -67.49 31.12 15.93
C THR U 26 -68.88 30.69 15.48
N SER U 27 -69.92 31.25 16.12
CA SER U 27 -71.26 30.72 15.88
C SER U 27 -71.76 31.06 14.47
N PRO U 28 -71.73 32.32 14.02
CA PRO U 28 -71.92 32.59 12.59
C PRO U 28 -70.62 32.38 11.82
N GLN U 29 -70.58 31.31 11.03
CA GLN U 29 -69.45 31.06 10.15
C GLN U 29 -69.39 32.17 9.11
N ARG U 30 -68.41 33.05 9.22
CA ARG U 30 -68.35 34.23 8.37
C ARG U 30 -66.91 34.56 8.03
N GLU U 31 -66.73 35.16 6.86
CA GLU U 31 -65.41 35.50 6.33
C GLU U 31 -64.91 36.74 7.07
N THR U 32 -64.46 36.51 8.29
CA THR U 32 -63.94 37.59 9.11
C THR U 32 -62.65 38.13 8.51
N ALA U 33 -62.17 39.21 9.12
CA ALA U 33 -60.92 39.86 8.74
C ALA U 33 -60.01 39.81 9.95
N VAL U 34 -59.07 38.89 9.93
CA VAL U 34 -58.22 38.66 11.10
C VAL U 34 -57.03 39.59 11.11
N LEU U 35 -56.56 40.02 9.95
CA LEU U 35 -55.42 40.92 9.90
C LEU U 35 -55.60 41.93 8.79
N SER U 36 -54.96 43.09 8.94
CA SER U 36 -54.96 44.01 7.82
C SER U 36 -53.82 45.00 7.95
N PHE U 37 -53.27 45.34 6.79
CA PHE U 37 -52.10 46.18 6.63
C PHE U 37 -52.46 47.37 5.77
N GLU U 38 -52.28 48.58 6.28
CA GLU U 38 -52.55 49.81 5.53
C GLU U 38 -51.24 50.44 5.10
N CYS U 39 -51.12 50.73 3.82
CA CYS U 39 -49.92 51.36 3.28
C CYS U 39 -49.69 52.71 3.94
N PRO U 40 -48.56 52.93 4.61
CA PRO U 40 -48.36 54.22 5.28
C PRO U 40 -48.13 55.37 4.33
N ARG U 41 -48.05 56.55 4.97
CA ARG U 41 -47.85 57.81 4.29
C ARG U 41 -46.56 57.83 3.50
N LYS U 42 -45.52 57.20 4.03
CA LYS U 42 -44.16 57.43 3.55
C LYS U 42 -43.86 56.66 2.28
N PHE U 43 -44.40 55.46 2.14
CA PHE U 43 -44.15 54.67 0.96
C PHE U 43 -44.82 55.30 -0.26
N GLU U 44 -44.38 54.84 -1.43
CA GLU U 44 -44.98 55.24 -2.70
C GLU U 44 -46.06 54.26 -3.11
N GLU U 45 -45.75 52.98 -3.06
CA GLU U 45 -46.71 51.94 -3.37
C GLU U 45 -46.15 50.62 -2.87
N ILE U 46 -47.02 49.63 -2.82
CA ILE U 46 -46.65 48.27 -2.47
C ILE U 46 -47.18 47.37 -3.57
N ASN U 47 -46.43 46.32 -3.88
CA ASN U 47 -46.81 45.30 -4.83
C ASN U 47 -46.91 43.96 -4.12
N TYR U 48 -47.48 43.00 -4.81
CA TYR U 48 -47.64 41.66 -4.29
C TYR U 48 -47.85 40.73 -5.46
N VAL U 49 -47.08 39.66 -5.53
CA VAL U 49 -47.08 38.76 -6.68
C VAL U 49 -47.08 37.34 -6.18
N GLY U 50 -47.84 36.50 -6.86
CA GLY U 50 -47.83 35.08 -6.59
C GLY U 50 -46.82 34.36 -7.45
N GLN U 51 -46.35 33.22 -6.94
CA GLN U 51 -45.24 32.47 -7.52
C GLN U 51 -43.94 33.29 -7.56
N ARG U 52 -43.87 34.35 -6.75
CA ARG U 52 -42.68 35.17 -6.62
C ARG U 52 -42.34 35.43 -5.15
N ASP U 53 -43.37 35.47 -4.30
CA ASP U 53 -43.25 35.95 -2.92
C ASP U 53 -43.64 34.84 -1.96
N ALA U 54 -42.73 34.51 -1.05
CA ALA U 54 -42.97 33.43 -0.11
C ALA U 54 -43.80 33.93 1.06
N THR U 55 -44.05 33.03 2.01
CA THR U 55 -45.11 33.23 2.97
C THR U 55 -44.98 32.24 4.10
N ARG U 56 -45.55 32.60 5.24
CA ARG U 56 -45.67 31.73 6.40
C ARG U 56 -46.81 32.25 7.23
N PHE U 57 -47.58 31.34 7.82
CA PHE U 57 -48.69 31.74 8.68
C PHE U 57 -48.98 30.58 9.62
N VAL U 58 -48.54 30.71 10.87
CA VAL U 58 -48.74 29.69 11.90
C VAL U 58 -49.85 30.17 12.81
N PRO U 59 -51.07 29.68 12.64
CA PRO U 59 -52.13 29.95 13.61
C PRO U 59 -52.29 28.85 14.65
N ARG U 60 -53.03 29.17 15.70
CA ARG U 60 -53.37 28.24 16.76
C ARG U 60 -54.74 28.66 17.31
N THR U 61 -55.14 28.04 18.41
CA THR U 61 -56.35 28.39 19.12
C THR U 61 -56.02 28.37 20.60
N THR U 62 -57.05 28.41 21.43
CA THR U 62 -56.87 28.26 22.87
C THR U 62 -58.01 27.42 23.42
N GLU U 63 -57.70 26.58 24.39
CA GLU U 63 -58.70 25.86 25.14
C GLU U 63 -58.21 25.71 26.56
N SER U 64 -59.11 25.27 27.44
CA SER U 64 -58.81 25.12 28.84
C SER U 64 -59.50 23.88 29.37
N ILE U 65 -59.02 23.41 30.51
CA ILE U 65 -59.58 22.24 31.18
C ILE U 65 -59.69 22.56 32.66
N THR U 66 -60.06 21.56 33.45
CA THR U 66 -60.15 21.69 34.90
C THR U 66 -59.44 20.49 35.51
N GLY U 67 -58.58 20.76 36.48
CA GLY U 67 -57.89 19.68 37.15
C GLY U 67 -58.86 18.77 37.89
N SER U 68 -58.50 17.50 37.97
CA SER U 68 -59.30 16.51 38.68
C SER U 68 -58.38 15.54 39.39
N ALA U 69 -58.96 14.81 40.34
CA ALA U 69 -58.19 13.82 41.08
C ALA U 69 -57.72 12.69 40.18
N ASN U 70 -58.55 12.32 39.20
CA ASN U 70 -58.20 11.24 38.31
C ASN U 70 -57.04 11.64 37.41
N ASP U 71 -56.18 10.68 37.12
CA ASP U 71 -54.95 10.93 36.35
C ASP U 71 -55.33 11.02 34.87
N ASP U 72 -55.65 12.23 34.44
CA ASP U 72 -56.12 12.45 33.08
C ASP U 72 -55.07 12.07 32.05
N THR U 73 -53.99 12.83 31.97
CA THR U 73 -52.89 12.61 31.02
C THR U 73 -53.35 12.61 29.57
N VAL U 74 -54.54 13.13 29.29
CA VAL U 74 -55.08 13.17 27.94
C VAL U 74 -56.24 14.15 27.97
N VAL U 75 -56.41 14.89 26.88
CA VAL U 75 -57.52 15.83 26.76
C VAL U 75 -58.09 15.73 25.37
N ASP U 76 -59.41 15.80 25.29
CA ASP U 76 -60.07 15.97 24.01
C ASP U 76 -60.00 17.44 23.60
N LEU U 77 -60.44 17.71 22.38
CA LEU U 77 -60.41 19.05 21.82
C LEU U 77 -61.66 19.29 21.00
N THR U 78 -61.84 20.55 20.62
CA THR U 78 -62.95 20.98 19.79
C THR U 78 -62.50 21.30 18.37
N ALA U 79 -61.26 20.99 18.02
CA ALA U 79 -60.68 21.33 16.73
C ALA U 79 -60.10 20.09 16.10
N ASN U 80 -60.28 19.95 14.79
CA ASN U 80 -59.60 18.89 14.08
C ASN U 80 -58.10 19.07 14.22
N ILE U 81 -57.40 17.96 14.27
CA ILE U 81 -56.00 17.95 14.64
C ILE U 81 -55.24 17.06 13.67
N GLN U 82 -54.01 17.44 13.41
CA GLN U 82 -53.07 16.59 12.71
C GLN U 82 -51.68 17.03 13.10
N PRO U 83 -50.66 16.26 12.76
CA PRO U 83 -49.29 16.71 13.05
C PRO U 83 -48.84 17.80 12.10
N VAL U 84 -47.72 18.41 12.47
CA VAL U 84 -47.11 19.45 11.67
C VAL U 84 -46.40 18.77 10.51
N ALA U 85 -46.98 18.88 9.33
CA ALA U 85 -46.52 18.20 8.11
C ALA U 85 -46.56 16.69 8.22
N GLY U 86 -47.22 16.14 9.23
CA GLY U 86 -47.32 14.71 9.38
C GLY U 86 -46.11 14.16 10.11
N GLU U 87 -46.33 13.59 11.29
CA GLU U 87 -45.49 12.60 11.92
C GLU U 87 -46.11 12.25 13.27
N GLU U 88 -45.97 11.01 13.71
CA GLU U 88 -46.45 10.63 15.03
C GLU U 88 -45.59 11.22 16.13
N VAL U 89 -44.37 11.65 15.83
CA VAL U 89 -43.37 11.96 16.84
C VAL U 89 -43.40 13.45 17.15
N ILE U 90 -43.05 13.77 18.39
CA ILE U 90 -42.91 15.14 18.86
C ILE U 90 -41.43 15.45 18.94
N ALA U 91 -41.11 16.74 18.77
CA ALA U 91 -39.78 17.33 18.78
C ALA U 91 -39.02 17.09 17.49
N GLU U 92 -39.55 16.29 16.57
CA GLU U 92 -39.04 16.23 15.21
C GLU U 92 -39.72 17.25 14.31
N GLN U 93 -40.91 17.70 14.68
CA GLN U 93 -41.67 18.62 13.86
C GLN U 93 -40.90 19.92 13.65
N ASP U 94 -41.29 20.64 12.59
CA ASP U 94 -40.78 21.99 12.40
C ASP U 94 -41.13 22.88 13.58
N TYR U 95 -42.26 22.60 14.23
CA TYR U 95 -42.64 23.27 15.46
C TYR U 95 -43.62 22.38 16.19
N PRO U 96 -43.83 22.59 17.49
CA PRO U 96 -44.79 21.77 18.22
C PRO U 96 -46.20 21.96 17.71
N VAL U 97 -46.90 20.85 17.50
CA VAL U 97 -48.31 20.91 17.14
C VAL U 97 -49.10 21.58 18.24
N ALA U 98 -48.70 21.41 19.49
CA ALA U 98 -49.48 21.86 20.61
C ALA U 98 -48.55 22.24 21.76
N VAL U 99 -49.02 23.17 22.56
CA VAL U 99 -48.31 23.65 23.73
C VAL U 99 -49.30 23.68 24.87
N ALA U 100 -48.82 23.42 26.08
CA ALA U 100 -49.64 23.46 27.27
C ALA U 100 -48.87 24.16 28.38
N TYR U 101 -49.63 24.83 29.24
CA TYR U 101 -49.05 25.60 30.32
C TYR U 101 -49.97 25.53 31.53
N ASN U 102 -49.37 25.32 32.70
CA ASN U 102 -50.11 25.22 33.94
C ASN U 102 -50.03 26.55 34.67
N VAL U 103 -51.18 27.07 35.08
CA VAL U 103 -51.21 28.37 35.73
C VAL U 103 -50.53 28.29 37.09
N THR U 104 -50.93 27.31 37.90
CA THR U 104 -50.35 27.12 39.22
C THR U 104 -48.84 26.91 39.12
N GLN U 105 -48.44 25.81 38.50
CA GLN U 105 -47.03 25.53 38.25
C GLN U 105 -46.63 26.30 37.01
N GLY U 106 -46.02 27.47 37.19
CA GLY U 106 -45.71 28.32 36.07
C GLY U 106 -44.58 27.77 35.23
N VAL U 107 -44.84 26.64 34.56
CA VAL U 107 -43.84 25.91 33.81
C VAL U 107 -44.45 25.42 32.50
N GLU U 108 -43.58 25.11 31.56
CA GLU U 108 -44.03 24.46 30.35
C GLU U 108 -44.53 23.06 30.68
N VAL U 109 -45.17 22.44 29.70
CA VAL U 109 -45.62 21.06 29.81
C VAL U 109 -45.30 20.39 28.49
N ASP U 110 -44.55 19.29 28.55
CA ASP U 110 -44.17 18.59 27.34
C ASP U 110 -45.38 17.87 26.76
N VAL U 111 -45.17 17.26 25.61
CA VAL U 111 -46.18 16.46 24.93
C VAL U 111 -45.52 15.17 24.47
N VAL U 112 -46.24 14.07 24.64
CA VAL U 112 -45.72 12.75 24.27
C VAL U 112 -46.12 12.48 22.83
N ASP U 113 -47.42 12.39 22.58
CA ASP U 113 -47.93 12.00 21.28
C ASP U 113 -49.41 12.36 21.23
N ALA U 114 -50.10 11.84 20.22
CA ALA U 114 -51.55 11.95 20.17
C ALA U 114 -52.07 10.99 19.12
N ASP U 115 -53.39 10.82 19.10
CA ASP U 115 -54.01 9.97 18.10
C ASP U 115 -54.00 10.63 16.73
N TYR U 116 -54.19 11.95 16.70
CA TYR U 116 -54.22 12.74 15.47
C TYR U 116 -55.31 12.30 14.50
N ALA U 117 -56.29 11.54 14.98
CA ALA U 117 -57.40 11.06 14.18
C ALA U 117 -58.70 11.68 14.68
N ALA U 118 -59.00 11.50 15.95
CA ALA U 118 -60.04 12.24 16.63
C ALA U 118 -59.42 13.44 17.33
N ASP U 119 -60.27 14.27 17.92
CA ASP U 119 -59.84 15.49 18.58
C ASP U 119 -59.23 15.12 19.92
N THR U 120 -57.98 14.66 19.89
CA THR U 120 -57.32 14.06 21.04
C THR U 120 -55.89 14.57 21.16
N VAL U 121 -55.39 14.64 22.39
CA VAL U 121 -53.95 14.84 22.60
C VAL U 121 -53.57 14.30 23.97
N THR U 122 -52.34 13.80 24.06
CA THR U 122 -51.77 13.29 25.30
C THR U 122 -51.02 14.41 26.03
N LEU U 123 -50.97 14.29 27.35
CA LEU U 123 -50.08 15.09 28.17
C LEU U 123 -49.09 14.19 28.89
N GLY U 124 -47.83 14.61 28.93
CA GLY U 124 -46.82 13.83 29.61
C GLY U 124 -46.86 13.96 31.10
N THR U 125 -47.33 15.10 31.61
CA THR U 125 -47.36 15.36 33.04
C THR U 125 -48.66 14.83 33.63
N ASN U 126 -48.81 14.98 34.95
CA ASN U 126 -49.97 14.52 35.71
C ASN U 126 -50.55 15.72 36.43
N PRO U 127 -51.47 16.46 35.81
CA PRO U 127 -52.04 17.64 36.47
C PRO U 127 -52.77 17.27 37.75
N ALA U 128 -52.70 18.18 38.71
CA ALA U 128 -53.35 18.01 40.00
C ALA U 128 -54.79 18.48 39.93
N ASP U 129 -55.56 18.11 40.95
CA ASP U 129 -56.95 18.52 41.02
C ASP U 129 -57.04 20.00 41.36
N GLY U 130 -57.95 20.69 40.68
CA GLY U 130 -58.14 22.11 40.88
C GLY U 130 -57.19 23.00 40.13
N ASP U 131 -56.10 22.46 39.57
CA ASP U 131 -55.13 23.28 38.87
C ASP U 131 -55.70 23.75 37.55
N GLU U 132 -55.43 25.01 37.21
CA GLU U 132 -55.88 25.59 35.96
C GLU U 132 -54.82 25.39 34.88
N VAL U 133 -55.29 25.17 33.66
CA VAL U 133 -54.46 24.78 32.54
C VAL U 133 -54.87 25.59 31.33
N LYS U 134 -53.93 25.79 30.42
CA LYS U 134 -54.22 26.34 29.12
C LYS U 134 -53.45 25.55 28.08
N VAL U 135 -54.00 25.50 26.88
CA VAL U 135 -53.44 24.74 25.79
C VAL U 135 -53.68 25.48 24.50
N TRP U 136 -52.72 25.43 23.59
CA TRP U 136 -52.75 26.18 22.33
C TRP U 136 -52.49 25.22 21.18
N PRO U 137 -53.43 24.34 20.92
CA PRO U 137 -53.21 23.31 19.89
C PRO U 137 -53.22 23.92 18.50
N ILE U 138 -52.83 23.07 17.55
CA ILE U 138 -52.94 23.42 16.16
C ILE U 138 -54.39 23.67 15.79
N MET U 139 -54.57 24.42 14.72
CA MET U 139 -55.87 24.72 14.16
C MET U 139 -56.01 24.06 12.80
N SER U 140 -57.27 23.82 12.42
CA SER U 140 -57.58 23.08 11.21
C SER U 140 -58.94 23.51 10.70
N ASP U 141 -59.29 23.01 9.52
CA ASP U 141 -60.62 23.19 8.94
C ASP U 141 -60.95 24.68 8.78
N GLY U 142 -60.19 25.33 7.90
CA GLY U 142 -60.39 26.74 7.65
C GLY U 142 -60.00 27.11 6.24
N ASP U 143 -60.27 28.37 5.91
CA ASP U 143 -59.92 28.96 4.63
C ASP U 143 -59.35 30.34 4.87
N VAL U 144 -58.41 30.74 4.03
CA VAL U 144 -57.75 32.03 4.12
C VAL U 144 -57.82 32.70 2.76
N GLN U 145 -57.84 34.03 2.77
CA GLN U 145 -57.95 34.76 1.52
C GLN U 145 -57.55 36.21 1.72
N PHE U 146 -57.51 36.95 0.61
CA PHE U 146 -57.05 38.33 0.56
C PHE U 146 -58.12 39.24 -0.03
N ARG U 147 -58.11 40.50 0.36
CA ARG U 147 -58.88 41.49 -0.37
C ARG U 147 -58.37 42.89 -0.10
N LEU U 148 -58.69 43.80 -1.01
CA LEU U 148 -58.20 45.17 -0.97
C LEU U 148 -59.32 46.15 -0.65
N ILE U 149 -58.91 47.23 0.01
CA ILE U 149 -59.81 48.26 0.51
C ILE U 149 -59.23 49.61 0.14
N ASN U 150 -60.07 50.48 -0.43
CA ASN U 150 -59.66 51.79 -0.92
C ASN U 150 -59.98 52.88 0.10
N GLN U 151 -59.35 52.76 1.26
CA GLN U 151 -59.31 53.81 2.29
C GLN U 151 -60.63 53.95 3.05
N PHE U 152 -61.68 53.26 2.64
CA PHE U 152 -63.04 53.56 3.11
C PHE U 152 -63.80 52.37 3.68
N GLY U 153 -63.20 51.19 3.77
CA GLY U 153 -63.97 50.01 4.08
C GLY U 153 -64.83 49.60 2.91
N GLN U 154 -64.34 49.84 1.69
CA GLN U 154 -65.13 49.77 0.47
C GLN U 154 -64.35 48.95 -0.54
N GLU U 155 -64.73 47.69 -0.69
CA GLU U 155 -63.97 46.77 -1.52
C GLU U 155 -64.06 47.15 -2.99
N GLU U 156 -62.99 46.89 -3.72
CA GLU U 156 -62.96 47.04 -5.17
C GLU U 156 -62.66 45.74 -5.89
N GLY U 157 -61.99 44.81 -5.26
CA GLY U 157 -61.67 43.57 -5.94
C GLY U 157 -61.14 42.54 -4.97
N ARG U 158 -60.69 41.44 -5.55
CA ARG U 158 -60.22 40.30 -4.79
C ARG U 158 -59.01 39.72 -5.48
N VAL U 159 -57.98 39.43 -4.68
CA VAL U 159 -56.69 39.05 -5.24
C VAL U 159 -56.82 37.79 -6.07
N TYR U 160 -57.45 36.77 -5.49
CA TYR U 160 -57.55 35.49 -6.07
C TYR U 160 -58.90 34.92 -5.67
N PRO U 161 -59.72 34.44 -6.62
CA PRO U 161 -61.08 34.02 -6.24
C PRO U 161 -61.14 32.90 -5.23
N TRP U 162 -60.38 31.84 -5.43
CA TRP U 162 -60.56 30.58 -4.72
C TRP U 162 -59.72 30.56 -3.46
N SER U 163 -60.35 30.20 -2.34
CA SER U 163 -59.62 30.17 -1.09
C SER U 163 -58.73 28.94 -1.01
N THR U 164 -57.63 29.08 -0.28
CA THR U 164 -56.73 28.00 0.04
C THR U 164 -56.99 27.56 1.47
N PRO U 165 -57.01 26.26 1.78
CA PRO U 165 -57.28 25.85 3.16
C PRO U 165 -56.05 25.89 4.04
N LEU U 166 -56.24 26.44 5.24
CA LEU U 166 -55.18 26.48 6.24
C LEU U 166 -54.75 25.09 6.63
N TYR U 167 -55.66 24.15 6.53
CA TYR U 167 -55.34 22.75 6.72
C TYR U 167 -54.15 22.34 5.87
N ARG U 168 -54.29 22.49 4.57
CA ARG U 168 -53.21 22.25 3.62
C ARG U 168 -51.99 23.11 3.94
N TRP U 169 -52.26 24.35 4.37
CA TRP U 169 -51.18 25.26 4.73
C TRP U 169 -50.26 24.67 5.78
N HIS U 170 -50.85 24.04 6.80
CA HIS U 170 -50.04 23.35 7.80
C HIS U 170 -49.42 22.09 7.22
N ASP U 171 -50.11 21.44 6.28
CA ASP U 171 -49.64 20.16 5.79
C ASP U 171 -48.31 20.27 5.07
N PHE U 172 -48.16 21.28 4.21
CA PHE U 172 -46.89 21.37 3.50
C PHE U 172 -45.78 21.76 4.48
N PRO U 173 -44.59 21.16 4.38
CA PRO U 173 -43.45 21.70 5.12
C PRO U 173 -43.11 23.09 4.59
N GLN U 174 -43.10 24.04 5.50
CA GLN U 174 -42.92 25.42 5.11
C GLN U 174 -41.44 25.66 4.81
N LEU U 175 -41.13 26.91 4.50
CA LEU U 175 -39.76 27.45 4.50
C LEU U 175 -38.75 26.57 3.77
N LYS U 176 -39.19 25.89 2.70
CA LYS U 176 -38.31 25.15 1.80
C LYS U 176 -38.54 25.66 0.38
N ARG U 177 -37.50 26.20 -0.26
CA ARG U 177 -37.67 26.63 -1.63
C ARG U 177 -37.89 25.42 -2.51
N GLY U 178 -38.78 25.57 -3.48
CA GLY U 178 -39.25 24.47 -4.30
C GLY U 178 -40.50 23.88 -3.68
N ARG U 179 -40.49 23.68 -2.37
CA ARG U 179 -41.66 23.29 -1.61
C ARG U 179 -42.30 24.47 -0.90
N GLU U 180 -41.74 25.66 -1.02
CA GLU U 180 -42.32 26.83 -0.40
C GLU U 180 -43.69 27.11 -0.99
N ILE U 181 -44.56 27.68 -0.18
CA ILE U 181 -45.89 28.04 -0.64
C ILE U 181 -45.82 29.36 -1.38
N ASN U 182 -46.60 29.46 -2.44
CA ASN U 182 -46.70 30.68 -3.23
C ASN U 182 -48.11 30.73 -3.78
N LEU U 183 -48.96 31.58 -3.22
CA LEU U 183 -50.31 31.75 -3.71
C LEU U 183 -50.27 32.38 -5.10
N HIS U 184 -51.46 32.60 -5.65
CA HIS U 184 -51.65 33.26 -6.94
C HIS U 184 -52.22 34.65 -6.73
N GLY U 185 -52.15 35.43 -7.79
CA GLY U 185 -52.67 36.78 -7.81
C GLY U 185 -51.57 37.82 -7.81
N SER U 186 -51.86 38.96 -8.42
CA SER U 186 -50.89 40.04 -8.59
C SER U 186 -51.58 41.34 -8.23
N ALA U 187 -51.40 41.77 -6.99
CA ALA U 187 -52.03 42.95 -6.44
C ALA U 187 -51.02 44.08 -6.29
N SER U 188 -51.56 45.28 -6.13
CA SER U 188 -50.73 46.46 -5.88
C SER U 188 -51.61 47.57 -5.37
N TRP U 189 -51.08 48.36 -4.44
CA TRP U 189 -51.83 49.48 -3.89
C TRP U 189 -50.88 50.59 -3.48
N SER U 190 -51.45 51.64 -2.91
CA SER U 190 -50.77 52.90 -2.67
C SER U 190 -51.19 53.42 -1.31
N GLU U 191 -50.91 54.70 -1.06
CA GLU U 191 -50.99 55.28 0.27
C GLU U 191 -52.37 55.13 0.90
N ASN U 192 -52.38 54.68 2.16
CA ASN U 192 -53.55 54.55 3.01
C ASN U 192 -54.55 53.49 2.52
N GLU U 193 -54.22 52.76 1.47
CA GLU U 193 -55.03 51.66 1.00
C GLU U 193 -54.60 50.39 1.72
N THR U 194 -55.56 49.51 1.96
CA THR U 194 -55.38 48.41 2.88
C THR U 194 -55.51 47.07 2.17
N LEU U 195 -54.68 46.13 2.60
CA LEU U 195 -54.85 44.71 2.29
C LEU U 195 -55.33 44.01 3.55
N GLU U 196 -56.45 43.30 3.43
CA GLU U 196 -57.04 42.55 4.52
C GLU U 196 -56.80 41.07 4.27
N ILE U 197 -56.32 40.38 5.30
CA ILE U 197 -56.14 38.94 5.29
C ILE U 197 -57.26 38.35 6.14
N LEU U 198 -58.05 37.51 5.49
CA LEU U 198 -59.35 37.09 5.99
C LEU U 198 -59.37 35.60 6.23
N LEU U 199 -60.22 35.23 7.16
CA LEU U 199 -60.30 33.89 7.72
C LEU U 199 -61.75 33.44 7.67
N ASP U 200 -61.96 32.17 7.34
CA ASP U 200 -63.26 31.52 7.42
C ASP U 200 -63.05 30.17 8.07
N ALA U 201 -63.37 30.06 9.35
CA ALA U 201 -63.20 28.81 10.07
C ALA U 201 -63.96 28.90 11.38
N PRO U 202 -64.31 27.76 11.98
CA PRO U 202 -65.08 27.81 13.22
C PRO U 202 -64.29 28.18 14.46
N GLN U 203 -63.12 27.60 14.61
CA GLN U 203 -62.45 27.64 15.89
C GLN U 203 -61.82 29.00 16.14
N ALA U 204 -61.85 29.41 17.40
CA ALA U 204 -61.43 30.75 17.80
C ALA U 204 -59.91 30.78 17.91
N LEU U 205 -59.27 31.44 16.96
CA LEU U 205 -57.84 31.63 17.00
C LEU U 205 -57.46 32.74 17.97
N THR U 206 -56.17 32.96 18.12
CA THR U 206 -55.63 33.91 19.08
C THR U 206 -54.46 34.64 18.46
N TRP U 207 -54.09 35.75 19.10
CA TRP U 207 -52.92 36.52 18.73
C TRP U 207 -52.05 36.80 19.94
N GLU U 208 -52.66 36.95 21.11
CA GLU U 208 -51.97 37.34 22.32
C GLU U 208 -52.62 36.65 23.50
N ASP U 209 -51.78 36.16 24.42
CA ASP U 209 -52.25 35.53 25.65
C ASP U 209 -51.50 35.98 26.90
N SER U 210 -50.28 36.50 26.76
CA SER U 210 -49.48 37.02 27.87
C SER U 210 -49.02 35.94 28.85
N ASP U 211 -49.28 34.67 28.56
CA ASP U 211 -48.82 33.58 29.40
C ASP U 211 -48.36 32.40 28.56
N TYR U 212 -47.89 32.67 27.33
CA TYR U 212 -47.47 31.65 26.41
C TYR U 212 -45.95 31.60 26.40
N PRO U 213 -45.31 30.45 26.66
CA PRO U 213 -43.85 30.45 26.82
C PRO U 213 -43.09 30.74 25.54
N ARG U 214 -43.40 30.03 24.47
CA ARG U 214 -42.61 30.09 23.24
C ARG U 214 -42.92 31.39 22.51
N GLY U 215 -42.45 32.49 23.09
CA GLY U 215 -42.66 33.81 22.53
C GLY U 215 -43.90 34.48 23.08
N GLN U 216 -43.99 35.79 22.87
CA GLN U 216 -45.13 36.55 23.35
C GLN U 216 -46.32 36.36 22.44
N TYR U 217 -46.18 36.71 21.17
CA TYR U 217 -47.26 36.56 20.21
C TYR U 217 -47.33 35.10 19.78
N VAL U 218 -48.49 34.49 20.02
CA VAL U 218 -48.66 33.05 19.81
C VAL U 218 -48.55 32.73 18.33
N THR U 219 -49.51 33.22 17.57
CA THR U 219 -49.55 32.97 16.14
C THR U 219 -48.59 33.90 15.43
N THR U 220 -48.51 33.75 14.11
CA THR U 220 -47.67 34.67 13.36
C THR U 220 -47.99 34.60 11.88
N LEU U 221 -47.70 35.69 11.20
CA LEU U 221 -47.68 35.78 9.75
C LEU U 221 -46.38 36.42 9.34
N GLU U 222 -45.81 35.91 8.25
CA GLU U 222 -44.58 36.47 7.70
C GLU U 222 -44.66 36.35 6.18
N GLN U 223 -44.91 37.47 5.50
CA GLN U 223 -45.14 37.46 4.05
C GLN U 223 -44.07 38.27 3.34
N ASP U 224 -43.68 37.82 2.15
CA ASP U 224 -42.78 38.59 1.31
C ASP U 224 -43.56 39.56 0.46
N VAL U 225 -43.00 40.76 0.29
CA VAL U 225 -43.58 41.78 -0.57
C VAL U 225 -42.47 42.53 -1.28
N GLU U 226 -42.89 43.27 -2.29
CA GLU U 226 -42.04 44.19 -3.04
C GLU U 226 -42.55 45.59 -2.81
N ILE U 227 -41.62 46.52 -2.59
CA ILE U 227 -41.95 47.89 -2.24
C ILE U 227 -41.15 48.82 -3.14
N THR U 228 -41.77 49.95 -3.48
CA THR U 228 -41.12 51.02 -4.21
C THR U 228 -40.72 52.08 -3.19
N LEU U 229 -39.62 51.80 -2.49
CA LEU U 229 -39.03 52.73 -1.52
C LEU U 229 -40.02 53.15 -0.45
N PRO V 1 -56.69 50.98 -5.81
CA PRO V 1 -56.37 49.57 -5.96
C PRO V 1 -56.18 49.15 -7.39
N GLU V 2 -55.43 48.07 -7.60
CA GLU V 2 -55.24 47.52 -8.92
C GLU V 2 -55.03 46.02 -8.80
N ILE V 3 -55.71 45.27 -9.65
CA ILE V 3 -55.56 43.83 -9.75
C ILE V 3 -55.27 43.49 -11.20
N GLY V 4 -54.44 42.48 -11.41
CA GLY V 4 -54.11 42.07 -12.77
C GLY V 4 -55.19 41.17 -13.33
N ASN V 5 -55.50 41.36 -14.61
CA ASN V 5 -56.47 40.54 -15.32
C ASN V 5 -55.83 39.18 -15.55
N ASN V 6 -55.93 38.33 -14.54
CA ASN V 6 -55.38 37.00 -14.62
C ASN V 6 -56.04 36.22 -15.76
N GLY V 7 -55.25 35.35 -16.40
CA GLY V 7 -55.76 34.61 -17.53
C GLY V 7 -56.93 33.71 -17.14
N ALA V 8 -57.76 33.40 -18.13
CA ALA V 8 -58.92 32.56 -17.87
C ALA V 8 -58.51 31.16 -17.46
N GLU V 9 -57.40 30.66 -17.99
CA GLU V 9 -56.92 29.33 -17.66
C GLU V 9 -56.30 29.36 -16.27
N LYS V 10 -57.16 29.23 -15.27
CA LYS V 10 -56.72 29.37 -13.90
C LYS V 10 -56.18 28.05 -13.36
N GLN V 11 -55.17 28.16 -12.48
CA GLN V 11 -54.42 27.03 -11.97
C GLN V 11 -54.89 26.71 -10.57
N ILE V 12 -55.45 25.51 -10.40
CA ILE V 12 -56.29 25.19 -9.26
C ILE V 12 -55.98 23.77 -8.82
N SER V 13 -56.66 23.35 -7.75
CA SER V 13 -56.51 22.00 -7.22
C SER V 13 -57.81 21.59 -6.56
N LEU V 14 -57.95 20.29 -6.37
CA LEU V 14 -59.17 19.68 -5.87
C LEU V 14 -58.92 19.07 -4.51
N HIS V 15 -59.94 19.08 -3.68
CA HIS V 15 -59.87 18.50 -2.36
C HIS V 15 -61.29 18.21 -1.89
N LYS V 16 -61.40 17.77 -0.63
CA LYS V 16 -62.68 17.30 -0.12
C LYS V 16 -63.67 18.45 0.02
N GLY V 17 -63.26 19.52 0.67
CA GLY V 17 -64.17 20.60 0.98
C GLY V 17 -64.51 21.47 -0.21
N GLN V 18 -65.23 20.93 -1.16
CA GLN V 18 -65.70 21.65 -2.33
C GLN V 18 -67.11 21.17 -2.65
N PRO V 19 -67.88 21.94 -3.42
CA PRO V 19 -69.27 21.56 -3.68
C PRO V 19 -69.44 20.49 -4.73
N PHE V 20 -68.60 20.51 -5.75
CA PHE V 20 -68.74 19.60 -6.89
C PHE V 20 -67.99 18.28 -6.68
N ILE V 21 -67.77 17.91 -5.42
CA ILE V 21 -67.10 16.69 -5.03
C ILE V 21 -67.90 16.07 -3.90
N ASP V 22 -67.76 14.76 -3.73
CA ASP V 22 -68.46 14.06 -2.66
C ASP V 22 -67.71 12.77 -2.37
N THR V 23 -68.00 12.18 -1.21
CA THR V 23 -67.44 10.91 -0.84
C THR V 23 -68.47 10.11 -0.04
N GLN V 24 -68.13 8.85 0.21
CA GLN V 24 -68.93 8.02 1.11
C GLN V 24 -68.12 6.79 1.48
N ASP V 25 -68.41 6.27 2.67
CA ASP V 25 -67.64 5.18 3.25
C ASP V 25 -67.65 3.95 2.35
N VAL V 26 -66.70 3.05 2.60
CA VAL V 26 -66.52 1.83 1.83
C VAL V 26 -66.16 0.72 2.79
N GLY V 27 -66.60 -0.50 2.46
CA GLY V 27 -66.34 -1.66 3.27
C GLY V 27 -65.12 -2.44 2.81
N ALA V 28 -65.34 -3.62 2.25
CA ALA V 28 -64.25 -4.50 1.86
C ALA V 28 -64.69 -5.35 0.68
N ALA V 29 -63.75 -5.62 -0.22
CA ALA V 29 -64.01 -6.38 -1.43
C ALA V 29 -65.17 -5.74 -2.20
N ASP V 30 -64.93 -4.49 -2.60
CA ASP V 30 -66.01 -3.54 -2.86
C ASP V 30 -65.57 -2.58 -3.96
N PRO V 31 -65.44 -3.07 -5.19
CA PRO V 31 -64.89 -2.24 -6.27
C PRO V 31 -65.84 -1.23 -6.86
N ASN V 32 -67.12 -1.60 -6.96
CA ASN V 32 -68.02 -0.95 -7.90
C ASN V 32 -68.27 0.51 -7.54
N THR V 33 -68.24 0.85 -6.26
CA THR V 33 -68.64 2.20 -5.88
C THR V 33 -67.49 3.19 -6.02
N PRO V 34 -67.79 4.45 -6.35
CA PRO V 34 -66.81 5.52 -6.11
C PRO V 34 -66.78 5.88 -4.64
N ALA V 35 -65.64 5.59 -3.99
CA ALA V 35 -65.40 6.15 -2.67
C ALA V 35 -65.47 7.67 -2.73
N VAL V 36 -65.07 8.25 -3.85
CA VAL V 36 -65.11 9.68 -4.08
C VAL V 36 -65.66 9.91 -5.48
N THR V 37 -66.59 10.85 -5.59
CA THR V 37 -67.19 11.26 -6.84
C THR V 37 -66.83 12.71 -7.10
N ILE V 38 -66.58 13.01 -8.36
CA ILE V 38 -66.30 14.36 -8.83
C ILE V 38 -67.27 14.63 -9.97
N GLU V 39 -67.68 15.88 -10.10
CA GLU V 39 -68.52 16.27 -11.23
C GLU V 39 -68.14 17.65 -11.71
N GLY V 40 -68.31 17.85 -13.02
CA GLY V 40 -68.06 19.13 -13.63
C GLY V 40 -69.14 20.12 -13.22
N PRO V 41 -68.76 21.28 -12.68
CA PRO V 41 -69.76 22.33 -12.46
C PRO V 41 -70.31 22.85 -13.77
N SER V 42 -71.30 23.71 -13.66
CA SER V 42 -72.01 24.21 -14.82
C SER V 42 -71.20 25.30 -15.51
N ASP V 43 -71.13 25.21 -16.84
CA ASP V 43 -70.51 26.23 -17.68
C ASP V 43 -69.03 26.42 -17.38
N TYR V 44 -68.39 25.42 -16.77
CA TYR V 44 -66.96 25.38 -16.57
C TYR V 44 -66.38 24.20 -17.33
N VAL V 45 -65.07 24.24 -17.49
CA VAL V 45 -64.30 23.18 -18.14
C VAL V 45 -63.04 22.99 -17.33
N ILE V 46 -62.83 21.77 -16.87
CA ILE V 46 -61.64 21.38 -16.13
C ILE V 46 -60.74 20.61 -17.07
N ALA V 47 -59.44 20.77 -16.87
CA ALA V 47 -58.42 20.08 -17.64
C ALA V 47 -57.37 19.55 -16.69
N ILE V 48 -57.04 18.28 -16.85
CA ILE V 48 -56.03 17.60 -16.05
C ILE V 48 -55.00 17.06 -17.02
N ASP V 49 -53.78 17.57 -16.92
CA ASP V 49 -52.72 17.16 -17.82
C ASP V 49 -52.18 15.79 -17.41
N ALA V 50 -51.32 15.25 -18.25
CA ALA V 50 -50.80 13.91 -18.03
C ALA V 50 -49.81 13.87 -16.88
N GLY V 51 -49.03 14.93 -16.70
CA GLY V 51 -48.07 14.99 -15.62
C GLY V 51 -48.65 15.60 -14.36
N THR V 52 -49.91 15.31 -14.10
CA THR V 52 -50.57 15.89 -12.95
C THR V 52 -50.30 15.05 -11.72
N PRO V 53 -49.91 15.63 -10.58
CA PRO V 53 -49.76 14.83 -9.38
C PRO V 53 -51.08 14.30 -8.87
N VAL V 54 -50.98 13.25 -8.07
CA VAL V 54 -52.12 12.53 -7.53
C VAL V 54 -51.78 12.21 -6.08
N ALA V 55 -52.80 12.16 -5.25
CA ALA V 55 -52.53 12.01 -3.83
C ALA V 55 -53.75 11.57 -3.05
N PRO V 56 -54.06 10.28 -3.05
CA PRO V 56 -55.03 9.74 -2.08
C PRO V 56 -54.34 9.43 -0.77
N GLU V 57 -55.04 9.75 0.31
CA GLU V 57 -54.49 9.62 1.66
C GLU V 57 -55.56 9.01 2.56
N PHE V 58 -56.14 7.91 2.09
CA PHE V 58 -57.21 7.25 2.82
C PHE V 58 -56.76 6.79 4.20
N ARG V 59 -57.74 6.46 5.02
CA ARG V 59 -57.49 6.04 6.39
C ARG V 59 -58.49 4.98 6.79
N ASP V 60 -58.24 4.41 7.97
CA ASP V 60 -59.15 3.53 8.67
C ASP V 60 -59.90 4.33 9.71
N ALA V 61 -61.03 3.77 10.16
CA ALA V 61 -61.86 4.45 11.15
C ALA V 61 -61.09 4.69 12.45
N ASN V 62 -60.23 3.76 12.83
CA ASN V 62 -59.44 3.93 14.04
C ASN V 62 -58.25 4.86 13.83
N GLY V 63 -58.08 5.41 12.63
CA GLY V 63 -56.94 6.25 12.35
C GLY V 63 -55.69 5.46 12.04
N ASP V 64 -55.74 4.67 10.97
CA ASP V 64 -54.60 3.91 10.51
C ASP V 64 -54.62 3.86 9.00
N LYS V 65 -53.47 3.52 8.43
CA LYS V 65 -53.38 3.22 7.01
C LYS V 65 -53.87 1.79 6.77
N LEU V 66 -54.36 1.54 5.57
CA LEU V 66 -54.93 0.27 5.20
C LEU V 66 -53.88 -0.65 4.57
N ASP V 67 -54.30 -1.86 4.24
CA ASP V 67 -53.46 -2.85 3.61
C ASP V 67 -52.88 -2.30 2.32
N PRO V 68 -51.56 -2.19 2.17
CA PRO V 68 -51.01 -1.60 0.94
C PRO V 68 -51.28 -2.42 -0.31
N SER V 69 -51.70 -3.68 -0.18
CA SER V 69 -52.19 -4.42 -1.33
C SER V 69 -53.48 -3.86 -1.88
N THR V 70 -54.17 -3.00 -1.12
CA THR V 70 -55.33 -2.28 -1.61
C THR V 70 -54.98 -1.54 -2.88
N ARG V 71 -55.97 -1.38 -3.75
CA ARG V 71 -55.81 -0.73 -5.04
C ARG V 71 -56.74 0.47 -5.14
N VAL V 72 -56.24 1.50 -5.82
CA VAL V 72 -56.98 2.70 -6.14
C VAL V 72 -56.97 2.84 -7.65
N THR V 73 -58.10 3.27 -8.21
CA THR V 73 -58.21 3.51 -9.65
C THR V 73 -59.03 4.77 -9.85
N ILE V 74 -58.41 5.79 -10.41
CA ILE V 74 -59.16 6.91 -10.96
C ILE V 74 -59.69 6.48 -12.31
N GLN V 75 -60.87 6.96 -12.67
CA GLN V 75 -61.47 6.55 -13.93
C GLN V 75 -62.47 7.58 -14.38
N LYS V 76 -62.36 8.00 -15.63
CA LYS V 76 -63.37 8.87 -16.22
C LYS V 76 -64.63 8.08 -16.48
N CYS V 77 -65.75 8.77 -16.51
CA CYS V 77 -67.03 8.17 -16.82
C CYS V 77 -67.77 9.04 -17.81
N ASP V 78 -68.55 8.39 -18.66
CA ASP V 78 -69.63 9.09 -19.32
C ASP V 78 -70.64 9.49 -18.26
N LYS V 79 -71.59 10.33 -18.65
CA LYS V 79 -72.72 10.68 -17.80
C LYS V 79 -73.40 9.43 -17.28
N GLN V 80 -74.15 9.57 -16.19
CA GLN V 80 -74.97 8.50 -15.60
C GLN V 80 -74.14 7.46 -14.87
N GLY V 81 -73.02 7.88 -14.31
CA GLY V 81 -72.19 6.94 -13.61
C GLY V 81 -71.71 5.81 -14.48
N ASN V 82 -71.59 6.05 -15.78
CA ASN V 82 -71.27 5.03 -16.76
C ASN V 82 -69.77 5.04 -17.02
N PRO V 83 -68.99 4.12 -16.47
CA PRO V 83 -67.55 4.18 -16.68
C PRO V 83 -67.18 3.83 -18.11
N LEU V 84 -65.92 4.08 -18.43
CA LEU V 84 -65.36 3.84 -19.75
C LEU V 84 -63.92 3.38 -19.60
N GLY V 85 -63.51 2.46 -20.47
CA GLY V 85 -62.22 1.83 -20.35
C GLY V 85 -61.11 2.75 -20.80
N ASP V 86 -61.25 3.28 -22.01
CA ASP V 86 -60.34 4.33 -22.44
C ASP V 86 -60.47 5.53 -21.52
N GLY V 87 -59.42 6.34 -21.48
CA GLY V 87 -59.40 7.52 -20.64
C GLY V 87 -59.12 7.25 -19.18
N ILE V 88 -59.07 5.99 -18.76
CA ILE V 88 -58.71 5.68 -17.38
C ILE V 88 -57.28 6.15 -17.11
N VAL V 89 -57.04 6.59 -15.89
CA VAL V 89 -55.71 7.01 -15.45
C VAL V 89 -55.53 6.62 -13.99
N PHE V 90 -54.27 6.48 -13.59
CA PHE V 90 -53.91 6.25 -12.20
C PHE V 90 -54.60 4.98 -11.67
N SER V 91 -54.12 3.85 -12.18
CA SER V 91 -54.39 2.54 -11.59
C SER V 91 -53.18 2.19 -10.74
N ASP V 92 -53.27 2.50 -9.46
CA ASP V 92 -52.14 2.42 -8.54
C ASP V 92 -52.56 1.57 -7.34
N THR V 93 -51.55 1.16 -6.57
CA THR V 93 -51.76 0.47 -5.31
C THR V 93 -51.76 1.47 -4.18
N LEU V 94 -52.46 1.12 -3.10
CA LEU V 94 -52.58 2.03 -1.97
C LEU V 94 -51.28 2.15 -1.19
N GLY V 95 -50.41 1.16 -1.28
CA GLY V 95 -49.11 1.26 -0.66
C GLY V 95 -48.22 2.18 -1.44
N ARG V 96 -46.94 2.15 -1.06
CA ARG V 96 -45.86 2.81 -1.79
C ARG V 96 -46.16 4.26 -2.14
N PHE V 97 -46.63 5.02 -1.15
CA PHE V 97 -46.70 6.47 -1.24
C PHE V 97 -45.80 7.17 -0.25
N GLU V 98 -45.72 6.66 0.98
CA GLU V 98 -45.09 7.38 2.08
C GLU V 98 -45.76 8.74 2.27
N TYR V 99 -47.01 8.66 2.74
CA TYR V 99 -47.88 9.81 2.92
C TYR V 99 -47.22 10.96 3.65
N SER V 100 -46.23 10.68 4.49
CA SER V 100 -45.53 11.72 5.21
C SER V 100 -44.92 12.75 4.26
N LYS V 101 -44.23 12.27 3.23
CA LYS V 101 -43.49 13.12 2.31
C LYS V 101 -44.09 13.13 0.91
N MET V 102 -45.29 12.59 0.74
CA MET V 102 -45.85 12.26 -0.56
C MET V 102 -45.97 13.47 -1.48
N ARG V 103 -46.84 14.42 -1.11
CA ARG V 103 -46.93 15.67 -1.87
C ARG V 103 -45.66 16.47 -1.71
N SER V 104 -45.11 16.46 -0.50
CA SER V 104 -43.92 17.22 -0.15
C SER V 104 -42.79 16.98 -1.14
N ASP V 105 -42.51 15.73 -1.44
CA ASP V 105 -41.34 15.36 -2.22
C ASP V 105 -41.71 15.14 -3.68
N PRO V 106 -41.02 15.77 -4.65
CA PRO V 106 -41.30 15.44 -6.05
C PRO V 106 -40.99 14.02 -6.40
N ASP V 107 -40.05 13.38 -5.71
CA ASP V 107 -39.80 11.96 -5.91
C ASP V 107 -41.06 11.16 -5.60
N TYR V 108 -41.49 11.19 -4.35
CA TYR V 108 -42.72 10.51 -3.96
C TYR V 108 -43.94 10.98 -4.73
N MET V 109 -43.90 12.15 -5.34
CA MET V 109 -45.05 12.69 -6.04
C MET V 109 -45.41 11.81 -7.23
N ARG V 110 -46.49 11.05 -7.09
CA ARG V 110 -46.94 10.14 -8.13
C ARG V 110 -47.86 10.89 -9.08
N LYS V 111 -47.47 10.93 -10.34
CA LYS V 111 -48.22 11.63 -11.36
C LYS V 111 -49.14 10.66 -12.11
N THR V 112 -50.00 11.23 -12.93
CA THR V 112 -50.89 10.44 -13.76
C THR V 112 -50.10 9.83 -14.92
N THR V 113 -50.81 9.15 -15.81
CA THR V 113 -50.22 8.49 -16.95
C THR V 113 -50.50 9.22 -18.25
N THR V 114 -51.75 9.62 -18.47
CA THR V 114 -52.17 10.26 -19.70
C THR V 114 -53.02 11.48 -19.38
N SER V 115 -53.28 12.27 -20.41
CA SER V 115 -54.04 13.49 -20.24
C SER V 115 -55.47 13.17 -19.86
N LEU V 116 -56.25 14.23 -19.64
CA LEU V 116 -57.64 14.05 -19.26
C LEU V 116 -58.35 15.39 -19.40
N MET V 117 -59.67 15.31 -19.56
CA MET V 117 -60.50 16.49 -19.70
C MET V 117 -61.86 16.18 -19.13
N ILE V 118 -62.52 17.22 -18.61
CA ILE V 118 -63.84 17.09 -18.02
C ILE V 118 -64.70 18.17 -18.66
N ASP V 119 -65.63 17.76 -19.50
CA ASP V 119 -66.64 18.66 -20.02
C ASP V 119 -67.60 19.04 -18.89
N GLU V 120 -68.45 20.04 -19.16
CA GLU V 120 -69.20 20.73 -18.13
C GLU V 120 -70.02 19.79 -17.26
N ARG V 121 -70.65 18.77 -17.86
CA ARG V 121 -71.40 17.76 -17.12
C ARG V 121 -70.74 16.41 -17.42
N GLU V 122 -69.77 16.04 -16.62
CA GLU V 122 -69.16 14.72 -16.70
C GLU V 122 -68.73 14.30 -15.32
N ILE V 123 -68.27 13.07 -15.22
CA ILE V 123 -67.98 12.43 -13.94
C ILE V 123 -66.61 11.79 -13.99
N VAL V 124 -65.92 11.84 -12.85
CA VAL V 124 -64.69 11.12 -12.62
C VAL V 124 -64.84 10.43 -11.28
N LYS V 125 -64.53 9.14 -11.25
CA LYS V 125 -64.74 8.32 -10.08
C LYS V 125 -63.42 7.77 -9.59
N ILE V 126 -63.41 7.38 -8.32
CA ILE V 126 -62.23 6.84 -7.65
C ILE V 126 -62.67 5.55 -7.00
N PHE V 127 -62.48 4.44 -7.71
CA PHE V 127 -62.82 3.14 -7.17
C PHE V 127 -61.66 2.61 -6.33
N VAL V 128 -62.02 1.79 -5.35
CA VAL V 128 -61.08 1.24 -4.38
C VAL V 128 -61.37 -0.25 -4.26
N GLU V 129 -60.30 -1.05 -4.24
CA GLU V 129 -60.38 -2.50 -4.08
C GLU V 129 -59.60 -2.87 -2.84
N VAL V 130 -60.32 -3.24 -1.78
CA VAL V 130 -59.73 -3.67 -0.52
C VAL V 130 -59.83 -5.18 -0.47
N PRO V 131 -58.79 -5.92 -0.06
CA PRO V 131 -58.95 -7.35 0.12
C PRO V 131 -59.83 -7.65 1.32
N PRO V 132 -60.48 -8.81 1.34
CA PRO V 132 -61.39 -9.13 2.45
C PRO V 132 -60.65 -9.30 3.75
N ASN V 133 -61.43 -9.44 4.82
CA ASN V 133 -60.91 -9.58 6.18
C ASN V 133 -59.99 -8.42 6.53
N ALA V 134 -60.36 -7.23 6.06
CA ALA V 134 -59.62 -6.00 6.31
C ALA V 134 -60.57 -4.95 6.83
N ASN V 135 -59.99 -3.85 7.29
CA ASN V 135 -60.78 -2.75 7.82
C ASN V 135 -61.27 -1.86 6.70
N GLY V 136 -62.39 -1.21 6.93
CA GLY V 136 -63.02 -0.38 5.93
C GLY V 136 -62.51 1.04 5.93
N MET V 137 -62.91 1.77 4.90
CA MET V 137 -62.54 3.17 4.77
C MET V 137 -63.48 4.03 5.59
N ASP V 138 -62.94 5.14 6.11
CA ASP V 138 -63.68 6.10 6.91
C ASP V 138 -63.58 7.46 6.24
N ALA V 139 -64.73 8.00 5.86
CA ALA V 139 -64.76 9.22 5.06
C ALA V 139 -64.34 10.45 5.86
N ASP V 140 -64.47 10.41 7.19
CA ASP V 140 -64.12 11.57 8.00
C ASP V 140 -62.64 11.90 7.88
N ASN V 141 -61.80 10.88 7.76
CA ASN V 141 -60.35 11.04 7.76
C ASN V 141 -59.73 10.85 6.39
N SER V 142 -60.41 10.18 5.47
CA SER V 142 -59.89 10.02 4.13
C SER V 142 -59.74 11.36 3.44
N ARG V 143 -58.99 11.36 2.35
CA ARG V 143 -58.90 12.57 1.54
C ARG V 143 -58.27 12.25 0.19
N ILE V 144 -58.66 13.05 -0.80
CA ILE V 144 -58.04 13.10 -2.10
C ILE V 144 -57.49 14.50 -2.31
N THR V 145 -56.36 14.56 -3.01
CA THR V 145 -55.89 15.81 -3.58
C THR V 145 -55.26 15.49 -4.92
N ILE V 146 -55.47 16.37 -5.89
CA ILE V 146 -54.84 16.25 -7.19
C ILE V 146 -54.42 17.65 -7.61
N GLY V 147 -53.42 17.71 -8.48
CA GLY V 147 -52.86 18.97 -8.89
C GLY V 147 -51.94 19.54 -7.84
N ASP V 148 -51.00 20.37 -8.28
CA ASP V 148 -49.99 20.97 -7.39
C ASP V 148 -49.94 22.46 -7.71
N ASP V 149 -50.84 23.21 -7.08
CA ASP V 149 -50.63 24.63 -6.95
C ASP V 149 -49.50 24.88 -5.96
N THR V 150 -49.05 26.12 -5.91
CA THR V 150 -48.22 26.58 -4.80
C THR V 150 -46.91 25.81 -4.68
N SER V 151 -46.32 25.50 -5.83
CA SER V 151 -45.03 24.82 -5.82
C SER V 151 -44.47 24.86 -7.22
N ASP V 152 -43.18 25.15 -7.33
CA ASP V 152 -42.52 25.10 -8.62
C ASP V 152 -42.51 23.69 -9.17
N TYR V 153 -42.56 22.69 -8.30
CA TYR V 153 -42.69 21.31 -8.71
C TYR V 153 -44.16 20.98 -8.98
N GLY V 154 -44.36 19.90 -9.70
CA GLY V 154 -45.70 19.44 -10.00
C GLY V 154 -46.43 20.38 -10.94
N LYS V 155 -47.59 19.92 -11.38
CA LYS V 155 -48.49 20.63 -12.26
C LYS V 155 -49.75 21.01 -11.50
N ALA V 156 -50.61 21.77 -12.16
CA ALA V 156 -51.85 22.24 -11.56
C ALA V 156 -53.00 21.94 -12.51
N VAL V 157 -54.18 21.87 -11.92
CA VAL V 157 -55.40 21.60 -12.68
C VAL V 157 -55.82 22.89 -13.36
N GLY V 158 -56.03 22.83 -14.66
CA GLY V 158 -56.53 23.98 -15.39
C GLY V 158 -58.04 24.06 -15.29
N ILE V 159 -58.54 25.28 -15.21
CA ILE V 159 -59.98 25.52 -15.26
C ILE V 159 -60.24 26.73 -16.14
N VAL V 160 -61.42 26.74 -16.75
CA VAL V 160 -61.82 27.87 -17.56
C VAL V 160 -63.34 27.95 -17.56
N GLU V 161 -63.85 29.17 -17.59
CA GLU V 161 -65.28 29.38 -17.75
C GLU V 161 -65.68 29.10 -19.20
N HIS V 162 -66.67 28.25 -19.38
CA HIS V 162 -67.09 27.86 -20.73
C HIS V 162 -67.63 29.04 -21.51
N GLY V 163 -68.27 29.99 -20.83
CA GLY V 163 -68.90 31.11 -21.50
C GLY V 163 -67.93 32.13 -22.04
N ASP V 164 -66.68 32.13 -21.57
CA ASP V 164 -65.73 33.14 -22.03
C ASP V 164 -65.22 32.83 -23.43
N LEU V 165 -64.61 31.66 -23.61
CA LEU V 165 -63.99 31.32 -24.88
C LEU V 165 -65.02 30.79 -25.87
N SER V 166 -64.81 31.13 -27.14
CA SER V 166 -65.63 30.64 -28.23
C SER V 166 -65.30 29.20 -28.60
N PRO V 167 -64.02 28.81 -28.74
CA PRO V 167 -63.71 27.40 -28.99
C PRO V 167 -63.77 26.50 -27.75
N ALA V 168 -64.34 26.97 -26.64
CA ALA V 168 -64.57 26.09 -25.50
C ALA V 168 -65.44 24.91 -25.90
N GLU V 169 -66.47 25.15 -26.71
CA GLU V 169 -67.30 24.06 -27.21
C GLU V 169 -66.50 23.13 -28.12
N SER V 170 -65.60 23.70 -28.93
CA SER V 170 -64.76 22.88 -29.80
C SER V 170 -63.88 21.95 -28.98
N LYS V 171 -63.25 22.47 -27.94
CA LYS V 171 -62.41 21.64 -27.08
C LYS V 171 -63.26 20.62 -26.32
N ALA V 172 -64.48 21.00 -25.93
CA ALA V 172 -65.37 20.06 -25.25
C ALA V 172 -65.71 18.88 -26.14
N VAL V 173 -66.05 19.15 -27.40
CA VAL V 173 -66.31 18.07 -28.35
C VAL V 173 -65.02 17.28 -28.62
N ARG V 174 -63.87 17.95 -28.59
CA ARG V 174 -62.59 17.27 -28.80
C ARG V 174 -62.33 16.27 -27.69
N GLN V 175 -62.69 16.62 -26.46
CA GLN V 175 -62.44 15.79 -25.29
C GLN V 175 -60.95 15.50 -25.13
N ILE W 1 4.05 27.44 -5.65
CA ILE W 1 2.61 27.53 -5.41
C ILE W 1 1.96 28.16 -6.63
N GLY W 2 0.72 27.77 -6.90
CA GLY W 2 -0.07 28.43 -7.93
C GLY W 2 -0.57 29.77 -7.43
N ASN W 3 -0.29 30.82 -8.20
CA ASN W 3 -0.66 32.18 -7.81
C ASN W 3 -2.17 32.33 -7.79
N ASN W 4 -2.74 32.43 -6.59
CA ASN W 4 -4.18 32.60 -6.45
C ASN W 4 -4.60 33.98 -6.92
N GLY W 5 -5.83 34.06 -7.44
CA GLY W 5 -6.34 35.32 -7.92
C GLY W 5 -6.57 36.32 -6.80
N ALA W 6 -6.54 37.60 -7.19
CA ALA W 6 -6.76 38.66 -6.20
C ALA W 6 -8.17 38.61 -5.62
N GLU W 7 -9.14 38.18 -6.41
CA GLU W 7 -10.53 38.09 -5.95
C GLU W 7 -10.64 36.87 -5.03
N LYS W 8 -10.21 37.06 -3.79
CA LYS W 8 -10.21 35.97 -2.84
C LYS W 8 -11.60 35.78 -2.26
N GLN W 9 -11.86 34.55 -1.81
CA GLN W 9 -13.14 34.15 -1.26
C GLN W 9 -12.99 33.95 0.24
N ILE W 10 -13.86 34.61 1.01
CA ILE W 10 -13.81 34.54 2.47
C ILE W 10 -15.23 34.48 3.00
N SER W 11 -15.31 34.21 4.29
CA SER W 11 -16.55 34.21 5.04
C SER W 11 -16.35 34.98 6.33
N LEU W 12 -17.40 35.65 6.76
CA LEU W 12 -17.34 36.59 7.87
C LEU W 12 -17.90 35.95 9.12
N HIS W 13 -17.51 36.49 10.26
CA HIS W 13 -17.91 35.95 11.54
C HIS W 13 -17.56 36.97 12.62
N LYS W 14 -17.72 36.57 13.88
CA LYS W 14 -17.59 37.49 14.99
C LYS W 14 -16.13 37.86 15.24
N GLY W 15 -15.27 36.86 15.36
CA GLY W 15 -13.89 37.09 15.76
C GLY W 15 -13.02 37.71 14.69
N GLN W 16 -13.29 38.96 14.34
CA GLN W 16 -12.52 39.69 13.36
C GLN W 16 -12.36 41.13 13.84
N PRO W 17 -11.38 41.86 13.31
CA PRO W 17 -11.15 43.22 13.80
C PRO W 17 -12.14 44.23 13.25
N PHE W 18 -12.54 44.07 11.99
CA PHE W 18 -13.39 45.05 11.32
C PHE W 18 -14.88 44.76 11.52
N ILE W 19 -15.22 44.04 12.59
CA ILE W 19 -16.58 43.77 12.99
C ILE W 19 -16.68 44.05 14.48
N ASP W 20 -17.90 44.30 14.93
CA ASP W 20 -18.14 44.55 16.34
C ASP W 20 -19.59 44.23 16.64
N THR W 21 -19.89 43.99 17.91
CA THR W 21 -21.26 43.81 18.36
C THR W 21 -21.44 44.46 19.73
N GLN W 22 -22.70 44.59 20.11
CA GLN W 22 -23.04 45.12 21.43
C GLN W 22 -24.42 44.64 21.81
N ASP W 23 -24.62 44.41 23.10
CA ASP W 23 -25.87 43.88 23.61
C ASP W 23 -27.04 44.78 23.24
N VAL W 24 -28.23 44.19 23.27
CA VAL W 24 -29.47 44.86 22.92
C VAL W 24 -30.54 44.44 23.92
N GLY W 25 -31.44 45.37 24.22
CA GLY W 25 -32.51 45.12 25.15
C GLY W 25 -33.78 44.70 24.44
N ALA W 26 -34.75 45.60 24.36
CA ALA W 26 -36.04 45.30 23.78
C ALA W 26 -36.60 46.56 23.16
N ALA W 27 -37.17 46.42 21.96
CA ALA W 27 -37.76 47.54 21.23
C ALA W 27 -36.72 48.63 21.00
N ASP W 28 -35.61 48.23 20.40
CA ASP W 28 -34.45 49.09 20.18
C ASP W 28 -34.00 48.95 18.74
N PRO W 29 -34.77 49.51 17.80
CA PRO W 29 -34.41 49.35 16.38
C PRO W 29 -33.16 50.12 15.99
N ASN W 30 -33.00 51.34 16.51
CA ASN W 30 -31.91 52.19 16.05
C ASN W 30 -30.55 51.63 16.43
N THR W 31 -30.47 50.97 17.58
CA THR W 31 -29.20 50.40 18.02
C THR W 31 -28.82 49.26 17.09
N PRO W 32 -27.65 49.29 16.45
CA PRO W 32 -27.19 48.10 15.73
C PRO W 32 -26.62 47.07 16.69
N ALA W 33 -27.15 45.85 16.62
CA ALA W 33 -26.58 44.76 17.38
C ALA W 33 -25.19 44.43 16.89
N VAL W 34 -24.96 44.56 15.59
CA VAL W 34 -23.70 44.21 14.97
C VAL W 34 -23.35 45.29 13.97
N THR W 35 -22.07 45.62 13.90
CA THR W 35 -21.53 46.62 12.99
C THR W 35 -20.39 45.99 12.21
N ILE W 36 -20.31 46.34 10.94
CA ILE W 36 -19.25 45.89 10.05
C ILE W 36 -18.65 47.13 9.41
N GLU W 37 -17.35 47.08 9.13
CA GLU W 37 -16.69 48.18 8.44
C GLU W 37 -15.70 47.64 7.43
N GLY W 38 -15.52 48.39 6.36
CA GLY W 38 -14.54 48.07 5.34
C GLY W 38 -13.14 48.37 5.84
N PRO W 39 -12.23 47.40 5.80
CA PRO W 39 -10.84 47.70 6.12
C PRO W 39 -10.22 48.64 5.11
N SER W 40 -8.98 49.02 5.39
CA SER W 40 -8.29 50.01 4.59
C SER W 40 -7.73 49.38 3.33
N ASP W 41 -8.00 50.04 2.19
CA ASP W 41 -7.44 49.67 0.89
C ASP W 41 -7.89 48.29 0.43
N TYR W 42 -8.99 47.80 0.99
CA TYR W 42 -9.64 46.59 0.53
C TYR W 42 -11.04 46.92 0.06
N VAL W 43 -11.59 46.00 -0.74
CA VAL W 43 -12.92 46.12 -1.29
C VAL W 43 -13.59 44.77 -1.07
N ILE W 44 -14.75 44.80 -0.43
CA ILE W 44 -15.55 43.62 -0.19
C ILE W 44 -16.73 43.65 -1.15
N ALA W 45 -17.14 42.47 -1.59
CA ALA W 45 -18.24 42.29 -2.50
C ALA W 45 -19.12 41.16 -1.98
N ILE W 46 -20.43 41.41 -1.94
CA ILE W 46 -21.42 40.45 -1.50
C ILE W 46 -22.44 40.34 -2.62
N ASP W 47 -22.53 39.17 -3.22
CA ASP W 47 -23.45 38.96 -4.32
C ASP W 47 -24.87 38.79 -3.78
N ALA W 48 -25.82 38.66 -4.71
CA ALA W 48 -27.21 38.58 -4.33
C ALA W 48 -27.57 37.23 -3.73
N GLY W 49 -26.95 36.16 -4.22
CA GLY W 49 -27.23 34.83 -3.73
C GLY W 49 -26.30 34.41 -2.61
N THR W 50 -25.95 35.35 -1.77
CA THR W 50 -25.03 35.08 -0.68
C THR W 50 -25.80 34.53 0.51
N PRO W 51 -25.38 33.42 1.13
CA PRO W 51 -26.07 32.96 2.33
C PRO W 51 -25.96 33.94 3.47
N VAL W 52 -26.87 33.77 4.43
CA VAL W 52 -26.96 34.61 5.62
C VAL W 52 -27.28 33.69 6.77
N ALA W 53 -26.79 34.04 7.95
CA ALA W 53 -26.94 33.13 9.06
C ALA W 53 -26.70 33.79 10.40
N PRO W 54 -27.71 34.40 11.00
CA PRO W 54 -27.61 34.84 12.39
C PRO W 54 -28.05 33.76 13.36
N GLU W 55 -27.45 33.82 14.55
CA GLU W 55 -27.64 32.85 15.60
C GLU W 55 -27.76 33.58 16.93
N PHE W 56 -28.61 34.58 16.97
CA PHE W 56 -28.79 35.32 18.20
C PHE W 56 -29.38 34.43 19.28
N ARG W 57 -29.00 34.71 20.52
CA ARG W 57 -29.39 33.92 21.66
C ARG W 57 -29.75 34.84 22.81
N ASP W 58 -30.41 34.24 23.80
CA ASP W 58 -30.72 34.88 25.05
C ASP W 58 -29.58 34.65 26.03
N ALA W 59 -29.53 35.49 27.07
CA ALA W 59 -28.49 35.38 28.06
C ALA W 59 -28.48 34.01 28.72
N ASN W 60 -29.66 33.44 28.95
CA ASN W 60 -29.76 32.11 29.55
C ASN W 60 -29.47 30.99 28.55
N GLY W 61 -29.17 31.32 27.29
CA GLY W 61 -28.86 30.31 26.30
C GLY W 61 -30.10 29.76 25.62
N ASP W 62 -30.97 30.66 25.16
CA ASP W 62 -32.21 30.27 24.50
C ASP W 62 -32.44 31.17 23.30
N LYS W 63 -33.21 30.65 22.35
CA LYS W 63 -33.61 31.43 21.20
C LYS W 63 -34.69 32.43 21.61
N LEU W 64 -34.77 33.52 20.87
CA LEU W 64 -35.71 34.59 21.16
C LEU W 64 -37.03 34.38 20.41
N ASP W 65 -37.96 35.29 20.66
CA ASP W 65 -39.26 35.28 20.04
C ASP W 65 -39.13 35.30 18.52
N PRO W 66 -39.60 34.29 17.79
CA PRO W 66 -39.40 34.29 16.32
C PRO W 66 -40.12 35.42 15.61
N SER W 67 -41.05 36.09 16.28
CA SER W 67 -41.63 37.31 15.72
C SER W 67 -40.62 38.44 15.64
N THR W 68 -39.50 38.31 16.35
CA THR W 68 -38.39 39.25 16.23
C THR W 68 -37.98 39.40 14.78
N ARG W 69 -37.49 40.58 14.44
CA ARG W 69 -37.08 40.92 13.08
C ARG W 69 -35.60 41.24 13.05
N VAL W 70 -34.97 40.86 11.95
CA VAL W 70 -33.58 41.16 11.66
C VAL W 70 -33.54 41.88 10.31
N THR W 71 -32.68 42.88 10.20
CA THR W 71 -32.51 43.59 8.94
C THR W 71 -31.04 43.91 8.77
N ILE W 72 -30.42 43.33 7.75
CA ILE W 72 -29.13 43.81 7.29
C ILE W 72 -29.38 45.07 6.50
N GLN W 73 -28.45 46.02 6.58
CA GLN W 73 -28.65 47.29 5.90
C GLN W 73 -27.32 47.98 5.68
N LYS W 74 -27.11 48.47 4.46
CA LYS W 74 -25.94 49.27 4.16
C LYS W 74 -26.13 50.67 4.73
N CYS W 75 -25.02 51.34 5.00
CA CYS W 75 -25.05 52.68 5.56
C CYS W 75 -23.98 53.52 4.91
N ASP W 76 -24.34 54.77 4.62
CA ASP W 76 -23.34 55.76 4.30
C ASP W 76 -22.43 55.96 5.51
N LYS W 77 -21.29 56.61 5.27
CA LYS W 77 -20.38 56.97 6.34
C LYS W 77 -21.10 57.75 7.44
N GLN W 78 -20.50 57.83 8.61
CA GLN W 78 -21.07 58.49 9.78
C GLN W 78 -22.31 57.76 10.30
N GLY W 79 -22.31 56.43 10.16
CA GLY W 79 -23.38 55.63 10.72
C GLY W 79 -24.75 55.97 10.19
N ASN W 80 -24.82 56.39 8.93
CA ASN W 80 -26.03 56.93 8.36
C ASN W 80 -26.68 55.89 7.46
N PRO W 81 -27.88 55.41 7.75
CA PRO W 81 -28.47 54.36 6.90
C PRO W 81 -28.97 54.91 5.58
N LEU W 82 -29.38 53.98 4.73
CA LEU W 82 -29.93 54.28 3.41
C LEU W 82 -31.03 53.28 3.09
N GLY W 83 -32.00 53.73 2.30
CA GLY W 83 -33.12 52.91 1.93
C GLY W 83 -32.73 51.95 0.83
N ASP W 84 -32.15 52.50 -0.22
CA ASP W 84 -31.60 51.66 -1.27
C ASP W 84 -30.42 50.87 -0.71
N GLY W 85 -30.12 49.74 -1.38
CA GLY W 85 -29.01 48.91 -0.99
C GLY W 85 -29.28 47.97 0.15
N ILE W 86 -30.38 48.15 0.88
CA ILE W 86 -30.73 47.23 1.95
C ILE W 86 -30.94 45.83 1.39
N VAL W 87 -30.61 44.82 2.19
CA VAL W 87 -30.85 43.43 1.84
C VAL W 87 -31.20 42.68 3.11
N PHE W 88 -31.91 41.56 2.95
CA PHE W 88 -32.21 40.65 4.05
C PHE W 88 -32.95 41.38 5.17
N SER W 89 -34.20 41.71 4.85
CA SER W 89 -35.18 42.14 5.85
C SER W 89 -36.02 40.92 6.17
N ASP W 90 -35.55 40.14 7.12
CA ASP W 90 -36.10 38.84 7.43
C ASP W 90 -36.51 38.81 8.90
N THR W 91 -37.20 37.75 9.28
CA THR W 91 -37.60 37.53 10.65
C THR W 91 -36.60 36.63 11.35
N LEU W 92 -36.64 36.65 12.68
CA LEU W 92 -35.74 35.82 13.46
C LEU W 92 -36.20 34.38 13.51
N GLY W 93 -37.48 34.13 13.30
CA GLY W 93 -37.95 32.77 13.15
C GLY W 93 -37.53 32.22 11.81
N ARG W 94 -38.01 31.02 11.53
CA ARG W 94 -37.87 30.35 10.24
C ARG W 94 -36.42 30.32 9.75
N PHE W 95 -35.59 29.66 10.54
CA PHE W 95 -34.24 29.31 10.11
C PHE W 95 -33.91 27.84 10.32
N GLU W 96 -34.35 27.24 11.41
CA GLU W 96 -33.90 25.91 11.82
C GLU W 96 -32.38 25.91 11.99
N TYR W 97 -31.95 26.63 13.02
CA TYR W 97 -30.53 26.82 13.33
C TYR W 97 -29.75 25.52 13.35
N SER W 98 -30.39 24.43 13.73
CA SER W 98 -29.71 23.13 13.71
C SER W 98 -29.27 22.78 12.30
N LYS W 99 -30.16 22.93 11.33
CA LYS W 99 -29.92 22.54 9.94
C LYS W 99 -29.77 23.75 9.04
N MET W 100 -29.52 24.92 9.61
CA MET W 100 -29.53 26.16 8.85
C MET W 100 -28.36 26.24 7.88
N ARG W 101 -27.13 26.15 8.41
CA ARG W 101 -25.96 26.28 7.57
C ARG W 101 -25.67 25.02 6.77
N SER W 102 -26.03 23.87 7.32
CA SER W 102 -25.69 22.60 6.71
C SER W 102 -26.58 22.30 5.50
N ASP W 103 -27.89 22.45 5.66
CA ASP W 103 -28.82 22.17 4.58
C ASP W 103 -28.93 23.36 3.64
N PRO W 104 -28.66 23.22 2.34
CA PRO W 104 -28.92 24.35 1.42
C PRO W 104 -30.37 24.75 1.36
N ASP W 105 -31.29 23.81 1.59
CA ASP W 105 -32.71 24.15 1.54
C ASP W 105 -33.06 25.16 2.62
N TYR W 106 -32.70 24.86 3.86
CA TYR W 106 -32.90 25.79 4.96
C TYR W 106 -31.92 26.95 4.94
N MET W 107 -30.90 26.91 4.08
CA MET W 107 -30.01 28.04 3.93
C MET W 107 -30.75 29.20 3.30
N ARG W 108 -30.60 30.38 3.88
CA ARG W 108 -31.24 31.61 3.40
C ARG W 108 -30.22 32.49 2.73
N LYS W 109 -30.58 33.00 1.56
CA LYS W 109 -29.73 33.90 0.78
C LYS W 109 -30.28 35.31 0.86
N THR W 110 -29.50 36.24 0.32
CA THR W 110 -29.92 37.63 0.26
C THR W 110 -30.85 37.83 -0.93
N THR W 111 -31.23 39.09 -1.16
CA THR W 111 -32.19 39.45 -2.18
C THR W 111 -31.54 40.11 -3.39
N THR W 112 -30.64 41.07 -3.15
CA THR W 112 -29.97 41.81 -4.20
C THR W 112 -28.49 41.91 -3.89
N SER W 113 -27.75 42.38 -4.89
CA SER W 113 -26.31 42.47 -4.76
C SER W 113 -25.94 43.53 -3.74
N LEU W 114 -24.64 43.68 -3.52
CA LEU W 114 -24.15 44.62 -2.53
C LEU W 114 -22.65 44.81 -2.74
N MET W 115 -22.16 45.95 -2.28
CA MET W 115 -20.75 46.30 -2.40
C MET W 115 -20.38 47.16 -1.22
N ILE W 116 -19.13 47.06 -0.81
CA ILE W 116 -18.59 47.82 0.31
C ILE W 116 -17.31 48.48 -0.16
N ASP W 117 -17.37 49.78 -0.42
CA ASP W 117 -16.16 50.55 -0.64
C ASP W 117 -15.32 50.54 0.64
N GLU W 118 -14.07 50.96 0.48
CA GLU W 118 -13.04 50.77 1.49
C GLU W 118 -13.44 51.27 2.87
N ARG W 119 -14.08 52.44 2.95
CA ARG W 119 -14.58 52.99 4.22
C ARG W 119 -16.09 53.09 4.09
N GLU W 120 -16.79 52.03 4.44
CA GLU W 120 -18.24 52.04 4.49
C GLU W 120 -18.69 51.12 5.61
N ILE W 121 -19.99 51.14 5.87
CA ILE W 121 -20.57 50.47 7.02
C ILE W 121 -21.76 49.64 6.58
N VAL W 122 -21.93 48.51 7.26
CA VAL W 122 -23.10 47.67 7.16
C VAL W 122 -23.52 47.35 8.56
N LYS W 123 -24.79 47.58 8.87
CA LYS W 123 -25.34 47.35 10.19
C LYS W 123 -26.39 46.25 10.13
N ILE W 124 -26.69 45.72 11.30
CA ILE W 124 -27.65 44.63 11.45
C ILE W 124 -28.60 45.07 12.57
N PHE W 125 -29.71 45.67 12.19
CA PHE W 125 -30.69 46.10 13.17
C PHE W 125 -31.59 44.94 13.54
N VAL W 126 -32.08 45.00 14.77
CA VAL W 126 -32.92 43.97 15.35
C VAL W 126 -34.11 44.65 16.02
N GLU W 127 -35.29 44.09 15.82
CA GLU W 127 -36.52 44.57 16.44
C GLU W 127 -37.12 43.44 17.25
N VAL W 128 -37.05 43.58 18.56
CA VAL W 128 -37.60 42.60 19.50
C VAL W 128 -38.92 43.16 20.03
N PRO W 129 -39.99 42.37 20.16
CA PRO W 129 -41.19 42.89 20.80
C PRO W 129 -40.98 43.09 22.29
N PRO W 130 -41.72 43.99 22.91
CA PRO W 130 -41.52 44.23 24.35
C PRO W 130 -41.92 43.02 25.17
N ASN W 131 -41.61 43.12 26.47
CA ASN W 131 -41.85 42.04 27.42
C ASN W 131 -41.19 40.75 26.95
N ALA W 132 -39.98 40.88 26.44
CA ALA W 132 -39.18 39.76 25.97
C ALA W 132 -37.76 39.90 26.50
N ASN W 133 -37.00 38.82 26.37
CA ASN W 133 -35.63 38.81 26.83
C ASN W 133 -34.72 39.48 25.82
N GLY W 134 -33.62 40.03 26.32
CA GLY W 134 -32.70 40.75 25.47
C GLY W 134 -31.67 39.85 24.84
N MET W 135 -30.89 40.45 23.93
CA MET W 135 -29.83 39.75 23.24
C MET W 135 -28.57 39.74 24.10
N ASP W 136 -27.83 38.64 24.02
CA ASP W 136 -26.56 38.47 24.72
C ASP W 136 -25.47 38.26 23.70
N ALA W 137 -24.50 39.17 23.67
CA ALA W 137 -23.48 39.14 22.63
C ALA W 137 -22.48 38.02 22.82
N ASP W 138 -22.36 37.47 24.03
CA ASP W 138 -21.41 36.40 24.26
C ASP W 138 -21.79 35.15 23.47
N ASN W 139 -23.09 34.87 23.37
CA ASN W 139 -23.57 33.67 22.73
C ASN W 139 -23.96 33.86 21.27
N SER W 140 -24.27 35.09 20.86
CA SER W 140 -24.69 35.34 19.50
C SER W 140 -23.53 35.10 18.54
N ARG W 141 -23.89 34.76 17.29
CA ARG W 141 -22.91 34.63 16.23
C ARG W 141 -23.55 35.01 14.91
N ILE W 142 -22.73 35.51 14.00
CA ILE W 142 -23.14 35.84 12.64
C ILE W 142 -22.23 35.08 11.70
N THR W 143 -22.79 34.65 10.58
CA THR W 143 -21.99 34.18 9.46
C THR W 143 -22.69 34.58 8.18
N ILE W 144 -21.92 35.00 7.19
CA ILE W 144 -22.43 35.25 5.86
C ILE W 144 -21.41 34.71 4.87
N GLY W 145 -21.90 34.18 3.75
CA GLY W 145 -21.05 33.47 2.84
C GLY W 145 -20.76 32.07 3.35
N ASP W 146 -20.59 31.13 2.43
CA ASP W 146 -20.31 29.74 2.75
C ASP W 146 -19.06 29.35 1.99
N ASP W 147 -17.90 29.62 2.59
CA ASP W 147 -16.66 29.11 2.04
C ASP W 147 -16.67 27.59 2.04
N THR W 148 -15.82 27.01 1.20
CA THR W 148 -15.52 25.58 1.25
C THR W 148 -16.75 24.73 1.06
N SER W 149 -17.72 25.22 0.29
CA SER W 149 -18.96 24.49 0.09
C SER W 149 -19.38 24.61 -1.36
N ASP W 150 -20.10 23.59 -1.83
CA ASP W 150 -20.52 23.54 -3.22
C ASP W 150 -21.69 24.48 -3.45
N TYR W 151 -22.64 24.48 -2.54
CA TYR W 151 -23.79 25.37 -2.61
C TYR W 151 -23.46 26.68 -1.92
N GLY W 152 -24.38 27.62 -2.05
CA GLY W 152 -24.13 28.93 -1.51
C GLY W 152 -23.04 29.62 -2.27
N LYS W 153 -22.58 30.72 -1.70
CA LYS W 153 -21.58 31.58 -2.30
C LYS W 153 -20.58 31.98 -1.23
N ALA W 154 -19.60 32.77 -1.64
CA ALA W 154 -18.56 33.26 -0.76
C ALA W 154 -18.39 34.75 -0.98
N VAL W 155 -17.98 35.43 0.08
CA VAL W 155 -17.81 36.87 0.05
C VAL W 155 -16.51 37.17 -0.67
N GLY W 156 -16.58 37.97 -1.72
CA GLY W 156 -15.39 38.34 -2.45
C GLY W 156 -14.65 39.47 -1.74
N ILE W 157 -13.33 39.40 -1.80
CA ILE W 157 -12.48 40.46 -1.26
C ILE W 157 -11.34 40.69 -2.25
N VAL W 158 -10.88 41.93 -2.30
CA VAL W 158 -9.77 42.26 -3.19
C VAL W 158 -9.03 43.46 -2.60
N GLU W 159 -7.72 43.46 -2.78
CA GLU W 159 -6.92 44.60 -2.39
C GLU W 159 -7.09 45.73 -3.40
N HIS W 160 -7.39 46.93 -2.91
CA HIS W 160 -7.62 48.06 -3.80
C HIS W 160 -6.33 48.46 -4.52
N GLY W 161 -5.20 48.37 -3.83
CA GLY W 161 -3.93 48.74 -4.42
C GLY W 161 -3.52 47.83 -5.56
N ILE X 1 -63.20 10.76 -25.35
CA ILE X 1 -61.97 10.38 -24.69
C ILE X 1 -60.83 10.43 -25.70
N GLY X 2 -59.63 10.76 -25.22
CA GLY X 2 -58.44 10.68 -26.06
C GLY X 2 -58.03 9.23 -26.25
N ASN X 3 -57.87 8.83 -27.50
CA ASN X 3 -57.53 7.44 -27.84
C ASN X 3 -56.13 7.13 -27.33
N ASN X 4 -56.05 6.32 -26.28
CA ASN X 4 -54.76 5.91 -25.73
C ASN X 4 -54.04 4.97 -26.69
N GLY X 5 -52.71 5.04 -26.68
CA GLY X 5 -51.92 4.21 -27.54
C GLY X 5 -52.01 2.74 -27.18
N ALA X 6 -51.75 1.89 -28.17
CA ALA X 6 -51.81 0.44 -27.95
C ALA X 6 -50.74 -0.01 -26.97
N GLU X 7 -49.59 0.65 -26.95
CA GLU X 7 -48.49 0.31 -26.04
C GLU X 7 -48.87 0.80 -24.65
N LYS X 8 -49.71 0.01 -23.98
CA LYS X 8 -50.19 0.38 -22.67
C LYS X 8 -49.16 0.05 -21.60
N GLN X 9 -49.22 0.79 -20.50
CA GLN X 9 -48.29 0.65 -19.39
C GLN X 9 -49.01 0.02 -18.22
N ILE X 10 -48.44 -1.07 -17.69
CA ILE X 10 -49.04 -1.80 -16.59
C ILE X 10 -47.94 -2.23 -15.63
N SER X 11 -48.38 -2.72 -14.47
CA SER X 11 -47.52 -3.28 -13.46
C SER X 11 -48.10 -4.61 -13.00
N LEU X 12 -47.22 -5.53 -12.66
CA LEU X 12 -47.59 -6.90 -12.38
C LEU X 12 -47.61 -7.13 -10.88
N HIS X 13 -48.35 -8.16 -10.48
CA HIS X 13 -48.52 -8.46 -9.07
C HIS X 13 -49.13 -9.86 -8.96
N LYS X 14 -49.51 -10.23 -7.74
CA LYS X 14 -49.94 -11.59 -7.47
C LYS X 14 -51.34 -11.85 -8.03
N GLY X 15 -52.29 -10.99 -7.71
CA GLY X 15 -53.68 -11.22 -8.05
C GLY X 15 -54.01 -11.04 -9.51
N GLN X 16 -53.49 -11.92 -10.36
CA GLN X 16 -53.74 -11.89 -11.79
C GLN X 16 -53.92 -13.32 -12.28
N PRO X 17 -54.54 -13.50 -13.45
CA PRO X 17 -54.79 -14.87 -13.92
C PRO X 17 -53.56 -15.52 -14.53
N PHE X 18 -52.74 -14.75 -15.23
CA PHE X 18 -51.59 -15.29 -15.95
C PHE X 18 -50.33 -15.35 -15.09
N ILE X 19 -50.50 -15.39 -13.76
CA ILE X 19 -49.43 -15.55 -12.81
C ILE X 19 -49.86 -16.62 -11.82
N ASP X 20 -48.88 -17.23 -11.16
CA ASP X 20 -49.16 -18.23 -10.15
C ASP X 20 -47.96 -18.32 -9.22
N THR X 21 -48.20 -18.87 -8.03
CA THR X 21 -47.14 -19.12 -7.08
C THR X 21 -47.41 -20.43 -6.36
N GLN X 22 -46.38 -20.92 -5.67
CA GLN X 22 -46.51 -22.12 -4.86
C GLN X 22 -45.42 -22.11 -3.80
N ASP X 23 -45.76 -22.65 -2.64
CA ASP X 23 -44.86 -22.65 -1.49
C ASP X 23 -43.54 -23.34 -1.84
N VAL X 24 -42.53 -23.02 -1.04
CA VAL X 24 -41.18 -23.53 -1.22
C VAL X 24 -40.62 -23.87 0.15
N GLY X 25 -39.80 -24.90 0.20
CA GLY X 25 -39.20 -25.35 1.44
C GLY X 25 -37.81 -24.77 1.62
N ALA X 26 -36.79 -25.60 1.41
CA ALA X 26 -35.41 -25.19 1.62
C ALA X 26 -34.52 -25.96 0.67
N ALA X 27 -33.56 -25.25 0.07
CA ALA X 27 -32.62 -25.85 -0.88
C ALA X 27 -33.36 -26.50 -2.04
N ASP X 28 -34.22 -25.70 -2.68
CA ASP X 28 -35.10 -26.14 -3.74
C ASP X 28 -34.98 -25.18 -4.91
N PRO X 29 -33.86 -25.22 -5.64
CA PRO X 29 -33.68 -24.26 -6.74
C PRO X 29 -34.59 -24.52 -7.92
N ASN X 30 -34.80 -25.79 -8.27
CA ASN X 30 -35.54 -26.11 -9.49
C ASN X 30 -36.99 -25.68 -9.39
N THR X 31 -37.58 -25.77 -8.22
CA THR X 31 -38.96 -25.37 -8.03
C THR X 31 -39.11 -23.87 -8.24
N PRO X 32 -39.93 -23.40 -9.17
CA PRO X 32 -40.21 -21.97 -9.22
C PRO X 32 -41.21 -21.57 -8.15
N ALA X 33 -40.83 -20.59 -7.33
CA ALA X 33 -41.77 -20.04 -6.36
C ALA X 33 -42.90 -19.32 -7.07
N VAL X 34 -42.61 -18.69 -8.19
CA VAL X 34 -43.57 -17.89 -8.93
C VAL X 34 -43.39 -18.20 -10.41
N THR X 35 -44.51 -18.27 -11.11
CA THR X 35 -44.55 -18.52 -12.54
C THR X 35 -45.38 -17.43 -13.19
N ILE X 36 -44.93 -17.02 -14.37
CA ILE X 36 -45.64 -16.03 -15.18
C ILE X 36 -45.79 -16.63 -16.57
N GLU X 37 -46.89 -16.27 -17.23
CA GLU X 37 -47.12 -16.71 -18.59
C GLU X 37 -47.71 -15.59 -19.41
N GLY X 38 -47.39 -15.60 -20.70
CA GLY X 38 -47.93 -14.65 -21.64
C GLY X 38 -49.38 -14.99 -21.96
N PRO X 39 -50.32 -14.05 -21.79
CA PRO X 39 -51.69 -14.31 -22.23
C PRO X 39 -51.76 -14.44 -23.74
N SER X 40 -52.97 -14.76 -24.20
CA SER X 40 -53.20 -15.05 -25.60
C SER X 40 -53.30 -13.77 -26.41
N ASP X 41 -52.57 -13.71 -27.52
CA ASP X 41 -52.63 -12.63 -28.49
C ASP X 41 -52.19 -11.29 -27.90
N TYR X 42 -51.45 -11.33 -26.81
CA TYR X 42 -50.81 -10.16 -26.24
C TYR X 42 -49.30 -10.35 -26.26
N VAL X 43 -48.60 -9.23 -26.13
CA VAL X 43 -47.16 -9.18 -26.12
C VAL X 43 -46.76 -8.28 -24.96
N ILE X 44 -45.94 -8.80 -24.08
CA ILE X 44 -45.43 -8.05 -22.93
C ILE X 44 -43.98 -7.70 -23.24
N ALA X 45 -43.57 -6.54 -22.75
CA ALA X 45 -42.22 -6.03 -22.92
C ALA X 45 -41.75 -5.49 -21.59
N ILE X 46 -40.53 -5.88 -21.21
CA ILE X 46 -39.89 -5.45 -19.99
C ILE X 46 -38.54 -4.87 -20.37
N ASP X 47 -38.37 -3.59 -20.14
CA ASP X 47 -37.13 -2.92 -20.50
C ASP X 47 -36.04 -3.25 -19.49
N ALA X 48 -34.83 -2.76 -19.75
CA ALA X 48 -33.70 -3.08 -18.90
C ALA X 48 -33.75 -2.33 -17.57
N GLY X 49 -34.26 -1.10 -17.58
CA GLY X 49 -34.33 -0.32 -16.37
C GLY X 49 -35.65 -0.47 -15.66
N THR X 50 -36.19 -1.66 -15.68
CA THR X 50 -37.48 -1.92 -15.06
C THR X 50 -37.27 -2.22 -13.57
N PRO X 51 -38.02 -1.59 -12.67
CA PRO X 51 -37.88 -1.95 -11.26
C PRO X 51 -38.31 -3.38 -10.98
N VAL X 52 -37.85 -3.88 -9.84
CA VAL X 52 -38.12 -5.24 -9.38
C VAL X 52 -38.36 -5.15 -7.89
N ALA X 53 -39.21 -6.02 -7.39
CA ALA X 53 -39.60 -5.90 -6.00
C ALA X 53 -40.25 -7.16 -5.46
N PRO X 54 -39.47 -8.11 -4.97
CA PRO X 54 -40.04 -9.23 -4.21
C PRO X 54 -40.13 -8.93 -2.74
N GLU X 55 -41.11 -9.56 -2.11
CA GLU X 55 -41.44 -9.35 -0.71
C GLU X 55 -41.75 -10.70 -0.08
N PHE X 56 -40.86 -11.66 -0.29
CA PHE X 56 -41.09 -12.98 0.28
C PHE X 56 -41.05 -12.90 1.80
N ARG X 57 -41.83 -13.77 2.43
CA ARG X 57 -41.99 -13.79 3.86
C ARG X 57 -41.99 -15.23 4.36
N ASP X 58 -41.82 -15.35 5.66
CA ASP X 58 -41.94 -16.62 6.36
C ASP X 58 -43.39 -16.82 6.78
N ALA X 59 -43.72 -18.08 7.08
CA ALA X 59 -45.07 -18.40 7.50
C ALA X 59 -45.47 -17.63 8.75
N ASN X 60 -44.54 -17.43 9.67
CA ASN X 60 -44.82 -16.68 10.88
C ASN X 60 -44.84 -15.17 10.66
N GLY X 61 -44.60 -14.71 9.43
CA GLY X 61 -44.63 -13.30 9.12
C GLY X 61 -43.29 -12.62 9.38
N ASP X 62 -42.22 -13.22 8.86
CA ASP X 62 -40.88 -12.70 9.05
C ASP X 62 -40.12 -12.81 7.74
N LYS X 63 -39.11 -11.95 7.60
CA LYS X 63 -38.21 -12.02 6.46
C LYS X 63 -37.27 -13.19 6.62
N LEU X 64 -36.78 -13.70 5.49
CA LEU X 64 -35.92 -14.86 5.48
C LEU X 64 -34.45 -14.44 5.51
N ASP X 65 -33.58 -15.44 5.55
CA ASP X 65 -32.15 -15.25 5.58
C ASP X 65 -31.71 -14.42 4.37
N PRO X 66 -31.10 -13.24 4.56
CA PRO X 66 -30.74 -12.42 3.41
C PRO X 66 -29.68 -13.05 2.52
N SER X 67 -28.99 -14.09 2.98
CA SER X 67 -28.12 -14.86 2.11
C SER X 67 -28.90 -15.63 1.05
N THR X 68 -30.22 -15.76 1.23
CA THR X 68 -31.08 -16.33 0.22
C THR X 68 -30.90 -15.61 -1.10
N ARG X 69 -31.10 -16.34 -2.19
CA ARG X 69 -30.91 -15.82 -3.54
C ARG X 69 -32.23 -15.88 -4.30
N VAL X 70 -32.44 -14.88 -5.15
CA VAL X 70 -33.57 -14.80 -6.05
C VAL X 70 -33.02 -14.63 -7.45
N THR X 71 -33.66 -15.30 -8.41
CA THR X 71 -33.27 -15.18 -9.81
C THR X 71 -34.53 -15.16 -10.66
N ILE X 72 -34.76 -14.05 -11.34
CA ILE X 72 -35.73 -14.03 -12.41
C ILE X 72 -35.07 -14.67 -13.62
N GLN X 73 -35.85 -15.38 -14.43
CA GLN X 73 -35.26 -16.07 -15.56
C GLN X 73 -36.32 -16.37 -16.60
N LYS X 74 -36.01 -16.06 -17.85
CA LYS X 74 -36.88 -16.42 -18.95
C LYS X 74 -36.76 -17.90 -19.23
N CYS X 75 -37.82 -18.47 -19.82
CA CYS X 75 -37.84 -19.89 -20.13
C CYS X 75 -38.49 -20.10 -21.48
N ASP X 76 -37.92 -21.00 -22.25
CA ASP X 76 -38.61 -21.52 -23.41
C ASP X 76 -39.88 -22.24 -22.95
N LYS X 77 -40.76 -22.51 -23.90
CA LYS X 77 -41.97 -23.28 -23.66
C LYS X 77 -41.62 -24.62 -23.00
N GLN X 78 -42.62 -25.25 -22.39
CA GLN X 78 -42.45 -26.51 -21.67
C GLN X 78 -41.60 -26.34 -20.42
N GLY X 79 -41.67 -25.18 -19.79
CA GLY X 79 -41.00 -24.95 -18.53
C GLY X 79 -39.50 -25.11 -18.61
N ASN X 80 -38.92 -24.77 -19.75
CA ASN X 80 -37.53 -25.06 -20.03
C ASN X 80 -36.71 -23.79 -19.89
N PRO X 81 -35.76 -23.69 -18.95
CA PRO X 81 -35.02 -22.45 -18.79
C PRO X 81 -34.00 -22.23 -19.90
N LEU X 82 -33.41 -21.04 -19.85
CA LEU X 82 -32.37 -20.64 -20.80
C LEU X 82 -31.35 -19.78 -20.08
N GLY X 83 -30.11 -19.84 -20.56
CA GLY X 83 -29.03 -19.10 -19.96
C GLY X 83 -29.08 -17.66 -20.39
N ASP X 84 -29.16 -17.44 -21.70
CA ASP X 84 -29.37 -16.11 -22.23
C ASP X 84 -30.75 -15.61 -21.81
N GLY X 85 -30.90 -14.29 -21.79
CA GLY X 85 -32.15 -13.67 -21.46
C GLY X 85 -32.44 -13.55 -19.99
N ILE X 86 -31.69 -14.24 -19.13
CA ILE X 86 -31.87 -14.12 -17.70
C ILE X 86 -31.62 -12.67 -17.27
N VAL X 87 -32.33 -12.25 -16.23
CA VAL X 87 -32.14 -10.94 -15.63
C VAL X 87 -32.38 -11.05 -14.14
N PHE X 88 -31.79 -10.13 -13.38
CA PHE X 88 -32.03 -10.02 -11.94
C PHE X 88 -31.69 -11.33 -11.23
N SER X 89 -30.39 -11.59 -11.19
CA SER X 89 -29.81 -12.62 -10.33
C SER X 89 -29.29 -11.89 -9.10
N ASP X 90 -30.17 -11.71 -8.12
CA ASP X 90 -29.92 -10.87 -6.97
C ASP X 90 -30.10 -11.71 -5.71
N THR X 91 -29.73 -11.13 -4.59
CA THR X 91 -29.90 -11.74 -3.29
C THR X 91 -31.18 -11.26 -2.64
N LEU X 92 -31.64 -12.02 -1.65
CA LEU X 92 -32.86 -11.64 -0.94
C LEU X 92 -32.62 -10.55 0.07
N GLY X 93 -31.38 -10.37 0.52
CA GLY X 93 -31.05 -9.24 1.33
C GLY X 93 -30.99 -7.99 0.48
N ARG X 94 -30.57 -6.91 1.12
CA ARG X 94 -30.29 -5.63 0.47
C ARG X 94 -31.45 -5.15 -0.42
N PHE X 95 -32.58 -4.93 0.22
CA PHE X 95 -33.70 -4.24 -0.40
C PHE X 95 -34.24 -3.10 0.44
N GLU X 96 -34.32 -3.26 1.77
CA GLU X 96 -35.03 -2.34 2.63
C GLU X 96 -36.49 -2.23 2.19
N TYR X 97 -37.19 -3.34 2.41
CA TYR X 97 -38.59 -3.50 2.00
C TYR X 97 -39.47 -2.34 2.45
N SER X 98 -39.15 -1.72 3.58
CA SER X 98 -39.90 -0.56 4.02
C SER X 98 -39.82 0.57 3.00
N LYS X 99 -38.62 0.87 2.52
CA LYS X 99 -38.36 1.98 1.62
C LYS X 99 -38.03 1.50 0.21
N MET X 100 -38.35 0.24 -0.10
CA MET X 100 -37.91 -0.36 -1.35
C MET X 100 -38.61 0.26 -2.54
N ARG X 101 -39.95 0.19 -2.57
CA ARG X 101 -40.70 0.70 -3.69
C ARG X 101 -40.80 2.21 -3.70
N SER X 102 -40.79 2.82 -2.51
CA SER X 102 -41.03 4.25 -2.41
C SER X 102 -39.79 5.04 -2.80
N ASP X 103 -38.63 4.67 -2.29
CA ASP X 103 -37.40 5.38 -2.59
C ASP X 103 -36.81 4.88 -3.90
N PRO X 104 -36.58 5.76 -4.90
CA PRO X 104 -35.88 5.31 -6.10
C PRO X 104 -34.47 4.83 -5.83
N ASP X 105 -33.81 5.35 -4.80
CA ASP X 105 -32.46 4.92 -4.51
C ASP X 105 -32.43 3.45 -4.12
N TYR X 106 -33.26 3.07 -3.16
CA TYR X 106 -33.39 1.67 -2.79
C TYR X 106 -34.14 0.84 -3.82
N MET X 107 -34.76 1.47 -4.80
CA MET X 107 -35.41 0.73 -5.87
C MET X 107 -34.36 0.03 -6.71
N ARG X 108 -34.59 -1.25 -7.00
CA ARG X 108 -33.68 -2.06 -7.79
C ARG X 108 -34.27 -2.31 -9.16
N LYS X 109 -33.45 -2.13 -10.18
CA LYS X 109 -33.83 -2.34 -11.56
C LYS X 109 -33.19 -3.61 -12.08
N THR X 110 -33.60 -3.98 -13.29
CA THR X 110 -33.05 -5.15 -13.95
C THR X 110 -31.72 -4.79 -14.60
N THR X 111 -31.15 -5.74 -15.33
CA THR X 111 -29.83 -5.60 -15.93
C THR X 111 -29.91 -5.39 -17.44
N THR X 112 -30.72 -6.21 -18.12
CA THR X 112 -30.85 -6.16 -19.56
C THR X 112 -32.32 -6.22 -19.94
N SER X 113 -32.58 -5.97 -21.21
CA SER X 113 -33.95 -5.93 -21.71
C SER X 113 -34.56 -7.33 -21.67
N LEU X 114 -35.81 -7.41 -22.08
CA LEU X 114 -36.53 -8.67 -22.04
C LEU X 114 -37.80 -8.53 -22.87
N MET X 115 -38.30 -9.65 -23.33
CA MET X 115 -39.51 -9.70 -24.13
C MET X 115 -40.20 -11.02 -23.87
N ILE X 116 -41.53 -11.00 -23.97
CA ILE X 116 -42.35 -12.19 -23.75
C ILE X 116 -43.28 -12.31 -24.95
N ASP X 117 -42.98 -13.25 -25.83
CA ASP X 117 -43.92 -13.61 -26.87
C ASP X 117 -45.18 -14.20 -26.23
N GLU X 118 -46.23 -14.30 -27.05
CA GLU X 118 -47.58 -14.57 -26.57
C GLU X 118 -47.68 -15.79 -25.67
N ARG X 119 -46.99 -16.88 -26.02
CA ARG X 119 -46.95 -18.10 -25.19
C ARG X 119 -45.49 -18.31 -24.78
N GLU X 120 -45.10 -17.71 -23.67
CA GLU X 120 -43.78 -17.92 -23.11
C GLU X 120 -43.89 -17.83 -21.60
N ILE X 121 -42.79 -18.15 -20.92
CA ILE X 121 -42.76 -18.31 -19.48
C ILE X 121 -41.59 -17.52 -18.91
N VAL X 122 -41.83 -16.99 -17.72
CA VAL X 122 -40.80 -16.38 -16.89
C VAL X 122 -40.97 -16.94 -15.50
N LYS X 123 -39.90 -17.46 -14.94
CA LYS X 123 -39.91 -18.07 -13.62
C LYS X 123 -39.04 -17.26 -12.67
N ILE X 124 -39.26 -17.49 -11.39
CA ILE X 124 -38.56 -16.81 -10.31
C ILE X 124 -38.06 -17.90 -9.37
N PHE X 125 -36.84 -18.33 -9.58
CA PHE X 125 -36.26 -19.35 -8.72
C PHE X 125 -35.69 -18.71 -7.47
N VAL X 126 -35.70 -19.49 -6.40
CA VAL X 126 -35.26 -19.07 -5.08
C VAL X 126 -34.35 -20.14 -4.52
N GLU X 127 -33.24 -19.72 -3.92
CA GLU X 127 -32.29 -20.61 -3.27
C GLU X 127 -32.16 -20.20 -1.82
N VAL X 128 -32.71 -21.03 -0.93
CA VAL X 128 -32.67 -20.80 0.51
C VAL X 128 -31.59 -21.73 1.07
N PRO X 129 -30.74 -21.28 2.01
CA PRO X 129 -29.82 -22.21 2.65
C PRO X 129 -30.56 -23.16 3.57
N PRO X 130 -30.01 -24.34 3.81
CA PRO X 130 -30.70 -25.31 4.67
C PRO X 130 -30.78 -24.82 6.10
N ASN X 131 -31.54 -25.56 6.91
CA ASN X 131 -31.79 -25.23 8.30
C ASN X 131 -32.37 -23.82 8.42
N ALA X 132 -33.28 -23.49 7.51
CA ALA X 132 -33.96 -22.21 7.49
C ALA X 132 -35.45 -22.44 7.27
N ASN X 133 -36.22 -21.38 7.50
CA ASN X 133 -37.65 -21.45 7.34
C ASN X 133 -38.04 -21.34 5.87
N GLY X 134 -39.18 -21.92 5.53
CA GLY X 134 -39.63 -21.94 4.16
C GLY X 134 -40.44 -20.72 3.79
N MET X 135 -40.73 -20.62 2.50
CA MET X 135 -41.53 -19.53 1.98
C MET X 135 -43.01 -19.84 2.17
N ASP X 136 -43.79 -18.80 2.43
CA ASP X 136 -45.24 -18.89 2.58
C ASP X 136 -45.88 -18.01 1.53
N ALA X 137 -46.67 -18.62 0.64
CA ALA X 137 -47.22 -17.90 -0.50
C ALA X 137 -48.33 -16.94 -0.10
N ASP X 138 -48.95 -17.15 1.06
CA ASP X 138 -50.04 -16.27 1.47
C ASP X 138 -49.53 -14.86 1.72
N ASN X 139 -48.33 -14.73 2.27
CA ASN X 139 -47.78 -13.44 2.64
C ASN X 139 -46.85 -12.85 1.58
N SER X 140 -46.28 -13.68 0.72
CA SER X 140 -45.36 -13.19 -0.28
C SER X 140 -46.07 -12.31 -1.29
N ARG X 141 -45.32 -11.40 -1.90
CA ARG X 141 -45.84 -10.59 -2.99
C ARG X 141 -44.71 -10.25 -3.94
N ILE X 142 -45.06 -10.06 -5.20
CA ILE X 142 -44.14 -9.64 -6.24
C ILE X 142 -44.71 -8.38 -6.87
N THR X 143 -43.82 -7.47 -7.26
CA THR X 143 -44.19 -6.37 -8.13
C THR X 143 -43.01 -6.08 -9.04
N ILE X 144 -43.31 -5.79 -10.30
CA ILE X 144 -42.30 -5.33 -11.25
C ILE X 144 -42.93 -4.21 -12.06
N GLY X 145 -42.11 -3.23 -12.42
CA GLY X 145 -42.64 -2.02 -13.03
C GLY X 145 -43.24 -1.12 -11.97
N ASP X 146 -43.17 0.19 -12.21
CA ASP X 146 -43.70 1.20 -11.29
C ASP X 146 -44.61 2.09 -12.12
N ASP X 147 -45.86 1.69 -12.25
CA ASP X 147 -46.86 2.56 -12.84
C ASP X 147 -47.02 3.81 -12.00
N THR X 148 -47.55 4.86 -12.62
CA THR X 148 -48.00 6.05 -11.90
C THR X 148 -46.88 6.71 -11.11
N SER X 149 -45.65 6.61 -11.60
CA SER X 149 -44.51 7.17 -10.88
C SER X 149 -43.57 7.81 -11.88
N ASP X 150 -42.85 8.81 -11.38
CA ASP X 150 -41.94 9.57 -12.24
C ASP X 150 -40.67 8.78 -12.50
N TYR X 151 -40.15 8.15 -11.46
CA TYR X 151 -38.97 7.32 -11.58
C TYR X 151 -39.38 5.90 -11.92
N GLY X 152 -38.38 5.07 -12.19
CA GLY X 152 -38.67 3.73 -12.60
C GLY X 152 -39.32 3.72 -13.97
N LYS X 153 -39.83 2.55 -14.32
CA LYS X 153 -40.43 2.30 -15.62
C LYS X 153 -41.70 1.50 -15.41
N ALA X 154 -42.36 1.19 -16.51
CA ALA X 154 -43.59 0.44 -16.51
C ALA X 154 -43.51 -0.65 -17.56
N VAL X 155 -44.21 -1.74 -17.30
CA VAL X 155 -44.19 -2.89 -18.20
C VAL X 155 -45.09 -2.58 -19.38
N GLY X 156 -44.54 -2.67 -20.58
CA GLY X 156 -45.32 -2.44 -21.77
C GLY X 156 -46.13 -3.65 -22.13
N ILE X 157 -47.33 -3.42 -22.63
CA ILE X 157 -48.20 -4.47 -23.13
C ILE X 157 -48.84 -3.98 -24.41
N VAL X 158 -49.12 -4.91 -25.32
CA VAL X 158 -49.78 -4.57 -26.57
C VAL X 158 -50.53 -5.78 -27.07
N GLU X 159 -51.68 -5.51 -27.69
CA GLU X 159 -52.44 -6.58 -28.34
C GLU X 159 -51.76 -6.97 -29.65
N HIS X 160 -51.54 -8.27 -29.83
CA HIS X 160 -50.87 -8.75 -31.03
C HIS X 160 -51.74 -8.50 -32.26
N GLY X 161 -53.04 -8.68 -32.14
CA GLY X 161 -53.96 -8.51 -33.25
C GLY X 161 -54.00 -7.07 -33.74
N GLN Y 1 -90.47 37.10 -25.58
CA GLN Y 1 -89.32 36.61 -24.82
C GLN Y 1 -89.22 37.31 -23.47
N THR Y 2 -88.89 38.60 -23.51
CA THR Y 2 -88.57 39.35 -22.30
C THR Y 2 -89.83 39.92 -21.67
N GLN Y 3 -89.84 39.96 -20.35
CA GLN Y 3 -90.93 40.51 -19.57
C GLN Y 3 -90.36 41.43 -18.51
N GLU Y 4 -91.26 42.09 -17.77
CA GLU Y 4 -90.90 43.01 -16.70
C GLU Y 4 -91.76 42.65 -15.50
N TYR Y 5 -91.16 41.92 -14.56
CA TYR Y 5 -91.88 41.43 -13.39
C TYR Y 5 -91.44 42.16 -12.15
N THR Y 6 -92.19 41.90 -11.09
CA THR Y 6 -91.85 42.24 -9.73
C THR Y 6 -91.44 40.97 -9.00
N ILE Y 7 -90.54 41.14 -8.05
CA ILE Y 7 -90.11 40.04 -7.20
C ILE Y 7 -90.12 40.54 -5.76
N ASN Y 8 -90.51 39.66 -4.86
CA ASN Y 8 -90.83 39.97 -3.48
C ASN Y 8 -89.97 39.12 -2.57
N HIS Y 9 -89.96 39.48 -1.28
CA HIS Y 9 -89.24 38.74 -0.26
C HIS Y 9 -89.84 37.38 0.03
N THR Y 10 -90.94 36.98 -0.60
CA THR Y 10 -91.45 35.64 -0.45
C THR Y 10 -92.02 35.15 -1.77
N GLY Y 11 -91.75 33.87 -2.07
CA GLY Y 11 -92.43 33.16 -3.12
C GLY Y 11 -92.39 33.84 -4.47
N GLY Y 12 -93.55 34.35 -4.87
CA GLY Y 12 -93.64 35.02 -6.15
C GLY Y 12 -93.39 34.04 -7.28
N VAL Y 13 -92.59 34.49 -8.25
CA VAL Y 13 -92.25 33.65 -9.38
C VAL Y 13 -91.27 32.55 -9.04
N LEU Y 14 -90.64 32.60 -7.87
CA LEU Y 14 -89.56 31.69 -7.52
C LEU Y 14 -90.09 30.41 -6.86
N GLY Y 15 -90.76 30.55 -5.72
CA GLY Y 15 -91.42 29.44 -5.07
C GLY Y 15 -91.00 29.17 -3.65
N ASP Y 16 -90.48 30.18 -2.97
CA ASP Y 16 -90.21 30.18 -1.52
C ASP Y 16 -89.00 29.32 -1.14
N SER Y 17 -88.40 28.60 -2.07
CA SER Y 17 -87.23 27.78 -1.81
C SER Y 17 -85.94 28.53 -2.11
N TYR Y 18 -85.85 29.08 -3.33
CA TYR Y 18 -84.68 29.81 -3.78
C TYR Y 18 -84.73 31.28 -3.40
N VAL Y 19 -85.53 31.61 -2.40
CA VAL Y 19 -85.36 32.81 -1.60
C VAL Y 19 -84.69 32.39 -0.30
N THR Y 20 -83.98 33.32 0.34
CA THR Y 20 -83.73 33.14 1.76
C THR Y 20 -83.55 34.49 2.42
N THR Y 21 -84.14 34.61 3.61
CA THR Y 21 -84.06 35.80 4.45
C THR Y 21 -83.10 35.55 5.60
N ALA Y 22 -82.77 36.64 6.29
CA ALA Y 22 -81.90 36.59 7.45
C ALA Y 22 -81.87 37.96 8.09
N SER Y 23 -81.62 37.97 9.39
CA SER Y 23 -81.45 39.20 10.12
C SER Y 23 -80.00 39.68 10.02
N ASN Y 24 -79.76 40.87 10.55
CA ASN Y 24 -78.43 41.47 10.56
C ASN Y 24 -77.73 41.11 11.87
N GLN Y 25 -76.63 41.79 12.16
CA GLN Y 25 -75.94 41.67 13.43
C GLN Y 25 -75.74 43.05 14.03
N THR Y 26 -75.73 43.09 15.36
CA THR Y 26 -75.79 44.32 16.11
C THR Y 26 -74.42 44.75 16.63
N SER Y 27 -73.79 43.90 17.45
CA SER Y 27 -72.58 44.35 18.15
C SER Y 27 -71.41 44.51 17.19
N PRO Y 28 -71.07 43.52 16.35
CA PRO Y 28 -70.14 43.79 15.24
C PRO Y 28 -70.88 44.39 14.06
N GLN Y 29 -70.64 45.67 13.81
CA GLN Y 29 -71.19 46.35 12.64
C GLN Y 29 -70.59 45.72 11.39
N ARG Y 30 -71.38 44.95 10.66
CA ARG Y 30 -70.87 44.19 9.53
C ARG Y 30 -71.89 44.15 8.41
N GLU Y 31 -71.37 44.05 7.19
CA GLU Y 31 -72.18 44.06 5.98
C GLU Y 31 -72.85 42.70 5.84
N THR Y 32 -73.88 42.49 6.65
CA THR Y 32 -74.62 41.24 6.62
C THR Y 32 -75.36 41.09 5.30
N ALA Y 33 -75.94 39.91 5.12
CA ALA Y 33 -76.75 39.58 3.95
C ALA Y 33 -78.14 39.26 4.45
N VAL Y 34 -79.05 40.21 4.29
CA VAL Y 34 -80.39 40.07 4.84
C VAL Y 34 -81.30 39.32 3.91
N LEU Y 35 -81.06 39.39 2.60
CA LEU Y 35 -81.92 38.69 1.66
C LEU Y 35 -81.08 38.17 0.51
N SER Y 36 -81.57 37.11 -0.12
CA SER Y 36 -80.89 36.66 -1.32
C SER Y 36 -81.83 35.82 -2.17
N PHE Y 37 -81.66 35.99 -3.49
CA PHE Y 37 -82.49 35.38 -4.51
C PHE Y 37 -81.60 34.58 -5.44
N GLU Y 38 -81.88 33.29 -5.58
CA GLU Y 38 -81.13 32.41 -6.47
C GLU Y 38 -81.95 32.11 -7.71
N CYS Y 39 -81.37 32.33 -8.88
CA CYS Y 39 -82.04 32.07 -10.14
C CYS Y 39 -82.42 30.60 -10.25
N PRO Y 40 -83.70 30.26 -10.38
CA PRO Y 40 -84.06 28.84 -10.42
C PRO Y 40 -83.65 28.14 -11.72
N ARG Y 41 -83.91 26.84 -11.70
CA ARG Y 41 -83.59 25.94 -12.78
C ARG Y 41 -84.29 26.34 -14.07
N LYS Y 42 -85.53 26.83 -13.96
CA LYS Y 42 -86.40 26.92 -15.11
C LYS Y 42 -86.12 28.14 -15.96
N PHE Y 43 -85.72 29.24 -15.35
CA PHE Y 43 -85.42 30.44 -16.10
C PHE Y 43 -84.16 30.26 -16.94
N GLU Y 44 -84.00 31.16 -17.91
CA GLU Y 44 -82.80 31.19 -18.73
C GLU Y 44 -81.77 32.15 -18.14
N GLU Y 45 -82.21 33.35 -17.78
CA GLU Y 45 -81.35 34.33 -17.15
C GLU Y 45 -82.24 35.42 -16.57
N ILE Y 46 -81.64 36.22 -15.72
CA ILE Y 46 -82.29 37.40 -15.15
C ILE Y 46 -81.38 38.58 -15.39
N ASN Y 47 -81.99 39.72 -15.63
CA ASN Y 47 -81.30 40.99 -15.80
C ASN Y 47 -81.74 41.94 -14.70
N TYR Y 48 -81.00 43.04 -14.60
CA TYR Y 48 -81.29 44.07 -13.62
C TYR Y 48 -80.61 45.34 -14.08
N VAL Y 49 -81.36 46.43 -14.12
CA VAL Y 49 -80.89 47.68 -14.69
C VAL Y 49 -81.30 48.81 -13.78
N GLY Y 50 -80.41 49.77 -13.61
CA GLY Y 50 -80.72 50.97 -12.89
C GLY Y 50 -81.23 52.06 -13.80
N GLN Y 51 -82.01 52.97 -13.22
CA GLN Y 51 -82.76 53.98 -13.96
C GLN Y 51 -83.75 53.37 -14.95
N ARG Y 52 -84.10 52.10 -14.76
CA ARG Y 52 -85.09 51.39 -15.57
C ARG Y 52 -86.09 50.65 -14.69
N ASP Y 53 -85.64 50.19 -13.53
CA ASP Y 53 -86.39 49.25 -12.70
C ASP Y 53 -86.66 49.88 -11.34
N ALA Y 54 -87.93 49.93 -10.97
CA ALA Y 54 -88.33 50.56 -9.72
C ALA Y 54 -88.16 49.58 -8.57
N THR Y 55 -88.53 50.03 -7.38
CA THR Y 55 -88.10 49.37 -6.16
C THR Y 55 -88.90 49.88 -4.98
N ARG Y 56 -88.94 49.06 -3.94
CA ARG Y 56 -89.52 49.43 -2.67
C ARG Y 56 -88.91 48.53 -1.62
N PHE Y 57 -88.66 49.08 -0.44
CA PHE Y 57 -88.10 48.28 0.65
C PHE Y 57 -88.47 48.97 1.96
N VAL Y 58 -89.45 48.42 2.66
CA VAL Y 58 -89.93 48.96 3.93
C VAL Y 58 -89.38 48.07 5.03
N PRO Y 59 -88.32 48.47 5.70
CA PRO Y 59 -87.87 47.76 6.91
C PRO Y 59 -88.38 48.36 8.19
N ARG Y 60 -88.25 47.60 9.26
CA ARG Y 60 -88.61 48.03 10.61
C ARG Y 60 -87.67 47.32 11.57
N THR Y 61 -87.96 47.44 12.86
CA THR Y 61 -87.23 46.72 13.91
C THR Y 61 -88.28 46.22 14.89
N THR Y 62 -87.82 45.78 16.06
CA THR Y 62 -88.70 45.40 17.14
C THR Y 62 -88.11 45.85 18.45
N GLU Y 63 -88.97 46.30 19.35
CA GLU Y 63 -88.57 46.58 20.72
C GLU Y 63 -89.74 46.24 21.63
N SER Y 64 -89.46 46.23 22.92
CA SER Y 64 -90.44 45.87 23.93
C SER Y 64 -90.26 46.76 25.14
N ILE Y 65 -91.30 46.82 25.95
CA ILE Y 65 -91.30 47.58 27.19
C ILE Y 65 -91.92 46.73 28.28
N THR Y 66 -92.12 47.32 29.45
CA THR Y 66 -92.76 46.65 30.57
C THR Y 66 -93.82 47.59 31.13
N GLY Y 67 -95.02 47.07 31.34
CA GLY Y 67 -96.07 47.89 31.91
C GLY Y 67 -95.71 48.35 33.31
N SER Y 68 -96.21 49.53 33.66
CA SER Y 68 -95.99 50.11 34.98
C SER Y 68 -97.26 50.82 35.42
N ALA Y 69 -97.34 51.09 36.73
CA ALA Y 69 -98.48 51.80 37.27
C ALA Y 69 -98.55 53.22 36.75
N ASN Y 70 -97.40 53.85 36.55
CA ASN Y 70 -97.37 55.22 36.07
C ASN Y 70 -97.85 55.29 34.63
N ASP Y 71 -98.55 56.36 34.32
CA ASP Y 71 -99.17 56.54 33.00
C ASP Y 71 -98.10 56.97 32.02
N ASP Y 72 -97.46 55.98 31.40
CA ASP Y 72 -96.34 56.25 30.51
C ASP Y 72 -96.76 57.09 29.31
N THR Y 73 -97.57 56.51 28.41
CA THR Y 73 -98.05 57.18 27.19
C THR Y 73 -96.91 57.68 26.30
N VAL Y 74 -95.70 57.19 26.50
CA VAL Y 74 -94.55 57.60 25.71
C VAL Y 74 -93.47 56.57 25.96
N VAL Y 75 -92.68 56.28 24.93
CA VAL Y 75 -91.57 55.35 25.06
C VAL Y 75 -90.38 55.90 24.30
N ASP Y 76 -89.20 55.74 24.89
CA ASP Y 76 -87.98 56.00 24.17
C ASP Y 76 -87.66 54.81 23.28
N LEU Y 77 -86.62 54.97 22.47
CA LEU Y 77 -86.21 53.95 21.52
C LEU Y 77 -84.70 53.90 21.43
N THR Y 78 -84.21 52.87 20.76
CA THR Y 78 -82.79 52.67 20.52
C THR Y 78 -82.42 52.95 19.07
N ALA Y 79 -83.34 53.50 18.28
CA ALA Y 79 -83.14 53.71 16.87
C ALA Y 79 -83.46 55.15 16.53
N ASN Y 80 -82.66 55.75 15.66
CA ASN Y 80 -83.00 57.07 15.15
C ASN Y 80 -84.33 56.99 14.42
N ILE Y 81 -85.09 58.06 14.52
CA ILE Y 81 -86.47 58.07 14.09
C ILE Y 81 -86.73 59.32 13.28
N GLN Y 82 -87.62 59.18 12.31
CA GLN Y 82 -88.16 60.33 11.59
C GLN Y 82 -89.50 59.91 11.02
N PRO Y 83 -90.28 60.85 10.52
CA PRO Y 83 -91.54 60.46 9.89
C PRO Y 83 -91.31 59.85 8.51
N VAL Y 84 -92.39 59.25 8.01
CA VAL Y 84 -92.39 58.64 6.68
C VAL Y 84 -92.49 59.78 5.68
N ALA Y 85 -91.38 60.07 5.01
CA ALA Y 85 -91.25 61.19 4.08
C ALA Y 85 -91.43 62.54 4.74
N GLY Y 86 -91.44 62.60 6.07
CA GLY Y 86 -91.59 63.86 6.76
C GLY Y 86 -93.05 64.21 6.91
N GLU Y 87 -93.54 64.27 8.16
CA GLU Y 87 -94.69 65.04 8.59
C GLU Y 87 -94.88 64.80 10.07
N GLU Y 88 -95.37 65.79 10.79
CA GLU Y 88 -95.67 65.60 12.20
C GLU Y 88 -96.90 64.72 12.41
N VAL Y 89 -97.74 64.57 11.40
CA VAL Y 89 -99.06 64.00 11.55
C VAL Y 89 -99.02 62.50 11.26
N ILE Y 90 -99.92 61.78 11.93
CA ILE Y 90 -100.11 60.35 11.72
C ILE Y 90 -101.39 60.17 10.90
N ALA Y 91 -101.42 59.09 10.14
CA ALA Y 91 -102.50 58.66 9.26
C ALA Y 91 -102.52 59.45 7.95
N GLU Y 92 -101.69 60.47 7.80
CA GLU Y 92 -101.44 61.08 6.51
C GLU Y 92 -100.29 60.42 5.77
N GLN Y 93 -99.40 59.74 6.50
CA GLN Y 93 -98.24 59.12 5.91
C GLN Y 93 -98.64 58.08 4.88
N ASP Y 94 -97.69 57.77 3.99
CA ASP Y 94 -97.87 56.65 3.09
C ASP Y 94 -98.07 55.36 3.86
N TYR Y 95 -97.46 55.26 5.04
CA TYR Y 95 -97.69 54.15 5.94
C TYR Y 95 -97.32 54.61 7.34
N PRO Y 96 -97.78 53.89 8.38
CA PRO Y 96 -97.43 54.30 9.74
C PRO Y 96 -95.93 54.16 9.99
N VAL Y 97 -95.36 55.21 10.60
CA VAL Y 97 -93.96 55.15 11.01
C VAL Y 97 -93.76 54.04 12.03
N ALA Y 98 -94.77 53.78 12.85
CA ALA Y 98 -94.62 52.85 13.96
C ALA Y 98 -95.94 52.18 14.24
N VAL Y 99 -95.85 50.97 14.75
CA VAL Y 99 -97.00 50.16 15.13
C VAL Y 99 -96.71 49.61 16.51
N ALA Y 100 -97.78 49.45 17.29
CA ALA Y 100 -97.67 48.89 18.63
C ALA Y 100 -98.80 47.90 18.84
N TYR Y 101 -98.52 46.89 19.65
CA TYR Y 101 -99.47 45.82 19.91
C TYR Y 101 -99.31 45.35 21.34
N ASN Y 102 -100.43 45.16 22.02
CA ASN Y 102 -100.46 44.73 23.40
C ASN Y 102 -100.74 43.23 23.43
N VAL Y 103 -99.89 42.49 24.15
CA VAL Y 103 -100.05 41.05 24.20
C VAL Y 103 -101.32 40.68 24.94
N THR Y 104 -101.51 41.24 26.12
CA THR Y 104 -102.70 40.98 26.92
C THR Y 104 -103.96 41.35 26.15
N GLN Y 105 -104.12 42.64 25.88
CA GLN Y 105 -105.23 43.13 25.06
C GLN Y 105 -104.85 42.92 23.62
N GLY Y 106 -105.33 41.84 23.02
CA GLY Y 106 -104.92 41.50 21.67
C GLY Y 106 -105.53 42.43 20.64
N VAL Y 107 -105.09 43.68 20.67
CA VAL Y 107 -105.66 44.74 19.84
C VAL Y 107 -104.53 45.62 19.32
N GLU Y 108 -104.82 46.34 18.26
CA GLU Y 108 -103.90 47.35 17.79
C GLU Y 108 -103.81 48.47 18.82
N VAL Y 109 -102.84 49.36 18.61
CA VAL Y 109 -102.67 50.54 19.43
C VAL Y 109 -102.35 51.68 18.49
N ASP Y 110 -103.14 52.74 18.55
CA ASP Y 110 -102.93 53.87 17.68
C ASP Y 110 -101.69 54.64 18.12
N VAL Y 111 -101.36 55.66 17.34
CA VAL Y 111 -100.24 56.55 17.62
C VAL Y 111 -100.73 57.98 17.41
N VAL Y 112 -100.32 58.87 18.30
CA VAL Y 112 -100.73 60.26 18.23
C VAL Y 112 -99.70 61.02 17.42
N ASP Y 113 -98.48 61.06 17.92
CA ASP Y 113 -97.41 61.86 17.32
C ASP Y 113 -96.08 61.41 17.90
N ALA Y 114 -95.04 62.18 17.66
CA ALA Y 114 -93.76 61.96 18.32
C ALA Y 114 -92.90 63.20 18.13
N ASP Y 115 -91.79 63.23 18.85
CA ASP Y 115 -90.85 64.33 18.70
C ASP Y 115 -90.09 64.23 17.39
N TYR Y 116 -89.75 63.01 16.98
CA TYR Y 116 -89.02 62.75 15.74
C TYR Y 116 -87.64 63.39 15.71
N ALA Y 117 -87.14 63.83 16.87
CA ALA Y 117 -85.84 64.45 16.98
C ALA Y 117 -84.90 63.58 17.81
N ALA Y 118 -85.32 63.24 19.01
CA ALA Y 118 -84.69 62.20 19.80
C ALA Y 118 -85.43 60.90 19.58
N ASP Y 119 -84.91 59.83 20.17
CA ASP Y 119 -85.47 58.49 20.01
C ASP Y 119 -86.72 58.39 20.88
N THR Y 120 -87.82 58.96 20.39
CA THR Y 120 -89.04 59.13 21.17
C THR Y 120 -90.25 58.76 20.34
N VAL Y 121 -91.31 58.29 21.02
CA VAL Y 121 -92.61 58.16 20.38
C VAL Y 121 -93.70 58.18 21.44
N THR Y 122 -94.85 58.74 21.07
CA THR Y 122 -96.03 58.80 21.92
C THR Y 122 -96.90 57.57 21.69
N LEU Y 123 -97.63 57.18 22.73
CA LEU Y 123 -98.72 56.22 22.62
C LEU Y 123 -100.02 56.89 23.02
N GLY Y 124 -101.08 56.60 22.25
CA GLY Y 124 -102.37 57.17 22.54
C GLY Y 124 -103.09 56.49 23.69
N THR Y 125 -102.81 55.20 23.90
CA THR Y 125 -103.47 54.43 24.93
C THR Y 125 -102.72 54.57 26.25
N ASN Y 126 -103.26 53.92 27.28
CA ASN Y 126 -102.70 53.95 28.63
C ASN Y 126 -102.43 52.51 29.07
N PRO Y 127 -101.24 51.98 28.76
CA PRO Y 127 -100.96 50.59 29.14
C PRO Y 127 -101.02 50.38 30.65
N ALA Y 128 -101.47 49.19 31.02
CA ALA Y 128 -101.58 48.80 32.42
C ALA Y 128 -100.25 48.26 32.93
N ASP Y 129 -100.16 48.14 34.25
CA ASP Y 129 -98.96 47.60 34.87
C ASP Y 129 -98.89 46.10 34.62
N GLY Y 130 -97.68 45.63 34.31
CA GLY Y 130 -97.45 44.23 34.04
C GLY Y 130 -97.79 43.77 32.64
N ASP Y 131 -98.51 44.59 31.86
CA ASP Y 131 -98.88 44.19 30.52
C ASP Y 131 -97.67 44.20 29.59
N GLU Y 132 -97.58 43.19 28.75
CA GLU Y 132 -96.49 43.07 27.78
C GLU Y 132 -96.89 43.76 26.48
N VAL Y 133 -95.88 44.37 25.85
CA VAL Y 133 -96.07 45.23 24.70
C VAL Y 133 -95.00 44.90 23.67
N LYS Y 134 -95.33 45.15 22.41
CA LYS Y 134 -94.35 45.09 21.35
C LYS Y 134 -94.59 46.28 20.43
N VAL Y 135 -93.51 46.72 19.80
CA VAL Y 135 -93.53 47.89 18.94
C VAL Y 135 -92.57 47.66 17.79
N TRP Y 136 -92.94 48.15 16.62
CA TRP Y 136 -92.20 47.91 15.38
C TRP Y 136 -91.95 49.26 14.71
N PRO Y 137 -91.11 50.09 15.30
CA PRO Y 137 -90.89 51.42 14.77
C PRO Y 137 -90.11 51.39 13.47
N ILE Y 138 -90.06 52.57 12.85
CA ILE Y 138 -89.23 52.75 11.69
C ILE Y 138 -87.77 52.51 12.06
N MET Y 139 -86.98 52.20 11.05
CA MET Y 139 -85.55 52.01 11.16
C MET Y 139 -84.82 53.12 10.42
N SER Y 140 -83.58 53.36 10.84
CA SER Y 140 -82.79 54.46 10.35
C SER Y 140 -81.32 54.12 10.48
N ASP Y 141 -80.48 54.99 9.92
CA ASP Y 141 -79.03 54.91 10.09
C ASP Y 141 -78.49 53.58 9.59
N GLY Y 142 -78.62 53.37 8.28
CA GLY Y 142 -78.16 52.14 7.67
C GLY Y 142 -77.74 52.36 6.23
N ASP Y 143 -77.19 51.30 5.66
CA ASP Y 143 -76.78 51.26 4.27
C ASP Y 143 -77.23 49.95 3.66
N VAL Y 144 -77.56 50.00 2.36
CA VAL Y 144 -78.02 48.84 1.63
C VAL Y 144 -77.20 48.72 0.36
N GLN Y 145 -77.03 47.48 -0.11
CA GLN Y 145 -76.22 47.26 -1.30
C GLN Y 145 -76.49 45.88 -1.88
N PHE Y 146 -75.89 45.63 -3.03
CA PHE Y 146 -76.09 44.42 -3.81
C PHE Y 146 -74.77 43.71 -4.06
N ARG Y 147 -74.84 42.38 -4.23
CA ARG Y 147 -73.68 41.68 -4.77
C ARG Y 147 -74.09 40.32 -5.33
N LEU Y 148 -73.26 39.80 -6.21
CA LEU Y 148 -73.53 38.57 -6.93
C LEU Y 148 -72.64 37.43 -6.47
N ILE Y 149 -73.19 36.22 -6.56
CA ILE Y 149 -72.55 35.01 -6.10
C ILE Y 149 -72.71 33.96 -7.18
N ASN Y 150 -71.60 33.29 -7.51
CA ASN Y 150 -71.55 32.30 -8.59
C ASN Y 150 -71.66 30.88 -8.04
N GLN Y 151 -72.81 30.61 -7.41
CA GLN Y 151 -73.24 29.28 -7.00
C GLN Y 151 -72.49 28.72 -5.80
N PHE Y 152 -71.45 29.41 -5.32
CA PHE Y 152 -70.50 28.85 -4.38
C PHE Y 152 -70.28 29.64 -3.11
N GLY Y 153 -70.98 30.76 -2.91
CA GLY Y 153 -70.60 31.66 -1.85
C GLY Y 153 -69.34 32.40 -2.17
N GLN Y 154 -69.10 32.67 -3.44
CA GLN Y 154 -67.81 33.11 -3.96
C GLN Y 154 -68.06 34.33 -4.86
N GLU Y 155 -67.81 35.50 -4.31
CA GLU Y 155 -68.14 36.73 -5.00
C GLU Y 155 -67.29 36.92 -6.24
N GLU Y 156 -67.86 37.55 -7.26
CA GLU Y 156 -67.13 37.95 -8.45
C GLU Y 156 -67.16 39.44 -8.69
N GLY Y 157 -68.17 40.14 -8.19
CA GLY Y 157 -68.24 41.56 -8.43
C GLY Y 157 -69.29 42.20 -7.57
N ARG Y 158 -69.52 43.47 -7.85
CA ARG Y 158 -70.43 44.29 -7.07
C ARG Y 158 -71.19 45.20 -8.02
N VAL Y 159 -72.51 45.28 -7.82
CA VAL Y 159 -73.37 45.96 -8.78
C VAL Y 159 -72.99 47.42 -8.89
N TYR Y 160 -72.85 48.07 -7.74
CA TYR Y 160 -72.62 49.47 -7.67
C TYR Y 160 -71.74 49.71 -6.45
N PRO Y 161 -70.62 50.42 -6.59
CA PRO Y 161 -69.69 50.54 -5.45
C PRO Y 161 -70.29 51.19 -4.22
N TRP Y 162 -70.96 52.32 -4.38
CA TRP Y 162 -71.30 53.20 -3.28
C TRP Y 162 -72.66 52.82 -2.71
N SER Y 163 -72.73 52.67 -1.40
CA SER Y 163 -74.00 52.31 -0.79
C SER Y 163 -74.93 53.51 -0.72
N THR Y 164 -76.23 53.20 -0.77
CA THR Y 164 -77.29 54.17 -0.59
C THR Y 164 -77.84 54.02 0.82
N PRO Y 165 -78.13 55.11 1.55
CA PRO Y 165 -78.64 54.93 2.92
C PRO Y 165 -80.14 54.69 2.96
N LEU Y 166 -80.52 53.71 3.79
CA LEU Y 166 -81.94 53.41 4.01
C LEU Y 166 -82.66 54.59 4.60
N TYR Y 167 -81.93 55.41 5.34
CA TYR Y 167 -82.47 56.66 5.83
C TYR Y 167 -83.10 57.47 4.72
N ARG Y 168 -82.30 57.81 3.72
CA ARG Y 168 -82.78 58.48 2.51
C ARG Y 168 -83.87 57.69 1.83
N TRP Y 169 -83.73 56.37 1.84
CA TRP Y 169 -84.72 55.49 1.23
C TRP Y 169 -86.10 55.73 1.81
N HIS Y 170 -86.20 55.87 3.12
CA HIS Y 170 -87.47 56.21 3.74
C HIS Y 170 -87.85 57.65 3.45
N ASP Y 171 -86.86 58.53 3.31
CA ASP Y 171 -87.15 59.95 3.15
C ASP Y 171 -87.92 60.24 1.87
N PHE Y 172 -87.50 59.65 0.76
CA PHE Y 172 -88.21 59.95 -0.47
C PHE Y 172 -89.61 59.34 -0.43
N PRO Y 173 -90.65 60.04 -0.90
CA PRO Y 173 -91.93 59.38 -1.10
C PRO Y 173 -91.79 58.33 -2.19
N GLN Y 174 -92.15 57.12 -1.84
CA GLN Y 174 -91.96 56.00 -2.74
C GLN Y 174 -93.03 56.03 -3.82
N LEU Y 175 -92.99 55.03 -4.68
CA LEU Y 175 -94.10 54.66 -5.58
C LEU Y 175 -94.71 55.84 -6.34
N LYS Y 176 -93.87 56.82 -6.70
CA LYS Y 176 -94.24 57.93 -7.58
C LYS Y 176 -93.27 57.97 -8.74
N ARG Y 177 -93.77 57.81 -9.96
CA ARG Y 177 -92.89 57.90 -11.11
C ARG Y 177 -92.39 59.33 -11.24
N GLY Y 178 -91.12 59.47 -11.59
CA GLY Y 178 -90.43 60.74 -11.57
C GLY Y 178 -89.74 60.94 -10.24
N ARG Y 179 -90.44 60.63 -9.16
CA ARG Y 179 -89.86 60.60 -7.82
C ARG Y 179 -89.54 59.18 -7.38
N GLU Y 180 -89.82 58.18 -8.20
CA GLU Y 180 -89.51 56.81 -7.85
C GLU Y 180 -88.00 56.64 -7.71
N ILE Y 181 -87.61 55.72 -6.85
CA ILE Y 181 -86.20 55.44 -6.66
C ILE Y 181 -85.73 54.50 -7.76
N ASN Y 182 -84.51 54.74 -8.22
CA ASN Y 182 -83.88 53.89 -9.23
C ASN Y 182 -82.40 53.92 -8.95
N LEU Y 183 -81.88 52.83 -8.39
CA LEU Y 183 -80.44 52.73 -8.16
C LEU Y 183 -79.69 52.67 -9.48
N HIS Y 184 -78.38 52.56 -9.39
CA HIS Y 184 -77.49 52.42 -10.53
C HIS Y 184 -76.94 51.01 -10.60
N GLY Y 185 -76.37 50.69 -11.74
CA GLY Y 185 -75.76 49.40 -11.99
C GLY Y 185 -76.59 48.55 -12.93
N SER Y 186 -75.89 47.70 -13.68
CA SER Y 186 -76.51 46.85 -14.70
C SER Y 186 -75.95 45.45 -14.55
N ALA Y 187 -76.69 44.61 -13.83
CA ALA Y 187 -76.30 43.25 -13.52
C ALA Y 187 -77.10 42.25 -14.33
N SER Y 188 -76.59 41.03 -14.37
CA SER Y 188 -77.28 39.93 -15.04
C SER Y 188 -76.67 38.63 -14.59
N TRP Y 189 -77.50 37.61 -14.45
CA TRP Y 189 -77.00 36.30 -14.04
C TRP Y 189 -77.90 35.22 -14.62
N SER Y 190 -77.58 33.97 -14.27
CA SER Y 190 -78.13 32.80 -14.90
C SER Y 190 -78.41 31.77 -13.81
N GLU Y 191 -78.62 30.51 -14.24
CA GLU Y 191 -79.16 29.47 -13.37
C GLU Y 191 -78.32 29.25 -12.13
N ASN Y 192 -79.00 29.18 -10.98
CA ASN Y 192 -78.44 28.88 -9.66
C ASN Y 192 -77.47 29.93 -9.15
N GLU Y 193 -77.30 31.04 -9.86
CA GLU Y 193 -76.49 32.15 -9.41
C GLU Y 193 -77.38 33.09 -8.60
N THR Y 194 -76.77 33.73 -7.60
CA THR Y 194 -77.53 34.41 -6.56
C THR Y 194 -77.21 35.90 -6.57
N LEU Y 195 -78.25 36.69 -6.30
CA LEU Y 195 -78.11 38.09 -5.93
C LEU Y 195 -78.41 38.22 -4.46
N GLU Y 196 -77.49 38.82 -3.72
CA GLU Y 196 -77.62 39.06 -2.30
C GLU Y 196 -77.86 40.53 -2.07
N ILE Y 197 -78.86 40.83 -1.26
CA ILE Y 197 -79.19 42.17 -0.82
C ILE Y 197 -78.73 42.30 0.61
N LEU Y 198 -77.82 43.23 0.83
CA LEU Y 198 -77.01 43.32 2.03
C LEU Y 198 -77.29 44.60 2.78
N LEU Y 199 -77.08 44.52 4.08
CA LEU Y 199 -77.44 45.53 5.04
C LEU Y 199 -76.24 45.82 5.91
N ASP Y 200 -76.04 47.10 6.22
CA ASP Y 200 -75.03 47.53 7.19
C ASP Y 200 -75.71 48.56 8.08
N ALA Y 201 -76.09 48.15 9.28
CA ALA Y 201 -76.75 49.05 10.22
C ALA Y 201 -76.76 48.41 11.59
N PRO Y 202 -76.89 49.20 12.66
CA PRO Y 202 -76.85 48.62 14.00
C PRO Y 202 -78.11 47.90 14.41
N GLN Y 203 -79.27 48.49 14.16
CA GLN Y 203 -80.48 48.04 14.79
C GLN Y 203 -80.98 46.75 14.17
N ALA Y 204 -81.55 45.90 15.01
CA ALA Y 204 -81.96 44.56 14.61
C ALA Y 204 -83.30 44.63 13.91
N LEU Y 205 -83.30 44.44 12.60
CA LEU Y 205 -84.52 44.39 11.83
C LEU Y 205 -85.20 43.04 11.98
N THR Y 206 -86.36 42.90 11.35
CA THR Y 206 -87.19 41.72 11.48
C THR Y 206 -87.80 41.39 10.13
N TRP Y 207 -88.31 40.16 10.03
CA TRP Y 207 -89.03 39.70 8.86
C TRP Y 207 -90.36 39.07 9.24
N GLU Y 208 -90.40 38.44 10.42
CA GLU Y 208 -91.57 37.70 10.87
C GLU Y 208 -91.69 37.83 12.37
N ASP Y 209 -92.92 38.03 12.83
CA ASP Y 209 -93.22 38.08 14.26
C ASP Y 209 -94.44 37.29 14.68
N SER Y 210 -95.36 36.97 13.77
CA SER Y 210 -96.55 36.16 14.02
C SER Y 210 -97.55 36.84 14.94
N ASP Y 211 -97.34 38.10 15.32
CA ASP Y 211 -98.29 38.84 16.14
C ASP Y 211 -98.38 40.28 15.69
N TYR Y 212 -98.13 40.53 14.40
CA TYR Y 212 -98.14 41.86 13.83
C TYR Y 212 -99.45 42.06 13.07
N PRO Y 213 -100.25 43.08 13.37
CA PRO Y 213 -101.58 43.16 12.75
C PRO Y 213 -101.55 43.44 11.25
N ARG Y 214 -100.83 44.48 10.85
CA ARG Y 214 -100.86 44.95 9.46
C ARG Y 214 -100.08 43.99 8.58
N GLY Y 215 -100.65 42.81 8.38
CA GLY Y 215 -100.04 41.78 7.57
C GLY Y 215 -99.18 40.84 8.39
N GLN Y 216 -98.86 39.70 7.78
CA GLN Y 216 -98.03 38.71 8.45
C GLN Y 216 -96.57 39.11 8.44
N TYR Y 217 -96.00 39.27 7.24
CA TYR Y 217 -94.61 39.67 7.11
C TYR Y 217 -94.50 41.16 7.34
N VAL Y 218 -93.70 41.52 8.36
CA VAL Y 218 -93.62 42.91 8.80
C VAL Y 218 -93.00 43.77 7.72
N THR Y 219 -91.74 43.50 7.42
CA THR Y 219 -91.01 44.27 6.43
C THR Y 219 -91.36 43.78 5.05
N THR Y 220 -90.78 44.41 4.04
CA THR Y 220 -91.01 43.93 2.69
C THR Y 220 -89.99 44.51 1.73
N LEU Y 221 -89.78 43.78 0.65
CA LEU Y 221 -89.04 44.24 -0.51
C LEU Y 221 -89.87 43.94 -1.74
N GLU Y 222 -89.88 44.87 -2.69
CA GLU Y 222 -90.58 44.67 -3.95
C GLU Y 222 -89.75 45.34 -5.04
N GLN Y 223 -89.07 44.55 -5.86
CA GLN Y 223 -88.13 45.06 -6.86
C GLN Y 223 -88.59 44.69 -8.27
N ASP Y 224 -88.37 45.59 -9.22
CA ASP Y 224 -88.63 45.28 -10.62
C ASP Y 224 -87.42 44.63 -11.24
N VAL Y 225 -87.68 43.64 -12.10
CA VAL Y 225 -86.62 42.96 -12.83
C VAL Y 225 -87.12 42.64 -14.23
N GLU Y 226 -86.16 42.29 -15.08
CA GLU Y 226 -86.40 41.81 -16.43
C GLU Y 226 -85.93 40.38 -16.52
N ILE Y 227 -86.72 39.54 -17.16
CA ILE Y 227 -86.48 38.11 -17.22
C ILE Y 227 -86.58 37.66 -18.67
N THR Y 228 -85.75 36.69 -19.03
CA THR Y 228 -85.82 36.03 -20.33
C THR Y 228 -86.56 34.70 -20.13
N LEU Y 229 -87.88 34.81 -20.05
CA LEU Y 229 -88.77 33.66 -19.93
C LEU Y 229 -88.41 32.78 -18.76
N PRO Z 1 -72.35 34.77 -13.11
CA PRO Z 1 -72.72 36.17 -12.87
C PRO Z 1 -72.21 37.10 -13.95
N GLU Z 2 -72.87 38.24 -14.09
CA GLU Z 2 -72.43 39.24 -15.04
C GLU Z 2 -72.84 40.61 -14.51
N ILE Z 3 -71.90 41.55 -14.58
CA ILE Z 3 -72.15 42.93 -14.20
C ILE Z 3 -71.71 43.79 -15.38
N GLY Z 4 -72.43 44.89 -15.60
CA GLY Z 4 -72.07 45.79 -16.68
C GLY Z 4 -70.96 46.73 -16.26
N ASN Z 5 -70.05 46.99 -17.19
CA ASN Z 5 -68.94 47.91 -16.96
C ASN Z 5 -69.52 49.33 -16.98
N ASN Z 6 -70.03 49.74 -15.82
CA ASN Z 6 -70.61 51.06 -15.69
C ASN Z 6 -69.56 52.12 -15.98
N GLY Z 7 -70.00 53.23 -16.56
CA GLY Z 7 -69.08 54.30 -16.93
C GLY Z 7 -68.38 54.88 -15.72
N ALA Z 8 -67.20 55.43 -15.97
CA ALA Z 8 -66.41 56.01 -14.89
C ALA Z 8 -67.12 57.20 -14.27
N GLU Z 9 -67.87 57.96 -15.06
CA GLU Z 9 -68.59 59.13 -14.57
C GLU Z 9 -69.81 58.64 -13.79
N LYS Z 10 -69.58 58.32 -12.53
CA LYS Z 10 -70.63 57.74 -11.70
C LYS Z 10 -71.50 58.82 -11.08
N GLN Z 11 -72.78 58.48 -10.94
CA GLN Z 11 -73.82 59.42 -10.51
C GLN Z 11 -74.14 59.17 -9.05
N ILE Z 12 -73.87 60.16 -8.21
CA ILE Z 12 -73.75 59.97 -6.77
C ILE Z 12 -74.39 61.16 -6.06
N SER Z 13 -74.38 61.09 -4.74
CA SER Z 13 -74.91 62.16 -3.91
C SER Z 13 -74.17 62.18 -2.59
N LEU Z 14 -74.29 63.31 -1.91
CA LEU Z 14 -73.55 63.58 -0.69
C LEU Z 14 -74.51 63.68 0.49
N HIS Z 15 -74.03 63.26 1.65
CA HIS Z 15 -74.81 63.34 2.86
C HIS Z 15 -73.87 63.29 4.05
N LYS Z 16 -74.43 63.24 5.25
CA LYS Z 16 -73.63 63.37 6.46
C LYS Z 16 -72.73 62.17 6.66
N GLY Z 17 -73.30 60.97 6.58
CA GLY Z 17 -72.55 59.77 6.88
C GLY Z 17 -71.57 59.36 5.80
N GLN Z 18 -70.53 60.15 5.61
CA GLN Z 18 -69.47 59.86 4.67
C GLN Z 18 -68.15 60.29 5.29
N PRO Z 19 -67.02 59.78 4.79
CA PRO Z 19 -65.74 60.09 5.43
C PRO Z 19 -65.18 61.45 5.06
N PHE Z 20 -65.40 61.89 3.83
CA PHE Z 20 -64.81 63.12 3.33
C PHE Z 20 -65.69 64.34 3.59
N ILE Z 21 -66.57 64.25 4.60
CA ILE Z 21 -67.46 65.31 5.01
C ILE Z 21 -67.40 65.39 6.53
N ASP Z 22 -67.74 66.56 7.07
CA ASP Z 22 -67.74 66.75 8.50
C ASP Z 22 -68.66 67.92 8.83
N THR Z 23 -69.06 68.01 10.09
CA THR Z 23 -69.86 69.12 10.56
C THR Z 23 -69.47 69.47 11.98
N GLN Z 24 -70.01 70.58 12.48
CA GLN Z 24 -69.87 70.94 13.88
C GLN Z 24 -70.88 72.02 14.21
N ASP Z 25 -71.28 72.05 15.48
CA ASP Z 25 -72.34 72.93 15.94
C ASP Z 25 -72.01 74.40 15.68
N VAL Z 26 -73.05 75.22 15.72
CA VAL Z 26 -72.96 76.65 15.46
C VAL Z 26 -73.87 77.37 16.44
N GLY Z 27 -73.45 78.56 16.84
CA GLY Z 27 -74.20 79.39 17.76
C GLY Z 27 -75.11 80.38 17.07
N ALA Z 28 -74.76 81.65 17.16
CA ALA Z 28 -75.61 82.72 16.63
C ALA Z 28 -74.74 83.90 16.23
N ALA Z 29 -75.12 84.56 15.14
CA ALA Z 29 -74.36 85.68 14.59
C ALA Z 29 -72.93 85.25 14.34
N ASP Z 30 -72.80 84.27 13.45
CA ASP Z 30 -71.64 83.38 13.43
C ASP Z 30 -71.36 82.92 12.01
N PRO Z 31 -70.92 83.84 11.15
CA PRO Z 31 -70.77 83.52 9.73
C PRO Z 31 -69.54 82.69 9.38
N ASN Z 32 -68.43 82.96 10.07
CA ASN Z 32 -67.12 82.61 9.54
C ASN Z 32 -66.93 81.10 9.43
N THR Z 33 -67.56 80.32 10.30
CA THR Z 33 -67.25 78.90 10.32
C THR Z 33 -68.07 78.14 9.28
N PRO Z 34 -67.52 77.07 8.72
CA PRO Z 34 -68.36 76.08 8.04
C PRO Z 34 -69.09 75.21 9.04
N ALA Z 35 -70.41 75.36 9.10
CA ALA Z 35 -71.22 74.38 9.80
C ALA Z 35 -70.98 72.99 9.26
N VAL Z 36 -70.70 72.89 7.97
CA VAL Z 36 -70.39 71.64 7.29
C VAL Z 36 -69.20 71.88 6.38
N THR Z 37 -68.24 70.97 6.42
CA THR Z 37 -67.06 70.99 5.58
C THR Z 37 -67.08 69.77 4.68
N ILE Z 38 -66.64 69.98 3.45
CA ILE Z 38 -66.50 68.91 2.46
C ILE Z 38 -65.07 69.00 1.94
N GLU Z 39 -64.52 67.84 1.60
CA GLU Z 39 -63.19 67.80 1.00
C GLU Z 39 -63.13 66.74 -0.07
N GLY Z 40 -62.32 67.01 -1.09
CA GLY Z 40 -62.08 66.06 -2.15
C GLY Z 40 -61.26 64.89 -1.66
N PRO Z 41 -61.73 63.66 -1.82
CA PRO Z 41 -60.87 62.52 -1.53
C PRO Z 41 -59.70 62.46 -2.49
N SER Z 42 -58.80 61.53 -2.20
CA SER Z 42 -57.56 61.41 -2.94
C SER Z 42 -57.79 60.73 -4.28
N ASP Z 43 -57.19 61.30 -5.33
CA ASP Z 43 -57.20 60.73 -6.68
C ASP Z 43 -58.61 60.58 -7.24
N TYR Z 44 -59.57 61.35 -6.72
CA TYR Z 44 -60.90 61.44 -7.27
C TYR Z 44 -61.15 62.86 -7.73
N VAL Z 45 -62.20 63.01 -8.54
CA VAL Z 45 -62.65 64.30 -9.05
C VAL Z 45 -64.16 64.30 -8.96
N ILE Z 46 -64.70 65.29 -8.28
CA ILE Z 46 -66.14 65.48 -8.14
C ILE Z 46 -66.52 66.64 -9.05
N ALA Z 47 -67.73 66.53 -9.60
CA ALA Z 47 -68.29 67.54 -10.48
C ALA Z 47 -69.73 67.79 -10.05
N ILE Z 48 -70.07 69.06 -9.90
CA ILE Z 48 -71.41 69.49 -9.53
C ILE Z 48 -71.87 70.45 -10.62
N ASP Z 49 -72.91 70.05 -11.33
CA ASP Z 49 -73.42 70.86 -12.42
C ASP Z 49 -74.24 72.03 -11.88
N ALA Z 50 -74.62 72.93 -12.78
CA ALA Z 50 -75.32 74.13 -12.39
C ALA Z 50 -76.75 73.83 -11.96
N GLY Z 51 -77.40 72.86 -12.58
CA GLY Z 51 -78.75 72.51 -12.23
C GLY Z 51 -78.81 71.44 -11.17
N THR Z 52 -77.89 71.49 -10.24
CA THR Z 52 -77.83 70.47 -9.20
C THR Z 52 -78.77 70.83 -8.06
N PRO Z 53 -79.61 69.92 -7.58
CA PRO Z 53 -80.43 70.24 -6.41
C PRO Z 53 -79.59 70.42 -5.16
N VAL Z 54 -80.20 71.11 -4.21
CA VAL Z 54 -79.56 71.47 -2.95
C VAL Z 54 -80.60 71.28 -1.86
N ALA Z 55 -80.14 70.93 -0.67
CA ALA Z 55 -81.10 70.58 0.36
C ALA Z 55 -80.48 70.59 1.75
N PRO Z 56 -80.34 71.76 2.36
CA PRO Z 56 -80.06 71.81 3.79
C PRO Z 56 -81.34 71.70 4.60
N GLU Z 57 -81.25 70.95 5.69
CA GLU Z 57 -82.39 70.63 6.52
C GLU Z 57 -81.99 70.75 7.98
N PHE Z 58 -81.38 71.89 8.31
CA PHE Z 58 -80.87 72.14 9.65
C PHE Z 58 -82.00 72.11 10.67
N ARG Z 59 -81.61 72.03 11.94
CA ARG Z 59 -82.55 71.94 13.03
C ARG Z 59 -82.00 72.68 14.24
N ASP Z 60 -82.87 72.81 15.24
CA ASP Z 60 -82.52 73.29 16.56
C ASP Z 60 -82.31 72.10 17.49
N ALA Z 61 -81.62 72.35 18.59
CA ALA Z 61 -81.33 71.29 19.54
C ALA Z 61 -82.60 70.66 20.10
N ASN Z 62 -83.63 71.47 20.32
CA ASN Z 62 -84.90 70.95 20.79
C ASN Z 62 -85.73 70.28 19.70
N GLY Z 63 -85.22 70.21 18.48
CA GLY Z 63 -85.96 69.64 17.38
C GLY Z 63 -86.98 70.61 16.81
N ASP Z 64 -86.48 71.71 16.27
CA ASP Z 64 -87.32 72.70 15.60
C ASP Z 64 -86.55 73.29 14.44
N LYS Z 65 -87.29 73.92 13.54
CA LYS Z 65 -86.69 74.73 12.49
C LYS Z 65 -86.31 76.08 13.05
N LEU Z 66 -85.31 76.70 12.43
CA LEU Z 66 -84.79 77.97 12.90
C LEU Z 66 -85.47 79.15 12.20
N ASP Z 67 -85.07 80.34 12.59
CA ASP Z 67 -85.58 81.58 12.03
C ASP Z 67 -85.38 81.59 10.52
N PRO Z 68 -86.44 81.67 9.71
CA PRO Z 68 -86.23 81.61 8.24
C PRO Z 68 -85.47 82.80 7.69
N SER Z 69 -85.30 83.87 8.45
CA SER Z 69 -84.39 84.94 8.05
C SER Z 69 -82.94 84.49 8.07
N THR Z 70 -82.64 83.37 8.70
CA THR Z 70 -81.32 82.76 8.64
C THR Z 70 -80.91 82.56 7.19
N ARG Z 71 -79.61 82.65 6.95
CA ARG Z 71 -79.04 82.52 5.62
C ARG Z 71 -78.06 81.35 5.57
N VAL Z 72 -78.04 80.70 4.42
CA VAL Z 72 -77.12 79.63 4.10
C VAL Z 72 -76.36 80.05 2.86
N THR Z 73 -75.07 79.74 2.83
CA THR Z 73 -74.23 80.04 1.67
C THR Z 73 -73.28 78.87 1.46
N ILE Z 74 -73.44 78.18 0.35
CA ILE Z 74 -72.40 77.27 -0.11
C ILE Z 74 -71.32 78.11 -0.76
N GLN Z 75 -70.07 77.68 -0.63
CA GLN Z 75 -68.97 78.46 -1.17
C GLN Z 75 -67.76 77.58 -1.40
N LYS Z 76 -67.19 77.66 -2.59
CA LYS Z 76 -65.94 76.96 -2.86
C LYS Z 76 -64.81 77.68 -2.16
N CYS Z 77 -63.76 76.94 -1.87
CA CYS Z 77 -62.57 77.49 -1.25
C CYS Z 77 -61.35 76.96 -1.97
N ASP Z 78 -60.32 77.80 -2.02
CA ASP Z 78 -58.98 77.29 -2.26
C ASP Z 78 -58.60 76.44 -1.05
N LYS Z 79 -57.49 75.71 -1.19
CA LYS Z 79 -56.90 74.97 -0.08
C LYS Z 79 -56.71 75.88 1.12
N GLN Z 80 -56.60 75.28 2.31
CA GLN Z 80 -56.29 75.99 3.56
C GLN Z 80 -57.49 76.77 4.09
N GLY Z 81 -58.68 76.28 3.82
CA GLY Z 81 -59.86 76.98 4.30
C GLY Z 81 -59.95 78.38 3.78
N ASN Z 82 -59.39 78.65 2.61
CA ASN Z 82 -59.28 79.98 2.05
C ASN Z 82 -60.44 80.19 1.08
N PRO Z 83 -61.49 80.92 1.46
CA PRO Z 83 -62.61 81.08 0.54
C PRO Z 83 -62.26 81.96 -0.64
N LEU Z 84 -63.17 81.96 -1.62
CA LEU Z 84 -63.02 82.73 -2.84
C LEU Z 84 -64.37 83.23 -3.29
N GLY Z 85 -64.39 84.43 -3.85
CA GLY Z 85 -65.63 85.10 -4.17
C GLY Z 85 -66.26 84.51 -5.40
N ASP Z 86 -65.49 84.44 -6.47
CA ASP Z 86 -65.94 83.71 -7.65
C ASP Z 86 -66.16 82.25 -7.29
N GLY Z 87 -67.00 81.58 -8.08
CA GLY Z 87 -67.30 80.19 -7.85
C GLY Z 87 -68.31 79.94 -6.75
N ILE Z 88 -68.69 80.96 -5.97
CA ILE Z 88 -69.72 80.78 -4.97
C ILE Z 88 -71.02 80.38 -5.63
N VAL Z 89 -71.81 79.55 -4.95
CA VAL Z 89 -73.11 79.12 -5.42
C VAL Z 89 -74.04 78.98 -4.22
N PHE Z 90 -75.33 79.08 -4.48
CA PHE Z 90 -76.36 78.82 -3.48
C PHE Z 90 -76.17 79.74 -2.26
N SER Z 91 -76.45 81.02 -2.50
CA SER Z 91 -76.65 82.00 -1.43
C SER Z 91 -78.15 82.13 -1.24
N ASP Z 92 -78.68 81.36 -0.29
CA ASP Z 92 -80.12 81.21 -0.10
C ASP Z 92 -80.45 81.53 1.35
N THR Z 93 -81.74 81.72 1.60
CA THR Z 93 -82.25 81.89 2.95
C THR Z 93 -82.71 80.55 3.48
N LEU Z 94 -82.69 80.41 4.81
CA LEU Z 94 -83.05 79.15 5.43
C LEU Z 94 -84.53 78.88 5.35
N GLY Z 95 -85.35 79.91 5.19
CA GLY Z 95 -86.77 79.72 5.01
C GLY Z 95 -87.05 79.23 3.62
N ARG Z 96 -88.34 79.24 3.29
CA ARG Z 96 -88.84 79.00 1.93
C ARG Z 96 -88.26 77.74 1.28
N PHE Z 97 -88.26 76.65 2.04
CA PHE Z 97 -88.00 75.33 1.48
C PHE Z 97 -89.19 74.40 1.55
N GLU Z 98 -89.93 74.43 2.66
CA GLU Z 98 -90.94 73.43 2.96
C GLU Z 98 -90.31 72.03 2.95
N TYR Z 99 -89.47 71.83 3.97
CA TYR Z 99 -88.68 70.61 4.14
C TYR Z 99 -89.49 69.33 3.98
N SER Z 100 -90.80 69.40 4.26
CA SER Z 100 -91.66 68.23 4.09
C SER Z 100 -91.59 67.68 2.68
N LYS Z 101 -91.72 68.56 1.68
CA LYS Z 101 -91.82 68.18 0.28
C LYS Z 101 -90.61 68.62 -0.53
N MET Z 102 -89.54 69.06 0.14
CA MET Z 102 -88.44 69.79 -0.50
C MET Z 102 -87.75 68.99 -1.59
N ARG Z 103 -87.08 67.90 -1.21
CA ARG Z 103 -86.50 67.00 -2.21
C ARG Z 103 -87.59 66.32 -3.01
N SER Z 104 -88.65 65.94 -2.32
CA SER Z 104 -89.77 65.22 -2.91
C SER Z 104 -90.29 65.91 -4.17
N ASP Z 105 -90.51 67.21 -4.10
CA ASP Z 105 -91.17 67.95 -5.16
C ASP Z 105 -90.15 68.64 -6.06
N PRO Z 106 -90.19 68.47 -7.38
CA PRO Z 106 -89.29 69.26 -8.23
C PRO Z 106 -89.53 70.75 -8.15
N ASP Z 107 -90.76 71.16 -7.86
CA ASP Z 107 -91.03 72.57 -7.63
C ASP Z 107 -90.19 73.09 -6.47
N TYR Z 108 -90.43 72.57 -5.27
CA TYR Z 108 -89.63 72.94 -4.11
C TYR Z 108 -88.15 72.67 -4.28
N MET Z 109 -87.76 71.81 -5.21
CA MET Z 109 -86.37 71.45 -5.37
C MET Z 109 -85.56 72.67 -5.81
N ARG Z 110 -84.78 73.22 -4.89
CA ARG Z 110 -83.97 74.40 -5.15
C ARG Z 110 -82.63 73.96 -5.71
N LYS Z 111 -82.33 74.42 -6.91
CA LYS Z 111 -81.09 74.07 -7.59
C LYS Z 111 -80.05 75.15 -7.38
N THR Z 112 -78.84 74.84 -7.80
CA THR Z 112 -77.74 75.79 -7.73
C THR Z 112 -77.91 76.84 -8.82
N THR Z 113 -76.92 77.72 -8.91
CA THR Z 113 -76.93 78.82 -9.86
C THR Z 113 -75.97 78.59 -11.03
N THR Z 114 -74.74 78.17 -10.72
CA THR Z 114 -73.69 77.99 -11.70
C THR Z 114 -73.01 76.66 -11.47
N SER Z 115 -72.18 76.28 -12.43
CA SER Z 115 -71.48 75.01 -12.36
C SER Z 115 -70.46 75.04 -11.23
N LEU Z 116 -69.79 73.91 -11.04
CA LEU Z 116 -68.81 73.80 -9.97
C LEU Z 116 -67.99 72.54 -10.21
N MET Z 117 -66.78 72.54 -9.66
CA MET Z 117 -65.86 71.43 -9.78
C MET Z 117 -65.01 71.38 -8.53
N ILE Z 118 -64.60 70.17 -8.16
CA ILE Z 118 -63.76 69.94 -7.00
C ILE Z 118 -62.58 69.10 -7.46
N ASP Z 119 -61.41 69.70 -7.51
CA ASP Z 119 -60.19 68.96 -7.73
C ASP Z 119 -59.88 68.11 -6.50
N GLU Z 120 -58.91 67.19 -6.65
CA GLU Z 120 -58.71 66.11 -5.71
C GLU Z 120 -58.53 66.59 -4.27
N ARG Z 121 -57.80 67.68 -4.07
CA ARG Z 121 -57.61 68.30 -2.74
C ARG Z 121 -58.19 69.71 -2.83
N GLU Z 122 -59.47 69.85 -2.54
CA GLU Z 122 -60.08 71.16 -2.45
C GLU Z 122 -61.20 71.09 -1.42
N ILE Z 123 -61.77 72.25 -1.12
CA ILE Z 123 -62.73 72.40 -0.04
C ILE Z 123 -63.95 73.14 -0.53
N VAL Z 124 -65.10 72.74 0.00
CA VAL Z 124 -66.36 73.44 -0.17
C VAL Z 124 -66.96 73.58 1.22
N LYS Z 125 -67.39 74.79 1.55
CA LYS Z 125 -67.87 75.12 2.86
C LYS Z 125 -69.32 75.58 2.78
N ILE Z 126 -69.99 75.47 3.92
CA ILE Z 126 -71.40 75.84 4.05
C ILE Z 126 -71.48 76.76 5.25
N PHE Z 127 -71.42 78.06 5.00
CA PHE Z 127 -71.53 79.05 6.05
C PHE Z 127 -73.00 79.35 6.33
N VAL Z 128 -73.26 79.72 7.57
CA VAL Z 128 -74.61 79.96 8.07
C VAL Z 128 -74.59 81.27 8.84
N GLU Z 129 -75.59 82.11 8.60
CA GLU Z 129 -75.76 83.38 9.30
C GLU Z 129 -77.10 83.35 10.02
N VAL Z 130 -77.05 83.24 11.34
CA VAL Z 130 -78.22 83.23 12.19
C VAL Z 130 -78.33 84.63 12.83
N PRO Z 131 -79.50 85.25 12.89
CA PRO Z 131 -79.61 86.49 13.63
C PRO Z 131 -79.48 86.26 15.12
N PRO Z 132 -79.05 87.27 15.89
CA PRO Z 132 -78.85 87.07 17.32
C PRO Z 132 -80.16 86.82 18.04
N ASN Z 133 -80.03 86.49 19.33
CA ASN Z 133 -81.18 86.19 20.18
C ASN Z 133 -82.01 85.06 19.59
N ALA Z 134 -81.34 84.09 18.98
CA ALA Z 134 -81.96 82.94 18.36
C ALA Z 134 -81.29 81.68 18.87
N ASN Z 135 -81.91 80.55 18.55
CA ASN Z 135 -81.37 79.26 18.97
C ASN Z 135 -80.29 78.80 18.01
N GLY Z 136 -79.38 78.00 18.52
CA GLY Z 136 -78.25 77.54 17.74
C GLY Z 136 -78.54 76.27 16.97
N MET Z 137 -77.60 75.94 16.10
CA MET Z 137 -77.70 74.72 15.31
C MET Z 137 -77.21 73.53 16.12
N ASP Z 138 -77.82 72.37 15.87
CA ASP Z 138 -77.47 71.12 16.52
C ASP Z 138 -77.08 70.11 15.46
N ALA Z 139 -75.84 69.64 15.53
CA ALA Z 139 -75.29 68.79 14.49
C ALA Z 139 -75.91 67.40 14.47
N ASP Z 140 -76.47 66.95 15.58
CA ASP Z 140 -77.05 65.61 15.64
C ASP Z 140 -78.23 65.49 14.68
N ASN Z 141 -79.00 66.56 14.53
CA ASN Z 141 -80.23 66.54 13.75
C ASN Z 141 -80.11 67.27 12.43
N SER Z 142 -79.13 68.16 12.29
CA SER Z 142 -78.94 68.86 11.04
C SER Z 142 -78.58 67.86 9.93
N ARG Z 143 -78.68 68.33 8.69
CA ARG Z 143 -78.24 67.51 7.57
C ARG Z 143 -78.12 68.36 6.32
N ILE Z 144 -77.22 67.94 5.45
CA ILE Z 144 -77.09 68.42 4.08
C ILE Z 144 -77.31 67.26 3.15
N THR Z 145 -77.93 67.55 2.01
CA THR Z 145 -77.92 66.65 0.87
C THR Z 145 -77.84 67.49 -0.39
N ILE Z 146 -77.07 67.01 -1.35
CA ILE Z 146 -76.99 67.64 -2.66
C ILE Z 146 -76.99 66.55 -3.71
N GLY Z 147 -77.41 66.91 -4.91
CA GLY Z 147 -77.55 65.92 -5.96
C GLY Z 147 -78.80 65.11 -5.80
N ASP Z 148 -79.31 64.58 -6.91
CA ASP Z 148 -80.55 63.80 -6.93
C ASP Z 148 -80.29 62.54 -7.75
N ASP Z 149 -79.74 61.54 -7.07
CA ASP Z 149 -79.83 60.19 -7.59
C ASP Z 149 -81.25 59.70 -7.45
N THR Z 150 -81.55 58.58 -8.08
CA THR Z 150 -82.77 57.82 -7.79
C THR Z 150 -84.03 58.63 -8.07
N SER Z 151 -84.01 59.39 -9.17
CA SER Z 151 -85.20 60.13 -9.55
C SER Z 151 -84.97 60.66 -10.95
N ASP Z 152 -86.01 60.54 -11.78
CA ASP Z 152 -85.94 61.12 -13.12
C ASP Z 152 -85.81 62.63 -13.05
N TYR Z 153 -86.31 63.24 -11.97
CA TYR Z 153 -86.14 64.66 -11.75
C TYR Z 153 -84.78 64.92 -11.10
N GLY Z 154 -84.36 66.16 -11.18
CA GLY Z 154 -83.11 66.57 -10.59
C GLY Z 154 -81.91 65.96 -11.30
N LYS Z 155 -80.75 66.45 -10.89
CA LYS Z 155 -79.46 66.01 -11.40
C LYS Z 155 -78.72 65.28 -10.31
N ALA Z 156 -77.56 64.73 -10.66
CA ALA Z 156 -76.74 63.97 -9.75
C ALA Z 156 -75.31 64.47 -9.81
N VAL Z 157 -74.59 64.22 -8.72
CA VAL Z 157 -73.20 64.62 -8.62
C VAL Z 157 -72.36 63.64 -9.41
N GLY Z 158 -71.53 64.15 -10.32
CA GLY Z 158 -70.63 63.29 -11.05
C GLY Z 158 -69.37 63.04 -10.24
N ILE Z 159 -68.84 61.83 -10.36
CA ILE Z 159 -67.56 61.50 -9.77
C ILE Z 159 -66.76 60.66 -10.76
N VAL Z 160 -65.45 60.76 -10.67
CA VAL Z 160 -64.56 59.98 -11.51
C VAL Z 160 -63.26 59.76 -10.79
N GLU Z 161 -62.67 58.59 -10.99
CA GLU Z 161 -61.34 58.32 -10.48
C GLU Z 161 -60.31 59.06 -11.32
N HIS Z 162 -59.44 59.83 -10.66
CA HIS Z 162 -58.48 60.64 -11.37
C HIS Z 162 -57.48 59.78 -12.14
N GLY Z 163 -57.17 58.59 -11.62
CA GLY Z 163 -56.18 57.74 -12.24
C GLY Z 163 -56.63 57.07 -13.52
N ASP Z 164 -57.93 57.03 -13.78
CA ASP Z 164 -58.43 56.34 -14.97
C ASP Z 164 -58.20 57.19 -16.22
N LEU Z 165 -58.76 58.39 -16.24
CA LEU Z 165 -58.70 59.23 -17.43
C LEU Z 165 -57.38 59.98 -17.51
N SER Z 166 -56.89 60.15 -18.74
CA SER Z 166 -55.69 60.91 -19.01
C SER Z 166 -55.95 62.42 -18.95
N PRO Z 167 -57.02 62.96 -19.56
CA PRO Z 167 -57.31 64.38 -19.40
C PRO Z 167 -57.97 64.76 -18.08
N ALA Z 168 -57.99 63.86 -17.08
CA ALA Z 168 -58.44 64.24 -15.75
C ALA Z 168 -57.63 65.40 -15.21
N GLU Z 169 -56.31 65.37 -15.42
CA GLU Z 169 -55.47 66.49 -15.01
C GLU Z 169 -55.80 67.75 -15.80
N SER Z 170 -56.11 67.61 -17.08
CA SER Z 170 -56.48 68.76 -17.89
C SER Z 170 -57.75 69.41 -17.36
N LYS Z 171 -58.76 68.61 -17.05
CA LYS Z 171 -59.99 69.14 -16.47
C LYS Z 171 -59.76 69.73 -15.09
N ALA Z 172 -58.86 69.13 -14.31
CA ALA Z 172 -58.54 69.67 -12.99
C ALA Z 172 -57.92 71.06 -13.10
N VAL Z 173 -56.97 71.23 -14.03
CA VAL Z 173 -56.39 72.55 -14.26
C VAL Z 173 -57.45 73.50 -14.83
N ARG Z 174 -58.39 72.98 -15.62
CA ARG Z 174 -59.45 73.81 -16.18
C ARG Z 174 -60.35 74.35 -15.08
N GLN Z 175 -60.60 73.55 -14.05
CA GLN Z 175 -61.49 73.92 -12.96
C GLN Z 175 -62.89 74.27 -13.48
N ILE AA 1 -126.54 63.48 -35.58
CA ILE AA 1 -125.43 63.16 -34.71
C ILE AA 1 -124.18 62.95 -35.57
N GLY AA 2 -123.03 63.27 -35.01
CA GLY AA 2 -121.76 62.97 -35.66
C GLY AA 2 -121.45 61.49 -35.53
N ASN AA 3 -121.19 60.85 -36.67
CA ASN AA 3 -120.94 59.42 -36.71
C ASN AA 3 -119.64 59.11 -35.97
N ASN AA 4 -119.74 58.49 -34.80
CA ASN AA 4 -118.57 58.12 -34.02
C ASN AA 4 -117.81 56.98 -34.71
N GLY AA 5 -116.50 56.97 -34.53
CA GLY AA 5 -115.69 55.94 -35.13
C GLY AA 5 -115.96 54.57 -34.52
N ALA AA 6 -115.65 53.53 -35.31
CA ALA AA 6 -115.85 52.16 -34.85
C ALA AA 6 -114.95 51.83 -33.67
N GLU AA 7 -113.75 52.41 -33.63
CA GLU AA 7 -112.81 52.17 -32.54
C GLU AA 7 -113.30 52.93 -31.31
N LYS AA 8 -114.28 52.33 -30.64
CA LYS AA 8 -114.86 52.97 -29.48
C LYS AA 8 -113.99 52.78 -28.25
N GLN AA 9 -114.11 53.71 -27.31
CA GLN AA 9 -113.34 53.71 -26.08
C GLN AA 9 -114.24 53.36 -24.92
N ILE AA 10 -113.83 52.36 -24.14
CA ILE AA 10 -114.61 51.88 -23.01
C ILE AA 10 -113.68 51.57 -21.85
N SER AA 11 -114.29 51.33 -20.70
CA SER AA 11 -113.60 50.91 -19.50
C SER AA 11 -114.34 49.74 -18.90
N LEU AA 12 -113.58 48.84 -18.30
CA LEU AA 12 -114.10 47.57 -17.83
C LEU AA 12 -114.32 47.61 -16.32
N HIS AA 13 -115.18 46.73 -15.85
CA HIS AA 13 -115.53 46.69 -14.43
C HIS AA 13 -116.27 45.39 -14.17
N LYS AA 14 -116.81 45.27 -12.96
CA LYS AA 14 -117.40 44.01 -12.52
C LYS AA 14 -118.73 43.75 -13.20
N GLY AA 15 -119.64 44.72 -13.16
CA GLY AA 15 -121.00 44.51 -13.62
C GLY AA 15 -121.13 44.44 -15.13
N GLN AA 16 -120.59 43.39 -15.73
CA GLN AA 16 -120.69 43.18 -17.17
C GLN AA 16 -120.91 41.69 -17.42
N PRO AA 17 -121.43 41.33 -18.61
CA PRO AA 17 -121.73 39.92 -18.86
C PRO AA 17 -120.50 39.09 -19.17
N PHE AA 18 -119.54 39.67 -19.89
CA PHE AA 18 -118.36 38.94 -20.35
C PHE AA 18 -117.22 38.95 -19.34
N ILE AA 19 -117.55 39.17 -18.06
CA ILE AA 19 -116.60 39.12 -16.96
C ILE AA 19 -117.24 38.28 -15.87
N ASP AA 20 -116.39 37.75 -14.99
CA ASP AA 20 -116.87 36.96 -13.87
C ASP AA 20 -115.81 36.97 -12.79
N THR AA 21 -116.23 36.67 -11.56
CA THR AA 21 -115.31 36.53 -10.45
C THR AA 21 -115.77 35.39 -9.56
N GLN AA 22 -114.87 34.97 -8.67
CA GLN AA 22 -115.19 33.96 -7.68
C GLN AA 22 -114.24 34.10 -6.51
N ASP AA 23 -114.76 33.79 -5.32
CA ASP AA 23 -114.00 33.95 -4.10
C ASP AA 23 -112.71 33.13 -4.13
N VAL AA 24 -111.77 33.53 -3.28
CA VAL AA 24 -110.47 32.90 -3.19
C VAL AA 24 -110.09 32.80 -1.72
N GLY AA 25 -109.38 31.73 -1.39
CA GLY AA 25 -108.95 31.49 -0.02
C GLY AA 25 -107.55 32.00 0.22
N ALA AA 26 -106.59 31.08 0.30
CA ALA AA 26 -105.22 31.43 0.61
C ALA AA 26 -104.30 30.45 -0.07
N ALA AA 27 -103.22 30.96 -0.65
CA ALA AA 27 -102.23 30.16 -1.35
C ALA AA 27 -102.89 29.35 -2.46
N ASP AA 28 -103.58 30.07 -3.33
CA ASP AA 28 -104.38 29.49 -4.42
C ASP AA 28 -104.04 30.22 -5.71
N PRO AA 29 -102.86 29.97 -6.27
CA PRO AA 29 -102.47 30.70 -7.49
C PRO AA 29 -103.26 30.27 -8.71
N ASN AA 30 -103.53 28.98 -8.85
CA ASN AA 30 -104.15 28.49 -10.08
C ASN AA 30 -105.56 29.01 -10.25
N THR AA 31 -106.28 29.20 -9.17
CA THR AA 31 -107.65 29.70 -9.24
C THR AA 31 -107.63 31.15 -9.72
N PRO AA 32 -108.30 31.49 -10.82
CA PRO AA 32 -108.45 32.91 -11.16
C PRO AA 32 -109.53 33.55 -10.30
N ALA AA 33 -109.17 34.63 -9.62
CA ALA AA 33 -110.15 35.41 -8.90
C ALA AA 33 -111.14 36.07 -9.86
N VAL AA 34 -110.66 36.46 -11.03
CA VAL AA 34 -111.46 37.16 -12.02
C VAL AA 34 -111.14 36.58 -13.38
N THR AA 35 -112.17 36.44 -14.20
CA THR AA 35 -112.07 35.93 -15.56
C THR AA 35 -112.72 36.94 -16.49
N ILE AA 36 -112.11 37.11 -17.66
CA ILE AA 36 -112.62 37.97 -18.71
C ILE AA 36 -112.68 37.14 -19.98
N GLU AA 37 -113.65 37.43 -20.84
CA GLU AA 37 -113.76 36.76 -22.11
C GLU AA 37 -114.15 37.76 -23.19
N GLY AA 38 -113.69 37.49 -24.40
CA GLY AA 38 -114.04 38.28 -25.55
C GLY AA 38 -115.46 37.98 -25.99
N PRO AA 39 -116.32 38.99 -26.11
CA PRO AA 39 -117.65 38.73 -26.66
C PRO AA 39 -117.57 38.33 -28.13
N SER AA 40 -118.74 38.02 -28.67
CA SER AA 40 -118.83 37.49 -30.02
C SER AA 40 -118.73 38.60 -31.06
N ASP AA 41 -117.86 38.40 -32.05
CA ASP AA 41 -117.71 39.29 -33.19
C ASP AA 41 -117.25 40.68 -32.81
N TYR AA 42 -116.63 40.80 -31.62
CA TYR AA 42 -115.97 42.01 -31.19
C TYR AA 42 -114.48 41.73 -30.99
N VAL AA 43 -113.71 42.81 -30.98
CA VAL AA 43 -112.28 42.77 -30.77
C VAL AA 43 -111.95 43.84 -29.76
N ILE AA 44 -111.29 43.44 -28.70
CA ILE AA 44 -110.84 44.36 -27.65
C ILE AA 44 -109.35 44.55 -27.82
N ALA AA 45 -108.90 45.75 -27.49
CA ALA AA 45 -107.49 46.14 -27.58
C ALA AA 45 -107.13 46.88 -26.30
N ILE AA 46 -106.01 46.49 -25.72
CA ILE AA 46 -105.48 47.09 -24.51
C ILE AA 46 -104.05 47.50 -24.81
N ASP AA 47 -103.80 48.80 -24.80
CA ASP AA 47 -102.47 49.31 -25.10
C ASP AA 47 -101.53 49.09 -23.92
N ALA AA 48 -100.27 49.45 -24.10
CA ALA AA 48 -99.27 49.23 -23.08
C ALA AA 48 -99.42 50.21 -21.92
N GLY AA 49 -99.80 51.44 -22.20
CA GLY AA 49 -99.95 52.45 -21.18
C GLY AA 49 -101.35 52.51 -20.62
N THR AA 50 -101.99 51.37 -20.50
CA THR AA 50 -103.35 51.31 -20.01
C THR AA 50 -103.35 51.28 -18.49
N PRO AA 51 -104.14 52.11 -17.80
CA PRO AA 51 -104.19 52.01 -16.34
C PRO AA 51 -104.77 50.69 -15.88
N VAL AA 52 -104.48 50.38 -14.62
CA VAL AA 52 -104.93 49.15 -13.98
C VAL AA 52 -105.33 49.53 -12.56
N ALA AA 53 -106.31 48.81 -12.03
CA ALA AA 53 -106.83 49.21 -10.74
C ALA AA 53 -107.65 48.12 -10.08
N PRO AA 54 -107.02 47.22 -9.34
CA PRO AA 54 -107.76 46.30 -8.48
C PRO AA 54 -108.00 46.89 -7.09
N GLU AA 55 -109.10 46.45 -6.51
CA GLU AA 55 -109.56 46.92 -5.22
C GLU AA 55 -110.06 45.74 -4.40
N PHE AA 56 -109.25 44.70 -4.33
CA PHE AA 56 -109.64 43.53 -3.56
C PHE AA 56 -109.78 43.87 -2.09
N ARG AA 57 -110.69 43.19 -1.43
CA ARG AA 57 -111.01 43.45 -0.04
C ARG AA 57 -111.19 42.13 0.69
N ASP AA 58 -111.19 42.24 2.01
CA ASP AA 58 -111.49 41.13 2.89
C ASP AA 58 -112.99 41.10 3.16
N ALA AA 59 -113.47 39.94 3.63
CA ALA AA 59 -114.88 39.79 3.92
C ALA AA 59 -115.36 40.80 4.95
N ASN AA 60 -114.52 41.11 5.94
CA ASN AA 60 -114.87 42.09 6.95
C ASN AA 60 -114.73 43.53 6.47
N GLY AA 61 -114.33 43.74 5.21
CA GLY AA 61 -114.19 45.07 4.66
C GLY AA 61 -112.84 45.69 4.98
N ASP AA 62 -111.77 44.94 4.71
CA ASP AA 62 -110.41 45.40 4.97
C ASP AA 62 -109.51 45.00 3.81
N LYS AA 63 -108.43 45.76 3.66
CA LYS AA 63 -107.43 45.43 2.67
C LYS AA 63 -106.61 44.24 3.16
N LEU AA 64 -106.05 43.50 2.20
CA LEU AA 64 -105.28 42.31 2.49
C LEU AA 64 -103.79 42.63 2.66
N ASP AA 65 -103.03 41.60 2.97
CA ASP AA 65 -101.59 41.70 3.15
C ASP AA 65 -100.94 42.27 1.89
N PRO AA 66 -100.28 43.43 1.95
CA PRO AA 66 -99.71 43.99 0.71
C PRO AA 66 -98.62 43.14 0.10
N SER AA 67 -98.08 42.16 0.82
CA SER AA 67 -97.18 41.20 0.21
C SER AA 67 -97.90 40.30 -0.79
N THR AA 68 -99.22 40.28 -0.75
CA THR AA 68 -100.02 39.59 -1.75
C THR AA 68 -99.62 40.05 -3.14
N ARG AA 69 -99.75 39.14 -4.11
CA ARG AA 69 -99.37 39.39 -5.49
C ARG AA 69 -100.59 39.27 -6.39
N VAL AA 70 -100.62 40.12 -7.41
CA VAL AA 70 -101.63 40.10 -8.46
C VAL AA 70 -100.91 39.96 -9.79
N THR AA 71 -101.49 39.18 -10.69
CA THR AA 71 -100.93 39.01 -12.02
C THR AA 71 -102.07 38.95 -13.02
N ILE AA 72 -102.14 39.94 -13.90
CA ILE AA 72 -102.97 39.82 -15.09
C ILE AA 72 -102.23 38.93 -16.06
N GLN AA 73 -102.97 38.13 -16.83
CA GLN AA 73 -102.32 37.20 -17.73
C GLN AA 73 -103.28 36.79 -18.83
N LYS AA 74 -102.80 36.83 -20.07
CA LYS AA 74 -103.57 36.33 -21.20
C LYS AA 74 -103.53 34.82 -21.20
N CYS AA 75 -104.56 34.22 -21.80
CA CYS AA 75 -104.68 32.78 -21.85
C CYS AA 75 -105.18 32.36 -23.22
N ASP AA 76 -104.60 31.30 -23.74
CA ASP AA 76 -105.19 30.62 -24.88
C ASP AA 76 -106.57 30.08 -24.46
N LYS AA 77 -107.35 29.70 -25.46
CA LYS AA 77 -108.64 29.06 -25.23
C LYS AA 77 -108.49 27.86 -24.32
N GLN AA 78 -109.59 27.40 -23.74
CA GLN AA 78 -109.62 26.28 -22.80
C GLN AA 78 -108.91 26.62 -21.49
N GLY AA 79 -108.96 27.90 -21.10
CA GLY AA 79 -108.41 28.31 -19.82
C GLY AA 79 -106.93 28.05 -19.68
N ASN AA 80 -106.20 28.13 -20.77
CA ASN AA 80 -104.82 27.71 -20.81
C ASN AA 80 -103.91 28.92 -20.80
N PRO AA 81 -103.08 29.13 -19.77
CA PRO AA 81 -102.25 30.34 -19.74
C PRO AA 81 -101.10 30.28 -20.73
N LEU AA 82 -100.40 31.41 -20.81
CA LEU AA 82 -99.25 31.57 -21.68
C LEU AA 82 -98.24 32.48 -21.00
N GLY AA 83 -96.97 32.25 -21.29
CA GLY AA 83 -95.90 33.03 -20.70
C GLY AA 83 -95.78 34.37 -21.38
N ASP AA 84 -95.69 34.34 -22.70
CA ASP AA 84 -95.73 35.56 -23.47
C ASP AA 84 -97.09 36.21 -23.34
N GLY AA 85 -97.13 37.53 -23.58
CA GLY AA 85 -98.36 38.27 -23.51
C GLY AA 85 -98.80 38.68 -22.13
N ILE AA 86 -98.22 38.10 -21.08
CA ILE AA 86 -98.55 38.51 -19.73
C ILE AA 86 -98.22 39.98 -19.53
N VAL AA 87 -99.01 40.64 -18.68
CA VAL AA 87 -98.78 42.03 -18.30
C VAL AA 87 -99.20 42.20 -16.86
N PHE AA 88 -98.63 43.21 -16.20
CA PHE AA 88 -99.03 43.60 -14.85
C PHE AA 88 -98.87 42.43 -13.88
N SER AA 89 -97.61 42.09 -13.63
CA SER AA 89 -97.23 41.21 -12.53
C SER AA 89 -96.79 42.12 -11.40
N ASP AA 90 -97.75 42.53 -10.59
CA ASP AA 90 -97.58 43.55 -9.58
C ASP AA 90 -97.96 42.97 -8.23
N THR AA 91 -97.68 43.72 -7.18
CA THR AA 91 -98.05 43.36 -5.83
C THR AA 91 -99.35 44.04 -5.45
N LEU AA 92 -99.99 43.52 -4.40
CA LEU AA 92 -101.24 44.09 -3.94
C LEU AA 92 -101.03 45.34 -3.11
N GLY AA 93 -99.84 45.51 -2.54
CA GLY AA 93 -99.50 46.75 -1.90
C GLY AA 93 -99.24 47.81 -2.95
N ARG AA 94 -98.81 48.97 -2.46
CA ARG AA 94 -98.35 50.09 -3.28
C ARG AA 94 -99.35 50.46 -4.38
N PHE AA 95 -100.53 50.87 -3.93
CA PHE AA 95 -101.50 51.50 -4.81
C PHE AA 95 -102.04 52.81 -4.26
N GLU AA 96 -102.28 52.90 -2.95
CA GLU AA 96 -103.01 54.01 -2.36
C GLU AA 96 -104.39 54.13 -2.99
N TYR AA 97 -105.21 53.12 -2.68
CA TYR AA 97 -106.56 52.98 -3.23
C TYR AA 97 -107.38 54.26 -3.11
N SER AA 98 -107.14 55.05 -2.07
CA SER AA 98 -107.83 56.32 -1.93
C SER AA 98 -107.54 57.23 -3.12
N LYS AA 99 -106.26 57.37 -3.48
CA LYS AA 99 -105.81 58.27 -4.53
C LYS AA 99 -105.37 57.51 -5.77
N MET AA 100 -105.76 56.25 -5.90
CA MET AA 100 -105.23 55.40 -6.96
C MET AA 100 -105.74 55.84 -8.33
N ARG AA 101 -107.05 55.85 -8.50
CA ARG AA 101 -107.63 56.18 -9.80
C ARG AA 101 -107.59 57.67 -10.07
N SER AA 102 -107.68 58.48 -9.03
CA SER AA 102 -107.81 59.91 -9.20
C SER AA 102 -106.46 60.55 -9.57
N ASP AA 103 -105.41 60.20 -8.85
CA ASP AA 103 -104.09 60.77 -9.11
C ASP AA 103 -103.39 60.00 -10.24
N PRO AA 104 -102.98 60.66 -11.32
CA PRO AA 104 -102.18 59.94 -12.33
C PRO AA 104 -100.86 59.44 -11.81
N ASP AA 105 -100.29 60.10 -10.81
CA ASP AA 105 -99.01 59.65 -10.27
C ASP AA 105 -99.16 58.28 -9.63
N TYR AA 106 -100.12 58.13 -8.74
CA TYR AA 106 -100.41 56.83 -8.14
C TYR AA 106 -101.12 55.89 -9.09
N MET AA 107 -101.56 56.36 -10.25
CA MET AA 107 -102.14 55.48 -11.24
C MET AA 107 -101.06 54.57 -11.81
N ARG AA 108 -101.36 53.27 -11.88
CA ARG AA 108 -100.44 52.28 -12.41
C ARG AA 108 -100.89 51.81 -13.78
N LYS AA 109 -99.94 51.75 -14.69
CA LYS AA 109 -100.19 51.31 -16.05
C LYS AA 109 -99.60 49.93 -16.26
N THR AA 110 -99.90 49.36 -17.42
CA THR AA 110 -99.37 48.07 -17.79
C THR AA 110 -97.96 48.22 -18.32
N THR AA 111 -97.38 47.12 -18.79
CA THR AA 111 -96.00 47.06 -19.24
C THR AA 111 -95.90 46.98 -20.76
N THR AA 112 -96.69 46.12 -21.38
CA THR AA 112 -96.65 45.90 -22.81
C THR AA 112 -98.06 45.87 -23.36
N SER AA 113 -98.15 45.89 -24.69
CA SER AA 113 -99.44 45.92 -25.34
C SER AA 113 -100.16 44.60 -25.14
N LEU AA 114 -101.37 44.53 -25.68
CA LEU AA 114 -102.19 43.34 -25.52
C LEU AA 114 -103.34 43.42 -26.51
N MET AA 115 -103.89 42.25 -26.84
CA MET AA 115 -104.99 42.14 -27.76
C MET AA 115 -105.82 40.94 -27.37
N ILE AA 116 -107.11 41.01 -27.64
CA ILE AA 116 -108.06 39.95 -27.33
C ILE AA 116 -108.85 39.67 -28.59
N ASP AA 117 -108.54 38.57 -29.25
CA ASP AA 117 -109.38 38.07 -30.32
C ASP AA 117 -110.75 37.70 -29.77
N GLU AA 118 -111.70 37.51 -30.67
CA GLU AA 118 -113.12 37.42 -30.34
C GLU AA 118 -113.42 36.40 -29.25
N ARG AA 119 -112.78 35.22 -29.31
CA ARG AA 119 -112.94 34.18 -28.29
C ARG AA 119 -111.57 33.96 -27.66
N GLU AA 120 -111.26 34.73 -26.63
CA GLU AA 120 -110.04 34.53 -25.87
C GLU AA 120 -110.31 34.91 -24.42
N ILE AA 121 -109.32 34.65 -23.58
CA ILE AA 121 -109.48 34.76 -22.14
C ILE AA 121 -108.32 35.56 -21.57
N VAL AA 122 -108.64 36.33 -20.53
CA VAL AA 122 -107.67 37.00 -19.69
C VAL AA 122 -108.05 36.72 -18.26
N LYS AA 123 -107.10 36.24 -17.48
CA LYS AA 123 -107.32 35.89 -16.09
C LYS AA 123 -106.50 36.80 -15.20
N ILE AA 124 -106.88 36.82 -13.93
CA ILE AA 124 -106.25 37.66 -12.92
C ILE AA 124 -105.96 36.73 -11.74
N PHE AA 125 -104.75 36.18 -11.71
CA PHE AA 125 -104.36 35.31 -10.62
C PHE AA 125 -103.90 36.13 -9.43
N VAL AA 126 -104.09 35.57 -8.25
CA VAL AA 126 -103.77 36.20 -6.98
C VAL AA 126 -103.03 35.19 -6.13
N GLU AA 127 -101.97 35.64 -5.48
CA GLU AA 127 -101.18 34.82 -4.57
C GLU AA 127 -101.19 35.49 -3.20
N VAL AA 128 -101.90 34.88 -2.27
CA VAL AA 128 -102.00 35.36 -0.89
C VAL AA 128 -101.08 34.50 -0.04
N PRO AA 129 -100.31 35.05 0.91
CA PRO AA 129 -99.56 34.20 1.81
C PRO AA 129 -100.47 33.49 2.79
N PRO AA 130 -100.06 32.33 3.30
CA PRO AA 130 -100.92 31.59 4.22
C PRO AA 130 -101.11 32.34 5.53
N ASN AA 131 -102.03 31.80 6.34
CA ASN AA 131 -102.41 32.40 7.60
C ASN AA 131 -102.88 33.84 7.40
N ALA AA 132 -103.65 34.05 6.34
CA ALA AA 132 -104.21 35.35 6.00
C ALA AA 132 -105.67 35.18 5.64
N ASN AA 133 -106.37 36.31 5.57
CA ASN AA 133 -107.78 36.29 5.25
C ASN AA 133 -107.98 36.17 3.75
N GLY AA 134 -109.12 35.60 3.38
CA GLY AA 134 -109.41 35.35 1.98
C GLY AA 134 -110.06 36.54 1.30
N MET AA 135 -110.20 36.42 -0.01
CA MET AA 135 -110.84 37.44 -0.81
C MET AA 135 -112.35 37.26 -0.77
N ASP AA 136 -113.06 38.39 -0.80
CA ASP AA 136 -114.51 38.42 -0.83
C ASP AA 136 -114.96 39.13 -2.08
N ALA AA 137 -115.69 38.41 -2.95
CA ALA AA 137 -116.04 38.94 -4.25
C ALA AA 137 -117.10 40.02 -4.18
N ASP AA 138 -117.87 40.08 -3.09
CA ASP AA 138 -118.92 41.09 -2.98
C ASP AA 138 -118.32 42.48 -2.92
N ASN AA 139 -117.18 42.63 -2.25
CA ASN AA 139 -116.57 43.93 -2.05
C ASN AA 139 -115.48 44.26 -3.06
N SER AA 140 -114.89 43.25 -3.67
CA SER AA 140 -113.82 43.48 -4.63
C SER AA 140 -114.35 44.21 -5.86
N ARG AA 141 -113.45 44.94 -6.51
CA ARG AA 141 -113.76 45.57 -7.78
C ARG AA 141 -112.50 45.65 -8.62
N ILE AA 142 -112.69 45.63 -9.94
CA ILE AA 142 -111.62 45.79 -10.91
C ILE AA 142 -112.00 46.95 -11.81
N THR AA 143 -111.00 47.70 -12.24
CA THR AA 143 -111.18 48.66 -13.33
C THR AA 143 -109.88 48.69 -14.12
N ILE AA 144 -110.01 48.76 -15.44
CA ILE AA 144 -108.87 48.98 -16.32
C ILE AA 144 -109.29 49.96 -17.38
N GLY AA 145 -108.37 50.81 -17.80
CA GLY AA 145 -108.70 51.91 -18.67
C GLY AA 145 -109.35 53.03 -17.89
N ASP AA 146 -109.13 54.27 -18.33
CA ASP AA 146 -109.68 55.46 -17.69
C ASP AA 146 -110.41 56.24 -18.76
N ASP AA 147 -111.67 55.90 -18.98
CA ASP AA 147 -112.51 56.71 -19.84
C ASP AA 147 -112.66 58.10 -19.25
N THR AA 148 -113.02 59.05 -20.11
CA THR AA 148 -113.45 60.38 -19.68
C THR AA 148 -112.39 61.11 -18.89
N SER AA 149 -111.12 60.84 -19.17
CA SER AA 149 -110.03 61.44 -18.43
C SER AA 149 -108.92 61.83 -19.40
N ASP AA 150 -108.17 62.86 -19.00
CA ASP AA 150 -107.12 63.38 -19.86
C ASP AA 150 -105.89 62.48 -19.80
N TYR AA 151 -105.55 62.02 -18.62
CA TYR AA 151 -104.44 61.11 -18.43
C TYR AA 151 -104.93 59.67 -18.56
N GLY AA 152 -103.99 58.76 -18.56
CA GLY AA 152 -104.34 57.38 -18.76
C GLY AA 152 -104.82 57.16 -20.18
N LYS AA 153 -105.38 55.97 -20.38
CA LYS AA 153 -105.85 55.53 -21.67
C LYS AA 153 -107.20 54.87 -21.50
N ALA AA 154 -107.76 54.42 -22.60
CA ALA AA 154 -109.04 53.75 -22.63
C ALA AA 154 -108.93 52.48 -23.46
N VAL AA 155 -109.75 51.50 -23.09
CA VAL AA 155 -109.72 50.21 -23.77
C VAL AA 155 -110.45 50.35 -25.09
N GLY AA 156 -109.77 49.99 -26.18
CA GLY AA 156 -110.39 50.07 -27.48
C GLY AA 156 -111.26 48.86 -27.72
N ILE AA 157 -112.37 49.07 -28.41
CA ILE AA 157 -113.26 48.00 -28.82
C ILE AA 157 -113.71 48.29 -30.24
N VAL AA 158 -113.95 47.22 -30.99
CA VAL AA 158 -114.42 47.37 -32.36
C VAL AA 158 -115.23 46.14 -32.74
N GLU AA 159 -116.27 46.35 -33.54
CA GLU AA 159 -117.03 45.24 -34.07
C GLU AA 159 -116.25 44.58 -35.20
N HIS AA 160 -116.12 43.26 -35.12
CA HIS AA 160 -115.37 42.53 -36.13
C HIS AA 160 -116.05 42.58 -37.49
N GLY AA 161 -117.38 42.52 -37.49
CA GLY AA 161 -118.14 42.54 -38.73
C GLY AA 161 -118.01 43.86 -39.47
N GLN BA 1 111.26 95.91 4.58
CA GLN BA 1 111.80 95.75 3.23
C GLN BA 1 110.73 95.22 2.29
N THR BA 2 109.96 94.24 2.77
CA THR BA 2 109.00 93.55 1.92
C THR BA 2 107.94 92.91 2.81
N ALA BA 3 106.73 92.80 2.27
CA ALA BA 3 105.65 92.03 2.88
C ALA BA 3 105.29 92.56 4.26
N ASP BA 4 104.74 93.78 4.25
CA ASP BA 4 104.25 94.39 5.48
C ASP BA 4 102.97 93.74 5.97
N GLY BA 5 102.08 93.37 5.05
CA GLY BA 5 100.82 92.76 5.40
C GLY BA 5 100.86 91.26 5.62
N ARG BA 6 102.04 90.66 5.65
CA ARG BA 6 102.13 89.21 5.81
C ARG BA 6 101.62 88.74 7.16
N VAL BA 7 101.64 89.60 8.18
CA VAL BA 7 101.34 89.14 9.53
C VAL BA 7 99.90 88.67 9.63
N GLY BA 8 99.02 89.23 8.81
CA GLY BA 8 97.65 88.77 8.69
C GLY BA 8 96.64 89.89 8.80
N LEU BA 9 96.88 90.84 9.72
CA LEU BA 9 96.02 92.00 9.89
C LEU BA 9 94.58 91.57 10.17
N VAL BA 10 94.41 90.98 11.35
CA VAL BA 10 93.11 90.51 11.81
C VAL BA 10 92.10 91.65 11.72
N PRO BA 11 90.83 91.39 11.43
CA PRO BA 11 89.87 92.51 11.38
C PRO BA 11 89.73 93.18 12.73
N VAL BA 12 89.84 94.49 12.70
CA VAL BA 12 89.67 95.29 13.90
C VAL BA 12 88.18 95.50 14.14
N ASN BA 13 87.81 95.67 15.40
CA ASN BA 13 86.40 95.73 15.80
C ASN BA 13 85.68 94.45 15.41
N SER BA 14 86.37 93.33 15.56
CA SER BA 14 85.75 92.02 15.38
C SER BA 14 86.27 90.98 16.35
N TYR BA 15 86.97 91.40 17.40
CA TYR BA 15 87.72 90.50 18.27
C TYR BA 15 87.38 90.83 19.71
N VAL BA 16 87.11 89.79 20.50
CA VAL BA 16 86.66 89.98 21.87
C VAL BA 16 87.36 88.99 22.79
N THR BA 17 87.36 89.35 24.08
CA THR BA 17 87.97 88.56 25.13
C THR BA 17 86.98 88.56 26.29
N LEU BA 18 86.36 87.42 26.54
CA LEU BA 18 85.33 87.36 27.56
C LEU BA 18 85.91 87.05 28.92
N GLU BA 19 85.06 87.18 29.92
CA GLU BA 19 85.39 86.95 31.31
C GLU BA 19 84.18 86.31 31.96
N THR BA 20 84.31 86.00 33.25
CA THR BA 20 83.21 85.39 33.98
C THR BA 20 82.11 86.38 34.31
N ASP BA 21 82.44 87.66 34.40
CA ASP BA 21 81.49 88.67 34.81
C ASP BA 21 80.52 89.08 33.71
N ASP BA 22 80.55 88.39 32.57
CA ASP BA 22 79.72 88.71 31.42
C ASP BA 22 78.77 87.57 31.07
N LEU BA 23 78.57 86.61 31.98
CA LEU BA 23 77.69 85.51 31.63
C LEU BA 23 76.24 85.97 31.49
N ASP BA 24 75.60 86.30 32.61
CA ASP BA 24 74.30 86.97 32.76
C ASP BA 24 74.07 87.12 34.25
N THR BA 25 72.95 87.77 34.63
CA THR BA 25 72.36 87.55 35.95
C THR BA 25 71.46 86.33 35.99
N ASP BA 26 70.95 85.89 34.83
CA ASP BA 26 69.93 84.83 34.78
C ASP BA 26 70.47 83.52 35.33
N GLU BA 27 71.61 83.06 34.81
CA GLU BA 27 72.15 81.79 35.24
C GLU BA 27 72.44 81.83 36.74
N HIS BA 28 72.10 80.73 37.41
CA HIS BA 28 71.94 80.79 38.87
C HIS BA 28 73.27 80.99 39.58
N PRO BA 29 74.28 80.12 39.43
CA PRO BA 29 75.52 80.31 40.20
C PRO BA 29 76.33 81.48 39.68
N VAL BA 30 76.60 82.45 40.55
CA VAL BA 30 77.45 83.58 40.20
C VAL BA 30 77.88 84.27 41.47
N THR BA 31 79.05 84.91 41.43
CA THR BA 31 79.55 85.72 42.53
C THR BA 31 80.18 86.97 41.95
N ASP BA 32 80.76 87.79 42.83
CA ASP BA 32 81.39 89.03 42.41
C ASP BA 32 82.76 88.77 41.78
N ALA BA 33 83.55 87.90 42.38
CA ALA BA 33 84.91 87.64 41.92
C ALA BA 33 84.93 86.55 40.85
N GLY BA 34 84.43 85.36 41.17
CA GLY BA 34 84.49 84.25 40.25
C GLY BA 34 83.37 83.26 40.47
N THR BA 35 83.14 82.45 39.44
CA THR BA 35 82.09 81.44 39.46
C THR BA 35 82.31 80.45 40.60
N VAL BA 36 81.20 79.90 41.09
CA VAL BA 36 81.21 78.84 42.10
C VAL BA 36 80.49 77.63 41.54
N ALA BA 37 80.42 76.57 42.33
CA ALA BA 37 79.70 75.37 41.93
C ALA BA 37 79.23 74.63 43.17
N LEU BA 38 78.02 74.10 43.12
CA LEU BA 38 77.44 73.44 44.26
C LEU BA 38 78.17 72.13 44.56
N GLU BA 39 77.86 71.56 45.72
CA GLU BA 39 78.51 70.33 46.18
C GLU BA 39 77.92 69.08 45.53
N PRO BA 40 76.60 68.93 45.36
CA PRO BA 40 76.08 67.70 44.74
C PRO BA 40 76.54 67.47 43.31
N GLY BA 41 77.22 68.42 42.68
CA GLY BA 41 77.78 68.20 41.36
C GLY BA 41 77.06 68.94 40.26
N GLU BA 42 76.66 70.17 40.52
CA GLU BA 42 76.05 70.97 39.48
C GLU BA 42 77.05 71.24 38.36
N SER BA 43 76.53 71.32 37.14
CA SER BA 43 77.36 71.60 35.96
C SER BA 43 77.45 73.12 35.81
N ALA BA 44 78.37 73.69 36.55
CA ALA BA 44 78.52 75.13 36.58
C ALA BA 44 79.17 75.62 35.28
N PRO BA 45 78.62 76.62 34.61
CA PRO BA 45 79.33 77.24 33.49
C PRO BA 45 80.26 78.36 33.95
N ILE BA 46 81.33 78.54 33.18
CA ILE BA 46 82.34 79.55 33.45
C ILE BA 46 82.40 80.59 32.35
N VAL BA 47 82.32 80.14 31.10
CA VAL BA 47 82.38 81.03 29.95
C VAL BA 47 81.26 80.65 29.00
N ARG BA 48 80.64 81.67 28.43
CA ARG BA 48 79.59 81.49 27.46
C ARG BA 48 79.63 82.64 26.48
N TYR BA 49 79.46 82.33 25.22
CA TYR BA 49 79.35 83.30 24.14
C TYR BA 49 77.99 83.06 23.52
N ASP BA 50 77.05 83.94 23.81
CA ASP BA 50 75.74 83.96 23.19
C ASP BA 50 75.64 85.18 22.29
N LEU BA 51 75.38 84.93 21.02
CA LEU BA 51 75.14 85.99 20.06
C LEU BA 51 74.67 85.37 18.77
N GLY BA 52 73.69 86.00 18.14
CA GLY BA 52 73.09 85.40 16.96
C GLY BA 52 74.06 85.23 15.82
N GLN BA 53 75.08 86.06 15.75
CA GLN BA 53 76.01 86.00 14.64
C GLN BA 53 77.01 84.87 14.85
N PRO BA 54 77.61 84.36 13.79
CA PRO BA 54 78.62 83.31 13.96
C PRO BA 54 79.92 83.86 14.53
N ALA BA 55 80.89 82.99 14.73
CA ALA BA 55 82.13 83.36 15.37
C ALA BA 55 83.11 82.21 15.26
N ALA BA 56 84.32 82.44 15.73
CA ALA BA 56 85.38 81.46 15.75
C ALA BA 56 86.11 81.52 17.08
N VAL BA 57 86.55 80.38 17.56
CA VAL BA 57 87.20 80.25 18.85
C VAL BA 57 88.69 80.18 18.62
N TYR BA 58 89.40 81.25 18.97
CA TYR BA 58 90.84 81.26 18.87
C TYR BA 58 91.50 80.69 20.11
N ALA BA 59 90.96 80.93 21.30
CA ALA BA 59 91.67 80.40 22.46
C ALA BA 59 90.77 80.34 23.68
N VAL BA 60 91.18 79.47 24.61
CA VAL BA 60 90.47 79.20 25.84
C VAL BA 60 91.49 79.04 26.95
N GLY BA 61 91.08 79.40 28.16
CA GLY BA 61 91.85 79.10 29.35
C GLY BA 61 90.94 79.11 30.55
N ALA BA 62 91.33 78.38 31.57
CA ALA BA 62 90.50 78.28 32.76
C ALA BA 62 91.32 77.74 33.92
N THR BA 63 90.75 77.86 35.11
CA THR BA 63 91.42 77.37 36.30
C THR BA 63 91.43 75.84 36.30
N ASP BA 64 92.06 75.29 37.34
CA ASP BA 64 92.23 73.85 37.47
C ASP BA 64 91.93 73.44 38.90
N GLU BA 65 91.42 72.22 39.04
CA GLU BA 65 91.10 71.64 40.34
C GLU BA 65 91.47 70.17 40.32
N ALA BA 66 91.19 69.49 41.42
CA ALA BA 66 91.58 68.10 41.62
C ALA BA 66 90.49 67.11 41.27
N ASN BA 67 89.23 67.47 41.49
CA ASN BA 67 88.10 66.55 41.33
C ASN BA 67 87.01 67.22 40.52
N VAL BA 68 87.41 67.81 39.40
CA VAL BA 68 86.51 68.51 38.50
C VAL BA 68 86.82 68.08 37.08
N GLU BA 69 85.77 68.04 36.26
CA GLU BA 69 85.89 67.83 34.83
C GLU BA 69 85.47 69.10 34.11
N TYR BA 70 85.92 69.22 32.87
CA TYR BA 70 85.62 70.40 32.07
C TYR BA 70 85.39 69.96 30.64
N GLU BA 71 84.61 70.75 29.92
CA GLU BA 71 84.42 70.52 28.50
C GLU BA 71 84.10 71.84 27.82
N LEU BA 72 84.16 71.81 26.50
CA LEU BA 72 83.88 72.96 25.67
C LEU BA 72 82.98 72.51 24.53
N LYS BA 73 81.89 73.23 24.32
CA LYS BA 73 80.92 72.85 23.31
C LYS BA 73 80.52 74.05 22.45
N VAL BA 74 80.75 73.88 21.15
CA VAL BA 74 80.12 74.66 20.09
C VAL BA 74 78.67 74.27 20.13
N ASN BA 75 77.80 74.94 19.37
CA ASN BA 75 76.39 75.29 19.64
C ASN BA 75 75.88 74.67 20.93
N ASN BA 76 74.59 74.68 21.19
CA ASN BA 76 74.10 74.20 22.46
C ASN BA 76 74.12 72.69 22.62
N SER BA 77 74.54 71.93 21.60
CA SER BA 77 74.57 70.47 21.71
C SER BA 77 76.00 69.91 21.78
N LYS BA 78 76.85 70.27 20.82
CA LYS BA 78 78.02 69.48 20.49
C LYS BA 78 79.26 69.84 21.30
N THR BA 79 79.82 68.84 21.98
CA THR BA 79 81.11 68.98 22.66
C THR BA 79 82.22 68.55 21.71
N VAL BA 80 83.34 69.28 21.75
CA VAL BA 80 84.49 68.98 20.92
C VAL BA 80 85.38 67.98 21.63
N GLY BA 81 85.97 68.39 22.74
CA GLY BA 81 86.72 67.51 23.60
C GLY BA 81 85.84 67.04 24.72
N GLY BA 82 85.52 65.76 24.71
CA GLY BA 82 84.48 65.20 25.56
C GLY BA 82 84.60 65.54 27.03
N ARG BA 83 85.71 65.12 27.64
CA ARG BA 83 85.94 65.39 29.05
C ARG BA 83 87.44 65.48 29.26
N THR BA 84 87.82 65.95 30.44
CA THR BA 84 89.23 66.14 30.74
C THR BA 84 89.40 66.18 32.25
N ASN BA 85 90.49 65.59 32.72
CA ASN BA 85 90.87 65.66 34.12
C ASN BA 85 91.81 66.84 34.38
N SER BA 86 92.88 66.95 33.60
CA SER BA 86 93.82 68.06 33.66
C SER BA 86 93.51 69.00 32.50
N PRO BA 87 92.79 70.11 32.72
CA PRO BA 87 92.28 70.91 31.60
C PRO BA 87 93.38 71.50 30.74
N LEU BA 88 92.96 71.92 29.55
CA LEU BA 88 93.82 72.72 28.71
C LEU BA 88 93.82 74.14 29.23
N GLY BA 89 94.95 74.81 29.08
CA GLY BA 89 95.00 76.24 29.28
C GLY BA 89 94.86 76.64 30.73
N VAL BA 90 95.50 77.74 31.09
CA VAL BA 90 95.32 78.39 32.37
C VAL BA 90 95.37 79.89 32.15
N LEU BA 91 95.14 80.64 33.21
CA LEU BA 91 95.18 82.08 33.11
C LEU BA 91 96.61 82.57 32.96
N ASN BA 92 96.79 83.58 32.11
CA ASN BA 92 98.05 84.20 31.74
C ASN BA 92 98.85 83.31 30.76
N THR BA 93 98.44 82.06 30.52
CA THR BA 93 99.09 81.20 29.53
C THR BA 93 98.04 80.29 28.92
N PRO BA 94 97.10 80.86 28.18
CA PRO BA 94 96.01 80.04 27.63
C PRO BA 94 96.46 79.09 26.55
N PHE BA 95 95.51 78.34 26.01
CA PHE BA 95 95.75 77.28 25.06
C PHE BA 95 95.34 77.77 23.68
N SER BA 96 96.32 78.07 22.84
CA SER BA 96 96.07 78.69 21.54
C SER BA 96 95.82 77.59 20.51
N PHE BA 97 94.56 77.47 20.09
CA PHE BA 97 94.21 76.51 19.05
C PHE BA 97 94.99 76.76 17.79
N VAL BA 98 95.18 78.04 17.43
CA VAL BA 98 95.89 78.36 16.20
C VAL BA 98 97.34 77.96 16.32
N GLU BA 99 97.92 78.04 17.51
CA GLU BA 99 99.30 77.66 17.69
C GLU BA 99 99.46 76.15 17.63
N LYS BA 100 98.64 75.44 18.38
CA LYS BA 100 98.83 73.99 18.53
C LYS BA 100 98.29 73.20 17.37
N LEU BA 101 97.38 73.78 16.59
CA LEU BA 101 96.91 73.14 15.37
C LEU BA 101 96.58 74.22 14.37
N GLY BA 102 96.19 73.80 13.17
CA GLY BA 102 95.87 74.72 12.10
C GLY BA 102 94.39 75.06 12.12
N GLY BA 103 94.09 76.34 12.03
CA GLY BA 103 92.73 76.80 12.03
C GLY BA 103 92.19 77.01 13.42
N ALA BA 104 90.89 77.28 13.45
CA ALA BA 104 90.18 77.55 14.69
C ALA BA 104 88.81 76.92 14.62
N ILE BA 105 88.22 76.71 15.79
CA ILE BA 105 86.92 76.06 15.87
C ILE BA 105 85.88 77.07 15.43
N PRO BA 106 85.06 76.79 14.42
CA PRO BA 106 83.98 77.70 14.09
C PRO BA 106 82.79 77.54 15.03
N CYS BA 107 82.02 78.62 15.12
CA CYS BA 107 80.85 78.67 15.97
C CYS BA 107 79.79 79.52 15.28
N GLU BA 108 78.60 78.96 15.14
CA GLU BA 108 77.54 79.62 14.39
C GLU BA 108 76.61 80.42 15.27
N THR BA 109 76.27 79.90 16.44
CA THR BA 109 75.29 80.50 17.33
C THR BA 109 75.86 80.81 18.70
N ALA BA 110 76.54 79.87 19.32
CA ALA BA 110 76.99 80.10 20.69
C ALA BA 110 77.94 79.01 21.10
N ALA BA 111 78.84 79.36 22.02
CA ALA BA 111 79.81 78.42 22.54
C ALA BA 111 79.83 78.51 24.06
N THR BA 112 80.28 77.45 24.70
CA THR BA 112 80.21 77.40 26.15
C THR BA 112 81.23 76.42 26.71
N TYR BA 113 81.92 76.86 27.76
CA TYR BA 113 82.91 76.07 28.46
C TYR BA 113 82.31 75.63 29.80
N TRP BA 114 81.79 74.41 29.85
CA TRP BA 114 81.12 73.92 31.04
C TRP BA 114 82.09 73.24 31.98
N ALA BA 115 81.72 73.21 33.25
CA ALA BA 115 82.49 72.59 34.31
C ALA BA 115 81.59 71.67 35.10
N HIS BA 116 81.95 70.40 35.16
CA HIS BA 116 81.19 69.39 35.91
C HIS BA 116 81.94 69.10 37.21
N TYR BA 117 81.26 69.33 38.32
CA TYR BA 117 81.80 69.04 39.64
C TYR BA 117 81.40 67.63 40.03
N SER BA 118 82.39 66.83 40.45
CA SER BA 118 82.12 65.44 40.77
C SER BA 118 81.40 65.33 42.09
N SER BA 119 80.34 64.52 42.12
CA SER BA 119 79.58 64.33 43.35
C SER BA 119 80.40 63.65 44.42
N ASP BA 120 81.40 62.85 44.03
CA ASP BA 120 82.26 62.21 45.01
C ASP BA 120 83.00 63.25 45.84
N ALA BA 121 83.40 64.35 45.22
CA ALA BA 121 84.09 65.40 45.95
C ALA BA 121 83.12 66.13 46.86
N THR BA 122 83.67 66.94 47.76
CA THR BA 122 82.89 67.73 48.69
C THR BA 122 83.56 69.07 48.89
N GLY BA 123 82.78 70.04 49.33
CA GLY BA 123 83.27 71.37 49.61
C GLY BA 123 83.07 72.30 48.43
N THR BA 124 82.86 73.57 48.75
CA THR BA 124 82.67 74.59 47.72
C THR BA 124 83.95 74.77 46.92
N VAL BA 125 83.77 75.25 45.69
CA VAL BA 125 84.88 75.50 44.77
C VAL BA 125 84.60 76.81 44.06
N GLU BA 126 85.66 77.58 43.84
CA GLU BA 126 85.61 78.78 43.03
C GLU BA 126 86.37 78.54 41.74
N LEU BA 127 85.85 79.07 40.64
CA LEU BA 127 86.45 78.84 39.33
C LEU BA 127 86.35 80.10 38.50
N ALA BA 128 87.09 80.10 37.40
CA ALA BA 128 87.10 81.23 36.49
C ALA BA 128 87.80 80.82 35.20
N GLY BA 129 87.64 81.66 34.19
CA GLY BA 129 88.25 81.38 32.91
C GLY BA 129 88.17 82.58 31.99
N ARG BA 130 88.67 82.37 30.78
CA ARG BA 130 88.82 83.41 29.78
C ARG BA 130 88.80 82.76 28.42
N MET BA 131 88.39 83.53 27.42
CA MET BA 131 88.22 82.99 26.08
C MET BA 131 88.35 84.11 25.07
N HIS BA 132 89.15 83.85 24.03
CA HIS BA 132 89.44 84.79 22.97
C HIS BA 132 88.71 84.35 21.71
N ILE BA 133 87.89 85.26 21.16
CA ILE BA 133 86.97 84.99 20.08
C ILE BA 133 87.15 86.03 18.99
N GLU BA 134 86.84 85.62 17.77
CA GLU BA 134 86.67 86.51 16.64
C GLU BA 134 85.38 86.14 15.92
N VAL BA 135 84.68 87.14 15.45
CA VAL BA 135 83.47 86.94 14.67
C VAL BA 135 83.85 86.30 13.34
N UNK CA 1 100.08 74.91 38.14
CA UNK CA 1 99.73 76.10 38.91
C UNK CA 1 98.62 75.79 39.89
N UNK CA 2 98.76 74.70 40.63
CA UNK CA 2 97.77 74.28 41.60
C UNK CA 2 98.40 73.19 42.47
N UNK CA 3 97.60 72.63 43.37
CA UNK CA 3 98.06 71.61 44.28
C UNK CA 3 96.89 70.73 44.68
N UNK CA 4 97.19 69.47 44.98
CA UNK CA 4 96.14 68.53 45.35
C UNK CA 4 95.50 68.89 46.69
N UNK CA 5 96.27 69.43 47.62
CA UNK CA 5 95.85 70.00 48.89
C UNK CA 5 95.51 68.94 49.94
N UNK CA 6 95.49 67.65 49.61
CA UNK CA 6 95.30 66.57 50.60
C UNK CA 6 93.96 66.73 51.33
N UNK CA 7 92.89 66.55 50.56
CA UNK CA 7 91.53 66.75 51.06
C UNK CA 7 91.28 65.96 52.34
N UNK CA 8 90.64 66.61 53.30
CA UNK CA 8 90.43 66.07 54.63
C UNK CA 8 89.03 65.52 54.78
N UNK CA 9 88.76 64.92 55.94
CA UNK CA 9 87.45 64.41 56.30
C UNK CA 9 87.15 64.80 57.74
N UNK CA 10 85.95 65.30 57.97
CA UNK CA 10 85.54 65.82 59.26
C UNK CA 10 84.51 64.89 59.90
N UNK CA 11 84.20 65.19 61.16
CA UNK CA 11 83.21 64.44 61.93
C UNK CA 11 82.46 65.43 62.81
N UNK CA 12 81.19 65.65 62.50
CA UNK CA 12 80.38 66.67 63.16
C UNK CA 12 79.51 66.03 64.24
N UNK CA 13 79.35 66.75 65.34
CA UNK CA 13 78.48 66.31 66.43
C UNK CA 13 78.06 67.55 67.20
N UNK CA 14 76.79 67.94 67.05
CA UNK CA 14 76.26 69.17 67.63
C UNK CA 14 75.12 68.81 68.57
N UNK CA 15 75.37 68.91 69.89
CA UNK CA 15 74.33 68.67 70.88
C UNK CA 15 74.75 69.39 72.17
N UNK CA 16 74.15 70.55 72.41
CA UNK CA 16 74.42 71.30 73.64
C UNK CA 16 73.15 72.08 74.00
N UNK CA 17 72.34 71.48 74.86
CA UNK CA 17 71.19 72.10 75.51
C UNK CA 17 70.06 72.47 74.55
N UNK CA 18 70.15 72.14 73.27
CA UNK CA 18 69.09 72.50 72.33
C UNK CA 18 69.32 71.74 71.03
N UNK CA 19 68.26 71.66 70.24
CA UNK CA 19 68.31 70.95 68.96
C UNK CA 19 68.95 71.87 67.93
N UNK CA 20 70.13 71.47 67.44
CA UNK CA 20 70.87 72.20 66.42
C UNK CA 20 71.05 71.29 65.21
N UNK CA 21 70.68 71.80 64.03
CA UNK CA 21 70.79 71.07 62.78
C UNK CA 21 71.71 71.83 61.84
N UNK CA 22 72.61 71.10 61.18
CA UNK CA 22 73.59 71.72 60.31
C UNK CA 22 74.16 70.68 59.36
N UNK CA 23 74.75 71.17 58.27
CA UNK CA 23 75.42 70.33 57.29
C UNK CA 23 76.79 70.93 57.00
N UNK CA 24 77.81 70.09 57.00
CA UNK CA 24 79.19 70.53 56.82
C UNK CA 24 79.63 70.32 55.38
N UNK CA 25 80.43 71.26 54.88
CA UNK CA 25 81.01 71.19 53.55
C UNK CA 25 82.53 71.27 53.70
N UNK CA 26 83.21 70.15 53.44
CA UNK CA 26 84.64 70.05 53.66
C UNK CA 26 85.37 70.54 52.41
N UNK CA 27 85.93 71.74 52.48
CA UNK CA 27 86.72 72.28 51.39
C UNK CA 27 88.10 71.62 51.42
N UNK CA 28 89.02 72.11 50.59
CA UNK CA 28 90.37 71.59 50.59
C UNK CA 28 91.05 71.84 51.93
N UNK CA 29 92.12 71.09 52.18
CA UNK CA 29 92.81 71.10 53.45
C UNK CA 29 94.30 71.38 53.26
N UNK CA 30 95.09 71.24 54.32
CA UNK CA 30 96.52 71.49 54.29
C UNK CA 30 96.84 72.93 53.86
N UNK CA 31 95.92 73.85 54.16
CA UNK CA 31 96.11 75.25 53.82
C UNK CA 31 95.08 76.10 54.57
N UNK CA 32 95.53 77.16 55.24
CA UNK CA 32 94.65 78.00 56.04
C UNK CA 32 93.82 78.88 55.11
N UNK CA 33 92.87 78.23 54.42
CA UNK CA 33 91.99 78.90 53.47
C UNK CA 33 90.54 78.88 53.94
N UNK CA 34 89.96 77.70 54.16
CA UNK CA 34 88.57 77.60 54.59
C UNK CA 34 88.15 76.16 54.89
N UNK CA 35 87.18 76.00 55.79
CA UNK CA 35 86.47 74.73 55.97
C UNK CA 35 85.09 75.10 56.49
N UNK CA 36 84.11 75.12 55.59
CA UNK CA 36 82.82 75.76 55.85
C UNK CA 36 81.77 74.78 56.32
N UNK CA 37 80.66 75.33 56.79
CA UNK CA 37 79.49 74.57 57.18
C UNK CA 37 78.30 75.52 57.21
N UNK CA 38 77.11 74.95 57.40
CA UNK CA 38 75.88 75.72 57.38
C UNK CA 38 74.90 75.14 58.38
N UNK CA 39 74.35 76.01 59.23
CA UNK CA 39 73.37 75.65 60.24
C UNK CA 39 72.01 76.21 59.86
N UNK CA 40 70.96 75.52 60.30
CA UNK CA 40 69.59 75.82 59.90
C UNK CA 40 68.63 75.97 61.06
N UNK CA 41 68.79 75.20 62.13
CA UNK CA 41 67.78 75.14 63.18
C UNK CA 41 67.71 76.44 63.97
N UNK CA 42 68.80 76.81 64.63
CA UNK CA 42 68.82 77.97 65.52
C UNK CA 42 70.16 78.67 65.41
N UNK CA 43 70.18 79.93 65.85
CA UNK CA 43 71.41 80.70 65.90
C UNK CA 43 72.32 80.13 66.98
N UNK CA 44 73.58 79.90 66.62
CA UNK CA 44 74.49 79.18 67.51
C UNK CA 44 75.93 79.55 67.19
N UNK CA 45 76.80 79.31 68.17
CA UNK CA 45 78.24 79.45 68.00
C UNK CA 45 78.80 78.17 67.39
N UNK CA 46 80.12 78.03 67.37
CA UNK CA 46 80.76 76.86 66.79
C UNK CA 46 82.05 76.58 67.53
N UNK CA 47 82.27 75.32 67.87
CA UNK CA 47 83.50 74.84 68.47
C UNK CA 47 84.21 73.92 67.50
N UNK CA 48 85.43 73.52 67.86
CA UNK CA 48 86.25 72.70 66.98
C UNK CA 48 87.31 72.00 67.82
N UNK CA 49 88.31 71.44 67.16
CA UNK CA 49 89.37 70.69 67.83
C UNK CA 49 90.32 71.67 68.53
N UNK CA 50 91.46 71.15 69.01
CA UNK CA 50 92.39 71.95 69.79
C UNK CA 50 92.94 73.12 69.01
N UNK CA 51 93.14 72.96 67.71
CA UNK CA 51 93.78 74.00 66.90
C UNK CA 51 92.76 74.98 66.33
N UNK CA 52 91.65 74.48 65.82
CA UNK CA 52 90.69 75.32 65.12
C UNK CA 52 89.80 76.07 66.08
N UNK CA 53 89.44 77.30 65.69
CA UNK CA 53 88.56 78.15 66.48
C UNK CA 53 88.08 79.31 65.63
N UNK CA 54 86.77 79.55 65.62
CA UNK CA 54 86.20 80.62 64.81
C UNK CA 54 84.77 80.86 65.27
N UNK CA 55 84.08 81.76 64.56
CA UNK CA 55 82.71 82.12 64.86
C UNK CA 55 82.13 82.83 63.65
N UNK CA 56 80.84 82.62 63.41
CA UNK CA 56 80.17 83.23 62.29
C UNK CA 56 78.67 83.31 62.57
N UNK CA 57 77.96 84.00 61.67
CA UNK CA 57 76.53 84.21 61.86
C UNK CA 57 75.72 83.01 61.40
N UNK CA 58 75.79 82.69 60.12
CA UNK CA 58 75.06 81.58 59.52
C UNK CA 58 75.98 80.62 58.77
N UNK CA 59 76.97 81.14 58.04
CA UNK CA 59 77.90 80.31 57.27
C UNK CA 59 79.16 80.13 58.11
N UNK CA 60 79.20 79.04 58.87
CA UNK CA 60 80.36 78.74 59.69
C UNK CA 60 81.60 78.52 58.82
N UNK CA 61 82.75 78.72 59.43
CA UNK CA 61 84.02 78.58 58.73
C UNK CA 61 85.15 78.60 59.75
N UNK CA 62 86.21 77.85 59.45
CA UNK CA 62 87.37 77.77 60.33
C UNK CA 62 88.46 77.02 59.59
N UNK CA 63 89.69 77.13 60.12
CA UNK CA 63 90.82 76.39 59.58
C UNK CA 63 92.01 76.46 60.53
N UNK CA 64 92.60 75.31 60.84
CA UNK CA 64 93.80 75.25 61.67
C UNK CA 64 94.47 73.90 61.43
N UNK CA 65 95.40 73.54 62.31
CA UNK CA 65 96.11 72.28 62.18
C UNK CA 65 95.14 71.11 62.23
N UNK CA 66 95.53 70.00 61.59
CA UNK CA 66 94.73 68.79 61.61
C UNK CA 66 94.67 68.23 63.03
N UNK CA 67 93.83 67.22 63.20
CA UNK CA 67 93.62 66.66 64.53
C UNK CA 67 94.90 66.04 65.08
N UNK CA 68 95.35 64.94 64.47
CA UNK CA 68 96.67 64.39 64.78
C UNK CA 68 97.48 64.07 63.54
N UNK CA 69 96.88 63.42 62.54
CA UNK CA 69 97.57 63.03 61.32
C UNK CA 69 96.56 62.32 60.42
N UNK CA 70 96.98 62.08 59.18
CA UNK CA 70 96.24 61.23 58.24
C UNK CA 70 94.84 61.79 57.96
N UNK CA 71 94.79 63.07 57.57
CA UNK CA 71 93.54 63.70 57.14
C UNK CA 71 92.50 63.70 58.25
N UNK CA 72 92.93 63.78 59.50
CA UNK CA 72 92.04 63.68 60.64
C UNK CA 72 91.50 65.05 61.03
N UNK CA 73 90.23 65.09 61.41
CA UNK CA 73 89.59 66.33 61.82
C UNK CA 73 88.29 65.99 62.51
N UNK CA 74 87.76 66.97 63.25
CA UNK CA 74 86.52 66.82 63.98
C UNK CA 74 86.09 68.17 64.50
N UNK CA 75 84.77 68.38 64.55
CA UNK CA 75 84.21 69.64 65.02
C UNK CA 75 82.92 69.36 65.77
N UNK CA 76 82.44 70.40 66.46
CA UNK CA 76 81.21 70.30 67.23
C UNK CA 76 80.64 71.71 67.39
N UNK CA 77 79.32 71.81 67.31
CA UNK CA 77 78.61 73.08 67.43
C UNK CA 77 77.77 73.08 68.70
N UNK CA 78 77.86 74.17 69.46
CA UNK CA 78 77.10 74.34 70.69
C UNK CA 78 76.00 75.37 70.46
N UNK CA 79 74.79 75.05 70.89
CA UNK CA 79 73.63 75.88 70.60
C UNK CA 79 73.57 77.09 71.53
N UNK CA 80 73.47 78.27 70.94
CA UNK CA 80 73.30 79.52 71.67
C UNK CA 80 71.80 79.77 71.87
N UNK CA 81 71.43 81.01 72.21
CA UNK CA 81 70.07 81.51 72.37
C UNK CA 81 69.46 81.11 73.71
N UNK CA 82 70.25 80.58 74.64
CA UNK CA 82 69.74 80.38 75.99
C UNK CA 82 69.55 81.70 76.73
N UNK CA 83 70.34 82.71 76.38
CA UNK CA 83 70.26 84.03 77.00
C UNK CA 83 69.55 85.02 76.09
N UNK CA 84 69.06 86.10 76.70
CA UNK CA 84 68.36 87.16 76.00
C UNK CA 84 68.97 88.48 76.46
N UNK CA 85 70.05 88.90 75.80
CA UNK CA 85 70.74 90.13 76.12
C UNK CA 85 71.86 90.33 75.11
N UNK CA 86 72.36 91.57 75.05
CA UNK CA 86 73.53 91.86 74.23
C UNK CA 86 74.82 91.40 74.87
N UNK CA 87 74.85 91.24 76.19
CA UNK CA 87 76.03 90.75 76.89
C UNK CA 87 76.18 89.24 76.83
N UNK CA 88 75.15 88.51 76.37
CA UNK CA 88 75.21 87.05 76.25
C UNK CA 88 75.48 86.41 77.61
N UNK CA 89 74.48 86.55 78.48
CA UNK CA 89 74.59 86.05 79.86
C UNK CA 89 74.91 84.57 79.93
N UNK CA 90 74.55 83.80 78.91
CA UNK CA 90 74.81 82.37 78.84
C UNK CA 90 75.79 82.09 77.71
N UNK CA 91 76.66 81.10 77.92
CA UNK CA 91 77.70 80.69 76.99
C UNK CA 91 78.73 81.79 76.73
N UNK CA 92 78.77 82.83 77.56
CA UNK CA 92 79.71 83.93 77.42
C UNK CA 92 79.56 84.83 78.63
N UNK CA 93 80.59 85.61 78.92
CA UNK CA 93 80.54 86.53 80.05
C UNK CA 93 81.76 87.43 80.01
N UNK CA 94 81.57 88.70 80.37
CA UNK CA 94 82.66 89.63 80.56
C UNK CA 94 83.14 89.55 82.01
N UNK CA 95 84.16 90.34 82.33
CA UNK CA 95 84.68 90.37 83.69
C UNK CA 95 85.61 91.57 83.83
N UNK CA 96 85.88 91.92 85.07
CA UNK CA 96 86.76 93.04 85.40
C UNK CA 96 87.06 92.98 86.89
N UNK CA 97 88.02 93.80 87.31
CA UNK CA 97 88.42 93.87 88.71
C UNK CA 97 88.56 95.29 89.24
N UNK CA 98 88.58 96.30 88.37
CA UNK CA 98 88.59 97.71 88.77
C UNK CA 98 87.49 98.52 88.08
N UNK CA 99 87.17 98.20 86.83
CA UNK CA 99 86.12 98.91 86.11
C UNK CA 99 85.73 98.08 84.90
N UNK CA 100 84.46 97.69 84.83
CA UNK CA 100 83.94 96.92 83.69
C UNK CA 100 83.54 97.91 82.60
N UNK CA 101 84.55 98.35 81.85
CA UNK CA 101 84.37 99.36 80.82
C UNK CA 101 83.88 98.78 79.50
N UNK CA 102 83.50 97.51 79.45
CA UNK CA 102 83.00 96.92 78.21
C UNK CA 102 81.66 97.55 77.85
N UNK CA 103 81.57 98.08 76.63
CA UNK CA 103 80.38 98.78 76.15
C UNK CA 103 79.70 98.03 75.02
N UNK CA 104 80.41 97.74 73.94
CA UNK CA 104 79.86 97.08 72.78
C UNK CA 104 80.20 95.60 72.77
N UNK CA 105 79.48 94.85 71.95
CA UNK CA 105 79.69 93.41 71.82
C UNK CA 105 78.92 92.92 70.60
N UNK CA 106 79.21 91.69 70.20
CA UNK CA 106 78.54 91.08 69.06
C UNK CA 106 78.77 89.58 69.02
N UNK CA 107 77.70 88.81 68.88
CA UNK CA 107 77.81 87.36 68.82
C UNK CA 107 78.19 86.85 67.44
N UNK CA 108 78.22 87.70 66.42
CA UNK CA 108 78.62 87.26 65.09
C UNK CA 108 80.07 86.80 65.08
N UNK CA 109 80.91 87.39 65.92
CA UNK CA 109 82.29 86.98 66.04
C UNK CA 109 82.81 87.44 67.39
N UNK CA 110 83.80 86.71 67.90
CA UNK CA 110 84.34 87.00 69.22
C UNK CA 110 85.16 88.29 69.20
N UNK CA 111 84.52 89.42 69.50
CA UNK CA 111 85.20 90.70 69.51
C UNK CA 111 84.34 91.71 70.24
N UNK CA 112 84.98 92.79 70.65
CA UNK CA 112 84.31 93.86 71.41
C UNK CA 112 85.22 95.09 71.39
N UNK CA 113 84.85 96.10 72.17
CA UNK CA 113 85.61 97.34 72.29
C UNK CA 113 85.66 97.77 73.74
N UNK CA 114 86.83 98.29 74.14
CA UNK CA 114 87.08 98.70 75.52
C UNK CA 114 87.35 100.19 75.57
N UNK CA 115 86.76 100.86 76.58
CA UNK CA 115 86.98 102.28 76.77
C UNK CA 115 88.25 102.57 77.56
N UNK CA 116 88.61 101.69 78.49
CA UNK CA 116 89.83 101.80 79.26
C UNK CA 116 90.69 100.57 79.01
N UNK CA 117 92.01 100.75 79.01
CA UNK CA 117 92.96 99.69 78.72
C UNK CA 117 93.47 99.05 80.00
N UNK CA 118 93.90 97.80 79.88
CA UNK CA 118 94.45 97.06 81.01
C UNK CA 118 95.15 95.79 80.52
N UNK CA 119 96.39 95.58 80.96
CA UNK CA 119 97.16 94.42 80.54
C UNK CA 119 96.55 93.15 81.14
N UNK CA 120 95.97 92.32 80.29
CA UNK CA 120 95.33 91.08 80.73
C UNK CA 120 95.06 90.25 79.48
N UNK CA 121 94.38 89.12 79.66
CA UNK CA 121 94.09 88.21 78.57
C UNK CA 121 92.78 87.48 78.85
N UNK CA 122 92.31 86.75 77.84
CA UNK CA 122 91.08 85.99 77.96
C UNK CA 122 91.33 84.67 78.68
N UNK CA 123 90.48 84.36 79.65
CA UNK CA 123 90.59 83.14 80.44
C UNK CA 123 89.70 82.06 79.84
N UNK CA 124 90.29 80.90 79.57
CA UNK CA 124 89.56 79.77 79.01
C UNK CA 124 90.45 78.53 79.15
N UNK CA 125 90.02 77.43 78.56
CA UNK CA 125 90.83 76.21 78.59
C UNK CA 125 92.15 76.38 77.84
N UNK CA 126 92.23 77.32 76.92
CA UNK CA 126 93.44 77.57 76.16
C UNK CA 126 93.51 79.06 75.82
N UNK CA 127 94.63 79.44 75.21
CA UNK CA 127 94.84 80.84 74.84
C UNK CA 127 93.87 81.25 73.74
N UNK CA 128 93.96 82.51 73.34
CA UNK CA 128 93.08 83.10 72.34
C UNK CA 128 93.91 83.80 71.28
N UNK CA 129 93.31 83.94 70.09
CA UNK CA 129 93.93 84.64 68.96
C UNK CA 129 93.49 86.11 69.00
N UNK CA 130 94.06 86.84 69.96
CA UNK CA 130 93.69 88.23 70.18
C UNK CA 130 94.08 89.09 68.98
N UNK CA 131 93.56 90.32 68.98
CA UNK CA 131 93.87 91.31 67.95
C UNK CA 131 93.99 92.66 68.63
N UNK CA 132 94.10 93.72 67.83
CA UNK CA 132 94.22 95.08 68.34
C UNK CA 132 92.85 95.67 68.61
N UNK CA 133 92.76 96.49 69.65
CA UNK CA 133 91.51 97.13 70.04
C UNK CA 133 90.41 96.11 70.36
N UNK CA 134 90.82 94.95 70.90
CA UNK CA 134 89.90 93.87 71.22
C UNK CA 134 89.11 93.41 70.00
N UNK CA 135 89.74 93.49 68.82
CA UNK CA 135 89.08 93.16 67.57
C UNK CA 135 88.93 91.66 67.36
N UNK CA 136 89.43 90.82 68.27
CA UNK CA 136 89.36 89.38 68.09
C UNK CA 136 89.50 88.71 69.45
N UNK CA 137 88.65 87.73 69.72
CA UNK CA 137 88.74 86.94 70.94
C UNK CA 137 88.41 85.48 70.68
N UNK CA 138 88.73 84.99 69.48
CA UNK CA 138 88.44 83.60 69.12
C UNK CA 138 89.44 82.66 69.79
N UNK CA 139 88.93 81.59 70.39
CA UNK CA 139 89.76 80.65 71.12
C UNK CA 139 89.10 79.28 71.11
N UNK CA 140 89.84 78.29 71.59
CA UNK CA 140 89.26 76.98 71.84
C UNK CA 140 88.40 77.03 73.08
N UNK CA 141 87.10 77.26 72.90
CA UNK CA 141 86.20 77.47 74.02
C UNK CA 141 86.05 76.19 74.85
N UNK CA 142 85.67 76.38 76.10
CA UNK CA 142 85.38 75.26 76.99
C UNK CA 142 83.97 74.76 76.69
N UNK CA 143 83.41 73.92 77.56
CA UNK CA 143 82.11 73.33 77.31
C UNK CA 143 81.02 74.39 77.44
N UNK CA 144 80.67 75.03 76.32
CA UNK CA 144 79.64 76.05 76.27
C UNK CA 144 79.96 77.20 77.24
N UNK CA 145 81.11 77.83 77.01
CA UNK CA 145 81.55 78.93 77.86
C UNK CA 145 82.69 79.66 77.19
N UNK CA 146 82.86 80.92 77.58
CA UNK CA 146 83.95 81.76 77.08
C UNK CA 146 84.08 82.95 78.02
N UNK CA 147 85.15 83.72 77.82
CA UNK CA 147 85.38 84.88 78.67
C UNK CA 147 86.35 85.84 77.99
N UNK CA 148 86.24 87.11 78.36
CA UNK CA 148 87.09 88.19 77.86
C UNK CA 148 87.53 89.06 79.03
N UNK CA 149 88.03 88.42 80.08
CA UNK CA 149 88.30 89.10 81.33
C UNK CA 149 89.40 90.16 81.17
N UNK CA 150 89.52 91.00 82.19
CA UNK CA 150 90.52 92.04 82.22
C UNK CA 150 90.94 92.29 83.66
N UNK CA 151 92.16 92.78 83.83
CA UNK CA 151 92.74 92.96 85.16
C UNK CA 151 92.31 94.29 85.76
N UNK CA 152 92.63 94.46 87.05
CA UNK CA 152 92.27 95.70 87.75
C UNK CA 152 93.10 96.87 87.23
N UNK CA 153 94.41 96.67 87.09
CA UNK CA 153 95.34 97.73 86.67
C UNK CA 153 95.27 98.92 87.62
N UNK CA 154 95.62 98.65 88.88
CA UNK CA 154 95.61 99.65 89.94
C UNK CA 154 97.03 99.87 90.41
N UNK CA 155 97.55 101.09 90.23
CA UNK CA 155 98.91 101.43 90.56
C UNK CA 155 98.98 102.15 91.90
N UNK CA 156 100.11 101.98 92.58
CA UNK CA 156 100.38 102.64 93.85
C UNK CA 156 101.17 103.92 93.62
N UNK CA 157 100.79 104.98 94.31
CA UNK CA 157 101.40 106.29 94.19
C UNK CA 157 101.67 106.85 95.58
N UNK CA 158 102.89 107.35 95.78
CA UNK CA 158 103.28 107.89 97.08
C UNK CA 158 104.32 108.99 96.88
N UNK CA 159 104.21 110.03 97.71
CA UNK CA 159 105.17 111.14 97.70
C UNK CA 159 105.45 111.55 99.13
N UNK CA 160 106.45 112.42 99.30
CA UNK CA 160 106.87 112.88 100.61
C UNK CA 160 107.33 114.33 100.51
N UNK CA 161 107.05 115.10 101.56
CA UNK CA 161 107.43 116.51 101.64
C UNK CA 161 106.84 117.32 100.48
N UNK CA 162 105.66 116.92 100.01
CA UNK CA 162 105.00 117.61 98.92
C UNK CA 162 103.57 117.06 98.80
N UNK CA 163 102.79 117.70 97.94
CA UNK CA 163 101.42 117.26 97.68
C UNK CA 163 101.45 116.06 96.74
N UNK CA 164 100.27 115.63 96.27
CA UNK CA 164 100.17 114.50 95.36
C UNK CA 164 98.99 114.72 94.44
N UNK CA 165 99.13 114.27 93.19
CA UNK CA 165 98.05 114.43 92.22
C UNK CA 165 96.90 113.46 92.51
N UNK CA 166 97.22 112.22 92.87
CA UNK CA 166 96.23 111.19 93.18
C UNK CA 166 95.30 110.93 91.99
N UNK CA 167 95.83 111.05 90.77
CA UNK CA 167 95.04 110.79 89.57
C UNK CA 167 95.05 109.30 89.25
N UNK CA 168 94.32 108.92 88.21
CA UNK CA 168 94.25 107.53 87.79
C UNK CA 168 93.78 107.47 86.35
N UNK CA 169 94.23 106.44 85.65
CA UNK CA 169 93.87 106.19 84.25
C UNK CA 169 94.32 104.78 83.91
N UNK CA 170 94.22 104.42 82.64
CA UNK CA 170 94.62 103.09 82.21
C UNK CA 170 96.13 102.90 82.38
N UNK CA 171 96.54 101.64 82.36
CA UNK CA 171 97.96 101.31 82.55
C UNK CA 171 98.80 101.86 81.41
N UNK CA 172 98.33 101.71 80.17
CA UNK CA 172 99.06 102.25 79.02
C UNK CA 172 98.94 103.76 78.92
N UNK CA 173 97.92 104.36 79.54
CA UNK CA 173 97.71 105.80 79.52
C UNK CA 173 97.63 106.35 80.95
N UNK CA 174 98.45 105.80 81.84
CA UNK CA 174 98.50 106.28 83.21
C UNK CA 174 99.04 107.71 83.23
N UNK CA 175 98.32 108.60 83.92
CA UNK CA 175 98.68 110.01 84.01
C UNK CA 175 98.51 110.45 85.45
N UNK CA 176 99.63 110.68 86.15
CA UNK CA 176 99.61 111.16 87.53
C UNK CA 176 99.83 112.66 87.52
N UNK CA 177 98.75 113.39 87.23
CA UNK CA 177 98.80 114.85 87.14
C UNK CA 177 97.45 115.40 87.58
N UNK CA 178 97.49 116.32 88.53
CA UNK CA 178 96.29 116.95 89.08
C UNK CA 178 96.74 118.17 89.87
N UNK CA 179 95.81 118.77 90.62
CA UNK CA 179 96.11 119.95 91.42
C UNK CA 179 97.14 119.63 92.49
N UNK CA 180 98.33 120.23 92.38
CA UNK CA 180 99.41 120.03 93.34
C UNK CA 180 100.45 121.11 93.11
N UNK CA 181 101.47 121.11 93.97
CA UNK CA 181 102.54 122.09 93.89
C UNK CA 181 103.83 121.45 94.37
N UNK CA 182 104.93 121.75 93.65
CA UNK CA 182 106.25 121.20 93.97
C UNK CA 182 106.23 119.68 93.94
N UNK CA 183 105.60 119.11 92.93
CA UNK CA 183 105.49 117.67 92.82
C UNK CA 183 106.83 117.03 92.50
N UNK CA 184 107.08 115.87 93.08
CA UNK CA 184 108.31 115.13 92.88
C UNK CA 184 108.10 114.02 91.86
N UNK CA 185 109.17 113.68 91.15
CA UNK CA 185 109.12 112.66 90.10
C UNK CA 185 109.09 111.29 90.74
N UNK CA 186 107.88 110.76 90.92
CA UNK CA 186 107.68 109.42 91.48
C UNK CA 186 107.63 108.42 90.33
N UNK CA 187 108.67 107.60 90.21
CA UNK CA 187 108.74 106.56 89.18
C UNK CA 187 108.71 105.16 89.78
N UNK CA 188 109.67 104.83 90.64
CA UNK CA 188 109.73 103.54 91.34
C UNK CA 188 109.63 102.35 90.37
N UNK CA 189 110.18 102.52 89.17
CA UNK CA 189 110.03 101.54 88.11
C UNK CA 189 111.21 100.56 88.13
N UNK CA 190 110.90 99.27 88.04
CA UNK CA 190 111.92 98.22 88.00
C UNK CA 190 112.30 97.99 86.54
N UNK CA 191 113.42 98.57 86.13
CA UNK CA 191 113.93 98.46 84.77
C UNK CA 191 112.94 99.03 83.74
N UNK CA 192 112.10 99.96 84.17
CA UNK CA 192 111.13 100.62 83.30
C UNK CA 192 111.06 102.10 83.63
N UNK CA 193 112.23 102.71 83.78
CA UNK CA 193 112.32 104.10 84.22
C UNK CA 193 111.61 105.03 83.25
N UNK CA 194 110.56 105.69 83.73
CA UNK CA 194 109.82 106.70 82.97
C UNK CA 194 109.42 107.79 83.95
N UNK CA 195 110.13 108.92 83.91
CA UNK CA 195 109.98 110.01 84.87
C UNK CA 195 109.74 111.32 84.13
N UNK CA 196 108.78 111.31 83.21
CA UNK CA 196 108.45 112.50 82.44
C UNK CA 196 107.97 113.63 83.35
N UNK CA 197 107.98 114.85 82.81
CA UNK CA 197 107.65 116.02 83.60
C UNK CA 197 106.18 116.01 84.04
N UNK CA 198 105.31 115.36 83.27
CA UNK CA 198 103.89 115.32 83.61
C UNK CA 198 103.27 114.10 82.95
N UNK CA 199 102.41 113.40 83.69
CA UNK CA 199 101.71 112.22 83.19
C UNK CA 199 102.70 111.14 82.74
N UNK CA 200 103.49 110.66 83.69
CA UNK CA 200 104.50 109.68 83.38
C UNK CA 200 103.87 108.33 83.05
N UNK CA 201 104.48 107.62 82.10
CA UNK CA 201 104.02 106.30 81.68
C UNK CA 201 105.24 105.45 81.34
N UNK CA 202 105.30 104.26 81.91
CA UNK CA 202 106.43 103.35 81.76
C UNK CA 202 106.10 102.22 80.78
N UNK CA 203 107.14 101.52 80.35
CA UNK CA 203 106.97 100.42 79.42
C UNK CA 203 106.57 99.12 80.11
N UNK CA 204 107.01 98.94 81.35
CA UNK CA 204 106.67 97.76 82.14
C UNK CA 204 106.31 98.23 83.55
N UNK CA 205 106.18 97.27 84.47
CA UNK CA 205 105.80 97.58 85.85
C UNK CA 205 106.56 96.66 86.80
N UNK CA 206 106.99 97.21 87.93
CA UNK CA 206 107.65 96.41 88.95
C UNK CA 206 106.69 95.44 89.61
N UNK CA 207 105.43 95.83 89.76
CA UNK CA 207 104.37 94.99 90.32
C UNK CA 207 103.54 94.34 89.24
N UNK CA 208 104.17 93.94 88.13
CA UNK CA 208 103.47 93.43 86.96
C UNK CA 208 102.93 92.03 87.27
N UNK CA 209 101.81 92.01 87.98
CA UNK CA 209 101.04 90.80 88.28
C UNK CA 209 99.59 90.93 87.88
N UNK CA 210 98.99 92.11 88.05
CA UNK CA 210 97.65 92.42 87.58
C UNK CA 210 97.62 93.81 86.96
N UNK CA 211 98.63 94.11 86.13
CA UNK CA 211 98.78 95.40 85.48
C UNK CA 211 98.96 96.54 86.49
N UNK CA 212 99.48 96.21 87.67
CA UNK CA 212 99.71 97.20 88.72
C UNK CA 212 101.12 97.76 88.61
N UNK CA 213 101.23 99.08 88.77
CA UNK CA 213 102.50 99.79 88.71
C UNK CA 213 102.81 100.44 90.05
N UNK CA 214 104.03 100.96 90.16
CA UNK CA 214 104.51 101.60 91.37
C UNK CA 214 105.01 103.00 91.04
N UNK CA 215 104.90 103.90 92.02
CA UNK CA 215 105.46 105.24 91.91
C UNK CA 215 105.67 105.76 93.32
N UNK CA 216 106.92 106.06 93.66
CA UNK CA 216 107.27 106.46 95.03
C UNK CA 216 108.37 107.52 94.94
N UNK CA 217 108.01 108.77 95.28
CA UNK CA 217 109.00 109.85 95.32
C UNK CA 217 109.73 109.84 96.67
N UNK DA 1 -22.85 -61.86 -61.43
CA UNK DA 1 -22.99 -60.56 -60.81
C UNK DA 1 -22.22 -60.51 -59.50
N UNK DA 2 -21.03 -61.10 -59.49
CA UNK DA 2 -20.20 -61.15 -58.30
C UNK DA 2 -18.82 -61.65 -58.67
N UNK DA 3 -17.82 -61.12 -57.98
CA UNK DA 3 -16.42 -61.51 -58.20
C UNK DA 3 -15.70 -61.42 -56.85
N UNK DA 4 -15.65 -62.56 -56.16
CA UNK DA 4 -15.01 -62.64 -54.85
C UNK DA 4 -15.01 -64.10 -54.40
N UNK DA 5 -14.39 -64.36 -53.25
CA UNK DA 5 -14.39 -65.67 -52.62
C UNK DA 5 -14.90 -65.52 -51.20
N UNK DA 6 -15.52 -66.59 -50.69
CA UNK DA 6 -16.10 -66.54 -49.36
C UNK DA 6 -15.01 -66.40 -48.31
N UNK DA 7 -15.29 -65.60 -47.29
CA UNK DA 7 -14.34 -65.32 -46.21
C UNK DA 7 -13.04 -64.70 -46.74
N UNK DA 8 -13.13 -64.00 -47.87
CA UNK DA 8 -12.01 -63.26 -48.46
C UNK DA 8 -12.37 -61.82 -48.76
N UNK DA 9 -13.62 -61.55 -49.17
CA UNK DA 9 -14.05 -60.18 -49.41
C UNK DA 9 -14.12 -59.36 -48.14
N UNK DA 10 -14.17 -60.00 -46.97
CA UNK DA 10 -14.16 -59.26 -45.72
C UNK DA 10 -12.85 -58.49 -45.56
N UNK DA 11 -11.74 -59.03 -46.08
CA UNK DA 11 -10.48 -58.30 -46.04
C UNK DA 11 -10.55 -57.04 -46.87
N UNK DA 12 -11.01 -57.17 -48.12
CA UNK DA 12 -11.13 -56.01 -48.99
C UNK DA 12 -12.10 -54.98 -48.43
N UNK DA 13 -13.13 -55.44 -47.70
CA UNK DA 13 -14.04 -54.50 -47.04
C UNK DA 13 -13.31 -53.76 -45.91
N UNK DA 14 -12.82 -54.51 -44.93
CA UNK DA 14 -12.14 -53.92 -43.77
C UNK DA 14 -10.63 -53.85 -43.99
N UNK DA 15 -10.23 -53.31 -45.14
CA UNK DA 15 -8.83 -52.95 -45.38
C UNK DA 15 -8.75 -51.70 -46.25
N UNK DA 16 -32.55 -44.33 -49.98
CA UNK DA 16 -33.44 -45.45 -49.67
C UNK DA 16 -32.80 -46.36 -48.61
N UNK DA 17 -33.63 -46.85 -47.69
CA UNK DA 17 -33.19 -47.71 -46.60
C UNK DA 17 -33.38 -49.19 -46.92
N UNK DA 18 -33.31 -49.55 -48.21
CA UNK DA 18 -33.49 -50.95 -48.59
C UNK DA 18 -32.38 -51.83 -48.03
N UNK DA 19 -31.17 -51.27 -47.88
CA UNK DA 19 -30.07 -52.04 -47.31
C UNK DA 19 -30.35 -52.45 -45.87
N UNK DA 20 -30.82 -51.50 -45.06
CA UNK DA 20 -31.17 -51.82 -43.68
C UNK DA 20 -32.44 -52.66 -43.61
N UNK DA 21 -33.33 -52.51 -44.59
CA UNK DA 21 -34.57 -53.31 -44.59
C UNK DA 21 -34.27 -54.77 -44.89
N UNK DA 22 -33.37 -55.03 -45.83
CA UNK DA 22 -33.02 -56.39 -46.24
C UNK DA 22 -31.86 -56.92 -45.39
N UNK DA 23 -32.07 -56.92 -44.09
CA UNK DA 23 -31.12 -57.43 -43.11
C UNK DA 23 -31.69 -58.55 -42.26
N UNK DA 24 -32.93 -58.42 -41.80
CA UNK DA 24 -33.57 -59.51 -41.07
C UNK DA 24 -33.97 -60.64 -42.00
N UNK DA 25 -34.33 -60.32 -43.24
CA UNK DA 25 -34.67 -61.34 -44.23
C UNK DA 25 -33.39 -62.11 -44.58
N UNK DA 26 -33.32 -63.36 -44.11
CA UNK DA 26 -32.09 -64.14 -44.28
C UNK DA 26 -31.85 -64.49 -45.74
N UNK DA 27 -32.90 -64.60 -46.54
CA UNK DA 27 -32.77 -64.97 -47.94
C UNK DA 27 -33.82 -64.23 -48.76
N UNK DA 28 -33.49 -64.00 -50.02
CA UNK DA 28 -34.39 -63.34 -50.95
C UNK DA 28 -34.29 -64.02 -52.31
N UNK DA 29 -35.38 -63.96 -53.07
CA UNK DA 29 -35.46 -64.57 -54.40
C UNK DA 29 -35.55 -63.45 -55.43
N UNK DA 30 -34.48 -63.28 -56.19
CA UNK DA 30 -34.39 -62.20 -57.17
C UNK DA 30 -34.60 -62.77 -58.57
N UNK DA 31 -35.67 -62.34 -59.24
CA UNK DA 31 -35.99 -62.76 -60.59
C UNK DA 31 -35.46 -61.70 -61.56
N UNK DA 32 -34.27 -61.94 -62.10
CA UNK DA 32 -33.64 -61.01 -63.00
C UNK DA 32 -34.22 -61.14 -64.40
N UNK DA 33 -33.72 -60.32 -65.32
CA UNK DA 33 -34.16 -60.36 -66.71
C UNK DA 33 -33.74 -61.69 -67.33
N UNK DA 34 -34.71 -62.55 -67.61
CA UNK DA 34 -34.46 -63.87 -68.20
C UNK DA 34 -33.53 -64.70 -67.32
N UNK DA 35 -33.71 -64.60 -66.00
CA UNK DA 35 -32.88 -65.33 -65.06
C UNK DA 35 -33.50 -65.23 -63.67
N UNK DA 36 -33.04 -66.09 -62.77
CA UNK DA 36 -33.51 -66.10 -61.40
C UNK DA 36 -32.39 -66.60 -60.51
N UNK DA 37 -32.37 -66.11 -59.27
CA UNK DA 37 -31.32 -66.45 -58.33
C UNK DA 37 -31.85 -66.27 -56.90
N UNK DA 38 -31.09 -66.80 -55.95
CA UNK DA 38 -31.38 -66.67 -54.53
C UNK DA 38 -30.20 -65.99 -53.86
N UNK DA 39 -30.44 -64.82 -53.28
CA UNK DA 39 -29.42 -64.07 -52.54
C UNK DA 39 -29.62 -64.32 -51.06
N UNK DA 40 -28.68 -65.05 -50.46
CA UNK DA 40 -28.69 -65.34 -49.03
C UNK DA 40 -27.84 -64.28 -48.33
N UNK DA 41 -28.48 -63.43 -47.52
CA UNK DA 41 -27.78 -62.35 -46.84
C UNK DA 41 -26.92 -62.95 -45.75
N UNK DA 42 -25.62 -63.09 -46.04
CA UNK DA 42 -24.68 -63.74 -45.14
C UNK DA 42 -24.53 -62.97 -43.83
N UNK DA 43 -23.98 -61.75 -43.89
CA UNK DA 43 -23.85 -60.89 -42.73
C UNK DA 43 -23.96 -59.45 -43.18
N UNK DA 44 -23.94 -58.55 -42.20
CA UNK DA 44 -23.84 -57.12 -42.41
C UNK DA 44 -22.42 -56.66 -42.08
N UNK DA 45 -22.17 -55.38 -42.29
CA UNK DA 45 -20.87 -54.79 -42.00
C UNK DA 45 -21.09 -53.33 -41.66
N UNK DA 46 -20.74 -52.94 -40.45
CA UNK DA 46 -21.02 -51.60 -39.95
C UNK DA 46 -20.23 -50.56 -40.75
N UNK DA 47 -20.59 -49.30 -40.55
CA UNK DA 47 -19.98 -48.20 -41.27
C UNK DA 47 -18.55 -48.01 -40.76
N UNK DA 48 -17.57 -48.50 -41.50
CA UNK DA 48 -16.18 -48.36 -41.11
C UNK DA 48 -15.72 -46.92 -41.34
N UNK DA 49 -14.47 -46.65 -40.95
CA UNK DA 49 -13.92 -45.30 -41.07
C UNK DA 49 -13.73 -44.88 -42.53
N UNK DA 50 -13.66 -45.85 -43.46
CA UNK DA 50 -13.46 -45.57 -44.88
C UNK DA 50 -14.51 -46.23 -45.76
N UNK DA 51 -15.68 -46.52 -45.21
CA UNK DA 51 -16.75 -47.14 -46.00
C UNK DA 51 -18.04 -47.10 -45.18
N UNK DA 52 -19.15 -46.87 -45.87
CA UNK DA 52 -20.45 -46.86 -45.23
C UNK DA 52 -20.87 -48.30 -44.90
N UNK DA 53 -22.03 -48.43 -44.25
CA UNK DA 53 -22.55 -49.74 -43.91
C UNK DA 53 -22.90 -50.52 -45.17
N UNK DA 54 -22.82 -51.85 -45.08
CA UNK DA 54 -23.07 -52.70 -46.24
C UNK DA 54 -23.44 -54.09 -45.74
N UNK DA 55 -23.60 -55.03 -46.67
CA UNK DA 55 -23.93 -56.39 -46.29
C UNK DA 55 -23.48 -57.35 -47.37
N UNK DA 56 -22.93 -58.50 -46.95
CA UNK DA 56 -22.53 -59.54 -47.87
C UNK DA 56 -23.72 -60.43 -48.19
N UNK DA 57 -23.82 -60.84 -49.44
CA UNK DA 57 -24.91 -61.69 -49.91
C UNK DA 57 -24.35 -62.72 -50.86
N UNK DA 58 -24.59 -63.99 -50.56
CA UNK DA 58 -24.18 -65.10 -51.41
C UNK DA 58 -25.24 -65.32 -52.47
N UNK DA 59 -24.86 -65.16 -53.73
CA UNK DA 59 -25.77 -65.37 -54.85
C UNK DA 59 -25.69 -66.81 -55.31
N UNK DA 60 -26.85 -67.45 -55.47
CA UNK DA 60 -26.93 -68.86 -55.84
C UNK DA 60 -27.93 -69.00 -56.98
N UNK DA 61 -27.42 -69.38 -58.15
CA UNK DA 61 -28.21 -69.89 -59.26
C UNK DA 61 -27.57 -71.20 -59.66
N UNK DA 62 -28.36 -72.28 -59.67
CA UNK DA 62 -27.82 -73.63 -59.73
C UNK DA 62 -26.88 -73.85 -58.54
N UNK DA 63 -27.52 -73.88 -57.36
CA UNK DA 63 -26.85 -73.70 -56.07
C UNK DA 63 -25.76 -74.72 -55.76
N UNK DA 64 -25.55 -75.74 -56.60
CA UNK DA 64 -24.45 -76.68 -56.39
C UNK DA 64 -23.10 -75.96 -56.34
N UNK DA 65 -22.96 -74.84 -57.05
CA UNK DA 65 -21.71 -74.08 -57.05
C UNK DA 65 -22.07 -72.61 -57.20
N UNK DA 66 -22.01 -71.87 -56.09
CA UNK DA 66 -22.22 -70.42 -56.15
C UNK DA 66 -21.01 -69.74 -56.75
N UNK DA 67 -21.25 -68.76 -57.60
CA UNK DA 67 -20.16 -68.08 -58.29
C UNK DA 67 -19.30 -67.30 -57.31
N UNK DA 68 -19.90 -66.44 -56.51
CA UNK DA 68 -19.17 -65.61 -55.57
C UNK DA 68 -20.15 -64.91 -54.64
N UNK DA 69 -19.65 -64.55 -53.46
CA UNK DA 69 -20.44 -63.81 -52.47
C UNK DA 69 -20.15 -62.33 -52.64
N UNK DA 70 -21.17 -61.58 -53.08
CA UNK DA 70 -21.00 -60.15 -53.33
C UNK DA 70 -21.24 -59.35 -52.06
N UNK DA 71 -21.03 -58.03 -52.16
CA UNK DA 71 -21.21 -57.13 -51.02
C UNK DA 71 -21.94 -55.89 -51.53
N UNK DA 72 -23.19 -55.72 -51.10
CA UNK DA 72 -24.01 -54.58 -51.50
C UNK DA 72 -23.56 -53.36 -50.74
N UNK DA 73 -22.61 -52.62 -51.32
CA UNK DA 73 -22.08 -51.43 -50.66
C UNK DA 73 -23.12 -50.34 -50.55
N UNK DA 74 -24.02 -50.23 -51.53
CA UNK DA 74 -25.07 -49.21 -51.53
C UNK DA 74 -26.33 -49.79 -52.13
N UNK DA 75 -27.45 -49.14 -51.86
CA UNK DA 75 -28.77 -49.57 -52.32
C UNK DA 75 -29.54 -48.38 -52.88
N UNK DA 76 -28.88 -47.58 -53.72
CA UNK DA 76 -29.52 -46.42 -54.31
C UNK DA 76 -30.69 -46.84 -55.19
N UNK DA 77 -31.63 -45.91 -55.36
CA UNK DA 77 -32.82 -46.20 -56.16
C UNK DA 77 -32.48 -46.39 -57.62
N UNK DA 78 -31.45 -45.69 -58.11
CA UNK DA 78 -31.07 -45.81 -59.52
C UNK DA 78 -30.55 -47.20 -59.83
N UNK DA 79 -29.64 -47.70 -59.00
CA UNK DA 79 -29.06 -49.02 -59.22
C UNK DA 79 -28.30 -49.43 -57.96
N UNK DA 80 -28.22 -50.74 -57.75
CA UNK DA 80 -27.55 -51.31 -56.58
C UNK DA 80 -26.08 -51.48 -56.90
N UNK DA 81 -25.23 -50.67 -56.24
CA UNK DA 81 -23.79 -50.73 -56.44
C UNK DA 81 -23.16 -51.72 -55.47
N UNK DA 82 -22.14 -52.42 -55.94
CA UNK DA 82 -21.47 -53.44 -55.14
C UNK DA 82 -20.01 -53.54 -55.57
N UNK DA 83 -19.17 -53.97 -54.65
CA UNK DA 83 -17.74 -54.14 -54.91
C UNK DA 83 -17.47 -55.45 -55.62
N UNK DA 84 -16.43 -55.45 -56.44
CA UNK DA 84 -16.05 -56.64 -57.21
C UNK DA 84 -14.54 -56.60 -57.44
N UNK DA 85 -13.80 -57.32 -56.59
CA UNK DA 85 -12.35 -57.47 -56.71
C UNK DA 85 -11.63 -56.12 -56.69
N UNK DA 86 -12.21 -55.14 -56.00
CA UNK DA 86 -11.63 -53.81 -55.93
C UNK DA 86 -12.42 -53.01 -54.90
N UNK DA 87 -11.86 -51.85 -54.53
CA UNK DA 87 -12.52 -50.96 -53.59
C UNK DA 87 -13.67 -50.18 -54.20
N UNK DA 88 -13.81 -50.20 -55.53
CA UNK DA 88 -14.89 -49.46 -56.18
C UNK DA 88 -16.23 -50.15 -55.92
N UNK DA 89 -17.28 -49.58 -56.51
CA UNK DA 89 -18.64 -50.08 -56.33
C UNK DA 89 -19.37 -49.97 -57.67
N UNK DA 90 -19.47 -51.08 -58.39
CA UNK DA 90 -20.16 -51.15 -59.67
C UNK DA 90 -21.52 -51.79 -59.51
N UNK DA 91 -22.34 -51.66 -60.56
CA UNK DA 91 -23.70 -52.19 -60.59
C UNK DA 91 -23.96 -52.91 -61.90
N UNK DA 92 -22.99 -53.71 -62.35
CA UNK DA 92 -23.14 -54.44 -63.60
C UNK DA 92 -24.17 -55.55 -63.45
N UNK DA 93 -25.16 -55.56 -64.33
CA UNK DA 93 -26.22 -56.56 -64.33
C UNK DA 93 -26.97 -56.59 -62.99
N UNK DA 94 -27.58 -55.45 -62.68
CA UNK DA 94 -28.32 -55.31 -61.43
C UNK DA 94 -29.30 -54.16 -61.57
N UNK DA 95 -30.40 -54.25 -60.82
CA UNK DA 95 -31.42 -53.21 -60.82
C UNK DA 95 -32.10 -53.22 -59.45
N UNK DA 96 -33.14 -52.40 -59.33
CA UNK DA 96 -33.89 -52.29 -58.08
C UNK DA 96 -35.00 -53.34 -58.03
N UNK DA 97 -34.58 -54.60 -58.11
CA UNK DA 97 -35.49 -55.74 -58.05
C UNK DA 97 -35.67 -56.30 -56.65
N UNK DA 98 -34.87 -55.84 -55.68
CA UNK DA 98 -34.99 -56.33 -54.32
C UNK DA 98 -36.32 -55.97 -53.67
N UNK DA 99 -36.98 -54.92 -54.15
CA UNK DA 99 -38.27 -54.52 -53.58
C UNK DA 99 -39.31 -55.61 -53.80
N UNK DA 100 -39.28 -56.27 -54.94
CA UNK DA 100 -40.24 -57.35 -55.22
C UNK DA 100 -40.04 -58.51 -54.25
N UNK DA 101 -38.78 -58.92 -54.03
CA UNK DA 101 -38.53 -60.01 -53.11
C UNK DA 101 -38.88 -59.61 -51.68
N UNK DA 102 -38.65 -58.35 -51.32
CA UNK DA 102 -39.02 -57.88 -49.99
C UNK DA 102 -40.53 -57.93 -49.80
N UNK DA 103 -41.27 -57.49 -50.82
CA UNK DA 103 -42.73 -57.54 -50.74
C UNK DA 103 -43.22 -58.99 -50.69
N UNK DA 104 -42.54 -59.89 -51.41
CA UNK DA 104 -42.93 -61.29 -51.40
C UNK DA 104 -42.68 -61.91 -50.03
N UNK DA 105 -41.58 -61.54 -49.39
CA UNK DA 105 -41.25 -62.07 -48.08
C UNK DA 105 -42.05 -61.37 -46.99
N UNK EA 1 46.67 -29.16 -37.98
CA UNK EA 1 46.50 -27.86 -37.35
C UNK EA 1 47.46 -27.71 -36.18
N UNK EA 2 48.69 -28.19 -36.37
CA UNK EA 2 49.70 -28.12 -35.31
C UNK EA 2 51.05 -28.49 -35.90
N UNK EA 3 52.10 -27.84 -35.38
CA UNK EA 3 53.46 -28.11 -35.83
C UNK EA 3 54.37 -27.91 -34.62
N UNK EA 4 54.65 -29.02 -33.93
CA UNK EA 4 55.50 -29.02 -32.75
C UNK EA 4 55.73 -30.44 -32.29
N UNK EA 5 56.55 -30.62 -31.26
CA UNK EA 5 56.77 -31.91 -30.62
C UNK EA 5 56.49 -31.78 -29.13
N UNK EA 6 56.07 -32.88 -28.53
CA UNK EA 6 55.70 -32.87 -27.13
C UNK EA 6 56.93 -32.59 -26.27
N UNK EA 7 56.74 -31.80 -25.22
CA UNK EA 7 57.82 -31.39 -24.31
C UNK EA 7 58.94 -30.67 -25.04
N UNK EA 8 58.61 -30.01 -26.15
CA UNK EA 8 59.53 -29.18 -26.92
C UNK EA 8 58.98 -27.78 -27.17
N UNK EA 9 57.67 -27.66 -27.37
CA UNK EA 9 57.07 -26.34 -27.56
C UNK EA 9 57.12 -25.50 -26.30
N UNK EA 10 57.32 -26.12 -25.13
CA UNK EA 10 57.48 -25.35 -23.90
C UNK EA 10 58.70 -24.45 -23.96
N UNK EA 11 59.76 -24.88 -24.64
CA UNK EA 11 60.93 -24.04 -24.82
C UNK EA 11 60.59 -22.80 -25.64
N UNK EA 12 59.96 -23.01 -26.79
CA UNK EA 12 59.58 -21.89 -27.64
C UNK EA 12 58.62 -20.95 -26.93
N UNK EA 13 57.77 -21.48 -26.05
CA UNK EA 13 56.90 -20.63 -25.25
C UNK EA 13 57.71 -19.80 -24.27
N UNK EA 14 58.43 -20.47 -23.37
CA UNK EA 14 59.23 -19.78 -22.35
C UNK EA 14 60.66 -19.57 -22.81
N UNK EA 15 60.82 -19.02 -24.01
CA UNK EA 15 62.12 -18.53 -24.47
C UNK EA 15 61.93 -17.31 -25.36
N UNK EA 16 37.21 -12.40 -25.23
CA UNK EA 16 36.51 -13.60 -24.78
C UNK EA 16 37.39 -14.41 -23.83
N UNK EA 17 36.78 -14.96 -22.78
CA UNK EA 17 37.47 -15.75 -21.77
C UNK EA 17 37.38 -17.25 -22.05
N UNK EA 18 37.28 -17.63 -23.32
CA UNK EA 18 37.19 -19.04 -23.66
C UNK EA 18 38.46 -19.79 -23.28
N UNK EA 19 39.61 -19.12 -23.33
CA UNK EA 19 40.87 -19.77 -22.94
C UNK EA 19 40.85 -20.16 -21.48
N UNK EA 20 40.43 -19.25 -20.60
CA UNK EA 20 40.33 -19.57 -19.19
C UNK EA 20 39.18 -20.52 -18.90
N UNK EA 21 38.14 -20.50 -19.72
CA UNK EA 21 37.01 -21.40 -19.52
C UNK EA 21 37.40 -22.84 -19.86
N UNK EA 22 38.16 -23.03 -20.92
CA UNK EA 22 38.56 -24.36 -21.37
C UNK EA 22 39.90 -24.75 -20.74
N UNK EA 23 39.90 -24.74 -19.40
CA UNK EA 23 41.05 -25.13 -18.59
C UNK EA 23 40.74 -26.28 -17.65
N UNK EA 24 39.58 -26.27 -17.00
CA UNK EA 24 39.19 -27.40 -16.16
C UNK EA 24 38.75 -28.57 -17.00
N UNK EA 25 38.16 -28.32 -18.17
CA UNK EA 25 37.78 -29.39 -19.08
C UNK EA 25 39.05 -30.05 -19.63
N UNK EA 26 39.33 -31.26 -19.17
CA UNK EA 26 40.58 -31.92 -19.53
C UNK EA 26 40.63 -32.29 -21.01
N UNK EA 27 39.46 -32.52 -21.63
CA UNK EA 27 39.41 -32.90 -23.03
C UNK EA 27 38.18 -32.30 -23.67
N UNK EA 28 38.27 -32.06 -24.97
CA UNK EA 28 37.17 -31.51 -25.76
C UNK EA 28 37.12 -32.22 -27.09
N UNK EA 29 35.92 -32.29 -27.68
CA UNK EA 29 35.69 -32.93 -28.97
C UNK EA 29 35.32 -31.86 -29.99
N UNK EA 30 36.24 -31.58 -30.91
CA UNK EA 30 36.06 -30.53 -31.90
C UNK EA 30 35.69 -31.16 -33.24
N UNK EA 31 34.49 -30.84 -33.72
CA UNK EA 31 34.00 -31.33 -35.02
C UNK EA 31 34.25 -30.24 -36.05
N UNK EA 32 35.36 -30.39 -36.78
CA UNK EA 32 35.74 -29.40 -37.78
C UNK EA 32 34.96 -29.64 -39.08
N UNK EA 33 35.21 -28.79 -40.06
CA UNK EA 33 34.56 -28.91 -41.36
C UNK EA 33 35.02 -30.19 -42.04
N UNK EA 34 34.09 -31.16 -42.14
CA UNK EA 34 34.38 -32.46 -42.75
C UNK EA 34 35.53 -33.16 -42.03
N UNK EA 35 35.55 -33.06 -40.70
CA UNK EA 35 36.59 -33.69 -39.90
C UNK EA 35 36.19 -33.61 -38.44
N UNK EA 36 36.88 -34.40 -37.62
CA UNK EA 36 36.64 -34.43 -36.18
C UNK EA 36 37.94 -34.78 -35.48
N UNK EA 37 38.10 -34.27 -34.27
CA UNK EA 37 39.31 -34.49 -33.50
C UNK EA 37 39.01 -34.33 -32.02
N UNK EA 38 39.96 -34.75 -31.19
CA UNK EA 38 39.88 -34.62 -29.75
C UNK EA 38 41.09 -33.81 -29.28
N UNK EA 39 40.83 -32.65 -28.67
CA UNK EA 39 41.86 -31.79 -28.13
C UNK EA 39 41.94 -32.03 -26.63
N UNK EA 40 43.02 -32.65 -26.18
CA UNK EA 40 43.28 -32.89 -24.76
C UNK EA 40 44.12 -31.74 -24.22
N UNK EA 41 43.54 -30.95 -23.33
CA UNK EA 41 44.22 -29.79 -22.77
C UNK EA 41 45.31 -30.27 -21.84
N UNK EA 42 46.54 -30.29 -22.33
CA UNK EA 42 47.68 -30.83 -21.59
C UNK EA 42 47.96 -30.00 -20.33
N UNK EA 43 48.37 -28.75 -20.49
CA UNK EA 43 48.60 -27.85 -19.36
C UNK EA 43 48.26 -26.43 -19.80
N UNK EA 44 48.36 -25.52 -18.84
CA UNK EA 44 48.27 -24.08 -19.08
C UNK EA 44 49.67 -23.49 -18.99
N UNK EA 45 49.76 -22.19 -19.24
CA UNK EA 45 51.02 -21.47 -19.17
C UNK EA 45 50.71 -20.03 -18.82
N UNK EA 46 51.21 -19.58 -17.68
CA UNK EA 46 50.88 -18.26 -17.16
C UNK EA 46 51.43 -17.17 -18.07
N UNK EA 47 50.97 -15.95 -17.83
CA UNK EA 47 51.36 -14.81 -18.65
C UNK EA 47 52.81 -14.45 -18.37
N UNK EA 48 53.71 -14.88 -19.26
CA UNK EA 48 55.11 -14.59 -19.11
C UNK EA 48 55.39 -13.12 -19.41
N UNK EA 49 56.65 -12.71 -19.23
CA UNK EA 49 57.04 -11.33 -19.46
C UNK EA 49 56.94 -10.93 -20.93
N UNK EA 50 56.96 -11.90 -21.86
CA UNK EA 50 56.92 -11.64 -23.28
C UNK EA 50 55.80 -12.42 -23.98
N UNK EA 51 54.76 -12.82 -23.24
CA UNK EA 51 53.65 -13.55 -23.83
C UNK EA 51 52.52 -13.61 -22.83
N UNK EA 52 51.29 -13.51 -23.33
CA UNK EA 52 50.12 -13.63 -22.48
C UNK EA 52 49.89 -15.08 -22.10
N UNK EA 53 48.88 -15.31 -21.25
CA UNK EA 53 48.56 -16.66 -20.83
C UNK EA 53 48.09 -17.49 -22.01
N UNK EA 54 48.32 -18.81 -21.93
CA UNK EA 54 47.97 -19.71 -23.01
C UNK EA 54 47.82 -21.11 -22.45
N UNK EA 55 47.62 -22.09 -23.32
CA UNK EA 55 47.49 -23.48 -22.90
C UNK EA 55 47.86 -24.40 -24.04
N UNK EA 56 48.58 -25.47 -23.70
CA UNK EA 56 48.92 -26.51 -24.66
C UNK EA 56 47.79 -27.51 -24.78
N UNK EA 57 47.54 -27.96 -26.00
CA UNK EA 57 46.47 -28.92 -26.27
C UNK EA 57 46.98 -29.92 -27.30
N UNK EA 58 46.92 -31.20 -26.95
CA UNK EA 58 47.30 -32.28 -27.85
C UNK EA 58 46.11 -32.62 -28.72
N UNK EA 59 46.26 -32.46 -30.03
CA UNK EA 59 45.22 -32.78 -30.98
C UNK EA 59 45.36 -34.22 -31.44
N UNK EA 60 44.26 -34.97 -31.40
CA UNK EA 60 44.26 -36.39 -31.74
C UNK EA 60 43.12 -36.67 -32.71
N UNK EA 61 43.48 -37.01 -33.94
CA UNK EA 61 42.57 -37.62 -34.91
C UNK EA 61 43.26 -38.87 -35.40
N UNK EA 62 42.59 -40.03 -35.28
CA UNK EA 62 43.25 -41.32 -35.40
C UNK EA 62 44.38 -41.42 -34.38
N UNK EA 63 43.96 -41.48 -33.11
CA UNK EA 63 44.80 -41.20 -31.95
C UNK EA 63 46.03 -42.10 -31.81
N UNK EA 64 46.19 -43.12 -32.66
CA UNK EA 64 47.40 -43.93 -32.64
C UNK EA 64 48.67 -43.09 -32.79
N UNK EA 65 48.58 -41.98 -33.53
CA UNK EA 65 49.73 -41.10 -33.74
C UNK EA 65 49.20 -39.67 -33.85
N UNK EA 66 49.36 -38.91 -32.78
CA UNK EA 66 49.00 -37.49 -32.81
C UNK EA 66 50.03 -36.71 -33.60
N UNK EA 67 49.55 -35.76 -34.41
CA UNK EA 67 50.45 -35.00 -35.27
C UNK EA 67 51.38 -34.12 -34.44
N UNK EA 68 50.82 -33.31 -33.56
CA UNK EA 68 51.62 -32.38 -32.76
C UNK EA 68 50.72 -31.77 -31.69
N UNK EA 69 51.37 -31.32 -30.62
CA UNK EA 69 50.68 -30.65 -29.52
C UNK EA 69 50.78 -29.15 -29.74
N UNK EA 70 49.64 -28.51 -30.01
CA UNK EA 70 49.61 -27.09 -30.30
C UNK EA 70 49.51 -26.28 -29.01
N UNK EA 71 49.56 -24.96 -29.14
CA UNK EA 71 49.48 -24.04 -28.01
C UNK EA 71 48.55 -22.89 -28.39
N UNK EA 72 47.38 -22.84 -27.76
CA UNK EA 72 46.39 -21.81 -28.05
C UNK EA 72 46.84 -20.52 -27.37
N UNK EA 73 47.60 -19.71 -28.11
CA UNK EA 73 48.11 -18.45 -27.55
C UNK EA 73 46.99 -17.47 -27.28
N UNK EA 74 45.94 -17.47 -28.10
CA UNK EA 74 44.81 -16.56 -27.94
C UNK EA 74 43.53 -17.28 -28.33
N UNK EA 75 42.41 -16.72 -27.88
CA UNK EA 75 41.08 -17.29 -28.12
C UNK EA 75 40.11 -16.20 -28.55
N UNK EA 76 40.55 -15.38 -29.49
CA UNK EA 76 39.70 -14.29 -29.98
C UNK EA 76 38.46 -14.84 -30.66
N UNK EA 77 37.41 -14.01 -30.67
CA UNK EA 77 36.15 -14.43 -31.26
C UNK EA 77 36.26 -14.62 -32.78
N UNK EA 78 37.12 -13.84 -33.43
CA UNK EA 78 37.28 -13.96 -34.87
C UNK EA 78 37.89 -15.30 -35.26
N UNK EA 79 38.96 -15.69 -34.59
CA UNK EA 79 39.64 -16.94 -34.88
C UNK EA 79 40.61 -17.25 -33.76
N UNK EA 80 40.87 -18.54 -33.55
CA UNK EA 80 41.76 -19.01 -32.51
C UNK EA 80 43.18 -19.04 -33.05
N UNK EA 81 44.04 -18.15 -32.55
CA UNK EA 81 45.42 -18.05 -32.98
C UNK EA 81 46.30 -18.96 -32.12
N UNK EA 82 47.30 -19.57 -32.74
CA UNK EA 82 48.19 -20.50 -32.06
C UNK EA 82 49.56 -20.47 -32.72
N UNK EA 83 50.58 -20.80 -31.93
CA UNK EA 83 51.94 -20.81 -32.42
C UNK EA 83 52.23 -22.11 -33.16
N UNK EA 84 53.13 -22.03 -34.15
CA UNK EA 84 53.50 -23.20 -34.95
C UNK EA 84 54.94 -23.01 -35.42
N UNK EA 85 55.87 -23.64 -34.69
CA UNK EA 85 57.30 -23.64 -35.06
C UNK EA 85 57.86 -22.23 -35.16
N UNK EA 86 57.31 -21.29 -34.40
CA UNK EA 86 57.76 -19.91 -34.42
C UNK EA 86 57.07 -19.17 -33.29
N UNK EA 87 57.56 -17.95 -33.03
CA UNK EA 87 56.97 -17.12 -31.99
C UNK EA 87 55.67 -16.46 -32.42
N UNK EA 88 55.30 -16.53 -33.70
CA UNK EA 88 54.09 -15.93 -34.18
C UNK EA 88 52.87 -16.72 -33.70
N UNK EA 89 51.69 -16.27 -34.12
CA UNK EA 89 50.43 -16.90 -33.71
C UNK EA 89 49.49 -16.89 -34.91
N UNK EA 90 49.39 -18.03 -35.60
CA UNK EA 90 48.52 -18.19 -36.75
C UNK EA 90 47.27 -18.97 -36.36
N UNK EA 91 46.29 -18.94 -37.27
CA UNK EA 91 45.00 -19.60 -37.07
C UNK EA 91 44.60 -20.38 -38.32
N UNK EA 92 45.56 -21.09 -38.91
CA UNK EA 92 45.30 -21.86 -40.12
C UNK EA 92 44.42 -23.06 -39.79
N UNK EA 93 43.30 -23.18 -40.50
CA UNK EA 93 42.36 -24.29 -40.32
C UNK EA 93 41.85 -24.35 -38.88
N UNK EA 94 41.18 -23.27 -38.48
CA UNK EA 94 40.64 -23.18 -37.14
C UNK EA 94 39.54 -22.13 -37.11
N UNK EA 95 38.59 -22.31 -36.20
CA UNK EA 95 37.49 -21.39 -36.04
C UNK EA 95 37.03 -21.42 -34.59
N UNK EA 96 35.95 -20.70 -34.30
CA UNK EA 96 35.40 -20.64 -32.94
C UNK EA 96 34.42 -21.80 -32.72
N UNK EA 97 34.95 -23.01 -32.85
CA UNK EA 97 34.19 -24.23 -32.64
C UNK EA 97 34.30 -24.76 -31.22
N UNK EA 98 35.18 -24.21 -30.39
CA UNK EA 98 35.33 -24.69 -29.02
C UNK EA 98 34.10 -24.44 -28.18
N UNK EA 99 33.26 -23.47 -28.55
CA UNK EA 99 32.05 -23.19 -27.79
C UNK EA 99 31.10 -24.37 -27.81
N UNK EA 100 31.02 -25.06 -28.96
CA UNK EA 100 30.15 -26.22 -29.05
C UNK EA 100 30.60 -27.34 -28.13
N UNK EA 101 31.91 -27.62 -28.11
CA UNK EA 101 32.43 -28.66 -27.22
C UNK EA 101 32.27 -28.27 -25.77
N UNK EA 102 32.43 -26.98 -25.46
CA UNK EA 102 32.24 -26.52 -24.10
C UNK EA 102 30.78 -26.71 -23.67
N UNK EA 103 29.84 -26.37 -24.54
CA UNK EA 103 28.44 -26.58 -24.23
C UNK EA 103 28.11 -28.05 -24.10
N UNK EA 104 28.74 -28.90 -24.91
CA UNK EA 104 28.51 -30.32 -24.82
C UNK EA 104 29.04 -30.89 -23.51
N UNK EA 105 30.18 -30.39 -23.05
CA UNK EA 105 30.78 -30.87 -21.81
C UNK EA 105 30.09 -30.22 -20.61
N UNK FA 1 89.59 92.45 41.97
CA UNK FA 1 88.56 91.96 42.87
C UNK FA 1 88.42 90.44 42.74
N UNK FA 2 89.56 89.77 42.68
CA UNK FA 2 89.58 88.31 42.58
C UNK FA 2 91.00 87.84 42.84
N UNK FA 3 91.12 86.68 43.47
CA UNK FA 3 92.42 86.09 43.81
C UNK FA 3 92.84 85.07 42.76
N UNK FA 4 92.89 85.53 41.51
CA UNK FA 4 93.34 84.68 40.40
C UNK FA 4 94.03 85.60 39.38
N UNK FA 5 95.34 85.74 39.52
CA UNK FA 5 96.14 86.57 38.62
C UNK FA 5 97.58 86.11 38.68
N UNK FA 6 98.04 85.45 37.61
CA UNK FA 6 99.41 84.96 37.51
C UNK FA 6 99.76 84.05 38.69
N UNK FA 7 98.86 83.12 38.98
CA UNK FA 7 99.07 82.19 40.08
C UNK FA 7 100.19 81.22 39.76
N UNK FA 8 101.01 80.92 40.76
CA UNK FA 8 102.08 79.95 40.60
C UNK FA 8 102.33 79.28 41.95
N UNK FA 9 102.10 77.97 42.00
CA UNK FA 9 102.25 77.18 43.22
C UNK FA 9 103.12 75.97 42.91
N UNK FA 10 103.47 75.23 43.97
CA UNK FA 10 104.31 74.05 43.83
C UNK FA 10 104.29 73.28 45.13
N UNK FA 11 104.19 71.95 45.03
CA UNK FA 11 104.21 71.06 46.19
C UNK FA 11 105.24 69.96 45.95
N UNK FA 12 106.50 70.29 46.20
CA UNK FA 12 107.60 69.34 46.13
C UNK FA 12 108.89 70.05 46.51
N UNK FA 13 109.87 69.32 47.05
CA UNK FA 13 111.16 69.91 47.36
C UNK FA 13 112.13 68.82 47.81
N UNK FA 14 113.41 69.05 47.51
CA UNK FA 14 114.51 68.25 48.06
C UNK FA 14 115.64 69.22 48.39
N UNK FA 15 115.63 69.76 49.60
CA UNK FA 15 116.53 70.83 49.99
C UNK FA 15 117.86 70.24 50.46
N UNK FA 16 118.71 71.08 51.05
CA UNK FA 16 119.97 70.62 51.61
C UNK FA 16 119.79 69.75 52.84
N UNK FA 17 118.60 69.72 53.43
CA UNK FA 17 118.35 68.91 54.61
C UNK FA 17 118.34 67.42 54.25
N UNK FA 18 118.17 66.58 55.27
CA UNK FA 18 118.17 65.13 55.08
C UNK FA 18 116.77 64.65 54.69
N UNK FA 19 116.72 63.83 53.64
CA UNK FA 19 115.44 63.29 53.19
C UNK FA 19 114.94 62.22 54.15
N UNK FA 20 115.85 61.41 54.68
CA UNK FA 20 115.47 60.35 55.60
C UNK FA 20 115.07 60.93 56.95
N UNK FA 21 114.05 60.34 57.56
CA UNK FA 21 113.53 60.66 58.88
C UNK FA 21 112.77 61.98 58.95
N UNK FA 22 112.73 62.75 57.86
CA UNK FA 22 111.98 64.00 57.80
C UNK FA 22 112.44 64.97 58.90
N UNK FA 23 113.72 65.35 58.81
CA UNK FA 23 114.31 66.24 59.80
C UNK FA 23 115.43 67.02 59.14
N UNK FA 24 115.59 68.27 59.57
CA UNK FA 24 116.57 69.20 59.02
C UNK FA 24 117.65 69.58 60.02
N UNK FA 25 117.27 70.11 61.17
CA UNK FA 25 118.25 70.52 62.19
C UNK FA 25 118.98 71.79 61.79
#